data_4V4B
#
_entry.id   4V4B
#
loop_
_entity.id
_entity.type
_entity.pdbx_description
1 polymer '18S ribosomal RNA'
2 polymer 'Elongation factor 2'
3 polymer '40S ribosomal protein S0-A'
4 polymer '40S ribosomal protein S3'
5 polymer '40S ribosomal protein S9-A'
6 polymer '40S ribosomal protein S2'
7 polymer '40S ribosomal protein S5'
8 polymer '40S ribosomal protein S22'
9 polymer '40S ribosomal protein S16'
10 polymer '40S ribosomal protein S20'
11 polymer '40S ribosomal protein S14-A'
12 polymer '40S ribosomal protein S23'
13 polymer '40S ribosomal protein S18'
14 polymer '40S ribosomal protein S29-B'
15 polymer '40S ribosomal protein S13'
16 polymer '40S ribosomal protein S11'
17 polymer '40S ribosomal protein S15'
18 polymer '5.8S/25S ribosomal RNA'
19 polymer '5S RIBOSOMAL RNA'
20 polymer '60S ribosomal protein L1'
21 polymer '60S ribosomal protein L2'
22 polymer '60S ribosomal protein L3'
23 polymer '60S ribosomal protein L4-B'
24 polymer '60S ribosomal protein L5'
25 polymer '60S ribosomal protein L7-A'
26 polymer '60S ribosomal protein L8-A'
27 polymer '60S ribosomal protein L9-A'
28 polymer '60S ribosomal protein L10'
29 polymer '60S ribosomal protein L11'
30 polymer '60S ribosomal protein L12'
31 polymer '60S ribosomal protein L15-A'
32 polymer '60S ribosomal protein L16-A'
33 polymer '60S ribosomal protein L17-A'
34 polymer '60S ribosomal protein L18'
35 polymer '60S ribosomal protein L19'
36 polymer '60S ribosomal protein L21-A'
37 polymer '60S ribosomal protein L23'
38 polymer '60S ribosomal protein L24-A'
39 polymer '60S ribosomal protein L25'
40 polymer '60S ribosomal protein L26-A'
41 polymer '60S ribosomal protein L28'
42 polymer '60S ribosomal protein L32'
43 polymer '60S ribosomal protein L31'
44 polymer '60S ribosomal protein L35'
45 polymer '60S ribosomal protein L37-A'
46 polymer '60S ribosomal protein L42'
47 polymer '60S ribosomal protein L43'
#
loop_
_entity_poly.entity_id
_entity_poly.type
_entity_poly.pdbx_seq_one_letter_code
_entity_poly.pdbx_strand_id
1 'polyribonucleotide'
;UGGAGAGUUUGAUCCUGGCUCAGGGUGAACGCUGGCGGCGUGCCUAAGACAUGCAAGUCGUGCGGGCCGCGGGGUUUUAC
UCCGUGGUCAGCGGCGGACGGGUGAGUAACGCGUGGGUGACCUACCCGGAAGAGGGGGACAACCCGGGGAAACUCGGGCU
AAUCCCCCAUGUGGACCCGCCCCUUGGGGUGUGUCCAAAGGGCUUUGCCCGCUUCCGGAUGGGCCCGCGUCCCAUCAGCU
AGUUGGUGGGGUAAUGGCCCACCAAGGCGACGACGGGUAGCCGGUCUGAGAGGAUGGCCGGCCACAGGGGCACUGAGACA
CGGGCCCCACUCCUACGGGAGGCAGCAGUUAGGAAUCUUCCGCAAUGGGCGCAAGCCUGACGGAGCGACGCCGCUUGGAG
GAAGAAGCCCUUCGGGGUGUAAACUCCUGAACCCGGGACGAAACCCCCGACGAGGGGACUGACGGUACCGGGGUAAUAGC
GCCGGCCAACUCCGUGCCAGCAGCCGCGGUAAUACGGAGGGCGCGAGCGUUACCCGGAUUCACUGGGCGUAAAGGGCGUG
UAGGCGGCCUGGGGCGUCCCAUGUGAAAGACCACGGCUCAACCGUGGGGGAGCGUGGGAUACGCUCAGGCUAGACGGUGG
GAGAGGGUGGUGGAAUUCCCGGAGUAGCGGUGAAAUGCGCAGAUACCGGGAGGAACGCCGAUGGCGAAGGCAGCCACCUG
GUCCACCCGUGACGCUGAGGCGCGAAAGCGUGGGGAGCAAACCGGAUUAGAUACCCGGGUAGUCCACGCCCUAAACGAUG
CGCGCUAGGUCUCUGGGUCUCCUGGGGGCCGAAGCUAACGCGUUAAGCGCGCCGCCUGGGGAGUACGGCCGCAAGGCUGA
AACUCAAAGGAAUUGACGGGGGCCCGCACAAGCGGUGGAGCAUGUGGUUUAAUUCGAAGCAACGCGAAGAACCUUACCAG
GCCUUGACAUGCUAGGGAACCCGGGUGAAAGCCUGGGGUGCCCCGCGAGGGGAGCCCUAGCACAGGUGCUGCAUGGCCGU
CGUCAGCUCGUGCCGUGAGGUGUUGGGUUAAGUCCCGCAACGAGCGCAACCCCCGCCGUUAGUUGCCAGCGGUUCGGCCG
GGCACUCUAACGGGACUGCCCGCGAAAGCGGGAGGAAGGAGGGGACGACGUCUGGUCAGCAUGGCCCUUACGGCCUGGGC
GACACACGUGCUACAAUGCCCACUACAAAGCGAUGCCACCCGGCAACGGGGAGCUAAUCGCAAAAAGGUGGGCCCAGUUC
GGAUUGGGGUCUGCAACCCGACCCCAUGAAGCCGGAAUCGCUAGUAAUCGCGGAUCAGCCAUGCCGCGGUGAAUACGUUC
CCGGGCCUUGUACACACCGCCCGUCACGCCAUGGGAGCGGGCUCUACCCGAAGUCGCCGGGAGCCUACGGGCAGGCGCCG
AGGGUAGGGCCCGUGACUGGGGCGAAGUCGUAACAAGGUAGCUGUACCGGAAGGUGCGGCUGGAUCA
;
AA
2 'polypeptide(L)'
;MVAFTVDQMRSLMDKVTNVRNMSVIAHVDHGKSTLTDSLVQRAGIISAAKAGEARFTDTRKDEQERGITIKSTAISLYSE
MSDEDVKEIKQKTDGNSFLINLIDSPGHVDFSSEVTAALRVTDGALVVVDTIEGVCVQTETVLRQALGERIKPVVVINKV
DRALLELQVSKEDLYQTFARTVESVNVIVSTYADEVLGDVQVYPARGTVAFGSGLHGWAFTIRQFATRYAKKFGVDKAKM
MDRLWGDSFFNPKTKKWTNKDTDAEGKPLERAFNMFILDPIFRLFTAIMNFKKDEIPVLLEKLEIVLKGDEKDLEGKALL
KVVMRKFLPAADALLEMIVLHLPSPVTAQAYRAEQLYEGPADDANCIAIKNCDPKADLMLYVSKMVPTSDKGRFYAFGRV
FAGTVKSGQKVRIQGPNYVPGKKDDLFIKAIQRVVLMMGRFVEPIDDCPAGNIIGLVGIDQFLLKTGTLTTSETAHNMKV
MKFSVSPVVQVAVEVKNANDLPKLVEGLKRLSKSDPCVLTYMSESGEHIVAGTGELHLEICLQDLEHDHAGVPLKISPPV
VAYRETVESESSQTALSKSPNKHNRIYLKAEPIDEEVSLAIENGIINPRDDFKARARIMADDYGWDVTDARKIWCFGPDG
NGPNLVIDQTKAVQYLHEIKDSVVAAFQWATKEGPIFGEEMRSVRVNILDVTLHADAIHRGGGQIIPTMRRATYAGFLLA
DPKIQEPVFLVEIQCPEQAVGGIYSVLNKKRGQVVSEEQRPGTPLFTVKAYLPVNESFGFTGELRQATGGQAFPQMVFDH
WSTLGSDPLDPTSKAGEIVLAARKRHGMKEEVPGWQEYYDKL
;
AT
3 'polypeptide(L)'
;AQLLLAANTHLGARNVQVHQEPYVFNARPDGVHVINVGKTWEKLVLAARIIAAIPNPEDVVAISSRTFGQRAVLKFAAHT
GATPIAGRFTPGSFTNYITRSFKEPRLVIVTDPRSDAQAIKEASYVNIPVIALTDLDSPSEFVDVAIPCNNRGKHSIGLI
WYLLAREVLRLRGALVDRTQPWSIM
;
AB
4 'polypeptide(L)'
;VALISKKRKLVADGVFYAELNEFFTRELAEEGYSGVEVRVTPTKTEVIIRATRTQDVLGENGRRINELTLLVQKRFKYAP
GTIVLYAERVQDRGLSAVAQAESMKFKLLNGLAIRRAAYGVVRYVMESGAKGCEVVVSGKLRAARAKAMKFADGFLIHSG
QPVNDFIDTATRHVLMRQGVLGIKVKIMRDPA
;
AC
5 'polypeptide(L)'
;YESSRLDAELKLAGEFGLKNKKEIYRISFQLSKIRRAARDLLTRDEKDPKRLFEGNALIRRLVRVGVLSEDKKKLDYVLA
LKVEDFLERRLQTQVYKLGLAKSVHHARVLITQRHIAVGKQIVNIPSFMVRLDSEKHIDFAPTSPFGGARPGRVARRNAA
RKAEASGEAADEADEADEE
;
AD
6 'polypeptide(L)'
;GLQDEVMNIKPVQKQTRAGQRTRFKAVVVVGDSNGHVGLGIKTAKEVAGAIRAGIIIAKLSVIPIRRGYWGTNLGQPHSL
ATKTTGKCGSVTVRLIPAPRGSGIVASPAVKKLLQLAGVEDVYTQSNGKTRTLENTLKAAFVAIGNTYG
;
AE
7 'polypeptide(L)'
;RYANKRFRKAQCPIIERLTNSLMMNGRNNGKKLKAVRIIKHTLDIINVLTDQNPIQVVVDAITNTGPREDTTRVGGGGAA
RRQAVDVSPLRRVNQAIALLTIGAREAAFRNIKTIAETLAEELINAAKGSSTSYAIKKKDELERVAKSNR
;
AG
8 'polypeptide(L)'
;TRSSVLADALNAINNAEKTGKRQVLIRPSSKVIIKFLQVMQKHGYIGEFEYIDDHRSGKIVVQLNGRLNKCGVISPRFNV
KIGDIEKWTANLLPARQFGYVILTTSAGIMDHEEARRKHVSGKILGFVY
;
AH
9 'polypeptide(L)'
;SAVPSVQTFGKKKSATAVAHVKAGKGLIKVNGSPITLVEPEILRFKVYEPLLLVGLDKFSNIDIRVRVTGGGHVSQVYAI
RQAIAKGLVAYHQKYVDEQSKNELKKAFTSYDRTLLIADSRRPEPKKFGGKGARSRFQKSYR
;
AI
10 'polypeptide(L)'
;KIRITLTSTKVKQLENVSSNIVKNAEQHNLVKKGPVRLPTKVLKISTRKTPNGEGSKTWETYEMRIHKRYIDLEAPVQIV
KRITQITIEPGVDVEVVASN
;
AJ
11 'polypeptide(L)'
;SNVVQARDNSQVFGVARIYASFNDTFVHVTDLSGKETIARVTGGMKVKADRDESSPYAAMLAAQDVAAKCREVGITAVHV
KIRATGGTRTKTPGPGGQAALRALARSGLRIGRIEDVTPVPSDSTRKKGGRRGRRL
;
AK
12 'polypeptide(L)'
;NYKKRLLGTAFKSSPFGGSSHAKGIVLEKLGIESKQPNSAIRKCVRVQLIKNGKKVTAFVPNDGCLNFVDENDEVLLAGF
GRKGKAKGDIPGVRFKVVKVSGVSLLALWKEKKEKPRS
;
AL
13 'polypeptide(L)'
;LRLLNTNVDGNIKIVYALTTIKGVGRRYSNLVCKKADVDLHKRAGELTQEELERIVQIMQNPTHYKIPAWFLNRQNDITD
GKDYHTLANNVESKLRDDLERLKKIRAHRGIRHFWGLRVRGQHTKTTGRRRA
;
AM
14 'polypeptide(L)' CRVCSSHTGLVRKYDLNICRQCFREKANDIGFHKYR AN
15 'polypeptide(L)' ITGNKIMRILKSNGLAPEIPEDLYYLIKKAVSVRKHLERNRKDKDAKFRLILIESRIHRLARYYR AO
16 'polypeptide(L)' KILTGTVVSTKMHRTIVIRRAYLHYIPKYNRYEKRHKNVPVHVSPAFRVQVGDIVTVGQCRPISKTVRFNVVKVSA AQ
17 'polypeptide(L)' RGMTSKPAGFMKKLRAAKLAAPENEKPAPVRTHMRNMIIVPEMIGSVVGIYNGKAFNQVEIRPEMLGHYLGEFSITYTPV AS
18 'polyribonucleotide'
;GCUGGCUACUAUGCCAGCUGGUGGAUUGCUCGGCUCAGGCGCUGAUGAAGGACGUGCCAAGCUGCGAUAAGCCAUGGGGA
GCCGCACGGAGGCGAAGAACCAUGGAUUUCCGAAUGAGAAUCUCUACACUAAUUGCUUCGCGCAAUGAGGAACCCCGAGA
ACUGAAACAUCUCAGUAUCGGGAGGAACAGAAAACGCAAUGUGAUGUCGUUAGUAACCGCGAGUGAACGCGAUACAGCCC
AAACCGAAGCCCUCACGGGCAAUGUGGUGUCAGGGCUACCUCUCAUCAGCCGACCGUCUCGACGAAGUCUCUUGGAACAG
AGCGUGAUACAGGGUGACAACCCCGUACUCGAGACCAGUACGACGUGCGGUAGUGCCAGAGUAGCGGGGGUUGGAUAUCC
CUCGCGAAUAACGCAGGCAUCGACUGCGAAGGCUAAACACAACCUGAGACCGAUAGUGAACAAGUAGUGUGAACGAACGC
UGCAAAGUACCCUCAGAAGGGAGGCGAAAUAGAGCAUGAAAUCAGUUGGCGAUCGAGCGACAGGGCAUACAAGGUCCCUC
GACGAAUGACCGACGCGCGAGCGUCCAGUAAGACUCACGGGAAGCCGAUGUUCUGUCGUACGUUUUGAAAAACGAGCCAG
GGAGUGUGUCUGCAUGGCAAGUCUAACCGGAGUAUCCGGGGAGGCACAGGGAAACCGACAUGGCCGCAGGGCUUUGCCCG
AGGGCCGCCGUCUUCAAGGGCGGGGAGCCAUGUGGACACGACCCGAAUCCGGACGAUCUACGCAUGGACAAGAUGAAGCG
UGCCGAAAGGCACGUGGAAGUCUGUUAGAGUUGGUGUCCUACAAUACCCUCUCGUGAUCUAUGUGUAGGGGUGAAAGGCC
CAUCGAGUCCGGCAACAGCUGGUUCCAAUCGAAACAUGUCGAAGCAUGACCUCCGCCGAGGUAGUCUGUGAGGUAGAGCG
ACCGAUUGGUCUAGUGUCCGCCUCCGAGAGGAGUCGGCACGGGGGCCCACCAGCCUACCAAACCUGUCAAACUCCAAACU
UACAGACGCCGUUUGACGCGGGGAUUCCGGUGCGCGGGGUAAGCCUGUGUACCAGGAGGGGAACAACCCAGAGAUAGGUU
AAGGUCCCCAAGUGUGGAUUAAGUGUAAUCCUCUGAAGGUGGUCUCGAGCCCUAGACAGCCGGGAUGUUGGCUUAGAAGC
AGCCAUCAUUUAAAGAGUGCGUAACAGCUCACCGGCCGAGGUUUGAGGCGCCCAAAAUGAUCGGGACUCAAAUCCACCAC
CGAGACCUGUCCGUACCACUCAUACUGGUAAUCGAGUAGAUUGGCGCUCUAAUUGGAUGGAAGUAGGGGUGAAAACUCCU
AUGGACCGAUUAGUGACGAAAAUCCUGGCCAUAGUAGCAGCGAUAGUCGGGUGAGAACCCCGACGGCCUAAUGGAUAAGG
GUUCCUCAGCACUGCUGAUCAGCUGAGGGUUAGCCGGUCCUAAGUCAUACCGCAACUCGACUAUGACGAAAUGGGAAACG
GGUUAAUAUUCCCGUGCCACUAUGCAGUGAAAGUUGACGCCCUGGGGUCGAUCACGCUGGGCAUUCGCCCAGUCGAACCG
UCCAACUCCGUGGAAGCCGUAAUGGCAGGAAGCGGACGAACGGCGGCAUAGGGAAACGUGAUUCAACCUGGGGCCCAUGA
AAAGACGAGCAUAGUGUCCGUACCGAGAACCGACACAGGUGUCCAUGGCGGCGAAAGCCAAGGCCUGUCGGGAGCAACCA
ACGUUAGGGAAUUCGGCAAGUUAGUCCCGUACCUUCGGAAGAAGGGAUGCCUGCUCCGGAACGGAGCAGGUCGCAGUGAC
UCGGAAGCUCGGACUGUCUAGUAACAACAUAGGUGACCGCAAAUCCGCAAGGACUCGUACGGUCACUGAAUCCUGCCCAG
UGCAGGUAUCUGAACACCUCGUACAAGAGGACGAAGGACCUGUCAACGGCGGCCGUAACUAUAACGGUCCUAAGGUAGCG
UAGUACCUUGCCGCAUCAGUAGCGGCUUGCAUGAAUGGAUUAACCAGAGCUUCACUGUCCCAACGUUGGGCCCGGUGAAC
UGUACAUUCCAGUGCGGAGUCUGGAGACACCCAGGGGGAAGCGAAGACCCUAUGGAGCUUUACUGCAGGCUGUCGCUGAG
UCUUGGUCGCCGAUGUGCAGCAUAGGUAGGAGUCGUUACAGAGGUACCCGCGCUAGCGGGCCACCCAGACAACAGUGAAA
UACUACCCGUCGGUGACUGCGGGGAUGCGUAGGAUAGGUGGGAGCGCAAGCGCCGGUGAAAUACCACCCUUCCCCGGCUG
GGACUCUCACUCCGGGAGGAGGACACCGAUAGCCGGGCAGUUUGACUGGGGCGGUACGCGCUCGAAAAGAUAUCGAGCGC
GCCCUAUGGCUAUCUCAGCCGGGACGGAGACCCGGCGAAGAGUGCAAGAGCAAAAGAUAGCUUGACAGUGUUCUUCCCAA
CGAGGAACGCUGACGCGAAAGCGUGGUCUAGCGAACCAAUUAGCCUGCUUGAUGCGGGCAAUUGAUGACAGAAAAGCUAC
CCUAGGGAUAACAGAGUCGUCACUCGCAAGAGCACAUAUCGACCGAGUGGCUUGCUACCUCGAUGUCGGUUCCCUCCAUC
CUGCCCGUGCAGAAGCGGGCAAGGGUGAGGUUGUUCGCCUAUUAAAGGAGGUCGUGAGCUGGGUUUAGACCGUCGUGAGA
CAGGUCGGCUGCUAUCUACUGGGUGUGUAAUGGUGUCUGACAAGAACGACCGUAUAGUACGAGAGGAACUACGGUUGGUG
GCCACUGGUGUACCGGUUGUUCGAGAGAGCACGUGCCGGGUAGCCACGCCACACGGGGUAAGAGCUGAACGCAUCUAAGC
UCGAAACCCACUUGGAAAAGAGACACCGCCGAGGUCCCGCGUACAAGACGCGGUCGAUAGACUCGGGGUGUGCGCGUCGA
GGUAACGAGACGUUAAGCCCACGAGCACUAACAGACCAA
;
B3
19 'polyribonucleotide'
;ACGUUAGGCGGCCACAGCGGUGGGGUUGCCUCCCGUACCCAUCCCGAACACGGAAGAUAAGCCCACCAGCGUUCCGGGGA
GUACUGGAGUGCGCGAGCCUCUGGGAAACCCGGUUCGCCGCCACC
;
B4
20 'polypeptide(L)'
;MSKITSSQVREHVKELLKYSNETKKRNFLETVELQVGLKNYDPQRDKRFSGSLKLPNCPRPNMSICIFGDAFDVDRAKSC
GVDAMSVDDLKKLNKNKKLIKKLSKKYNAFIASEVLIKQVPRLLGPQLSKAGKFPTPVSHNDDLYGKVTDVRSTIKFQLK
KVLCLAVAVGNVEMEEDVLVNQILMSVNFFVSLLKKNWQNVGSLVVKSSMGPAFRLY
;
BA
21 'polypeptide(L)'
;GRVIRNQRKGAGSIFTSHTRLRQGAAKLRTLDYAERHGYIRGIVKQIVHDSGRGAPLAKVVFRDPYKYRLREEIFIANEG
VHTGQFIYAGKKASLNVGNVLPLGSVPEGTIVSNVEEKPGDRGALARASGNYVIIIGHNPDENKTRVRLPSGAKKVISSD
ARGVIGVIAGGGRVDKPLLKAGRAFHKYRLKRNSWPKTRGVAMNPVDHPHGGGNHQHIGKASTISRGAVSGQKAGLIAAR
RTGLLRGSQKTQD
;
BB
22 'polypeptide(L)'
;SHRKYEAPRHGHLGFLPRKRAASIRARVKAFPKDDRSKPVALTSFLGYKAGMTTIVRDLDRPGSKFHKREVVEAVTVVDT
PPVVVVGVVGYVETPRGLRSLTTVWAEHLSDEVKRRFYKNWYKSKKKAFTKYSAKYAQDGAGIERELARIKKYASVVRVL
VHTQIRKTPLAQKKAHLAEIQLNGGSISEKVDWAREHFEKTVAVDSVFEQNEMIDAIAVTKGHGFEGVTHRWGTKKLPRK
THRGLRKVACIGAWHPAHVMWSVARAGQRGYHSRTSINHKIYRVGKGDDEANGATSFDRTKKTITPMGGFVHYGEIKNDF
IMVKGCIPGNRKRIVTLRKSLYTNTSRKALEEVSLKWIDTASKFGKGRFQTPAEKHAFMGTLKKDL
;
BC
23 'polypeptide(L)'
;SRPQVTVHSLTGEATANALPLPAVFSAPIRPDIVHTVFTSVNKNKRQAYAVSEKAGHQTSAESWGTGRAVARIPRVGGGG
TGRSGQGAFGNMCRGGRMFAPTKTWRKWNVKVNHNEKRYATASAIAATAVASLVLARGHRVEKIPEIPLVVSTDLESIQK
TKEAVAALKAVGAHSDLLKVLKSKKLRAGKGKYRNRRWTQRRGPLVVYAEDNGIVKALRNVPGVETANVASLNLLQLAPG
AHLGRFVIWTEAAFTKLDQVWGSETVASSKVGYTLPSHIISTSDVTRIINSSEIQSAIRPAGQATQKRTHVLKKNPLKNK
QVLLRLNPYAKVFAAEKLGSKKAEKTGTKPAAVFAETLKHD
;
BD
24 'polypeptide(L)'
;AYSSRFQTPFRRRREGKTDYYQRKRLVTQHKAKYNTPKYRLVVRFTNKDIICQIISSTITGDVVLAAAYSHELPRYGITH
GLTNWAAAYATGLLIARRTLQRLGLDETYKGVEEVEGEYELTEAVEDGPRPFKVFLDIGLQRTTTGARVFGALKGASDGG
LYVPHSENRFPGWDFETEEIDPELLRSYIFGGHVSQYMEELADDDEERFSELFKGYLADDID
;
BE
25 'polypeptide(L)'
;LVFVVRIKGINKIPPKPRKVLQLLRLTRINSGTFVKVTKATLELLKLIEPYVAYGYPSYSTIRQLVYKRGFGKINKQRVP
LSDNAIIEANLGKYGILSIDDLIHEIITVGPHFKQANNFLWPFKLSNPSGGWGVPRKFKHFIQGGSFGNREEFINKLVKS
MN
;
BF
26 'polypeptide(L)'
;AAEKKERLTKEAAAVAEGKSKQDASPKPYAVKYGLNHVVALIENKKAKLVLIANDVDPIELVVFLPALCKKMGVPYAIVK
GKARLGTLVNQKTSAVAALTEVRAEDEAALAKLVSTIDA
;
BG
27 'polypeptide(L)'
;MKYIQTEQQIEVPEGVTVSIKSRIVKVVGPRGTLTKNLKHIDVTFTKVNNQLIKVAVHNGGRKHVAALRTVKSLVDNMIT
GVTKGYKYKMRYVYAHFPINVNIVEKDGAKFIEVRNFLGDKKIRNVPVRDGVTIEFSTNVKDEIVLSGNSVEDVSQNAAD
LQQICRVRNKDIRKFLDGIYVSHKGFITEDL
;
BH
28 'polypeptide(L)'
;MARRPARCYRYQKNKPYPKSRYNRAVPDSKIRIYDLGKKKATVDEFPLCVHLVSNELEQLSSEALEAARICANKYMTTVS
GRDAFHLRVRVHPFHVLRINKMLSCAGADRLQQGMRGAWGKPHGLAARVDIGQIIFSVRTKDSNKDVVVEGLRRARYKFP
GQQKIILS
;
BI
29 'polypeptide(L)'
;SAKAQNPMRDLKIEKLVLNISVGESGDRLTRASKVLEQLSGQTPVQSKARYTVRTFGIRRNEKIAVHVTVRGPKAEEILE
RGLKVKEYQLRDRNFSATGNFGFGIDEHIDLGIKYDPSIGIFGMDFYVVMNRPGARVTRRKRCKGTVGNSHKTTKEDTVS
WFKQKYDADVLDK
;
BJ
30 'polypeptide(L)'
;LYLRAVGGEVGASAALAPKIGPLGLSPKKVGEDIAKATKEFKGIKVTVQLKIQNRQAAASVVPSASSLVITALKEPPRDR
KKDKNVKHSGNIQLDEIIEIARQMRDKSFGRTLASVTKEILGTAQSVGCRV
;
BK
31 'polypeptide(L)'
;GAYKYLEELQRKKQSDVLRFLQRVRVWEYRQKNVIHRAARPTRPDKARRLGYKAKQGFVIYRVRVRRGNRKRPVPKGATY
GKPTNQGVNELKYQRSLRATAEERVGRRAANLRVLNSYWVNQDSTYKYFEVILVDPQHKAIRRDARYNWICDPVHKHREA
RGLTATGKKSRGINKGHKFNNTKAGRRKTWKRQNTLSLWRYRK
;
BL
32 'polypeptide(L)'
;SVEPVVVIDGKGHLVGRLASVVAKQLLNGQKIVVVRAEELNISGEFFRNKLKYHDFLRKATAFNKTRGPFHFRAPSRIFY
KALRGMVSHKTARGKAALERLKVFEGIPPPYDKKKRVVVPQALRVLRLKPGRKYTTLGKLSTSVGW
;
BM
33 'polypeptide(L)'
;ARYGATSTNPAKSASARGSYLRVSFKNTRETAQAINGWELTKAQKYLEQVLDHQRAIPFRRFNSSIGRTAQGKEFGVTKA
RWPAKSVKFVQGLLQNAAANAEAKGLDATKLYVSHIQVNQAPKQRRRTYRAHGRINKYESSPSHIELVVTEKEEAVAKAA
EKKVVRLTSRQRGRIAAQKRIAA
;
BN
34 'polypeptide(L)'
;DNVYLKLLVKLYTFLARRTDAPFNKVVLKALFLSKINRPPVSVSRIARALKQEGAANKTVVVVGTVTDDARIFEFPKTTV
AALRFTAGARAKIVKAGGECITLDQLAVRAPKGQNTLILR
;
BO
35 'polypeptide(L)'
;ANLRTQKRLAASVVGVGKRKVWLDPNETSEIAQANSRNAIRKLVKNGTIVKKAVTVHSKSRTRAHAQSKREGRHSGYGKR
KGTREARLPSQVVWIRRLRVLRRLLAKYRDAGKIDKHLYHVLYKESKGNAFKHKRALVEHII
;
BP
36 'polypeptide(L)'
;MGKSHGYRSRTRYMFQRDFRKHGAVHLSTYLKVYKVGDIVDIKANGSIQKGMPHKFYQGKTGVVYNVTKSSVGVIINKMV
GNRYLEKRLNLRVEHIKHSK
;
BQ
37 'polypeptide(L)'
;MSGNGAQGTKFRISLGLPVGAIMNCADNSGARNLYIIAVKGSGSRLNRLPAASLGDMVMATVKKGKPELRKKVMPAIVVR
QAKSWRRRDGVFLYFEDNAGVIANPKGEMKGSAITGPVGKECADLWPRVASNSGVVV
;
BR
38 'polypeptide(L)' MKVEIDSFSGAKIYPGRGTLFVRGDSKIFRFQNSKSASLFKQRKNPRRIAWTVLFR BS
39 'polypeptide(L)'
;YKVIEQPITSETAMKKVEDGNILVFQVSMKANKYQIKKAVKELYEVDVLKVNTLVRPNGTKKAYVRLTADYDALDIANRI
GYI
;
BT
40 'polypeptide(L)'
;AKQSLDVSSDRRKARKAYFTAPSSQRRVLLSAPLSKELRAQYGIKALPIRRDDEVLVVRGSKKGQEGKISSVYRLKFAVQ
VDKVTKEKVNGASVPINLHPSKLVITKLHLDKDRKALIQRKGGKLE
;
BU
41 'polypeptide(L)'
;PSRFTKTRKHRGHVSAGKGRIGKHRKHPGGRGMAGGEHHHRINMDKYHPGYFGKVGMRYFHKQQAHFWKPVLNLDKLWTL
IPEDKRDQYLKSASKETAPVIDTLAAGYGKILGKGRIPNVPVIVKARFVSKLAEEKIRAAGGVVELIA
;
BV
42 'polypeptide(L)'
;MASLPHPKIVKKHTKKFKRHHSDRYHRVAENWRKQKGIDSVVRRRFRGNISQPKIGYGSNKKTKFLSPSGHKTFLVANVK
DLETLTMHTKTYAAEIAHNISAKNRVVILARAKALGIKVTNPKGRLALEA
;
B0
43 'polypeptide(L)'
;AGLKDVVTREYTINLHKRLHGVSFKKRAPRAVKEIKKFAKLHMGTDDVRLAPELNQAIWKRGVKGVEYRLRLRISRKRNE
EEDAKNPLFSYVEPVLVASAKGLQTVVVEEDA
;
BW
44 'polypeptide(L)'
;MAGVKAYELRTKSKEQLASQLVDLKKELAELKVQKLSRPSLPKIKTVRKSIACVLTVINEQQREAVRQLYKGKKYQPKDL
RAKKTRALRRALTKFEASQVTEKQRKKQIAFPQRKYAIKA
;
BX
45 'polypeptide(L)'
;GKGTPSFGKRHNKSHTLCNRCGRRSFHVQKKTCSSCGYPAAKTRSYNWGAKAKRRHTTGTGRMRYLKHVSRRFKNGFQTG
SASKASA
;
BY
46 'polypeptide(L)'
;VNVPKTRKTYCKGKTCRKHTQHKVTQYKAGKASLFAQGKRRYDRKQSGFGGQTKPVFHKKAKTTKKVVLRLECVKCKTRA
QLTLKRCKHFELGGEKKQKGQALQF
;
BZ
47 'polypeptide(L)'
;AKRTKKVGITGKYGVRYGSSLRRQVKKLEIQQHARYDCSFCGKKTVKRGAAGIWTCSCCKKTVAGGAYTVSTAAAATVRS
TIRRLREMVEA
;
B9
#
# COMPACT_ATOMS: atom_id res chain seq x y z
N ALA B 3 -81.34 -13.43 -41.67
CA ALA B 3 -80.66 -13.71 -42.97
C ALA B 3 -81.19 -12.83 -44.09
N PHE B 4 -80.49 -11.72 -44.37
CA PHE B 4 -80.90 -10.81 -45.42
C PHE B 4 -79.86 -10.60 -46.51
N THR B 5 -80.35 -10.32 -47.70
CA THR B 5 -79.48 -10.06 -48.85
C THR B 5 -79.08 -8.59 -48.73
N VAL B 6 -78.05 -8.19 -49.47
CA VAL B 6 -77.61 -6.81 -49.42
C VAL B 6 -78.75 -5.90 -49.87
N ASP B 7 -79.52 -6.35 -50.86
CA ASP B 7 -80.64 -5.56 -51.36
C ASP B 7 -81.68 -5.36 -50.26
N GLN B 8 -81.93 -6.41 -49.48
CA GLN B 8 -82.88 -6.33 -48.39
C GLN B 8 -82.37 -5.35 -47.34
N MET B 9 -81.07 -5.40 -47.08
CA MET B 9 -80.47 -4.48 -46.12
C MET B 9 -80.61 -3.06 -46.64
N ARG B 10 -80.19 -2.85 -47.88
CA ARG B 10 -80.26 -1.52 -48.49
C ARG B 10 -81.68 -0.97 -48.43
N SER B 11 -82.66 -1.85 -48.64
CA SER B 11 -84.06 -1.47 -48.59
C SER B 11 -84.45 -1.01 -47.19
N LEU B 12 -83.98 -1.75 -46.19
CA LEU B 12 -84.25 -1.42 -44.80
C LEU B 12 -83.62 -0.07 -44.49
N MET B 13 -82.41 0.13 -45.02
CA MET B 13 -81.67 1.38 -44.80
C MET B 13 -82.30 2.61 -45.43
N ASP B 14 -83.20 2.42 -46.40
CA ASP B 14 -83.86 3.54 -47.05
C ASP B 14 -84.90 4.20 -46.15
N LYS B 15 -85.57 3.40 -45.33
CA LYS B 15 -86.61 3.91 -44.44
C LYS B 15 -86.02 4.29 -43.09
N VAL B 16 -85.27 5.39 -43.07
CA VAL B 16 -84.62 5.84 -41.85
C VAL B 16 -85.59 6.20 -40.74
N THR B 17 -86.87 6.36 -41.09
CA THR B 17 -87.85 6.65 -40.06
C THR B 17 -87.98 5.39 -39.21
N ASN B 18 -87.67 4.25 -39.82
CA ASN B 18 -87.77 2.97 -39.17
C ASN B 18 -86.42 2.39 -38.74
N VAL B 19 -85.48 3.27 -38.46
CA VAL B 19 -84.17 2.87 -38.00
C VAL B 19 -84.01 3.31 -36.56
N ARG B 20 -83.24 2.55 -35.79
CA ARG B 20 -82.99 2.86 -34.39
C ARG B 20 -81.49 2.68 -34.12
N ASN B 21 -80.77 3.79 -33.96
CA ASN B 21 -79.36 3.74 -33.68
C ASN B 21 -79.22 3.85 -32.17
N MET B 22 -78.70 2.80 -31.54
CA MET B 22 -78.57 2.81 -30.09
C MET B 22 -77.43 1.92 -29.59
N SER B 23 -77.26 1.91 -28.27
CA SER B 23 -76.24 1.09 -27.63
C SER B 23 -76.79 0.68 -26.28
N VAL B 24 -76.05 -0.19 -25.59
CA VAL B 24 -76.44 -0.65 -24.27
C VAL B 24 -75.46 -0.04 -23.29
N ILE B 25 -75.99 0.70 -22.32
CA ILE B 25 -75.18 1.34 -21.29
C ILE B 25 -75.31 0.42 -20.08
N ALA B 26 -74.27 -0.33 -19.78
CA ALA B 26 -74.32 -1.25 -18.66
C ALA B 26 -72.96 -1.74 -18.24
N HIS B 27 -72.81 -1.99 -16.95
CA HIS B 27 -71.56 -2.50 -16.42
C HIS B 27 -71.53 -3.98 -16.78
N VAL B 28 -70.39 -4.47 -17.25
CA VAL B 28 -70.26 -5.87 -17.63
C VAL B 28 -70.84 -6.83 -16.61
N ASP B 29 -70.73 -6.49 -15.34
CA ASP B 29 -71.25 -7.35 -14.28
C ASP B 29 -72.75 -7.24 -14.03
N HIS B 30 -73.42 -6.40 -14.79
CA HIS B 30 -74.86 -6.25 -14.63
C HIS B 30 -75.63 -6.94 -15.75
N GLY B 31 -74.97 -7.89 -16.41
CA GLY B 31 -75.61 -8.64 -17.48
C GLY B 31 -75.61 -8.02 -18.86
N LYS B 32 -74.69 -7.09 -19.11
CA LYS B 32 -74.62 -6.43 -20.41
C LYS B 32 -74.53 -7.45 -21.54
N SER B 33 -73.52 -8.32 -21.48
CA SER B 33 -73.30 -9.35 -22.48
C SER B 33 -74.52 -10.27 -22.68
N THR B 34 -75.08 -10.77 -21.59
CA THR B 34 -76.23 -11.67 -21.67
C THR B 34 -77.46 -11.01 -22.30
N LEU B 35 -77.69 -9.74 -21.99
CA LEU B 35 -78.82 -9.03 -22.56
C LEU B 35 -78.63 -8.79 -24.06
N THR B 36 -77.43 -8.38 -24.44
CA THR B 36 -77.16 -8.15 -25.86
C THR B 36 -77.25 -9.48 -26.62
N ASP B 37 -76.72 -10.56 -26.03
CA ASP B 37 -76.79 -11.85 -26.70
C ASP B 37 -78.25 -12.21 -26.90
N SER B 38 -79.08 -11.88 -25.91
CA SER B 38 -80.51 -12.17 -26.01
C SER B 38 -81.11 -11.45 -27.22
N LEU B 39 -80.76 -10.18 -27.40
CA LEU B 39 -81.27 -9.41 -28.52
C LEU B 39 -80.78 -10.03 -29.84
N VAL B 40 -79.50 -10.37 -29.89
CA VAL B 40 -78.92 -10.96 -31.08
C VAL B 40 -79.57 -12.29 -31.45
N GLN B 41 -79.74 -13.17 -30.46
CA GLN B 41 -80.34 -14.47 -30.73
C GLN B 41 -81.76 -14.34 -31.26
N ARG B 42 -82.49 -13.37 -30.74
CA ARG B 42 -83.87 -13.17 -31.18
C ARG B 42 -84.06 -12.41 -32.48
N ALA B 43 -83.22 -11.41 -32.74
CA ALA B 43 -83.42 -10.61 -33.94
C ALA B 43 -82.18 -10.25 -34.75
N GLY B 44 -81.06 -10.88 -34.43
CA GLY B 44 -79.82 -10.59 -35.14
C GLY B 44 -79.96 -10.81 -36.64
N ILE B 45 -79.29 -9.98 -37.41
CA ILE B 45 -79.32 -10.08 -38.86
C ILE B 45 -78.00 -10.65 -39.37
N ILE B 46 -78.09 -11.57 -40.31
CA ILE B 46 -76.90 -12.18 -40.91
C ILE B 46 -77.07 -12.11 -42.43
N SER B 47 -75.96 -12.07 -43.15
CA SER B 47 -76.01 -12.00 -44.62
C SER B 47 -76.61 -13.25 -45.22
N ALA B 48 -77.29 -13.09 -46.36
CA ALA B 48 -77.92 -14.22 -47.05
C ALA B 48 -76.88 -15.23 -47.50
N GLY B 67 -62.89 -12.78 -47.24
CA GLY B 67 -62.46 -13.66 -46.17
C GLY B 67 -61.86 -12.88 -45.02
N ILE B 68 -62.24 -11.61 -44.93
CA ILE B 68 -61.76 -10.73 -43.88
C ILE B 68 -62.66 -10.76 -42.66
N THR B 69 -62.09 -10.43 -41.51
CA THR B 69 -62.82 -10.38 -40.25
C THR B 69 -62.38 -9.11 -39.56
N ILE B 70 -63.24 -8.57 -38.71
CA ILE B 70 -62.93 -7.34 -37.99
C ILE B 70 -63.34 -7.51 -36.55
N LYS B 71 -63.04 -6.53 -35.71
CA LYS B 71 -63.49 -6.61 -34.34
C LYS B 71 -64.95 -6.22 -34.39
N SER B 72 -65.82 -7.02 -33.79
CA SER B 72 -67.26 -6.74 -33.77
C SER B 72 -67.44 -5.33 -33.22
N THR B 73 -68.02 -4.43 -34.02
CA THR B 73 -68.21 -3.04 -33.62
C THR B 73 -69.68 -2.66 -33.51
N ALA B 74 -70.52 -3.30 -34.31
CA ALA B 74 -71.95 -3.05 -34.29
C ALA B 74 -72.66 -4.27 -34.85
N ILE B 75 -73.88 -4.49 -34.38
CA ILE B 75 -74.68 -5.60 -34.84
C ILE B 75 -76.02 -5.04 -35.32
N SER B 76 -76.58 -5.65 -36.35
CA SER B 76 -77.86 -5.20 -36.90
C SER B 76 -78.96 -6.14 -36.46
N LEU B 77 -80.07 -5.58 -35.99
CA LEU B 77 -81.23 -6.32 -35.54
C LEU B 77 -82.42 -6.01 -36.43
N TYR B 78 -83.34 -6.97 -36.56
CA TYR B 78 -84.55 -6.79 -37.36
C TYR B 78 -85.74 -7.11 -36.47
N SER B 79 -86.71 -6.22 -36.44
CA SER B 79 -87.91 -6.41 -35.63
C SER B 79 -89.17 -5.92 -36.33
N GLU B 80 -90.25 -6.67 -36.19
CA GLU B 80 -91.54 -6.30 -36.79
C GLU B 80 -92.57 -6.11 -35.70
N MET B 81 -93.33 -5.02 -35.77
CA MET B 81 -94.36 -4.72 -34.79
C MET B 81 -95.73 -4.84 -35.46
N SER B 82 -96.77 -5.04 -34.66
CA SER B 82 -98.12 -5.15 -35.21
C SER B 82 -98.59 -3.78 -35.67
N ASP B 83 -99.61 -3.76 -36.51
CA ASP B 83 -100.15 -2.51 -37.01
C ASP B 83 -100.66 -1.61 -35.89
N GLU B 84 -101.16 -2.20 -34.82
CA GLU B 84 -101.68 -1.41 -33.71
C GLU B 84 -100.52 -0.83 -32.91
N ASP B 85 -99.49 -1.64 -32.67
CA ASP B 85 -98.31 -1.19 -31.93
C ASP B 85 -97.70 0.01 -32.64
N VAL B 86 -97.46 -0.14 -33.94
CA VAL B 86 -96.87 0.91 -34.74
C VAL B 86 -97.62 2.23 -34.61
N LYS B 87 -98.94 2.14 -34.42
CA LYS B 87 -99.75 3.34 -34.27
C LYS B 87 -99.41 4.09 -32.99
N GLU B 88 -98.87 3.39 -32.00
CA GLU B 88 -98.52 4.01 -30.74
C GLU B 88 -97.24 4.84 -30.82
N ILE B 89 -96.41 4.58 -31.84
CA ILE B 89 -95.17 5.32 -31.99
C ILE B 89 -95.46 6.80 -32.26
N LYS B 90 -95.04 7.65 -31.33
CA LYS B 90 -95.24 9.09 -31.45
C LYS B 90 -94.08 9.62 -32.27
N GLN B 91 -93.92 9.06 -33.45
CA GLN B 91 -92.81 9.43 -34.31
C GLN B 91 -93.11 8.99 -35.73
N LYS B 92 -92.60 9.71 -36.71
CA LYS B 92 -92.84 9.37 -38.11
C LYS B 92 -92.47 7.92 -38.38
N THR B 93 -93.41 7.16 -38.92
CA THR B 93 -93.18 5.76 -39.20
C THR B 93 -93.65 5.36 -40.59
N ASP B 94 -92.99 4.37 -41.17
CA ASP B 94 -93.31 3.90 -42.51
C ASP B 94 -93.18 2.38 -42.58
N GLY B 95 -94.28 1.68 -42.29
CA GLY B 95 -94.25 0.24 -42.33
C GLY B 95 -94.06 -0.31 -40.93
N ASN B 96 -94.12 -1.64 -40.80
CA ASN B 96 -94.00 -2.28 -39.50
C ASN B 96 -92.64 -2.92 -39.24
N SER B 97 -91.71 -2.74 -40.17
CA SER B 97 -90.37 -3.30 -40.07
C SER B 97 -89.39 -2.29 -39.51
N PHE B 98 -88.44 -2.75 -38.71
CA PHE B 98 -87.46 -1.86 -38.10
C PHE B 98 -86.04 -2.42 -38.12
N LEU B 99 -85.09 -1.55 -38.46
CA LEU B 99 -83.68 -1.91 -38.48
C LEU B 99 -83.09 -1.27 -37.24
N ILE B 100 -82.52 -2.09 -36.37
CA ILE B 100 -81.93 -1.57 -35.15
C ILE B 100 -80.43 -1.78 -35.15
N ASN B 101 -79.67 -0.68 -35.06
CA ASN B 101 -78.21 -0.78 -35.02
C ASN B 101 -77.80 -0.79 -33.55
N LEU B 102 -77.27 -1.92 -33.10
CA LEU B 102 -76.81 -2.07 -31.72
C LEU B 102 -75.31 -1.79 -31.77
N ILE B 103 -74.93 -0.59 -31.38
CA ILE B 103 -73.53 -0.19 -31.42
C ILE B 103 -72.76 -0.59 -30.19
N ASP B 104 -71.65 -1.29 -30.38
CA ASP B 104 -70.81 -1.74 -29.28
C ASP B 104 -70.25 -0.55 -28.53
N SER B 105 -70.14 -0.69 -27.22
CA SER B 105 -69.62 0.38 -26.38
C SER B 105 -68.62 -0.15 -25.35
N PRO B 106 -67.57 0.61 -25.07
CA PRO B 106 -66.58 0.17 -24.09
C PRO B 106 -67.22 0.00 -22.71
N GLY B 107 -67.18 1.08 -21.93
CA GLY B 107 -67.75 1.05 -20.58
C GLY B 107 -66.81 1.69 -19.60
N HIS B 108 -65.51 1.41 -19.76
CA HIS B 108 -64.47 1.96 -18.91
C HIS B 108 -64.71 3.46 -18.73
N VAL B 109 -65.50 3.84 -17.73
CA VAL B 109 -65.74 5.26 -17.59
C VAL B 109 -65.41 5.97 -16.30
N ASP B 110 -65.01 7.20 -16.52
CA ASP B 110 -64.63 8.18 -15.51
C ASP B 110 -64.77 9.41 -16.41
N PHE B 111 -65.55 9.20 -17.48
CA PHE B 111 -65.86 10.18 -18.50
C PHE B 111 -64.79 10.23 -19.58
N SER B 112 -64.51 9.08 -20.19
CA SER B 112 -63.51 8.99 -21.25
C SER B 112 -64.09 9.48 -22.57
N SER B 113 -63.24 10.04 -23.42
CA SER B 113 -63.68 10.55 -24.72
C SER B 113 -64.02 9.45 -25.70
N GLU B 114 -63.44 8.27 -25.51
CA GLU B 114 -63.71 7.13 -26.39
C GLU B 114 -65.20 6.82 -26.31
N VAL B 115 -65.67 6.62 -25.09
CA VAL B 115 -67.07 6.33 -24.83
C VAL B 115 -67.96 7.37 -25.52
N THR B 116 -67.58 8.63 -25.40
CA THR B 116 -68.35 9.71 -26.00
C THR B 116 -68.37 9.60 -27.53
N ALA B 117 -67.36 8.93 -28.08
CA ALA B 117 -67.29 8.76 -29.52
C ALA B 117 -68.34 7.77 -30.00
N ALA B 118 -68.48 6.68 -29.25
CA ALA B 118 -69.45 5.64 -29.60
C ALA B 118 -70.87 6.15 -29.33
N LEU B 119 -71.03 6.92 -28.28
CA LEU B 119 -72.33 7.47 -27.95
C LEU B 119 -72.77 8.43 -29.04
N ARG B 120 -71.81 9.19 -29.56
CA ARG B 120 -72.11 10.18 -30.59
C ARG B 120 -72.82 9.65 -31.83
N VAL B 121 -72.58 8.40 -32.20
CA VAL B 121 -73.26 7.85 -33.37
C VAL B 121 -74.60 7.20 -33.00
N THR B 122 -75.01 7.32 -31.74
CA THR B 122 -76.27 6.74 -31.30
C THR B 122 -77.25 7.84 -30.92
N ASP B 123 -78.54 7.52 -30.99
CA ASP B 123 -79.60 8.45 -30.63
C ASP B 123 -80.39 7.94 -29.42
N GLY B 124 -80.26 6.65 -29.14
CA GLY B 124 -80.97 6.08 -28.01
C GLY B 124 -80.10 5.14 -27.21
N ALA B 125 -80.49 4.87 -25.97
CA ALA B 125 -79.69 3.96 -25.17
C ALA B 125 -80.55 3.08 -24.27
N LEU B 126 -80.17 1.82 -24.16
CA LEU B 126 -80.87 0.88 -23.29
C LEU B 126 -79.99 0.85 -22.05
N VAL B 127 -80.49 1.40 -20.97
CA VAL B 127 -79.71 1.44 -19.74
C VAL B 127 -80.04 0.29 -18.81
N VAL B 128 -79.04 -0.50 -18.47
CA VAL B 128 -79.24 -1.64 -17.59
C VAL B 128 -78.87 -1.28 -16.16
N VAL B 129 -79.79 -1.55 -15.25
CA VAL B 129 -79.57 -1.25 -13.84
C VAL B 129 -79.81 -2.55 -13.08
N ASP B 130 -79.15 -2.72 -11.94
CA ASP B 130 -79.29 -3.94 -11.17
C ASP B 130 -80.39 -3.84 -10.10
N THR B 131 -81.15 -4.92 -9.95
CA THR B 131 -82.22 -4.95 -8.95
C THR B 131 -81.70 -4.64 -7.55
N ILE B 132 -80.62 -5.32 -7.16
CA ILE B 132 -80.05 -5.12 -5.84
C ILE B 132 -79.11 -3.91 -5.71
N GLU B 133 -78.12 -3.82 -6.59
CA GLU B 133 -77.16 -2.72 -6.52
C GLU B 133 -77.67 -1.37 -7.03
N GLY B 134 -78.71 -1.38 -7.85
CA GLY B 134 -79.24 -0.13 -8.37
C GLY B 134 -78.37 0.46 -9.47
N VAL B 135 -78.16 1.78 -9.43
CA VAL B 135 -77.34 2.47 -10.43
C VAL B 135 -75.90 2.62 -9.94
N CYS B 136 -74.96 1.96 -10.60
CA CYS B 136 -73.57 2.07 -10.18
C CYS B 136 -72.93 3.34 -10.76
N VAL B 137 -71.82 3.76 -10.14
CA VAL B 137 -71.13 4.96 -10.56
C VAL B 137 -70.77 4.96 -12.05
N GLN B 138 -70.27 3.83 -12.55
CA GLN B 138 -69.90 3.74 -13.95
C GLN B 138 -71.10 4.00 -14.85
N THR B 139 -72.21 3.35 -14.57
CA THR B 139 -73.43 3.52 -15.35
C THR B 139 -73.92 4.97 -15.28
N GLU B 140 -73.82 5.57 -14.10
CA GLU B 140 -74.23 6.96 -13.93
C GLU B 140 -73.34 7.84 -14.80
N THR B 141 -72.05 7.55 -14.80
CA THR B 141 -71.10 8.32 -15.58
C THR B 141 -71.40 8.25 -17.09
N VAL B 142 -71.64 7.04 -17.59
CA VAL B 142 -71.93 6.88 -19.01
C VAL B 142 -73.28 7.48 -19.37
N LEU B 143 -74.26 7.30 -18.49
CA LEU B 143 -75.59 7.87 -18.74
C LEU B 143 -75.49 9.39 -18.85
N ARG B 144 -74.68 9.99 -17.98
CA ARG B 144 -74.48 11.43 -17.98
C ARG B 144 -73.89 11.85 -19.33
N GLN B 145 -72.90 11.11 -19.80
CA GLN B 145 -72.30 11.45 -21.10
C GLN B 145 -73.34 11.27 -22.20
N ALA B 146 -74.14 10.20 -22.10
CA ALA B 146 -75.17 9.94 -23.09
C ALA B 146 -76.16 11.11 -23.12
N LEU B 147 -76.59 11.54 -21.94
CA LEU B 147 -77.51 12.66 -21.86
C LEU B 147 -76.85 13.90 -22.47
N GLY B 148 -75.55 14.04 -22.26
CA GLY B 148 -74.82 15.17 -22.81
C GLY B 148 -74.84 15.16 -24.34
N GLU B 149 -75.18 14.02 -24.91
CA GLU B 149 -75.25 13.87 -26.36
C GLU B 149 -76.71 13.95 -26.80
N ARG B 150 -77.60 14.23 -25.85
CA ARG B 150 -79.03 14.32 -26.11
C ARG B 150 -79.61 12.98 -26.56
N ILE B 151 -79.06 11.91 -26.02
CA ILE B 151 -79.50 10.55 -26.32
C ILE B 151 -80.65 10.23 -25.36
N LYS B 152 -81.73 9.66 -25.88
CA LYS B 152 -82.86 9.29 -25.03
C LYS B 152 -82.65 7.92 -24.40
N PRO B 153 -82.90 7.79 -23.09
CA PRO B 153 -82.73 6.50 -22.40
C PRO B 153 -84.01 5.71 -22.16
N VAL B 154 -83.84 4.40 -22.05
CA VAL B 154 -84.90 3.47 -21.75
C VAL B 154 -84.18 2.53 -20.79
N VAL B 155 -84.88 2.09 -19.75
CA VAL B 155 -84.28 1.26 -18.71
C VAL B 155 -84.76 -0.16 -18.56
N VAL B 156 -83.84 -1.04 -18.18
CA VAL B 156 -84.15 -2.42 -17.89
C VAL B 156 -83.53 -2.70 -16.53
N ILE B 157 -84.35 -3.10 -15.56
CA ILE B 157 -83.84 -3.45 -14.24
C ILE B 157 -83.58 -4.95 -14.33
N ASN B 158 -82.30 -5.31 -14.38
CA ASN B 158 -81.87 -6.69 -14.55
C ASN B 158 -81.59 -7.45 -13.23
N LYS B 159 -81.36 -8.76 -13.36
CA LYS B 159 -81.08 -9.62 -12.22
C LYS B 159 -82.21 -9.73 -11.20
N VAL B 160 -83.45 -9.75 -11.65
CA VAL B 160 -84.56 -9.86 -10.71
C VAL B 160 -84.49 -11.22 -10.00
N ASP B 161 -84.02 -12.22 -10.73
CA ASP B 161 -83.87 -13.58 -10.21
C ASP B 161 -83.12 -13.60 -8.87
N ARG B 162 -82.14 -12.73 -8.74
CA ARG B 162 -81.36 -12.67 -7.51
C ARG B 162 -82.22 -12.32 -6.30
N ALA B 163 -83.13 -11.36 -6.47
CA ALA B 163 -84.00 -10.95 -5.38
C ALA B 163 -84.97 -12.06 -4.99
N LEU B 164 -85.43 -12.82 -5.98
CA LEU B 164 -86.37 -13.91 -5.74
C LEU B 164 -85.71 -15.12 -5.08
N LEU B 165 -84.57 -15.53 -5.62
CA LEU B 165 -83.84 -16.69 -5.10
C LEU B 165 -82.99 -16.39 -3.87
N GLU B 166 -81.97 -15.57 -4.03
CA GLU B 166 -81.09 -15.24 -2.92
C GLU B 166 -81.82 -14.63 -1.73
N LEU B 167 -82.27 -13.39 -1.88
CA LEU B 167 -82.94 -12.66 -0.81
C LEU B 167 -84.37 -13.07 -0.46
N GLN B 168 -85.00 -13.89 -1.29
CA GLN B 168 -86.37 -14.31 -1.01
C GLN B 168 -87.23 -13.09 -0.65
N VAL B 169 -87.05 -12.02 -1.40
CA VAL B 169 -87.78 -10.77 -1.16
C VAL B 169 -89.29 -10.92 -1.36
N SER B 170 -90.05 -10.05 -0.69
CA SER B 170 -91.50 -10.06 -0.82
C SER B 170 -91.87 -9.21 -2.03
N LYS B 171 -93.10 -9.37 -2.50
CA LYS B 171 -93.56 -8.63 -3.65
C LYS B 171 -93.47 -7.12 -3.44
N GLU B 172 -93.92 -6.64 -2.28
CA GLU B 172 -93.88 -5.21 -1.99
C GLU B 172 -92.46 -4.66 -1.85
N ASP B 173 -91.55 -5.43 -1.25
CA ASP B 173 -90.17 -4.95 -1.13
C ASP B 173 -89.55 -4.85 -2.53
N LEU B 174 -89.84 -5.83 -3.38
CA LEU B 174 -89.31 -5.81 -4.73
C LEU B 174 -89.87 -4.59 -5.44
N TYR B 175 -91.18 -4.38 -5.32
CA TYR B 175 -91.79 -3.21 -5.95
C TYR B 175 -91.07 -1.97 -5.47
N GLN B 176 -90.94 -1.83 -4.16
CA GLN B 176 -90.28 -0.67 -3.58
C GLN B 176 -88.86 -0.53 -4.10
N THR B 177 -88.15 -1.64 -4.25
CA THR B 177 -86.79 -1.58 -4.75
C THR B 177 -86.83 -1.05 -6.19
N PHE B 178 -87.77 -1.55 -6.98
CA PHE B 178 -87.89 -1.07 -8.37
C PHE B 178 -88.13 0.43 -8.38
N ALA B 179 -89.08 0.87 -7.57
CA ALA B 179 -89.43 2.29 -7.48
C ALA B 179 -88.25 3.17 -7.08
N ARG B 180 -87.46 2.71 -6.12
CA ARG B 180 -86.30 3.49 -5.70
C ARG B 180 -85.29 3.58 -6.85
N THR B 181 -85.10 2.46 -7.53
CA THR B 181 -84.16 2.40 -8.64
C THR B 181 -84.60 3.34 -9.77
N VAL B 182 -85.90 3.35 -10.06
CA VAL B 182 -86.42 4.21 -11.11
C VAL B 182 -86.20 5.68 -10.73
N GLU B 183 -86.36 5.98 -9.45
CA GLU B 183 -86.17 7.33 -8.96
C GLU B 183 -84.71 7.77 -9.10
N SER B 184 -83.79 6.89 -8.70
CA SER B 184 -82.36 7.20 -8.81
C SER B 184 -82.00 7.52 -10.25
N VAL B 185 -82.56 6.77 -11.18
CA VAL B 185 -82.28 7.00 -12.59
C VAL B 185 -82.81 8.35 -13.02
N ASN B 186 -84.03 8.67 -12.61
CA ASN B 186 -84.62 9.93 -13.01
C ASN B 186 -83.99 11.14 -12.35
N VAL B 187 -83.28 10.94 -11.25
CA VAL B 187 -82.58 12.04 -10.60
C VAL B 187 -81.48 12.46 -11.57
N ILE B 188 -80.73 11.47 -12.04
CA ILE B 188 -79.65 11.70 -12.99
C ILE B 188 -80.18 12.28 -14.28
N VAL B 189 -81.26 11.71 -14.79
CA VAL B 189 -81.85 12.19 -16.04
C VAL B 189 -82.34 13.63 -15.93
N SER B 190 -83.12 13.94 -14.88
CA SER B 190 -83.65 15.28 -14.71
C SER B 190 -82.54 16.31 -14.49
N THR B 191 -81.39 15.85 -13.99
CA THR B 191 -80.27 16.73 -13.74
C THR B 191 -79.47 17.09 -14.98
N TYR B 192 -79.24 16.11 -15.85
CA TYR B 192 -78.42 16.35 -17.03
C TYR B 192 -79.07 16.47 -18.40
N ALA B 193 -80.38 16.21 -18.49
CA ALA B 193 -81.05 16.30 -19.77
C ALA B 193 -81.37 17.74 -20.14
N ASP B 194 -81.26 18.07 -21.42
CA ASP B 194 -81.55 19.42 -21.91
C ASP B 194 -83.04 19.72 -21.83
N GLU B 195 -83.38 20.93 -21.39
CA GLU B 195 -84.77 21.35 -21.25
C GLU B 195 -85.53 21.28 -22.58
N VAL B 196 -84.89 21.75 -23.64
CA VAL B 196 -85.49 21.77 -24.97
C VAL B 196 -86.11 20.43 -25.34
N LEU B 197 -85.59 19.35 -24.77
CA LEU B 197 -86.08 18.01 -25.07
C LEU B 197 -87.39 17.65 -24.36
N GLY B 198 -87.73 18.40 -23.32
CA GLY B 198 -88.94 18.11 -22.58
C GLY B 198 -88.62 17.07 -21.52
N ASP B 199 -89.64 16.34 -21.08
CA ASP B 199 -89.43 15.32 -20.05
C ASP B 199 -88.84 14.04 -20.65
N VAL B 200 -87.60 13.74 -20.29
CA VAL B 200 -86.93 12.57 -20.80
C VAL B 200 -86.85 11.48 -19.72
N GLN B 201 -87.47 11.73 -18.59
CA GLN B 201 -87.47 10.75 -17.50
C GLN B 201 -88.16 9.46 -17.94
N VAL B 202 -87.84 8.38 -17.27
CA VAL B 202 -88.42 7.09 -17.60
C VAL B 202 -89.58 6.73 -16.65
N TYR B 203 -90.63 6.14 -17.21
CA TYR B 203 -91.84 5.80 -16.45
C TYR B 203 -92.33 4.38 -16.75
N PRO B 204 -92.38 3.52 -15.72
CA PRO B 204 -92.84 2.14 -15.96
C PRO B 204 -94.23 2.12 -16.61
N ALA B 205 -95.13 2.99 -16.14
CA ALA B 205 -96.49 3.05 -16.66
C ALA B 205 -96.56 3.52 -18.11
N ARG B 206 -95.46 4.06 -18.63
CA ARG B 206 -95.45 4.52 -20.01
C ARG B 206 -94.69 3.54 -20.90
N GLY B 207 -94.26 2.43 -20.32
CA GLY B 207 -93.54 1.41 -21.07
C GLY B 207 -92.07 1.64 -21.32
N THR B 208 -91.46 2.58 -20.60
CA THR B 208 -90.04 2.85 -20.80
C THR B 208 -89.12 2.24 -19.74
N VAL B 209 -89.65 1.30 -18.96
CA VAL B 209 -88.85 0.59 -17.96
C VAL B 209 -89.20 -0.89 -18.08
N ALA B 210 -88.20 -1.75 -18.21
CA ALA B 210 -88.44 -3.17 -18.30
C ALA B 210 -87.87 -3.82 -17.04
N PHE B 211 -88.32 -5.03 -16.74
CA PHE B 211 -87.88 -5.75 -15.56
C PHE B 211 -87.59 -7.19 -15.94
N GLY B 212 -86.47 -7.73 -15.50
CA GLY B 212 -86.19 -9.11 -15.85
C GLY B 212 -84.88 -9.70 -15.37
N SER B 213 -84.53 -10.82 -15.99
CA SER B 213 -83.32 -11.56 -15.67
C SER B 213 -82.63 -12.01 -16.95
N GLY B 214 -81.53 -11.34 -17.28
CA GLY B 214 -80.79 -11.67 -18.49
C GLY B 214 -80.35 -13.12 -18.61
N LEU B 215 -79.68 -13.64 -17.59
CA LEU B 215 -79.19 -15.00 -17.63
C LEU B 215 -80.35 -15.99 -17.76
N HIS B 216 -81.40 -15.77 -16.96
CA HIS B 216 -82.59 -16.63 -17.00
C HIS B 216 -83.20 -16.59 -18.39
N GLY B 217 -83.33 -15.39 -18.94
CA GLY B 217 -83.90 -15.23 -20.26
C GLY B 217 -85.32 -14.68 -20.29
N TRP B 218 -85.71 -13.93 -19.28
CA TRP B 218 -87.05 -13.36 -19.26
C TRP B 218 -87.03 -11.90 -18.81
N ALA B 219 -88.03 -11.15 -19.26
CA ALA B 219 -88.12 -9.73 -18.94
C ALA B 219 -89.49 -9.26 -19.41
N PHE B 220 -89.97 -8.16 -18.85
CA PHE B 220 -91.27 -7.64 -19.24
C PHE B 220 -91.38 -6.14 -19.06
N THR B 221 -92.38 -5.56 -19.72
CA THR B 221 -92.68 -4.15 -19.61
C THR B 221 -94.11 -4.17 -19.08
N ILE B 222 -94.57 -3.04 -18.55
CA ILE B 222 -95.92 -2.94 -18.05
C ILE B 222 -96.85 -3.02 -19.26
N ARG B 223 -96.37 -2.54 -20.41
CA ARG B 223 -97.19 -2.55 -21.61
C ARG B 223 -97.55 -3.97 -22.02
N GLN B 224 -96.63 -4.91 -21.88
CA GLN B 224 -96.90 -6.28 -22.25
C GLN B 224 -98.00 -6.89 -21.36
N PHE B 225 -97.98 -6.60 -20.07
CA PHE B 225 -98.99 -7.14 -19.18
C PHE B 225 -100.31 -6.40 -19.39
N ALA B 226 -100.23 -5.11 -19.71
CA ALA B 226 -101.43 -4.31 -19.97
C ALA B 226 -102.13 -4.90 -21.19
N THR B 227 -101.34 -5.32 -22.17
CA THR B 227 -101.86 -5.92 -23.38
C THR B 227 -102.46 -7.27 -23.03
N ARG B 228 -101.77 -8.01 -22.17
CA ARG B 228 -102.20 -9.34 -21.74
C ARG B 228 -103.48 -9.32 -20.89
N TYR B 229 -103.76 -8.22 -20.20
CA TYR B 229 -104.95 -8.15 -19.34
C TYR B 229 -106.03 -7.15 -19.74
N ALA B 230 -105.74 -6.29 -20.72
CA ALA B 230 -106.72 -5.29 -21.14
C ALA B 230 -108.06 -5.91 -21.49
N LYS B 231 -108.03 -6.96 -22.30
CA LYS B 231 -109.27 -7.62 -22.71
C LYS B 231 -109.91 -8.42 -21.58
N LYS B 232 -109.11 -8.92 -20.66
CA LYS B 232 -109.66 -9.70 -19.56
C LYS B 232 -110.42 -8.84 -18.57
N PHE B 233 -110.00 -7.60 -18.41
CA PHE B 233 -110.65 -6.68 -17.50
C PHE B 233 -111.67 -5.82 -18.24
N GLY B 234 -111.73 -5.98 -19.56
CA GLY B 234 -112.66 -5.22 -20.35
C GLY B 234 -112.36 -3.72 -20.37
N VAL B 235 -111.08 -3.38 -20.44
CA VAL B 235 -110.63 -1.99 -20.46
C VAL B 235 -109.50 -1.83 -21.49
N ASP B 236 -109.30 -0.62 -22.00
CA ASP B 236 -108.23 -0.39 -22.99
C ASP B 236 -106.89 -0.43 -22.28
N LYS B 237 -105.87 -0.99 -22.93
CA LYS B 237 -104.57 -1.09 -22.28
C LYS B 237 -103.95 0.20 -21.79
N ALA B 238 -104.35 1.33 -22.36
CA ALA B 238 -103.81 2.60 -21.90
C ALA B 238 -104.20 2.75 -20.43
N LYS B 239 -105.45 2.42 -20.12
CA LYS B 239 -105.92 2.51 -18.75
C LYS B 239 -105.28 1.43 -17.90
N MET B 240 -105.10 0.25 -18.48
CA MET B 240 -104.49 -0.86 -17.77
C MET B 240 -103.02 -0.61 -17.40
N MET B 241 -102.23 -0.05 -18.32
CA MET B 241 -100.85 0.16 -17.94
C MET B 241 -100.67 1.21 -16.85
N ASP B 242 -101.64 2.11 -16.69
CA ASP B 242 -101.54 3.10 -15.62
C ASP B 242 -101.92 2.40 -14.31
N ARG B 243 -102.80 1.42 -14.40
CA ARG B 243 -103.24 0.68 -13.22
C ARG B 243 -102.27 -0.41 -12.76
N LEU B 244 -101.38 -0.84 -13.64
CA LEU B 244 -100.44 -1.90 -13.28
C LEU B 244 -99.15 -1.41 -12.65
N TRP B 245 -99.10 -0.14 -12.30
CA TRP B 245 -97.93 0.43 -11.66
C TRP B 245 -98.30 1.51 -10.65
N GLY B 246 -97.46 1.68 -9.65
CA GLY B 246 -97.70 2.71 -8.66
C GLY B 246 -98.85 2.45 -7.72
N ASP B 247 -99.45 3.54 -7.22
CA ASP B 247 -100.55 3.44 -6.28
C ASP B 247 -101.93 3.24 -6.91
N SER B 248 -102.12 2.06 -7.50
CA SER B 248 -103.39 1.65 -8.09
C SER B 248 -103.69 0.36 -7.38
N PHE B 249 -104.90 0.24 -6.87
CA PHE B 249 -105.30 -0.93 -6.12
C PHE B 249 -106.64 -1.44 -6.59
N PHE B 250 -106.69 -2.73 -6.92
CA PHE B 250 -107.94 -3.36 -7.32
C PHE B 250 -108.41 -4.14 -6.10
N ASN B 251 -109.57 -3.76 -5.57
CA ASN B 251 -110.12 -4.46 -4.40
C ASN B 251 -111.07 -5.54 -4.89
N PRO B 252 -110.69 -6.82 -4.74
CA PRO B 252 -111.55 -7.92 -5.18
C PRO B 252 -112.96 -7.89 -4.56
N LYS B 253 -113.04 -7.45 -3.31
CA LYS B 253 -114.32 -7.38 -2.60
C LYS B 253 -115.30 -6.36 -3.19
N THR B 254 -114.78 -5.24 -3.69
CA THR B 254 -115.64 -4.22 -4.26
C THR B 254 -115.60 -4.25 -5.78
N LYS B 255 -114.61 -4.93 -6.34
CA LYS B 255 -114.44 -5.01 -7.78
C LYS B 255 -114.10 -3.64 -8.34
N LYS B 256 -113.54 -2.76 -7.50
CA LYS B 256 -113.19 -1.43 -7.95
C LYS B 256 -111.72 -1.03 -7.80
N TRP B 257 -111.28 -0.15 -8.70
CA TRP B 257 -109.91 0.35 -8.70
C TRP B 257 -109.86 1.68 -7.96
N THR B 258 -108.90 1.82 -7.06
CA THR B 258 -108.74 3.04 -6.29
C THR B 258 -107.27 3.39 -6.17
N ASN B 259 -106.99 4.57 -5.62
CA ASN B 259 -105.63 5.02 -5.41
C ASN B 259 -105.29 4.95 -3.92
N LYS B 260 -106.22 4.42 -3.13
CA LYS B 260 -106.04 4.29 -1.68
C LYS B 260 -105.56 2.89 -1.30
N ASP B 261 -104.48 2.81 -0.53
CA ASP B 261 -103.93 1.52 -0.11
C ASP B 261 -104.68 0.81 1.01
N THR B 262 -105.89 1.28 1.32
CA THR B 262 -106.72 0.66 2.36
C THR B 262 -108.15 0.72 1.88
N ASP B 263 -109.01 -0.18 2.37
CA ASP B 263 -110.40 -0.16 1.99
C ASP B 263 -111.16 0.75 2.95
N ALA B 264 -112.48 0.77 2.83
CA ALA B 264 -113.33 1.61 3.68
C ALA B 264 -113.13 1.28 5.16
N GLU B 265 -112.94 0.00 5.45
CA GLU B 265 -112.75 -0.46 6.82
C GLU B 265 -111.31 -0.26 7.31
N GLY B 266 -110.44 0.24 6.44
CA GLY B 266 -109.06 0.47 6.83
C GLY B 266 -108.10 -0.71 6.65
N LYS B 267 -108.60 -1.80 6.07
CA LYS B 267 -107.77 -2.98 5.85
C LYS B 267 -106.83 -2.73 4.66
N PRO B 268 -105.59 -3.25 4.73
CA PRO B 268 -104.55 -3.11 3.71
C PRO B 268 -104.90 -3.71 2.34
N LEU B 269 -104.66 -2.95 1.28
CA LEU B 269 -104.94 -3.44 -0.06
C LEU B 269 -103.64 -3.63 -0.84
N GLU B 270 -103.57 -4.72 -1.59
CA GLU B 270 -102.37 -5.00 -2.36
C GLU B 270 -102.31 -4.27 -3.70
N ARG B 271 -101.16 -3.65 -3.93
CA ARG B 271 -100.86 -2.91 -5.14
C ARG B 271 -101.15 -3.79 -6.37
N ALA B 272 -101.69 -3.18 -7.43
CA ALA B 272 -102.01 -3.93 -8.64
C ALA B 272 -100.77 -4.54 -9.30
N PHE B 273 -99.65 -3.83 -9.25
CA PHE B 273 -98.39 -4.32 -9.81
C PHE B 273 -98.06 -5.63 -9.14
N ASN B 274 -98.22 -5.67 -7.83
CA ASN B 274 -97.93 -6.87 -7.05
C ASN B 274 -98.93 -7.97 -7.30
N MET B 275 -100.21 -7.59 -7.29
CA MET B 275 -101.31 -8.53 -7.46
C MET B 275 -101.40 -9.21 -8.83
N PHE B 276 -101.21 -8.45 -9.91
CA PHE B 276 -101.33 -9.03 -11.24
C PHE B 276 -100.05 -9.32 -12.01
N ILE B 277 -98.95 -8.68 -11.63
CA ILE B 277 -97.70 -8.95 -12.33
C ILE B 277 -96.72 -9.79 -11.50
N LEU B 278 -96.40 -9.33 -10.31
CA LEU B 278 -95.45 -10.07 -9.48
C LEU B 278 -95.98 -11.40 -8.93
N ASP B 279 -97.24 -11.44 -8.54
CA ASP B 279 -97.79 -12.66 -7.98
C ASP B 279 -97.66 -13.87 -8.91
N PRO B 280 -98.06 -13.72 -10.18
CA PRO B 280 -97.96 -14.84 -11.13
C PRO B 280 -96.53 -15.38 -11.23
N ILE B 281 -95.56 -14.46 -11.29
CA ILE B 281 -94.16 -14.85 -11.39
C ILE B 281 -93.66 -15.51 -10.10
N PHE B 282 -94.08 -14.98 -8.97
CA PHE B 282 -93.69 -15.55 -7.69
C PHE B 282 -94.20 -16.97 -7.56
N ARG B 283 -95.45 -17.19 -7.93
CA ARG B 283 -96.06 -18.51 -7.84
C ARG B 283 -95.41 -19.52 -8.79
N LEU B 284 -94.96 -19.05 -9.96
CA LEU B 284 -94.30 -19.93 -10.90
C LEU B 284 -92.99 -20.39 -10.28
N PHE B 285 -92.21 -19.43 -9.78
CA PHE B 285 -90.94 -19.74 -9.13
C PHE B 285 -91.14 -20.71 -7.98
N THR B 286 -92.03 -20.35 -7.06
CA THR B 286 -92.30 -21.17 -5.89
C THR B 286 -92.76 -22.58 -6.26
N ALA B 287 -93.75 -22.67 -7.14
CA ALA B 287 -94.27 -23.98 -7.54
C ALA B 287 -93.26 -24.86 -8.25
N ILE B 288 -92.50 -24.27 -9.17
CA ILE B 288 -91.51 -25.04 -9.92
C ILE B 288 -90.28 -25.38 -9.10
N MET B 289 -89.75 -24.43 -8.35
CA MET B 289 -88.56 -24.71 -7.56
C MET B 289 -88.83 -25.64 -6.38
N ASN B 290 -90.09 -25.76 -5.98
CA ASN B 290 -90.43 -26.64 -4.88
C ASN B 290 -91.03 -27.94 -5.37
N PHE B 291 -90.85 -28.22 -6.66
CA PHE B 291 -91.33 -29.45 -7.28
C PHE B 291 -92.78 -29.80 -6.94
N LYS B 292 -93.69 -28.84 -7.10
CA LYS B 292 -95.10 -29.09 -6.83
C LYS B 292 -95.76 -29.64 -8.09
N LYS B 293 -95.39 -30.88 -8.40
CA LYS B 293 -95.87 -31.63 -9.56
C LYS B 293 -97.33 -31.47 -9.97
N ASP B 294 -98.22 -31.28 -8.99
CA ASP B 294 -99.64 -31.14 -9.30
C ASP B 294 -100.09 -29.71 -9.54
N GLU B 295 -99.47 -28.75 -8.86
CA GLU B 295 -99.83 -27.35 -9.02
C GLU B 295 -99.33 -26.77 -10.34
N ILE B 296 -98.09 -27.09 -10.69
CA ILE B 296 -97.47 -26.61 -11.91
C ILE B 296 -98.36 -26.65 -13.16
N PRO B 297 -98.96 -27.80 -13.46
CA PRO B 297 -99.83 -27.91 -14.64
C PRO B 297 -100.95 -26.89 -14.66
N VAL B 298 -101.61 -26.73 -13.51
CA VAL B 298 -102.71 -25.79 -13.38
C VAL B 298 -102.22 -24.38 -13.67
N LEU B 299 -101.16 -23.99 -12.98
CA LEU B 299 -100.57 -22.67 -13.13
C LEU B 299 -100.22 -22.41 -14.59
N LEU B 300 -99.54 -23.37 -15.22
CA LEU B 300 -99.15 -23.23 -16.62
C LEU B 300 -100.36 -23.06 -17.53
N GLU B 301 -101.34 -23.94 -17.36
CA GLU B 301 -102.55 -23.88 -18.16
C GLU B 301 -103.28 -22.55 -17.99
N LYS B 302 -103.28 -22.02 -16.77
CA LYS B 302 -103.94 -20.74 -16.51
C LYS B 302 -103.24 -19.58 -17.19
N LEU B 303 -101.92 -19.69 -17.33
CA LEU B 303 -101.12 -18.64 -17.96
C LEU B 303 -100.90 -18.94 -19.44
N GLU B 304 -101.61 -19.93 -19.95
CA GLU B 304 -101.49 -20.33 -21.36
C GLU B 304 -100.04 -20.62 -21.75
N ILE B 305 -99.32 -21.29 -20.86
CA ILE B 305 -97.93 -21.66 -21.10
C ILE B 305 -97.96 -23.14 -21.50
N VAL B 306 -97.52 -23.45 -22.72
CA VAL B 306 -97.52 -24.83 -23.17
C VAL B 306 -96.14 -25.43 -23.36
N LEU B 307 -95.88 -26.52 -22.65
CA LEU B 307 -94.60 -27.21 -22.74
C LEU B 307 -94.76 -28.27 -23.83
N LYS B 308 -93.73 -28.46 -24.65
CA LYS B 308 -93.82 -29.45 -25.72
C LYS B 308 -92.66 -30.42 -25.75
N GLY B 309 -92.98 -31.68 -26.09
CA GLY B 309 -91.95 -32.70 -26.16
C GLY B 309 -91.30 -33.04 -24.84
N ASP B 310 -89.97 -33.06 -24.83
CA ASP B 310 -89.21 -33.40 -23.64
C ASP B 310 -89.25 -32.33 -22.56
N GLU B 311 -89.81 -31.16 -22.88
CA GLU B 311 -89.89 -30.09 -21.90
C GLU B 311 -90.81 -30.53 -20.77
N LYS B 312 -91.77 -31.38 -21.11
CA LYS B 312 -92.72 -31.89 -20.14
C LYS B 312 -92.07 -32.71 -19.03
N ASP B 313 -90.83 -33.16 -19.27
CA ASP B 313 -90.13 -33.96 -18.28
C ASP B 313 -89.18 -33.15 -17.39
N LEU B 314 -88.94 -31.90 -17.76
CA LEU B 314 -88.05 -31.03 -16.98
C LEU B 314 -88.64 -30.72 -15.61
N GLU B 315 -87.76 -30.36 -14.67
CA GLU B 315 -88.14 -30.02 -13.30
C GLU B 315 -87.18 -28.96 -12.79
N GLY B 316 -87.49 -28.41 -11.62
CA GLY B 316 -86.63 -27.40 -11.02
C GLY B 316 -86.17 -26.27 -11.92
N LYS B 317 -84.94 -25.80 -11.70
CA LYS B 317 -84.37 -24.71 -12.48
C LYS B 317 -84.53 -24.85 -13.98
N ALA B 318 -84.20 -26.04 -14.50
CA ALA B 318 -84.29 -26.31 -15.93
C ALA B 318 -85.70 -26.00 -16.43
N LEU B 319 -86.69 -26.47 -15.69
CA LEU B 319 -88.07 -26.25 -16.07
C LEU B 319 -88.41 -24.76 -15.97
N LEU B 320 -87.98 -24.14 -14.87
CA LEU B 320 -88.25 -22.72 -14.66
C LEU B 320 -87.73 -21.87 -15.81
N LYS B 321 -86.47 -22.08 -16.18
CA LYS B 321 -85.88 -21.32 -17.27
C LYS B 321 -86.72 -21.48 -18.53
N VAL B 322 -87.14 -22.70 -18.81
CA VAL B 322 -87.96 -22.98 -19.98
C VAL B 322 -89.33 -22.30 -19.87
N VAL B 323 -89.93 -22.35 -18.67
CA VAL B 323 -91.24 -21.74 -18.46
C VAL B 323 -91.21 -20.22 -18.60
N MET B 324 -90.20 -19.58 -18.00
CA MET B 324 -90.09 -18.13 -18.06
C MET B 324 -89.78 -17.61 -19.47
N ARG B 325 -88.97 -18.35 -20.22
CA ARG B 325 -88.63 -17.95 -21.59
C ARG B 325 -89.88 -17.94 -22.46
N LYS B 326 -90.75 -18.92 -22.28
CA LYS B 326 -91.99 -18.99 -23.04
C LYS B 326 -92.99 -17.96 -22.53
N PHE B 327 -92.92 -17.70 -21.23
CA PHE B 327 -93.85 -16.74 -20.61
C PHE B 327 -93.51 -15.29 -20.97
N LEU B 328 -92.27 -14.89 -20.76
CA LEU B 328 -91.86 -13.52 -21.04
C LEU B 328 -90.47 -13.45 -21.70
N PRO B 329 -90.37 -13.87 -22.98
CA PRO B 329 -89.07 -13.84 -23.67
C PRO B 329 -88.45 -12.45 -23.44
N ALA B 330 -87.26 -12.41 -22.87
CA ALA B 330 -86.60 -11.13 -22.56
C ALA B 330 -86.45 -10.18 -23.75
N ALA B 331 -85.90 -10.69 -24.85
CA ALA B 331 -85.69 -9.88 -26.03
C ALA B 331 -86.94 -9.12 -26.45
N ASP B 332 -88.09 -9.77 -26.42
CA ASP B 332 -89.33 -9.13 -26.81
C ASP B 332 -89.60 -7.86 -26.01
N ALA B 333 -89.33 -7.92 -24.71
CA ALA B 333 -89.54 -6.74 -23.86
C ALA B 333 -88.58 -5.62 -24.26
N LEU B 334 -87.32 -5.98 -24.54
CA LEU B 334 -86.32 -4.98 -24.92
C LEU B 334 -86.58 -4.35 -26.29
N LEU B 335 -86.89 -5.18 -27.28
CA LEU B 335 -87.14 -4.67 -28.62
C LEU B 335 -88.35 -3.75 -28.65
N GLU B 336 -89.33 -4.04 -27.78
CA GLU B 336 -90.54 -3.23 -27.73
C GLU B 336 -90.19 -1.81 -27.31
N MET B 337 -89.36 -1.68 -26.27
CA MET B 337 -88.98 -0.36 -25.80
C MET B 337 -88.14 0.37 -26.86
N ILE B 338 -87.26 -0.37 -27.50
CA ILE B 338 -86.40 0.23 -28.53
C ILE B 338 -87.21 0.79 -29.70
N VAL B 339 -88.14 0.00 -30.23
CA VAL B 339 -88.96 0.44 -31.35
C VAL B 339 -89.97 1.52 -31.01
N LEU B 340 -90.74 1.30 -29.94
CA LEU B 340 -91.76 2.24 -29.54
C LEU B 340 -91.29 3.52 -28.87
N HIS B 341 -90.13 3.49 -28.20
CA HIS B 341 -89.67 4.66 -27.49
C HIS B 341 -88.35 5.32 -27.90
N LEU B 342 -87.40 4.57 -28.42
CA LEU B 342 -86.15 5.21 -28.81
C LEU B 342 -86.38 5.95 -30.12
N PRO B 343 -85.72 7.08 -30.31
CA PRO B 343 -85.92 7.84 -31.54
C PRO B 343 -85.17 7.31 -32.76
N SER B 344 -85.75 7.57 -33.93
CA SER B 344 -85.16 7.20 -35.19
C SER B 344 -84.15 8.31 -35.46
N PRO B 345 -83.32 8.15 -36.51
CA PRO B 345 -82.35 9.20 -36.83
C PRO B 345 -83.07 10.49 -37.24
N VAL B 346 -84.18 10.31 -37.97
CA VAL B 346 -84.99 11.44 -38.44
C VAL B 346 -85.45 12.31 -37.28
N THR B 347 -85.97 11.67 -36.24
CA THR B 347 -86.43 12.37 -35.05
C THR B 347 -85.27 13.01 -34.29
N ALA B 348 -84.24 12.21 -34.03
CA ALA B 348 -83.09 12.67 -33.26
C ALA B 348 -82.20 13.74 -33.87
N GLN B 349 -81.87 13.61 -35.16
CA GLN B 349 -80.99 14.59 -35.77
C GLN B 349 -81.61 15.98 -35.82
N ALA B 350 -82.92 16.07 -35.69
CA ALA B 350 -83.58 17.38 -35.70
C ALA B 350 -83.10 18.21 -34.52
N TYR B 351 -82.93 17.59 -33.36
CA TYR B 351 -82.48 18.33 -32.19
C TYR B 351 -81.01 18.10 -31.80
N ARG B 352 -80.33 17.23 -32.53
CA ARG B 352 -78.92 16.93 -32.27
C ARG B 352 -78.01 17.63 -33.27
N ALA B 353 -78.61 18.03 -34.39
CA ALA B 353 -77.87 18.68 -35.46
C ALA B 353 -76.89 19.77 -35.03
N GLU B 354 -77.37 20.74 -34.27
CA GLU B 354 -76.51 21.84 -33.84
C GLU B 354 -75.31 21.37 -33.02
N GLN B 355 -75.54 20.53 -32.02
CA GLN B 355 -74.44 20.03 -31.20
C GLN B 355 -73.41 19.32 -32.06
N LEU B 356 -73.91 18.53 -33.01
CA LEU B 356 -73.03 17.77 -33.88
C LEU B 356 -72.23 18.63 -34.88
N TYR B 357 -72.76 19.81 -35.20
CA TYR B 357 -72.07 20.67 -36.17
C TYR B 357 -71.42 21.89 -35.54
N GLU B 358 -70.12 22.03 -35.79
CA GLU B 358 -69.34 23.15 -35.27
C GLU B 358 -69.55 24.38 -36.14
N GLY B 359 -70.35 24.24 -37.19
CA GLY B 359 -70.60 25.36 -38.09
C GLY B 359 -71.85 26.15 -37.80
N PRO B 360 -72.26 27.05 -38.72
CA PRO B 360 -73.45 27.89 -38.58
C PRO B 360 -74.73 27.06 -38.45
N ALA B 361 -75.60 27.44 -37.51
CA ALA B 361 -76.85 26.71 -37.32
C ALA B 361 -77.71 26.76 -38.58
N ASP B 362 -77.62 27.86 -39.32
CA ASP B 362 -78.39 28.04 -40.54
C ASP B 362 -77.62 27.64 -41.79
N ASP B 363 -76.50 26.94 -41.58
CA ASP B 363 -75.66 26.48 -42.68
C ASP B 363 -76.38 25.39 -43.46
N ALA B 364 -76.01 25.21 -44.73
CA ALA B 364 -76.64 24.20 -45.56
C ALA B 364 -76.38 22.78 -45.05
N ASN B 365 -75.16 22.53 -44.59
CA ASN B 365 -74.81 21.21 -44.08
C ASN B 365 -75.51 20.91 -42.76
N CYS B 366 -75.63 21.93 -41.91
CA CYS B 366 -76.31 21.75 -40.64
C CYS B 366 -77.77 21.43 -40.90
N ILE B 367 -78.38 22.18 -41.82
CA ILE B 367 -79.78 21.95 -42.15
C ILE B 367 -79.97 20.55 -42.70
N ALA B 368 -79.01 20.09 -43.51
CA ALA B 368 -79.10 18.76 -44.07
C ALA B 368 -79.04 17.71 -42.95
N ILE B 369 -78.23 17.97 -41.93
CA ILE B 369 -78.13 17.06 -40.79
C ILE B 369 -79.45 17.10 -40.05
N LYS B 370 -79.96 18.31 -39.82
CA LYS B 370 -81.24 18.48 -39.13
C LYS B 370 -82.36 17.71 -39.80
N ASN B 371 -82.36 17.69 -41.12
CA ASN B 371 -83.40 17.02 -41.89
C ASN B 371 -83.03 15.60 -42.30
N CYS B 372 -81.82 15.17 -41.91
CA CYS B 372 -81.35 13.84 -42.27
C CYS B 372 -81.55 13.69 -43.77
N ASP B 373 -81.16 14.73 -44.50
CA ASP B 373 -81.30 14.80 -45.96
C ASP B 373 -80.33 13.93 -46.74
N PRO B 374 -80.81 12.82 -47.32
CA PRO B 374 -79.94 11.94 -48.09
C PRO B 374 -79.45 12.53 -49.42
N LYS B 375 -80.12 13.56 -49.92
CA LYS B 375 -79.75 14.18 -51.19
C LYS B 375 -78.76 15.33 -51.07
N ALA B 376 -78.53 15.79 -49.84
CA ALA B 376 -77.62 16.90 -49.60
C ALA B 376 -76.15 16.48 -49.75
N ASP B 377 -75.24 17.42 -49.53
CA ASP B 377 -73.82 17.13 -49.59
C ASP B 377 -73.52 16.18 -48.45
N LEU B 378 -72.57 15.27 -48.67
CA LEU B 378 -72.20 14.29 -47.66
C LEU B 378 -71.66 14.87 -46.36
N MET B 379 -72.11 14.29 -45.25
CA MET B 379 -71.67 14.68 -43.92
C MET B 379 -71.59 13.37 -43.13
N LEU B 380 -70.43 12.73 -43.22
CA LEU B 380 -70.20 11.45 -42.56
C LEU B 380 -69.16 11.57 -41.46
N TYR B 381 -69.58 11.23 -40.24
CA TYR B 381 -68.72 11.30 -39.06
C TYR B 381 -68.00 9.97 -38.82
N VAL B 382 -66.68 9.98 -38.83
CA VAL B 382 -65.93 8.76 -38.57
C VAL B 382 -65.76 8.69 -37.06
N SER B 383 -66.41 7.69 -36.47
CA SER B 383 -66.41 7.48 -35.03
C SER B 383 -65.14 6.81 -34.49
N LYS B 384 -64.52 5.96 -35.30
CA LYS B 384 -63.29 5.29 -34.89
C LYS B 384 -62.81 4.37 -35.98
N MET B 385 -61.61 3.82 -35.78
CA MET B 385 -61.03 2.89 -36.73
C MET B 385 -61.15 1.51 -36.12
N VAL B 386 -61.54 0.53 -36.93
CA VAL B 386 -61.70 -0.83 -36.43
C VAL B 386 -60.64 -1.75 -37.02
N PRO B 387 -59.96 -2.53 -36.15
CA PRO B 387 -58.91 -3.48 -36.54
C PRO B 387 -59.49 -4.59 -37.42
N THR B 388 -58.74 -4.98 -38.45
CA THR B 388 -59.20 -6.04 -39.36
C THR B 388 -58.10 -7.07 -39.57
N SER B 389 -58.45 -8.17 -40.22
CA SER B 389 -57.48 -9.21 -40.51
C SER B 389 -56.84 -8.90 -41.87
N ASP B 390 -57.14 -7.72 -42.39
CA ASP B 390 -56.61 -7.27 -43.68
C ASP B 390 -55.24 -6.67 -43.43
N LYS B 391 -54.28 -7.54 -43.14
CA LYS B 391 -52.90 -7.16 -42.86
C LYS B 391 -52.66 -5.72 -42.43
N GLY B 392 -52.85 -5.47 -41.13
CA GLY B 392 -52.61 -4.16 -40.58
C GLY B 392 -53.56 -3.06 -41.01
N ARG B 393 -54.53 -3.38 -41.87
CA ARG B 393 -55.47 -2.37 -42.33
C ARG B 393 -56.67 -2.26 -41.39
N PHE B 394 -57.09 -1.02 -41.15
CA PHE B 394 -58.24 -0.72 -40.28
C PHE B 394 -59.34 -0.11 -41.14
N TYR B 395 -60.59 -0.40 -40.79
CA TYR B 395 -61.72 0.17 -41.52
C TYR B 395 -62.31 1.28 -40.68
N ALA B 396 -62.72 2.36 -41.32
CA ALA B 396 -63.31 3.48 -40.60
C ALA B 396 -64.76 3.14 -40.29
N PHE B 397 -65.17 3.38 -39.05
CA PHE B 397 -66.54 3.12 -38.61
C PHE B 397 -67.20 4.45 -38.30
N GLY B 398 -68.43 4.64 -38.76
CA GLY B 398 -69.09 5.89 -38.49
C GLY B 398 -70.55 5.96 -38.89
N ARG B 399 -71.07 7.18 -39.00
CA ARG B 399 -72.46 7.39 -39.34
C ARG B 399 -72.66 8.50 -40.38
N VAL B 400 -73.55 8.24 -41.33
CA VAL B 400 -73.87 9.18 -42.38
C VAL B 400 -74.99 10.06 -41.86
N PHE B 401 -74.67 11.31 -41.56
CA PHE B 401 -75.66 12.25 -41.03
C PHE B 401 -76.41 13.02 -42.11
N ALA B 402 -75.79 13.16 -43.28
CA ALA B 402 -76.39 13.87 -44.42
C ALA B 402 -75.75 13.35 -45.71
N GLY B 403 -76.53 13.35 -46.79
CA GLY B 403 -76.03 12.87 -48.06
C GLY B 403 -76.07 11.35 -48.11
N THR B 404 -75.34 10.79 -49.06
CA THR B 404 -75.25 9.34 -49.19
C THR B 404 -73.83 9.04 -49.65
N VAL B 405 -73.13 8.18 -48.91
CA VAL B 405 -71.77 7.82 -49.28
C VAL B 405 -71.84 6.73 -50.35
N LYS B 406 -70.89 6.76 -51.28
CA LYS B 406 -70.88 5.79 -52.37
C LYS B 406 -69.47 5.27 -52.64
N SER B 407 -69.39 4.05 -53.15
CA SER B 407 -68.11 3.44 -53.48
C SER B 407 -67.50 4.19 -54.66
N GLY B 408 -66.23 4.57 -54.53
CA GLY B 408 -65.56 5.30 -55.59
C GLY B 408 -66.03 6.74 -55.68
N GLN B 409 -66.40 7.30 -54.54
CA GLN B 409 -66.89 8.67 -54.47
C GLN B 409 -65.81 9.62 -53.98
N LYS B 410 -65.59 10.71 -54.71
CA LYS B 410 -64.60 11.69 -54.30
C LYS B 410 -65.13 12.36 -53.04
N VAL B 411 -64.33 12.36 -51.99
CA VAL B 411 -64.75 12.95 -50.72
C VAL B 411 -63.62 13.73 -50.08
N ARG B 412 -63.99 14.62 -49.17
CA ARG B 412 -63.03 15.44 -48.44
C ARG B 412 -62.90 14.95 -47.00
N ILE B 413 -61.71 14.45 -46.66
CA ILE B 413 -61.44 13.95 -45.31
C ILE B 413 -60.88 15.06 -44.44
N GLN B 414 -61.63 15.44 -43.42
CA GLN B 414 -61.22 16.52 -42.53
C GLN B 414 -60.87 16.01 -41.13
N GLY B 415 -59.64 16.27 -40.69
CA GLY B 415 -59.21 15.82 -39.38
C GLY B 415 -59.68 16.70 -38.23
N PRO B 416 -59.22 16.43 -37.00
CA PRO B 416 -59.59 17.19 -35.80
C PRO B 416 -59.17 18.67 -35.81
N ASN B 417 -58.38 19.06 -36.80
CA ASN B 417 -57.92 20.45 -36.88
C ASN B 417 -58.37 21.14 -38.16
N TYR B 418 -58.87 20.37 -39.13
CA TYR B 418 -59.31 20.95 -40.39
C TYR B 418 -60.31 22.07 -40.24
N VAL B 419 -60.06 23.15 -40.96
CA VAL B 419 -60.91 24.33 -40.96
C VAL B 419 -61.13 24.70 -42.43
N PRO B 420 -62.36 25.07 -42.80
CA PRO B 420 -62.74 25.44 -44.17
C PRO B 420 -61.66 26.14 -45.00
N GLY B 421 -61.21 27.31 -44.55
CA GLY B 421 -60.21 28.05 -45.30
C GLY B 421 -58.84 27.42 -45.40
N LYS B 422 -58.24 27.12 -44.25
CA LYS B 422 -56.91 26.52 -44.20
C LYS B 422 -56.95 25.04 -44.60
N LYS B 423 -55.93 24.60 -45.33
CA LYS B 423 -55.88 23.21 -45.78
C LYS B 423 -55.21 22.26 -44.79
N ASP B 424 -55.37 22.56 -43.50
CA ASP B 424 -54.79 21.71 -42.46
C ASP B 424 -55.71 20.52 -42.18
N ASP B 425 -55.19 19.31 -42.39
CA ASP B 425 -55.94 18.07 -42.19
C ASP B 425 -56.81 17.67 -43.38
N LEU B 426 -56.71 18.39 -44.48
CA LEU B 426 -57.52 18.07 -45.65
C LEU B 426 -56.91 16.91 -46.43
N PHE B 427 -57.76 16.04 -46.94
CA PHE B 427 -57.34 14.87 -47.71
C PHE B 427 -58.46 14.50 -48.67
N ILE B 428 -58.27 14.78 -49.95
CA ILE B 428 -59.30 14.47 -50.95
C ILE B 428 -58.99 13.15 -51.65
N LYS B 429 -59.76 12.12 -51.31
CA LYS B 429 -59.55 10.81 -51.91
C LYS B 429 -60.87 10.15 -52.32
N ALA B 430 -60.77 9.06 -53.07
CA ALA B 430 -61.95 8.33 -53.51
C ALA B 430 -62.19 7.11 -52.62
N ILE B 431 -63.37 7.05 -52.01
CA ILE B 431 -63.73 5.94 -51.14
C ILE B 431 -63.66 4.63 -51.89
N GLN B 432 -62.74 3.77 -51.46
CA GLN B 432 -62.53 2.48 -52.08
C GLN B 432 -63.70 1.51 -52.02
N ARG B 433 -64.41 1.51 -50.90
CA ARG B 433 -65.54 0.60 -50.74
C ARG B 433 -66.33 0.90 -49.48
N VAL B 434 -67.65 0.83 -49.60
CA VAL B 434 -68.55 1.06 -48.48
C VAL B 434 -69.00 -0.33 -48.06
N VAL B 435 -68.97 -0.60 -46.76
CA VAL B 435 -69.36 -1.92 -46.28
C VAL B 435 -70.26 -1.89 -45.05
N LEU B 436 -71.15 -2.87 -44.97
CA LEU B 436 -72.03 -3.00 -43.82
C LEU B 436 -71.12 -3.67 -42.79
N MET B 437 -71.19 -3.22 -41.54
CA MET B 437 -70.38 -3.79 -40.47
C MET B 437 -71.27 -4.73 -39.66
N MET B 438 -71.29 -6.00 -40.07
CA MET B 438 -72.11 -7.02 -39.44
C MET B 438 -71.30 -7.86 -38.44
N GLY B 439 -71.18 -7.37 -37.21
CA GLY B 439 -70.41 -8.10 -36.22
C GLY B 439 -68.95 -8.19 -36.61
N ARG B 440 -68.41 -9.40 -36.74
CA ARG B 440 -67.01 -9.57 -37.10
C ARG B 440 -66.83 -9.69 -38.61
N PHE B 441 -67.92 -9.50 -39.35
CA PHE B 441 -67.88 -9.61 -40.80
C PHE B 441 -68.33 -8.32 -41.51
N VAL B 442 -67.86 -8.14 -42.74
CA VAL B 442 -68.23 -6.96 -43.53
C VAL B 442 -68.87 -7.40 -44.84
N GLU B 443 -69.73 -6.56 -45.39
CA GLU B 443 -70.41 -6.87 -46.65
C GLU B 443 -70.48 -5.63 -47.52
N PRO B 444 -69.73 -5.62 -48.65
CA PRO B 444 -69.73 -4.47 -49.54
C PRO B 444 -71.13 -4.09 -50.00
N ILE B 445 -71.38 -2.80 -50.14
CA ILE B 445 -72.68 -2.30 -50.57
C ILE B 445 -72.39 -1.06 -51.43
N ASP B 446 -73.18 -0.85 -52.48
CA ASP B 446 -72.93 0.29 -53.35
C ASP B 446 -72.94 1.64 -52.65
N ASP B 447 -73.98 1.91 -51.87
CA ASP B 447 -74.07 3.19 -51.17
C ASP B 447 -74.84 3.08 -49.86
N CYS B 448 -74.85 4.19 -49.11
CA CYS B 448 -75.52 4.21 -47.82
C CYS B 448 -76.05 5.61 -47.53
N PRO B 449 -77.38 5.76 -47.49
CA PRO B 449 -78.01 7.06 -47.22
C PRO B 449 -77.94 7.61 -45.81
N ALA B 450 -78.22 8.90 -45.68
CA ALA B 450 -78.20 9.60 -44.41
C ALA B 450 -79.10 8.94 -43.38
N GLY B 451 -78.58 8.81 -42.15
CA GLY B 451 -79.33 8.19 -41.08
C GLY B 451 -78.79 6.84 -40.66
N ASN B 452 -77.92 6.27 -41.49
CA ASN B 452 -77.37 4.95 -41.24
C ASN B 452 -75.94 4.89 -40.72
N ILE B 453 -75.59 3.71 -40.20
CA ILE B 453 -74.28 3.42 -39.67
C ILE B 453 -73.57 2.61 -40.75
N ILE B 454 -72.28 2.85 -40.94
CA ILE B 454 -71.59 2.16 -42.00
C ILE B 454 -70.09 2.09 -41.75
N GLY B 455 -69.41 1.30 -42.58
CA GLY B 455 -67.96 1.17 -42.47
C GLY B 455 -67.33 1.54 -43.80
N LEU B 456 -66.15 2.14 -43.76
CA LEU B 456 -65.45 2.56 -44.97
C LEU B 456 -64.03 1.98 -45.05
N VAL B 457 -63.70 1.38 -46.18
CA VAL B 457 -62.37 0.80 -46.36
C VAL B 457 -61.53 1.67 -47.28
N GLY B 458 -60.28 1.88 -46.89
CA GLY B 458 -59.37 2.68 -47.69
C GLY B 458 -59.12 4.05 -47.12
N ILE B 459 -59.72 4.32 -45.95
CA ILE B 459 -59.58 5.61 -45.28
C ILE B 459 -58.44 5.59 -44.25
N ASP B 460 -57.95 4.38 -43.99
CA ASP B 460 -56.86 4.12 -43.03
C ASP B 460 -55.92 5.28 -42.65
N GLN B 461 -54.90 5.47 -43.50
CA GLN B 461 -53.86 6.49 -43.29
C GLN B 461 -54.30 7.94 -43.20
N PHE B 462 -55.30 8.31 -44.00
CA PHE B 462 -55.77 9.69 -44.03
C PHE B 462 -56.40 10.16 -42.73
N LEU B 463 -56.80 9.23 -41.88
CA LEU B 463 -57.41 9.60 -40.62
C LEU B 463 -57.17 8.53 -39.56
N LEU B 464 -57.20 8.94 -38.30
CA LEU B 464 -56.98 8.02 -37.17
C LEU B 464 -57.79 8.54 -35.99
N LYS B 465 -58.71 7.70 -35.53
CA LYS B 465 -59.62 8.04 -34.44
C LYS B 465 -60.75 8.87 -35.08
N THR B 466 -61.30 9.87 -34.39
CA THR B 466 -62.42 10.63 -34.97
C THR B 466 -62.07 11.51 -36.18
N GLY B 467 -63.09 11.81 -36.99
CA GLY B 467 -62.90 12.63 -38.18
C GLY B 467 -64.21 12.99 -38.88
N THR B 468 -64.12 13.53 -40.09
CA THR B 468 -65.31 13.92 -40.85
C THR B 468 -65.12 13.86 -42.36
N LEU B 469 -66.07 13.24 -43.06
CA LEU B 469 -66.02 13.15 -44.51
C LEU B 469 -67.15 13.97 -45.12
N THR B 470 -66.79 14.93 -45.96
CA THR B 470 -67.77 15.81 -46.60
C THR B 470 -67.53 15.92 -48.10
N THR B 471 -68.55 16.35 -48.82
CA THR B 471 -68.43 16.50 -50.26
C THR B 471 -68.68 17.97 -50.58
N SER B 472 -68.57 18.81 -49.56
CA SER B 472 -68.78 20.24 -49.67
C SER B 472 -67.53 21.00 -49.27
N GLU B 473 -67.09 21.90 -50.15
CA GLU B 473 -65.90 22.72 -49.89
C GLU B 473 -66.17 23.65 -48.71
N THR B 474 -67.45 23.95 -48.50
CA THR B 474 -67.90 24.83 -47.42
C THR B 474 -68.13 24.04 -46.13
N ALA B 475 -68.18 22.72 -46.26
CA ALA B 475 -68.42 21.85 -45.11
C ALA B 475 -67.51 22.09 -43.92
N HIS B 476 -68.13 22.35 -42.77
CA HIS B 476 -67.40 22.57 -41.54
C HIS B 476 -67.23 21.18 -40.91
N ASN B 477 -66.48 21.10 -39.81
CA ASN B 477 -66.24 19.81 -39.17
C ASN B 477 -67.25 19.48 -38.07
N MET B 478 -67.70 18.23 -38.04
CA MET B 478 -68.65 17.81 -37.03
C MET B 478 -67.93 17.77 -35.68
N LYS B 479 -68.66 18.15 -34.63
CA LYS B 479 -68.13 18.21 -33.27
C LYS B 479 -66.89 17.35 -33.01
N VAL B 480 -65.78 18.02 -32.72
CA VAL B 480 -64.52 17.34 -32.46
C VAL B 480 -64.22 17.32 -30.96
N MET B 481 -74.09 9.32 -13.74
CA MET B 481 -72.72 9.40 -13.24
C MET B 481 -71.97 10.57 -13.86
N LYS B 482 -71.28 11.35 -13.03
CA LYS B 482 -70.51 12.46 -13.53
C LYS B 482 -69.14 11.89 -13.89
N PHE B 483 -68.63 12.23 -15.06
CA PHE B 483 -67.33 11.72 -15.48
C PHE B 483 -66.36 12.80 -15.89
N SER B 484 -65.08 12.56 -15.63
CA SER B 484 -64.03 13.50 -15.97
C SER B 484 -64.03 13.71 -17.48
N VAL B 485 -63.67 14.91 -17.92
CA VAL B 485 -63.63 15.21 -19.34
C VAL B 485 -62.33 15.89 -19.70
N SER B 486 -61.35 15.80 -18.80
CA SER B 486 -60.03 16.41 -19.00
C SER B 486 -58.96 15.32 -18.98
N PRO B 487 -57.95 15.43 -19.87
CA PRO B 487 -56.86 14.46 -19.95
C PRO B 487 -55.87 14.63 -18.81
N VAL B 488 -56.35 14.46 -17.58
CA VAL B 488 -55.48 14.64 -16.40
C VAL B 488 -54.57 13.48 -16.02
N VAL B 489 -54.83 12.28 -16.53
CA VAL B 489 -53.98 11.14 -16.20
C VAL B 489 -53.02 10.95 -17.36
N GLN B 490 -51.73 11.17 -17.12
CA GLN B 490 -50.75 11.06 -18.19
C GLN B 490 -49.54 10.19 -17.89
N VAL B 491 -49.07 9.47 -18.90
CA VAL B 491 -47.90 8.62 -18.76
C VAL B 491 -47.00 8.71 -20.00
N ALA B 492 -45.75 8.28 -19.83
CA ALA B 492 -44.80 8.29 -20.93
C ALA B 492 -44.85 6.92 -21.58
N VAL B 493 -44.85 6.91 -22.91
CA VAL B 493 -44.89 5.66 -23.66
C VAL B 493 -43.70 5.58 -24.61
N GLU B 494 -42.96 4.48 -24.52
CA GLU B 494 -41.79 4.26 -25.37
C GLU B 494 -41.74 2.83 -25.88
N VAL B 495 -41.18 2.64 -27.08
CA VAL B 495 -41.08 1.29 -27.65
C VAL B 495 -39.92 0.54 -27.02
N LYS B 496 -40.11 -0.74 -26.75
CA LYS B 496 -39.06 -1.56 -26.16
C LYS B 496 -38.00 -1.87 -27.19
N ASN B 497 -38.39 -1.81 -28.47
CA ASN B 497 -37.47 -2.07 -29.57
C ASN B 497 -37.39 -0.83 -30.46
N ALA B 498 -36.27 -0.14 -30.36
CA ALA B 498 -36.00 1.09 -31.12
C ALA B 498 -36.59 1.09 -32.53
N ASN B 499 -36.40 -0.01 -33.24
CA ASN B 499 -36.90 -0.13 -34.61
C ASN B 499 -38.40 0.06 -34.77
N ASP B 500 -39.15 -0.13 -33.69
CA ASP B 500 -40.60 -0.01 -33.75
C ASP B 500 -41.16 1.41 -33.63
N LEU B 501 -40.29 2.39 -33.40
CA LEU B 501 -40.72 3.78 -33.26
C LEU B 501 -41.74 4.19 -34.32
N PRO B 502 -41.45 3.93 -35.59
CA PRO B 502 -42.39 4.32 -36.66
C PRO B 502 -43.81 3.80 -36.41
N LYS B 503 -43.89 2.59 -35.84
CA LYS B 503 -45.18 1.98 -35.54
C LYS B 503 -45.87 2.67 -34.37
N LEU B 504 -45.09 3.03 -33.35
CA LEU B 504 -45.66 3.71 -32.20
C LEU B 504 -46.19 5.08 -32.60
N VAL B 505 -45.36 5.86 -33.29
CA VAL B 505 -45.76 7.20 -33.73
C VAL B 505 -47.03 7.11 -34.57
N GLU B 506 -47.08 6.11 -35.45
CA GLU B 506 -48.26 5.92 -36.29
C GLU B 506 -49.43 5.51 -35.42
N GLY B 507 -49.17 4.65 -34.44
CA GLY B 507 -50.21 4.18 -33.55
C GLY B 507 -50.87 5.32 -32.79
N LEU B 508 -50.06 6.26 -32.30
CA LEU B 508 -50.57 7.40 -31.56
C LEU B 508 -51.56 8.19 -32.39
N LYS B 509 -51.28 8.34 -33.68
CA LYS B 509 -52.17 9.08 -34.56
C LYS B 509 -53.48 8.32 -34.69
N ARG B 510 -53.37 7.00 -34.87
CA ARG B 510 -54.56 6.16 -34.99
C ARG B 510 -55.39 6.26 -33.71
N LEU B 511 -54.73 6.09 -32.57
CA LEU B 511 -55.39 6.19 -31.27
C LEU B 511 -56.15 7.51 -31.16
N SER B 512 -55.46 8.60 -31.45
CA SER B 512 -56.06 9.93 -31.38
C SER B 512 -57.29 10.06 -32.28
N LYS B 513 -57.20 9.57 -33.50
CA LYS B 513 -58.31 9.64 -34.45
C LYS B 513 -59.52 8.85 -33.99
N SER B 514 -59.27 7.73 -33.31
CA SER B 514 -60.35 6.87 -32.84
C SER B 514 -60.96 7.32 -31.52
N ASP B 515 -60.26 8.17 -30.78
CA ASP B 515 -60.77 8.62 -29.49
C ASP B 515 -60.61 10.13 -29.32
N PRO B 516 -61.73 10.85 -29.15
CA PRO B 516 -61.74 12.30 -28.98
C PRO B 516 -61.22 12.76 -27.62
N CYS B 517 -61.35 11.92 -26.61
CA CYS B 517 -60.93 12.27 -25.26
C CYS B 517 -59.50 11.89 -24.90
N VAL B 518 -58.79 11.25 -25.82
CA VAL B 518 -57.41 10.89 -25.57
C VAL B 518 -56.50 12.01 -26.08
N LEU B 519 -55.39 12.23 -25.40
CA LEU B 519 -54.44 13.27 -25.80
C LEU B 519 -53.03 12.70 -25.84
N THR B 520 -52.30 12.99 -26.91
CA THR B 520 -50.93 12.54 -27.05
C THR B 520 -50.09 13.72 -27.53
N TYR B 521 -48.91 13.88 -26.95
CA TYR B 521 -48.03 14.98 -27.32
C TYR B 521 -46.61 14.67 -26.88
N MET B 522 -45.65 15.43 -27.38
CA MET B 522 -44.24 15.24 -27.06
C MET B 522 -43.92 16.14 -25.86
N SER B 523 -43.30 15.57 -24.83
CA SER B 523 -42.97 16.36 -23.64
C SER B 523 -41.70 17.17 -23.84
N GLU B 524 -41.46 18.09 -22.91
CA GLU B 524 -40.28 18.93 -22.95
C GLU B 524 -39.02 18.07 -22.82
N SER B 525 -39.17 16.88 -22.26
CA SER B 525 -38.02 16.00 -22.08
C SER B 525 -37.90 14.96 -23.19
N GLY B 526 -38.62 15.17 -24.29
CA GLY B 526 -38.58 14.25 -25.40
C GLY B 526 -39.30 12.94 -25.24
N GLU B 527 -40.36 12.91 -24.45
CA GLU B 527 -41.11 11.67 -24.25
C GLU B 527 -42.49 11.73 -24.91
N HIS B 528 -42.92 10.61 -25.45
CA HIS B 528 -44.24 10.54 -26.05
C HIS B 528 -45.17 10.41 -24.86
N ILE B 529 -46.11 11.35 -24.74
CA ILE B 529 -47.04 11.35 -23.63
C ILE B 529 -48.44 10.98 -24.11
N VAL B 530 -49.09 10.08 -23.37
CA VAL B 530 -50.44 9.67 -23.68
C VAL B 530 -51.25 10.04 -22.44
N ALA B 531 -52.31 10.80 -22.63
CA ALA B 531 -53.13 11.26 -21.51
C ALA B 531 -54.59 10.89 -21.67
N GLY B 532 -55.18 10.42 -20.59
CA GLY B 532 -56.57 10.03 -20.60
C GLY B 532 -57.38 10.76 -19.57
N THR B 533 -58.70 10.62 -19.69
CA THR B 533 -59.66 11.26 -18.80
C THR B 533 -59.60 10.73 -17.37
N GLY B 534 -59.32 9.45 -17.24
CA GLY B 534 -59.25 8.82 -15.93
C GLY B 534 -58.33 7.62 -16.02
N GLU B 535 -58.05 6.97 -14.90
CA GLU B 535 -57.18 5.81 -14.89
C GLU B 535 -57.70 4.70 -15.81
N LEU B 536 -58.99 4.41 -15.73
CA LEU B 536 -59.58 3.36 -16.56
C LEU B 536 -59.52 3.72 -18.03
N HIS B 537 -59.91 4.96 -18.36
CA HIS B 537 -59.88 5.40 -19.75
C HIS B 537 -58.46 5.30 -20.29
N LEU B 538 -57.49 5.82 -19.54
CA LEU B 538 -56.10 5.76 -19.96
C LEU B 538 -55.68 4.31 -20.17
N GLU B 539 -56.05 3.44 -19.22
CA GLU B 539 -55.73 2.02 -19.32
C GLU B 539 -56.24 1.40 -20.63
N ILE B 540 -57.50 1.69 -20.98
CA ILE B 540 -58.07 1.15 -22.20
C ILE B 540 -57.26 1.65 -23.40
N CYS B 541 -56.95 2.94 -23.39
CA CYS B 541 -56.18 3.56 -24.46
C CYS B 541 -54.83 2.90 -24.64
N LEU B 542 -54.12 2.67 -23.54
CA LEU B 542 -52.80 2.05 -23.59
C LEU B 542 -52.86 0.60 -24.07
N GLN B 543 -53.92 -0.11 -23.72
CA GLN B 543 -54.07 -1.51 -24.14
C GLN B 543 -54.28 -1.54 -25.65
N ASP B 544 -55.24 -0.77 -26.14
CA ASP B 544 -55.53 -0.70 -27.57
C ASP B 544 -54.32 -0.19 -28.35
N LEU B 545 -53.54 0.69 -27.73
CA LEU B 545 -52.36 1.24 -28.39
C LEU B 545 -51.35 0.13 -28.61
N GLU B 546 -50.92 -0.51 -27.53
CA GLU B 546 -49.94 -1.58 -27.64
C GLU B 546 -50.42 -2.73 -28.50
N HIS B 547 -51.68 -3.12 -28.37
CA HIS B 547 -52.19 -4.27 -29.13
C HIS B 547 -52.59 -3.99 -30.57
N ASP B 548 -53.44 -3.00 -30.80
CA ASP B 548 -53.89 -2.70 -32.16
C ASP B 548 -53.23 -1.49 -32.82
N HIS B 549 -53.53 -0.31 -32.30
CA HIS B 549 -53.00 0.94 -32.85
C HIS B 549 -51.52 0.86 -33.24
N ALA B 550 -50.66 0.51 -32.29
CA ALA B 550 -49.24 0.41 -32.57
C ALA B 550 -48.86 -1.05 -32.82
N GLY B 551 -49.53 -1.96 -32.14
CA GLY B 551 -49.28 -3.38 -32.29
C GLY B 551 -47.83 -3.77 -32.06
N VAL B 552 -47.20 -3.16 -31.06
CA VAL B 552 -45.81 -3.43 -30.76
C VAL B 552 -45.57 -3.28 -29.26
N PRO B 553 -44.57 -3.98 -28.72
CA PRO B 553 -44.28 -3.89 -27.28
C PRO B 553 -44.01 -2.44 -26.86
N LEU B 554 -44.57 -2.06 -25.71
CA LEU B 554 -44.39 -0.70 -25.22
C LEU B 554 -43.98 -0.68 -23.75
N LYS B 555 -43.28 0.39 -23.35
CA LYS B 555 -42.83 0.55 -21.99
C LYS B 555 -43.59 1.76 -21.45
N ILE B 556 -44.30 1.58 -20.35
CA ILE B 556 -45.07 2.66 -19.75
C ILE B 556 -44.40 3.12 -18.47
N SER B 557 -44.29 4.43 -18.29
CA SER B 557 -43.65 4.96 -17.11
C SER B 557 -44.11 6.37 -16.75
N PRO B 558 -43.86 6.79 -15.51
CA PRO B 558 -44.24 8.13 -15.06
C PRO B 558 -43.43 9.12 -15.88
N PRO B 559 -44.09 10.11 -16.49
CA PRO B 559 -43.36 11.09 -17.30
C PRO B 559 -42.23 11.81 -16.57
N VAL B 560 -41.11 11.96 -17.27
CA VAL B 560 -39.96 12.68 -16.74
C VAL B 560 -40.36 14.15 -16.67
N VAL B 561 -40.04 14.80 -15.56
CA VAL B 561 -40.36 16.20 -15.38
C VAL B 561 -39.15 17.06 -15.76
N ALA B 562 -39.39 18.12 -16.52
CA ALA B 562 -38.29 18.99 -16.92
C ALA B 562 -38.10 20.09 -15.86
N TYR B 563 -36.84 20.46 -15.63
CA TYR B 563 -36.51 21.51 -14.67
C TYR B 563 -35.69 22.57 -15.39
N ARG B 564 -35.44 23.68 -14.71
CA ARG B 564 -34.65 24.78 -15.26
C ARG B 564 -33.53 25.10 -14.28
N GLU B 565 -32.40 25.55 -14.80
CA GLU B 565 -31.28 25.89 -13.94
C GLU B 565 -31.15 27.40 -13.88
N THR B 566 -31.19 27.95 -12.66
CA THR B 566 -31.08 29.38 -12.51
C THR B 566 -30.12 29.78 -11.40
N VAL B 567 -30.02 31.09 -11.16
CA VAL B 567 -29.14 31.62 -10.13
C VAL B 567 -29.94 32.53 -9.21
N GLU B 568 -29.70 32.42 -7.90
CA GLU B 568 -30.45 33.22 -6.93
C GLU B 568 -29.86 34.61 -6.70
N SER B 569 -28.58 34.78 -7.00
CA SER B 569 -27.93 36.07 -6.80
C SER B 569 -26.74 36.23 -7.73
N GLU B 570 -26.02 37.33 -7.57
CA GLU B 570 -24.84 37.61 -8.38
C GLU B 570 -23.68 36.71 -7.97
N SER B 571 -22.77 36.45 -8.90
CA SER B 571 -21.61 35.61 -8.62
C SER B 571 -20.83 36.21 -7.45
N SER B 572 -20.60 35.42 -6.40
CA SER B 572 -19.88 35.89 -5.22
C SER B 572 -18.49 36.45 -5.54
N GLN B 573 -17.99 36.18 -6.74
CA GLN B 573 -16.70 36.69 -7.17
C GLN B 573 -16.61 36.52 -8.68
N THR B 574 -15.77 37.32 -9.32
CA THR B 574 -15.60 37.26 -10.77
C THR B 574 -15.20 35.87 -11.23
N ALA B 575 -15.87 35.37 -12.26
CA ALA B 575 -15.55 34.05 -12.79
C ALA B 575 -14.45 34.24 -13.84
N LEU B 576 -13.39 33.45 -13.72
CA LEU B 576 -12.29 33.55 -14.66
C LEU B 576 -12.03 32.19 -15.31
N SER B 577 -11.93 32.18 -16.63
CA SER B 577 -11.66 30.94 -17.36
C SER B 577 -10.75 31.25 -18.53
N LYS B 578 -9.93 30.28 -18.92
CA LYS B 578 -9.01 30.46 -20.04
C LYS B 578 -9.29 29.42 -21.10
N SER B 579 -8.86 29.71 -22.33
CA SER B 579 -9.08 28.79 -23.45
C SER B 579 -8.09 27.64 -23.41
N PRO B 580 -8.34 26.60 -24.20
CA PRO B 580 -7.40 25.47 -24.21
C PRO B 580 -6.01 26.04 -24.47
N ASN B 581 -5.94 26.96 -25.42
CA ASN B 581 -4.69 27.63 -25.80
C ASN B 581 -3.95 28.18 -24.59
N LYS B 582 -4.73 28.63 -23.61
CA LYS B 582 -4.21 29.24 -22.39
C LYS B 582 -3.82 30.69 -22.69
N HIS B 583 -4.08 31.13 -23.92
CA HIS B 583 -3.74 32.49 -24.33
C HIS B 583 -4.90 33.46 -24.17
N ASN B 584 -6.13 32.95 -24.14
CA ASN B 584 -7.29 33.82 -24.00
C ASN B 584 -8.04 33.60 -22.68
N ARG B 585 -8.57 34.69 -22.13
CA ARG B 585 -9.31 34.62 -20.88
C ARG B 585 -10.56 35.49 -20.89
N ILE B 586 -11.58 35.05 -20.16
CA ILE B 586 -12.83 35.79 -20.06
C ILE B 586 -13.16 35.98 -18.59
N TYR B 587 -13.57 37.19 -18.24
CA TYR B 587 -13.94 37.54 -16.87
C TYR B 587 -15.43 37.88 -16.89
N LEU B 588 -16.23 37.23 -16.06
CA LEU B 588 -17.66 37.52 -16.05
C LEU B 588 -18.31 37.19 -14.71
N LYS B 589 -19.56 37.61 -14.56
CA LYS B 589 -20.36 37.36 -13.38
C LYS B 589 -21.76 37.09 -13.86
N ALA B 590 -22.47 36.21 -13.17
CA ALA B 590 -23.84 35.90 -13.53
C ALA B 590 -24.73 36.51 -12.45
N GLU B 591 -25.97 36.81 -12.80
CA GLU B 591 -26.93 37.36 -11.84
C GLU B 591 -28.34 37.02 -12.33
N PRO B 592 -29.32 37.04 -11.43
CA PRO B 592 -30.70 36.73 -11.78
C PRO B 592 -31.38 37.74 -12.68
N ILE B 593 -32.24 37.26 -13.57
CA ILE B 593 -33.04 38.15 -14.40
C ILE B 593 -34.37 38.11 -13.66
N ASP B 594 -34.97 39.27 -13.41
CA ASP B 594 -36.23 39.28 -12.67
C ASP B 594 -37.32 38.46 -13.37
N GLU B 595 -38.16 37.79 -12.58
CA GLU B 595 -39.26 36.98 -13.10
C GLU B 595 -40.06 37.71 -14.17
N GLU B 596 -40.46 38.95 -13.88
CA GLU B 596 -41.26 39.72 -14.82
C GLU B 596 -40.57 39.93 -16.15
N VAL B 597 -39.24 40.02 -16.15
CA VAL B 597 -38.51 40.21 -17.39
C VAL B 597 -38.49 38.88 -18.14
N SER B 598 -38.17 37.80 -17.44
CA SER B 598 -38.16 36.48 -18.07
C SER B 598 -39.54 36.21 -18.70
N LEU B 599 -40.60 36.56 -17.98
CA LEU B 599 -41.96 36.37 -18.46
C LEU B 599 -42.20 37.25 -19.69
N ALA B 600 -41.66 38.47 -19.66
CA ALA B 600 -41.79 39.40 -20.76
C ALA B 600 -41.09 38.82 -22.00
N ILE B 601 -39.97 38.16 -21.78
CA ILE B 601 -39.22 37.55 -22.89
C ILE B 601 -39.97 36.35 -23.45
N GLU B 602 -40.38 35.44 -22.56
CA GLU B 602 -41.09 34.24 -22.98
C GLU B 602 -42.42 34.55 -23.67
N ASN B 603 -43.08 35.61 -23.25
CA ASN B 603 -44.37 35.95 -23.83
C ASN B 603 -44.42 36.98 -24.94
N GLY B 604 -43.26 37.39 -25.43
CA GLY B 604 -43.25 38.34 -26.54
C GLY B 604 -43.24 39.83 -26.31
N ILE B 605 -42.99 40.31 -25.09
CA ILE B 605 -42.95 41.75 -24.86
C ILE B 605 -41.54 42.26 -25.18
N ILE B 606 -40.53 41.49 -24.77
CA ILE B 606 -39.13 41.82 -25.01
C ILE B 606 -38.65 40.73 -25.97
N ASN B 607 -38.36 41.12 -27.21
CA ASN B 607 -37.97 40.15 -28.21
C ASN B 607 -36.56 40.24 -28.78
N PRO B 608 -35.98 39.09 -29.11
CA PRO B 608 -34.64 38.95 -29.66
C PRO B 608 -34.42 39.79 -30.92
N ARG B 609 -35.43 39.85 -31.79
CA ARG B 609 -35.28 40.62 -33.03
C ARG B 609 -35.78 42.07 -33.01
N ASP B 610 -36.31 42.54 -31.89
CA ASP B 610 -36.79 43.92 -31.84
C ASP B 610 -35.61 44.88 -31.97
N ASP B 611 -35.89 46.11 -32.40
CA ASP B 611 -34.86 47.12 -32.54
C ASP B 611 -34.19 47.25 -31.17
N PHE B 612 -32.87 47.09 -31.14
CA PHE B 612 -32.14 47.14 -29.88
C PHE B 612 -32.37 48.44 -29.12
N LYS B 613 -32.58 49.54 -29.83
CA LYS B 613 -32.79 50.83 -29.18
C LYS B 613 -34.13 50.89 -28.46
N ALA B 614 -35.23 50.68 -29.18
CA ALA B 614 -36.55 50.73 -28.55
C ALA B 614 -36.67 49.68 -27.44
N ARG B 615 -36.05 48.52 -27.65
CA ARG B 615 -36.11 47.47 -26.65
C ARG B 615 -35.40 47.90 -25.38
N ALA B 616 -34.24 48.53 -25.54
CA ALA B 616 -33.46 48.99 -24.40
C ALA B 616 -34.28 49.99 -23.57
N ARG B 617 -34.99 50.89 -24.24
CA ARG B 617 -35.81 51.90 -23.55
C ARG B 617 -36.88 51.26 -22.68
N ILE B 618 -37.50 50.20 -23.19
CA ILE B 618 -38.54 49.50 -22.42
C ILE B 618 -37.90 48.83 -21.21
N MET B 619 -36.81 48.10 -21.43
CA MET B 619 -36.17 47.43 -20.31
C MET B 619 -35.69 48.41 -19.25
N ALA B 620 -35.22 49.58 -19.69
CA ALA B 620 -34.76 50.59 -18.74
C ALA B 620 -35.91 51.34 -18.09
N ASP B 621 -36.77 51.95 -18.89
CA ASP B 621 -37.88 52.73 -18.34
C ASP B 621 -38.95 51.92 -17.66
N ASP B 622 -39.22 50.72 -18.17
CA ASP B 622 -40.27 49.89 -17.60
C ASP B 622 -39.81 48.79 -16.66
N TYR B 623 -38.64 48.22 -16.91
CA TYR B 623 -38.15 47.13 -16.07
C TYR B 623 -36.93 47.44 -15.20
N GLY B 624 -36.58 48.72 -15.10
CA GLY B 624 -35.46 49.11 -14.24
C GLY B 624 -34.04 48.74 -14.63
N TRP B 625 -33.81 48.38 -15.88
CA TRP B 625 -32.45 48.05 -16.31
C TRP B 625 -31.67 49.33 -16.59
N ASP B 626 -30.35 49.21 -16.65
CA ASP B 626 -29.51 50.34 -17.02
C ASP B 626 -29.65 50.31 -18.55
N VAL B 627 -30.00 51.44 -19.15
CA VAL B 627 -30.18 51.48 -20.60
C VAL B 627 -28.96 51.05 -21.42
N THR B 628 -27.76 51.32 -20.91
CA THR B 628 -26.55 50.94 -21.64
C THR B 628 -26.43 49.42 -21.64
N ASP B 629 -26.66 48.80 -20.49
CA ASP B 629 -26.62 47.35 -20.37
C ASP B 629 -27.64 46.74 -21.34
N ALA B 630 -28.84 47.30 -21.35
CA ALA B 630 -29.92 46.80 -22.22
C ALA B 630 -29.55 46.94 -23.69
N ARG B 631 -29.01 48.08 -24.07
CA ARG B 631 -28.61 48.32 -25.46
C ARG B 631 -27.49 47.37 -25.86
N LYS B 632 -26.73 46.89 -24.88
CA LYS B 632 -25.61 46.01 -25.15
C LYS B 632 -25.88 44.52 -24.94
N ILE B 633 -27.12 44.08 -25.09
CA ILE B 633 -27.32 42.64 -24.92
C ILE B 633 -26.77 42.02 -26.19
N TRP B 634 -25.94 41.00 -26.03
CA TRP B 634 -25.35 40.34 -27.18
C TRP B 634 -26.24 39.25 -27.76
N CYS B 635 -27.04 38.60 -26.91
CA CYS B 635 -27.94 37.55 -27.35
C CYS B 635 -28.84 37.02 -26.24
N PHE B 636 -29.89 36.32 -26.67
CA PHE B 636 -30.82 35.66 -25.77
C PHE B 636 -30.44 34.20 -25.95
N GLY B 637 -30.72 33.37 -24.96
CA GLY B 637 -30.39 31.96 -25.11
C GLY B 637 -31.32 31.19 -24.20
N PRO B 638 -31.60 29.90 -24.47
CA PRO B 638 -31.11 29.07 -25.58
C PRO B 638 -31.87 29.35 -26.87
N ASP B 639 -31.45 28.71 -27.95
CA ASP B 639 -32.10 28.85 -29.26
C ASP B 639 -32.24 30.30 -29.73
N GLY B 640 -31.35 31.17 -29.27
CA GLY B 640 -31.42 32.56 -29.68
C GLY B 640 -32.61 33.36 -29.17
N ASN B 641 -33.49 32.77 -28.36
CA ASN B 641 -34.64 33.53 -27.87
C ASN B 641 -35.09 33.22 -26.45
N GLY B 642 -34.32 32.44 -25.71
CA GLY B 642 -34.73 32.09 -24.36
C GLY B 642 -34.59 33.20 -23.32
N PRO B 643 -35.16 33.02 -22.12
CA PRO B 643 -35.09 34.01 -21.04
C PRO B 643 -33.77 34.02 -20.26
N ASN B 644 -32.67 34.17 -21.00
CA ASN B 644 -31.31 34.25 -20.45
C ASN B 644 -30.62 35.24 -21.37
N LEU B 645 -29.70 36.04 -20.83
CA LEU B 645 -29.04 37.06 -21.64
C LEU B 645 -27.56 37.29 -21.35
N VAL B 646 -26.85 37.73 -22.40
CA VAL B 646 -25.44 38.07 -22.30
C VAL B 646 -25.36 39.58 -22.55
N ILE B 647 -24.79 40.29 -21.59
CA ILE B 647 -24.64 41.74 -21.71
C ILE B 647 -23.15 42.08 -21.71
N ASP B 648 -22.73 42.83 -22.73
CA ASP B 648 -21.33 43.23 -22.82
C ASP B 648 -21.05 44.43 -21.92
N GLN B 649 -20.15 44.25 -20.95
CA GLN B 649 -19.78 45.34 -20.06
C GLN B 649 -18.27 45.58 -20.15
N THR B 650 -17.63 45.13 -21.22
CA THR B 650 -16.20 45.32 -21.39
C THR B 650 -15.90 46.75 -21.81
N LYS B 651 -14.63 47.16 -21.71
CA LYS B 651 -14.27 48.54 -22.04
C LYS B 651 -13.26 48.75 -23.17
N ALA B 652 -12.07 48.14 -23.06
CA ALA B 652 -11.07 48.35 -24.08
C ALA B 652 -10.53 47.08 -24.74
N VAL B 653 -11.44 46.24 -25.22
CA VAL B 653 -11.03 45.00 -25.88
C VAL B 653 -10.88 45.26 -27.37
N GLN B 654 -9.64 45.23 -27.85
CA GLN B 654 -9.32 45.49 -29.26
C GLN B 654 -10.09 44.65 -30.27
N TYR B 655 -10.01 43.33 -30.11
CA TYR B 655 -10.67 42.43 -31.05
C TYR B 655 -11.99 41.88 -30.55
N LEU B 656 -12.68 42.66 -29.73
CA LEU B 656 -13.97 42.26 -29.17
C LEU B 656 -14.90 41.78 -30.27
N HIS B 657 -15.13 42.62 -31.27
CA HIS B 657 -16.03 42.30 -32.36
C HIS B 657 -15.73 40.98 -33.06
N GLU B 658 -14.46 40.56 -33.04
CA GLU B 658 -14.07 39.33 -33.70
C GLU B 658 -14.36 38.05 -32.91
N ILE B 659 -14.73 38.19 -31.64
CA ILE B 659 -15.05 37.03 -30.82
C ILE B 659 -16.53 36.98 -30.48
N LYS B 660 -17.28 37.97 -30.95
CA LYS B 660 -18.71 38.03 -30.65
C LYS B 660 -19.46 36.75 -31.00
N ASP B 661 -19.38 36.33 -32.27
CA ASP B 661 -20.08 35.12 -32.69
C ASP B 661 -19.70 33.93 -31.81
N SER B 662 -18.43 33.83 -31.45
CA SER B 662 -17.98 32.73 -30.60
C SER B 662 -18.64 32.83 -29.23
N VAL B 663 -18.63 34.02 -28.64
CA VAL B 663 -19.25 34.23 -27.33
C VAL B 663 -20.74 33.89 -27.38
N VAL B 664 -21.43 34.35 -28.43
CA VAL B 664 -22.86 34.07 -28.57
C VAL B 664 -23.10 32.57 -28.67
N ALA B 665 -22.35 31.91 -29.55
CA ALA B 665 -22.50 30.47 -29.75
C ALA B 665 -22.29 29.72 -28.43
N ALA B 666 -21.25 30.07 -27.70
CA ALA B 666 -20.97 29.42 -26.42
C ALA B 666 -22.17 29.57 -25.47
N PHE B 667 -22.76 30.77 -25.46
CA PHE B 667 -23.90 31.01 -24.59
C PHE B 667 -25.10 30.15 -24.99
N GLN B 668 -25.31 29.96 -26.30
CA GLN B 668 -26.43 29.15 -26.76
C GLN B 668 -26.21 27.74 -26.24
N TRP B 669 -24.95 27.34 -26.20
CA TRP B 669 -24.56 26.03 -25.72
C TRP B 669 -24.80 25.91 -24.21
N ALA B 670 -24.24 26.84 -23.45
CA ALA B 670 -24.37 26.80 -21.99
C ALA B 670 -25.81 26.93 -21.48
N THR B 671 -26.60 27.80 -22.09
CA THR B 671 -27.98 27.95 -21.64
C THR B 671 -28.83 26.76 -22.04
N LYS B 672 -28.41 26.01 -23.06
CA LYS B 672 -29.17 24.83 -23.47
C LYS B 672 -28.84 23.70 -22.51
N GLU B 673 -27.60 23.67 -22.04
CA GLU B 673 -27.17 22.62 -21.12
C GLU B 673 -26.54 23.20 -19.86
N GLY B 674 -27.35 23.35 -18.82
CA GLY B 674 -26.87 23.89 -17.56
C GLY B 674 -25.86 22.98 -16.89
N PRO B 675 -25.01 23.51 -16.00
CA PRO B 675 -24.00 22.71 -15.30
C PRO B 675 -24.50 21.90 -14.12
N ILE B 676 -25.73 22.14 -13.66
CA ILE B 676 -26.21 21.36 -12.53
C ILE B 676 -26.44 19.92 -12.99
N PHE B 677 -27.30 19.73 -13.99
CA PHE B 677 -27.52 18.39 -14.52
C PHE B 677 -27.98 18.40 -15.97
N GLY B 678 -27.50 19.40 -16.70
CA GLY B 678 -27.81 19.51 -18.11
C GLY B 678 -29.17 20.04 -18.52
N GLU B 679 -29.94 20.61 -17.60
CA GLU B 679 -31.25 21.16 -17.99
C GLU B 679 -31.05 22.58 -18.50
N GLU B 680 -32.03 23.10 -19.21
CA GLU B 680 -31.94 24.45 -19.74
C GLU B 680 -31.91 25.49 -18.63
N MET B 681 -31.17 26.56 -18.87
CA MET B 681 -31.11 27.65 -17.89
C MET B 681 -32.33 28.53 -18.10
N ARG B 682 -32.71 29.26 -17.06
CA ARG B 682 -33.82 30.20 -17.16
C ARG B 682 -33.50 31.35 -16.21
N SER B 683 -33.76 32.57 -16.66
CA SER B 683 -33.55 33.78 -15.88
C SER B 683 -32.11 34.02 -15.47
N VAL B 684 -31.18 33.65 -16.32
CA VAL B 684 -29.77 33.85 -16.05
C VAL B 684 -29.20 34.98 -16.90
N ARG B 685 -28.63 35.98 -16.23
CA ARG B 685 -28.02 37.10 -16.91
C ARG B 685 -26.50 37.00 -16.72
N VAL B 686 -25.78 37.08 -17.82
CA VAL B 686 -24.33 37.01 -17.74
C VAL B 686 -23.74 38.34 -18.21
N ASN B 687 -22.85 38.88 -17.39
CA ASN B 687 -22.19 40.15 -17.68
C ASN B 687 -20.72 39.93 -18.00
N ILE B 688 -20.32 40.20 -19.23
CA ILE B 688 -18.92 40.03 -19.62
C ILE B 688 -18.16 41.24 -19.08
N LEU B 689 -17.36 41.04 -18.05
CA LEU B 689 -16.61 42.12 -17.43
C LEU B 689 -15.33 42.51 -18.17
N ASP B 690 -14.60 41.51 -18.67
CA ASP B 690 -13.36 41.78 -19.38
C ASP B 690 -12.93 40.55 -20.15
N VAL B 691 -12.16 40.78 -21.21
CA VAL B 691 -11.66 39.71 -22.06
C VAL B 691 -10.24 40.04 -22.50
N THR B 692 -9.33 39.08 -22.36
CA THR B 692 -7.95 39.28 -22.81
C THR B 692 -7.72 38.26 -23.91
N LEU B 693 -7.29 38.75 -25.07
CA LEU B 693 -7.08 37.89 -26.22
C LEU B 693 -5.66 37.96 -26.78
N HIS B 694 -5.23 36.89 -27.44
CA HIS B 694 -3.91 36.86 -28.04
C HIS B 694 -4.00 37.75 -29.27
N ALA B 695 -2.90 38.43 -29.59
CA ALA B 695 -2.88 39.35 -30.73
C ALA B 695 -3.25 38.72 -32.07
N ASP B 696 -2.85 37.47 -32.29
CA ASP B 696 -3.12 36.81 -33.56
C ASP B 696 -4.38 35.96 -33.59
N ALA B 697 -5.25 36.25 -34.55
CA ALA B 697 -6.51 35.55 -34.70
C ALA B 697 -6.33 34.05 -34.76
N ILE B 698 -5.15 33.62 -35.21
CA ILE B 698 -4.84 32.20 -35.32
C ILE B 698 -4.99 31.47 -33.98
N HIS B 699 -4.83 32.21 -32.88
CA HIS B 699 -4.95 31.63 -31.56
C HIS B 699 -6.22 32.10 -30.85
N ARG B 700 -7.10 32.77 -31.60
CA ARG B 700 -8.36 33.28 -31.05
C ARG B 700 -9.57 32.77 -31.83
N GLY B 701 -9.47 31.60 -32.43
CA GLY B 701 -10.59 31.08 -33.19
C GLY B 701 -11.73 30.60 -32.32
N GLY B 702 -12.85 30.26 -32.97
CA GLY B 702 -13.99 29.77 -32.22
C GLY B 702 -13.60 28.58 -31.37
N GLY B 703 -12.80 27.69 -31.95
CA GLY B 703 -12.37 26.51 -31.23
C GLY B 703 -11.68 26.81 -29.92
N GLN B 704 -11.28 28.07 -29.75
CA GLN B 704 -10.61 28.49 -28.53
C GLN B 704 -11.52 29.32 -27.63
N ILE B 705 -12.24 30.25 -28.22
CA ILE B 705 -13.12 31.12 -27.46
C ILE B 705 -14.46 30.50 -27.04
N ILE B 706 -15.04 29.68 -27.91
CA ILE B 706 -16.30 29.04 -27.57
C ILE B 706 -16.15 28.26 -26.28
N PRO B 707 -15.11 27.41 -26.17
CA PRO B 707 -14.91 26.64 -24.95
C PRO B 707 -14.69 27.56 -23.75
N THR B 708 -13.97 28.65 -23.98
CA THR B 708 -13.67 29.61 -22.93
C THR B 708 -14.93 30.23 -22.32
N MET B 709 -15.81 30.73 -23.18
CA MET B 709 -17.03 31.37 -22.72
C MET B 709 -17.95 30.38 -22.00
N ARG B 710 -18.06 29.18 -22.56
CA ARG B 710 -18.91 28.15 -21.97
C ARG B 710 -18.40 27.80 -20.58
N ARG B 711 -17.09 27.64 -20.45
CA ARG B 711 -16.46 27.31 -19.18
C ARG B 711 -16.65 28.45 -18.18
N ALA B 712 -16.44 29.69 -18.63
CA ALA B 712 -16.61 30.85 -17.73
C ALA B 712 -18.07 31.01 -17.29
N THR B 713 -18.99 30.77 -18.21
CA THR B 713 -20.41 30.90 -17.91
C THR B 713 -20.80 29.91 -16.83
N TYR B 714 -20.37 28.66 -16.98
CA TYR B 714 -20.69 27.66 -15.97
C TYR B 714 -20.11 28.09 -14.62
N ALA B 715 -18.89 28.62 -14.63
CA ALA B 715 -18.24 29.06 -13.40
C ALA B 715 -19.04 30.19 -12.75
N GLY B 716 -19.40 31.19 -13.55
CA GLY B 716 -20.17 32.30 -13.03
C GLY B 716 -21.49 31.82 -12.46
N PHE B 717 -22.12 30.90 -13.18
CA PHE B 717 -23.40 30.34 -12.76
C PHE B 717 -23.27 29.67 -11.40
N LEU B 718 -22.32 28.75 -11.30
CA LEU B 718 -22.10 28.01 -10.08
C LEU B 718 -21.72 28.91 -8.91
N LEU B 719 -21.13 30.06 -9.22
CA LEU B 719 -20.73 31.03 -8.20
C LEU B 719 -21.88 31.94 -7.79
N ALA B 720 -22.99 31.85 -8.51
CA ALA B 720 -24.16 32.70 -8.26
C ALA B 720 -25.28 32.06 -7.44
N ASP B 721 -24.92 31.20 -6.50
CA ASP B 721 -25.90 30.53 -5.65
C ASP B 721 -26.93 29.83 -6.53
N PRO B 722 -26.51 28.76 -7.22
CA PRO B 722 -27.31 27.92 -8.14
C PRO B 722 -28.58 27.35 -7.53
N LYS B 723 -29.64 27.34 -8.34
CA LYS B 723 -30.94 26.82 -7.93
C LYS B 723 -31.61 26.17 -9.13
N ILE B 724 -32.57 25.27 -8.89
CA ILE B 724 -33.32 24.71 -10.01
C ILE B 724 -34.76 25.16 -9.84
N GLN B 725 -35.47 25.32 -10.96
CA GLN B 725 -36.87 25.71 -10.94
C GLN B 725 -37.70 24.51 -11.39
N GLU B 726 -38.83 24.28 -10.71
CA GLU B 726 -39.71 23.16 -11.06
C GLU B 726 -40.94 23.72 -11.74
N PRO B 727 -41.57 22.90 -12.60
CA PRO B 727 -42.77 23.30 -13.34
C PRO B 727 -43.97 23.18 -12.40
N VAL B 728 -44.88 24.15 -12.45
CA VAL B 728 -46.06 24.13 -11.58
C VAL B 728 -47.36 24.20 -12.39
N PHE B 729 -48.31 23.37 -12.01
CA PHE B 729 -49.60 23.31 -12.68
C PHE B 729 -50.60 24.25 -12.02
N LEU B 730 -51.57 24.70 -12.82
CA LEU B 730 -52.67 25.49 -12.28
C LEU B 730 -53.76 24.43 -12.25
N VAL B 731 -54.22 24.06 -11.07
CA VAL B 731 -55.25 23.03 -10.98
C VAL B 731 -56.63 23.61 -10.68
N GLU B 732 -57.62 23.18 -11.43
CA GLU B 732 -58.98 23.64 -11.24
C GLU B 732 -59.89 22.45 -10.95
N ILE B 733 -60.54 22.49 -9.78
CA ILE B 733 -61.40 21.40 -9.36
C ILE B 733 -62.85 21.81 -9.08
N GLN B 734 -63.80 21.19 -9.78
CA GLN B 734 -65.22 21.45 -9.57
C GLN B 734 -65.71 20.38 -8.58
N CYS B 735 -66.59 20.76 -7.66
CA CYS B 735 -67.10 19.79 -6.69
C CYS B 735 -68.12 20.36 -5.72
N PRO B 736 -68.85 19.49 -5.00
CA PRO B 736 -69.85 19.91 -4.02
C PRO B 736 -69.18 20.49 -2.79
N GLU B 737 -69.89 21.39 -2.09
CA GLU B 737 -69.36 22.06 -0.91
C GLU B 737 -68.74 21.16 0.16
N GLN B 738 -69.48 20.17 0.62
CA GLN B 738 -68.98 19.27 1.65
C GLN B 738 -67.78 18.42 1.24
N ALA B 739 -67.34 18.56 0.00
CA ALA B 739 -66.20 17.81 -0.49
C ALA B 739 -64.96 18.68 -0.62
N VAL B 740 -65.17 20.00 -0.60
CA VAL B 740 -64.08 20.95 -0.72
C VAL B 740 -62.96 20.68 0.29
N GLY B 741 -63.34 20.23 1.48
CA GLY B 741 -62.35 19.93 2.50
C GLY B 741 -61.34 18.90 2.05
N GLY B 742 -61.79 17.95 1.23
CA GLY B 742 -60.89 16.92 0.75
C GLY B 742 -59.80 17.54 -0.11
N ILE B 743 -60.18 18.49 -0.95
CA ILE B 743 -59.22 19.16 -1.82
C ILE B 743 -58.07 19.75 -1.03
N TYR B 744 -58.38 20.57 -0.03
CA TYR B 744 -57.34 21.19 0.79
C TYR B 744 -56.44 20.17 1.45
N SER B 745 -57.04 19.10 1.97
CA SER B 745 -56.27 18.06 2.63
C SER B 745 -55.20 17.45 1.73
N VAL B 746 -55.60 17.10 0.50
CA VAL B 746 -54.65 16.49 -0.43
C VAL B 746 -53.60 17.51 -0.89
N LEU B 747 -54.03 18.73 -1.18
CA LEU B 747 -53.11 19.77 -1.61
C LEU B 747 -52.03 20.02 -0.57
N ASN B 748 -52.41 19.97 0.71
CA ASN B 748 -51.47 20.19 1.79
C ASN B 748 -50.41 19.10 1.89
N LYS B 749 -50.70 17.94 1.32
CA LYS B 749 -49.75 16.83 1.35
C LYS B 749 -48.85 16.86 0.13
N LYS B 750 -49.13 17.77 -0.81
CA LYS B 750 -48.34 17.84 -2.03
C LYS B 750 -47.84 19.24 -2.39
N ARG B 751 -47.55 20.03 -1.37
CA ARG B 751 -47.04 21.38 -1.54
C ARG B 751 -47.95 22.23 -2.42
N GLY B 752 -49.24 21.98 -2.34
CA GLY B 752 -50.20 22.73 -3.12
C GLY B 752 -50.42 24.10 -2.50
N GLN B 753 -50.98 25.01 -3.27
CA GLN B 753 -51.24 26.35 -2.78
C GLN B 753 -52.56 26.82 -3.37
N VAL B 754 -53.59 26.89 -2.54
CA VAL B 754 -54.91 27.31 -2.99
C VAL B 754 -54.82 28.71 -3.56
N VAL B 755 -55.48 28.92 -4.70
CA VAL B 755 -55.48 30.21 -5.35
C VAL B 755 -56.81 30.92 -5.19
N SER B 756 -57.91 30.21 -5.42
CA SER B 756 -59.24 30.80 -5.31
C SER B 756 -60.35 29.78 -5.09
N GLU B 757 -61.49 30.27 -4.59
CA GLU B 757 -62.65 29.44 -4.33
C GLU B 757 -63.91 30.22 -4.75
N GLU B 758 -64.45 29.90 -5.92
CA GLU B 758 -65.64 30.58 -6.41
C GLU B 758 -66.83 29.64 -6.60
N GLN B 759 -68.01 30.21 -6.79
CA GLN B 759 -69.23 29.44 -6.99
C GLN B 759 -69.93 29.82 -8.29
N THR B 763 -76.55 28.69 -8.86
CA THR B 763 -76.28 27.93 -7.65
C THR B 763 -75.70 26.55 -7.99
N PRO B 764 -74.62 26.51 -8.79
CA PRO B 764 -74.00 25.24 -9.17
C PRO B 764 -73.18 24.59 -8.05
N LEU B 765 -71.94 24.24 -8.39
CA LEU B 765 -71.02 23.60 -7.44
C LEU B 765 -69.94 24.60 -7.00
N PHE B 766 -68.84 24.05 -6.50
CA PHE B 766 -67.71 24.85 -6.07
C PHE B 766 -66.55 24.63 -7.03
N THR B 767 -65.77 25.67 -7.26
CA THR B 767 -64.62 25.57 -8.14
C THR B 767 -63.39 26.05 -7.39
N VAL B 768 -62.49 25.13 -7.10
CA VAL B 768 -61.27 25.46 -6.39
C VAL B 768 -60.09 25.45 -7.35
N LYS B 769 -59.32 26.54 -7.34
CA LYS B 769 -58.15 26.66 -8.18
C LYS B 769 -56.95 26.70 -7.26
N ALA B 770 -55.86 26.06 -7.68
CA ALA B 770 -54.66 26.03 -6.87
C ALA B 770 -53.42 25.69 -7.69
N TYR B 771 -52.26 25.94 -7.12
CA TYR B 771 -51.01 25.62 -7.80
C TYR B 771 -50.54 24.28 -7.27
N LEU B 772 -50.11 23.41 -8.17
CA LEU B 772 -49.64 22.10 -7.79
C LEU B 772 -48.37 21.77 -8.56
N PRO B 773 -47.27 21.53 -7.85
CA PRO B 773 -46.02 21.19 -8.54
C PRO B 773 -46.25 19.99 -9.45
N VAL B 774 -45.68 20.01 -10.64
CA VAL B 774 -45.85 18.90 -11.56
C VAL B 774 -45.31 17.60 -10.98
N ASN B 775 -44.17 17.65 -10.27
CA ASN B 775 -43.61 16.42 -9.71
C ASN B 775 -44.39 15.90 -8.51
N GLU B 776 -45.50 16.56 -8.20
CA GLU B 776 -46.35 16.15 -7.08
C GLU B 776 -47.73 15.75 -7.61
N SER B 777 -47.89 15.74 -8.93
CA SER B 777 -49.18 15.42 -9.53
C SER B 777 -49.40 14.00 -10.00
N PHE B 778 -48.39 13.15 -9.92
CA PHE B 778 -48.58 11.78 -10.38
C PHE B 778 -49.38 10.99 -9.36
N GLY B 779 -50.58 10.57 -9.78
CA GLY B 779 -51.46 9.83 -8.90
C GLY B 779 -52.43 10.77 -8.21
N PHE B 780 -52.22 12.07 -8.39
CA PHE B 780 -53.06 13.09 -7.77
C PHE B 780 -54.55 12.77 -7.94
N THR B 781 -54.95 12.44 -9.16
CA THR B 781 -56.33 12.12 -9.46
C THR B 781 -56.87 11.03 -8.53
N GLY B 782 -56.04 10.02 -8.25
CA GLY B 782 -56.46 8.94 -7.38
C GLY B 782 -56.68 9.38 -5.96
N GLU B 783 -55.70 10.07 -5.39
CA GLU B 783 -55.82 10.55 -4.02
C GLU B 783 -56.93 11.57 -3.87
N LEU B 784 -57.21 12.31 -4.93
CA LEU B 784 -58.26 13.31 -4.88
C LEU B 784 -59.64 12.68 -4.72
N ARG B 785 -59.94 11.66 -5.54
CA ARG B 785 -61.24 11.02 -5.42
C ARG B 785 -61.36 10.29 -4.09
N GLN B 786 -60.21 9.88 -3.55
CA GLN B 786 -60.17 9.19 -2.28
C GLN B 786 -60.56 10.12 -1.14
N ALA B 787 -60.06 11.35 -1.19
CA ALA B 787 -60.34 12.32 -0.15
C ALA B 787 -61.67 13.04 -0.33
N THR B 788 -62.25 12.95 -1.52
CA THR B 788 -63.53 13.61 -1.77
C THR B 788 -64.62 12.60 -2.04
N GLY B 789 -64.36 11.34 -1.72
CA GLY B 789 -65.36 10.31 -1.95
C GLY B 789 -65.75 10.26 -3.41
N GLY B 790 -64.76 10.49 -4.29
CA GLY B 790 -65.01 10.46 -5.72
C GLY B 790 -65.94 11.53 -6.22
N GLN B 791 -66.02 12.65 -5.50
CA GLN B 791 -66.93 13.74 -5.89
C GLN B 791 -66.25 14.92 -6.59
N ALA B 792 -64.92 14.96 -6.58
CA ALA B 792 -64.20 16.06 -7.21
C ALA B 792 -63.61 15.73 -8.58
N PHE B 793 -63.67 16.70 -9.49
CA PHE B 793 -63.16 16.55 -10.85
C PHE B 793 -62.02 17.53 -11.13
N PRO B 794 -60.79 17.02 -11.24
CA PRO B 794 -59.58 17.80 -11.49
C PRO B 794 -59.25 18.13 -12.95
N GLN B 795 -58.69 19.32 -13.15
CA GLN B 795 -58.28 19.81 -14.45
C GLN B 795 -56.92 20.45 -14.16
N MET B 796 -55.93 20.24 -15.03
CA MET B 796 -54.59 20.80 -14.80
C MET B 796 -53.93 21.33 -16.06
N VAL B 797 -53.29 22.49 -15.97
CA VAL B 797 -52.58 23.07 -17.10
C VAL B 797 -51.28 23.69 -16.60
N PHE B 798 -50.20 23.55 -17.37
CA PHE B 798 -48.92 24.11 -16.94
C PHE B 798 -49.09 25.61 -16.73
N ASP B 799 -48.56 26.12 -15.64
CA ASP B 799 -48.72 27.55 -15.38
C ASP B 799 -47.42 28.36 -15.28
N HIS B 800 -46.48 27.92 -14.46
CA HIS B 800 -45.25 28.66 -14.27
C HIS B 800 -44.13 27.84 -13.66
N TRP B 801 -42.94 28.45 -13.62
CA TRP B 801 -41.75 27.86 -13.04
C TRP B 801 -41.60 28.41 -11.65
N SER B 802 -41.16 27.58 -10.72
CA SER B 802 -40.97 28.00 -9.34
C SER B 802 -39.59 27.56 -8.85
N THR B 803 -38.86 28.49 -8.26
CA THR B 803 -37.52 28.22 -7.75
C THR B 803 -37.54 27.48 -6.43
N LEU B 804 -36.89 26.33 -6.38
CA LEU B 804 -36.80 25.56 -5.15
C LEU B 804 -35.68 26.21 -4.35
N GLY B 805 -35.91 26.41 -3.05
CA GLY B 805 -34.90 27.05 -2.21
C GLY B 805 -33.73 26.18 -1.78
N SER B 806 -33.95 24.88 -1.69
CA SER B 806 -32.91 23.96 -1.27
C SER B 806 -31.70 23.95 -2.21
N ASP B 807 -30.55 23.54 -1.67
CA ASP B 807 -29.32 23.48 -2.43
C ASP B 807 -29.32 22.34 -3.45
N PRO B 808 -29.21 22.68 -4.74
CA PRO B 808 -29.20 21.70 -5.84
C PRO B 808 -28.01 20.75 -5.74
N LEU B 809 -26.92 21.26 -5.17
CA LEU B 809 -25.69 20.47 -5.02
C LEU B 809 -25.65 19.57 -3.79
N ASP B 810 -26.65 19.71 -2.92
CA ASP B 810 -26.73 18.86 -1.73
C ASP B 810 -27.66 17.69 -2.05
N PRO B 811 -27.09 16.50 -2.29
CA PRO B 811 -27.84 15.28 -2.63
C PRO B 811 -28.98 14.93 -1.70
N THR B 812 -28.96 15.46 -0.48
CA THR B 812 -30.00 15.15 0.50
C THR B 812 -31.14 16.16 0.59
N SER B 813 -30.97 17.32 -0.03
CA SER B 813 -32.04 18.33 0.01
C SER B 813 -33.10 17.96 -1.02
N LYS B 814 -34.22 18.68 -1.01
CA LYS B 814 -35.30 18.41 -1.96
C LYS B 814 -34.82 18.54 -3.40
N ALA B 815 -34.17 19.66 -3.70
CA ALA B 815 -33.68 19.90 -5.06
C ALA B 815 -32.54 18.94 -5.37
N GLY B 816 -31.70 18.69 -4.37
CA GLY B 816 -30.56 17.79 -4.57
C GLY B 816 -30.98 16.36 -4.87
N GLU B 817 -32.11 15.93 -4.30
CA GLU B 817 -32.62 14.59 -4.52
C GLU B 817 -33.01 14.47 -5.97
N ILE B 818 -33.66 15.50 -6.47
CA ILE B 818 -34.10 15.53 -7.85
C ILE B 818 -32.88 15.49 -8.76
N VAL B 819 -31.90 16.33 -8.45
CA VAL B 819 -30.69 16.40 -9.24
C VAL B 819 -29.91 15.07 -9.24
N LEU B 820 -29.80 14.45 -8.07
CA LEU B 820 -29.07 13.18 -7.96
C LEU B 820 -29.73 12.09 -8.79
N ALA B 821 -31.05 11.98 -8.69
CA ALA B 821 -31.80 10.98 -9.43
C ALA B 821 -31.66 11.15 -10.94
N ALA B 822 -31.72 12.39 -11.43
CA ALA B 822 -31.60 12.65 -12.85
C ALA B 822 -30.19 12.31 -13.33
N ARG B 823 -29.20 12.65 -12.52
CA ARG B 823 -27.82 12.36 -12.87
C ARG B 823 -27.59 10.85 -13.03
N LYS B 824 -28.06 10.07 -12.08
CA LYS B 824 -27.90 8.63 -12.17
C LYS B 824 -28.66 8.09 -13.37
N ARG B 825 -29.85 8.63 -13.59
CA ARG B 825 -30.67 8.20 -14.71
C ARG B 825 -29.96 8.44 -16.05
N HIS B 826 -29.09 9.46 -16.10
CA HIS B 826 -28.36 9.76 -17.32
C HIS B 826 -26.95 9.21 -17.34
N GLY B 827 -26.63 8.36 -16.38
CA GLY B 827 -25.30 7.78 -16.32
C GLY B 827 -24.18 8.78 -16.09
N MET B 828 -24.48 9.85 -15.34
CA MET B 828 -23.49 10.87 -15.05
C MET B 828 -22.91 10.61 -13.66
N LYS B 829 -21.76 11.21 -13.38
CA LYS B 829 -21.15 11.06 -12.06
C LYS B 829 -22.13 11.74 -11.11
N GLU B 830 -22.45 11.07 -10.00
CA GLU B 830 -23.39 11.60 -9.03
C GLU B 830 -23.12 13.02 -8.54
N GLU B 831 -21.87 13.29 -8.15
CA GLU B 831 -21.50 14.61 -7.66
C GLU B 831 -21.54 15.65 -8.77
N VAL B 832 -22.03 16.84 -8.46
CA VAL B 832 -22.10 17.93 -9.42
C VAL B 832 -20.78 18.69 -9.39
N PRO B 833 -20.07 18.77 -10.52
CA PRO B 833 -18.79 19.49 -10.51
C PRO B 833 -18.99 20.91 -9.99
N GLY B 834 -18.22 21.28 -8.97
CA GLY B 834 -18.32 22.62 -8.38
C GLY B 834 -17.75 23.71 -9.25
N TRP B 835 -17.99 24.97 -8.88
CA TRP B 835 -17.49 26.10 -9.67
C TRP B 835 -15.98 26.09 -9.85
N GLN B 836 -15.25 25.65 -8.83
CA GLN B 836 -13.79 25.61 -8.92
C GLN B 836 -13.33 24.80 -10.14
N GLU B 837 -14.13 23.81 -10.51
CA GLU B 837 -13.83 22.95 -11.65
C GLU B 837 -13.74 23.73 -12.96
N TYR B 838 -14.41 24.87 -13.02
CA TYR B 838 -14.43 25.67 -14.24
C TYR B 838 -13.63 26.97 -14.11
N TYR B 839 -13.04 27.16 -12.94
CA TYR B 839 -12.27 28.37 -12.66
C TYR B 839 -10.78 28.21 -12.99
N ASP B 840 -10.23 29.17 -13.72
CA ASP B 840 -8.83 29.13 -14.10
C ASP B 840 -8.09 30.32 -13.47
N LYS B 841 -7.52 30.08 -12.30
CA LYS B 841 -6.78 31.09 -11.55
C LYS B 841 -5.67 31.72 -12.37
N LEU B 842 -5.33 32.97 -12.06
CA LEU B 842 -4.26 33.68 -12.75
C LEU B 842 -2.88 33.17 -12.34
N ALA C 1 27.80 30.40 -121.89
CA ALA C 1 27.60 29.63 -120.64
C ALA C 1 27.80 28.18 -120.90
N GLN C 2 28.99 27.65 -120.52
CA GLN C 2 29.30 26.26 -120.73
C GLN C 2 30.54 25.95 -119.95
N LEU C 3 31.66 25.87 -120.70
CA LEU C 3 32.99 25.58 -120.25
C LEU C 3 33.17 24.31 -119.48
N LEU C 4 33.64 23.29 -120.24
CA LEU C 4 34.16 22.04 -119.77
C LEU C 4 35.54 22.29 -119.21
N LEU C 5 36.18 23.37 -119.73
CA LEU C 5 37.52 23.85 -119.54
C LEU C 5 37.74 24.13 -118.09
N ALA C 6 36.63 24.11 -117.33
CA ALA C 6 36.45 24.46 -115.96
C ALA C 6 37.37 23.69 -115.06
N ALA C 7 37.99 22.62 -115.57
CA ALA C 7 38.81 21.74 -114.80
C ALA C 7 39.80 22.55 -114.02
N ASN C 8 40.15 23.75 -114.52
CA ASN C 8 41.10 24.53 -113.77
C ASN C 8 40.61 24.75 -112.36
N THR C 9 39.42 25.35 -112.16
CA THR C 9 39.05 25.61 -110.79
C THR C 9 38.49 24.48 -109.95
N HIS C 10 37.24 24.06 -110.25
CA HIS C 10 36.45 23.27 -109.32
C HIS C 10 37.05 21.95 -108.93
N LEU C 11 36.95 20.94 -109.83
CA LEU C 11 37.40 19.60 -109.58
C LEU C 11 37.17 19.19 -108.15
N GLY C 12 37.94 18.18 -107.70
CA GLY C 12 37.77 17.56 -106.41
C GLY C 12 38.10 18.47 -105.26
N ALA C 13 37.75 18.00 -104.03
CA ALA C 13 37.97 18.62 -102.75
C ALA C 13 38.18 17.46 -101.78
N ARG C 14 38.95 17.64 -100.66
CA ARG C 14 39.34 16.56 -99.74
C ARG C 14 38.53 16.54 -98.47
N ASN C 15 37.92 15.36 -98.17
CA ASN C 15 37.12 15.04 -97.00
C ASN C 15 36.18 13.98 -97.51
N VAL C 16 35.00 13.74 -96.88
CA VAL C 16 34.17 12.77 -97.58
C VAL C 16 32.79 12.62 -96.98
N GLN C 17 31.87 12.08 -97.82
CA GLN C 17 30.54 11.68 -97.49
C GLN C 17 30.23 10.59 -98.48
N VAL C 18 29.98 9.36 -97.99
CA VAL C 18 29.86 8.22 -98.84
C VAL C 18 28.78 8.41 -99.85
N HIS C 19 27.71 9.13 -99.48
CA HIS C 19 26.57 9.30 -100.32
C HIS C 19 26.95 9.99 -101.60
N GLN C 20 27.86 10.98 -101.55
CA GLN C 20 28.18 11.69 -102.76
C GLN C 20 29.17 10.88 -103.54
N GLU C 21 29.09 9.55 -103.38
CA GLU C 21 30.04 8.67 -104.00
C GLU C 21 29.92 8.75 -105.50
N PRO C 22 28.74 8.83 -106.05
CA PRO C 22 28.65 8.85 -107.50
C PRO C 22 29.29 10.02 -108.15
N TYR C 23 29.30 11.18 -107.48
CA TYR C 23 29.85 12.40 -107.98
C TYR C 23 31.36 12.38 -108.00
N VAL C 24 31.99 11.51 -107.20
CA VAL C 24 33.44 11.49 -107.15
C VAL C 24 34.01 10.67 -108.28
N PHE C 25 35.01 11.24 -108.98
CA PHE C 25 35.74 10.60 -110.03
C PHE C 25 36.74 9.61 -109.49
N ASN C 26 37.57 10.05 -108.52
CA ASN C 26 38.60 9.18 -108.05
C ASN C 26 39.34 9.90 -106.96
N ALA C 27 40.39 9.28 -106.41
CA ALA C 27 41.16 9.93 -105.39
C ALA C 27 42.47 10.29 -105.99
N ARG C 28 43.02 11.44 -105.57
CA ARG C 28 44.29 11.88 -106.08
C ARG C 28 45.24 11.77 -104.96
N PRO C 29 46.43 12.21 -105.19
CA PRO C 29 47.40 12.20 -104.13
C PRO C 29 46.92 13.21 -103.14
N ASP C 30 47.44 13.14 -101.90
CA ASP C 30 47.02 13.99 -100.84
C ASP C 30 45.67 13.50 -100.43
N GLY C 31 45.21 12.39 -101.03
CA GLY C 31 43.99 11.76 -100.63
C GLY C 31 42.81 12.62 -100.98
N VAL C 32 43.01 13.67 -101.78
CA VAL C 32 41.87 14.49 -102.09
C VAL C 32 41.08 13.78 -103.13
N HIS C 33 39.75 13.76 -102.96
CA HIS C 33 38.90 13.13 -103.94
C HIS C 33 38.80 14.09 -105.07
N VAL C 34 38.53 13.57 -106.28
CA VAL C 34 38.40 14.47 -107.39
C VAL C 34 37.02 14.29 -107.92
N ILE C 35 36.29 15.41 -108.14
CA ILE C 35 34.96 15.32 -108.65
C ILE C 35 35.03 15.17 -110.13
N ASN C 36 34.18 14.30 -110.68
CA ASN C 36 34.21 14.16 -112.10
C ASN C 36 33.36 15.25 -112.66
N VAL C 37 34.02 16.13 -113.42
CA VAL C 37 33.43 17.29 -114.02
C VAL C 37 32.45 16.84 -115.06
N GLY C 38 32.67 15.66 -115.66
CA GLY C 38 31.78 15.22 -116.69
C GLY C 38 30.41 15.17 -116.11
N LYS C 39 30.29 14.68 -114.87
CA LYS C 39 29.01 14.66 -114.20
C LYS C 39 28.64 16.06 -113.82
N THR C 40 29.63 16.87 -113.42
CA THR C 40 29.35 18.21 -112.98
C THR C 40 28.67 18.89 -114.12
N TRP C 41 29.12 18.63 -115.35
CA TRP C 41 28.54 19.23 -116.51
C TRP C 41 27.13 18.77 -116.67
N GLU C 42 26.89 17.45 -116.54
CA GLU C 42 25.60 16.88 -116.79
C GLU C 42 24.63 17.56 -115.87
N LYS C 43 25.05 17.76 -114.61
CA LYS C 43 24.23 18.37 -113.60
C LYS C 43 23.96 19.80 -113.94
N LEU C 44 24.97 20.53 -114.43
CA LEU C 44 24.79 21.93 -114.73
C LEU C 44 23.77 22.10 -115.81
N VAL C 45 23.79 21.23 -116.84
CA VAL C 45 22.85 21.41 -117.91
C VAL C 45 21.47 21.29 -117.34
N LEU C 46 21.24 20.25 -116.52
CA LEU C 46 19.94 20.01 -115.97
C LEU C 46 19.59 21.16 -115.06
N ALA C 47 20.58 21.59 -114.23
CA ALA C 47 20.39 22.63 -113.25
C ALA C 47 20.04 23.93 -113.91
N ALA C 48 20.88 24.34 -114.86
CA ALA C 48 20.77 25.63 -115.49
C ALA C 48 19.46 25.69 -116.19
N ARG C 49 19.05 24.56 -116.79
CA ARG C 49 17.84 24.54 -117.55
C ARG C 49 16.72 24.91 -116.63
N ILE C 50 16.78 24.42 -115.37
CA ILE C 50 15.77 24.74 -114.42
C ILE C 50 15.80 26.22 -114.23
N ILE C 51 17.01 26.79 -114.25
CA ILE C 51 17.22 28.19 -114.04
C ILE C 51 16.59 28.99 -115.13
N ALA C 52 16.72 28.63 -116.41
CA ALA C 52 16.14 29.46 -117.43
C ALA C 52 14.66 29.55 -117.19
N ALA C 53 14.05 28.46 -116.72
CA ALA C 53 12.62 28.49 -116.52
C ALA C 53 12.24 29.53 -115.50
N ILE C 54 12.91 29.55 -114.32
CA ILE C 54 12.54 30.40 -113.21
C ILE C 54 12.71 31.88 -113.51
N PRO C 55 13.79 32.33 -114.06
CA PRO C 55 13.84 33.73 -114.35
C PRO C 55 12.77 34.39 -115.14
N ASN C 56 11.76 33.70 -115.73
CA ASN C 56 10.80 34.56 -116.37
C ASN C 56 10.21 35.45 -115.29
N PRO C 57 9.35 35.06 -114.39
CA PRO C 57 9.11 35.99 -113.33
C PRO C 57 9.75 35.62 -112.03
N GLU C 58 10.37 34.42 -111.92
CA GLU C 58 10.64 33.89 -110.60
C GLU C 58 11.91 34.38 -109.98
N ASP C 59 11.94 34.29 -108.63
CA ASP C 59 13.06 34.73 -107.84
C ASP C 59 13.80 33.55 -107.30
N VAL C 60 15.11 33.75 -107.01
CA VAL C 60 15.90 32.72 -106.40
C VAL C 60 16.63 33.35 -105.25
N VAL C 61 16.46 32.81 -104.03
CA VAL C 61 17.14 33.38 -102.91
C VAL C 61 18.46 32.69 -102.83
N ALA C 62 19.56 33.47 -102.88
CA ALA C 62 20.86 32.89 -102.82
C ALA C 62 21.30 32.90 -101.39
N ILE C 63 21.86 31.77 -100.91
CA ILE C 63 22.30 31.70 -99.55
C ILE C 63 23.73 31.27 -99.49
N SER C 64 24.58 32.12 -98.87
CA SER C 64 25.96 31.76 -98.67
C SER C 64 26.46 32.41 -97.42
N SER C 65 26.46 31.66 -96.30
CA SER C 65 26.98 32.14 -95.05
C SER C 65 28.45 31.90 -94.98
N ARG C 66 28.91 30.85 -95.71
CA ARG C 66 30.29 30.43 -95.65
C ARG C 66 31.13 31.63 -95.95
N THR C 67 32.33 31.70 -95.34
CA THR C 67 33.21 32.83 -95.44
C THR C 67 33.78 32.99 -96.83
N PHE C 68 34.22 31.89 -97.47
CA PHE C 68 34.86 32.01 -98.74
C PHE C 68 33.94 32.63 -99.74
N GLY C 69 32.66 32.23 -99.67
CA GLY C 69 31.57 32.67 -100.50
C GLY C 69 30.96 33.99 -100.13
N GLN C 70 31.07 34.43 -98.86
CA GLN C 70 30.24 35.48 -98.35
C GLN C 70 30.22 36.71 -99.20
N ARG C 71 31.38 37.23 -99.64
CA ARG C 71 31.37 38.44 -100.43
C ARG C 71 30.68 38.21 -101.75
N ALA C 72 30.99 37.08 -102.41
CA ALA C 72 30.51 36.78 -103.73
C ALA C 72 29.01 36.71 -103.74
N VAL C 73 28.39 36.09 -102.72
CA VAL C 73 26.98 35.89 -102.73
C VAL C 73 26.30 37.22 -102.85
N LEU C 74 26.91 38.29 -102.31
CA LEU C 74 26.31 39.59 -102.45
C LEU C 74 26.40 40.08 -103.87
N LYS C 75 27.59 39.99 -104.49
CA LYS C 75 27.78 40.58 -105.79
C LYS C 75 26.86 39.96 -106.78
N PHE C 76 26.94 38.63 -106.91
CA PHE C 76 26.19 37.93 -107.89
C PHE C 76 24.74 38.16 -107.62
N ALA C 77 24.37 38.20 -106.32
CA ALA C 77 23.01 38.38 -105.91
C ALA C 77 22.49 39.73 -106.30
N ALA C 78 23.30 40.79 -106.10
CA ALA C 78 22.96 42.15 -106.43
C ALA C 78 22.89 42.28 -107.90
N HIS C 79 23.72 41.49 -108.59
CA HIS C 79 23.88 41.48 -110.01
C HIS C 79 22.56 41.19 -110.62
N THR C 80 21.68 40.49 -109.88
CA THR C 80 20.34 40.23 -110.34
C THR C 80 19.41 40.80 -109.31
N GLY C 81 18.10 40.81 -109.61
CA GLY C 81 17.10 41.34 -108.75
C GLY C 81 17.08 40.55 -107.47
N ALA C 82 17.69 39.34 -107.52
CA ALA C 82 17.64 38.37 -106.46
C ALA C 82 18.14 38.87 -105.14
N THR C 83 17.60 38.27 -104.05
CA THR C 83 17.93 38.60 -102.70
C THR C 83 18.80 37.53 -102.12
N PRO C 84 19.79 37.90 -101.34
CA PRO C 84 20.61 36.89 -100.72
C PRO C 84 20.54 36.89 -99.21
N ILE C 85 21.16 35.87 -98.58
CA ILE C 85 21.37 35.85 -97.15
C ILE C 85 22.86 35.68 -96.97
N ALA C 86 23.60 36.80 -96.83
CA ALA C 86 25.03 36.76 -96.64
C ALA C 86 25.51 36.47 -95.24
N GLY C 87 25.03 37.23 -94.23
CA GLY C 87 25.63 37.07 -92.93
C GLY C 87 25.24 35.82 -92.19
N ARG C 88 23.96 35.73 -91.79
CA ARG C 88 23.56 34.61 -90.98
C ARG C 88 22.13 34.34 -91.29
N PHE C 89 21.85 33.07 -91.64
CA PHE C 89 20.54 32.68 -92.04
C PHE C 89 19.68 32.60 -90.81
N THR C 90 18.78 33.58 -90.64
CA THR C 90 17.93 33.62 -89.49
C THR C 90 17.02 32.45 -89.61
N PRO C 91 16.77 31.83 -88.48
CA PRO C 91 15.93 30.68 -88.49
C PRO C 91 14.53 31.06 -88.79
N GLY C 92 13.87 30.25 -89.65
CA GLY C 92 12.50 30.48 -89.97
C GLY C 92 12.36 31.54 -91.02
N SER C 93 13.44 31.84 -91.76
CA SER C 93 13.26 32.85 -92.77
C SER C 93 12.24 32.31 -93.72
N PHE C 94 12.42 31.06 -94.19
CA PHE C 94 11.43 30.46 -95.04
C PHE C 94 10.23 30.03 -94.26
N THR C 95 10.47 29.24 -93.18
CA THR C 95 9.38 28.64 -92.47
C THR C 95 8.50 29.70 -91.87
N ASN C 96 9.07 30.70 -91.17
CA ASN C 96 8.17 31.73 -90.73
C ASN C 96 8.49 32.96 -91.53
N TYR C 97 8.10 32.88 -92.80
CA TYR C 97 8.40 33.89 -93.78
C TYR C 97 7.67 35.13 -93.40
N ILE C 98 6.45 34.97 -92.86
CA ILE C 98 5.62 36.11 -92.56
C ILE C 98 6.36 37.00 -91.63
N THR C 99 7.06 36.46 -90.62
CA THR C 99 7.74 37.32 -89.71
C THR C 99 8.73 38.14 -90.48
N ARG C 100 9.61 37.49 -91.29
CA ARG C 100 10.51 38.30 -92.06
C ARG C 100 9.94 38.34 -93.44
N SER C 101 9.15 39.38 -93.74
CA SER C 101 8.39 39.41 -94.96
C SER C 101 9.23 39.60 -96.20
N PHE C 102 8.70 39.04 -97.30
CA PHE C 102 9.16 39.03 -98.66
C PHE C 102 8.23 38.03 -99.26
N LYS C 103 8.38 37.66 -100.55
CA LYS C 103 7.54 36.61 -101.05
C LYS C 103 8.38 35.37 -100.99
N GLU C 104 7.77 34.20 -100.69
CA GLU C 104 8.60 33.02 -100.60
C GLU C 104 9.20 32.83 -101.95
N PRO C 105 10.46 32.54 -101.94
CA PRO C 105 11.24 32.37 -103.13
C PRO C 105 10.77 31.17 -103.87
N ARG C 106 11.00 31.14 -105.20
CA ARG C 106 10.70 30.02 -106.02
C ARG C 106 11.70 28.93 -105.82
N LEU C 107 12.95 29.30 -105.48
CA LEU C 107 14.03 28.34 -105.39
C LEU C 107 15.06 28.90 -104.45
N VAL C 108 16.08 28.09 -104.13
CA VAL C 108 17.15 28.59 -103.32
C VAL C 108 18.43 28.13 -103.94
N ILE C 109 19.41 29.05 -104.08
CA ILE C 109 20.69 28.66 -104.58
C ILE C 109 21.59 28.70 -103.38
N VAL C 110 21.87 27.52 -102.81
CA VAL C 110 22.65 27.45 -101.61
C VAL C 110 24.05 27.03 -101.97
N THR C 111 25.07 27.70 -101.39
CA THR C 111 26.41 27.24 -101.65
C THR C 111 26.72 25.94 -100.97
N ASP C 112 27.07 25.97 -99.66
CA ASP C 112 27.47 24.76 -98.99
C ASP C 112 26.26 24.30 -98.22
N PRO C 113 25.57 23.35 -98.79
CA PRO C 113 24.36 22.83 -98.21
C PRO C 113 24.62 22.27 -96.84
N ARG C 114 25.80 21.66 -96.61
CA ARG C 114 26.04 21.07 -95.33
C ARG C 114 26.06 22.17 -94.31
N SER C 115 26.79 23.25 -94.62
CA SER C 115 26.86 24.35 -93.69
C SER C 115 25.51 24.99 -93.58
N ASP C 116 24.89 25.19 -94.76
CA ASP C 116 23.62 25.82 -95.04
C ASP C 116 22.45 24.91 -94.77
N ALA C 117 22.65 23.76 -94.10
CA ALA C 117 21.62 22.76 -93.97
C ALA C 117 20.35 23.30 -93.38
N GLN C 118 20.40 24.25 -92.43
CA GLN C 118 19.17 24.73 -91.86
C GLN C 118 18.32 25.31 -92.93
N ALA C 119 18.92 26.07 -93.87
CA ALA C 119 18.20 26.69 -94.93
C ALA C 119 17.58 25.65 -95.83
N ILE C 120 18.35 24.61 -96.17
CA ILE C 120 17.89 23.60 -97.08
C ILE C 120 16.69 22.93 -96.48
N LYS C 121 16.73 22.64 -95.17
CA LYS C 121 15.65 21.94 -94.53
C LYS C 121 14.38 22.73 -94.63
N GLU C 122 14.47 24.06 -94.44
CA GLU C 122 13.27 24.85 -94.47
C GLU C 122 12.67 24.77 -95.84
N ALA C 123 13.51 24.69 -96.88
CA ALA C 123 13.00 24.64 -98.22
C ALA C 123 12.22 23.37 -98.40
N SER C 124 12.73 22.24 -97.90
CA SER C 124 12.09 20.97 -98.11
C SER C 124 10.68 21.03 -97.58
N TYR C 125 10.50 21.60 -96.37
CA TYR C 125 9.19 21.64 -95.78
C TYR C 125 8.29 22.44 -96.67
N VAL C 126 8.79 23.59 -97.16
CA VAL C 126 8.06 24.50 -97.99
C VAL C 126 7.87 23.95 -99.37
N ASN C 127 8.67 22.93 -99.74
CA ASN C 127 8.60 22.38 -101.07
C ASN C 127 9.12 23.39 -102.04
N ILE C 128 10.18 24.11 -101.63
CA ILE C 128 10.80 25.05 -102.52
C ILE C 128 12.02 24.37 -103.03
N PRO C 129 12.21 24.42 -104.33
CA PRO C 129 13.28 23.68 -104.93
C PRO C 129 14.61 24.11 -104.39
N VAL C 130 15.59 23.18 -104.36
CA VAL C 130 16.86 23.52 -103.79
C VAL C 130 17.95 23.25 -104.78
N ILE C 131 18.71 24.31 -105.12
CA ILE C 131 19.83 24.17 -105.99
C ILE C 131 21.05 24.42 -105.17
N ALA C 132 22.15 23.69 -105.43
CA ALA C 132 23.29 23.94 -104.59
C ALA C 132 24.57 23.54 -105.27
N LEU C 133 25.63 24.31 -104.99
CA LEU C 133 26.93 23.95 -105.44
C LEU C 133 27.44 23.12 -104.31
N THR C 134 27.44 21.79 -104.47
CA THR C 134 27.79 21.00 -103.31
C THR C 134 28.87 20.03 -103.68
N ASP C 135 29.81 19.81 -102.75
CA ASP C 135 30.89 18.92 -103.01
C ASP C 135 30.78 17.65 -102.23
N LEU C 136 31.96 17.02 -102.01
CA LEU C 136 32.15 15.70 -101.46
C LEU C 136 31.60 15.56 -100.06
N ASP C 137 31.58 16.65 -99.27
CA ASP C 137 31.18 16.71 -97.88
C ASP C 137 29.69 16.55 -97.68
N SER C 138 28.86 16.82 -98.70
CA SER C 138 27.45 16.91 -98.38
C SER C 138 26.62 15.81 -98.96
N PRO C 139 25.41 15.75 -98.43
CA PRO C 139 24.43 14.81 -98.92
C PRO C 139 23.79 15.26 -100.21
N SER C 140 23.96 14.49 -101.30
CA SER C 140 23.41 14.86 -102.58
C SER C 140 21.93 14.68 -102.59
N GLU C 141 21.42 13.79 -101.73
CA GLU C 141 20.02 13.43 -101.72
C GLU C 141 19.16 14.62 -101.47
N PHE C 142 19.60 15.52 -100.57
CA PHE C 142 18.84 16.68 -100.18
C PHE C 142 18.71 17.69 -101.28
N VAL C 143 19.74 17.82 -102.14
CA VAL C 143 19.70 18.88 -103.12
C VAL C 143 18.95 18.46 -104.35
N ASP C 144 17.96 19.29 -104.74
CA ASP C 144 17.12 19.05 -105.88
C ASP C 144 17.92 19.15 -107.14
N VAL C 145 18.72 20.24 -107.25
CA VAL C 145 19.54 20.41 -108.41
C VAL C 145 20.92 20.61 -107.90
N ALA C 146 21.83 19.64 -108.16
CA ALA C 146 23.12 19.71 -107.55
C ALA C 146 24.16 20.06 -108.56
N ILE C 147 25.07 20.99 -108.14
CA ILE C 147 26.20 21.36 -108.94
C ILE C 147 27.39 20.83 -108.22
N PRO C 148 27.76 19.61 -108.44
CA PRO C 148 28.87 19.00 -107.76
C PRO C 148 30.16 19.64 -108.16
N CYS C 149 30.86 20.28 -107.21
CA CYS C 149 32.12 20.92 -107.46
C CYS C 149 32.54 21.57 -106.19
N ASN C 150 33.80 22.06 -106.17
CA ASN C 150 34.41 22.67 -105.02
C ASN C 150 33.50 23.70 -104.43
N ASN C 151 32.97 23.38 -103.24
CA ASN C 151 32.07 24.21 -102.46
C ASN C 151 32.84 25.35 -101.86
N ARG C 152 34.17 25.16 -101.74
CA ARG C 152 35.06 26.13 -101.16
C ARG C 152 35.92 26.68 -102.26
N GLY C 153 36.65 27.78 -101.96
CA GLY C 153 37.55 28.33 -102.93
C GLY C 153 36.78 29.33 -103.72
N LYS C 154 37.21 30.60 -103.67
CA LYS C 154 36.53 31.67 -104.34
C LYS C 154 36.57 31.48 -105.83
N HIS C 155 37.70 30.99 -106.36
CA HIS C 155 37.84 30.85 -107.78
C HIS C 155 36.72 29.99 -108.28
N SER C 156 36.31 28.98 -107.49
CA SER C 156 35.23 28.11 -107.84
C SER C 156 33.87 28.76 -107.67
N ILE C 157 33.58 29.25 -106.45
CA ILE C 157 32.26 29.73 -106.13
C ILE C 157 31.93 30.85 -107.06
N GLY C 158 32.91 31.71 -107.32
CA GLY C 158 32.67 32.85 -108.13
C GLY C 158 32.24 32.39 -109.50
N LEU C 159 32.87 31.34 -110.05
CA LEU C 159 32.56 30.93 -111.39
C LEU C 159 31.15 30.47 -111.49
N ILE C 160 30.73 29.48 -110.68
CA ILE C 160 29.41 28.93 -110.91
C ILE C 160 28.40 29.98 -110.70
N TRP C 161 28.48 30.68 -109.56
CA TRP C 161 27.48 31.64 -109.23
C TRP C 161 27.39 32.68 -110.29
N TYR C 162 28.53 33.25 -110.74
CA TYR C 162 28.43 34.36 -111.66
C TYR C 162 27.71 33.91 -112.88
N LEU C 163 28.04 32.71 -113.40
CA LEU C 163 27.42 32.24 -114.60
C LEU C 163 25.96 32.06 -114.36
N LEU C 164 25.59 31.48 -113.21
CA LEU C 164 24.20 31.19 -112.96
C LEU C 164 23.46 32.48 -113.01
N ALA C 165 24.11 33.58 -112.56
CA ALA C 165 23.52 34.89 -112.61
C ALA C 165 23.39 35.35 -114.03
N ARG C 166 24.42 35.15 -114.85
CA ARG C 166 24.42 35.65 -116.20
C ARG C 166 23.24 35.04 -116.88
N GLU C 167 23.02 33.75 -116.60
CA GLU C 167 21.94 33.03 -117.20
C GLU C 167 20.64 33.63 -116.79
N VAL C 168 20.54 34.13 -115.53
CA VAL C 168 19.31 34.70 -115.08
C VAL C 168 19.01 35.91 -115.92
N LEU C 169 20.01 36.80 -116.10
CA LEU C 169 19.85 38.00 -116.87
C LEU C 169 19.64 37.65 -118.31
N ARG C 170 20.41 36.67 -118.82
CA ARG C 170 20.34 36.32 -120.20
C ARG C 170 18.93 35.92 -120.48
N LEU C 171 18.31 35.21 -119.52
CA LEU C 171 16.95 34.79 -119.65
C LEU C 171 16.06 35.99 -119.63
N ARG C 172 16.45 37.02 -118.85
CA ARG C 172 15.73 38.24 -118.72
C ARG C 172 15.81 39.05 -119.98
N GLY C 173 16.95 39.00 -120.70
CA GLY C 173 17.10 39.81 -121.87
C GLY C 173 17.92 41.03 -121.53
N ALA C 174 18.64 40.98 -120.39
CA ALA C 174 19.47 42.04 -119.87
C ALA C 174 20.64 42.33 -120.77
N LEU C 175 21.26 41.30 -121.37
CA LEU C 175 22.39 41.57 -122.22
C LEU C 175 23.45 42.25 -121.41
N VAL C 176 23.59 41.84 -120.13
CA VAL C 176 24.56 42.43 -119.25
C VAL C 176 25.94 41.95 -119.57
N ASP C 177 26.93 42.80 -119.25
CA ASP C 177 28.32 42.54 -119.50
C ASP C 177 28.82 41.60 -118.44
N ARG C 178 30.14 41.31 -118.51
CA ARG C 178 30.81 40.38 -117.65
C ARG C 178 30.71 40.81 -116.22
N THR C 179 30.95 39.85 -115.31
CA THR C 179 30.78 40.02 -113.89
C THR C 179 31.95 40.70 -113.25
N GLN C 180 31.63 41.62 -112.32
CA GLN C 180 32.51 42.39 -111.48
C GLN C 180 33.17 41.54 -110.41
N PRO C 181 32.55 40.51 -109.90
CA PRO C 181 33.17 39.78 -108.82
C PRO C 181 34.47 39.11 -109.13
N TRP C 182 34.84 38.99 -110.41
CA TRP C 182 36.05 38.29 -110.76
C TRP C 182 37.18 38.99 -110.06
N SER C 183 37.08 40.31 -109.89
CA SER C 183 38.14 41.06 -109.24
C SER C 183 38.29 40.54 -107.84
N ILE C 184 37.19 40.07 -107.23
CA ILE C 184 37.17 39.55 -105.90
C ILE C 184 38.08 38.36 -105.88
N MET C 185 38.11 37.61 -106.99
CA MET C 185 38.96 36.46 -107.12
C MET C 185 38.46 35.37 -106.18
N SER D 5 1.33 92.58 -55.44
CA SER D 5 0.41 93.73 -55.26
C SER D 5 0.79 94.51 -54.06
N LYS D 6 -0.22 94.88 -53.24
CA LYS D 6 0.06 95.68 -52.09
C LYS D 6 0.62 94.80 -51.03
N LYS D 7 1.52 95.38 -50.22
CA LYS D 7 2.12 94.62 -49.16
C LYS D 7 1.02 94.25 -48.23
N ARG D 8 0.15 95.24 -47.95
CA ARG D 8 -0.91 95.06 -47.00
C ARG D 8 -1.92 94.05 -47.45
N LYS D 9 -2.41 94.12 -48.71
CA LYS D 9 -3.48 93.20 -48.98
C LYS D 9 -3.19 92.32 -50.15
N LEU D 10 -1.93 91.91 -50.32
CA LEU D 10 -1.64 90.99 -51.38
C LEU D 10 -2.35 89.72 -51.01
N VAL D 11 -2.26 89.37 -49.72
CA VAL D 11 -2.87 88.18 -49.20
C VAL D 11 -4.36 88.28 -49.32
N ALA D 12 -4.93 89.45 -48.98
CA ALA D 12 -6.35 89.64 -49.04
C ALA D 12 -6.81 89.54 -50.46
N ASP D 13 -6.00 90.11 -51.37
CA ASP D 13 -6.29 90.15 -52.77
C ASP D 13 -6.29 88.74 -53.27
N GLY D 14 -5.40 87.90 -52.71
CA GLY D 14 -5.26 86.50 -53.04
C GLY D 14 -6.42 85.68 -52.56
N VAL D 15 -6.91 85.95 -51.33
CA VAL D 15 -7.92 85.10 -50.75
C VAL D 15 -9.10 85.12 -51.65
N PHE D 16 -9.39 86.27 -52.26
CA PHE D 16 -10.54 86.37 -53.09
C PHE D 16 -10.45 85.43 -54.25
N TYR D 17 -9.28 85.32 -54.89
CA TYR D 17 -9.17 84.50 -56.06
C TYR D 17 -9.57 83.10 -55.71
N ALA D 18 -9.16 82.60 -54.54
CA ALA D 18 -9.53 81.27 -54.14
C ALA D 18 -11.02 81.23 -54.02
N GLU D 19 -11.62 82.31 -53.49
CA GLU D 19 -13.04 82.38 -53.27
C GLU D 19 -13.72 82.25 -54.60
N LEU D 20 -13.22 82.96 -55.63
CA LEU D 20 -13.85 82.87 -56.92
C LEU D 20 -13.73 81.47 -57.45
N ASN D 21 -12.51 80.89 -57.43
CA ASN D 21 -12.26 79.58 -57.96
C ASN D 21 -13.15 78.61 -57.26
N GLU D 22 -13.43 78.87 -55.97
CA GLU D 22 -14.19 77.94 -55.20
C GLU D 22 -15.52 77.71 -55.85
N PHE D 23 -16.24 78.79 -56.19
CA PHE D 23 -17.57 78.64 -56.74
C PHE D 23 -17.53 78.04 -58.12
N PHE D 24 -16.60 78.50 -58.97
CA PHE D 24 -16.55 78.07 -60.34
C PHE D 24 -16.40 76.59 -60.43
N THR D 25 -15.48 76.01 -59.63
CA THR D 25 -15.30 74.59 -59.70
C THR D 25 -16.56 73.93 -59.27
N ARG D 26 -17.22 74.46 -58.24
CA ARG D 26 -18.42 73.81 -57.78
C ARG D 26 -19.47 73.83 -58.85
N GLU D 27 -19.75 75.01 -59.46
CA GLU D 27 -20.80 75.13 -60.43
C GLU D 27 -20.48 74.57 -61.80
N LEU D 28 -19.36 75.04 -62.37
CA LEU D 28 -18.92 74.83 -63.72
C LEU D 28 -18.53 73.43 -64.02
N ALA D 29 -18.65 72.50 -63.07
CA ALA D 29 -18.15 71.17 -63.30
C ALA D 29 -18.73 70.57 -64.56
N GLU D 30 -20.05 70.68 -64.78
CA GLU D 30 -20.68 70.07 -65.93
C GLU D 30 -20.09 70.65 -67.18
N GLU D 31 -19.76 71.94 -67.14
CA GLU D 31 -19.21 72.67 -68.24
C GLU D 31 -17.88 72.10 -68.63
N GLY D 32 -17.07 71.67 -67.65
CA GLY D 32 -15.80 71.10 -67.97
C GLY D 32 -14.78 72.17 -67.73
N TYR D 33 -14.35 72.30 -66.47
CA TYR D 33 -13.34 73.24 -66.05
C TYR D 33 -12.00 72.74 -66.46
N SER D 34 -11.13 73.68 -66.87
CA SER D 34 -9.81 73.38 -67.35
C SER D 34 -8.86 74.23 -66.59
N GLY D 35 -9.13 75.55 -66.54
CA GLY D 35 -8.26 76.44 -65.83
C GLY D 35 -8.99 77.73 -65.60
N VAL D 36 -8.61 78.49 -64.55
CA VAL D 36 -9.23 79.76 -64.34
C VAL D 36 -8.17 80.80 -64.15
N GLU D 37 -7.81 81.52 -65.23
CA GLU D 37 -6.79 82.51 -65.10
C GLU D 37 -7.39 83.72 -64.48
N VAL D 38 -6.61 84.41 -63.62
CA VAL D 38 -7.12 85.59 -62.96
C VAL D 38 -6.11 86.70 -63.11
N ARG D 39 -6.45 87.74 -63.88
CA ARG D 39 -5.54 88.84 -64.06
C ARG D 39 -6.13 90.02 -63.36
N VAL D 40 -5.31 90.99 -62.93
CA VAL D 40 -5.97 92.05 -62.23
C VAL D 40 -5.18 93.33 -62.27
N THR D 41 -5.93 94.43 -62.09
CA THR D 41 -5.46 95.78 -62.05
C THR D 41 -6.26 96.30 -60.89
N PRO D 42 -6.76 97.50 -60.83
CA PRO D 42 -7.65 97.79 -59.73
C PRO D 42 -9.03 97.36 -60.08
N THR D 43 -9.94 97.34 -59.07
CA THR D 43 -11.30 96.85 -59.07
C THR D 43 -11.80 96.58 -60.44
N LYS D 44 -11.27 95.49 -61.03
CA LYS D 44 -11.67 95.01 -62.31
C LYS D 44 -10.83 93.81 -62.51
N THR D 45 -11.32 92.64 -62.04
CA THR D 45 -10.49 91.49 -62.22
C THR D 45 -10.97 90.77 -63.44
N GLU D 46 -10.04 90.06 -64.13
CA GLU D 46 -10.32 89.36 -65.36
C GLU D 46 -11.16 88.12 -65.24
N VAL D 47 -10.61 87.06 -64.59
CA VAL D 47 -11.22 85.75 -64.51
C VAL D 47 -11.72 85.24 -65.84
N ILE D 48 -10.85 84.56 -66.63
CA ILE D 48 -11.36 83.99 -67.86
C ILE D 48 -11.36 82.47 -67.80
N ILE D 49 -12.52 81.92 -67.42
CA ILE D 49 -12.72 80.50 -67.25
C ILE D 49 -12.66 79.84 -68.60
N ARG D 50 -11.92 78.72 -68.69
CA ARG D 50 -11.79 78.00 -69.93
C ARG D 50 -12.67 76.80 -69.83
N ALA D 51 -13.44 76.49 -70.89
CA ALA D 51 -14.32 75.37 -70.77
C ALA D 51 -14.44 74.61 -72.05
N THR D 52 -14.79 73.32 -71.92
CA THR D 52 -15.04 72.44 -73.04
C THR D 52 -16.37 72.79 -73.63
N ARG D 53 -17.38 73.01 -72.75
CA ARG D 53 -18.68 73.33 -73.24
C ARG D 53 -18.95 74.73 -72.82
N THR D 54 -18.64 75.69 -73.70
CA THR D 54 -18.84 77.06 -73.35
C THR D 54 -20.30 77.30 -73.17
N GLN D 55 -21.14 76.53 -73.86
CA GLN D 55 -22.56 76.70 -73.81
C GLN D 55 -23.06 76.56 -72.40
N ASP D 56 -22.62 75.50 -71.70
CA ASP D 56 -23.13 75.19 -70.40
C ASP D 56 -22.90 76.38 -69.52
N VAL D 57 -21.72 77.02 -69.67
CA VAL D 57 -21.41 78.16 -68.85
C VAL D 57 -22.32 79.31 -69.16
N LEU D 58 -22.39 79.69 -70.45
CA LEU D 58 -23.07 80.90 -70.84
C LEU D 58 -24.50 80.87 -70.43
N GLY D 59 -25.21 79.77 -70.74
CA GLY D 59 -26.62 79.74 -70.49
C GLY D 59 -27.27 80.07 -71.79
N GLU D 60 -28.61 80.24 -71.82
CA GLU D 60 -29.21 80.55 -73.07
C GLU D 60 -29.27 82.02 -73.24
N ASN D 61 -28.74 82.50 -74.39
CA ASN D 61 -28.73 83.89 -74.72
C ASN D 61 -27.97 84.60 -73.66
N GLY D 62 -27.13 83.86 -72.91
CA GLY D 62 -26.28 84.44 -71.92
C GLY D 62 -27.03 84.70 -70.64
N ARG D 63 -28.09 83.92 -70.35
CA ARG D 63 -28.80 84.12 -69.12
C ARG D 63 -28.02 83.67 -67.91
N ARG D 64 -27.32 82.51 -67.97
CA ARG D 64 -26.61 82.01 -66.81
C ARG D 64 -25.41 82.84 -66.50
N ILE D 65 -24.70 83.29 -67.55
CA ILE D 65 -23.50 84.04 -67.41
C ILE D 65 -23.82 85.25 -66.60
N ASN D 66 -25.07 85.74 -66.71
CA ASN D 66 -25.52 86.86 -65.94
C ASN D 66 -25.59 86.50 -64.49
N GLU D 67 -26.21 85.35 -64.14
CA GLU D 67 -26.39 85.07 -62.75
C GLU D 67 -25.05 84.87 -62.09
N LEU D 68 -24.18 84.07 -62.72
CA LEU D 68 -22.90 83.74 -62.15
C LEU D 68 -22.12 84.99 -61.98
N THR D 69 -22.05 85.82 -63.04
CA THR D 69 -21.25 87.00 -63.01
C THR D 69 -21.76 87.87 -61.91
N LEU D 70 -23.09 87.88 -61.70
CA LEU D 70 -23.70 88.64 -60.66
C LEU D 70 -23.33 88.03 -59.35
N LEU D 71 -23.30 86.69 -59.25
CA LEU D 71 -22.96 86.04 -58.01
C LEU D 71 -21.60 86.49 -57.65
N VAL D 72 -20.74 86.67 -58.66
CA VAL D 72 -19.39 87.04 -58.43
C VAL D 72 -19.34 88.33 -57.68
N GLN D 73 -20.19 89.31 -58.07
CA GLN D 73 -20.17 90.63 -57.50
C GLN D 73 -20.53 90.56 -56.04
N LYS D 74 -21.43 89.65 -55.65
CA LYS D 74 -21.79 89.59 -54.27
C LYS D 74 -20.55 89.30 -53.50
N ARG D 75 -19.76 88.31 -53.94
CA ARG D 75 -18.54 87.97 -53.27
C ARG D 75 -17.53 89.06 -53.45
N PHE D 76 -17.44 89.63 -54.66
CA PHE D 76 -16.52 90.69 -54.91
C PHE D 76 -17.26 91.97 -54.89
N LYS D 77 -17.22 92.65 -53.73
CA LYS D 77 -17.97 93.85 -53.54
C LYS D 77 -17.25 94.92 -54.27
N TYR D 78 -17.52 96.19 -53.90
CA TYR D 78 -16.81 97.26 -54.52
C TYR D 78 -15.39 97.14 -54.07
N ALA D 79 -15.19 96.76 -52.79
CA ALA D 79 -13.85 96.66 -52.30
C ALA D 79 -13.09 95.66 -53.14
N PRO D 80 -13.61 94.49 -53.41
CA PRO D 80 -12.89 93.61 -54.27
C PRO D 80 -12.93 94.17 -55.65
N GLY D 81 -14.04 94.88 -55.96
CA GLY D 81 -14.21 95.53 -57.21
C GLY D 81 -14.92 94.60 -58.14
N THR D 82 -15.77 95.18 -59.02
CA THR D 82 -16.54 94.42 -59.95
C THR D 82 -15.58 93.66 -60.81
N ILE D 83 -16.01 92.48 -61.28
CA ILE D 83 -15.16 91.64 -62.07
C ILE D 83 -15.92 91.27 -63.30
N VAL D 84 -15.18 90.91 -64.36
CA VAL D 84 -15.79 90.48 -65.58
C VAL D 84 -15.81 88.99 -65.53
N LEU D 85 -16.16 88.34 -66.65
CA LEU D 85 -16.14 86.90 -66.72
C LEU D 85 -16.08 86.53 -68.17
N TYR D 86 -14.86 86.27 -68.67
CA TYR D 86 -14.64 85.89 -70.04
C TYR D 86 -14.71 84.40 -70.11
N ALA D 87 -15.14 83.84 -71.26
CA ALA D 87 -15.12 82.42 -71.36
C ALA D 87 -14.59 82.05 -72.70
N GLU D 88 -13.57 81.17 -72.72
CA GLU D 88 -13.04 80.74 -73.98
C GLU D 88 -13.31 79.28 -74.11
N ARG D 89 -13.50 78.81 -75.36
CA ARG D 89 -13.77 77.43 -75.63
C ARG D 89 -12.46 76.70 -75.63
N VAL D 90 -12.47 75.43 -75.16
CA VAL D 90 -11.27 74.66 -75.17
C VAL D 90 -11.26 73.94 -76.47
N GLN D 91 -10.22 74.20 -77.30
CA GLN D 91 -10.21 73.49 -78.53
C GLN D 91 -9.76 72.11 -78.17
N ASP D 92 -10.55 71.10 -78.59
CA ASP D 92 -10.19 69.75 -78.28
C ASP D 92 -9.91 69.55 -76.82
N ARG D 93 -10.97 69.18 -76.07
CA ARG D 93 -10.98 68.84 -74.67
C ARG D 93 -10.03 67.68 -74.51
N GLY D 94 -9.82 66.93 -75.60
CA GLY D 94 -9.00 65.76 -75.66
C GLY D 94 -7.57 66.06 -75.31
N LEU D 95 -7.13 67.32 -75.53
CA LEU D 95 -5.82 67.79 -75.19
C LEU D 95 -5.67 68.22 -73.75
N SER D 96 -6.76 68.48 -73.01
CA SER D 96 -6.59 69.02 -71.68
C SER D 96 -6.41 67.93 -70.69
N ALA D 97 -5.25 67.93 -70.00
CA ALA D 97 -4.95 66.87 -69.09
C ALA D 97 -6.01 66.86 -68.05
N VAL D 98 -6.45 68.07 -67.61
CA VAL D 98 -7.42 68.17 -66.55
C VAL D 98 -8.66 67.49 -66.97
N ALA D 99 -9.10 67.75 -68.22
CA ALA D 99 -10.31 67.15 -68.69
C ALA D 99 -10.14 65.68 -68.82
N GLN D 100 -9.02 65.25 -69.41
CA GLN D 100 -8.82 63.85 -69.69
C GLN D 100 -8.88 63.14 -68.38
N ALA D 101 -8.27 63.73 -67.33
CA ALA D 101 -8.26 63.12 -66.04
C ALA D 101 -9.65 63.04 -65.50
N GLU D 102 -10.40 64.16 -65.56
CA GLU D 102 -11.72 64.26 -65.01
C GLU D 102 -12.55 63.25 -65.72
N SER D 103 -12.32 63.11 -67.03
CA SER D 103 -13.08 62.23 -67.85
C SER D 103 -12.95 60.86 -67.29
N MET D 104 -11.71 60.39 -67.05
CA MET D 104 -11.53 59.08 -66.50
C MET D 104 -12.04 59.02 -65.11
N LYS D 105 -11.87 60.10 -64.32
CA LYS D 105 -12.30 60.01 -62.97
C LYS D 105 -13.77 59.75 -62.93
N PHE D 106 -14.55 60.37 -63.83
CA PHE D 106 -15.97 60.17 -63.80
C PHE D 106 -16.31 58.73 -64.07
N LYS D 107 -15.72 58.14 -65.13
CA LYS D 107 -16.10 56.81 -65.51
C LYS D 107 -15.86 55.90 -64.36
N LEU D 108 -14.75 56.12 -63.64
CA LEU D 108 -14.42 55.29 -62.53
C LEU D 108 -15.52 55.37 -61.51
N LEU D 109 -16.09 56.57 -61.36
CA LEU D 109 -17.14 56.75 -60.39
C LEU D 109 -18.28 55.86 -60.80
N ASN D 110 -18.52 55.76 -62.13
CA ASN D 110 -19.57 54.94 -62.65
C ASN D 110 -19.31 53.51 -62.31
N GLY D 111 -18.03 53.10 -62.20
CA GLY D 111 -17.78 51.72 -61.93
C GLY D 111 -17.43 51.02 -63.22
N LEU D 112 -16.80 51.76 -64.15
CA LEU D 112 -16.38 51.23 -65.41
C LEU D 112 -15.08 50.51 -65.22
N ALA D 113 -14.71 49.61 -66.15
CA ALA D 113 -13.46 48.91 -66.02
C ALA D 113 -12.40 49.96 -66.07
N ILE D 114 -11.56 50.07 -65.02
CA ILE D 114 -10.62 51.15 -65.01
C ILE D 114 -9.57 50.98 -66.06
N ARG D 115 -9.05 49.75 -66.23
CA ARG D 115 -7.95 49.56 -67.14
C ARG D 115 -8.39 50.01 -68.50
N ARG D 116 -9.60 49.60 -68.91
CA ARG D 116 -10.09 49.96 -70.20
C ARG D 116 -10.31 51.43 -70.31
N ALA D 117 -10.89 52.05 -69.26
CA ALA D 117 -11.19 53.46 -69.31
C ALA D 117 -9.90 54.16 -69.55
N ALA D 118 -8.80 53.66 -68.96
CA ALA D 118 -7.52 54.26 -69.16
C ALA D 118 -7.11 54.11 -70.60
N TYR D 119 -7.29 52.91 -71.19
CA TYR D 119 -6.83 52.73 -72.55
C TYR D 119 -7.56 53.69 -73.40
N GLY D 120 -8.87 53.79 -73.19
CA GLY D 120 -9.64 54.61 -74.07
C GLY D 120 -9.13 56.01 -73.98
N VAL D 121 -8.92 56.53 -72.76
CA VAL D 121 -8.52 57.90 -72.66
C VAL D 121 -7.22 58.11 -73.33
N VAL D 122 -6.24 57.19 -73.16
CA VAL D 122 -4.99 57.43 -73.81
C VAL D 122 -5.26 57.43 -75.28
N ARG D 123 -6.16 56.56 -75.75
CA ARG D 123 -6.44 56.49 -77.15
C ARG D 123 -7.04 57.77 -77.63
N TYR D 124 -8.01 58.35 -76.92
CA TYR D 124 -8.65 59.53 -77.43
C TYR D 124 -7.61 60.61 -77.54
N VAL D 125 -6.83 60.81 -76.47
CA VAL D 125 -5.84 61.85 -76.41
C VAL D 125 -4.81 61.61 -77.48
N MET D 126 -4.40 60.35 -77.63
CA MET D 126 -3.41 59.97 -78.59
C MET D 126 -3.96 60.21 -79.96
N GLU D 127 -5.26 59.94 -80.12
CA GLU D 127 -5.98 59.96 -81.36
C GLU D 127 -6.06 61.33 -81.94
N SER D 128 -6.21 62.38 -81.10
CA SER D 128 -6.28 63.68 -81.72
C SER D 128 -5.10 64.49 -81.28
N GLY D 129 -4.10 64.64 -82.17
CA GLY D 129 -2.91 65.39 -81.90
C GLY D 129 -2.06 64.59 -80.96
N ALA D 130 -1.51 65.29 -79.93
CA ALA D 130 -0.66 64.74 -78.90
C ALA D 130 0.44 63.85 -79.39
N LYS D 131 1.68 64.35 -79.19
CA LYS D 131 2.87 63.61 -79.49
C LYS D 131 2.98 62.44 -78.55
N GLY D 132 2.46 62.57 -77.31
CA GLY D 132 2.54 61.47 -76.38
C GLY D 132 1.56 61.70 -75.27
N CYS D 133 1.14 60.62 -74.57
CA CYS D 133 0.18 60.76 -73.51
C CYS D 133 0.37 59.62 -72.55
N GLU D 134 -0.14 59.77 -71.30
CA GLU D 134 -0.07 58.72 -70.31
C GLU D 134 -1.08 59.00 -69.24
N VAL D 135 -1.72 57.93 -68.72
CA VAL D 135 -2.75 58.08 -67.73
C VAL D 135 -2.41 57.19 -66.58
N VAL D 136 -2.70 57.64 -65.34
CA VAL D 136 -2.40 56.83 -64.19
C VAL D 136 -3.58 56.82 -63.28
N VAL D 137 -3.94 55.63 -62.77
CA VAL D 137 -5.04 55.51 -61.87
C VAL D 137 -4.46 55.10 -60.57
N SER D 138 -5.07 55.56 -59.46
CA SER D 138 -4.56 55.29 -58.15
C SER D 138 -4.88 53.86 -57.80
N GLY D 139 -5.35 53.63 -56.55
CA GLY D 139 -5.55 52.27 -56.12
C GLY D 139 -6.99 52.01 -55.82
N LYS D 140 -7.26 50.81 -55.28
CA LYS D 140 -8.59 50.36 -55.01
C LYS D 140 -9.31 50.20 -56.30
N LEU D 141 -8.57 49.69 -57.30
CA LEU D 141 -9.12 49.43 -58.61
C LEU D 141 -10.22 48.45 -58.39
N ARG D 142 -11.41 48.73 -58.95
CA ARG D 142 -12.58 47.90 -58.87
C ARG D 142 -12.90 47.63 -57.43
N ALA D 143 -12.62 48.60 -56.53
CA ALA D 143 -12.92 48.43 -55.15
C ALA D 143 -12.15 47.25 -54.65
N ALA D 144 -11.06 46.90 -55.36
CA ALA D 144 -10.25 45.77 -55.00
C ALA D 144 -9.13 46.26 -54.15
N ARG D 145 -8.16 45.35 -53.87
CA ARG D 145 -7.01 45.71 -53.10
C ARG D 145 -6.42 46.87 -53.83
N ALA D 146 -5.73 47.78 -53.10
CA ALA D 146 -5.19 48.92 -53.75
C ALA D 146 -4.22 48.46 -54.79
N LYS D 147 -4.29 49.08 -55.99
CA LYS D 147 -3.40 48.75 -57.06
C LYS D 147 -3.07 50.04 -57.73
N ALA D 148 -2.40 49.94 -58.90
CA ALA D 148 -2.10 51.10 -59.68
C ALA D 148 -2.23 50.70 -61.11
N MET D 149 -2.68 51.61 -61.99
CA MET D 149 -2.75 51.23 -63.37
C MET D 149 -2.04 52.26 -64.18
N LYS D 150 -1.61 51.89 -65.40
CA LYS D 150 -0.83 52.78 -66.20
C LYS D 150 -1.47 52.94 -67.54
N PHE D 151 -0.62 52.95 -68.59
CA PHE D 151 -0.95 53.04 -69.99
C PHE D 151 -0.43 54.32 -70.55
N ALA D 152 0.27 54.23 -71.69
CA ALA D 152 0.88 55.39 -72.27
C ALA D 152 1.26 55.08 -73.68
N ASP D 153 1.38 56.14 -74.50
CA ASP D 153 1.75 55.95 -75.87
C ASP D 153 2.44 57.18 -76.38
N GLY D 154 3.43 56.99 -77.28
CA GLY D 154 4.11 58.12 -77.84
C GLY D 154 5.14 58.55 -76.85
N PHE D 155 6.00 59.49 -77.27
CA PHE D 155 7.08 59.87 -76.41
C PHE D 155 6.63 60.78 -75.33
N LEU D 156 6.40 60.20 -74.14
CA LEU D 156 6.36 60.98 -72.94
C LEU D 156 7.80 61.15 -72.66
N ILE D 157 8.61 60.23 -73.21
CA ILE D 157 10.02 60.41 -73.17
C ILE D 157 10.21 61.67 -73.91
N HIS D 158 11.27 62.41 -73.58
CA HIS D 158 11.46 63.75 -74.07
C HIS D 158 10.46 64.59 -73.34
N SER D 159 9.82 63.99 -72.32
CA SER D 159 9.01 64.75 -71.42
C SER D 159 9.29 64.17 -70.09
N GLY D 160 8.94 64.86 -69.00
CA GLY D 160 9.27 64.32 -67.71
C GLY D 160 10.62 64.89 -67.42
N GLN D 161 11.47 64.94 -68.46
CA GLN D 161 12.71 65.62 -68.35
C GLN D 161 12.27 67.02 -68.57
N PRO D 162 12.61 67.88 -67.68
CA PRO D 162 12.08 69.21 -67.67
C PRO D 162 12.27 69.99 -68.95
N VAL D 163 13.29 69.67 -69.75
CA VAL D 163 13.63 70.53 -70.86
C VAL D 163 12.52 70.73 -71.84
N ASN D 164 11.76 71.82 -71.62
CA ASN D 164 10.72 72.38 -72.44
C ASN D 164 9.80 71.33 -72.97
N ASP D 165 9.25 70.49 -72.09
CA ASP D 165 8.37 69.45 -72.52
C ASP D 165 7.09 70.03 -73.03
N PHE D 166 6.51 70.98 -72.26
CA PHE D 166 5.15 71.39 -72.51
C PHE D 166 4.23 70.22 -72.40
N ILE D 167 4.27 69.53 -71.24
CA ILE D 167 3.41 68.41 -70.97
C ILE D 167 2.33 68.90 -70.05
N ASP D 168 1.06 68.87 -70.49
CA ASP D 168 0.03 69.32 -69.61
C ASP D 168 -0.19 68.23 -68.61
N THR D 169 -0.36 68.60 -67.33
CA THR D 169 -0.57 67.60 -66.33
C THR D 169 -1.86 67.87 -65.66
N ALA D 170 -2.57 66.79 -65.30
CA ALA D 170 -3.77 67.04 -64.56
C ALA D 170 -4.08 65.91 -63.68
N THR D 171 -4.70 66.24 -62.54
CA THR D 171 -5.10 65.24 -61.62
C THR D 171 -6.55 65.40 -61.37
N ARG D 172 -7.25 64.26 -61.26
CA ARG D 172 -8.65 64.33 -60.96
C ARG D 172 -8.90 63.30 -59.90
N HIS D 173 -9.77 63.63 -58.91
CA HIS D 173 -10.05 62.74 -57.83
C HIS D 173 -11.23 61.91 -58.24
N VAL D 174 -11.74 61.04 -57.35
CA VAL D 174 -12.94 60.30 -57.63
C VAL D 174 -13.48 59.81 -56.33
N LEU D 175 -14.51 60.47 -55.78
CA LEU D 175 -15.04 59.99 -54.54
C LEU D 175 -15.78 58.75 -54.86
N MET D 176 -15.69 57.74 -53.98
CA MET D 176 -16.44 56.55 -54.23
C MET D 176 -16.81 55.96 -52.92
N ARG D 177 -17.79 55.05 -52.97
CA ARG D 177 -18.25 54.43 -51.78
C ARG D 177 -17.10 53.70 -51.20
N GLN D 178 -16.29 53.06 -52.07
CA GLN D 178 -15.15 52.32 -51.65
C GLN D 178 -14.08 53.25 -51.12
N GLY D 179 -13.88 54.43 -51.76
CA GLY D 179 -12.86 55.34 -51.29
C GLY D 179 -12.44 56.21 -52.45
N VAL D 180 -11.47 57.12 -52.19
CA VAL D 180 -11.01 58.06 -53.19
C VAL D 180 -9.97 57.40 -54.04
N LEU D 181 -9.94 57.76 -55.34
CA LEU D 181 -8.93 57.20 -56.20
C LEU D 181 -8.46 58.32 -57.10
N GLY D 182 -7.18 58.69 -57.02
CA GLY D 182 -6.68 59.79 -57.81
C GLY D 182 -6.41 59.37 -59.23
N ILE D 183 -6.56 60.31 -60.20
CA ILE D 183 -6.26 60.01 -61.57
C ILE D 183 -5.31 61.05 -62.09
N LYS D 184 -4.29 60.60 -62.85
CA LYS D 184 -3.29 61.48 -63.37
C LYS D 184 -3.29 61.40 -64.87
N VAL D 185 -3.31 62.58 -65.54
CA VAL D 185 -3.26 62.58 -66.98
C VAL D 185 -2.10 63.40 -67.43
N LYS D 186 -1.26 62.82 -68.33
CA LYS D 186 -0.13 63.53 -68.84
C LYS D 186 -0.28 63.62 -70.32
N ILE D 187 -0.14 64.83 -70.89
CA ILE D 187 -0.24 64.94 -72.31
C ILE D 187 0.96 65.67 -72.79
N MET D 188 1.62 65.10 -73.82
CA MET D 188 2.83 65.61 -74.39
C MET D 188 2.47 66.32 -75.64
N ARG D 189 3.02 67.54 -75.81
CA ARG D 189 2.77 68.33 -76.98
C ARG D 189 4.12 68.77 -77.44
N ASP D 190 4.16 69.40 -78.64
CA ASP D 190 5.37 69.88 -79.25
C ASP D 190 6.10 70.65 -78.18
N PRO D 191 7.37 70.39 -78.07
CA PRO D 191 8.20 71.03 -77.07
C PRO D 191 8.60 72.39 -77.52
N ALA D 192 9.28 73.19 -76.67
CA ALA D 192 9.69 74.49 -77.12
C ALA D 192 11.02 74.36 -77.86
N TYR E 1 -47.58 15.42 -75.84
CA TYR E 1 -47.16 16.84 -75.75
C TYR E 1 -48.27 17.66 -75.17
N GLU E 2 -49.03 18.34 -76.04
CA GLU E 2 -50.15 19.15 -75.64
C GLU E 2 -49.74 20.09 -74.54
N SER E 3 -48.68 20.88 -74.75
CA SER E 3 -48.24 21.88 -73.82
C SER E 3 -48.19 23.15 -74.60
N SER E 4 -47.85 24.29 -73.98
CA SER E 4 -47.85 25.51 -74.74
C SER E 4 -46.90 25.35 -75.88
N ARG E 5 -47.46 25.24 -77.11
CA ARG E 5 -46.70 25.06 -78.31
C ARG E 5 -46.01 26.32 -78.73
N LEU E 6 -46.71 27.44 -78.62
CA LEU E 6 -46.26 28.66 -79.22
C LEU E 6 -44.90 29.00 -78.75
N ASP E 7 -44.65 28.89 -77.43
CA ASP E 7 -43.38 29.35 -76.96
C ASP E 7 -42.27 28.58 -77.57
N ALA E 8 -42.45 27.25 -77.78
CA ALA E 8 -41.42 26.43 -78.34
C ALA E 8 -41.05 26.86 -79.73
N GLU E 9 -42.04 27.23 -80.56
CA GLU E 9 -41.65 27.62 -81.89
C GLU E 9 -40.78 28.82 -81.79
N LEU E 10 -41.15 29.77 -80.92
CA LEU E 10 -40.27 30.89 -80.78
C LEU E 10 -39.17 30.30 -79.97
N LYS E 11 -38.01 30.91 -79.79
CA LYS E 11 -36.95 30.35 -78.97
C LYS E 11 -36.22 29.29 -79.72
N LEU E 12 -36.94 28.36 -80.37
CA LEU E 12 -36.17 27.56 -81.24
C LEU E 12 -35.87 28.50 -82.35
N ALA E 13 -36.75 29.50 -82.49
CA ALA E 13 -36.52 30.58 -83.41
C ALA E 13 -36.58 30.05 -84.79
N GLY E 14 -37.02 28.80 -84.93
CA GLY E 14 -37.17 28.31 -86.25
C GLY E 14 -38.64 28.35 -86.45
N GLU E 15 -39.08 28.53 -87.70
CA GLU E 15 -40.50 28.58 -87.89
C GLU E 15 -41.01 27.23 -87.60
N PHE E 16 -42.01 27.15 -86.70
CA PHE E 16 -42.60 25.89 -86.47
C PHE E 16 -44.06 26.11 -86.61
N GLY E 17 -44.71 25.35 -87.49
CA GLY E 17 -46.09 25.59 -87.59
C GLY E 17 -46.73 24.59 -86.68
N LEU E 18 -46.81 24.94 -85.39
CA LEU E 18 -47.47 24.18 -84.36
C LEU E 18 -48.91 24.41 -84.57
N LYS E 19 -49.17 25.57 -85.17
CA LYS E 19 -50.41 26.03 -85.69
C LYS E 19 -49.88 26.56 -86.95
N ASN E 20 -50.68 26.88 -87.98
CA ASN E 20 -49.86 27.55 -88.94
C ASN E 20 -49.61 28.92 -88.27
N LYS E 21 -48.33 29.45 -88.06
CA LYS E 21 -48.20 30.72 -87.33
C LYS E 21 -46.81 31.40 -87.43
N LYS E 22 -46.55 32.46 -86.59
CA LYS E 22 -45.40 33.40 -86.57
C LYS E 22 -44.23 33.04 -85.67
N GLU E 23 -43.01 33.40 -86.16
CA GLU E 23 -41.66 33.11 -85.71
C GLU E 23 -41.08 33.80 -84.49
N ILE E 24 -41.40 35.08 -84.20
CA ILE E 24 -40.62 35.85 -83.25
C ILE E 24 -40.59 35.27 -81.87
N TYR E 25 -39.34 35.11 -81.33
CA TYR E 25 -38.97 34.56 -80.05
C TYR E 25 -39.74 35.30 -79.01
N ARG E 26 -40.22 34.59 -77.98
CA ARG E 26 -41.07 35.23 -77.01
C ARG E 26 -40.36 36.27 -76.18
N ILE E 27 -39.22 35.94 -75.53
CA ILE E 27 -38.83 36.85 -74.48
C ILE E 27 -37.43 37.37 -74.61
N SER E 28 -37.24 38.52 -73.92
CA SER E 28 -36.03 39.24 -73.65
C SER E 28 -35.47 39.85 -74.89
N PHE E 29 -35.60 39.18 -76.04
CA PHE E 29 -35.07 39.82 -77.20
C PHE E 29 -35.76 39.22 -78.37
N GLN E 30 -37.08 39.42 -78.49
CA GLN E 30 -37.79 38.85 -79.60
C GLN E 30 -37.24 39.48 -80.83
N LEU E 31 -36.99 40.79 -80.75
CA LEU E 31 -36.54 41.58 -81.86
C LEU E 31 -35.15 41.24 -82.30
N SER E 32 -34.22 41.04 -81.34
CA SER E 32 -32.84 40.91 -81.73
C SER E 32 -32.65 39.73 -82.61
N LYS E 33 -31.68 39.84 -83.54
CA LYS E 33 -31.44 38.72 -84.41
C LYS E 33 -30.42 37.85 -83.77
N ILE E 34 -30.62 36.53 -83.91
CA ILE E 34 -29.66 35.58 -83.43
C ILE E 34 -29.31 34.79 -84.64
N ARG E 35 -28.02 34.42 -84.79
CA ARG E 35 -27.76 33.78 -86.04
C ARG E 35 -27.10 32.47 -85.83
N ARG E 36 -26.28 32.07 -86.83
CA ARG E 36 -25.69 30.77 -86.89
C ARG E 36 -25.08 30.40 -85.58
N ALA E 37 -25.56 29.26 -85.05
CA ALA E 37 -25.11 28.74 -83.80
C ALA E 37 -23.94 27.86 -84.04
N ALA E 38 -23.26 27.47 -82.95
CA ALA E 38 -22.12 26.61 -82.99
C ALA E 38 -22.62 25.21 -83.17
N ARG E 39 -21.69 24.30 -83.50
CA ARG E 39 -22.02 22.93 -83.76
C ARG E 39 -22.65 22.35 -82.53
N ASP E 40 -22.09 22.68 -81.35
CA ASP E 40 -22.58 22.14 -80.12
C ASP E 40 -23.99 22.59 -79.90
N LEU E 41 -24.23 23.89 -80.04
CA LEU E 41 -25.52 24.42 -79.76
C LEU E 41 -26.45 23.79 -80.72
N LEU E 42 -25.95 23.62 -81.96
CA LEU E 42 -26.70 23.07 -83.03
C LEU E 42 -27.14 21.68 -82.69
N THR E 43 -26.25 20.86 -82.10
CA THR E 43 -26.67 19.51 -81.90
C THR E 43 -27.84 19.45 -80.96
N ARG E 44 -27.73 20.09 -79.78
CA ARG E 44 -28.82 19.93 -78.86
C ARG E 44 -30.04 20.60 -79.37
N ASP E 45 -29.88 21.84 -79.86
CA ASP E 45 -31.01 22.58 -80.29
C ASP E 45 -31.61 21.86 -81.44
N GLU E 46 -30.81 21.20 -82.27
CA GLU E 46 -31.42 20.56 -83.39
C GLU E 46 -32.36 19.48 -82.92
N LYS E 47 -31.98 18.72 -81.89
CA LYS E 47 -32.78 17.61 -81.49
C LYS E 47 -34.15 18.07 -81.11
N ASP E 48 -34.22 19.05 -80.20
CA ASP E 48 -35.50 19.40 -79.69
C ASP E 48 -36.38 19.90 -80.80
N PRO E 49 -35.93 20.80 -81.64
CA PRO E 49 -36.77 21.16 -82.73
C PRO E 49 -37.16 20.15 -83.76
N LYS E 50 -36.24 19.29 -84.22
CA LYS E 50 -36.61 18.39 -85.28
C LYS E 50 -37.75 17.57 -84.79
N ARG E 51 -37.66 17.18 -83.51
CA ARG E 51 -38.66 16.41 -82.85
C ARG E 51 -39.91 17.19 -82.64
N LEU E 52 -39.77 18.44 -82.17
CA LEU E 52 -40.88 19.28 -81.77
C LEU E 52 -41.73 19.53 -82.97
N PHE E 53 -41.11 19.60 -84.16
CA PHE E 53 -41.83 19.90 -85.36
C PHE E 53 -42.90 18.88 -85.57
N GLU E 54 -42.52 17.60 -85.49
CA GLU E 54 -43.36 16.47 -85.70
C GLU E 54 -44.27 16.28 -84.53
N GLY E 55 -43.91 16.86 -83.36
CA GLY E 55 -44.80 16.70 -82.26
C GLY E 55 -44.83 15.25 -81.89
N ASN E 56 -43.68 14.56 -82.02
CA ASN E 56 -43.66 13.16 -81.71
C ASN E 56 -42.78 12.91 -80.52
N ALA E 57 -43.00 11.75 -79.87
CA ALA E 57 -42.29 11.35 -78.69
C ALA E 57 -40.89 10.96 -79.06
N LEU E 58 -39.98 11.03 -78.07
CA LEU E 58 -38.59 10.70 -78.29
C LEU E 58 -38.52 9.27 -78.70
N ILE E 59 -39.36 8.42 -78.07
CA ILE E 59 -39.26 7.01 -78.32
C ILE E 59 -39.46 6.73 -79.77
N ARG E 60 -40.52 7.28 -80.40
CA ARG E 60 -40.77 7.01 -81.79
C ARG E 60 -39.70 7.66 -82.60
N ARG E 61 -39.33 8.90 -82.21
CA ARG E 61 -38.40 9.68 -82.95
C ARG E 61 -37.08 8.97 -83.04
N LEU E 62 -36.64 8.37 -81.92
CA LEU E 62 -35.35 7.76 -81.85
C LEU E 62 -35.23 6.68 -82.87
N VAL E 63 -36.26 5.82 -82.98
CA VAL E 63 -36.15 4.70 -83.88
C VAL E 63 -35.94 5.23 -85.26
N ARG E 64 -36.71 6.27 -85.63
CA ARG E 64 -36.63 6.77 -86.97
C ARG E 64 -35.23 7.25 -87.21
N VAL E 65 -34.65 8.01 -86.28
CA VAL E 65 -33.35 8.55 -86.52
C VAL E 65 -32.35 7.45 -86.67
N GLY E 66 -32.44 6.43 -85.82
CA GLY E 66 -31.47 5.39 -85.84
C GLY E 66 -31.48 4.75 -87.19
N VAL E 67 -32.67 4.55 -87.78
CA VAL E 67 -32.67 3.90 -89.05
C VAL E 67 -32.01 4.78 -90.07
N LEU E 68 -32.37 6.07 -90.09
CA LEU E 68 -31.84 6.94 -91.10
C LEU E 68 -30.37 7.12 -90.93
N SER E 69 -29.87 7.00 -89.69
CA SER E 69 -28.47 7.17 -89.43
C SER E 69 -27.67 6.05 -90.03
N GLU E 70 -28.17 4.80 -89.92
CA GLU E 70 -27.46 3.66 -90.42
C GLU E 70 -27.37 3.73 -91.91
N ASP E 71 -28.49 4.07 -92.58
CA ASP E 71 -28.47 4.11 -94.01
C ASP E 71 -27.52 5.17 -94.44
N LYS E 72 -26.83 4.92 -95.55
CA LYS E 72 -25.92 5.91 -96.03
C LYS E 72 -26.70 6.98 -96.71
N LYS E 73 -26.03 8.12 -96.90
CA LYS E 73 -26.56 9.33 -97.46
C LYS E 73 -26.77 10.22 -96.29
N LYS E 74 -26.93 11.54 -96.53
CA LYS E 74 -27.06 12.42 -95.40
C LYS E 74 -28.24 12.00 -94.60
N LEU E 75 -27.94 11.77 -93.31
CA LEU E 75 -28.84 11.31 -92.30
C LEU E 75 -29.94 12.30 -92.21
N ASP E 76 -29.58 13.58 -92.30
CA ASP E 76 -30.55 14.60 -92.05
C ASP E 76 -31.73 14.47 -92.97
N TYR E 77 -31.52 14.50 -94.30
CA TYR E 77 -32.66 14.45 -95.17
C TYR E 77 -33.28 13.09 -95.20
N VAL E 78 -32.46 12.03 -95.19
CA VAL E 78 -33.03 10.72 -95.26
C VAL E 78 -33.92 10.57 -94.06
N LEU E 79 -33.47 11.13 -92.93
CA LEU E 79 -34.23 11.13 -91.72
C LEU E 79 -35.44 11.97 -91.95
N ALA E 80 -35.26 13.12 -92.64
CA ALA E 80 -36.29 14.10 -92.80
C ALA E 80 -37.49 13.58 -93.50
N LEU E 81 -37.30 12.85 -94.61
CA LEU E 81 -38.46 12.42 -95.35
C LEU E 81 -39.15 13.67 -95.77
N LYS E 82 -38.75 14.29 -96.89
CA LYS E 82 -39.60 15.35 -97.35
C LYS E 82 -40.82 14.58 -97.67
N VAL E 83 -40.58 13.47 -98.40
CA VAL E 83 -41.50 12.39 -98.56
C VAL E 83 -40.56 11.22 -98.52
N GLU E 84 -39.24 11.56 -98.44
CA GLU E 84 -38.11 10.68 -98.63
C GLU E 84 -38.07 9.57 -97.65
N ASP E 85 -37.81 9.87 -96.36
CA ASP E 85 -37.81 8.69 -95.60
C ASP E 85 -38.25 8.94 -94.20
N PHE E 86 -39.31 8.28 -93.79
CA PHE E 86 -39.67 8.36 -92.41
C PHE E 86 -40.51 9.53 -91.99
N LEU E 87 -39.89 10.66 -91.58
CA LEU E 87 -40.60 11.72 -90.89
C LEU E 87 -41.80 12.26 -91.63
N GLU E 88 -41.67 12.70 -92.89
CA GLU E 88 -42.87 13.23 -93.51
C GLU E 88 -43.79 12.13 -93.95
N ARG E 89 -43.29 10.86 -93.88
CA ARG E 89 -43.98 9.67 -94.29
C ARG E 89 -45.16 9.43 -93.38
N ARG E 90 -45.13 9.94 -92.13
CA ARG E 90 -46.24 9.63 -91.27
C ARG E 90 -47.51 10.20 -91.81
N LEU E 91 -48.59 9.42 -91.68
CA LEU E 91 -49.87 9.70 -92.25
C LEU E 91 -50.34 11.02 -91.72
N GLN E 92 -50.10 11.29 -90.43
CA GLN E 92 -50.50 12.52 -89.80
C GLN E 92 -49.81 13.66 -90.48
N THR E 93 -48.52 13.50 -90.83
CA THR E 93 -47.80 14.57 -91.47
C THR E 93 -48.34 14.81 -92.85
N GLN E 94 -48.57 13.73 -93.61
CA GLN E 94 -48.97 13.86 -94.98
C GLN E 94 -50.24 14.65 -95.04
N VAL E 95 -51.21 14.36 -94.14
CA VAL E 95 -52.46 15.07 -94.21
C VAL E 95 -52.19 16.53 -94.09
N TYR E 96 -51.25 16.93 -93.21
CA TYR E 96 -50.91 18.32 -93.06
C TYR E 96 -50.31 18.82 -94.34
N LYS E 97 -49.41 18.04 -94.95
CA LYS E 97 -48.75 18.47 -96.15
C LYS E 97 -49.75 18.65 -97.25
N LEU E 98 -50.79 17.81 -97.26
CA LEU E 98 -51.86 17.78 -98.23
C LEU E 98 -52.75 18.99 -98.10
N GLY E 99 -52.74 19.70 -96.96
CA GLY E 99 -53.54 20.88 -96.84
C GLY E 99 -54.84 20.53 -96.22
N LEU E 100 -55.04 19.25 -95.87
CA LEU E 100 -56.26 18.91 -95.24
C LEU E 100 -56.36 19.70 -93.97
N ALA E 101 -55.27 19.73 -93.18
CA ALA E 101 -55.30 20.41 -91.92
C ALA E 101 -54.41 21.61 -91.99
N LYS E 102 -54.74 22.64 -91.20
CA LYS E 102 -53.99 23.86 -91.12
C LYS E 102 -52.69 23.57 -90.44
N SER E 103 -52.71 22.71 -89.39
CA SER E 103 -51.50 22.43 -88.64
C SER E 103 -51.31 20.95 -88.58
N VAL E 104 -50.12 20.52 -88.09
CA VAL E 104 -49.76 19.15 -87.91
C VAL E 104 -50.59 18.54 -86.83
N HIS E 105 -50.87 19.30 -85.74
CA HIS E 105 -51.64 18.75 -84.67
C HIS E 105 -53.03 18.51 -85.17
N HIS E 106 -53.59 19.49 -85.91
CA HIS E 106 -54.94 19.41 -86.37
C HIS E 106 -55.04 18.18 -87.23
N ALA E 107 -54.03 17.94 -88.07
CA ALA E 107 -54.03 16.79 -88.93
C ALA E 107 -54.04 15.56 -88.06
N ARG E 108 -53.30 15.59 -86.94
CA ARG E 108 -53.22 14.45 -86.08
C ARG E 108 -54.60 14.14 -85.57
N VAL E 109 -55.38 15.16 -85.17
CA VAL E 109 -56.69 14.88 -84.65
C VAL E 109 -57.56 14.37 -85.75
N LEU E 110 -57.41 14.92 -86.97
CA LEU E 110 -58.27 14.48 -88.04
C LEU E 110 -58.06 13.02 -88.25
N ILE E 111 -56.79 12.60 -88.26
CA ILE E 111 -56.48 11.23 -88.53
C ILE E 111 -57.05 10.39 -87.42
N THR E 112 -56.88 10.83 -86.15
CA THR E 112 -57.34 10.08 -85.01
C THR E 112 -58.85 10.02 -84.99
N GLN E 113 -59.51 11.14 -85.33
CA GLN E 113 -60.93 11.38 -85.31
C GLN E 113 -61.58 10.53 -86.35
N ARG E 114 -60.77 9.96 -87.25
CA ARG E 114 -61.20 9.10 -88.32
C ARG E 114 -61.65 9.88 -89.52
N HIS E 115 -61.39 11.20 -89.57
CA HIS E 115 -61.84 11.89 -90.74
C HIS E 115 -60.83 11.68 -91.85
N ILE E 116 -60.09 10.56 -91.84
CA ILE E 116 -59.08 10.37 -92.86
C ILE E 116 -59.18 8.98 -93.41
N ALA E 117 -58.74 8.78 -94.67
CA ALA E 117 -58.77 7.48 -95.28
C ALA E 117 -57.48 7.23 -95.99
N VAL E 118 -57.12 5.94 -96.16
CA VAL E 118 -55.95 5.59 -96.93
C VAL E 118 -56.27 4.34 -97.68
N GLY E 119 -56.46 4.45 -99.01
CA GLY E 119 -56.79 3.28 -99.76
C GLY E 119 -58.20 2.92 -99.46
N LYS E 120 -58.97 3.94 -99.01
CA LYS E 120 -60.35 3.85 -98.66
C LYS E 120 -60.51 3.28 -97.28
N GLN E 121 -59.54 2.47 -96.83
CA GLN E 121 -59.66 1.95 -95.49
C GLN E 121 -59.38 3.13 -94.62
N ILE E 122 -60.22 3.34 -93.58
CA ILE E 122 -60.05 4.48 -92.71
C ILE E 122 -58.99 4.13 -91.72
N VAL E 123 -58.02 5.04 -91.50
CA VAL E 123 -56.95 4.77 -90.56
C VAL E 123 -56.88 5.90 -89.60
N ASN E 124 -56.90 5.59 -88.29
CA ASN E 124 -56.79 6.68 -87.36
C ASN E 124 -55.52 6.52 -86.59
N ILE E 125 -54.43 6.10 -87.26
CA ILE E 125 -53.18 5.98 -86.59
C ILE E 125 -52.24 6.98 -87.19
N PRO E 126 -51.88 7.96 -86.41
CA PRO E 126 -51.03 9.01 -86.90
C PRO E 126 -49.66 8.51 -87.24
N SER E 127 -49.21 7.43 -86.57
CA SER E 127 -47.89 6.90 -86.79
C SER E 127 -47.87 6.12 -88.07
N PHE E 128 -49.04 5.93 -88.71
CA PHE E 128 -49.13 5.13 -89.89
C PHE E 128 -48.14 5.63 -90.91
N MET E 129 -47.36 4.71 -91.52
CA MET E 129 -46.36 5.10 -92.49
C MET E 129 -46.98 5.00 -93.85
N VAL E 130 -47.02 6.15 -94.55
CA VAL E 130 -47.60 6.19 -95.86
C VAL E 130 -46.53 5.79 -96.84
N ARG E 131 -46.86 4.87 -97.76
CA ARG E 131 -45.92 4.42 -98.74
C ARG E 131 -46.22 5.13 -100.01
N LEU E 132 -45.36 4.96 -101.03
CA LEU E 132 -45.63 5.59 -102.29
C LEU E 132 -46.81 4.88 -102.87
N ASP E 133 -47.58 5.59 -103.72
CA ASP E 133 -48.74 5.09 -104.40
C ASP E 133 -49.89 4.83 -103.47
N SER E 134 -50.06 5.65 -102.41
CA SER E 134 -51.21 5.46 -101.59
C SER E 134 -52.03 6.70 -101.72
N GLU E 135 -53.37 6.60 -101.53
CA GLU E 135 -54.19 7.77 -101.68
C GLU E 135 -54.68 8.16 -100.33
N LYS E 136 -54.59 9.47 -99.99
CA LYS E 136 -55.06 9.88 -98.71
C LYS E 136 -56.25 10.77 -98.89
N HIS E 137 -57.45 10.15 -98.86
CA HIS E 137 -58.70 10.80 -99.06
C HIS E 137 -59.24 11.25 -97.74
N ILE E 138 -60.12 12.27 -97.78
CA ILE E 138 -60.76 12.81 -96.62
C ILE E 138 -62.03 12.05 -96.43
N ASP E 139 -62.35 11.71 -95.16
CA ASP E 139 -63.52 10.95 -94.87
C ASP E 139 -64.70 11.62 -95.49
N PHE E 140 -65.67 10.80 -95.95
CA PHE E 140 -66.79 11.30 -96.69
C PHE E 140 -67.51 12.30 -95.85
N ALA E 141 -67.83 11.92 -94.60
CA ALA E 141 -68.64 12.77 -93.79
C ALA E 141 -67.95 14.08 -93.64
N PRO E 142 -66.67 14.06 -93.41
CA PRO E 142 -66.00 15.32 -93.29
C PRO E 142 -65.71 15.87 -94.66
N THR E 143 -65.42 17.17 -94.75
CA THR E 143 -64.94 17.84 -95.92
C THR E 143 -64.93 19.31 -95.58
N SER E 144 -63.79 20.03 -95.70
CA SER E 144 -63.80 21.42 -95.29
C SER E 144 -62.63 22.21 -95.87
N PRO E 145 -61.45 22.23 -95.26
CA PRO E 145 -60.33 23.11 -95.58
C PRO E 145 -59.86 22.99 -97.00
N PHE E 146 -60.44 22.06 -97.77
CA PHE E 146 -60.07 21.85 -99.13
C PHE E 146 -60.26 23.14 -99.87
N GLY E 147 -61.31 23.90 -99.54
CA GLY E 147 -61.45 25.17 -100.20
C GLY E 147 -60.33 26.00 -99.66
N GLY E 148 -59.80 26.94 -100.46
CA GLY E 148 -58.74 27.77 -99.99
C GLY E 148 -57.49 27.04 -100.34
N ALA E 149 -57.58 25.71 -100.30
CA ALA E 149 -56.54 24.81 -100.68
C ALA E 149 -56.40 24.93 -102.16
N ARG E 150 -57.48 25.40 -102.83
CA ARG E 150 -57.50 25.39 -104.26
C ARG E 150 -56.31 26.07 -104.85
N PRO E 151 -55.95 27.26 -104.48
CA PRO E 151 -54.83 27.92 -105.07
C PRO E 151 -53.51 27.30 -104.70
N GLY E 152 -53.41 26.72 -103.50
CA GLY E 152 -52.14 26.28 -102.99
C GLY E 152 -51.61 25.17 -103.83
N ARG E 153 -50.28 25.22 -104.06
CA ARG E 153 -49.59 24.21 -104.80
C ARG E 153 -49.18 23.16 -103.84
N VAL E 154 -48.75 21.98 -104.33
CA VAL E 154 -48.39 20.92 -103.43
C VAL E 154 -47.06 20.38 -103.84
N ALA E 155 -46.34 19.72 -102.90
CA ALA E 155 -45.03 19.20 -103.17
C ALA E 155 -45.07 18.32 -104.38
N ARG E 156 -43.96 18.28 -105.14
CA ARG E 156 -43.88 17.52 -106.35
C ARG E 156 -44.05 16.06 -106.03
N ARG E 157 -43.61 15.67 -104.82
CA ARG E 157 -43.66 14.31 -104.36
C ARG E 157 -45.06 13.88 -104.09
N ASN E 158 -45.95 14.84 -103.78
CA ASN E 158 -47.31 14.46 -103.56
C ASN E 158 -48.15 15.13 -104.60
N ALA E 159 -49.48 14.93 -104.55
CA ALA E 159 -50.36 15.55 -105.49
C ALA E 159 -51.73 15.38 -104.92
N ALA E 160 -52.68 16.27 -105.28
CA ALA E 160 -53.98 16.05 -104.74
C ALA E 160 -54.99 16.56 -105.71
N ARG E 161 -56.15 15.91 -105.76
CA ARG E 161 -57.17 16.45 -106.60
C ARG E 161 -58.19 16.97 -105.65
N LYS E 162 -58.43 18.28 -105.73
CA LYS E 162 -59.28 18.98 -104.82
C LYS E 162 -60.68 18.46 -104.89
N ALA E 163 -61.12 18.01 -106.09
CA ALA E 163 -62.49 17.60 -106.24
C ALA E 163 -62.83 16.41 -105.40
N GLU E 164 -62.04 15.32 -105.51
CA GLU E 164 -62.24 14.10 -104.78
C GLU E 164 -61.85 14.34 -103.37
N ALA E 165 -61.03 15.39 -103.15
CA ALA E 165 -60.46 15.59 -101.86
C ALA E 165 -59.56 14.42 -101.61
N SER E 166 -58.85 14.01 -102.66
CA SER E 166 -57.94 12.92 -102.58
C SER E 166 -56.58 13.45 -102.88
N GLY E 167 -55.53 12.64 -102.59
CA GLY E 167 -54.18 13.03 -102.85
C GLY E 167 -53.36 11.79 -102.84
N GLU E 168 -52.15 11.82 -103.43
CA GLU E 168 -51.36 10.61 -103.40
C GLU E 168 -49.96 10.93 -103.01
N ALA E 169 -49.30 9.95 -102.35
CA ALA E 169 -47.91 10.12 -102.01
C ALA E 169 -47.17 9.51 -103.14
N ALA E 170 -46.67 10.35 -104.06
CA ALA E 170 -46.00 9.87 -105.23
C ALA E 170 -44.70 9.21 -104.90
N ASP E 171 -43.86 9.85 -104.06
CA ASP E 171 -42.58 9.27 -103.85
C ASP E 171 -41.91 9.97 -102.72
N GLU E 172 -40.84 9.33 -102.19
CA GLU E 172 -40.05 9.86 -101.11
C GLU E 172 -39.39 11.14 -101.57
N ALA E 173 -39.79 12.27 -100.97
CA ALA E 173 -39.32 13.58 -101.28
C ALA E 173 -38.01 13.87 -100.63
N ASP E 174 -37.10 14.48 -101.40
CA ASP E 174 -35.76 14.80 -100.96
C ASP E 174 -35.82 16.02 -100.11
N GLU E 175 -34.72 16.31 -99.40
CA GLU E 175 -34.65 17.45 -98.53
C GLU E 175 -34.79 18.68 -99.38
N ALA E 176 -34.23 18.63 -100.60
CA ALA E 176 -34.31 19.75 -101.47
C ALA E 176 -35.77 20.03 -101.65
N ASP E 177 -36.57 18.96 -101.75
CA ASP E 177 -37.98 19.10 -101.90
C ASP E 177 -38.49 19.81 -100.67
N GLU E 178 -37.94 19.47 -99.49
CA GLU E 178 -38.36 20.08 -98.26
C GLU E 178 -38.26 21.59 -98.43
N GLY F 1 -11.42 29.90 -109.13
CA GLY F 1 -12.38 29.01 -108.43
C GLY F 1 -11.71 28.40 -107.24
N LEU F 2 -11.17 29.26 -106.36
CA LEU F 2 -10.52 28.79 -105.19
C LEU F 2 -11.44 29.09 -104.06
N GLN F 3 -12.01 28.04 -103.44
CA GLN F 3 -12.82 28.27 -102.28
C GLN F 3 -11.83 28.55 -101.21
N ASP F 4 -12.21 29.34 -100.20
CA ASP F 4 -11.25 29.61 -99.17
C ASP F 4 -11.91 29.43 -97.86
N GLU F 5 -11.59 28.34 -97.11
CA GLU F 5 -12.20 28.25 -95.82
C GLU F 5 -11.14 28.41 -94.78
N VAL F 6 -11.50 28.99 -93.62
CA VAL F 6 -10.52 29.20 -92.59
C VAL F 6 -10.78 28.24 -91.47
N MET F 7 -9.76 27.41 -91.15
CA MET F 7 -9.83 26.39 -90.15
C MET F 7 -10.09 27.04 -88.82
N ASN F 8 -9.24 28.02 -88.45
CA ASN F 8 -9.48 28.72 -87.23
C ASN F 8 -8.36 29.67 -86.98
N ILE F 9 -8.61 30.66 -86.09
CA ILE F 9 -7.61 31.64 -85.78
C ILE F 9 -7.43 31.61 -84.29
N LYS F 10 -6.15 31.67 -83.83
CA LYS F 10 -5.89 31.61 -82.43
C LYS F 10 -5.15 32.85 -82.02
N PRO F 11 -5.38 33.21 -80.79
CA PRO F 11 -4.77 34.36 -80.16
C PRO F 11 -3.30 34.27 -79.84
N VAL F 12 -2.76 33.06 -79.54
CA VAL F 12 -1.35 32.83 -79.27
C VAL F 12 -0.66 33.94 -78.55
N GLN F 13 -0.69 33.90 -77.19
CA GLN F 13 -0.06 34.89 -76.35
C GLN F 13 1.36 34.45 -76.07
N LYS F 14 2.25 35.41 -75.74
CA LYS F 14 3.58 35.07 -75.35
C LYS F 14 3.94 36.03 -74.25
N GLN F 15 4.95 35.67 -73.43
CA GLN F 15 5.35 36.57 -72.40
C GLN F 15 6.80 36.92 -72.61
N THR F 16 7.10 38.22 -72.40
CA THR F 16 8.40 38.80 -72.56
C THR F 16 8.63 39.57 -71.32
N ARG F 17 9.65 40.45 -71.31
CA ARG F 17 9.96 41.17 -70.13
C ARG F 17 8.75 41.96 -69.74
N ALA F 18 8.20 41.67 -68.54
CA ALA F 18 7.13 42.41 -67.93
C ALA F 18 6.06 42.68 -68.93
N GLY F 19 5.75 41.73 -69.84
CA GLY F 19 4.73 42.14 -70.75
C GLY F 19 4.34 40.99 -71.62
N GLN F 20 3.03 40.90 -71.87
CA GLN F 20 2.47 39.89 -72.73
C GLN F 20 2.28 40.54 -74.05
N ARG F 21 2.55 39.78 -75.13
CA ARG F 21 2.22 40.36 -76.39
C ARG F 21 1.78 39.26 -77.30
N THR F 22 0.62 39.46 -77.94
CA THR F 22 0.05 38.40 -78.71
C THR F 22 0.08 38.74 -80.17
N ARG F 23 -0.01 37.68 -80.98
CA ARG F 23 -0.08 37.78 -82.40
C ARG F 23 -1.18 36.85 -82.80
N PHE F 24 -1.65 36.88 -84.05
CA PHE F 24 -2.70 35.96 -84.38
C PHE F 24 -2.21 35.03 -85.45
N LYS F 25 -2.70 33.78 -85.40
CA LYS F 25 -2.34 32.77 -86.35
C LYS F 25 -3.61 32.35 -87.00
N ALA F 26 -3.61 32.18 -88.33
CA ALA F 26 -4.81 31.74 -88.96
C ALA F 26 -4.46 30.61 -89.87
N VAL F 27 -5.28 29.55 -89.82
CA VAL F 27 -5.03 28.44 -90.70
C VAL F 27 -6.06 28.54 -91.76
N VAL F 28 -5.62 28.52 -93.03
CA VAL F 28 -6.56 28.68 -94.08
C VAL F 28 -6.39 27.59 -95.08
N VAL F 29 -7.52 27.03 -95.56
CA VAL F 29 -7.51 25.99 -96.54
C VAL F 29 -7.99 26.61 -97.82
N VAL F 30 -7.37 26.23 -98.94
CA VAL F 30 -7.78 26.77 -100.21
C VAL F 30 -7.92 25.62 -101.14
N GLY F 31 -9.04 25.56 -101.90
CA GLY F 31 -9.20 24.45 -102.79
C GLY F 31 -10.17 24.77 -103.88
N ASP F 32 -9.92 24.12 -105.03
CA ASP F 32 -10.63 24.10 -106.26
C ASP F 32 -11.84 23.22 -106.12
N SER F 33 -11.75 22.20 -105.25
CA SER F 33 -12.75 21.18 -105.13
C SER F 33 -12.62 20.32 -106.34
N ASN F 34 -11.52 20.49 -107.10
CA ASN F 34 -11.33 19.63 -108.23
C ASN F 34 -10.07 18.84 -108.06
N GLY F 35 -9.52 18.77 -106.83
CA GLY F 35 -8.34 17.97 -106.67
C GLY F 35 -7.16 18.79 -106.24
N HIS F 36 -7.33 20.12 -106.03
CA HIS F 36 -6.21 20.90 -105.59
C HIS F 36 -6.55 21.56 -104.29
N VAL F 37 -5.69 21.37 -103.28
CA VAL F 37 -5.87 22.00 -102.00
C VAL F 37 -4.57 22.46 -101.47
N GLY F 38 -4.61 23.54 -100.66
CA GLY F 38 -3.42 24.08 -100.08
C GLY F 38 -3.76 24.49 -98.69
N LEU F 39 -2.77 24.37 -97.79
CA LEU F 39 -2.99 24.76 -96.44
C LEU F 39 -1.95 25.79 -96.13
N GLY F 40 -2.34 26.89 -95.46
CA GLY F 40 -1.35 27.87 -95.19
C GLY F 40 -1.60 28.42 -93.83
N ILE F 41 -0.51 28.58 -93.05
CA ILE F 41 -0.67 29.12 -91.74
C ILE F 41 0.10 30.40 -91.69
N LYS F 42 -0.61 31.55 -91.58
CA LYS F 42 0.17 32.73 -91.48
C LYS F 42 -0.22 33.53 -90.29
N THR F 43 0.79 34.19 -89.70
CA THR F 43 0.61 34.92 -88.48
C THR F 43 0.86 36.37 -88.74
N ALA F 44 0.15 37.22 -87.96
CA ALA F 44 0.30 38.65 -88.07
C ALA F 44 -0.25 39.26 -86.81
N LYS F 45 0.07 40.55 -86.58
CA LYS F 45 -0.33 41.27 -85.42
C LYS F 45 -1.82 41.37 -85.42
N GLU F 46 -2.43 41.38 -86.61
CA GLU F 46 -3.86 41.51 -86.66
C GLU F 46 -4.42 40.29 -87.32
N VAL F 47 -5.69 39.97 -86.98
CA VAL F 47 -6.34 38.80 -87.51
C VAL F 47 -6.47 38.88 -89.00
N ALA F 48 -6.88 40.04 -89.55
CA ALA F 48 -7.10 40.12 -90.97
C ALA F 48 -5.82 39.89 -91.72
N GLY F 49 -4.73 40.54 -91.29
CA GLY F 49 -3.51 40.43 -92.02
C GLY F 49 -3.12 38.99 -92.00
N ALA F 50 -3.37 38.32 -90.86
CA ALA F 50 -3.00 36.95 -90.72
C ALA F 50 -3.75 36.09 -91.69
N ILE F 51 -5.07 36.28 -91.80
CA ILE F 51 -5.85 35.43 -92.66
C ILE F 51 -5.41 35.63 -94.07
N ARG F 52 -5.22 36.90 -94.47
CA ARG F 52 -4.84 37.12 -95.83
C ARG F 52 -3.49 36.52 -96.05
N ALA F 53 -2.59 36.63 -95.05
CA ALA F 53 -1.27 36.09 -95.20
C ALA F 53 -1.39 34.61 -95.40
N GLY F 54 -2.25 33.94 -94.62
CA GLY F 54 -2.38 32.51 -94.72
C GLY F 54 -2.91 32.14 -96.07
N ILE F 55 -3.92 32.89 -96.56
CA ILE F 55 -4.53 32.53 -97.81
C ILE F 55 -3.47 32.52 -98.86
N ILE F 56 -2.63 33.57 -98.89
CA ILE F 56 -1.62 33.62 -99.90
C ILE F 56 -0.68 32.47 -99.71
N ILE F 57 -0.32 32.16 -98.45
CA ILE F 57 0.62 31.09 -98.25
C ILE F 57 0.02 29.79 -98.69
N ALA F 58 -1.28 29.56 -98.43
CA ALA F 58 -1.92 28.33 -98.78
C ALA F 58 -1.90 28.17 -100.27
N LYS F 59 -2.09 29.28 -101.00
CA LYS F 59 -2.15 29.21 -102.44
C LYS F 59 -0.86 28.62 -102.92
N LEU F 60 0.25 28.97 -102.26
CA LEU F 60 1.51 28.33 -102.57
C LEU F 60 1.47 27.03 -101.84
N SER F 61 2.22 26.02 -102.31
CA SER F 61 2.19 24.73 -101.69
C SER F 61 0.82 24.13 -101.73
N VAL F 62 0.38 23.73 -102.94
CA VAL F 62 -0.88 23.06 -103.15
C VAL F 62 -0.57 21.61 -103.36
N ILE F 63 -1.54 20.73 -103.03
CA ILE F 63 -1.27 19.33 -103.19
C ILE F 63 -2.31 18.74 -104.10
N PRO F 64 -1.84 17.94 -105.02
CA PRO F 64 -2.76 17.26 -105.90
C PRO F 64 -3.37 16.11 -105.18
N ILE F 65 -5.74 15.76 -101.94
CA ILE F 65 -6.48 14.63 -101.46
C ILE F 65 -7.30 14.16 -102.61
N ARG F 66 -7.22 12.85 -102.91
CA ARG F 66 -7.91 12.34 -104.05
C ARG F 66 -9.33 12.09 -103.68
N ARG F 67 -10.16 13.15 -103.81
CA ARG F 67 -11.56 13.13 -103.57
C ARG F 67 -12.11 13.49 -104.92
N GLY F 68 -13.39 13.91 -105.01
CA GLY F 68 -13.90 14.27 -106.29
C GLY F 68 -13.37 15.62 -106.64
N TYR F 69 -13.39 15.96 -107.95
CA TYR F 69 -12.92 17.25 -108.36
C TYR F 69 -13.85 17.69 -109.46
N TRP F 70 -13.52 18.80 -110.14
CA TRP F 70 -14.33 19.33 -111.21
C TRP F 70 -14.51 18.23 -112.20
N GLY F 71 -15.68 18.24 -112.89
CA GLY F 71 -16.02 17.21 -113.81
C GLY F 71 -14.91 17.01 -114.78
N THR F 72 -14.27 15.83 -114.63
CA THR F 72 -13.20 15.33 -115.45
C THR F 72 -13.13 13.92 -114.95
N ASN F 73 -11.92 13.38 -114.72
CA ASN F 73 -11.88 12.09 -114.12
C ASN F 73 -12.43 12.29 -112.73
N LEU F 74 -13.11 11.27 -112.19
CA LEU F 74 -13.74 11.50 -110.92
C LEU F 74 -12.90 10.97 -109.80
N GLY F 75 -12.94 11.70 -108.67
CA GLY F 75 -12.30 11.30 -107.44
C GLY F 75 -13.40 10.65 -106.67
N GLN F 76 -13.41 10.71 -105.33
CA GLN F 76 -14.57 10.06 -104.83
C GLN F 76 -15.44 11.07 -104.21
N PRO F 77 -16.67 11.09 -104.68
CA PRO F 77 -17.63 12.08 -104.29
C PRO F 77 -17.63 12.26 -102.82
N HIS F 78 -16.92 13.30 -102.37
CA HIS F 78 -16.80 13.70 -101.00
C HIS F 78 -16.22 12.59 -100.17
N SER F 79 -15.69 11.51 -100.78
CA SER F 79 -15.20 10.41 -99.99
C SER F 79 -13.86 10.00 -100.50
N LEU F 80 -13.19 9.06 -99.78
CA LEU F 80 -11.86 8.61 -100.09
C LEU F 80 -11.90 7.34 -100.86
N ALA F 81 -10.86 7.12 -101.68
CA ALA F 81 -10.72 5.98 -102.56
C ALA F 81 -10.60 4.70 -101.77
N THR F 82 -9.80 4.68 -100.69
CA THR F 82 -9.66 3.43 -100.00
C THR F 82 -9.31 3.68 -98.56
N LYS F 83 -9.30 2.61 -97.75
CA LYS F 83 -8.98 2.69 -96.36
C LYS F 83 -7.49 2.64 -96.20
N THR F 84 -6.96 3.52 -95.32
CA THR F 84 -5.56 3.54 -95.04
C THR F 84 -5.42 3.65 -93.56
N THR F 85 -4.41 2.99 -92.99
CA THR F 85 -4.17 3.12 -91.60
C THR F 85 -2.76 3.64 -91.51
N GLY F 86 -2.53 4.65 -90.67
CA GLY F 86 -1.20 5.16 -90.61
C GLY F 86 -0.80 5.35 -89.19
N LYS F 87 0.44 4.96 -88.87
CA LYS F 87 0.91 5.09 -87.53
C LYS F 87 2.03 6.07 -87.58
N CYS F 88 1.94 7.12 -86.73
CA CYS F 88 3.01 8.06 -86.65
C CYS F 88 3.31 8.15 -85.20
N GLY F 89 4.51 7.73 -84.78
CA GLY F 89 4.79 7.72 -83.38
C GLY F 89 3.86 6.70 -82.81
N SER F 90 3.33 6.98 -81.61
CA SER F 90 2.41 6.11 -80.94
C SER F 90 1.03 6.31 -81.51
N VAL F 91 0.84 7.34 -82.37
CA VAL F 91 -0.47 7.66 -82.85
C VAL F 91 -0.78 6.88 -84.09
N THR F 92 -1.99 6.30 -84.14
CA THR F 92 -2.39 5.58 -85.31
C THR F 92 -3.72 6.14 -85.73
N VAL F 93 -3.90 6.41 -87.04
CA VAL F 93 -5.14 6.93 -87.50
C VAL F 93 -5.68 5.99 -88.53
N ARG F 94 -7.01 5.79 -88.55
CA ARG F 94 -7.56 4.90 -89.53
C ARG F 94 -8.64 5.62 -90.28
N LEU F 95 -8.60 5.51 -91.62
CA LEU F 95 -9.59 6.18 -92.44
C LEU F 95 -10.28 5.14 -93.26
N ILE F 96 -11.62 5.20 -93.34
CA ILE F 96 -12.36 4.25 -94.13
C ILE F 96 -13.37 5.05 -94.91
N PRO F 97 -13.57 4.71 -96.16
CA PRO F 97 -14.49 5.45 -96.99
C PRO F 97 -15.92 5.22 -96.66
N ALA F 98 -16.80 6.22 -96.91
CA ALA F 98 -18.19 6.04 -96.58
C ALA F 98 -19.02 6.60 -97.70
N PRO F 99 -20.26 6.16 -97.72
CA PRO F 99 -21.22 6.62 -98.69
C PRO F 99 -21.69 8.00 -98.33
N ARG F 100 -22.38 8.67 -99.26
CA ARG F 100 -22.85 10.01 -99.01
C ARG F 100 -23.95 9.97 -97.99
N GLY F 101 -23.98 10.98 -97.11
CA GLY F 101 -24.98 11.07 -96.09
C GLY F 101 -24.41 10.55 -94.79
N SER F 102 -23.23 9.93 -94.86
CA SER F 102 -22.59 9.39 -93.70
C SER F 102 -22.11 10.51 -92.81
N GLY F 103 -21.49 11.55 -93.40
CA GLY F 103 -20.98 12.66 -92.63
C GLY F 103 -19.54 12.39 -92.33
N ILE F 104 -18.85 13.37 -91.73
CA ILE F 104 -17.47 13.19 -91.40
C ILE F 104 -17.44 12.76 -89.97
N VAL F 105 -17.26 11.44 -89.75
CA VAL F 105 -17.27 10.91 -88.42
C VAL F 105 -15.85 10.78 -87.98
N ALA F 106 -15.40 11.71 -87.11
CA ALA F 106 -14.03 11.65 -86.67
C ALA F 106 -13.91 12.54 -85.48
N SER F 107 -12.78 12.42 -84.76
CA SER F 107 -12.51 13.27 -83.63
C SER F 107 -12.17 14.60 -84.21
N PRO F 108 -12.12 15.63 -83.41
CA PRO F 108 -11.89 16.94 -83.95
C PRO F 108 -10.64 17.11 -84.76
N ALA F 109 -9.46 16.69 -84.28
CA ALA F 109 -8.26 16.98 -85.02
C ALA F 109 -8.37 16.35 -86.38
N VAL F 110 -8.77 15.07 -86.42
CA VAL F 110 -8.85 14.41 -87.69
C VAL F 110 -9.88 15.11 -88.53
N LYS F 111 -11.03 15.44 -87.91
CA LYS F 111 -12.15 16.03 -88.61
C LYS F 111 -11.76 17.33 -89.25
N LYS F 112 -11.11 18.21 -88.48
CA LYS F 112 -10.84 19.53 -88.96
C LYS F 112 -10.03 19.43 -90.22
N LEU F 113 -9.08 18.47 -90.27
CA LEU F 113 -8.32 18.33 -91.49
C LEU F 113 -9.17 17.80 -92.59
N LEU F 114 -9.95 16.75 -92.32
CA LEU F 114 -10.70 16.13 -93.39
C LEU F 114 -11.70 17.08 -93.98
N GLN F 115 -12.30 17.97 -93.17
CA GLN F 115 -13.29 18.87 -93.71
C GLN F 115 -12.67 19.89 -94.65
N LEU F 116 -11.58 20.54 -94.24
CA LEU F 116 -10.93 21.50 -95.10
C LEU F 116 -10.41 20.73 -96.26
N ALA F 117 -10.11 19.44 -96.03
CA ALA F 117 -9.60 18.54 -97.03
C ALA F 117 -10.62 18.50 -98.13
N GLY F 118 -11.90 18.70 -97.77
CA GLY F 118 -12.92 18.66 -98.77
C GLY F 118 -13.65 17.36 -98.65
N VAL F 119 -13.20 16.49 -97.74
CA VAL F 119 -13.90 15.25 -97.58
C VAL F 119 -15.16 15.53 -96.84
N GLU F 120 -16.31 15.10 -97.39
CA GLU F 120 -17.60 15.19 -96.75
C GLU F 120 -18.00 13.96 -95.98
N ASP F 121 -17.57 12.74 -96.42
CA ASP F 121 -18.09 11.56 -95.79
C ASP F 121 -16.98 10.58 -95.54
N VAL F 122 -16.72 10.26 -94.25
CA VAL F 122 -15.71 9.28 -93.95
C VAL F 122 -15.97 8.70 -92.60
N TYR F 123 -15.39 7.51 -92.34
CA TYR F 123 -15.47 6.94 -91.03
C TYR F 123 -14.05 6.85 -90.58
N THR F 124 -13.76 7.30 -89.35
CA THR F 124 -12.39 7.30 -88.93
C THR F 124 -12.26 6.69 -87.57
N GLN F 125 -11.00 6.58 -87.12
CA GLN F 125 -10.73 6.02 -85.83
C GLN F 125 -9.34 6.43 -85.41
N SER F 126 -9.21 6.92 -84.17
CA SER F 126 -7.90 7.26 -83.69
C SER F 126 -7.52 6.23 -82.70
N ASN F 127 -6.33 5.63 -82.85
CA ASN F 127 -5.96 4.64 -81.89
C ASN F 127 -4.56 4.89 -81.48
N GLY F 128 -4.14 4.29 -80.34
CA GLY F 128 -2.81 4.48 -79.87
C GLY F 128 -2.76 5.82 -79.19
N LYS F 129 -1.57 6.45 -79.19
CA LYS F 129 -1.44 7.71 -78.54
C LYS F 129 -2.32 8.67 -79.26
N THR F 130 -3.07 9.50 -78.52
CA THR F 130 -3.94 10.40 -79.20
C THR F 130 -3.46 11.79 -78.98
N ARG F 131 -2.15 12.04 -79.05
CA ARG F 131 -1.81 13.42 -78.92
C ARG F 131 -2.23 14.01 -80.22
N THR F 132 -3.11 15.02 -80.18
CA THR F 132 -3.62 15.55 -81.41
C THR F 132 -2.47 16.07 -82.18
N LEU F 133 -1.65 16.87 -81.51
CA LEU F 133 -0.56 17.51 -82.15
C LEU F 133 0.48 16.54 -82.52
N GLU F 134 0.87 15.77 -81.49
CA GLU F 134 2.09 15.01 -81.48
C GLU F 134 2.11 14.25 -82.74
N ASN F 135 1.01 13.54 -83.02
CA ASN F 135 1.07 12.86 -84.27
C ASN F 135 -0.29 12.51 -84.77
N THR F 136 -1.39 12.86 -84.08
CA THR F 136 -2.61 12.44 -84.70
C THR F 136 -2.76 13.23 -85.95
N LEU F 137 -2.45 14.54 -85.88
CA LEU F 137 -2.59 15.36 -87.05
C LEU F 137 -1.59 14.92 -88.08
N LYS F 138 -0.32 14.73 -87.66
CA LYS F 138 0.71 14.39 -88.60
C LYS F 138 0.33 13.09 -89.22
N ALA F 139 -0.21 12.18 -88.40
CA ALA F 139 -0.60 10.87 -88.85
C ALA F 139 -1.66 11.01 -89.87
N ALA F 140 -2.63 11.93 -89.66
CA ALA F 140 -3.68 12.05 -90.64
C ALA F 140 -3.11 12.50 -91.94
N PHE F 141 -2.24 13.53 -91.90
CA PHE F 141 -1.66 14.13 -93.07
C PHE F 141 -0.95 13.07 -93.83
N VAL F 142 -0.16 12.23 -93.14
CA VAL F 142 0.56 11.21 -93.86
C VAL F 142 -0.42 10.27 -94.48
N ALA F 143 -1.53 9.96 -93.78
CA ALA F 143 -2.49 9.03 -94.31
C ALA F 143 -3.01 9.58 -95.60
N ILE F 144 -3.31 10.90 -95.65
CA ILE F 144 -3.88 11.44 -96.84
C ILE F 144 -2.89 11.36 -97.96
N GLY F 145 -1.62 11.66 -97.71
CA GLY F 145 -0.64 11.67 -98.75
C GLY F 145 -0.55 10.29 -99.36
N ASN F 146 -0.67 9.27 -98.51
CA ASN F 146 -0.51 7.89 -98.91
C ASN F 146 -1.57 7.47 -99.88
N THR F 147 -2.79 8.04 -99.80
CA THR F 147 -3.85 7.58 -100.65
C THR F 147 -3.46 7.67 -102.08
N TYR F 148 -3.83 6.65 -102.86
CA TYR F 148 -3.59 6.62 -104.27
C TYR F 148 -4.91 6.33 -104.92
N GLY F 149 -5.04 6.72 -106.19
CA GLY F 149 -6.26 6.47 -106.91
C GLY F 149 -6.77 7.81 -107.44
N ARG G 1 45.86 59.01 -53.20
CA ARG G 1 45.59 59.06 -51.75
C ARG G 1 44.58 60.12 -51.45
N TYR G 2 45.01 61.12 -50.67
CA TYR G 2 44.15 62.19 -50.27
C TYR G 2 43.76 62.92 -51.52
N ALA G 3 44.76 63.22 -52.38
CA ALA G 3 44.44 63.93 -53.59
C ALA G 3 45.72 64.09 -54.33
N ASN G 4 45.66 64.70 -55.53
CA ASN G 4 46.86 64.91 -56.28
C ASN G 4 47.63 65.98 -55.59
N LYS G 5 48.97 65.94 -55.75
CA LYS G 5 49.84 66.87 -55.09
C LYS G 5 49.57 68.23 -55.65
N ARG G 6 49.17 69.18 -54.79
CA ARG G 6 48.96 70.48 -55.34
C ARG G 6 50.25 71.21 -55.19
N PHE G 7 50.59 72.03 -56.19
CA PHE G 7 51.82 72.76 -56.12
C PHE G 7 51.59 73.92 -55.21
N ARG G 8 52.63 74.29 -54.43
CA ARG G 8 52.48 75.33 -53.47
C ARG G 8 53.24 76.52 -53.93
N LYS G 9 52.69 77.72 -53.66
CA LYS G 9 53.34 78.93 -54.05
C LYS G 9 54.54 79.08 -53.18
N ALA G 10 55.68 79.49 -53.78
CA ALA G 10 56.90 79.58 -53.04
C ALA G 10 56.80 80.69 -52.04
N GLN G 11 57.72 80.69 -51.05
CA GLN G 11 57.69 81.62 -49.97
C GLN G 11 58.00 83.01 -50.41
N CYS G 12 57.28 83.97 -49.81
CA CYS G 12 57.44 85.34 -50.14
C CYS G 12 58.82 85.83 -49.79
N PRO G 13 59.33 85.53 -48.61
CA PRO G 13 60.66 86.00 -48.30
C PRO G 13 61.78 85.34 -49.05
N ILE G 14 61.85 84.00 -49.00
CA ILE G 14 62.81 83.27 -49.77
C ILE G 14 61.89 82.45 -50.55
N ILE G 15 61.98 82.44 -51.88
CA ILE G 15 60.94 81.85 -52.66
C ILE G 15 61.17 80.37 -52.70
N GLU G 16 61.04 79.73 -51.52
CA GLU G 16 61.23 78.31 -51.42
C GLU G 16 59.92 77.71 -51.10
N ARG G 17 59.52 76.72 -51.92
CA ARG G 17 58.28 76.03 -51.79
C ARG G 17 58.26 75.24 -50.51
N LEU G 18 59.40 74.61 -50.18
CA LEU G 18 59.47 73.74 -49.05
C LEU G 18 59.13 74.52 -47.82
N THR G 19 59.51 75.80 -47.80
CA THR G 19 59.26 76.63 -46.66
C THR G 19 57.78 76.78 -46.46
N ASN G 20 57.03 77.03 -47.55
CA ASN G 20 55.62 77.26 -47.43
C ASN G 20 55.00 76.05 -46.82
N SER G 21 55.47 74.87 -47.24
CA SER G 21 54.92 73.64 -46.75
C SER G 21 55.06 73.62 -45.26
N LEU G 22 56.26 74.00 -44.77
CA LEU G 22 56.57 73.99 -43.36
C LEU G 22 55.61 74.90 -42.68
N MET G 23 55.35 76.07 -43.29
CA MET G 23 54.49 77.06 -42.72
C MET G 23 53.11 76.51 -42.61
N MET G 24 52.68 75.73 -43.62
CA MET G 24 51.35 75.18 -43.59
C MET G 24 51.25 74.26 -42.42
N ASN G 25 52.32 73.51 -42.13
CA ASN G 25 52.32 72.57 -41.05
C ASN G 25 52.11 73.29 -39.76
N GLY G 26 52.72 74.48 -39.61
CA GLY G 26 52.58 75.25 -38.40
C GLY G 26 51.18 75.77 -38.26
N ARG G 27 50.59 76.27 -39.38
CA ARG G 27 49.34 76.95 -39.29
C ARG G 27 48.23 76.04 -38.89
N ASN G 28 47.23 76.61 -38.18
CA ASN G 28 46.04 75.88 -37.85
C ASN G 28 44.93 76.88 -37.80
N ASN G 29 43.70 76.45 -38.16
CA ASN G 29 42.58 77.36 -38.20
C ASN G 29 42.78 78.35 -39.29
N GLY G 30 43.68 78.03 -40.25
CA GLY G 30 43.85 78.87 -41.39
C GLY G 30 44.44 80.19 -40.98
N LYS G 31 45.06 80.28 -39.79
CA LYS G 31 45.66 81.53 -39.42
C LYS G 31 47.01 81.52 -40.09
N LYS G 32 47.01 81.78 -41.42
CA LYS G 32 48.16 81.70 -42.25
C LYS G 32 49.15 82.73 -41.79
N LEU G 33 48.65 83.91 -41.38
CA LEU G 33 49.50 85.00 -41.00
C LEU G 33 50.31 84.67 -39.78
N LYS G 34 49.67 84.17 -38.72
CA LYS G 34 50.41 83.90 -37.52
C LYS G 34 51.44 82.88 -37.86
N ALA G 35 51.05 81.90 -38.70
CA ALA G 35 51.92 80.84 -39.05
C ALA G 35 53.13 81.37 -39.75
N VAL G 36 52.96 82.31 -40.70
CA VAL G 36 54.13 82.77 -41.41
C VAL G 36 55.02 83.49 -40.45
N ARG G 37 54.44 84.31 -39.55
CA ARG G 37 55.22 85.09 -38.65
C ARG G 37 56.08 84.22 -37.80
N ILE G 38 55.51 83.14 -37.22
CA ILE G 38 56.26 82.33 -36.31
C ILE G 38 57.48 81.82 -37.02
N ILE G 39 57.32 81.33 -38.27
CA ILE G 39 58.45 80.81 -38.98
C ILE G 39 59.46 81.88 -39.27
N LYS G 40 59.02 83.10 -39.62
CA LYS G 40 59.96 84.14 -39.96
C LYS G 40 60.72 84.54 -38.74
N HIS G 41 60.00 84.70 -37.61
CA HIS G 41 60.65 85.14 -36.42
C HIS G 41 61.65 84.11 -36.03
N THR G 42 61.34 82.82 -36.24
CA THR G 42 62.28 81.80 -35.87
C THR G 42 63.51 82.00 -36.69
N LEU G 43 63.36 82.31 -38.00
CA LEU G 43 64.49 82.45 -38.87
C LEU G 43 65.37 83.53 -38.35
N ASP G 44 64.79 84.59 -37.78
CA ASP G 44 65.55 85.67 -37.22
C ASP G 44 66.30 85.16 -36.03
N ILE G 45 65.67 84.23 -35.28
CA ILE G 45 66.25 83.62 -34.11
C ILE G 45 67.43 82.81 -34.52
N ILE G 46 67.33 82.14 -35.67
CA ILE G 46 68.38 81.32 -36.20
C ILE G 46 69.53 82.19 -36.57
N ASN G 47 69.26 83.43 -37.03
CA ASN G 47 70.30 84.34 -37.43
C ASN G 47 71.12 84.79 -36.26
N VAL G 48 70.47 85.24 -35.17
CA VAL G 48 71.24 85.74 -34.07
C VAL G 48 72.03 84.66 -33.38
N LEU G 49 71.34 83.62 -32.88
CA LEU G 49 71.99 82.60 -32.12
C LEU G 49 72.99 81.92 -32.97
N THR G 50 72.68 81.72 -34.27
CA THR G 50 73.61 81.01 -35.09
C THR G 50 73.97 81.87 -36.25
N ASP G 51 75.28 81.88 -36.57
CA ASP G 51 75.88 82.70 -37.58
C ASP G 51 75.32 82.35 -38.92
N GLN G 52 74.88 81.09 -39.09
CA GLN G 52 74.44 80.60 -40.39
C GLN G 52 73.13 81.20 -40.79
N ASN G 53 72.88 81.20 -42.12
CA ASN G 53 71.65 81.71 -42.67
C ASN G 53 70.59 80.69 -42.41
N PRO G 54 69.46 81.16 -41.96
CA PRO G 54 68.36 80.33 -41.57
C PRO G 54 67.94 79.34 -42.61
N ILE G 55 67.89 79.75 -43.89
CA ILE G 55 67.35 78.89 -44.90
C ILE G 55 68.16 77.62 -44.94
N GLN G 56 69.48 77.74 -44.80
CA GLN G 56 70.34 76.59 -44.84
C GLN G 56 70.09 75.73 -43.64
N VAL G 57 69.88 76.35 -42.46
CA VAL G 57 69.73 75.59 -41.25
C VAL G 57 68.49 74.75 -41.35
N VAL G 58 67.39 75.34 -41.86
CA VAL G 58 66.17 74.61 -41.93
C VAL G 58 66.30 73.42 -42.83
N VAL G 59 66.83 73.62 -44.06
CA VAL G 59 66.90 72.54 -45.00
C VAL G 59 67.69 71.43 -44.40
N ASP G 60 68.79 71.76 -43.71
CA ASP G 60 69.59 70.69 -43.19
C ASP G 60 68.78 69.95 -42.17
N ALA G 61 67.91 70.66 -41.42
CA ALA G 61 67.17 69.99 -40.39
C ALA G 61 66.29 68.95 -41.01
N ILE G 62 65.56 69.33 -42.08
CA ILE G 62 64.62 68.42 -42.67
C ILE G 62 65.36 67.20 -43.10
N THR G 63 66.60 67.36 -43.62
CA THR G 63 67.29 66.20 -44.11
C THR G 63 67.50 65.21 -43.01
N ASN G 64 67.90 65.68 -41.81
CA ASN G 64 68.18 64.79 -40.71
C ASN G 64 66.94 64.08 -40.28
N THR G 65 65.78 64.77 -40.37
CA THR G 65 64.49 64.30 -39.93
C THR G 65 63.85 63.30 -40.86
N GLY G 66 64.19 63.28 -42.16
CA GLY G 66 63.51 62.38 -43.06
C GLY G 66 63.92 60.95 -42.84
N PRO G 67 62.95 60.09 -42.60
CA PRO G 67 63.24 58.69 -42.44
C PRO G 67 63.46 58.04 -43.77
N ARG G 68 64.53 57.24 -43.91
CA ARG G 68 64.81 56.49 -45.11
C ARG G 68 63.96 55.27 -45.18
N GLU G 69 63.73 54.60 -44.02
CA GLU G 69 62.96 53.39 -44.01
C GLU G 69 62.01 53.46 -42.88
N ASP G 70 60.81 52.88 -43.07
CA ASP G 70 59.78 52.87 -42.07
C ASP G 70 59.22 51.49 -42.06
N THR G 71 58.58 51.09 -40.94
CA THR G 71 58.01 49.78 -40.87
C THR G 71 56.52 49.89 -41.02
N THR G 72 55.94 49.05 -41.89
CA THR G 72 54.53 49.05 -42.09
C THR G 72 54.05 47.67 -41.74
N ARG G 73 52.88 47.57 -41.07
CA ARG G 73 52.39 46.29 -40.67
C ARG G 73 51.81 45.61 -41.87
N VAL G 74 51.74 44.26 -41.82
CA VAL G 74 51.15 43.49 -42.88
C VAL G 74 50.75 42.20 -42.26
N GLY G 75 49.73 41.52 -42.82
CA GLY G 75 49.31 40.31 -42.21
C GLY G 75 49.92 39.17 -42.97
N GLY G 76 50.75 38.38 -42.27
CA GLY G 76 51.33 37.22 -42.87
C GLY G 76 50.44 36.12 -42.43
N GLY G 77 50.85 34.86 -42.67
CA GLY G 77 49.99 33.77 -42.32
C GLY G 77 49.75 33.84 -40.85
N GLY G 78 50.81 34.11 -40.06
CA GLY G 78 50.56 34.18 -38.66
C GLY G 78 50.99 35.52 -38.20
N ALA G 79 50.13 36.20 -37.43
CA ALA G 79 50.46 37.48 -36.86
C ALA G 79 50.69 38.47 -37.96
N ALA G 80 50.68 39.77 -37.60
CA ALA G 80 50.95 40.74 -38.61
C ALA G 80 52.37 41.18 -38.43
N ARG G 81 53.24 40.77 -39.38
CA ARG G 81 54.62 41.12 -39.28
C ARG G 81 54.77 42.54 -39.70
N ARG G 82 55.78 43.25 -39.16
CA ARG G 82 55.95 44.61 -39.58
C ARG G 82 57.03 44.64 -40.62
N GLN G 83 56.61 44.77 -41.88
CA GLN G 83 57.54 44.80 -42.98
C GLN G 83 58.19 46.14 -43.08
N ALA G 84 59.53 46.14 -43.21
CA ALA G 84 60.27 47.36 -43.35
C ALA G 84 60.22 47.73 -44.79
N VAL G 85 60.18 49.05 -45.09
CA VAL G 85 60.10 49.43 -46.47
C VAL G 85 60.66 50.81 -46.62
N ASP G 86 60.98 51.18 -47.88
CA ASP G 86 61.53 52.48 -48.17
C ASP G 86 60.42 53.45 -48.00
N VAL G 87 60.76 54.75 -48.06
CA VAL G 87 59.71 55.71 -47.92
C VAL G 87 59.77 56.57 -49.15
N SER G 88 58.61 56.98 -49.68
CA SER G 88 58.61 57.78 -50.87
C SER G 88 59.30 59.06 -50.58
N PRO G 89 59.86 59.68 -51.57
CA PRO G 89 60.51 60.93 -51.37
C PRO G 89 59.51 61.95 -50.96
N LEU G 90 58.27 61.84 -51.49
CA LEU G 90 57.24 62.77 -51.13
C LEU G 90 56.87 62.55 -49.70
N ARG G 91 56.75 61.27 -49.30
CA ARG G 91 56.34 60.88 -47.99
C ARG G 91 57.32 61.35 -46.97
N ARG G 92 58.62 61.26 -47.31
CA ARG G 92 59.62 61.61 -46.33
C ARG G 92 59.50 63.05 -45.96
N VAL G 93 59.24 63.94 -46.93
CA VAL G 93 59.15 65.32 -46.57
C VAL G 93 58.00 65.54 -45.64
N ASN G 94 56.81 64.98 -45.96
CA ASN G 94 55.67 65.30 -45.15
C ASN G 94 55.93 64.84 -43.75
N GLN G 95 56.59 63.68 -43.58
CA GLN G 95 56.87 63.19 -42.26
C GLN G 95 57.85 64.09 -41.57
N ALA G 96 58.90 64.54 -42.28
CA ALA G 96 59.91 65.33 -41.65
C ALA G 96 59.34 66.61 -41.14
N ILE G 97 58.58 67.33 -42.00
CA ILE G 97 58.05 68.60 -41.63
C ILE G 97 57.11 68.42 -40.49
N ALA G 98 56.24 67.39 -40.58
CA ALA G 98 55.26 67.19 -39.56
C ALA G 98 55.95 66.91 -38.26
N LEU G 99 56.98 66.05 -38.29
CA LEU G 99 57.63 65.70 -37.06
C LEU G 99 58.31 66.90 -36.46
N LEU G 100 58.89 67.79 -37.28
CA LEU G 100 59.54 68.93 -36.69
C LEU G 100 58.55 69.75 -35.93
N THR G 101 57.41 70.10 -36.55
CA THR G 101 56.46 70.97 -35.90
C THR G 101 55.98 70.31 -34.64
N ILE G 102 55.75 68.99 -34.68
CA ILE G 102 55.23 68.34 -33.50
C ILE G 102 56.23 68.40 -32.39
N GLY G 103 57.51 68.06 -32.66
CA GLY G 103 58.52 68.06 -31.64
C GLY G 103 58.72 69.46 -31.16
N ALA G 104 58.62 70.43 -32.08
CA ALA G 104 58.84 71.81 -31.73
C ALA G 104 57.81 72.20 -30.71
N ARG G 105 56.56 71.76 -30.91
CA ARG G 105 55.47 72.05 -30.02
C ARG G 105 55.76 71.37 -28.72
N GLU G 106 56.50 70.26 -28.80
CA GLU G 106 56.86 69.43 -27.69
C GLU G 106 57.76 70.17 -26.74
N ALA G 107 58.63 71.06 -27.24
CA ALA G 107 59.59 71.73 -26.41
C ALA G 107 58.92 72.48 -25.31
N ALA G 108 59.59 72.47 -24.13
CA ALA G 108 59.13 73.15 -22.95
C ALA G 108 59.23 74.63 -23.13
N PHE G 109 60.33 75.10 -23.74
CA PHE G 109 60.59 76.51 -23.87
C PHE G 109 59.41 77.15 -24.50
N ARG G 110 58.80 78.11 -23.80
CA ARG G 110 57.72 78.79 -24.43
C ARG G 110 58.28 80.13 -24.75
N ASN G 111 58.80 80.30 -25.97
CA ASN G 111 59.41 81.58 -26.20
C ASN G 111 58.82 82.24 -27.37
N ILE G 112 58.81 83.59 -27.27
CA ILE G 112 58.14 84.52 -28.14
C ILE G 112 56.72 84.42 -27.69
N LYS G 113 55.88 85.41 -28.03
CA LYS G 113 54.52 85.40 -27.59
C LYS G 113 53.97 84.10 -28.02
N THR G 114 54.42 83.61 -29.19
CA THR G 114 53.99 82.33 -29.63
C THR G 114 55.07 81.33 -29.40
N ILE G 115 54.99 80.30 -30.24
CA ILE G 115 55.73 79.11 -30.51
C ILE G 115 57.06 79.40 -31.16
N ALA G 116 57.26 80.61 -31.71
CA ALA G 116 58.37 80.92 -32.59
C ALA G 116 59.71 80.45 -32.07
N GLU G 117 60.02 80.55 -30.77
CA GLU G 117 61.32 80.07 -30.38
C GLU G 117 61.42 78.58 -30.51
N THR G 118 60.35 77.84 -30.15
CA THR G 118 60.44 76.41 -30.14
C THR G 118 60.79 75.95 -31.52
N LEU G 119 60.23 76.62 -32.55
CA LEU G 119 60.58 76.26 -33.89
C LEU G 119 62.02 76.57 -34.12
N ALA G 120 62.49 77.75 -33.66
CA ALA G 120 63.85 78.13 -33.94
C ALA G 120 64.79 77.15 -33.33
N GLU G 121 64.59 76.80 -32.04
CA GLU G 121 65.45 75.91 -31.33
C GLU G 121 65.37 74.52 -31.92
N GLU G 122 64.15 74.10 -32.30
CA GLU G 122 63.95 72.78 -32.80
C GLU G 122 64.75 72.58 -34.04
N LEU G 123 64.70 73.57 -34.96
CA LEU G 123 65.37 73.41 -36.21
C LEU G 123 66.84 73.26 -35.99
N ILE G 124 67.44 74.10 -35.12
CA ILE G 124 68.86 74.02 -34.93
C ILE G 124 69.19 72.68 -34.36
N ASN G 125 68.40 72.23 -33.37
CA ASN G 125 68.64 70.99 -32.69
C ASN G 125 68.62 69.87 -33.68
N ALA G 126 67.81 70.00 -34.74
CA ALA G 126 67.64 69.06 -35.83
C ALA G 126 68.83 68.94 -36.77
N ALA G 127 69.60 70.03 -36.98
CA ALA G 127 70.54 70.27 -38.08
C ALA G 127 71.57 69.21 -38.39
N LYS G 128 71.96 68.33 -37.45
CA LYS G 128 73.04 67.39 -37.62
C LYS G 128 74.31 68.15 -37.44
N GLY G 129 74.24 69.49 -37.62
CA GLY G 129 75.27 70.30 -37.09
C GLY G 129 74.96 69.97 -35.68
N SER G 130 73.61 69.95 -35.43
CA SER G 130 73.16 69.39 -34.21
C SER G 130 72.10 68.48 -34.65
N SER G 131 72.30 67.15 -34.62
CA SER G 131 71.28 66.23 -35.03
C SER G 131 70.74 65.59 -33.80
N THR G 132 70.03 66.40 -32.99
CA THR G 132 69.44 65.96 -31.77
C THR G 132 68.07 66.51 -31.82
N SER G 133 67.33 66.38 -30.69
CA SER G 133 66.02 66.93 -30.53
C SER G 133 65.01 65.86 -30.78
N TYR G 134 63.76 66.15 -30.38
CA TYR G 134 62.68 65.20 -30.43
C TYR G 134 62.42 64.81 -31.84
N ALA G 135 62.55 65.73 -32.80
CA ALA G 135 62.22 65.39 -34.15
C ALA G 135 63.09 64.27 -34.66
N ILE G 136 64.41 64.41 -34.46
CA ILE G 136 65.38 63.46 -34.93
C ILE G 136 65.15 62.16 -34.24
N LYS G 137 64.72 62.20 -32.97
CA LYS G 137 64.53 60.97 -32.25
C LYS G 137 63.57 60.10 -32.98
N LYS G 138 62.40 60.66 -33.37
CA LYS G 138 61.38 59.86 -34.00
C LYS G 138 61.98 59.28 -35.25
N LYS G 139 62.71 60.10 -36.01
CA LYS G 139 63.26 59.67 -37.25
C LYS G 139 64.19 58.51 -37.02
N ASP G 140 65.08 58.62 -36.02
CA ASP G 140 66.04 57.59 -35.75
C ASP G 140 65.33 56.37 -35.27
N GLU G 141 64.27 56.56 -34.49
CA GLU G 141 63.58 55.44 -33.93
C GLU G 141 62.93 54.63 -35.00
N LEU G 142 62.31 55.28 -36.01
CA LEU G 142 61.65 54.52 -37.04
C LEU G 142 62.65 53.70 -37.79
N GLU G 143 63.78 54.29 -38.17
CA GLU G 143 64.76 53.59 -38.95
C GLU G 143 65.25 52.43 -38.16
N ARG G 144 65.42 52.63 -36.85
CA ARG G 144 65.91 51.58 -36.03
C ARG G 144 64.92 50.46 -36.05
N VAL G 145 63.61 50.79 -35.97
CA VAL G 145 62.60 49.76 -35.95
C VAL G 145 62.73 48.98 -37.22
N ALA G 146 62.90 49.68 -38.36
CA ALA G 146 63.09 48.99 -39.59
C ALA G 146 64.47 48.44 -39.50
N LYS G 147 64.75 47.39 -40.29
CA LYS G 147 66.03 46.75 -40.30
C LYS G 147 66.22 46.00 -39.02
N SER G 148 65.35 46.23 -38.01
CA SER G 148 65.33 45.39 -36.86
C SER G 148 64.62 44.17 -37.32
N ASN G 149 63.51 44.41 -38.05
CA ASN G 149 62.75 43.33 -38.60
C ASN G 149 63.12 43.29 -40.04
N ARG G 150 64.43 43.18 -40.33
CA ARG G 150 64.87 43.14 -41.69
C ARG G 150 64.37 41.82 -42.29
N SER H 3 14.06 -9.68 -86.92
CA SER H 3 12.61 -9.43 -86.84
C SER H 3 11.92 -9.95 -88.06
N SER H 4 11.35 -9.03 -88.86
CA SER H 4 10.67 -9.44 -90.05
C SER H 4 11.43 -8.86 -91.20
N VAL H 5 11.60 -9.68 -92.25
CA VAL H 5 12.33 -9.26 -93.41
C VAL H 5 11.58 -8.14 -94.07
N LEU H 6 10.25 -8.28 -94.18
CA LEU H 6 9.47 -7.28 -94.85
C LEU H 6 9.51 -6.01 -94.07
N ALA H 7 9.43 -6.10 -92.73
CA ALA H 7 9.43 -4.92 -91.92
C ALA H 7 10.73 -4.23 -92.10
N ASP H 8 11.83 -5.02 -92.19
CA ASP H 8 13.13 -4.46 -92.28
C ASP H 8 13.21 -3.63 -93.52
N ALA H 9 12.65 -4.14 -94.63
CA ALA H 9 12.72 -3.42 -95.88
C ALA H 9 11.98 -2.12 -95.80
N LEU H 10 10.77 -2.13 -95.22
CA LEU H 10 9.97 -0.94 -95.19
C LEU H 10 10.69 0.10 -94.38
N ASN H 11 11.31 -0.35 -93.28
CA ASN H 11 12.00 0.51 -92.35
C ASN H 11 13.19 1.11 -93.04
N ALA H 12 13.94 0.30 -93.80
CA ALA H 12 15.15 0.79 -94.42
C ALA H 12 14.75 1.89 -95.36
N ILE H 13 13.66 1.67 -96.12
CA ILE H 13 13.27 2.70 -97.04
C ILE H 13 12.80 3.90 -96.28
N ASN H 14 12.04 3.69 -95.21
CA ASN H 14 11.53 4.81 -94.46
C ASN H 14 12.68 5.61 -93.94
N ASN H 15 13.69 4.92 -93.37
CA ASN H 15 14.80 5.62 -92.78
C ASN H 15 15.58 6.35 -93.81
N ALA H 16 15.87 5.70 -94.96
CA ALA H 16 16.69 6.28 -95.99
C ALA H 16 16.04 7.49 -96.57
N GLU H 17 14.71 7.45 -96.78
CA GLU H 17 14.03 8.56 -97.39
C GLU H 17 14.15 9.76 -96.52
N LYS H 18 14.12 9.56 -95.20
CA LYS H 18 14.14 10.68 -94.32
C LYS H 18 15.41 11.43 -94.56
N THR H 19 16.54 10.70 -94.74
CA THR H 19 17.80 11.31 -95.02
C THR H 19 17.77 11.84 -96.42
N GLY H 20 16.97 11.21 -97.31
CA GLY H 20 16.89 11.69 -98.66
C GLY H 20 17.94 11.02 -99.48
N LYS H 21 18.29 9.76 -99.15
CA LYS H 21 19.25 9.08 -99.97
C LYS H 21 18.57 8.75 -101.26
N ARG H 22 19.26 8.96 -102.39
CA ARG H 22 18.67 8.69 -103.66
C ARG H 22 18.50 7.21 -103.84
N GLN H 23 19.54 6.44 -103.46
CA GLN H 23 19.58 5.02 -103.60
C GLN H 23 19.52 4.46 -102.22
N VAL H 24 19.18 3.16 -102.09
CA VAL H 24 19.26 2.54 -100.79
C VAL H 24 19.32 1.07 -101.02
N LEU H 25 20.27 0.38 -100.37
CA LEU H 25 20.16 -1.03 -100.51
C LEU H 25 18.99 -1.28 -99.63
N ILE H 26 17.82 -1.54 -100.24
CA ILE H 26 16.66 -1.72 -99.43
C ILE H 26 16.96 -2.86 -98.55
N ARG H 27 17.53 -3.94 -99.14
CA ARG H 27 17.84 -4.99 -98.24
C ARG H 27 18.30 -6.13 -99.07
N PRO H 28 18.68 -7.19 -98.39
CA PRO H 28 19.03 -8.34 -99.15
C PRO H 28 17.81 -8.80 -99.86
N SER H 29 17.99 -9.34 -101.07
CA SER H 29 16.87 -9.69 -101.88
C SER H 29 16.27 -10.97 -101.42
N SER H 30 14.95 -11.08 -101.65
CA SER H 30 14.19 -12.26 -101.41
C SER H 30 13.10 -12.23 -102.43
N LYS H 31 12.54 -13.40 -102.77
CA LYS H 31 11.51 -13.44 -103.78
C LYS H 31 10.38 -12.58 -103.34
N VAL H 32 9.97 -12.70 -102.06
CA VAL H 32 8.84 -11.97 -101.59
C VAL H 32 9.12 -10.48 -101.62
N ILE H 33 10.33 -10.07 -101.19
CA ILE H 33 10.63 -8.66 -101.08
C ILE H 33 10.56 -8.04 -102.43
N ILE H 34 11.09 -8.71 -103.47
CA ILE H 34 11.09 -8.13 -104.77
C ILE H 34 9.67 -7.98 -105.22
N LYS H 35 8.82 -8.97 -104.88
CA LYS H 35 7.44 -8.95 -105.30
C LYS H 35 6.80 -7.69 -104.77
N PHE H 36 7.12 -7.31 -103.53
CA PHE H 36 6.57 -6.13 -102.90
C PHE H 36 7.02 -4.90 -103.63
N LEU H 37 8.33 -4.83 -103.96
CA LEU H 37 8.89 -3.66 -104.56
C LEU H 37 8.21 -3.44 -105.88
N GLN H 38 7.79 -4.52 -106.57
CA GLN H 38 7.23 -4.30 -107.86
C GLN H 38 5.99 -3.46 -107.73
N VAL H 39 5.16 -3.69 -106.70
CA VAL H 39 3.97 -2.88 -106.54
C VAL H 39 4.37 -1.48 -106.23
N MET H 40 5.44 -1.31 -105.41
CA MET H 40 5.86 -0.01 -104.97
C MET H 40 6.16 0.78 -106.19
N GLN H 41 6.78 0.15 -107.20
CA GLN H 41 7.11 0.79 -108.44
C GLN H 41 5.87 1.19 -109.18
N LYS H 42 4.94 0.23 -109.37
CA LYS H 42 3.79 0.48 -110.19
C LYS H 42 2.97 1.57 -109.61
N HIS H 43 2.80 1.56 -108.27
CA HIS H 43 2.01 2.56 -107.62
C HIS H 43 2.69 3.88 -107.74
N GLY H 44 4.02 3.88 -108.01
CA GLY H 44 4.68 5.13 -108.28
C GLY H 44 5.37 5.63 -107.05
N TYR H 45 5.39 4.83 -105.98
CA TYR H 45 6.06 5.23 -104.77
C TYR H 45 7.55 5.29 -104.94
N ILE H 46 8.13 4.35 -105.70
CA ILE H 46 9.57 4.37 -105.83
C ILE H 46 9.92 4.43 -107.28
N GLY H 47 11.08 5.04 -107.59
CA GLY H 47 11.48 5.19 -108.95
C GLY H 47 11.60 3.83 -109.54
N GLU H 48 12.14 2.87 -108.75
CA GLU H 48 12.27 1.52 -109.21
C GLU H 48 13.25 0.87 -108.29
N PHE H 49 13.53 -0.42 -108.55
CA PHE H 49 14.51 -1.12 -107.78
C PHE H 49 15.32 -1.95 -108.73
N GLU H 50 16.47 -2.46 -108.27
CA GLU H 50 17.31 -3.24 -109.15
C GLU H 50 18.05 -4.25 -108.34
N TYR H 51 18.42 -5.38 -108.97
CA TYR H 51 19.20 -6.40 -108.31
C TYR H 51 20.61 -5.87 -108.25
N ILE H 52 21.29 -6.04 -107.10
CA ILE H 52 22.66 -5.62 -107.00
C ILE H 52 23.41 -6.66 -106.23
N ASP H 53 24.74 -6.73 -106.46
CA ASP H 53 25.56 -7.70 -105.79
C ASP H 53 26.40 -7.00 -104.78
N ASP H 54 26.17 -7.29 -103.49
CA ASP H 54 27.03 -6.70 -102.50
C ASP H 54 27.73 -7.80 -101.76
N HIS H 55 29.06 -7.86 -101.91
CA HIS H 55 29.87 -8.85 -101.27
C HIS H 55 29.39 -10.21 -101.66
N ARG H 56 29.04 -10.38 -102.94
CA ARG H 56 28.60 -11.64 -103.47
C ARG H 56 27.26 -12.00 -102.90
N SER H 57 26.57 -11.04 -102.26
CA SER H 57 25.26 -11.34 -101.75
C SER H 57 24.30 -10.50 -102.52
N GLY H 58 23.13 -11.09 -102.86
CA GLY H 58 22.15 -10.37 -103.62
C GLY H 58 21.46 -9.36 -102.75
N LYS H 59 21.24 -8.15 -103.31
CA LYS H 59 20.55 -7.12 -102.59
C LYS H 59 19.67 -6.41 -103.57
N ILE H 60 18.73 -5.60 -103.05
CA ILE H 60 17.85 -4.89 -103.93
C ILE H 60 18.10 -3.43 -103.71
N VAL H 61 18.54 -2.72 -104.76
CA VAL H 61 18.70 -1.31 -104.58
C VAL H 61 17.36 -0.71 -104.81
N VAL H 62 16.97 0.25 -103.96
CA VAL H 62 15.69 0.85 -104.16
C VAL H 62 15.88 2.29 -104.47
N GLN H 63 15.33 2.76 -105.61
CA GLN H 63 15.43 4.14 -106.01
C GLN H 63 14.36 4.88 -105.26
N LEU H 64 14.78 5.88 -104.46
CA LEU H 64 13.92 6.60 -103.55
C LEU H 64 12.85 7.51 -104.07
N ASN H 65 13.02 8.32 -105.13
CA ASN H 65 11.96 9.19 -105.59
C ASN H 65 11.38 10.13 -104.56
N GLY H 66 11.75 11.43 -104.64
CA GLY H 66 11.22 12.44 -103.77
C GLY H 66 10.64 13.55 -104.60
N ARG H 67 9.97 14.51 -103.92
CA ARG H 67 9.36 15.61 -104.62
C ARG H 67 9.84 16.86 -103.95
N LEU H 68 9.61 18.01 -104.60
CA LEU H 68 10.01 19.30 -104.11
C LEU H 68 9.23 19.73 -102.91
N ASN H 69 7.90 19.49 -102.91
CA ASN H 69 7.04 20.14 -101.96
C ASN H 69 7.39 19.90 -100.52
N LYS H 70 7.44 18.64 -100.06
CA LYS H 70 7.68 18.51 -98.65
C LYS H 70 8.11 17.11 -98.33
N CYS H 71 7.49 16.50 -97.30
CA CYS H 71 7.87 15.19 -96.88
C CYS H 71 7.74 14.26 -98.05
N GLY H 72 8.55 13.18 -98.02
CA GLY H 72 8.70 12.22 -99.08
C GLY H 72 7.39 11.89 -99.73
N VAL H 73 7.52 11.36 -100.95
CA VAL H 73 6.41 10.93 -101.77
C VAL H 73 5.77 9.83 -101.02
N ILE H 74 6.59 9.04 -100.31
CA ILE H 74 6.08 7.99 -99.49
C ILE H 74 6.13 8.50 -98.10
N SER H 75 5.13 9.33 -97.73
CA SER H 75 5.19 9.85 -96.40
C SER H 75 4.92 8.72 -95.45
N PRO H 76 3.91 7.93 -95.70
CA PRO H 76 3.69 6.82 -94.81
C PRO H 76 4.22 5.53 -95.34
N ARG H 77 4.39 4.56 -94.43
CA ARG H 77 4.69 3.19 -94.74
C ARG H 77 4.81 2.52 -93.41
N PHE H 78 3.77 1.76 -93.01
CA PHE H 78 3.81 1.19 -91.71
C PHE H 78 3.45 -0.26 -91.81
N ASN H 79 4.16 -1.12 -91.07
CA ASN H 79 3.88 -2.53 -91.10
C ASN H 79 2.62 -2.75 -90.33
N VAL H 80 1.85 -3.79 -90.71
CA VAL H 80 0.62 -4.05 -90.04
C VAL H 80 0.74 -5.42 -89.47
N LYS H 81 0.58 -6.46 -90.31
CA LYS H 81 0.78 -7.78 -89.77
C LYS H 81 2.20 -7.80 -89.30
N ILE H 82 2.41 -8.34 -88.09
CA ILE H 82 3.72 -8.45 -87.54
C ILE H 82 3.85 -9.84 -86.99
N GLY H 83 5.09 -10.24 -86.66
CA GLY H 83 5.35 -11.59 -86.26
C GLY H 83 4.55 -11.94 -85.06
N ASP H 84 4.48 -11.07 -84.03
CA ASP H 84 3.77 -11.49 -82.86
C ASP H 84 2.34 -11.74 -83.24
N ILE H 85 1.70 -10.79 -83.95
CA ILE H 85 0.34 -11.03 -84.34
C ILE H 85 0.20 -10.85 -85.81
N GLU H 86 -0.24 -11.92 -86.48
CA GLU H 86 -0.44 -11.91 -87.90
C GLU H 86 -1.73 -11.21 -88.13
N LYS H 87 -1.89 -10.54 -89.29
CA LYS H 87 -3.13 -9.88 -89.54
C LYS H 87 -3.65 -10.36 -90.85
N TRP H 88 -4.83 -11.03 -90.83
CA TRP H 88 -5.44 -11.54 -92.03
C TRP H 88 -6.73 -10.80 -92.17
N THR H 89 -7.12 -10.48 -93.43
CA THR H 89 -8.38 -9.80 -93.58
C THR H 89 -9.12 -10.40 -94.71
N ALA H 90 -10.46 -10.46 -94.57
CA ALA H 90 -11.33 -10.97 -95.58
C ALA H 90 -11.41 -9.95 -96.66
N ASN H 91 -11.96 -10.35 -97.82
CA ASN H 91 -12.09 -9.47 -98.93
C ASN H 91 -12.97 -8.35 -98.47
N LEU H 92 -13.86 -8.68 -97.50
CA LEU H 92 -14.82 -7.77 -96.95
C LEU H 92 -14.14 -6.61 -96.27
N LEU H 93 -13.05 -6.86 -95.50
CA LEU H 93 -12.49 -5.71 -94.83
C LEU H 93 -11.11 -5.41 -95.33
N PRO H 94 -10.94 -5.30 -96.61
CA PRO H 94 -9.65 -5.01 -97.16
C PRO H 94 -9.13 -3.74 -96.56
N ALA H 95 -10.00 -2.73 -96.36
CA ALA H 95 -9.67 -1.44 -95.82
C ALA H 95 -9.48 -0.50 -96.97
N ARG H 96 -9.76 0.80 -96.74
CA ARG H 96 -9.66 1.75 -97.79
C ARG H 96 -9.04 3.00 -97.25
N GLN H 97 -8.25 3.71 -98.08
CA GLN H 97 -7.65 4.96 -97.71
C GLN H 97 -7.11 5.59 -98.96
N PHE H 98 -6.70 6.87 -98.90
CA PHE H 98 -6.09 7.44 -100.07
C PHE H 98 -4.64 7.10 -99.98
N GLY H 99 -4.31 5.97 -100.61
CA GLY H 99 -3.02 5.39 -100.56
C GLY H 99 -3.32 3.95 -100.77
N TYR H 100 -2.33 3.06 -100.67
CA TYR H 100 -2.74 1.70 -100.91
C TYR H 100 -2.21 0.83 -99.83
N VAL H 101 -2.73 -0.42 -99.80
CA VAL H 101 -2.32 -1.39 -98.83
C VAL H 101 -1.86 -2.59 -99.59
N ILE H 102 -0.73 -3.19 -99.17
CA ILE H 102 -0.30 -4.33 -99.93
C ILE H 102 -0.60 -5.56 -99.14
N LEU H 103 -1.33 -6.50 -99.78
CA LEU H 103 -1.71 -7.70 -99.11
C LEU H 103 -1.03 -8.83 -99.80
N THR H 104 -0.91 -9.98 -99.13
CA THR H 104 -0.39 -11.13 -99.80
C THR H 104 -1.48 -12.14 -99.80
N THR H 105 -1.84 -12.61 -101.01
CA THR H 105 -2.89 -13.59 -101.11
C THR H 105 -2.31 -14.76 -101.84
N SER H 106 -3.06 -15.89 -101.87
CA SER H 106 -2.55 -17.03 -102.56
C SER H 106 -2.41 -16.62 -103.99
N ALA H 107 -3.24 -15.64 -104.38
CA ALA H 107 -3.27 -15.09 -105.70
C ALA H 107 -1.96 -14.41 -105.95
N GLY H 108 -1.32 -13.85 -104.91
CA GLY H 108 -0.06 -13.21 -105.13
C GLY H 108 -0.06 -11.98 -104.28
N ILE H 109 0.93 -11.10 -104.44
CA ILE H 109 0.84 -9.93 -103.62
C ILE H 109 0.18 -8.89 -104.47
N MET H 110 -0.90 -8.32 -103.94
CA MET H 110 -1.65 -7.38 -104.72
C MET H 110 -1.93 -6.19 -103.87
N ASP H 111 -2.39 -5.12 -104.51
CA ASP H 111 -2.79 -3.93 -103.81
C ASP H 111 -4.19 -4.19 -103.38
N HIS H 112 -4.74 -3.30 -102.53
CA HIS H 112 -6.06 -3.50 -102.02
C HIS H 112 -7.02 -3.54 -103.18
N GLU H 113 -6.87 -2.61 -104.15
CA GLU H 113 -7.78 -2.58 -105.26
C GLU H 113 -7.70 -3.88 -106.00
N GLU H 114 -6.47 -4.37 -106.24
CA GLU H 114 -6.29 -5.56 -107.03
C GLU H 114 -6.96 -6.71 -106.35
N ALA H 115 -6.80 -6.81 -105.03
CA ALA H 115 -7.33 -7.91 -104.26
C ALA H 115 -8.82 -7.90 -104.39
N ARG H 116 -9.43 -6.69 -104.36
CA ARG H 116 -10.86 -6.62 -104.45
C ARG H 116 -11.29 -7.23 -105.75
N ARG H 117 -10.57 -6.92 -106.84
CA ARG H 117 -10.95 -7.42 -108.13
C ARG H 117 -10.93 -8.92 -108.10
N LYS H 118 -9.83 -9.49 -107.59
CA LYS H 118 -9.62 -10.90 -107.51
C LYS H 118 -10.60 -11.45 -106.53
N HIS H 119 -11.18 -10.59 -105.68
CA HIS H 119 -12.10 -11.05 -104.69
C HIS H 119 -11.38 -11.94 -103.73
N VAL H 120 -10.16 -11.54 -103.30
CA VAL H 120 -9.46 -12.39 -102.38
C VAL H 120 -9.03 -11.60 -101.18
N SER H 121 -8.58 -12.34 -100.15
CA SER H 121 -8.22 -11.83 -98.86
C SER H 121 -6.82 -12.28 -98.61
N GLY H 122 -6.24 -11.89 -97.46
CA GLY H 122 -4.92 -12.40 -97.17
C GLY H 122 -4.28 -11.52 -96.14
N LYS H 123 -3.09 -11.94 -95.65
CA LYS H 123 -2.45 -11.18 -94.62
C LYS H 123 -2.18 -9.81 -95.15
N ILE H 124 -2.33 -8.81 -94.25
CA ILE H 124 -2.15 -7.45 -94.68
C ILE H 124 -0.76 -7.02 -94.33
N LEU H 125 0.13 -7.11 -95.33
CA LEU H 125 1.53 -6.85 -95.13
C LEU H 125 1.77 -5.45 -94.66
N GLY H 126 1.20 -4.43 -95.33
CA GLY H 126 1.51 -3.11 -94.89
C GLY H 126 0.63 -2.12 -95.58
N PHE H 127 0.79 -0.83 -95.24
CA PHE H 127 -0.02 0.18 -95.84
C PHE H 127 0.90 1.30 -96.23
N VAL H 128 0.67 1.92 -97.40
CA VAL H 128 1.52 3.01 -97.78
C VAL H 128 0.65 4.04 -98.44
N TYR H 129 1.05 5.32 -98.33
CA TYR H 129 0.32 6.34 -99.01
C TYR H 129 1.07 7.66 -98.89
N PRO I 4 50.80 109.45 -68.44
CA PRO I 4 49.58 108.67 -68.76
C PRO I 4 49.28 107.86 -67.55
N SER I 5 48.11 107.20 -67.51
CA SER I 5 47.79 106.40 -66.37
C SER I 5 47.26 105.10 -66.89
N VAL I 6 47.27 104.05 -66.05
CA VAL I 6 46.74 102.80 -66.51
C VAL I 6 45.80 102.29 -65.48
N GLN I 7 44.79 101.52 -65.92
CA GLN I 7 43.80 101.09 -64.98
C GLN I 7 43.63 99.61 -65.03
N THR I 8 43.02 99.09 -63.96
CA THR I 8 42.71 97.72 -63.79
C THR I 8 41.83 97.64 -62.59
N PHE I 9 40.84 96.75 -62.60
CA PHE I 9 39.93 96.67 -61.50
C PHE I 9 40.48 95.64 -60.57
N GLY I 10 39.83 94.47 -60.51
CA GLY I 10 40.34 93.42 -59.68
C GLY I 10 39.40 93.21 -58.53
N LYS I 11 38.78 92.01 -58.50
CA LYS I 11 37.90 91.72 -57.40
C LYS I 11 38.14 90.31 -56.95
N LYS I 12 38.08 90.09 -55.62
CA LYS I 12 38.21 88.76 -55.12
C LYS I 12 37.39 88.66 -53.89
N LYS I 13 36.82 87.46 -53.63
CA LYS I 13 35.90 87.28 -52.53
C LYS I 13 34.97 88.42 -52.71
N SER I 14 34.52 89.12 -51.68
CA SER I 14 33.78 90.24 -52.19
C SER I 14 34.61 91.46 -51.96
N ALA I 15 35.43 91.88 -52.96
CA ALA I 15 36.24 93.05 -52.78
C ALA I 15 36.55 93.65 -54.11
N THR I 16 36.59 95.00 -54.18
CA THR I 16 36.89 95.65 -55.41
C THR I 16 38.04 96.57 -55.18
N ALA I 17 39.03 96.58 -56.10
CA ALA I 17 40.16 97.43 -55.89
C ALA I 17 40.43 98.17 -57.16
N VAL I 18 40.52 99.51 -57.07
CA VAL I 18 40.80 100.26 -58.25
C VAL I 18 42.28 100.45 -58.28
N ALA I 19 42.95 99.93 -59.34
CA ALA I 19 44.37 100.10 -59.38
C ALA I 19 44.73 101.05 -60.46
N HIS I 20 45.44 102.13 -60.07
CA HIS I 20 45.86 103.12 -61.00
C HIS I 20 47.35 103.16 -60.98
N VAL I 21 47.98 102.74 -62.09
CA VAL I 21 49.41 102.75 -62.19
C VAL I 21 49.80 104.02 -62.89
N LYS I 22 50.97 104.57 -62.53
CA LYS I 22 51.45 105.76 -63.16
C LYS I 22 52.93 105.69 -63.07
N ALA I 23 53.67 106.05 -64.14
CA ALA I 23 55.09 105.95 -64.07
C ALA I 23 55.54 106.85 -62.97
N GLY I 24 56.38 106.33 -62.04
CA GLY I 24 56.78 107.16 -60.94
C GLY I 24 57.76 106.43 -60.08
N LYS I 25 57.77 106.79 -58.77
CA LYS I 25 58.67 106.28 -57.77
C LYS I 25 58.44 104.82 -57.47
N GLY I 26 57.19 104.40 -57.26
CA GLY I 26 56.98 103.01 -56.90
C GLY I 26 56.23 102.91 -55.61
N LEU I 27 55.86 104.05 -55.00
CA LEU I 27 55.13 104.02 -53.77
C LEU I 27 53.70 103.66 -54.06
N ILE I 28 52.97 103.19 -53.03
CA ILE I 28 51.60 102.80 -53.23
C ILE I 28 50.75 103.45 -52.19
N LYS I 29 49.67 104.13 -52.63
CA LYS I 29 48.81 104.78 -51.69
C LYS I 29 47.51 104.04 -51.70
N VAL I 30 47.26 103.23 -50.65
CA VAL I 30 46.04 102.50 -50.66
C VAL I 30 45.09 103.12 -49.69
N ASN I 31 44.00 103.69 -50.22
CA ASN I 31 42.98 104.33 -49.43
C ASN I 31 43.57 105.47 -48.65
N GLY I 32 44.72 106.00 -49.11
CA GLY I 32 45.31 107.14 -48.50
C GLY I 32 46.48 106.73 -47.68
N SER I 33 46.37 105.61 -46.95
CA SER I 33 47.48 105.20 -46.12
C SER I 33 48.51 104.63 -47.03
N PRO I 34 49.69 104.46 -46.52
CA PRO I 34 50.72 103.88 -47.33
C PRO I 34 50.42 102.43 -47.47
N ILE I 35 51.01 101.75 -48.47
CA ILE I 35 50.67 100.38 -48.68
C ILE I 35 50.98 99.65 -47.41
N THR I 36 52.13 99.94 -46.80
CA THR I 36 52.54 99.31 -45.59
C THR I 36 51.60 99.69 -44.49
N LEU I 37 51.10 100.95 -44.52
CA LEU I 37 50.26 101.46 -43.47
C LEU I 37 48.92 100.78 -43.38
N VAL I 38 48.24 100.55 -44.53
CA VAL I 38 46.95 99.92 -44.49
C VAL I 38 47.11 98.49 -44.08
N GLU I 39 48.16 97.86 -44.63
CA GLU I 39 48.62 96.50 -44.52
C GLU I 39 49.39 96.18 -43.26
N PRO I 40 49.69 97.03 -42.29
CA PRO I 40 50.70 96.71 -41.30
C PRO I 40 50.59 95.34 -40.69
N GLU I 41 51.74 94.66 -40.61
CA GLU I 41 51.93 93.33 -40.09
C GLU I 41 51.13 92.31 -40.82
N ILE I 42 51.14 92.32 -42.17
CA ILE I 42 50.51 91.24 -42.88
C ILE I 42 51.53 90.68 -43.82
N LEU I 43 51.98 89.44 -43.52
CA LEU I 43 52.97 88.78 -44.32
C LEU I 43 52.35 88.51 -45.65
N ARG I 44 51.03 88.32 -45.62
CA ARG I 44 50.20 87.92 -46.72
C ARG I 44 50.25 88.88 -47.87
N PHE I 45 50.35 90.21 -47.64
CA PHE I 45 50.11 91.24 -48.64
C PHE I 45 51.01 91.20 -49.85
N LYS I 46 50.96 90.15 -50.71
CA LYS I 46 51.78 90.06 -51.88
C LYS I 46 50.99 90.53 -53.05
N VAL I 47 50.28 91.66 -52.88
CA VAL I 47 49.50 92.25 -53.92
C VAL I 47 50.42 92.67 -55.02
N TYR I 48 51.62 93.17 -54.68
CA TYR I 48 52.43 93.73 -55.73
C TYR I 48 53.36 92.70 -56.25
N GLU I 49 52.96 91.43 -56.16
CA GLU I 49 53.70 90.34 -56.73
C GLU I 49 53.68 90.49 -58.22
N PRO I 50 52.59 90.87 -58.85
CA PRO I 50 52.60 90.95 -60.27
C PRO I 50 53.59 91.94 -60.79
N LEU I 51 53.95 92.94 -59.98
CA LEU I 51 54.88 93.95 -60.39
C LEU I 51 56.26 93.37 -60.54
N LEU I 52 56.69 92.60 -59.52
CA LEU I 52 58.02 92.06 -59.44
C LEU I 52 58.19 91.10 -60.58
N LEU I 53 57.10 90.38 -60.91
CA LEU I 53 57.13 89.35 -61.91
C LEU I 53 57.43 89.88 -63.28
N VAL I 54 57.19 91.17 -63.53
CA VAL I 54 57.34 91.72 -64.86
C VAL I 54 58.70 91.44 -65.39
N GLY I 55 59.75 91.47 -64.55
CA GLY I 55 61.08 91.26 -65.05
C GLY I 55 61.90 92.11 -64.16
N LEU I 56 62.55 93.15 -64.71
CA LEU I 56 63.10 94.06 -63.77
C LEU I 56 61.85 94.53 -63.12
N ASP I 57 61.76 94.32 -61.80
CA ASP I 57 60.55 94.51 -61.05
C ASP I 57 59.98 95.83 -61.36
N LYS I 58 58.72 95.82 -61.83
CA LYS I 58 58.06 97.07 -62.01
C LYS I 58 57.70 97.46 -60.62
N PHE I 59 57.94 98.74 -60.28
CA PHE I 59 57.77 99.20 -58.95
C PHE I 59 58.60 100.42 -58.96
N SER I 60 59.91 100.18 -59.07
CA SER I 60 60.91 101.20 -59.13
C SER I 60 60.74 101.96 -60.42
N ASN I 61 59.74 101.58 -61.24
CA ASN I 61 59.48 102.35 -62.44
C ASN I 61 58.02 102.62 -62.55
N ILE I 62 57.23 102.27 -61.51
CA ILE I 62 55.79 102.40 -61.56
C ILE I 62 55.39 103.12 -60.30
N ASP I 63 54.09 103.46 -60.13
CA ASP I 63 53.55 104.09 -58.96
C ASP I 63 52.11 103.64 -58.91
N ILE I 64 51.51 103.47 -57.71
CA ILE I 64 50.14 103.04 -57.76
C ILE I 64 49.27 103.72 -56.75
N ARG I 65 48.12 104.24 -57.21
CA ARG I 65 47.17 104.82 -56.32
C ARG I 65 46.04 103.83 -56.32
N VAL I 66 45.58 103.40 -55.13
CA VAL I 66 44.58 102.39 -55.17
C VAL I 66 43.49 102.67 -54.19
N ARG I 67 42.23 102.44 -54.64
CA ARG I 67 41.11 102.59 -53.78
C ARG I 67 40.59 101.21 -53.57
N VAL I 68 40.32 100.84 -52.30
CA VAL I 68 39.84 99.51 -52.07
C VAL I 68 38.73 99.55 -51.06
N THR I 69 37.57 98.96 -51.43
CA THR I 69 36.48 98.92 -50.49
C THR I 69 35.77 97.61 -50.66
N GLY I 70 35.37 96.98 -49.53
CA GLY I 70 34.60 95.76 -49.59
C GLY I 70 35.43 94.60 -49.15
N GLY I 71 34.79 93.69 -48.37
CA GLY I 71 35.39 92.47 -47.90
C GLY I 71 36.31 92.74 -46.76
N GLY I 72 37.46 92.03 -46.78
CA GLY I 72 38.42 92.13 -45.72
C GLY I 72 39.76 92.43 -46.31
N HIS I 73 40.74 92.65 -45.41
CA HIS I 73 42.07 93.04 -45.76
C HIS I 73 42.70 91.97 -46.58
N VAL I 74 42.34 90.69 -46.34
CA VAL I 74 42.89 89.62 -47.12
C VAL I 74 42.35 89.67 -48.51
N SER I 75 41.02 89.86 -48.62
CA SER I 75 40.31 89.87 -49.88
C SER I 75 40.82 90.99 -50.71
N GLN I 76 41.05 92.14 -50.07
CA GLN I 76 41.49 93.33 -50.73
C GLN I 76 42.84 93.05 -51.30
N VAL I 77 43.69 92.32 -50.55
CA VAL I 77 45.03 92.05 -50.98
C VAL I 77 44.99 91.34 -52.29
N TYR I 78 44.03 90.42 -52.45
CA TYR I 78 43.86 89.68 -53.66
C TYR I 78 43.32 90.53 -54.76
N ALA I 79 42.34 91.41 -54.45
CA ALA I 79 41.75 92.23 -55.47
C ALA I 79 42.80 93.15 -56.02
N ILE I 80 43.57 93.78 -55.12
CA ILE I 80 44.58 94.73 -55.50
C ILE I 80 45.59 94.02 -56.33
N ARG I 81 45.91 92.77 -55.94
CA ARG I 81 46.91 92.01 -56.63
C ARG I 81 46.45 91.82 -58.04
N GLN I 82 45.14 91.56 -58.24
CA GLN I 82 44.59 91.37 -59.56
C GLN I 82 44.61 92.67 -60.29
N ALA I 83 44.33 93.77 -59.57
CA ALA I 83 44.26 95.03 -60.24
C ALA I 83 45.61 95.28 -60.85
N ILE I 84 46.65 95.23 -60.03
CA ILE I 84 47.95 95.60 -60.52
C ILE I 84 48.35 94.66 -61.62
N ALA I 85 47.84 93.41 -61.58
CA ALA I 85 48.10 92.46 -62.64
C ALA I 85 47.45 92.87 -63.94
N LYS I 86 46.19 93.34 -63.88
CA LYS I 86 45.47 93.71 -65.07
C LYS I 86 45.97 95.00 -65.66
N GLY I 87 46.18 96.03 -64.81
CA GLY I 87 46.60 97.31 -65.31
C GLY I 87 47.91 97.14 -66.01
N LEU I 88 48.78 96.29 -65.45
CA LEU I 88 50.09 96.12 -66.01
C LEU I 88 49.95 95.65 -67.42
N VAL I 89 48.85 94.94 -67.73
CA VAL I 89 48.67 94.41 -69.05
C VAL I 89 48.26 95.49 -70.02
N ALA I 90 47.36 96.40 -69.59
CA ALA I 90 46.83 97.43 -70.43
C ALA I 90 47.94 98.34 -70.84
N TYR I 91 48.84 98.67 -69.90
CA TYR I 91 49.91 99.57 -70.20
C TYR I 91 50.67 98.97 -71.32
N HIS I 92 51.06 97.70 -71.15
CA HIS I 92 51.69 97.01 -72.23
C HIS I 92 51.41 95.56 -72.15
N GLN I 93 51.04 95.02 -73.30
CA GLN I 93 50.70 93.66 -73.50
C GLN I 93 51.94 92.88 -73.21
N LYS I 94 53.10 93.41 -73.64
CA LYS I 94 54.35 92.69 -73.52
C LYS I 94 54.70 92.43 -72.08
N TYR I 95 54.62 93.46 -71.21
CA TYR I 95 55.12 93.25 -69.88
C TYR I 95 54.33 92.19 -69.22
N VAL I 96 52.99 92.34 -69.23
CA VAL I 96 52.29 91.30 -68.57
C VAL I 96 52.50 90.12 -69.44
N ASP I 97 53.09 89.09 -68.84
CA ASP I 97 53.49 87.95 -69.58
C ASP I 97 52.41 86.85 -69.29
N GLU I 98 52.51 85.42 -68.86
CA GLU I 98 52.04 84.00 -68.39
C GLU I 98 51.60 83.77 -66.84
N GLN I 99 50.26 83.96 -66.52
CA GLN I 99 49.15 84.18 -65.55
C GLN I 99 47.98 85.03 -66.30
N SER I 100 48.08 86.38 -66.73
CA SER I 100 47.47 87.37 -67.74
C SER I 100 47.73 87.32 -69.36
N LYS I 101 48.88 87.90 -69.98
CA LYS I 101 49.47 87.96 -71.41
C LYS I 101 50.51 87.01 -72.27
N ASN I 102 51.83 86.66 -71.86
CA ASN I 102 53.10 85.92 -72.25
C ASN I 102 53.77 84.99 -71.12
N GLU I 103 54.70 85.49 -70.14
CA GLU I 103 55.29 85.18 -68.72
C GLU I 103 54.53 85.46 -67.25
N LEU I 104 53.72 86.61 -67.02
CA LEU I 104 52.53 87.11 -66.22
C LEU I 104 50.99 86.66 -66.47
N LYS I 105 50.47 86.10 -67.68
CA LYS I 105 49.56 85.44 -68.76
C LYS I 105 48.81 84.09 -68.83
N LYS I 106 49.43 82.89 -68.84
CA LYS I 106 48.61 81.70 -68.91
C LYS I 106 49.47 80.48 -69.05
N ALA I 107 48.88 79.29 -68.82
CA ALA I 107 49.62 78.05 -68.88
C ALA I 107 48.71 76.95 -69.29
N PHE I 108 49.29 75.76 -69.56
CA PHE I 108 48.50 74.62 -69.96
C PHE I 108 47.53 74.28 -68.90
N THR I 109 48.03 74.07 -67.67
CA THR I 109 47.17 73.55 -66.65
C THR I 109 47.37 74.31 -65.38
N SER I 110 48.35 73.90 -64.56
CA SER I 110 48.54 74.51 -63.29
C SER I 110 48.74 75.97 -63.48
N TYR I 111 48.31 76.75 -62.48
CA TYR I 111 48.37 78.18 -62.52
C TYR I 111 49.73 78.53 -62.03
N ASP I 112 50.56 79.29 -62.80
CA ASP I 112 51.77 79.61 -62.11
C ASP I 112 51.38 80.48 -60.98
N ARG I 113 51.29 81.79 -61.22
CA ARG I 113 50.63 82.54 -60.21
C ARG I 113 49.19 82.63 -60.62
N THR I 114 48.97 82.75 -61.95
CA THR I 114 47.68 83.02 -62.54
C THR I 114 47.06 84.19 -61.87
N LEU I 115 47.79 85.32 -61.95
CA LEU I 115 47.35 86.57 -61.41
C LEU I 115 46.19 87.10 -62.21
N LEU I 116 46.14 86.73 -63.49
CA LEU I 116 45.15 87.17 -64.45
C LEU I 116 43.79 86.63 -64.13
N ILE I 117 43.66 85.63 -63.25
CA ILE I 117 42.32 85.12 -63.12
C ILE I 117 41.66 85.67 -61.90
N ALA I 118 40.32 85.71 -61.93
CA ALA I 118 39.59 86.21 -60.80
C ALA I 118 39.07 85.05 -60.03
N ASP I 119 39.63 84.84 -58.84
CA ASP I 119 39.26 83.74 -58.01
C ASP I 119 37.79 83.85 -57.75
N SER I 120 37.03 82.88 -58.30
CA SER I 120 35.59 82.83 -58.20
C SER I 120 35.18 82.35 -56.84
N ARG I 121 36.12 81.84 -56.04
CA ARG I 121 35.74 81.26 -54.78
C ARG I 121 35.02 82.28 -53.96
N ARG I 122 33.89 81.85 -53.38
CA ARG I 122 33.03 82.65 -52.56
C ARG I 122 32.86 81.86 -51.30
N PRO I 123 32.32 82.41 -50.23
CA PRO I 123 32.24 81.71 -48.97
C PRO I 123 31.77 80.28 -49.04
N GLU I 124 30.53 80.03 -49.52
CA GLU I 124 29.91 78.75 -49.72
C GLU I 124 28.73 78.64 -48.82
N PRO I 125 27.64 78.30 -49.44
CA PRO I 125 26.42 78.21 -48.70
C PRO I 125 26.43 77.03 -47.80
N LYS I 126 25.65 77.07 -46.70
CA LYS I 126 25.66 75.93 -45.85
C LYS I 126 24.62 74.99 -46.35
N LYS I 127 25.06 73.75 -46.65
CA LYS I 127 24.12 72.74 -47.01
C LYS I 127 23.59 72.20 -45.71
N PHE I 128 22.35 71.68 -45.75
CA PHE I 128 21.75 71.13 -44.58
C PHE I 128 22.30 69.75 -44.39
N GLY I 129 22.20 69.22 -43.15
CA GLY I 129 22.68 67.90 -42.89
C GLY I 129 24.15 67.96 -42.67
N GLY I 130 24.73 69.17 -42.80
CA GLY I 130 26.15 69.31 -42.60
C GLY I 130 26.33 70.55 -41.79
N LYS I 131 27.29 70.54 -40.86
CA LYS I 131 27.45 71.68 -40.02
C LYS I 131 27.93 72.89 -40.77
N GLY I 132 29.10 72.76 -41.43
CA GLY I 132 29.79 73.81 -42.13
C GLY I 132 29.28 74.18 -43.48
N ALA I 133 28.90 73.17 -44.28
CA ALA I 133 28.65 73.31 -45.68
C ALA I 133 29.22 72.02 -46.16
N ARG I 134 30.57 71.99 -46.19
CA ARG I 134 31.33 70.81 -46.45
C ARG I 134 31.42 69.93 -45.23
N SER I 135 31.73 70.52 -44.05
CA SER I 135 32.03 69.71 -42.90
C SER I 135 30.86 68.86 -42.57
N ARG I 136 31.10 67.55 -42.38
CA ARG I 136 30.03 66.67 -42.08
C ARG I 136 30.22 66.22 -40.67
N PHE I 137 29.10 65.98 -39.96
CA PHE I 137 29.21 65.55 -38.59
C PHE I 137 29.79 64.17 -38.61
N GLN I 138 30.61 63.86 -37.58
CA GLN I 138 31.26 62.59 -37.47
C GLN I 138 30.32 61.61 -36.85
N LYS I 139 30.57 60.31 -37.08
CA LYS I 139 29.74 59.29 -36.53
C LYS I 139 30.43 58.72 -35.33
N SER I 140 29.65 58.10 -34.43
CA SER I 140 30.20 57.52 -33.26
C SER I 140 29.65 56.14 -33.17
N TYR I 141 30.09 55.37 -32.15
CA TYR I 141 29.56 54.05 -32.02
C TYR I 141 28.10 54.22 -31.82
N ARG I 142 27.73 55.20 -30.97
CA ARG I 142 26.35 55.49 -30.73
C ARG I 142 25.61 54.22 -30.30
N LYS J 1 8.18 115.35 -61.62
CA LYS J 1 9.14 114.31 -61.19
C LYS J 1 8.42 113.05 -60.89
N ILE J 2 7.96 112.36 -61.94
CA ILE J 2 7.24 111.16 -61.67
C ILE J 2 8.20 110.04 -61.82
N ARG J 3 8.58 109.44 -60.68
CA ARG J 3 9.47 108.32 -60.76
C ARG J 3 8.62 107.13 -60.96
N ILE J 4 9.00 106.31 -61.95
CA ILE J 4 8.23 105.16 -62.32
C ILE J 4 9.10 103.98 -61.97
N THR J 5 8.51 102.94 -61.36
CA THR J 5 9.30 101.80 -61.09
C THR J 5 8.67 100.66 -61.82
N LEU J 6 9.43 99.98 -62.69
CA LEU J 6 8.87 98.86 -63.38
C LEU J 6 9.64 97.66 -62.97
N THR J 7 8.93 96.63 -62.48
CA THR J 7 9.58 95.43 -62.05
C THR J 7 8.91 94.28 -62.74
N SER J 8 9.67 93.21 -63.05
CA SER J 8 9.04 92.09 -63.66
C SER J 8 9.98 90.92 -63.60
N THR J 9 9.42 89.72 -63.77
CA THR J 9 10.19 88.51 -63.82
C THR J 9 10.92 88.42 -65.14
N LYS J 10 10.26 88.79 -66.25
CA LYS J 10 10.89 88.60 -67.53
C LYS J 10 11.49 89.88 -68.01
N VAL J 11 12.75 89.79 -68.47
CA VAL J 11 13.53 90.89 -68.92
C VAL J 11 12.89 91.52 -70.13
N LYS J 12 12.29 90.70 -71.01
CA LYS J 12 11.66 91.21 -72.19
C LYS J 12 10.38 91.92 -71.88
N GLN J 13 9.61 91.37 -70.92
CA GLN J 13 8.30 91.90 -70.63
C GLN J 13 8.44 93.33 -70.19
N LEU J 14 9.55 93.64 -69.51
CA LEU J 14 9.81 95.00 -69.13
C LEU J 14 10.32 95.82 -70.25
N GLU J 15 11.25 95.28 -71.06
CA GLU J 15 11.88 96.07 -72.09
C GLU J 15 10.79 96.56 -72.98
N ASN J 16 9.81 95.69 -73.26
CA ASN J 16 8.71 96.09 -74.06
C ASN J 16 7.92 97.12 -73.32
N VAL J 17 7.52 96.80 -72.08
CA VAL J 17 6.62 97.64 -71.34
C VAL J 17 7.21 99.00 -71.11
N SER J 18 8.39 99.07 -70.49
CA SER J 18 8.99 100.30 -70.10
C SER J 18 9.28 101.11 -71.32
N SER J 19 9.53 100.46 -72.47
CA SER J 19 9.86 101.17 -73.66
C SER J 19 8.66 101.93 -74.14
N ASN J 20 7.46 101.34 -74.00
CA ASN J 20 6.24 101.92 -74.48
C ASN J 20 6.03 103.23 -73.78
N ILE J 21 6.20 103.20 -72.45
CA ILE J 21 6.00 104.31 -71.57
C ILE J 21 6.95 105.42 -71.92
N VAL J 22 8.13 105.08 -72.44
CA VAL J 22 9.07 106.11 -72.80
C VAL J 22 8.55 106.89 -73.96
N LYS J 23 8.04 106.20 -75.01
CA LYS J 23 7.59 106.81 -76.22
C LYS J 23 6.36 107.64 -75.98
N ASN J 24 5.42 107.15 -75.15
CA ASN J 24 4.16 107.82 -74.96
C ASN J 24 4.31 109.16 -74.33
N ALA J 25 5.00 109.20 -73.17
CA ALA J 25 5.21 110.36 -72.33
C ALA J 25 5.98 111.38 -73.10
N GLU J 26 6.76 110.95 -74.11
CA GLU J 26 7.55 111.88 -74.86
C GLU J 26 6.66 112.95 -75.41
N GLN J 27 5.37 112.61 -75.62
CA GLN J 27 4.38 113.49 -76.14
C GLN J 27 3.90 114.54 -75.17
N HIS J 28 3.81 114.25 -73.85
CA HIS J 28 3.23 115.29 -73.05
C HIS J 28 3.95 115.39 -71.73
N ASN J 29 5.21 115.82 -71.76
CA ASN J 29 5.99 116.03 -70.58
C ASN J 29 7.37 116.34 -71.03
N LEU J 30 8.37 116.22 -70.14
CA LEU J 30 9.71 116.55 -70.57
C LEU J 30 10.18 115.45 -71.46
N VAL J 31 11.50 115.27 -71.59
CA VAL J 31 11.92 114.11 -72.32
C VAL J 31 12.41 113.17 -71.26
N LYS J 32 11.85 111.96 -71.22
CA LYS J 32 12.11 111.03 -70.18
C LYS J 32 13.58 110.77 -70.03
N LYS J 33 13.95 110.25 -68.85
CA LYS J 33 15.31 109.94 -68.48
C LYS J 33 15.79 108.81 -69.33
N GLY J 34 14.86 107.98 -69.83
CA GLY J 34 15.28 106.86 -70.61
C GLY J 34 15.29 105.72 -69.66
N PRO J 35 14.81 104.60 -70.10
CA PRO J 35 14.72 103.44 -69.24
C PRO J 35 16.03 103.14 -68.57
N VAL J 36 16.16 103.42 -67.26
CA VAL J 36 17.39 103.07 -66.58
C VAL J 36 17.24 101.67 -66.10
N ARG J 37 18.31 100.86 -66.22
CA ARG J 37 18.33 99.45 -65.93
C ARG J 37 18.10 99.08 -64.48
N LEU J 38 18.86 99.62 -63.50
CA LEU J 38 18.78 99.13 -62.14
C LEU J 38 18.97 97.62 -62.08
N PRO J 39 20.12 97.25 -61.59
CA PRO J 39 20.54 95.86 -61.51
C PRO J 39 19.47 94.96 -60.98
N THR J 40 19.58 93.65 -61.29
CA THR J 40 18.59 92.66 -60.94
C THR J 40 19.05 91.95 -59.70
N LYS J 41 18.15 91.86 -58.71
CA LYS J 41 18.52 91.19 -57.50
C LYS J 41 17.84 89.86 -57.49
N VAL J 42 18.59 88.84 -57.03
CA VAL J 42 18.06 87.53 -56.91
C VAL J 42 17.79 87.30 -55.46
N LEU J 43 16.64 86.67 -55.13
CA LEU J 43 16.38 86.42 -53.74
C LEU J 43 16.28 84.94 -53.55
N LYS J 44 16.98 84.40 -52.54
CA LYS J 44 16.89 83.00 -52.25
C LYS J 44 16.10 82.90 -51.00
N ILE J 45 15.01 82.12 -51.01
CA ILE J 45 14.24 82.02 -49.81
C ILE J 45 14.04 80.59 -49.47
N SER J 46 14.36 80.22 -48.21
CA SER J 46 14.11 78.87 -47.82
C SER J 46 13.00 78.97 -46.83
N THR J 47 11.82 78.42 -47.15
CA THR J 47 10.75 78.57 -46.21
C THR J 47 9.83 77.40 -46.30
N ARG J 48 8.78 77.42 -45.46
CA ARG J 48 7.78 76.41 -45.50
C ARG J 48 7.10 76.60 -46.81
N LYS J 49 6.80 75.51 -47.52
CA LYS J 49 6.23 75.68 -48.82
C LYS J 49 4.95 76.43 -48.71
N THR J 50 4.07 75.99 -47.80
CA THR J 50 2.78 76.59 -47.70
C THR J 50 2.82 77.53 -46.52
N PRO J 51 1.78 78.32 -46.41
CA PRO J 51 1.64 79.20 -45.29
C PRO J 51 1.23 78.33 -44.13
N ASN J 52 1.11 78.90 -42.91
CA ASN J 52 0.75 78.11 -41.77
C ASN J 52 -0.49 77.35 -42.11
N GLY J 53 -0.39 76.01 -42.05
CA GLY J 53 -1.48 75.18 -42.43
C GLY J 53 -0.95 73.80 -42.61
N GLU J 54 -1.16 73.24 -43.82
CA GLU J 54 -0.78 71.91 -44.17
C GLU J 54 0.71 71.81 -44.33
N GLY J 55 1.30 70.69 -43.86
CA GLY J 55 2.68 70.40 -44.11
C GLY J 55 3.61 71.47 -43.62
N SER J 56 3.63 71.76 -42.30
CA SER J 56 4.53 72.74 -41.78
C SER J 56 5.93 72.24 -41.98
N LYS J 57 6.05 70.90 -42.08
CA LYS J 57 7.27 70.15 -42.23
C LYS J 57 7.89 70.49 -43.55
N THR J 58 7.08 70.90 -44.54
CA THR J 58 7.60 71.12 -45.85
C THR J 58 8.57 72.27 -45.80
N TRP J 59 9.38 72.34 -46.85
CA TRP J 59 10.38 73.35 -47.03
C TRP J 59 10.50 73.47 -48.49
N GLU J 60 11.63 73.99 -48.99
CA GLU J 60 11.95 74.07 -50.38
C GLU J 60 12.78 75.28 -50.55
N THR J 61 13.57 75.35 -51.64
CA THR J 61 14.35 76.53 -51.82
C THR J 61 13.94 77.18 -53.10
N TYR J 62 13.77 78.52 -53.06
CA TYR J 62 13.36 79.26 -54.22
C TYR J 62 14.34 80.35 -54.48
N GLU J 63 14.51 80.68 -55.78
CA GLU J 63 15.35 81.76 -56.22
C GLU J 63 14.54 82.54 -57.20
N MET J 64 14.21 83.81 -56.92
CA MET J 64 13.44 84.48 -57.91
C MET J 64 14.12 85.77 -58.24
N ARG J 65 14.71 85.84 -59.44
CA ARG J 65 15.37 87.06 -59.80
C ARG J 65 14.37 88.01 -60.35
N ILE J 66 14.44 89.26 -59.86
CA ILE J 66 13.48 90.20 -60.29
C ILE J 66 14.18 91.38 -60.89
N HIS J 67 13.61 91.90 -61.98
CA HIS J 67 14.25 92.93 -62.74
C HIS J 67 13.55 94.22 -62.47
N LYS J 68 14.29 95.36 -62.62
CA LYS J 68 13.72 96.66 -62.35
C LYS J 68 14.00 97.58 -63.52
N ARG J 69 13.21 98.69 -63.61
CA ARG J 69 13.43 99.69 -64.64
C ARG J 69 12.79 100.98 -64.17
N TYR J 70 13.57 102.08 -64.00
CA TYR J 70 13.00 103.35 -63.56
C TYR J 70 12.38 104.29 -64.58
N ILE J 71 13.15 104.65 -65.63
CA ILE J 71 12.87 105.65 -66.62
C ILE J 71 12.12 106.80 -66.01
N ASP J 72 12.78 107.77 -65.32
CA ASP J 72 12.07 108.83 -64.63
C ASP J 72 11.53 109.85 -65.59
N LEU J 73 10.41 110.50 -65.21
CA LEU J 73 9.82 111.47 -66.09
C LEU J 73 9.57 112.70 -65.27
N GLU J 74 10.44 113.71 -65.41
CA GLU J 74 10.32 114.95 -64.68
C GLU J 74 9.37 115.83 -65.42
N ALA J 75 8.94 116.94 -64.78
CA ALA J 75 8.02 117.87 -65.38
C ALA J 75 6.85 117.15 -66.00
N PRO J 76 5.95 116.69 -65.17
CA PRO J 76 4.78 116.02 -65.66
C PRO J 76 3.71 116.96 -66.16
N VAL J 77 2.84 116.46 -67.07
CA VAL J 77 1.69 117.14 -67.60
C VAL J 77 0.77 116.06 -68.07
N GLN J 78 0.15 116.15 -69.27
CA GLN J 78 -0.76 115.12 -69.75
C GLN J 78 -0.03 113.86 -70.09
N ILE J 79 1.02 113.53 -69.30
CA ILE J 79 1.76 112.31 -69.40
C ILE J 79 0.80 111.26 -69.02
N VAL J 80 -0.01 111.60 -68.00
CA VAL J 80 -0.93 110.72 -67.36
C VAL J 80 -1.90 110.19 -68.36
N LYS J 81 -2.33 111.04 -69.32
CA LYS J 81 -3.29 110.59 -70.28
C LYS J 81 -2.72 109.52 -71.16
N ARG J 82 -1.52 109.74 -71.69
CA ARG J 82 -0.93 108.84 -72.63
C ARG J 82 -0.58 107.55 -71.96
N ILE J 83 -0.21 107.62 -70.68
CA ILE J 83 0.13 106.46 -69.89
C ILE J 83 -1.08 105.66 -69.49
N THR J 84 -2.14 106.32 -69.00
CA THR J 84 -3.18 105.59 -68.30
C THR J 84 -3.79 104.49 -69.12
N GLN J 85 -4.31 104.76 -70.32
CA GLN J 85 -4.99 103.76 -71.10
C GLN J 85 -4.08 102.78 -71.80
N ILE J 86 -2.88 103.24 -72.19
CA ILE J 86 -1.90 102.67 -73.08
C ILE J 86 -1.27 101.33 -72.72
N THR J 87 -1.17 100.91 -71.45
CA THR J 87 -0.41 99.74 -71.06
C THR J 87 -0.82 98.48 -71.79
N ILE J 88 0.03 97.43 -71.67
CA ILE J 88 -0.14 96.19 -72.38
C ILE J 88 0.14 95.00 -71.49
N GLU J 89 1.37 94.43 -71.57
CA GLU J 89 1.77 93.20 -70.94
C GLU J 89 1.34 93.07 -69.52
N PRO J 90 0.88 91.87 -69.28
CA PRO J 90 0.66 91.41 -67.94
C PRO J 90 2.01 90.82 -67.61
N GLY J 91 2.31 90.48 -66.35
CA GLY J 91 3.61 89.92 -66.09
C GLY J 91 4.47 91.04 -65.65
N VAL J 92 3.90 92.25 -65.70
CA VAL J 92 4.58 93.41 -65.25
C VAL J 92 3.73 94.00 -64.16
N ASP J 93 4.39 94.56 -63.14
CA ASP J 93 3.77 95.22 -62.01
C ASP J 93 4.41 96.57 -61.93
N VAL J 94 3.66 97.64 -62.24
CA VAL J 94 4.31 98.93 -62.22
C VAL J 94 3.70 99.76 -61.15
N GLU J 95 4.56 100.49 -60.41
CA GLU J 95 4.03 101.37 -59.42
C GLU J 95 4.73 102.67 -59.61
N VAL J 96 4.03 103.79 -59.34
CA VAL J 96 4.65 105.05 -59.57
C VAL J 96 4.67 105.79 -58.28
N VAL J 97 5.64 106.71 -58.14
CA VAL J 97 5.73 107.49 -56.95
C VAL J 97 4.45 108.30 -56.86
N ASP K 8 86.66 19.76 -38.53
CA ASP K 8 87.94 19.06 -38.27
C ASP K 8 88.68 18.75 -39.53
N ASN K 9 88.17 17.75 -40.28
CA ASN K 9 88.80 17.35 -41.49
C ASN K 9 87.81 17.61 -42.56
N SER K 10 88.09 18.64 -43.40
CA SER K 10 87.20 19.11 -44.40
C SER K 10 86.68 17.97 -45.21
N GLN K 11 85.36 18.03 -45.52
CA GLN K 11 84.70 16.99 -46.23
C GLN K 11 84.20 17.53 -47.53
N VAL K 12 83.34 18.56 -47.43
CA VAL K 12 82.68 19.36 -48.44
C VAL K 12 81.51 18.68 -49.06
N PHE K 13 81.56 17.36 -49.32
CA PHE K 13 80.38 16.78 -49.93
C PHE K 13 79.79 15.84 -48.93
N GLY K 14 78.45 15.86 -48.78
CA GLY K 14 77.89 15.00 -47.77
C GLY K 14 76.39 14.91 -47.87
N VAL K 15 75.77 14.36 -46.81
CA VAL K 15 74.36 14.12 -46.75
C VAL K 15 73.75 14.90 -45.62
N ALA K 16 72.47 15.30 -45.76
CA ALA K 16 71.82 15.99 -44.68
C ALA K 16 70.53 15.28 -44.43
N ARG K 17 70.32 14.85 -43.18
CA ARG K 17 69.10 14.14 -42.92
C ARG K 17 68.19 15.02 -42.14
N ILE K 18 66.97 15.21 -42.68
CA ILE K 18 65.99 16.05 -42.06
C ILE K 18 64.97 15.13 -41.47
N TYR K 19 64.82 15.14 -40.13
CA TYR K 19 63.86 14.24 -39.58
C TYR K 19 62.78 15.04 -38.93
N ALA K 20 61.65 15.21 -39.65
CA ALA K 20 60.56 15.99 -39.15
C ALA K 20 59.67 15.14 -38.29
N SER K 21 58.90 15.81 -37.42
CA SER K 21 57.93 15.14 -36.59
C SER K 21 57.01 16.22 -36.11
N PHE K 22 55.85 15.84 -35.59
CA PHE K 22 54.91 16.80 -35.12
C PHE K 22 55.47 17.49 -33.92
N ASN K 23 56.33 16.78 -33.15
CA ASN K 23 56.99 17.32 -31.99
C ASN K 23 58.15 18.24 -32.27
N ASP K 24 59.10 17.84 -33.15
CA ASP K 24 60.33 18.59 -33.26
C ASP K 24 61.01 18.24 -34.57
N THR K 25 62.02 19.04 -34.96
CA THR K 25 62.79 18.75 -36.13
C THR K 25 64.23 18.64 -35.73
N PHE K 26 64.92 17.62 -36.26
CA PHE K 26 66.30 17.39 -35.97
C PHE K 26 67.02 17.14 -37.25
N VAL K 27 68.06 17.94 -37.54
CA VAL K 27 68.75 17.68 -38.77
C VAL K 27 70.17 17.32 -38.47
N HIS K 28 70.69 16.28 -39.14
CA HIS K 28 72.06 15.93 -38.90
C HIS K 28 72.76 15.83 -40.22
N VAL K 29 73.97 16.41 -40.31
CA VAL K 29 74.68 16.35 -41.56
C VAL K 29 75.71 15.28 -41.48
N THR K 30 75.99 14.64 -42.64
CA THR K 30 76.86 13.52 -42.62
C THR K 30 77.80 13.55 -43.80
N ASP K 31 78.77 12.61 -43.78
CA ASP K 31 79.76 12.44 -44.82
C ASP K 31 79.13 11.65 -45.92
N LEU K 32 79.88 11.50 -47.01
CA LEU K 32 79.39 10.71 -48.10
C LEU K 32 79.18 9.35 -47.52
N SER K 33 79.99 9.02 -46.50
CA SER K 33 80.00 7.75 -45.81
C SER K 33 78.80 7.52 -44.93
N GLY K 34 78.19 8.54 -44.29
CA GLY K 34 77.07 8.23 -43.43
C GLY K 34 77.37 8.56 -41.99
N LYS K 35 78.66 8.79 -41.65
CA LYS K 35 79.05 9.18 -40.31
C LYS K 35 78.74 10.65 -40.13
N GLU K 36 77.99 11.01 -39.06
CA GLU K 36 77.50 12.35 -38.86
C GLU K 36 78.59 13.31 -38.45
N THR K 37 78.66 14.46 -39.15
CA THR K 37 79.56 15.55 -38.87
C THR K 37 79.08 16.32 -37.68
N ILE K 38 77.82 16.80 -37.73
CA ILE K 38 77.24 17.54 -36.65
C ILE K 38 75.74 17.41 -36.75
N ALA K 39 75.02 17.88 -35.71
CA ALA K 39 73.58 17.76 -35.74
C ALA K 39 72.97 18.88 -34.95
N ARG K 40 71.73 19.27 -35.32
CA ARG K 40 71.04 20.31 -34.59
C ARG K 40 69.59 19.93 -34.46
N VAL K 41 68.82 20.67 -33.63
CA VAL K 41 67.42 20.38 -33.42
C VAL K 41 66.79 21.61 -32.85
N THR K 42 65.49 21.57 -32.51
CA THR K 42 65.01 22.80 -31.97
C THR K 42 65.49 22.94 -30.55
N GLY K 43 65.70 21.82 -29.85
CA GLY K 43 66.20 21.86 -28.52
C GLY K 43 67.61 22.38 -28.51
N GLY K 44 68.42 22.01 -29.52
CA GLY K 44 69.81 22.35 -29.56
C GLY K 44 69.89 23.83 -29.50
N MET K 45 69.01 24.52 -30.26
CA MET K 45 69.02 25.95 -30.14
C MET K 45 68.21 26.21 -28.94
N LYS K 46 68.46 27.35 -28.27
CA LYS K 46 67.72 27.54 -27.08
C LYS K 46 66.33 27.89 -27.42
N VAL K 47 65.46 26.89 -27.51
CA VAL K 47 64.09 27.22 -27.62
C VAL K 47 63.47 26.11 -26.85
N LYS K 48 62.36 26.38 -26.13
CA LYS K 48 61.81 25.44 -25.19
C LYS K 48 60.87 24.50 -25.85
N ALA K 49 60.29 23.58 -25.05
CA ALA K 49 59.67 22.40 -25.60
C ALA K 49 58.59 22.60 -26.60
N ASP K 50 57.52 23.35 -26.29
CA ASP K 50 56.49 23.33 -27.29
C ASP K 50 56.91 24.02 -28.55
N ARG K 51 57.29 25.30 -28.43
CA ARG K 51 57.60 26.13 -29.55
C ARG K 51 58.85 25.72 -30.22
N ASP K 52 59.87 25.43 -29.40
CA ASP K 52 61.13 25.17 -30.01
C ASP K 52 60.90 24.01 -30.81
N GLU K 53 60.32 23.01 -30.15
CA GLU K 53 60.51 21.74 -30.72
C GLU K 53 59.99 21.70 -32.11
N SER K 54 58.69 21.92 -32.26
CA SER K 54 58.17 21.74 -33.59
C SER K 54 58.40 22.87 -34.55
N SER K 55 57.99 24.10 -34.14
CA SER K 55 57.84 25.30 -34.94
C SER K 55 58.74 25.30 -36.14
N PRO K 56 58.18 25.60 -37.29
CA PRO K 56 58.90 25.53 -38.53
C PRO K 56 60.06 26.45 -38.44
N TYR K 57 59.89 27.51 -37.64
CA TYR K 57 60.88 28.53 -37.45
C TYR K 57 62.06 27.83 -36.86
N ALA K 58 61.78 26.99 -35.87
CA ALA K 58 62.79 26.25 -35.18
C ALA K 58 63.45 25.37 -36.16
N ALA K 59 62.65 24.69 -37.00
CA ALA K 59 63.22 23.78 -37.95
C ALA K 59 64.16 24.58 -38.78
N MET K 60 63.76 25.82 -39.13
CA MET K 60 64.61 26.63 -39.95
C MET K 60 65.89 26.91 -39.22
N LEU K 61 65.81 27.34 -37.95
CA LEU K 61 67.00 27.70 -37.25
C LEU K 61 67.90 26.51 -37.16
N ALA K 62 67.32 25.34 -36.83
CA ALA K 62 68.09 24.13 -36.66
C ALA K 62 68.75 23.79 -37.95
N ALA K 63 68.05 23.99 -39.08
CA ALA K 63 68.66 23.61 -40.32
C ALA K 63 69.91 24.43 -40.52
N GLN K 64 69.81 25.75 -40.29
CA GLN K 64 70.93 26.61 -40.52
C GLN K 64 72.05 26.27 -39.60
N ASP K 65 71.75 26.05 -38.31
CA ASP K 65 72.79 25.78 -37.36
C ASP K 65 73.51 24.56 -37.83
N VAL K 66 72.75 23.58 -38.35
CA VAL K 66 73.41 22.39 -38.81
C VAL K 66 74.34 22.72 -39.93
N ALA K 67 73.89 23.53 -40.91
CA ALA K 67 74.74 23.83 -42.03
C ALA K 67 75.95 24.61 -41.58
N ALA K 68 75.74 25.66 -40.77
CA ALA K 68 76.83 26.53 -40.42
C ALA K 68 77.89 25.74 -39.74
N LYS K 69 77.50 24.85 -38.81
CA LYS K 69 78.47 24.09 -38.07
C LYS K 69 79.22 23.25 -39.06
N CYS K 70 78.50 22.69 -40.04
CA CYS K 70 79.08 21.83 -41.03
C CYS K 70 79.98 22.61 -41.94
N ARG K 71 79.75 23.93 -42.05
CA ARG K 71 80.55 24.73 -42.92
C ARG K 71 81.97 24.69 -42.46
N GLU K 72 82.20 24.68 -41.14
CA GLU K 72 83.54 24.68 -40.65
C GLU K 72 84.22 23.42 -41.09
N VAL K 73 83.46 22.32 -41.14
CA VAL K 73 83.93 21.03 -41.55
C VAL K 73 84.31 21.17 -42.99
N GLY K 74 83.92 22.28 -43.64
CA GLY K 74 84.33 22.53 -45.00
C GLY K 74 83.31 21.98 -45.94
N ILE K 75 82.07 21.79 -45.43
CA ILE K 75 81.00 21.25 -46.21
C ILE K 75 80.57 22.26 -47.22
N THR K 76 80.14 21.77 -48.41
CA THR K 76 79.63 22.66 -49.42
C THR K 76 78.38 22.07 -50.02
N ALA K 77 78.49 20.87 -50.65
CA ALA K 77 77.37 20.28 -51.32
C ALA K 77 76.79 19.19 -50.46
N VAL K 78 75.45 19.02 -50.51
CA VAL K 78 74.82 18.03 -49.67
C VAL K 78 73.62 17.45 -50.36
N HIS K 79 73.27 16.20 -49.98
CA HIS K 79 72.09 15.53 -50.47
C HIS K 79 71.13 15.53 -49.32
N VAL K 80 69.89 16.01 -49.54
CA VAL K 80 68.97 16.09 -48.44
C VAL K 80 68.08 14.90 -48.43
N LYS K 81 67.86 14.34 -47.22
CA LYS K 81 66.95 13.23 -47.09
C LYS K 81 65.92 13.60 -46.07
N ILE K 82 64.64 13.47 -46.45
CA ILE K 82 63.55 13.87 -45.61
C ILE K 82 62.96 12.63 -45.03
N ARG K 83 62.83 12.56 -43.70
CA ARG K 83 62.20 11.41 -43.14
C ARG K 83 61.16 11.87 -42.20
N ALA K 84 59.95 11.29 -42.34
CA ALA K 84 58.85 11.58 -41.47
C ALA K 84 58.17 12.82 -41.95
N THR K 85 56.96 13.04 -41.43
CA THR K 85 56.20 14.22 -41.74
C THR K 85 55.99 14.90 -40.42
N GLY K 86 55.86 16.23 -40.44
CA GLY K 86 55.68 16.93 -39.20
C GLY K 86 55.82 18.37 -39.52
N GLY K 87 55.64 19.27 -38.53
CA GLY K 87 55.71 20.63 -38.94
C GLY K 87 55.77 21.50 -37.75
N THR K 88 54.67 22.29 -37.58
CA THR K 88 54.48 23.20 -36.49
C THR K 88 53.05 23.63 -36.44
N ARG K 89 52.62 24.10 -35.25
CA ARG K 89 51.35 24.71 -34.98
C ARG K 89 51.32 26.11 -35.50
N THR K 90 52.50 26.77 -35.54
CA THR K 90 52.67 28.16 -35.84
C THR K 90 51.79 28.60 -36.98
N LYS K 91 51.46 29.92 -36.94
CA LYS K 91 50.63 30.63 -37.88
C LYS K 91 51.26 30.59 -39.23
N THR K 92 52.60 30.59 -39.29
CA THR K 92 53.22 30.53 -40.58
C THR K 92 52.76 29.24 -41.20
N PRO K 93 52.96 29.07 -42.48
CA PRO K 93 52.45 27.89 -43.13
C PRO K 93 52.96 26.66 -42.46
N GLY K 94 54.20 26.72 -41.93
CA GLY K 94 54.68 25.68 -41.09
C GLY K 94 54.54 24.32 -41.68
N PRO K 95 55.04 24.01 -42.85
CA PRO K 95 54.98 22.64 -43.22
C PRO K 95 55.82 21.93 -42.22
N GLY K 96 56.86 22.63 -41.71
CA GLY K 96 57.71 22.22 -40.64
C GLY K 96 58.91 21.56 -41.21
N GLY K 97 58.68 20.60 -42.12
CA GLY K 97 59.74 19.89 -42.78
C GLY K 97 60.31 20.74 -43.87
N GLN K 98 59.43 21.46 -44.59
CA GLN K 98 59.78 22.23 -45.75
C GLN K 98 60.69 23.34 -45.38
N ALA K 99 60.44 23.97 -44.22
CA ALA K 99 61.23 25.10 -43.84
C ALA K 99 62.65 24.64 -43.72
N ALA K 100 62.85 23.44 -43.15
CA ALA K 100 64.18 22.92 -42.98
C ALA K 100 64.80 22.73 -44.33
N LEU K 101 64.02 22.19 -45.29
CA LEU K 101 64.51 21.96 -46.61
C LEU K 101 64.92 23.27 -47.22
N ARG K 102 64.18 24.35 -46.90
CA ARG K 102 64.44 25.66 -47.41
C ARG K 102 65.69 26.25 -46.82
N ALA K 103 65.82 26.14 -45.48
CA ALA K 103 66.89 26.79 -44.77
C ALA K 103 68.18 26.26 -45.28
N LEU K 104 68.20 24.96 -45.64
CA LEU K 104 69.39 24.38 -46.15
C LEU K 104 69.76 24.96 -47.48
N ALA K 105 68.79 25.07 -48.41
CA ALA K 105 69.10 25.51 -49.74
C ALA K 105 69.73 26.86 -49.64
N ARG K 106 69.19 27.70 -48.75
CA ARG K 106 69.65 29.04 -48.52
C ARG K 106 70.92 29.12 -47.70
N SER K 107 71.12 28.18 -46.76
CA SER K 107 72.19 28.23 -45.77
C SER K 107 73.49 28.55 -46.44
N GLY K 108 73.64 28.17 -47.72
CA GLY K 108 74.87 28.41 -48.42
C GLY K 108 75.32 27.13 -49.04
N LEU K 109 74.96 25.99 -48.44
CA LEU K 109 75.31 24.72 -49.01
C LEU K 109 74.50 24.55 -50.26
N ARG K 110 75.11 24.00 -51.33
CA ARG K 110 74.30 23.76 -52.49
C ARG K 110 73.67 22.43 -52.29
N ILE K 111 72.33 22.37 -52.43
CA ILE K 111 71.69 21.11 -52.18
C ILE K 111 71.51 20.40 -53.48
N GLY K 112 72.18 19.23 -53.59
CA GLY K 112 72.15 18.43 -54.77
C GLY K 112 70.79 17.85 -54.99
N ARG K 113 70.15 17.30 -53.94
CA ARG K 113 68.86 16.72 -54.17
C ARG K 113 68.10 16.61 -52.89
N ILE K 114 66.75 16.56 -52.99
CA ILE K 114 65.89 16.36 -51.87
C ILE K 114 65.28 15.02 -52.08
N GLU K 115 65.30 14.15 -51.06
CA GLU K 115 64.77 12.83 -51.26
C GLU K 115 63.92 12.49 -50.08
N ASP K 116 62.73 11.89 -50.33
CA ASP K 116 61.85 11.50 -49.27
C ASP K 116 62.03 10.04 -49.05
N VAL K 117 62.64 9.66 -47.91
CA VAL K 117 62.72 8.25 -47.68
C VAL K 117 62.18 7.98 -46.31
N THR K 118 60.93 8.41 -46.06
CA THR K 118 60.34 8.19 -44.78
C THR K 118 60.13 6.71 -44.64
N PRO K 119 60.61 6.18 -43.54
CA PRO K 119 60.56 4.77 -43.24
C PRO K 119 59.15 4.42 -42.93
N VAL K 120 58.77 3.14 -43.11
CA VAL K 120 57.46 2.74 -42.70
C VAL K 120 57.59 1.35 -42.17
N PRO K 121 56.78 1.02 -41.19
CA PRO K 121 56.85 -0.31 -40.67
C PRO K 121 56.14 -1.25 -41.59
N SER K 122 56.50 -2.55 -41.53
CA SER K 122 55.72 -3.46 -42.32
C SER K 122 54.36 -3.31 -41.74
N ASP K 123 54.30 -3.45 -40.40
CA ASP K 123 53.13 -3.24 -39.59
C ASP K 123 53.52 -3.64 -38.20
N SER K 124 54.22 -2.73 -37.49
CA SER K 124 54.71 -3.01 -36.16
C SER K 124 53.58 -3.25 -35.22
N THR K 125 52.95 -2.15 -34.78
CA THR K 125 51.91 -2.33 -33.81
C THR K 125 50.86 -1.32 -34.09
N ARG K 126 49.67 -1.50 -33.49
CA ARG K 126 48.59 -0.63 -33.76
C ARG K 126 48.90 0.74 -33.24
N LYS K 127 48.64 1.75 -34.09
CA LYS K 127 48.85 3.12 -33.73
C LYS K 127 47.60 3.56 -33.04
N LYS K 128 47.76 4.46 -32.06
CA LYS K 128 46.58 5.04 -31.48
C LYS K 128 46.63 6.43 -32.01
N GLY K 129 46.10 7.39 -31.25
CA GLY K 129 46.22 8.74 -31.72
C GLY K 129 45.26 8.97 -32.84
N GLY K 130 44.16 8.20 -32.88
CA GLY K 130 43.17 8.49 -33.87
C GLY K 130 43.70 8.08 -35.20
N ARG K 131 44.73 7.23 -35.21
CA ARG K 131 45.23 6.78 -36.47
C ARG K 131 44.65 5.43 -36.68
N ARG K 132 44.95 4.85 -37.87
CA ARG K 132 44.44 3.57 -38.28
C ARG K 132 43.10 3.83 -38.95
N ASN L 1 -4.80 -14.73 -62.53
CA ASN L 1 -5.55 -14.81 -63.81
C ASN L 1 -4.54 -14.70 -64.91
N TYR L 2 -5.01 -14.70 -66.18
CA TYR L 2 -4.08 -14.58 -67.24
C TYR L 2 -3.44 -13.24 -67.08
N LYS L 3 -4.28 -12.21 -66.88
CA LYS L 3 -3.78 -10.88 -66.71
C LYS L 3 -4.41 -10.39 -65.45
N LYS L 4 -3.81 -9.36 -64.83
CA LYS L 4 -4.38 -8.87 -63.62
C LYS L 4 -5.64 -8.18 -63.98
N ARG L 5 -6.66 -8.27 -63.09
CA ARG L 5 -7.91 -7.64 -63.36
C ARG L 5 -7.94 -6.36 -62.59
N LEU L 6 -8.24 -5.25 -63.28
CA LEU L 6 -8.29 -3.98 -62.63
C LEU L 6 -9.68 -3.76 -62.11
N LEU L 7 -9.81 -2.84 -61.14
CA LEU L 7 -11.08 -2.53 -60.52
C LEU L 7 -11.88 -1.81 -61.56
N GLY L 8 -13.18 -2.11 -61.68
CA GLY L 8 -14.00 -1.51 -62.70
C GLY L 8 -14.66 -0.30 -62.13
N THR L 9 -15.68 0.21 -62.84
CA THR L 9 -16.38 1.36 -62.36
C THR L 9 -17.37 0.90 -61.35
N ALA L 10 -17.67 1.78 -60.37
CA ALA L 10 -18.62 1.41 -59.37
C ALA L 10 -19.76 2.37 -59.46
N PHE L 11 -20.97 1.89 -59.15
CA PHE L 11 -22.11 2.76 -59.22
C PHE L 11 -22.00 3.73 -58.10
N LYS L 12 -22.49 4.95 -58.34
CA LYS L 12 -22.42 6.04 -57.41
C LYS L 12 -23.32 5.80 -56.23
N SER L 13 -24.51 5.25 -56.47
CA SER L 13 -25.37 5.05 -55.34
C SER L 13 -25.82 3.64 -55.39
N SER L 14 -25.63 2.90 -54.28
CA SER L 14 -26.12 1.56 -54.25
C SER L 14 -27.32 1.59 -53.37
N PRO L 15 -28.38 2.12 -53.89
CA PRO L 15 -29.65 2.18 -53.22
C PRO L 15 -30.18 0.77 -53.30
N PHE L 16 -29.39 -0.16 -53.88
CA PHE L 16 -29.70 -1.53 -54.10
C PHE L 16 -30.85 -1.55 -55.05
N GLY L 17 -30.90 -2.58 -55.90
CA GLY L 17 -32.01 -2.71 -56.78
C GLY L 17 -31.92 -1.65 -57.83
N GLY L 18 -30.90 -0.76 -57.74
CA GLY L 18 -30.76 0.27 -58.73
C GLY L 18 -32.05 1.04 -58.69
N SER L 19 -32.69 1.08 -57.51
CA SER L 19 -33.97 1.73 -57.39
C SER L 19 -33.79 3.22 -57.39
N SER L 20 -34.89 3.92 -57.72
CA SER L 20 -34.94 5.35 -57.73
C SER L 20 -34.86 5.85 -56.32
N HIS L 21 -35.58 5.19 -55.38
CA HIS L 21 -35.57 5.62 -54.02
C HIS L 21 -35.59 4.43 -53.11
N ALA L 22 -35.15 4.65 -51.85
CA ALA L 22 -35.18 3.62 -50.86
C ALA L 22 -35.55 4.28 -49.57
N LYS L 23 -36.28 3.56 -48.69
CA LYS L 23 -36.72 4.12 -47.45
C LYS L 23 -35.95 3.46 -46.35
N GLY L 24 -35.62 4.22 -45.29
CA GLY L 24 -34.87 3.65 -44.21
C GLY L 24 -35.33 4.29 -42.94
N ILE L 25 -34.71 3.91 -41.81
CA ILE L 25 -35.07 4.46 -40.54
C ILE L 25 -33.88 5.21 -40.01
N VAL L 26 -34.12 6.38 -39.38
CA VAL L 26 -33.01 7.16 -38.89
C VAL L 26 -32.44 6.51 -37.67
N LEU L 27 -31.09 6.35 -37.61
CA LEU L 27 -30.42 5.97 -36.41
C LEU L 27 -30.10 7.15 -35.55
N GLU L 28 -29.49 8.19 -36.17
CA GLU L 28 -29.05 9.32 -35.41
C GLU L 28 -29.05 10.54 -36.27
N LYS L 29 -29.45 11.68 -35.67
CA LYS L 29 -29.50 12.94 -36.36
C LYS L 29 -28.29 13.70 -35.94
N LEU L 30 -27.14 13.38 -36.55
CA LEU L 30 -25.85 13.95 -36.24
C LEU L 30 -25.75 15.27 -36.94
N GLY L 31 -24.59 15.94 -36.79
CA GLY L 31 -24.32 17.16 -37.49
C GLY L 31 -22.86 17.12 -37.82
N ILE L 32 -22.51 17.25 -39.12
CA ILE L 32 -21.13 17.13 -39.48
C ILE L 32 -20.67 18.44 -39.98
N GLU L 33 -19.34 18.68 -39.95
CA GLU L 33 -18.83 19.93 -40.43
C GLU L 33 -18.31 19.75 -41.82
N SER L 34 -18.17 20.86 -42.55
CA SER L 34 -17.78 20.80 -43.92
C SER L 34 -16.30 20.56 -44.03
N LYS L 35 -15.79 20.53 -45.28
CA LYS L 35 -14.40 20.28 -45.55
C LYS L 35 -13.87 21.45 -46.30
N GLN L 36 -12.55 21.48 -46.56
CA GLN L 36 -12.07 22.60 -47.30
C GLN L 36 -12.30 23.78 -46.41
N PRO L 37 -12.38 24.96 -46.96
CA PRO L 37 -12.68 26.08 -46.11
C PRO L 37 -14.07 26.22 -45.57
N ASN L 38 -15.13 25.73 -46.25
CA ASN L 38 -16.42 26.09 -45.72
C ASN L 38 -16.66 25.42 -44.40
N SER L 39 -17.41 26.13 -43.52
CA SER L 39 -17.70 25.61 -42.21
C SER L 39 -19.13 25.92 -41.88
N ALA L 40 -19.76 25.03 -41.09
CA ALA L 40 -21.12 25.19 -40.68
C ALA L 40 -21.53 23.86 -40.12
N ILE L 41 -22.80 23.75 -39.66
CA ILE L 41 -23.25 22.50 -39.14
C ILE L 41 -24.22 21.89 -40.12
N ARG L 42 -23.71 20.97 -40.96
CA ARG L 42 -24.60 20.36 -41.92
C ARG L 42 -25.37 19.31 -41.20
N LYS L 43 -26.68 19.23 -41.44
CA LYS L 43 -27.48 18.28 -40.73
C LYS L 43 -27.51 17.01 -41.52
N CYS L 44 -27.16 15.89 -40.86
CA CYS L 44 -27.11 14.64 -41.55
C CYS L 44 -27.82 13.60 -40.72
N VAL L 45 -28.03 12.38 -41.29
CA VAL L 45 -28.67 11.35 -40.51
C VAL L 45 -28.26 10.00 -40.99
N ARG L 46 -27.95 9.10 -40.04
CA ARG L 46 -27.63 7.75 -40.40
C ARG L 46 -28.94 7.06 -40.63
N VAL L 47 -29.01 6.23 -41.68
CA VAL L 47 -30.24 5.55 -41.97
C VAL L 47 -30.01 4.11 -42.24
N GLN L 48 -30.97 3.29 -41.79
CA GLN L 48 -30.89 1.88 -42.02
C GLN L 48 -31.86 1.61 -43.13
N LEU L 49 -31.34 1.33 -44.34
CA LEU L 49 -32.19 1.12 -45.48
C LEU L 49 -32.69 -0.28 -45.45
N ILE L 50 -33.92 -0.49 -45.96
CA ILE L 50 -34.42 -1.83 -46.03
C ILE L 50 -33.75 -2.60 -47.12
N LYS L 51 -33.64 -1.98 -48.31
CA LYS L 51 -33.23 -2.66 -49.50
C LYS L 51 -31.85 -3.21 -49.39
N ASN L 52 -30.85 -2.33 -49.26
CA ASN L 52 -29.53 -2.89 -49.22
C ASN L 52 -29.46 -3.60 -47.93
N GLY L 53 -30.13 -3.02 -46.92
CA GLY L 53 -29.97 -3.51 -45.60
C GLY L 53 -28.74 -2.81 -45.18
N LYS L 54 -28.31 -1.85 -46.04
CA LYS L 54 -27.13 -1.11 -45.76
C LYS L 54 -27.48 0.09 -44.96
N LYS L 55 -26.50 0.54 -44.15
CA LYS L 55 -26.65 1.70 -43.32
C LYS L 55 -25.94 2.80 -44.03
N VAL L 56 -26.58 3.97 -44.18
CA VAL L 56 -25.93 5.02 -44.90
C VAL L 56 -26.18 6.33 -44.22
N THR L 57 -25.46 7.38 -44.67
CA THR L 57 -25.59 8.72 -44.14
C THR L 57 -26.23 9.53 -45.22
N ALA L 58 -27.19 10.41 -44.84
CA ALA L 58 -27.86 11.17 -45.86
C ALA L 58 -28.02 12.59 -45.43
N PHE L 59 -27.99 13.51 -46.41
CA PHE L 59 -28.09 14.93 -46.16
C PHE L 59 -29.53 15.28 -45.98
N VAL L 60 -29.83 16.28 -45.11
CA VAL L 60 -31.18 16.70 -44.94
C VAL L 60 -31.27 18.13 -45.38
N PRO L 61 -31.86 18.32 -46.53
CA PRO L 61 -31.96 19.59 -47.19
C PRO L 61 -32.92 20.52 -46.52
N ASN L 62 -32.75 21.83 -46.75
CA ASN L 62 -33.64 22.86 -46.30
C ASN L 62 -33.15 23.41 -45.00
N ASP L 63 -33.48 24.68 -44.74
CA ASP L 63 -33.07 25.24 -43.49
C ASP L 63 -33.75 24.39 -42.47
N GLY L 64 -35.02 24.07 -42.74
CA GLY L 64 -35.76 23.24 -41.84
C GLY L 64 -36.06 24.10 -40.67
N CYS L 65 -36.88 23.60 -39.73
CA CYS L 65 -37.04 24.36 -38.53
C CYS L 65 -35.85 23.91 -37.78
N LEU L 66 -36.06 23.20 -36.66
CA LEU L 66 -34.89 22.59 -36.11
C LEU L 66 -34.50 21.66 -37.20
N ASN L 67 -35.54 21.01 -37.76
CA ASN L 67 -35.55 20.07 -38.83
C ASN L 67 -36.55 19.09 -38.31
N PHE L 68 -37.16 18.26 -39.16
CA PHE L 68 -38.11 17.42 -38.50
C PHE L 68 -37.62 16.02 -38.60
N VAL L 69 -36.44 15.72 -38.01
CA VAL L 69 -35.97 14.37 -38.09
C VAL L 69 -35.59 13.97 -36.72
N ASP L 70 -36.05 12.78 -36.26
CA ASP L 70 -35.69 12.40 -34.93
C ASP L 70 -34.99 11.09 -34.93
N GLU L 71 -34.93 10.46 -33.74
CA GLU L 71 -34.21 9.24 -33.55
C GLU L 71 -34.74 8.14 -34.40
N ASN L 72 -36.05 7.90 -34.51
CA ASN L 72 -36.37 6.81 -35.39
C ASN L 72 -37.46 7.20 -36.33
N ASP L 73 -37.23 8.21 -37.18
CA ASP L 73 -38.26 8.55 -38.12
C ASP L 73 -37.98 7.87 -39.42
N GLU L 74 -39.06 7.48 -40.11
CA GLU L 74 -38.95 6.85 -41.40
C GLU L 74 -38.59 7.90 -42.40
N VAL L 75 -37.76 7.56 -43.39
CA VAL L 75 -37.35 8.55 -44.35
C VAL L 75 -37.16 7.90 -45.69
N LEU L 76 -37.14 8.72 -46.77
CA LEU L 76 -36.88 8.22 -48.09
C LEU L 76 -35.61 8.84 -48.58
N LEU L 77 -34.72 8.03 -49.19
CA LEU L 77 -33.49 8.56 -49.68
C LEU L 77 -33.51 8.59 -51.18
N ALA L 78 -33.40 9.81 -51.73
CA ALA L 78 -33.38 10.12 -53.13
C ALA L 78 -32.08 9.80 -53.80
N GLY L 79 -30.95 9.98 -53.11
CA GLY L 79 -29.74 9.98 -53.86
C GLY L 79 -29.94 11.23 -54.68
N PHE L 80 -30.68 12.21 -54.11
CA PHE L 80 -31.10 13.35 -54.87
C PHE L 80 -29.86 14.04 -55.35
N GLY L 81 -29.85 14.38 -56.65
CA GLY L 81 -28.66 14.89 -57.27
C GLY L 81 -28.19 13.73 -58.09
N ARG L 82 -27.15 13.91 -58.91
CA ARG L 82 -26.75 12.79 -59.72
C ARG L 82 -26.35 11.68 -58.78
N LYS L 83 -25.34 11.94 -57.95
CA LYS L 83 -24.89 10.99 -56.98
C LYS L 83 -25.80 10.99 -55.80
N GLY L 84 -26.29 12.18 -55.41
CA GLY L 84 -27.06 12.37 -54.22
C GLY L 84 -26.09 12.72 -53.15
N LYS L 85 -24.79 12.80 -53.51
CA LYS L 85 -23.75 13.06 -52.56
C LYS L 85 -23.50 14.54 -52.49
N ALA L 86 -22.95 15.02 -51.35
CA ALA L 86 -22.51 16.39 -51.26
C ALA L 86 -21.02 16.29 -51.13
N LYS L 87 -20.30 16.24 -52.28
CA LYS L 87 -18.89 16.04 -52.25
C LYS L 87 -18.16 17.21 -51.70
N GLY L 88 -18.47 18.39 -52.23
CA GLY L 88 -17.70 19.51 -51.78
C GLY L 88 -17.95 19.67 -50.34
N ASP L 89 -19.23 19.67 -49.93
CA ASP L 89 -19.41 19.91 -48.53
C ASP L 89 -19.02 18.75 -47.67
N ILE L 90 -19.70 17.59 -47.81
CA ILE L 90 -19.43 16.58 -46.82
C ILE L 90 -19.19 15.24 -47.44
N PRO L 91 -18.02 14.75 -47.16
CA PRO L 91 -17.67 13.45 -47.68
C PRO L 91 -18.41 12.41 -46.89
N GLY L 92 -18.75 11.27 -47.53
CA GLY L 92 -19.40 10.22 -46.82
C GLY L 92 -20.88 10.31 -46.99
N VAL L 93 -21.41 11.41 -47.57
CA VAL L 93 -22.85 11.41 -47.72
C VAL L 93 -23.19 11.23 -49.17
N ARG L 94 -23.65 10.02 -49.49
CA ARG L 94 -24.06 9.55 -50.78
C ARG L 94 -25.44 10.00 -51.20
N PHE L 95 -26.38 10.21 -50.25
CA PHE L 95 -27.73 10.46 -50.69
C PHE L 95 -28.29 11.64 -49.96
N LYS L 96 -29.41 12.18 -50.50
CA LYS L 96 -30.11 13.26 -49.87
C LYS L 96 -31.41 12.68 -49.39
N VAL L 97 -31.98 13.27 -48.31
CA VAL L 97 -33.24 12.77 -47.86
C VAL L 97 -34.30 13.57 -48.54
N VAL L 98 -35.38 12.89 -48.99
CA VAL L 98 -36.37 13.68 -49.68
C VAL L 98 -37.40 14.10 -48.70
N LYS L 99 -37.48 15.43 -48.47
CA LYS L 99 -38.49 15.94 -47.60
C LYS L 99 -39.34 16.82 -48.44
N VAL L 100 -38.86 17.10 -49.66
CA VAL L 100 -39.65 17.87 -50.56
C VAL L 100 -40.87 17.06 -50.76
N SER L 101 -40.66 15.75 -50.97
CA SER L 101 -41.77 14.87 -51.16
C SER L 101 -42.57 14.98 -49.91
N GLY L 102 -41.89 15.19 -48.77
CA GLY L 102 -42.61 15.30 -47.55
C GLY L 102 -43.14 13.94 -47.30
N VAL L 103 -42.41 12.92 -47.78
CA VAL L 103 -42.90 11.58 -47.59
C VAL L 103 -42.34 11.06 -46.32
N SER L 104 -43.17 10.30 -45.60
CA SER L 104 -42.71 9.71 -44.39
C SER L 104 -42.61 10.78 -43.35
N LEU L 105 -41.74 10.56 -42.36
CA LEU L 105 -41.57 11.45 -41.25
C LEU L 105 -41.00 12.77 -41.68
N LEU L 106 -40.11 12.79 -42.69
CA LEU L 106 -39.51 14.04 -43.05
C LEU L 106 -40.57 14.98 -43.51
N ALA L 107 -40.77 16.08 -42.76
CA ALA L 107 -41.72 17.07 -43.14
C ALA L 107 -41.02 18.04 -44.02
N LEU L 108 -41.79 18.80 -44.83
CA LEU L 108 -41.19 19.81 -45.66
C LEU L 108 -40.99 21.03 -44.83
N TRP L 109 -40.01 21.88 -45.21
CA TRP L 109 -39.92 23.12 -44.50
C TRP L 109 -41.12 23.89 -44.92
N LYS L 110 -41.83 24.48 -43.95
CA LYS L 110 -43.05 25.13 -44.31
C LYS L 110 -42.78 26.52 -44.78
N GLU L 111 -43.68 27.01 -45.65
CA GLU L 111 -43.68 28.36 -46.14
C GLU L 111 -42.33 28.72 -46.67
N LYS L 112 -41.72 27.86 -47.51
CA LYS L 112 -40.47 28.30 -48.05
C LYS L 112 -40.81 29.05 -49.30
N LYS L 113 -40.48 30.35 -49.32
CA LYS L 113 -40.81 31.23 -50.41
C LYS L 113 -40.09 30.80 -51.64
N GLU L 114 -38.83 30.40 -51.49
CA GLU L 114 -38.04 30.10 -52.65
C GLU L 114 -38.50 28.84 -53.30
N LYS L 115 -38.16 28.78 -54.60
CA LYS L 115 -38.45 27.76 -55.56
C LYS L 115 -37.79 26.45 -55.19
N PRO L 116 -36.72 26.37 -54.43
CA PRO L 116 -36.16 25.08 -54.18
C PRO L 116 -37.10 24.13 -53.52
N ARG L 117 -38.31 24.60 -53.14
CA ARG L 117 -39.25 23.71 -52.52
C ARG L 117 -39.45 22.55 -53.44
N SER L 118 -39.55 22.83 -54.76
CA SER L 118 -39.76 21.83 -55.75
C SER L 118 -38.81 20.66 -55.52
N LEU M 1 56.21 85.70 -0.76
CA LEU M 1 56.63 85.91 0.63
C LEU M 1 55.43 85.85 1.52
N ARG M 2 55.42 86.62 2.63
CA ARG M 2 54.36 86.49 3.58
C ARG M 2 53.46 87.67 3.52
N LEU M 3 52.40 87.55 2.69
CA LEU M 3 51.48 88.64 2.53
C LEU M 3 50.55 88.87 3.68
N LEU M 4 49.58 87.96 3.88
CA LEU M 4 48.65 88.20 4.92
C LEU M 4 49.11 87.47 6.13
N ASN M 5 48.38 87.63 7.25
CA ASN M 5 48.81 87.09 8.51
C ASN M 5 49.16 85.64 8.37
N THR M 6 50.44 85.34 8.65
CA THR M 6 50.99 84.02 8.61
C THR M 6 50.66 83.41 7.28
N ASN M 7 50.69 84.22 6.20
CA ASN M 7 50.44 83.66 4.91
C ASN M 7 51.75 83.64 4.20
N VAL M 8 52.25 82.45 3.83
CA VAL M 8 53.47 82.46 3.06
C VAL M 8 53.36 81.45 1.94
N ASP M 9 52.80 81.90 0.81
CA ASP M 9 52.71 81.07 -0.36
C ASP M 9 54.05 81.13 -1.04
N GLY M 10 54.60 79.98 -1.48
CA GLY M 10 55.91 80.09 -2.05
C GLY M 10 56.15 79.03 -3.08
N ASN M 11 57.22 79.24 -3.87
CA ASN M 11 57.75 78.40 -4.91
C ASN M 11 56.69 78.03 -5.89
N ILE M 12 55.66 78.88 -6.07
CA ILE M 12 54.67 78.54 -7.04
C ILE M 12 54.23 79.81 -7.69
N LYS M 13 53.35 79.69 -8.70
CA LYS M 13 52.84 80.83 -9.40
C LYS M 13 52.25 81.71 -8.35
N ILE M 14 52.36 83.03 -8.52
CA ILE M 14 51.85 83.93 -7.54
C ILE M 14 50.37 83.77 -7.44
N VAL M 15 49.68 83.62 -8.58
CA VAL M 15 48.25 83.49 -8.55
C VAL M 15 47.89 82.31 -7.71
N TYR M 16 48.46 81.13 -8.02
CA TYR M 16 48.06 79.95 -7.31
C TYR M 16 48.42 80.16 -5.88
N ALA M 17 49.60 80.75 -5.63
CA ALA M 17 50.10 80.96 -4.29
C ALA M 17 49.17 81.83 -3.51
N LEU M 18 48.61 82.90 -4.13
CA LEU M 18 47.72 83.74 -3.38
C LEU M 18 46.56 82.92 -2.90
N THR M 19 46.13 81.93 -3.68
CA THR M 19 44.95 81.18 -3.36
C THR M 19 45.09 80.59 -1.98
N THR M 20 46.34 80.33 -1.56
CA THR M 20 46.63 79.70 -0.31
C THR M 20 46.02 80.51 0.82
N ILE M 21 45.79 81.82 0.61
CA ILE M 21 45.23 82.66 1.64
C ILE M 21 43.76 82.34 1.80
N LYS M 22 43.22 82.49 3.04
CA LYS M 22 41.85 82.10 3.28
C LYS M 22 40.87 82.92 2.49
N GLY M 23 41.06 84.25 2.42
CA GLY M 23 40.22 85.21 1.75
C GLY M 23 40.28 85.15 0.23
N VAL M 24 41.39 84.67 -0.35
CA VAL M 24 41.54 84.80 -1.78
C VAL M 24 41.31 83.52 -2.53
N GLY M 25 40.71 83.68 -3.73
CA GLY M 25 40.36 82.57 -4.58
C GLY M 25 40.98 82.81 -5.92
N ARG M 26 40.64 81.92 -6.88
CA ARG M 26 41.22 81.95 -8.18
C ARG M 26 40.92 83.27 -8.83
N ARG M 27 39.69 83.80 -8.65
CA ARG M 27 39.46 85.04 -9.33
C ARG M 27 40.24 86.16 -8.72
N TYR M 28 40.27 86.24 -7.38
CA TYR M 28 40.88 87.32 -6.65
C TYR M 28 42.31 87.34 -7.06
N SER M 29 42.88 86.16 -7.31
CA SER M 29 44.26 86.03 -7.63
C SER M 29 44.59 86.87 -8.82
N ASN M 30 43.84 86.73 -9.93
CA ASN M 30 44.14 87.48 -11.12
C ASN M 30 43.97 88.94 -10.86
N LEU M 31 42.98 89.34 -10.05
CA LEU M 31 42.76 90.74 -9.81
C LEU M 31 43.94 91.37 -9.11
N VAL M 32 44.39 90.75 -8.01
CA VAL M 32 45.45 91.31 -7.22
C VAL M 32 46.63 91.49 -8.10
N CYS M 33 46.89 90.50 -8.97
CA CYS M 33 47.99 90.58 -9.88
C CYS M 33 47.69 91.62 -10.91
N LYS M 34 46.42 91.72 -11.34
CA LYS M 34 46.07 92.57 -12.43
C LYS M 34 46.34 94.00 -12.07
N LYS M 35 45.77 94.48 -10.95
CA LYS M 35 45.93 95.86 -10.55
C LYS M 35 47.36 96.11 -10.18
N ALA M 36 47.94 95.16 -9.42
CA ALA M 36 49.28 95.20 -8.93
C ALA M 36 50.20 95.24 -10.11
N ASP M 37 49.72 94.76 -11.28
CA ASP M 37 50.51 94.73 -12.47
C ASP M 37 51.72 93.89 -12.28
N VAL M 38 51.51 92.61 -11.91
CA VAL M 38 52.61 91.71 -11.80
C VAL M 38 52.27 90.47 -12.59
N ASP M 39 53.30 89.80 -13.12
CA ASP M 39 53.10 88.60 -13.89
C ASP M 39 52.54 87.57 -12.96
N LEU M 40 51.46 86.89 -13.38
CA LEU M 40 50.87 85.85 -12.57
C LEU M 40 51.79 84.67 -12.52
N HIS M 41 52.45 84.38 -13.66
CA HIS M 41 53.30 83.24 -13.87
C HIS M 41 54.52 83.26 -13.01
N LYS M 42 55.03 84.46 -12.67
CA LYS M 42 56.26 84.56 -11.95
C LYS M 42 56.18 83.75 -10.69
N ARG M 43 57.26 83.01 -10.39
CA ARG M 43 57.27 82.16 -9.24
C ARG M 43 57.38 83.07 -8.05
N ALA M 44 56.81 82.65 -6.91
CA ALA M 44 56.75 83.52 -5.78
C ALA M 44 58.14 83.92 -5.40
N GLY M 45 59.10 82.98 -5.45
CA GLY M 45 60.44 83.29 -5.06
C GLY M 45 61.01 84.34 -5.98
N GLU M 46 60.69 84.20 -7.28
CA GLU M 46 61.20 85.00 -8.34
C GLU M 46 60.76 86.42 -8.20
N LEU M 47 59.69 86.69 -7.44
CA LEU M 47 59.13 88.01 -7.32
C LEU M 47 60.16 89.00 -6.82
N THR M 48 59.78 90.29 -6.92
CA THR M 48 60.60 91.39 -6.50
C THR M 48 60.04 91.92 -5.22
N GLN M 49 60.92 92.50 -4.39
CA GLN M 49 60.54 93.00 -3.11
C GLN M 49 59.54 94.09 -3.32
N GLU M 50 59.72 94.87 -4.40
CA GLU M 50 58.85 95.97 -4.70
C GLU M 50 57.48 95.46 -4.99
N GLU M 51 57.37 94.38 -5.78
CA GLU M 51 56.11 93.80 -6.16
C GLU M 51 55.45 93.26 -4.93
N LEU M 52 56.26 92.63 -4.07
CA LEU M 52 55.83 92.00 -2.86
C LEU M 52 55.16 93.03 -2.01
N GLU M 53 55.66 94.28 -2.03
CA GLU M 53 55.04 95.32 -1.25
C GLU M 53 53.69 95.67 -1.79
N ARG M 54 53.60 95.85 -3.12
CA ARG M 54 52.38 96.28 -3.75
C ARG M 54 51.33 95.25 -3.52
N ILE M 55 51.71 93.97 -3.70
CA ILE M 55 50.76 92.91 -3.51
C ILE M 55 50.38 92.85 -2.07
N VAL M 56 51.39 92.91 -1.17
CA VAL M 56 51.04 92.77 0.21
C VAL M 56 50.13 93.87 0.62
N GLN M 57 50.46 95.12 0.25
CA GLN M 57 49.64 96.23 0.63
C GLN M 57 48.31 96.19 -0.04
N ILE M 58 48.28 95.91 -1.36
CA ILE M 58 47.03 96.01 -2.04
C ILE M 58 46.07 94.98 -1.51
N MET M 59 46.51 93.71 -1.38
CA MET M 59 45.65 92.68 -0.89
C MET M 59 45.27 92.89 0.55
N GLN M 60 46.30 93.15 1.40
CA GLN M 60 46.24 93.20 2.84
C GLN M 60 45.35 94.29 3.32
N ASN M 61 45.34 95.45 2.64
CA ASN M 61 44.62 96.62 3.07
C ASN M 61 43.27 96.20 3.52
N PRO M 62 43.13 96.30 4.82
CA PRO M 62 41.99 95.81 5.54
C PRO M 62 40.70 96.38 5.10
N THR M 63 40.65 97.68 4.72
CA THR M 63 39.34 98.20 4.48
C THR M 63 39.28 98.87 3.16
N HIS M 64 38.06 99.35 2.86
CA HIS M 64 37.82 100.08 1.66
C HIS M 64 38.63 101.32 1.81
N TYR M 65 39.26 101.76 0.72
CA TYR M 65 40.01 102.98 0.73
C TYR M 65 39.81 103.57 -0.62
N LYS M 66 40.60 104.61 -0.93
CA LYS M 66 40.54 105.17 -2.24
C LYS M 66 40.97 104.06 -3.15
N ILE M 67 41.92 103.23 -2.65
CA ILE M 67 42.46 102.16 -3.42
C ILE M 67 41.81 100.90 -2.92
N PRO M 68 41.33 100.06 -3.82
CA PRO M 68 40.59 98.88 -3.45
C PRO M 68 41.34 97.97 -2.53
N ALA M 69 40.60 97.20 -1.70
CA ALA M 69 41.11 96.32 -0.68
C ALA M 69 40.10 95.22 -0.52
N TRP M 70 40.46 94.13 0.21
CA TRP M 70 39.55 93.02 0.35
C TRP M 70 38.99 92.98 1.74
N PHE M 71 37.67 93.21 1.84
CA PHE M 71 36.95 93.10 3.07
C PHE M 71 35.53 92.93 2.65
N LEU M 72 34.70 92.31 3.51
CA LEU M 72 33.31 92.20 3.14
C LEU M 72 32.59 92.53 4.41
N ASN M 73 31.37 93.06 4.34
CA ASN M 73 30.71 93.45 5.55
C ASN M 73 30.55 92.23 6.40
N ARG M 74 30.08 91.12 5.79
CA ARG M 74 29.90 89.87 6.47
C ARG M 74 30.46 88.82 5.58
N GLN M 75 30.22 87.54 5.94
CA GLN M 75 30.66 86.49 5.07
C GLN M 75 29.69 86.48 3.93
N ASN M 76 30.20 86.52 2.69
CA ASN M 76 29.28 86.50 1.59
C ASN M 76 28.95 85.07 1.33
N ASP M 77 27.72 84.69 1.71
CA ASP M 77 27.23 83.35 1.61
C ASP M 77 27.21 82.97 0.18
N ILE M 78 26.80 83.92 -0.67
CA ILE M 78 26.62 83.55 -2.03
C ILE M 78 27.88 83.85 -2.77
N THR M 79 28.51 82.75 -3.25
CA THR M 79 29.72 82.82 -3.99
C THR M 79 29.41 83.50 -5.28
N ASP M 80 28.24 83.20 -5.86
CA ASP M 80 27.89 83.86 -7.09
C ASP M 80 27.62 85.28 -6.73
N GLY M 81 27.64 86.18 -7.72
CA GLY M 81 27.43 87.56 -7.41
C GLY M 81 28.73 88.18 -7.04
N LYS M 82 28.71 89.12 -6.06
CA LYS M 82 29.92 89.82 -5.67
C LYS M 82 30.88 88.83 -5.09
N ASP M 83 32.17 89.00 -5.42
CA ASP M 83 33.18 88.18 -4.80
C ASP M 83 34.03 89.08 -3.98
N TYR M 84 33.69 89.25 -2.67
CA TYR M 84 34.53 90.08 -1.87
C TYR M 84 34.72 89.43 -0.53
N HIS M 85 35.90 89.65 0.09
CA HIS M 85 36.15 89.10 1.40
C HIS M 85 37.31 89.87 1.98
N THR M 86 37.34 90.07 3.31
CA THR M 86 38.52 90.58 3.97
C THR M 86 39.32 89.33 4.24
N LEU M 87 40.61 89.42 4.64
CA LEU M 87 41.40 88.21 4.62
C LEU M 87 41.87 87.66 5.95
N ALA M 88 41.92 86.30 6.03
CA ALA M 88 42.56 85.58 7.10
C ALA M 88 41.62 85.14 8.18
N ASN M 89 42.20 84.41 9.15
CA ASN M 89 41.56 83.93 10.35
C ASN M 89 41.20 85.18 11.05
N ASN M 90 42.01 86.20 10.74
CA ASN M 90 41.88 87.54 11.21
C ASN M 90 40.48 87.92 10.84
N VAL M 91 40.03 87.57 9.61
CA VAL M 91 38.72 87.95 9.12
C VAL M 91 37.57 87.33 9.82
N GLU M 92 37.51 85.99 9.92
CA GLU M 92 36.35 85.39 10.48
C GLU M 92 36.24 85.87 11.89
N SER M 93 37.39 85.87 12.58
CA SER M 93 37.43 86.29 13.94
C SER M 93 37.18 87.76 13.99
N LYS M 94 37.50 88.47 12.90
CA LYS M 94 37.39 89.90 12.82
C LYS M 94 35.97 90.29 12.96
N LEU M 95 29.46 85.03 4.28
CA LEU M 95 29.02 84.30 3.13
C LEU M 95 28.52 82.97 3.61
N ARG M 96 29.30 82.31 4.48
CA ARG M 96 28.89 81.03 4.99
C ARG M 96 27.61 81.20 5.72
N ASP M 97 27.52 82.29 6.50
CA ASP M 97 26.38 82.54 7.33
C ASP M 97 25.21 82.70 6.43
N ASP M 98 25.40 83.28 5.23
CA ASP M 98 24.31 83.56 4.36
C ASP M 98 23.60 82.30 4.06
N LEU M 99 24.33 81.25 3.67
CA LEU M 99 23.66 80.04 3.27
C LEU M 99 22.84 79.55 4.40
N GLU M 100 23.42 79.55 5.61
CA GLU M 100 22.70 78.98 6.71
C GLU M 100 21.46 79.77 6.98
N ARG M 101 21.54 81.12 6.87
CA ARG M 101 20.46 82.00 7.22
C ARG M 101 19.27 81.74 6.35
N LEU M 102 19.48 81.73 5.02
CA LEU M 102 18.40 81.54 4.09
C LEU M 102 17.81 80.22 4.36
N LYS M 103 18.66 79.26 4.78
CA LYS M 103 18.18 77.95 5.06
C LYS M 103 17.28 77.94 6.25
N LYS M 104 17.68 78.63 7.34
CA LYS M 104 16.91 78.61 8.54
C LYS M 104 15.60 79.29 8.31
N ILE M 105 15.62 80.40 7.56
CA ILE M 105 14.44 81.12 7.22
C ILE M 105 13.73 80.34 6.17
N ARG M 106 12.40 80.52 6.11
CA ARG M 106 11.51 79.80 5.26
C ARG M 106 11.92 80.00 3.84
N ALA M 107 12.72 81.07 3.57
CA ALA M 107 13.11 81.50 2.26
C ALA M 107 13.33 80.36 1.33
N HIS M 108 12.66 80.45 0.17
CA HIS M 108 12.64 79.45 -0.84
C HIS M 108 14.04 79.29 -1.31
N ARG M 109 14.76 80.42 -1.40
CA ARG M 109 16.10 80.42 -1.88
C ARG M 109 16.86 79.48 -1.01
N GLY M 110 16.58 79.50 0.31
CA GLY M 110 17.24 78.64 1.25
C GLY M 110 16.86 77.20 1.04
N ILE M 111 15.58 76.95 0.71
CA ILE M 111 15.09 75.61 0.61
C ILE M 111 15.78 74.93 -0.52
N ARG M 112 16.07 75.69 -1.59
CA ARG M 112 16.71 75.17 -2.75
C ARG M 112 18.05 74.66 -2.33
N HIS M 113 18.67 75.29 -1.31
CA HIS M 113 19.96 74.83 -0.83
C HIS M 113 19.81 73.46 -0.26
N PHE M 114 18.82 73.26 0.64
CA PHE M 114 18.65 71.96 1.24
C PHE M 114 18.31 70.96 0.18
N TRP M 115 17.39 71.31 -0.72
CA TRP M 115 16.98 70.40 -1.74
C TRP M 115 18.19 70.10 -2.57
N GLY M 116 19.10 71.08 -2.72
CA GLY M 116 20.31 70.85 -3.46
C GLY M 116 20.03 71.10 -4.91
N LEU M 117 18.98 71.89 -5.18
CA LEU M 117 18.61 72.19 -6.53
C LEU M 117 19.11 73.58 -6.83
N ARG M 118 19.10 73.94 -8.12
CA ARG M 118 19.58 75.22 -8.55
C ARG M 118 18.73 76.29 -7.92
N VAL M 119 19.40 77.28 -7.30
CA VAL M 119 18.80 78.42 -6.66
C VAL M 119 18.34 79.46 -7.66
N ARG M 120 19.16 79.67 -8.70
CA ARG M 120 19.03 80.75 -9.64
C ARG M 120 17.73 80.67 -10.38
N GLY M 121 17.10 79.49 -10.46
CA GLY M 121 15.88 79.51 -11.20
C GLY M 121 16.20 79.09 -12.59
N GLN M 122 17.16 78.16 -12.71
CA GLN M 122 17.52 77.60 -13.98
C GLN M 122 16.67 76.39 -14.13
N HIS M 123 16.69 75.78 -15.34
CA HIS M 123 15.85 74.65 -15.65
C HIS M 123 16.31 73.40 -14.97
N THR M 124 15.35 72.73 -14.30
CA THR M 124 15.48 71.49 -13.57
C THR M 124 15.52 70.31 -14.49
N LYS M 125 14.86 70.40 -15.67
CA LYS M 125 14.80 69.28 -16.57
C LYS M 125 16.17 68.93 -17.04
N THR M 126 17.00 69.94 -17.38
CA THR M 126 18.32 69.62 -17.85
C THR M 126 19.31 70.52 -17.15
N THR M 127 20.61 70.22 -17.33
CA THR M 127 21.71 70.97 -16.78
C THR M 127 21.65 70.99 -15.27
N GLY M 128 21.24 69.86 -14.66
CA GLY M 128 21.22 69.68 -13.23
C GLY M 128 22.60 69.47 -12.69
N ARG M 129 23.46 68.83 -13.52
CA ARG M 129 24.75 68.31 -13.17
C ARG M 129 25.63 69.37 -12.58
N ARG M 130 25.55 70.60 -13.10
CA ARG M 130 26.42 71.63 -12.61
C ARG M 130 26.20 71.81 -11.14
N ARG M 131 24.92 71.86 -10.70
CA ARG M 131 24.63 72.08 -9.31
C ARG M 131 24.85 70.75 -8.59
N CYS N 1 -3.83 77.36 -42.51
CA CYS N 1 -4.11 78.76 -42.17
C CYS N 1 -5.44 79.14 -42.70
N ARG N 2 -5.47 80.13 -43.60
CA ARG N 2 -6.74 80.57 -44.04
C ARG N 2 -7.43 79.47 -44.79
N VAL N 3 -6.76 78.81 -45.76
CA VAL N 3 -7.49 77.77 -46.45
C VAL N 3 -7.69 76.51 -45.63
N CYS N 4 -6.59 75.80 -45.34
CA CYS N 4 -6.57 74.51 -44.68
C CYS N 4 -6.77 74.65 -43.21
N SER N 5 -6.32 75.79 -42.65
CA SER N 5 -6.37 76.05 -41.25
C SER N 5 -5.33 75.25 -40.53
N SER N 6 -4.29 74.77 -41.24
CA SER N 6 -3.30 74.18 -40.40
C SER N 6 -2.58 75.33 -39.75
N HIS N 7 -2.71 75.40 -38.42
CA HIS N 7 -2.15 76.43 -37.59
C HIS N 7 -0.66 76.34 -37.53
N THR N 8 -0.11 75.12 -37.69
CA THR N 8 1.26 74.86 -37.33
C THR N 8 2.26 75.78 -37.98
N GLY N 9 2.00 76.36 -39.16
CA GLY N 9 3.03 77.25 -39.61
C GLY N 9 2.72 77.74 -40.97
N LEU N 10 2.02 78.88 -40.97
CA LEU N 10 1.57 79.51 -42.16
C LEU N 10 2.32 80.79 -42.23
N VAL N 11 2.78 81.16 -43.44
CA VAL N 11 3.43 82.42 -43.51
C VAL N 11 2.37 83.46 -43.38
N ARG N 12 2.70 84.61 -42.76
CA ARG N 12 1.76 85.67 -42.54
C ARG N 12 1.35 86.27 -43.84
N LYS N 13 2.33 86.48 -44.73
CA LYS N 13 2.08 87.20 -45.94
C LYS N 13 0.99 86.52 -46.70
N TYR N 14 1.15 85.22 -46.98
CA TYR N 14 0.10 84.54 -47.65
C TYR N 14 -1.04 84.42 -46.69
N ASP N 15 -0.69 84.09 -45.43
CA ASP N 15 -1.60 83.86 -44.35
C ASP N 15 -2.54 82.81 -44.85
N LEU N 16 -2.01 81.96 -45.74
CA LEU N 16 -2.79 80.95 -46.37
C LEU N 16 -2.06 79.68 -46.33
N ASN N 17 -2.71 78.70 -46.98
CA ASN N 17 -2.15 77.42 -47.22
C ASN N 17 -2.36 76.64 -45.98
N ILE N 18 -2.25 75.32 -46.11
CA ILE N 18 -2.37 74.48 -44.96
C ILE N 18 -1.28 74.95 -44.09
N CYS N 19 -0.11 75.23 -44.70
CA CYS N 19 1.06 75.72 -44.08
C CYS N 19 1.96 75.95 -45.24
N ARG N 20 3.22 75.54 -45.07
CA ARG N 20 4.08 75.64 -46.19
C ARG N 20 3.52 74.69 -47.20
N GLN N 21 2.88 73.59 -46.74
CA GLN N 21 2.48 72.58 -47.68
C GLN N 21 1.55 73.13 -48.72
N CYS N 22 0.44 73.78 -48.33
CA CYS N 22 -0.48 74.24 -49.35
C CYS N 22 0.16 75.33 -50.13
N PHE N 23 1.01 76.13 -49.48
CA PHE N 23 1.69 77.19 -50.16
C PHE N 23 2.41 76.58 -51.32
N ARG N 24 3.14 75.47 -51.06
CA ARG N 24 3.86 74.76 -52.06
C ARG N 24 2.90 74.10 -53.00
N GLU N 25 1.76 73.61 -52.49
CA GLU N 25 0.82 72.88 -53.31
C GLU N 25 0.26 73.77 -54.37
N LYS N 26 -0.20 74.98 -53.98
CA LYS N 26 -0.83 75.86 -54.91
C LYS N 26 0.21 76.29 -55.88
N ALA N 27 1.42 76.53 -55.36
CA ALA N 27 2.52 76.97 -56.13
C ALA N 27 2.83 75.90 -57.14
N ASN N 28 2.69 74.63 -56.72
CA ASN N 28 3.08 73.56 -57.59
C ASN N 28 2.32 73.55 -58.87
N ASP N 29 0.99 73.75 -58.84
CA ASP N 29 0.37 73.68 -60.12
C ASP N 29 0.48 75.07 -60.76
N ILE O 1 44.74 -26.97 -72.53
CA ILE O 1 45.35 -28.16 -73.18
C ILE O 1 46.39 -27.70 -74.13
N THR O 2 47.51 -28.45 -74.21
CA THR O 2 48.59 -28.05 -75.05
C THR O 2 49.16 -29.29 -75.63
N GLY O 3 50.39 -29.18 -76.18
CA GLY O 3 51.05 -30.33 -76.73
C GLY O 3 50.33 -30.62 -77.99
N ASN O 4 49.54 -29.62 -78.43
CA ASN O 4 48.73 -29.84 -79.58
C ASN O 4 47.87 -31.02 -79.25
N LYS O 5 47.60 -31.20 -77.95
CA LYS O 5 46.76 -32.26 -77.50
C LYS O 5 45.47 -31.91 -78.09
N ILE O 6 45.27 -30.59 -78.25
CA ILE O 6 44.10 -30.10 -78.90
C ILE O 6 44.15 -30.58 -80.32
N MET O 7 45.31 -30.44 -80.98
CA MET O 7 45.36 -30.78 -82.37
C MET O 7 45.07 -32.24 -82.52
N ARG O 8 45.67 -33.06 -81.64
CA ARG O 8 45.52 -34.48 -81.79
C ARG O 8 44.08 -34.85 -81.62
N ILE O 9 43.39 -34.20 -80.66
CA ILE O 9 42.02 -34.53 -80.42
C ILE O 9 41.25 -34.16 -81.66
N LEU O 10 41.59 -33.01 -82.27
CA LEU O 10 40.94 -32.51 -83.45
C LEU O 10 41.13 -33.48 -84.57
N LYS O 11 42.37 -33.92 -84.81
CA LYS O 11 42.63 -34.78 -85.93
C LYS O 11 41.95 -36.09 -85.72
N SER O 12 42.02 -36.61 -84.49
CA SER O 12 41.48 -37.91 -84.21
C SER O 12 40.00 -37.85 -84.34
N ASN O 13 39.40 -36.69 -84.04
CA ASN O 13 37.97 -36.59 -84.09
C ASN O 13 37.48 -36.81 -85.47
N GLY O 14 37.99 -36.09 -86.49
CA GLY O 14 37.40 -36.52 -87.72
C GLY O 14 37.60 -35.56 -88.85
N LEU O 15 37.45 -36.14 -90.06
CA LEU O 15 37.54 -35.48 -91.32
C LEU O 15 36.33 -34.61 -91.48
N ALA O 16 35.24 -35.04 -90.84
CA ALA O 16 33.95 -34.43 -90.92
C ALA O 16 34.05 -32.98 -90.56
N PRO O 17 32.91 -32.34 -90.66
CA PRO O 17 32.81 -30.94 -90.38
C PRO O 17 33.14 -30.63 -88.96
N GLU O 18 33.38 -31.68 -88.16
CA GLU O 18 33.77 -31.49 -86.79
C GLU O 18 32.64 -31.02 -85.94
N ILE O 19 31.39 -31.34 -86.31
CA ILE O 19 30.39 -31.12 -85.32
C ILE O 19 30.67 -32.15 -84.26
N PRO O 20 30.92 -33.38 -84.64
CA PRO O 20 31.25 -34.38 -83.67
C PRO O 20 32.60 -34.08 -83.07
N GLU O 21 33.47 -33.47 -83.87
CA GLU O 21 34.79 -33.11 -83.43
C GLU O 21 34.60 -32.09 -82.37
N ASP O 22 33.64 -31.16 -82.59
CA ASP O 22 33.40 -30.09 -81.68
C ASP O 22 32.99 -30.69 -80.39
N LEU O 23 32.11 -31.71 -80.44
CA LEU O 23 31.61 -32.31 -79.24
C LEU O 23 32.80 -32.80 -78.49
N TYR O 24 33.77 -33.41 -79.21
CA TYR O 24 34.94 -33.91 -78.55
C TYR O 24 35.71 -32.79 -77.91
N TYR O 25 35.92 -31.68 -78.64
CA TYR O 25 36.75 -30.65 -78.10
C TYR O 25 36.11 -30.16 -76.85
N LEU O 26 34.79 -29.93 -76.89
CA LEU O 26 34.08 -29.40 -75.76
C LEU O 26 34.15 -30.34 -74.60
N ILE O 27 34.01 -31.65 -74.85
CA ILE O 27 34.03 -32.55 -73.73
C ILE O 27 35.38 -32.45 -73.09
N LYS O 28 36.44 -32.36 -73.90
CA LYS O 28 37.77 -32.29 -73.36
C LYS O 28 37.94 -31.04 -72.54
N LYS O 29 37.52 -29.87 -73.06
CA LYS O 29 37.70 -28.65 -72.33
C LYS O 29 36.91 -28.70 -71.06
N ALA O 30 35.67 -29.22 -71.14
CA ALA O 30 34.80 -29.26 -70.01
C ALA O 30 35.41 -30.10 -68.93
N VAL O 31 35.98 -31.25 -69.29
CA VAL O 31 36.51 -32.14 -68.30
C VAL O 31 37.59 -31.43 -67.55
N SER O 32 38.47 -30.72 -68.26
CA SER O 32 39.54 -30.04 -67.59
C SER O 32 38.94 -29.04 -66.65
N VAL O 33 37.90 -28.33 -67.11
CA VAL O 33 37.27 -27.31 -66.32
C VAL O 33 36.67 -27.94 -65.11
N ARG O 34 35.99 -29.09 -65.28
CA ARG O 34 35.37 -29.74 -64.17
C ARG O 34 36.46 -30.07 -63.22
N LYS O 35 37.62 -30.47 -63.77
CA LYS O 35 38.79 -30.83 -63.01
C LYS O 35 39.24 -29.64 -62.24
N HIS O 36 39.34 -28.48 -62.92
CA HIS O 36 39.82 -27.29 -62.28
C HIS O 36 38.91 -26.99 -61.14
N LEU O 37 37.60 -27.13 -61.37
CA LEU O 37 36.55 -26.82 -60.44
C LEU O 37 36.60 -27.72 -59.24
N GLU O 38 37.17 -28.92 -59.36
CA GLU O 38 37.28 -29.81 -58.23
C GLU O 38 37.96 -29.02 -57.17
N ARG O 39 39.03 -28.32 -57.56
CA ARG O 39 39.70 -27.41 -56.69
C ARG O 39 39.08 -26.08 -57.00
N ASN O 40 39.42 -25.03 -56.24
CA ASN O 40 38.95 -23.71 -56.53
C ASN O 40 37.46 -23.70 -56.70
N ARG O 41 36.74 -24.19 -55.67
CA ARG O 41 35.31 -24.24 -55.71
C ARG O 41 34.84 -22.83 -55.80
N LYS O 42 35.62 -21.91 -55.22
CA LYS O 42 35.32 -20.52 -55.13
C LYS O 42 35.20 -19.89 -56.49
N ASP O 43 36.07 -20.29 -57.45
CA ASP O 43 36.20 -19.73 -58.78
C ASP O 43 34.88 -19.75 -59.49
N LYS O 44 34.04 -18.74 -59.24
CA LYS O 44 32.74 -18.60 -59.82
C LYS O 44 32.86 -18.21 -61.26
N ASP O 45 33.77 -17.25 -61.57
CA ASP O 45 33.82 -16.75 -62.90
C ASP O 45 34.20 -17.83 -63.85
N ALA O 46 35.11 -18.73 -63.43
CA ALA O 46 35.52 -19.81 -64.27
C ALA O 46 34.34 -20.67 -64.56
N LYS O 47 33.48 -20.87 -63.54
CA LYS O 47 32.36 -21.76 -63.65
C LYS O 47 31.47 -21.30 -64.76
N PHE O 48 31.36 -19.98 -64.95
CA PHE O 48 30.51 -19.41 -65.95
C PHE O 48 30.96 -19.92 -67.27
N ARG O 49 32.29 -20.02 -67.46
CA ARG O 49 32.84 -20.49 -68.69
C ARG O 49 32.33 -21.88 -68.93
N LEU O 50 32.27 -22.71 -67.87
CA LEU O 50 31.80 -24.05 -68.01
C LEU O 50 30.39 -24.01 -68.48
N ILE O 51 29.62 -23.03 -67.96
CA ILE O 51 28.23 -22.94 -68.28
C ILE O 51 28.10 -22.83 -69.76
N LEU O 52 28.96 -22.00 -70.40
CA LEU O 52 28.83 -21.85 -71.82
C LEU O 52 29.18 -23.13 -72.51
N ILE O 53 30.30 -23.77 -72.13
CA ILE O 53 30.71 -24.93 -72.87
C ILE O 53 29.70 -26.02 -72.73
N GLU O 54 29.23 -26.26 -71.50
CA GLU O 54 28.30 -27.34 -71.31
C GLU O 54 27.08 -27.02 -72.12
N SER O 55 26.67 -25.74 -72.12
CA SER O 55 25.49 -25.37 -72.82
C SER O 55 25.66 -25.64 -74.27
N ARG O 56 26.79 -25.22 -74.86
CA ARG O 56 26.96 -25.34 -76.27
C ARG O 56 26.95 -26.79 -76.66
N ILE O 57 27.54 -27.66 -75.81
CA ILE O 57 27.59 -29.05 -76.13
C ILE O 57 26.20 -29.60 -76.19
N HIS O 58 25.39 -29.30 -75.16
CA HIS O 58 24.06 -29.82 -75.04
C HIS O 58 23.29 -29.40 -76.25
N ARG O 59 23.46 -28.13 -76.66
CA ARG O 59 22.74 -27.61 -77.78
C ARG O 59 23.13 -28.30 -79.04
N LEU O 60 24.43 -28.55 -79.24
CA LEU O 60 24.92 -29.10 -80.47
C LEU O 60 24.39 -30.48 -80.67
N ALA O 61 24.32 -31.28 -79.59
CA ALA O 61 23.85 -32.61 -79.78
C ALA O 61 22.45 -32.54 -80.31
N ARG O 62 21.61 -31.65 -79.75
CA ARG O 62 20.24 -31.56 -80.18
C ARG O 62 20.20 -31.14 -81.62
N TYR O 63 20.98 -30.11 -81.98
CA TYR O 63 20.95 -29.58 -83.31
C TYR O 63 21.42 -30.62 -84.26
N TYR O 64 22.47 -31.36 -83.87
CA TYR O 64 23.08 -32.32 -84.73
C TYR O 64 22.09 -33.38 -85.13
N ARG O 65 21.37 -33.97 -84.16
CA ARG O 65 20.50 -35.03 -84.55
C ARG O 65 19.09 -34.69 -84.14
N LYS P 1 -22.62 -39.11 -87.01
CA LYS P 1 -22.26 -39.34 -88.42
C LYS P 1 -21.29 -40.48 -88.51
N ILE P 2 -20.36 -40.39 -89.49
CA ILE P 2 -19.36 -41.38 -89.65
C ILE P 2 -18.08 -40.74 -89.25
N LEU P 3 -17.28 -41.45 -88.42
CA LEU P 3 -16.05 -40.88 -87.95
C LEU P 3 -14.95 -41.88 -88.19
N THR P 4 -13.70 -41.39 -88.16
CA THR P 4 -12.58 -42.27 -88.38
C THR P 4 -11.68 -42.11 -87.20
N GLY P 5 -11.03 -43.23 -86.77
CA GLY P 5 -10.17 -43.15 -85.62
C GLY P 5 -9.39 -44.43 -85.54
N THR P 6 -8.62 -44.59 -84.45
CA THR P 6 -7.83 -45.79 -84.31
C THR P 6 -8.27 -46.50 -83.07
N VAL P 7 -8.09 -47.83 -83.06
CA VAL P 7 -8.47 -48.66 -81.95
C VAL P 7 -7.36 -48.64 -80.98
N VAL P 8 -7.50 -47.81 -79.93
CA VAL P 8 -6.53 -47.73 -78.89
C VAL P 8 -6.63 -48.91 -77.97
N SER P 9 -7.85 -49.44 -77.71
CA SER P 9 -7.92 -50.52 -76.76
C SER P 9 -8.92 -51.58 -77.14
N THR P 10 -8.44 -52.84 -77.12
CA THR P 10 -9.06 -54.13 -77.33
C THR P 10 -9.58 -54.75 -76.06
N LYS P 11 -9.22 -54.20 -74.89
CA LYS P 11 -9.43 -54.86 -73.62
C LYS P 11 -10.85 -55.25 -73.33
N MET P 12 -11.85 -54.42 -73.66
CA MET P 12 -13.20 -54.69 -73.26
C MET P 12 -13.84 -55.72 -74.15
N HIS P 13 -14.99 -56.25 -73.70
CA HIS P 13 -15.68 -57.28 -74.43
C HIS P 13 -16.71 -56.67 -75.32
N ARG P 14 -16.69 -57.08 -76.60
CA ARG P 14 -17.69 -56.68 -77.55
C ARG P 14 -17.60 -55.20 -77.77
N THR P 15 -16.56 -54.54 -77.21
CA THR P 15 -16.41 -53.13 -77.40
C THR P 15 -14.97 -52.81 -77.68
N ILE P 16 -14.76 -51.68 -78.39
CA ILE P 16 -13.42 -51.25 -78.72
C ILE P 16 -13.37 -49.78 -78.48
N VAL P 17 -12.19 -49.24 -78.12
CA VAL P 17 -12.14 -47.82 -77.91
C VAL P 17 -11.41 -47.20 -79.07
N ILE P 18 -12.10 -46.33 -79.81
CA ILE P 18 -11.49 -45.74 -80.96
C ILE P 18 -11.22 -44.30 -80.68
N ARG P 19 -10.00 -43.85 -81.01
CA ARG P 19 -9.63 -42.49 -80.73
C ARG P 19 -9.72 -41.70 -81.99
N ARG P 20 -10.76 -40.86 -82.10
CA ARG P 20 -10.91 -40.07 -83.29
C ARG P 20 -10.24 -38.75 -83.08
N ALA P 21 -9.54 -38.23 -84.10
CA ALA P 21 -8.89 -36.97 -83.95
C ALA P 21 -9.60 -35.98 -84.81
N TYR P 22 -9.77 -34.73 -84.32
CA TYR P 22 -10.46 -33.77 -85.12
C TYR P 22 -9.84 -32.41 -84.99
N LEU P 23 -9.93 -31.62 -86.09
CA LEU P 23 -9.46 -30.27 -86.18
C LEU P 23 -10.65 -29.45 -86.57
N HIS P 24 -10.69 -28.16 -86.18
CA HIS P 24 -11.82 -27.38 -86.61
C HIS P 24 -11.58 -25.96 -86.25
N TYR P 25 -12.40 -25.06 -86.84
CA TYR P 25 -12.33 -23.65 -86.58
C TYR P 25 -13.20 -23.39 -85.40
N ILE P 26 -12.67 -22.68 -84.39
CA ILE P 26 -13.49 -22.45 -83.24
C ILE P 26 -14.33 -21.26 -83.52
N PRO P 27 -15.59 -21.39 -83.26
CA PRO P 27 -16.52 -20.33 -83.56
C PRO P 27 -16.09 -18.99 -83.04
N LYS P 28 -15.67 -18.88 -81.76
CA LYS P 28 -15.34 -17.57 -81.25
C LYS P 28 -14.07 -17.01 -81.83
N TYR P 29 -12.95 -17.69 -81.55
CA TYR P 29 -11.62 -17.25 -81.92
C TYR P 29 -11.34 -17.46 -83.37
N ASN P 30 -11.91 -18.54 -83.93
CA ASN P 30 -11.69 -18.97 -85.28
C ASN P 30 -10.34 -19.59 -85.36
N ARG P 31 -9.66 -19.71 -84.21
CA ARG P 31 -8.38 -20.35 -84.21
C ARG P 31 -8.63 -21.77 -84.54
N TYR P 32 -7.63 -22.44 -85.15
CA TYR P 32 -7.86 -23.79 -85.55
C TYR P 32 -7.39 -24.58 -84.37
N GLU P 33 -8.34 -25.23 -83.67
CA GLU P 33 -7.98 -25.97 -82.50
C GLU P 33 -8.19 -27.41 -82.78
N LYS P 34 -7.35 -28.26 -82.17
CA LYS P 34 -7.46 -29.66 -82.42
C LYS P 34 -7.70 -30.36 -81.13
N ARG P 35 -8.68 -31.26 -81.11
CA ARG P 35 -8.88 -32.04 -79.93
C ARG P 35 -9.29 -33.40 -80.39
N HIS P 36 -9.07 -34.41 -79.52
CA HIS P 36 -9.42 -35.74 -79.91
C HIS P 36 -10.30 -36.30 -78.84
N LYS P 37 -11.11 -37.31 -79.19
CA LYS P 37 -11.99 -37.93 -78.24
C LYS P 37 -11.90 -39.41 -78.44
N ASN P 38 -12.22 -40.18 -77.37
CA ASN P 38 -12.23 -41.61 -77.46
C ASN P 38 -13.66 -42.01 -77.42
N VAL P 39 -14.05 -42.93 -78.32
CA VAL P 39 -15.42 -43.35 -78.31
C VAL P 39 -15.44 -44.85 -78.21
N PRO P 40 -16.31 -45.37 -77.38
CA PRO P 40 -16.46 -46.80 -77.34
C PRO P 40 -17.32 -47.24 -78.47
N VAL P 41 -16.87 -48.24 -79.25
CA VAL P 41 -17.62 -48.67 -80.38
C VAL P 41 -17.94 -50.12 -80.21
N HIS P 42 -19.14 -50.53 -80.67
CA HIS P 42 -19.59 -51.88 -80.50
C HIS P 42 -18.90 -52.77 -81.49
N VAL P 43 -18.29 -53.86 -80.99
CA VAL P 43 -17.66 -54.85 -81.82
C VAL P 43 -18.25 -56.18 -81.44
N SER P 44 -19.16 -56.70 -82.28
CA SER P 44 -19.85 -57.91 -81.96
C SER P 44 -18.96 -59.13 -82.05
N PRO P 45 -18.25 -59.39 -83.12
CA PRO P 45 -17.52 -60.62 -83.17
C PRO P 45 -16.40 -60.66 -82.18
N ALA P 46 -15.93 -59.49 -81.73
CA ALA P 46 -14.85 -59.42 -80.79
C ALA P 46 -13.64 -59.99 -81.47
N PHE P 47 -13.72 -60.11 -82.80
CA PHE P 47 -12.58 -60.57 -83.53
C PHE P 47 -12.54 -59.60 -84.65
N ARG P 48 -13.61 -58.79 -84.73
CA ARG P 48 -13.69 -57.92 -85.85
C ARG P 48 -12.57 -56.96 -85.85
N VAL P 49 -12.34 -56.25 -84.73
CA VAL P 49 -11.32 -55.26 -84.76
C VAL P 49 -10.33 -55.52 -83.69
N GLN P 50 -9.03 -55.40 -84.06
CA GLN P 50 -7.95 -55.58 -83.14
C GLN P 50 -7.31 -54.25 -82.97
N VAL P 51 -6.43 -54.14 -81.95
CA VAL P 51 -5.80 -52.89 -81.70
C VAL P 51 -4.91 -52.56 -82.85
N GLY P 52 -4.89 -51.25 -83.22
CA GLY P 52 -4.04 -50.77 -84.27
C GLY P 52 -4.84 -50.54 -85.50
N ASP P 53 -6.08 -51.05 -85.59
CA ASP P 53 -6.81 -50.84 -86.81
C ASP P 53 -7.37 -49.46 -86.85
N ILE P 54 -7.57 -48.94 -88.08
CA ILE P 54 -8.19 -47.67 -88.29
C ILE P 54 -9.57 -48.04 -88.72
N VAL P 55 -10.60 -47.50 -88.04
CA VAL P 55 -11.91 -47.90 -88.44
C VAL P 55 -12.80 -46.71 -88.58
N THR P 56 -13.95 -46.91 -89.24
CA THR P 56 -14.88 -45.83 -89.34
C THR P 56 -16.02 -46.18 -88.45
N VAL P 57 -16.39 -45.22 -87.58
CA VAL P 57 -17.43 -45.42 -86.62
C VAL P 57 -18.67 -44.77 -87.13
N GLY P 58 -19.84 -45.31 -86.75
CA GLY P 58 -21.07 -44.75 -87.24
C GLY P 58 -21.98 -44.52 -86.09
N GLN P 59 -22.78 -43.44 -86.19
CA GLN P 59 -23.72 -43.08 -85.17
C GLN P 59 -24.73 -44.18 -85.09
N CYS P 60 -25.03 -44.67 -83.87
CA CYS P 60 -25.99 -45.73 -83.72
C CYS P 60 -26.84 -45.40 -82.54
N ARG P 61 -27.87 -46.23 -82.27
CA ARG P 61 -28.70 -46.07 -81.11
C ARG P 61 -27.90 -46.55 -79.95
N PRO P 62 -28.23 -46.11 -78.76
CA PRO P 62 -27.45 -46.51 -77.63
C PRO P 62 -27.43 -47.99 -77.42
N ILE P 63 -26.24 -48.60 -77.53
CA ILE P 63 -26.00 -50.00 -77.29
C ILE P 63 -25.90 -50.26 -75.82
N SER P 64 -25.14 -49.38 -75.14
CA SER P 64 -24.85 -49.50 -73.74
C SER P 64 -24.75 -48.10 -73.24
N LYS P 65 -24.55 -47.92 -71.92
CA LYS P 65 -24.40 -46.59 -71.46
C LYS P 65 -23.04 -46.16 -71.91
N THR P 66 -22.90 -44.88 -72.29
CA THR P 66 -21.65 -44.34 -72.75
C THR P 66 -21.15 -45.16 -73.91
N VAL P 67 -22.04 -45.45 -74.88
CA VAL P 67 -21.61 -46.07 -76.10
C VAL P 67 -22.70 -45.83 -77.12
N ARG P 68 -22.38 -45.08 -78.20
CA ARG P 68 -23.38 -44.76 -79.18
C ARG P 68 -22.78 -44.95 -80.54
N PHE P 69 -21.89 -45.95 -80.72
CA PHE P 69 -21.25 -46.03 -82.00
C PHE P 69 -20.96 -47.45 -82.34
N ASN P 70 -21.00 -47.79 -83.64
CA ASN P 70 -20.73 -49.14 -84.07
C ASN P 70 -19.65 -49.07 -85.10
N VAL P 71 -18.77 -50.11 -85.17
CA VAL P 71 -17.71 -50.05 -86.12
C VAL P 71 -18.28 -50.31 -87.47
N VAL P 72 -18.27 -49.25 -88.29
CA VAL P 72 -18.77 -49.30 -89.63
C VAL P 72 -17.91 -50.26 -90.40
N LYS P 73 -16.58 -50.06 -90.36
CA LYS P 73 -15.75 -50.97 -91.11
C LYS P 73 -14.32 -50.61 -90.87
N VAL P 74 -13.41 -51.40 -91.49
CA VAL P 74 -12.01 -51.16 -91.32
C VAL P 74 -11.51 -50.34 -92.46
N SER P 75 -10.93 -49.17 -92.15
CA SER P 75 -10.40 -48.28 -93.13
C SER P 75 -9.18 -48.91 -93.70
N ALA P 76 -8.35 -49.51 -92.83
CA ALA P 76 -7.16 -50.14 -93.33
C ALA P 76 -7.59 -51.45 -93.95
N ARG Q 1 16.08 91.70 -8.53
CA ARG Q 1 14.98 90.78 -8.88
C ARG Q 1 13.77 91.53 -9.31
N GLY Q 2 13.74 92.85 -9.03
CA GLY Q 2 12.58 93.63 -9.36
C GLY Q 2 12.35 93.52 -10.83
N MET Q 3 11.24 92.86 -11.21
CA MET Q 3 10.89 92.69 -12.59
C MET Q 3 10.56 94.01 -13.21
N THR Q 4 9.69 94.80 -12.56
CA THR Q 4 9.27 96.04 -13.15
C THR Q 4 8.64 96.81 -12.03
N SER Q 5 7.95 97.93 -12.36
CA SER Q 5 7.28 98.73 -11.39
C SER Q 5 6.11 97.98 -10.79
N LYS Q 6 5.29 97.32 -11.63
CA LYS Q 6 4.12 96.69 -11.09
C LYS Q 6 4.30 95.20 -11.08
N PRO Q 7 4.14 94.64 -9.92
CA PRO Q 7 4.31 93.22 -9.81
C PRO Q 7 3.26 92.48 -10.56
N ALA Q 8 3.67 91.53 -11.43
CA ALA Q 8 2.74 90.79 -12.20
C ALA Q 8 2.16 89.68 -11.39
N GLY Q 9 0.89 89.35 -11.69
CA GLY Q 9 0.22 88.25 -11.06
C GLY Q 9 -0.94 87.92 -11.94
N PHE Q 10 -1.00 86.67 -12.44
CA PHE Q 10 -2.08 86.37 -13.32
C PHE Q 10 -3.36 86.31 -12.55
N MET Q 11 -4.41 86.80 -13.22
CA MET Q 11 -5.75 87.03 -12.75
C MET Q 11 -6.49 85.78 -12.43
N LYS Q 12 -6.10 84.62 -12.98
CA LYS Q 12 -6.91 83.45 -12.74
C LYS Q 12 -7.03 83.20 -11.26
N LYS Q 13 -5.89 83.12 -10.56
CA LYS Q 13 -5.84 82.93 -9.14
C LYS Q 13 -6.22 84.18 -8.41
N LEU Q 14 -5.81 85.37 -8.90
CA LEU Q 14 -6.11 86.56 -8.14
C LEU Q 14 -7.58 86.73 -8.00
N ARG Q 15 -8.30 86.69 -9.13
CA ARG Q 15 -9.70 86.94 -9.08
C ARG Q 15 -10.32 85.89 -8.22
N ALA Q 16 -9.81 84.64 -8.32
CA ALA Q 16 -10.31 83.52 -7.58
C ALA Q 16 -10.03 83.61 -6.10
N ALA Q 17 -8.83 84.07 -5.71
CA ALA Q 17 -8.38 84.12 -4.36
C ALA Q 17 -9.15 85.14 -3.58
N LYS Q 18 -9.34 86.32 -4.19
CA LYS Q 18 -9.97 87.44 -3.58
C LYS Q 18 -11.41 87.14 -3.32
N LEU Q 19 -12.12 86.43 -4.22
CA LEU Q 19 -13.51 86.18 -3.97
C LEU Q 19 -13.63 85.44 -2.69
N ALA Q 20 -12.68 84.54 -2.42
CA ALA Q 20 -12.64 83.76 -1.23
C ALA Q 20 -12.50 84.70 -0.07
N ALA Q 21 -11.84 85.85 -0.28
CA ALA Q 21 -11.57 86.77 0.78
C ALA Q 21 -12.82 87.27 1.43
N PRO Q 22 -13.85 87.70 0.73
CA PRO Q 22 -15.00 88.14 1.47
C PRO Q 22 -15.69 87.09 2.26
N GLU Q 23 -15.80 85.85 1.76
CA GLU Q 23 -16.45 84.87 2.57
C GLU Q 23 -15.56 84.70 3.76
N ASN Q 24 -14.24 84.66 3.49
CA ASN Q 24 -13.26 84.48 4.51
C ASN Q 24 -12.09 83.98 3.75
N GLU Q 25 -11.83 82.69 3.94
CA GLU Q 25 -10.82 82.03 3.18
C GLU Q 25 -11.54 80.90 2.55
N LYS Q 26 -10.81 80.03 1.81
CA LYS Q 26 -11.49 78.90 1.27
C LYS Q 26 -10.80 77.73 1.85
N PRO Q 27 -11.55 76.79 2.28
CA PRO Q 27 -10.95 75.61 2.81
C PRO Q 27 -10.52 74.87 1.62
N ALA Q 28 -9.65 73.88 1.80
CA ALA Q 28 -9.20 73.23 0.63
C ALA Q 28 -8.41 74.24 -0.13
N PRO Q 29 -7.82 73.68 -1.10
CA PRO Q 29 -6.93 74.43 -1.92
C PRO Q 29 -7.55 75.17 -3.05
N VAL Q 30 -6.65 75.63 -3.93
CA VAL Q 30 -6.87 76.23 -5.20
C VAL Q 30 -5.89 75.52 -6.05
N ARG Q 31 -5.94 75.69 -7.38
CA ARG Q 31 -4.93 75.04 -8.17
C ARG Q 31 -4.73 75.88 -9.37
N THR Q 32 -3.48 76.31 -9.63
CA THR Q 32 -3.28 77.12 -10.79
C THR Q 32 -1.97 76.76 -11.42
N HIS Q 33 -1.96 76.81 -12.76
CA HIS Q 33 -0.80 76.57 -13.58
C HIS Q 33 0.10 77.76 -13.50
N MET Q 34 -0.46 78.90 -13.07
CA MET Q 34 0.22 80.15 -13.16
C MET Q 34 1.24 80.30 -12.06
N ARG Q 35 2.36 79.57 -12.20
CA ARG Q 35 3.48 79.59 -11.32
C ARG Q 35 4.19 80.89 -11.53
N ASN Q 36 3.93 81.52 -12.70
CA ASN Q 36 4.56 82.74 -13.13
C ASN Q 36 4.24 83.87 -12.19
N MET Q 37 3.08 83.84 -11.52
CA MET Q 37 2.60 84.90 -10.67
C MET Q 37 3.44 85.14 -9.46
N ILE Q 38 3.48 86.42 -9.03
CA ILE Q 38 4.15 86.80 -7.83
C ILE Q 38 3.09 86.73 -6.77
N ILE Q 39 3.44 86.52 -5.49
CA ILE Q 39 2.34 86.47 -4.57
C ILE Q 39 2.18 87.73 -3.80
N VAL Q 40 0.91 88.12 -3.64
CA VAL Q 40 0.48 89.30 -2.96
C VAL Q 40 -0.14 88.86 -1.66
N PRO Q 41 -0.23 89.80 -0.75
CA PRO Q 41 -0.67 89.52 0.60
C PRO Q 41 -2.02 88.88 0.71
N GLU Q 42 -2.95 89.16 -0.21
CA GLU Q 42 -4.26 88.60 -0.12
C GLU Q 42 -4.13 87.10 -0.17
N MET Q 43 -3.04 86.62 -0.79
CA MET Q 43 -2.74 85.22 -0.94
C MET Q 43 -2.49 84.60 0.40
N ILE Q 44 -1.86 85.34 1.32
CA ILE Q 44 -1.46 84.85 2.61
C ILE Q 44 -2.56 84.09 3.27
N GLY Q 45 -2.19 83.01 3.98
CA GLY Q 45 -3.10 82.22 4.76
C GLY Q 45 -3.72 81.19 3.88
N SER Q 46 -3.77 81.47 2.56
CA SER Q 46 -4.41 80.57 1.64
C SER Q 46 -3.51 79.41 1.38
N VAL Q 47 -4.06 78.37 0.72
CA VAL Q 47 -3.23 77.26 0.36
C VAL Q 47 -3.41 77.02 -1.11
N VAL Q 48 -2.45 77.46 -1.93
CA VAL Q 48 -2.60 77.29 -3.34
C VAL Q 48 -1.71 76.17 -3.78
N GLY Q 49 -2.25 75.22 -4.57
CA GLY Q 49 -1.45 74.13 -5.04
C GLY Q 49 -0.92 74.51 -6.39
N ILE Q 50 0.41 74.34 -6.58
CA ILE Q 50 1.07 74.73 -7.79
C ILE Q 50 1.40 73.51 -8.57
N TYR Q 51 1.70 73.71 -9.87
CA TYR Q 51 1.81 72.64 -10.83
C TYR Q 51 3.26 72.37 -11.11
N ASN Q 52 3.71 71.13 -10.77
CA ASN Q 52 5.05 70.70 -11.03
C ASN Q 52 5.17 70.61 -12.52
N GLY Q 53 4.05 70.24 -13.13
CA GLY Q 53 3.90 69.91 -14.51
C GLY Q 53 3.41 68.50 -14.43
N LYS Q 54 3.92 67.79 -13.42
CA LYS Q 54 3.45 66.48 -13.06
C LYS Q 54 2.19 66.57 -12.25
N ALA Q 55 2.19 67.43 -11.20
CA ALA Q 55 1.08 67.41 -10.29
C ALA Q 55 0.97 68.72 -9.59
N PHE Q 56 -0.08 68.86 -8.75
CA PHE Q 56 -0.17 70.10 -8.05
C PHE Q 56 0.16 69.88 -6.61
N ASN Q 57 1.13 70.66 -6.12
CA ASN Q 57 1.64 70.58 -4.80
C ASN Q 57 1.01 71.64 -3.97
N GLN Q 58 0.56 71.24 -2.76
CA GLN Q 58 -0.05 72.12 -1.82
C GLN Q 58 0.99 73.02 -1.26
N VAL Q 59 0.79 74.34 -1.36
CA VAL Q 59 1.77 75.23 -0.80
C VAL Q 59 1.06 76.21 0.08
N GLU Q 60 1.28 76.16 1.40
CA GLU Q 60 0.59 77.14 2.20
C GLU Q 60 1.40 78.38 2.11
N ILE Q 61 0.77 79.55 1.85
CA ILE Q 61 1.68 80.65 1.74
C ILE Q 61 1.52 81.52 2.93
N ARG Q 62 2.67 81.85 3.53
CA ARG Q 62 2.74 82.65 4.72
C ARG Q 62 3.33 83.97 4.35
N PRO Q 63 3.34 84.88 5.29
CA PRO Q 63 3.81 86.22 5.07
C PRO Q 63 5.24 86.39 4.65
N GLU Q 64 6.19 85.62 5.21
CA GLU Q 64 7.58 85.80 4.91
C GLU Q 64 7.79 85.55 3.47
N MET Q 65 6.93 84.65 2.95
CA MET Q 65 6.80 84.05 1.66
C MET Q 65 6.29 84.97 0.57
N LEU Q 66 5.73 86.15 0.88
CA LEU Q 66 5.01 86.90 -0.13
C LEU Q 66 5.75 87.27 -1.39
N GLY Q 67 6.93 87.91 -1.32
CA GLY Q 67 7.54 88.48 -2.50
C GLY Q 67 7.74 87.46 -3.57
N HIS Q 68 7.90 86.19 -3.16
CA HIS Q 68 8.20 85.09 -4.03
C HIS Q 68 7.16 84.87 -5.11
N TYR Q 69 7.56 84.00 -6.06
CA TYR Q 69 6.97 83.47 -7.28
C TYR Q 69 5.95 82.34 -7.17
N LEU Q 70 5.87 81.59 -6.06
CA LEU Q 70 4.97 80.45 -5.96
C LEU Q 70 5.60 79.27 -6.66
N GLY Q 71 6.17 79.47 -7.86
CA GLY Q 71 6.81 78.40 -8.57
C GLY Q 71 7.99 78.00 -7.75
N GLU Q 72 8.56 78.99 -7.03
CA GLU Q 72 9.73 78.75 -6.23
C GLU Q 72 9.39 77.68 -5.25
N PHE Q 73 8.11 77.58 -4.90
CA PHE Q 73 7.58 76.62 -3.97
C PHE Q 73 7.38 75.25 -4.56
N SER Q 74 7.17 75.13 -5.89
CA SER Q 74 6.94 73.83 -6.48
C SER Q 74 8.10 73.48 -7.36
N ILE Q 75 8.95 72.52 -6.93
CA ILE Q 75 10.13 72.17 -7.66
C ILE Q 75 9.78 71.23 -8.77
N THR Q 76 10.28 71.55 -9.99
CA THR Q 76 10.04 70.76 -11.17
C THR Q 76 10.85 69.48 -11.18
N TYR Q 77 12.16 69.56 -10.84
CA TYR Q 77 13.02 68.40 -10.93
C TYR Q 77 13.02 67.65 -9.64
N THR Q 78 12.94 66.31 -9.74
CA THR Q 78 13.00 65.47 -8.58
C THR Q 78 14.16 64.56 -8.78
N PRO Q 79 14.75 64.14 -7.69
CA PRO Q 79 15.85 63.24 -7.79
C PRO Q 79 15.38 61.93 -8.33
N VAL Q 80 14.09 61.62 -8.17
CA VAL Q 80 13.56 60.39 -8.67
C VAL Q 80 13.62 60.48 -10.18
N ILE T 4 71.96 34.84 30.50
CA ILE T 4 71.14 34.30 31.61
C ILE T 4 71.81 34.49 32.93
N THR T 5 72.94 33.80 33.17
CA THR T 5 73.63 34.00 34.41
C THR T 5 74.50 35.19 34.18
N SER T 6 74.96 35.84 35.28
CA SER T 6 75.72 37.03 35.17
C SER T 6 77.01 36.78 34.46
N SER T 7 77.71 35.68 34.80
CA SER T 7 79.00 35.45 34.22
C SER T 7 78.85 35.28 32.74
N GLN T 8 77.80 34.55 32.32
CA GLN T 8 77.62 34.26 30.93
C GLN T 8 77.39 35.53 30.15
N VAL T 9 76.59 36.47 30.73
CA VAL T 9 76.32 37.70 30.04
C VAL T 9 77.56 38.54 29.97
N ARG T 10 78.40 38.51 31.04
CA ARG T 10 79.58 39.31 31.07
C ARG T 10 80.45 38.91 29.90
N GLU T 11 80.53 37.60 29.62
CA GLU T 11 81.35 37.09 28.55
C GLU T 11 80.82 37.57 27.22
N HIS T 12 79.49 37.59 27.09
CA HIS T 12 78.73 37.97 25.93
C HIS T 12 79.12 39.37 25.59
N VAL T 13 79.04 40.25 26.61
CA VAL T 13 79.33 41.65 26.47
C VAL T 13 80.77 41.84 26.14
N LYS T 14 81.67 41.12 26.83
CA LYS T 14 83.08 41.31 26.64
C LYS T 14 83.44 40.92 25.25
N GLU T 15 82.91 39.79 24.79
CA GLU T 15 83.22 39.26 23.49
C GLU T 15 82.73 40.22 22.46
N LEU T 16 81.52 40.77 22.67
CA LEU T 16 80.91 41.64 21.72
C LEU T 16 81.78 42.83 21.49
N LEU T 17 82.35 43.40 22.56
CA LEU T 17 83.15 44.59 22.40
C LEU T 17 84.36 44.28 21.57
N LYS T 18 85.00 43.13 21.83
CA LYS T 18 86.22 42.81 21.14
C LYS T 18 85.97 42.62 19.67
N TYR T 19 84.86 41.95 19.31
CA TYR T 19 84.57 41.65 17.94
C TYR T 19 84.35 42.89 17.14
N SER T 20 83.70 43.92 17.71
CA SER T 20 83.40 45.09 16.95
C SER T 20 84.66 45.64 16.39
N ASN T 21 84.71 45.76 15.05
CA ASN T 21 85.91 46.22 14.43
C ASN T 21 85.57 46.85 13.13
N GLU T 22 86.62 46.99 12.31
CA GLU T 22 86.65 47.56 11.00
C GLU T 22 87.95 48.28 11.05
N THR T 23 88.05 49.05 12.14
CA THR T 23 89.21 49.78 12.58
C THR T 23 89.25 49.41 14.02
N LYS T 24 90.02 50.13 14.85
CA LYS T 24 90.04 49.74 16.23
C LYS T 24 88.65 49.90 16.76
N LYS T 25 87.96 50.99 16.36
CA LYS T 25 86.62 51.24 16.77
C LYS T 25 86.13 52.34 15.89
N ARG T 26 84.82 52.39 15.62
CA ARG T 26 84.33 53.44 14.77
C ARG T 26 84.58 54.72 15.50
N ASN T 27 84.58 55.85 14.76
CA ASN T 27 84.83 57.11 15.38
C ASN T 27 83.74 57.38 16.37
N PHE T 28 82.49 57.05 16.02
CA PHE T 28 81.39 57.33 16.89
C PHE T 28 81.21 56.20 17.85
N LEU T 29 80.64 56.49 19.04
CA LEU T 29 80.46 55.46 20.01
C LEU T 29 79.26 54.66 19.61
N GLU T 30 79.44 53.33 19.50
CA GLU T 30 78.34 52.49 19.14
C GLU T 30 77.55 52.23 20.38
N THR T 31 76.36 51.61 20.20
CA THR T 31 75.53 51.31 21.32
C THR T 31 75.37 49.83 21.35
N VAL T 32 74.98 49.30 22.52
CA VAL T 32 74.84 47.89 22.68
C VAL T 32 73.39 47.54 22.63
N GLU T 33 73.06 46.51 21.83
CA GLU T 33 71.70 46.07 21.65
C GLU T 33 71.64 44.69 22.22
N LEU T 34 70.51 44.35 22.85
CA LEU T 34 70.33 43.03 23.35
C LEU T 34 69.17 42.48 22.59
N GLN T 35 69.30 41.27 22.01
CA GLN T 35 68.19 40.71 21.28
C GLN T 35 67.88 39.36 21.84
N VAL T 36 66.58 39.01 21.94
CA VAL T 36 66.22 37.73 22.48
C VAL T 36 65.11 37.18 21.64
N GLY T 37 65.11 35.86 21.41
CA GLY T 37 64.03 35.28 20.66
C GLY T 37 63.26 34.46 21.64
N LEU T 38 61.93 34.39 21.48
CA LEU T 38 61.12 33.67 22.42
C LEU T 38 60.60 32.44 21.76
N LYS T 39 60.28 31.42 22.57
CA LYS T 39 59.76 30.22 21.99
C LYS T 39 58.60 29.77 22.81
N ASN T 40 57.70 29.01 22.16
CA ASN T 40 56.52 28.42 22.74
C ASN T 40 55.65 29.45 23.38
N TYR T 41 55.46 30.61 22.72
CA TYR T 41 54.49 31.54 23.25
C TYR T 41 53.66 31.96 22.08
N ASP T 42 52.33 32.04 22.26
CA ASP T 42 51.51 32.43 21.15
C ASP T 42 51.42 33.92 21.13
N PRO T 43 51.88 34.47 20.06
CA PRO T 43 51.90 35.89 19.82
C PRO T 43 50.51 36.41 19.65
N GLN T 44 49.54 35.53 19.35
CA GLN T 44 48.20 35.94 19.09
C GLN T 44 47.58 36.52 20.34
N ARG T 45 47.83 35.89 21.50
CA ARG T 45 47.22 36.33 22.73
C ARG T 45 47.98 37.51 23.24
N ASP T 46 47.54 38.07 24.39
CA ASP T 46 48.18 39.23 24.97
C ASP T 46 49.48 38.83 25.58
N LYS T 47 50.17 37.88 24.93
CA LYS T 47 51.48 37.41 25.24
C LYS T 47 52.47 38.45 24.81
N ARG T 48 52.05 39.35 23.90
CA ARG T 48 52.99 40.31 23.39
C ARG T 48 53.38 41.24 24.50
N PHE T 49 54.63 41.75 24.46
CA PHE T 49 55.08 42.61 25.50
C PHE T 49 55.33 43.97 24.95
N SER T 50 54.75 44.97 25.61
CA SER T 50 55.01 46.34 25.31
C SER T 50 55.20 46.91 26.68
N GLY T 51 56.41 47.43 26.98
CA GLY T 51 56.57 47.89 28.31
C GLY T 51 57.76 48.79 28.35
N SER T 52 57.86 49.57 29.45
CA SER T 52 58.96 50.46 29.59
C SER T 52 59.79 49.92 30.71
N LEU T 53 61.12 49.98 30.56
CA LEU T 53 61.98 49.51 31.59
C LEU T 53 62.88 50.64 31.93
N LYS T 54 58.05 46.94 25.96
CA LYS T 54 58.21 48.08 25.10
C LYS T 54 59.61 48.52 25.34
N LEU T 55 60.45 48.54 24.28
CA LEU T 55 61.80 48.96 24.50
C LEU T 55 61.80 50.45 24.51
N PRO T 56 62.59 51.04 25.36
CA PRO T 56 62.60 52.47 25.45
C PRO T 56 63.08 53.15 24.21
N ASN T 57 63.92 52.49 23.39
CA ASN T 57 64.41 53.19 22.25
C ASN T 57 64.09 52.43 21.00
N CYS T 58 62.99 51.64 20.98
CA CYS T 58 62.63 50.97 19.77
C CYS T 58 63.60 49.86 19.47
N PRO T 59 63.14 48.96 18.63
CA PRO T 59 63.95 47.84 18.21
C PRO T 59 64.99 48.09 17.17
N ARG T 60 64.91 49.23 16.46
CA ARG T 60 65.62 49.64 15.28
C ARG T 60 64.83 49.18 14.07
N PRO T 61 64.11 48.06 14.02
CA PRO T 61 63.30 47.79 12.86
C PRO T 61 61.95 48.43 12.82
N ASN T 62 61.40 49.13 13.83
CA ASN T 62 60.06 49.68 13.71
C ASN T 62 59.07 48.66 13.21
N MET T 63 58.44 47.91 14.14
CA MET T 63 57.49 46.86 13.86
C MET T 63 56.40 47.35 12.93
N SER T 64 56.12 46.55 11.88
CA SER T 64 55.06 46.87 10.96
C SER T 64 53.79 46.37 11.56
N ILE T 65 52.70 47.15 11.44
CA ILE T 65 51.47 46.81 12.08
C ILE T 65 50.40 46.80 11.02
N CYS T 66 49.41 45.89 11.13
CA CYS T 66 48.29 45.81 10.21
C CYS T 66 47.07 46.04 11.03
N ILE T 67 46.02 46.63 10.43
CA ILE T 67 44.81 46.84 11.17
C ILE T 67 43.70 46.17 10.42
N PHE T 68 42.89 45.35 11.12
CA PHE T 68 41.76 44.72 10.50
C PHE T 68 40.55 45.36 11.12
N GLY T 69 39.68 46.00 10.30
CA GLY T 69 38.55 46.62 10.92
C GLY T 69 37.78 47.41 9.92
N ASP T 70 36.75 48.15 10.41
CA ASP T 70 35.93 48.96 9.56
C ASP T 70 36.06 50.38 10.02
N ALA T 71 35.28 51.28 9.37
CA ALA T 71 35.33 52.71 9.46
C ALA T 71 35.63 53.15 10.85
N PHE T 72 36.38 54.27 10.99
CA PHE T 72 36.78 54.83 12.24
C PHE T 72 38.11 54.20 12.52
N ASP T 73 38.08 52.92 12.95
CA ASP T 73 39.25 52.17 13.23
C ASP T 73 40.07 52.13 11.98
N VAL T 74 39.40 51.88 10.83
CA VAL T 74 40.06 51.83 9.56
C VAL T 74 40.57 53.18 9.21
N ASP T 75 39.80 54.24 9.54
CA ASP T 75 40.18 55.59 9.21
C ASP T 75 41.42 55.96 9.95
N ARG T 76 41.47 55.62 11.26
CA ARG T 76 42.61 55.98 12.05
C ARG T 76 43.81 55.28 11.50
N ALA T 77 43.64 54.00 11.10
CA ALA T 77 44.75 53.24 10.62
C ALA T 77 45.31 53.90 9.40
N LYS T 78 44.45 54.39 8.49
CA LYS T 78 44.92 55.00 7.27
C LYS T 78 45.65 56.26 7.60
N SER T 79 45.17 57.03 8.60
CA SER T 79 45.82 58.27 8.91
C SER T 79 47.22 57.98 9.35
N CYS T 80 47.39 56.91 10.15
CA CYS T 80 48.65 56.49 10.69
C CYS T 80 49.53 56.00 9.60
N GLY T 81 48.96 55.52 8.47
CA GLY T 81 49.78 55.06 7.38
C GLY T 81 49.97 53.58 7.49
N VAL T 82 49.17 52.91 8.35
CA VAL T 82 49.28 51.49 8.53
C VAL T 82 48.48 50.78 7.47
N ASP T 83 48.82 49.49 7.22
CA ASP T 83 48.07 48.74 6.27
C ASP T 83 46.73 48.47 6.87
N ALA T 84 45.67 48.53 6.05
CA ALA T 84 44.36 48.28 6.58
C ALA T 84 43.78 47.11 5.85
N MET T 85 43.22 46.17 6.61
CA MET T 85 42.56 45.02 6.04
C MET T 85 41.13 45.22 6.41
N SER T 86 40.25 45.39 5.40
CA SER T 86 38.87 45.68 5.62
C SER T 86 38.09 44.44 5.94
N VAL T 87 36.89 44.64 6.50
CA VAL T 87 36.02 43.59 6.94
C VAL T 87 35.65 42.72 5.80
N ASP T 88 35.47 43.33 4.60
CA ASP T 88 35.06 42.59 3.45
C ASP T 88 36.09 41.58 3.04
N ASP T 89 37.38 41.93 3.18
CA ASP T 89 38.47 41.12 2.70
C ASP T 89 38.69 39.84 3.45
N LEU T 90 38.23 39.75 4.72
CA LEU T 90 38.59 38.68 5.59
C LEU T 90 38.28 37.34 4.95
N LYS T 91 37.05 37.14 4.44
CA LYS T 91 36.70 35.88 3.85
C LYS T 91 37.54 35.64 2.63
N LYS T 92 37.80 36.70 1.85
CA LYS T 92 38.53 36.53 0.63
C LYS T 92 39.89 36.01 0.95
N LEU T 93 40.53 36.52 2.01
CA LEU T 93 41.87 36.13 2.38
C LEU T 93 41.91 34.72 2.87
N ASN T 94 40.86 34.28 3.61
CA ASN T 94 40.82 32.92 4.11
C ASN T 94 40.88 32.01 2.93
N LYS T 95 40.21 32.39 1.84
CA LYS T 95 40.18 31.59 0.65
C LYS T 95 41.53 31.55 -0.01
N ASN T 96 42.24 32.70 -0.09
CA ASN T 96 43.50 32.63 -0.76
C ASN T 96 44.62 32.70 0.23
N LYS T 97 45.22 31.52 0.47
CA LYS T 97 46.29 31.31 1.40
C LYS T 97 47.52 32.00 0.89
N LYS T 98 47.68 32.08 -0.44
CA LYS T 98 48.87 32.64 -1.01
C LYS T 98 49.05 34.05 -0.53
N LEU T 99 48.00 34.89 -0.62
CA LEU T 99 48.12 36.25 -0.21
C LEU T 99 48.26 36.34 1.28
N ILE T 100 47.47 35.53 2.02
CA ILE T 100 47.44 35.63 3.44
C ILE T 100 48.80 35.35 3.99
N LYS T 101 49.51 34.35 3.43
CA LYS T 101 50.80 33.99 3.92
C LYS T 101 51.70 35.17 3.79
N LYS T 102 51.62 35.89 2.66
CA LYS T 102 52.48 37.00 2.43
C LYS T 102 52.22 38.08 3.44
N LEU T 103 50.93 38.33 3.73
CA LEU T 103 50.56 39.38 4.63
C LEU T 103 51.11 39.10 5.99
N SER T 104 51.06 37.83 6.43
CA SER T 104 51.51 37.46 7.74
C SER T 104 52.99 37.67 7.86
N LYS T 105 53.76 37.34 6.80
CA LYS T 105 55.19 37.45 6.87
C LYS T 105 55.61 38.90 6.96
N LYS T 106 54.91 39.80 6.26
CA LYS T 106 55.26 41.18 6.17
C LYS T 106 55.09 41.93 7.48
N TYR T 107 54.10 41.60 8.33
CA TYR T 107 53.90 42.46 9.47
C TYR T 107 54.12 41.71 10.75
N ASN T 108 54.68 42.44 11.74
CA ASN T 108 54.98 41.90 13.03
C ASN T 108 53.75 41.76 13.89
N ALA T 109 52.84 42.76 13.86
CA ALA T 109 51.71 42.70 14.75
C ALA T 109 50.46 43.01 13.97
N PHE T 110 49.31 42.52 14.48
CA PHE T 110 48.04 42.76 13.88
C PHE T 110 47.13 43.26 14.97
N ILE T 111 46.28 44.25 14.66
CA ILE T 111 45.33 44.74 15.62
C ILE T 111 44.02 44.54 14.93
N ALA T 112 42.96 44.12 15.67
CA ALA T 112 41.73 43.90 14.97
C ALA T 112 40.57 44.41 15.78
N SER T 113 39.50 44.84 15.08
CA SER T 113 38.32 45.28 15.77
C SER T 113 37.84 44.07 16.51
N GLU T 114 37.45 44.24 17.78
CA GLU T 114 37.15 43.12 18.64
C GLU T 114 35.99 42.31 18.15
N VAL T 115 34.95 42.96 17.60
CA VAL T 115 33.77 42.26 17.18
C VAL T 115 34.12 41.27 16.11
N LEU T 116 35.11 41.63 15.28
CA LEU T 116 35.57 40.91 14.12
C LEU T 116 36.25 39.62 14.47
N ILE T 117 36.65 39.41 15.73
CA ILE T 117 37.46 38.29 16.13
C ILE T 117 36.88 36.96 15.75
N LYS T 118 35.55 36.74 15.79
CA LYS T 118 35.09 35.42 15.45
C LYS T 118 35.46 35.11 14.03
N GLN T 119 35.20 36.06 13.12
CA GLN T 119 35.41 35.87 11.71
C GLN T 119 36.87 35.67 11.41
N VAL T 120 37.75 36.48 12.01
CA VAL T 120 39.15 36.37 11.72
C VAL T 120 39.70 35.02 12.14
N PRO T 121 39.50 34.56 13.34
CA PRO T 121 39.93 33.22 13.54
C PRO T 121 39.31 32.17 12.68
N ARG T 122 38.03 32.33 12.27
CA ARG T 122 37.51 31.26 11.47
C ARG T 122 38.31 31.17 10.20
N LEU T 123 38.43 32.31 9.48
CA LEU T 123 39.10 32.38 8.21
C LEU T 123 40.60 32.43 8.25
N LEU T 124 41.16 33.39 9.02
CA LEU T 124 42.56 33.70 9.13
C LEU T 124 43.34 32.83 10.07
N GLY T 125 42.66 32.31 11.11
CA GLY T 125 43.30 31.70 12.25
C GLY T 125 44.26 30.63 11.85
N PRO T 126 43.98 29.82 10.87
CA PRO T 126 44.92 28.78 10.58
C PRO T 126 46.27 29.28 10.21
N GLN T 127 46.36 30.38 9.44
CA GLN T 127 47.63 30.93 9.07
C GLN T 127 48.23 31.71 10.21
N LEU T 128 47.44 32.60 10.84
CA LEU T 128 47.95 33.50 11.83
C LEU T 128 48.36 32.81 13.10
N SER T 129 47.57 31.84 13.58
CA SER T 129 47.77 31.23 14.87
C SER T 129 49.09 30.54 15.00
N LYS T 130 49.51 29.76 13.98
CA LYS T 130 50.73 29.02 14.10
C LYS T 130 51.86 29.99 14.27
N ALA T 131 51.80 31.11 13.53
CA ALA T 131 52.77 32.16 13.50
C ALA T 131 52.84 32.89 14.81
N GLY T 132 51.74 32.97 15.59
CA GLY T 132 51.77 33.71 16.82
C GLY T 132 51.33 35.10 16.48
N LYS T 133 50.87 35.24 15.23
CA LYS T 133 50.37 36.41 14.57
C LYS T 133 48.98 36.82 14.95
N PHE T 134 48.22 36.02 15.74
CA PHE T 134 46.85 36.37 16.03
C PHE T 134 46.74 37.80 16.50
N PRO T 135 45.72 38.46 16.01
CA PRO T 135 45.52 39.87 16.27
C PRO T 135 45.13 40.19 17.67
N THR T 136 45.36 41.45 18.09
CA THR T 136 44.98 41.90 19.40
C THR T 136 43.71 42.67 19.22
N PRO T 137 42.71 42.35 20.01
CA PRO T 137 41.46 43.05 19.88
C PRO T 137 41.47 44.39 20.53
N VAL T 138 40.73 45.35 19.94
CA VAL T 138 40.58 46.66 20.48
C VAL T 138 39.15 47.02 20.23
N SER T 139 38.56 47.87 21.08
CA SER T 139 37.18 48.20 20.90
C SER T 139 37.05 48.92 19.59
N HIS T 140 35.83 48.86 19.01
CA HIS T 140 35.56 49.42 17.72
C HIS T 140 35.80 50.89 17.77
N ASN T 141 35.46 51.55 18.89
CA ASN T 141 35.64 52.97 18.95
C ASN T 141 36.82 53.29 19.84
N ASP T 142 37.93 52.55 19.71
CA ASP T 142 39.07 52.82 20.55
C ASP T 142 39.94 53.84 19.87
N ASP T 143 40.91 54.40 20.62
CA ASP T 143 41.88 55.29 20.05
C ASP T 143 43.13 54.48 19.88
N LEU T 144 43.51 54.25 18.61
CA LEU T 144 44.61 53.42 18.21
C LEU T 144 45.97 54.02 18.44
N TYR T 145 46.08 55.35 18.48
CA TYR T 145 47.36 55.99 18.43
C TYR T 145 48.27 55.51 19.52
N GLY T 146 47.80 55.43 20.78
CA GLY T 146 48.69 55.04 21.84
C GLY T 146 49.22 53.66 21.59
N LYS T 147 48.34 52.74 21.16
CA LYS T 147 48.69 51.36 20.93
C LYS T 147 49.66 51.27 19.80
N VAL T 148 49.42 52.01 18.71
CA VAL T 148 50.28 51.93 17.58
C VAL T 148 51.64 52.36 18.00
N THR T 149 51.72 53.42 18.83
CA THR T 149 53.00 53.92 19.24
C THR T 149 53.74 52.87 19.99
N ASP T 150 53.09 52.19 20.96
CA ASP T 150 53.75 51.22 21.79
C ASP T 150 54.18 50.03 20.99
N VAL T 151 53.30 49.52 20.11
CA VAL T 151 53.55 48.32 19.36
C VAL T 151 54.75 48.50 18.47
N ARG T 152 54.99 49.75 18.02
CA ARG T 152 56.06 50.05 17.12
C ARG T 152 57.34 49.59 17.74
N SER T 153 57.52 49.78 19.06
CA SER T 153 58.77 49.31 19.62
C SER T 153 58.52 48.22 20.61
N THR T 154 57.81 47.14 20.21
CA THR T 154 57.59 46.08 21.15
C THR T 154 58.24 44.85 20.65
N ILE T 155 63.62 52.74 28.30
CA ILE T 155 63.62 52.13 27.01
C ILE T 155 62.33 51.39 26.90
N LYS T 156 61.82 51.24 25.66
CA LYS T 156 60.58 50.54 25.46
C LYS T 156 60.88 49.23 24.82
N PHE T 157 60.26 48.17 25.36
CA PHE T 157 60.38 46.84 24.86
C PHE T 157 59.10 46.60 24.13
N GLN T 158 59.14 46.42 22.79
CA GLN T 158 57.91 46.21 22.11
C GLN T 158 58.09 45.07 21.17
N LEU T 159 57.46 43.93 21.53
CA LEU T 159 57.49 42.70 20.79
C LEU T 159 56.71 42.83 19.53
N LYS T 160 55.53 43.47 19.59
CA LYS T 160 54.67 43.40 18.47
C LYS T 160 54.30 41.95 18.38
N LYS T 161 53.76 41.52 17.22
CA LYS T 161 53.35 40.15 17.00
C LYS T 161 54.53 39.24 16.85
N VAL T 162 55.71 39.77 16.47
CA VAL T 162 56.87 38.94 16.25
C VAL T 162 57.33 38.38 17.57
N LEU T 163 58.02 37.22 17.51
CA LEU T 163 58.54 36.43 18.59
C LEU T 163 59.72 37.09 19.28
N CYS T 164 60.43 38.03 18.63
CA CYS T 164 61.65 38.53 19.24
C CYS T 164 61.55 39.97 19.68
N LEU T 165 62.67 40.47 20.25
CA LEU T 165 62.74 41.80 20.82
C LEU T 165 64.14 42.31 20.65
N ALA T 166 64.30 43.63 20.43
CA ALA T 166 65.61 44.21 20.41
C ALA T 166 65.53 45.43 21.29
N VAL T 167 66.50 45.62 22.20
CA VAL T 167 66.42 46.76 23.10
C VAL T 167 67.79 47.38 23.18
N ALA T 168 67.87 48.70 23.48
CA ALA T 168 69.15 49.31 23.65
C ALA T 168 69.46 49.26 25.11
N VAL T 169 70.57 48.59 25.47
CA VAL T 169 71.08 48.42 26.81
C VAL T 169 72.09 49.43 27.31
N GLY T 170 72.83 50.13 26.42
CA GLY T 170 73.86 51.01 26.95
C GLY T 170 74.76 51.45 25.82
N ASN T 171 75.99 51.89 26.15
CA ASN T 171 76.94 52.46 25.23
C ASN T 171 78.25 51.76 25.39
N VAL T 172 79.19 52.06 24.47
CA VAL T 172 80.54 51.58 24.49
C VAL T 172 81.24 52.22 25.66
N GLU T 173 80.79 53.42 26.06
CA GLU T 173 81.41 54.19 27.12
C GLU T 173 81.27 53.52 28.45
N MET T 174 80.14 52.83 28.71
CA MET T 174 79.84 52.28 29.99
C MET T 174 80.59 50.99 30.21
N GLU T 175 80.64 50.52 31.47
CA GLU T 175 81.38 49.34 31.84
C GLU T 175 80.59 48.12 31.51
N GLU T 176 81.28 46.97 31.38
CA GLU T 176 80.64 45.73 31.05
C GLU T 176 79.70 45.38 32.16
N ASP T 177 80.07 45.72 33.40
CA ASP T 177 79.24 45.41 34.53
C ASP T 177 77.94 46.13 34.40
N VAL T 178 77.96 47.41 33.98
CA VAL T 178 76.76 48.18 33.90
C VAL T 178 75.87 47.65 32.83
N LEU T 179 76.45 47.23 31.69
CA LEU T 179 75.66 46.76 30.58
C LEU T 179 74.91 45.55 31.03
N VAL T 180 75.57 44.68 31.81
CA VAL T 180 74.96 43.47 32.29
C VAL T 180 73.83 43.79 33.22
N ASN T 181 73.99 44.84 34.05
CA ASN T 181 72.96 45.16 35.01
C ASN T 181 71.73 45.60 34.28
N GLN T 182 71.90 46.36 33.19
CA GLN T 182 70.83 46.87 32.40
C GLN T 182 70.12 45.74 31.72
N ILE T 183 70.88 44.76 31.21
CA ILE T 183 70.33 43.63 30.52
C ILE T 183 69.46 42.88 31.47
N LEU T 184 69.88 42.80 32.75
CA LEU T 184 69.15 42.07 33.74
C LEU T 184 67.81 42.70 33.95
N MET T 185 67.75 44.05 33.95
CA MET T 185 66.49 44.69 34.18
C MET T 185 65.54 44.33 33.09
N SER T 186 66.05 44.24 31.84
CA SER T 186 65.20 43.86 30.75
C SER T 186 64.71 42.46 30.95
N VAL T 187 65.62 41.54 31.33
CA VAL T 187 65.29 40.14 31.48
C VAL T 187 64.25 39.97 32.54
N ASN T 188 64.29 40.83 33.57
CA ASN T 188 63.39 40.72 34.68
C ASN T 188 61.97 40.85 34.20
N PHE T 189 61.71 41.73 33.22
CA PHE T 189 60.36 41.92 32.79
C PHE T 189 59.82 40.65 32.20
N PHE T 190 60.61 39.97 31.35
CA PHE T 190 60.14 38.76 30.72
C PHE T 190 59.87 37.74 31.77
N VAL T 191 60.75 37.65 32.78
CA VAL T 191 60.61 36.64 33.78
C VAL T 191 59.27 36.79 34.43
N SER T 192 58.87 38.05 34.69
CA SER T 192 57.61 38.31 35.35
C SER T 192 56.43 38.03 34.46
N LEU T 193 56.52 38.34 33.15
CA LEU T 193 55.33 38.22 32.35
C LEU T 193 54.81 36.83 32.19
N LEU T 194 55.64 35.83 31.83
CA LEU T 194 55.03 34.54 31.63
C LEU T 194 55.36 33.65 32.78
N LYS T 195 54.47 32.68 33.06
CA LYS T 195 54.63 31.77 34.17
C LYS T 195 55.89 31.00 33.96
N LYS T 196 56.13 30.61 32.70
CA LYS T 196 57.27 29.81 32.34
C LYS T 196 58.50 30.60 32.66
N ASN T 197 58.43 31.94 32.48
CA ASN T 197 59.52 32.81 32.85
C ASN T 197 60.50 32.84 31.72
N TRP T 198 61.78 32.90 32.12
CA TRP T 198 62.94 33.00 31.29
C TRP T 198 63.03 31.78 30.44
N GLN T 199 62.32 30.70 30.84
CA GLN T 199 62.41 29.48 30.10
C GLN T 199 62.04 29.76 28.66
N ASN T 200 61.18 30.77 28.44
CA ASN T 200 60.73 31.13 27.12
C ASN T 200 61.87 31.62 26.25
N VAL T 201 62.91 32.24 26.81
CA VAL T 201 63.93 32.78 25.96
C VAL T 201 64.61 31.68 25.18
N GLY T 202 64.42 31.69 23.85
CA GLY T 202 65.05 30.72 22.99
C GLY T 202 66.53 30.98 22.88
N SER T 203 66.92 32.24 22.57
CA SER T 203 68.32 32.55 22.42
C SER T 203 68.47 33.99 22.76
N LEU T 204 69.66 34.38 23.26
CA LEU T 204 69.91 35.75 23.62
C LEU T 204 71.16 36.15 22.90
N VAL T 205 71.26 37.44 22.49
CA VAL T 205 72.45 37.85 21.82
C VAL T 205 72.75 39.26 22.22
N VAL T 206 74.03 39.66 22.15
CA VAL T 206 74.38 41.04 22.41
C VAL T 206 75.09 41.51 21.19
N LYS T 207 75.08 42.83 20.93
CA LYS T 207 75.80 43.27 19.78
C LYS T 207 75.97 44.75 19.84
N SER T 208 77.10 45.24 19.27
CA SER T 208 77.36 46.65 19.20
C SER T 208 76.67 47.12 17.96
N SER T 209 76.66 48.44 17.72
CA SER T 209 75.96 48.93 16.56
C SER T 209 76.56 48.29 15.35
N MET T 210 77.88 48.53 15.14
CA MET T 210 78.66 48.05 14.04
C MET T 210 78.95 46.58 14.16
N GLY T 211 79.11 46.06 15.39
CA GLY T 211 79.58 44.71 15.59
C GLY T 211 78.53 43.67 15.36
N PRO T 212 79.04 42.48 15.15
CA PRO T 212 78.24 41.31 14.93
C PRO T 212 77.64 40.85 16.21
N ALA T 213 76.49 40.14 16.13
CA ALA T 213 75.82 39.65 17.29
C ALA T 213 76.55 38.45 17.78
N PHE T 214 76.62 38.29 19.13
CA PHE T 214 77.18 37.09 19.67
C PHE T 214 76.18 36.49 20.58
N ARG T 215 76.00 35.17 20.47
CA ARG T 215 75.02 34.49 21.26
C ARG T 215 75.55 34.36 22.65
N LEU T 216 74.64 34.44 23.64
CA LEU T 216 75.03 34.30 25.00
C LEU T 216 75.70 32.93 25.10
N GLY U 1 29.68 -24.43 11.68
CA GLY U 1 31.13 -24.62 11.45
C GLY U 1 31.43 -26.07 11.28
N ARG U 2 32.07 -26.41 10.14
CA ARG U 2 32.45 -27.76 9.87
C ARG U 2 33.45 -27.62 8.80
N VAL U 3 33.93 -28.77 8.27
CA VAL U 3 34.84 -28.75 7.15
C VAL U 3 34.04 -28.29 5.99
N ILE U 4 34.63 -27.43 5.13
CA ILE U 4 33.81 -27.03 4.03
C ILE U 4 34.35 -27.68 2.83
N ARG U 5 33.96 -28.96 2.60
CA ARG U 5 34.49 -29.88 1.63
C ARG U 5 35.25 -29.23 0.51
N ASN U 6 36.47 -28.82 0.88
CA ASN U 6 37.47 -28.32 0.00
C ASN U 6 38.72 -28.73 0.70
N GLN U 7 38.72 -28.47 2.01
CA GLN U 7 39.80 -28.82 2.89
C GLN U 7 39.75 -30.27 3.04
N ARG U 8 38.53 -30.83 2.99
CA ARG U 8 38.34 -32.22 3.19
C ARG U 8 39.20 -32.86 2.19
N LYS U 9 39.28 -32.26 0.98
CA LYS U 9 40.08 -32.81 -0.08
C LYS U 9 41.46 -32.93 0.46
N GLY U 10 42.34 -33.62 -0.25
CA GLY U 10 43.57 -33.85 0.41
C GLY U 10 43.33 -35.12 1.16
N ALA U 11 43.53 -35.12 2.49
CA ALA U 11 43.39 -36.36 3.21
C ALA U 11 42.01 -36.93 3.00
N GLY U 12 41.95 -38.25 2.74
CA GLY U 12 40.68 -38.92 2.58
C GLY U 12 40.76 -39.83 1.40
N SER U 13 39.97 -40.92 1.42
CA SER U 13 39.93 -41.81 0.30
C SER U 13 38.54 -41.68 -0.25
N ILE U 14 38.34 -40.54 -0.93
CA ILE U 14 37.15 -40.17 -1.61
C ILE U 14 37.72 -39.53 -2.82
N PHE U 15 38.15 -38.28 -2.62
CA PHE U 15 38.84 -37.60 -3.67
C PHE U 15 40.19 -38.25 -3.76
N THR U 16 40.24 -39.36 -4.53
CA THR U 16 41.42 -40.11 -4.79
C THR U 16 41.35 -40.36 -6.27
N SER U 17 42.39 -40.92 -6.91
CA SER U 17 42.21 -41.01 -8.33
C SER U 17 42.29 -42.41 -8.85
N HIS U 18 41.75 -43.41 -8.12
CA HIS U 18 41.70 -44.77 -8.62
C HIS U 18 43.05 -45.17 -9.13
N THR U 19 44.10 -44.99 -8.30
CA THR U 19 45.42 -45.25 -8.75
C THR U 19 45.55 -46.71 -9.10
N ARG U 20 44.93 -47.60 -8.32
CA ARG U 20 45.10 -48.99 -8.58
C ARG U 20 44.63 -49.28 -9.96
N LEU U 21 43.46 -48.75 -10.37
CA LEU U 21 43.07 -49.01 -11.73
C LEU U 21 43.75 -47.94 -12.52
N ARG U 22 44.87 -48.30 -13.16
CA ARG U 22 45.58 -47.33 -13.93
C ARG U 22 46.40 -48.12 -14.88
N GLN U 23 47.14 -47.40 -15.74
CA GLN U 23 48.05 -48.00 -16.65
C GLN U 23 49.38 -47.45 -16.26
N GLY U 24 50.38 -47.59 -17.14
CA GLY U 24 51.69 -47.17 -16.75
C GLY U 24 51.77 -45.69 -16.67
N ALA U 25 52.65 -45.20 -15.76
CA ALA U 25 52.88 -43.79 -15.67
C ALA U 25 53.65 -43.43 -16.89
N ALA U 26 53.25 -42.33 -17.56
CA ALA U 26 53.98 -41.98 -18.73
C ALA U 26 55.26 -41.36 -18.26
N LYS U 27 56.35 -41.60 -19.01
CA LYS U 27 57.63 -41.07 -18.66
C LYS U 27 58.42 -41.10 -19.92
N LEU U 28 59.42 -40.20 -20.04
CA LEU U 28 60.22 -40.28 -21.22
C LEU U 28 61.09 -41.47 -21.02
N ARG U 29 61.43 -42.24 -22.08
CA ARG U 29 62.23 -43.37 -21.70
C ARG U 29 63.57 -42.84 -21.40
N THR U 30 64.16 -43.24 -20.26
CA THR U 30 65.44 -42.68 -19.96
C THR U 30 66.37 -43.10 -21.03
N LEU U 31 67.12 -42.13 -21.58
CA LEU U 31 68.05 -42.44 -22.61
C LEU U 31 69.00 -43.35 -21.91
N ASP U 32 69.23 -43.04 -20.62
CA ASP U 32 70.01 -43.79 -19.66
C ASP U 32 71.05 -42.90 -19.11
N TYR U 33 72.00 -43.46 -18.33
CA TYR U 33 72.95 -42.58 -17.74
C TYR U 33 74.11 -42.65 -18.68
N ALA U 34 73.88 -43.38 -19.77
CA ALA U 34 74.86 -43.51 -20.80
C ALA U 34 74.73 -42.26 -21.58
N GLU U 35 75.64 -42.05 -22.53
CA GLU U 35 75.52 -40.88 -23.31
C GLU U 35 74.40 -41.10 -24.22
N ARG U 36 73.68 -40.01 -24.48
CA ARG U 36 72.56 -40.22 -25.30
C ARG U 36 73.03 -39.93 -26.68
N HIS U 37 73.35 -40.98 -27.43
CA HIS U 37 73.74 -40.77 -28.78
C HIS U 37 72.50 -40.28 -29.44
N GLY U 38 71.36 -40.76 -28.89
CA GLY U 38 70.10 -40.44 -29.46
C GLY U 38 69.71 -41.61 -30.28
N TYR U 39 70.54 -42.68 -30.23
CA TYR U 39 70.18 -43.83 -31.00
C TYR U 39 69.43 -44.74 -30.09
N ILE U 40 68.17 -44.36 -29.81
CA ILE U 40 67.33 -45.20 -29.03
C ILE U 40 66.11 -45.28 -29.88
N ARG U 41 65.62 -46.50 -30.18
CA ARG U 41 64.49 -46.54 -31.06
C ARG U 41 63.47 -47.43 -30.43
N GLY U 42 62.33 -47.59 -31.11
CA GLY U 42 61.30 -48.47 -30.65
C GLY U 42 60.24 -48.37 -31.69
N ILE U 43 59.30 -49.34 -31.74
CA ILE U 43 58.25 -49.31 -32.70
C ILE U 43 56.99 -49.24 -31.89
N VAL U 44 55.89 -48.70 -32.44
CA VAL U 44 54.75 -48.56 -31.63
C VAL U 44 53.79 -49.62 -31.92
N LYS U 45 53.82 -50.75 -31.20
CA LYS U 45 52.80 -51.68 -31.53
C LYS U 45 51.58 -51.25 -30.77
N GLN U 46 50.55 -50.84 -31.54
CA GLN U 46 49.26 -50.45 -31.05
C GLN U 46 49.28 -49.33 -30.04
N ILE U 47 48.09 -48.68 -29.91
CA ILE U 47 47.84 -47.58 -29.05
C ILE U 47 46.60 -47.96 -28.35
N VAL U 48 46.48 -47.66 -27.03
CA VAL U 48 45.31 -48.05 -26.28
C VAL U 48 44.92 -46.95 -25.33
N HIS U 49 43.66 -47.02 -24.87
CA HIS U 49 42.98 -46.16 -23.97
C HIS U 49 43.82 -46.01 -22.76
N ASP U 50 43.65 -44.92 -21.97
CA ASP U 50 44.61 -44.90 -20.92
C ASP U 50 44.07 -44.86 -19.55
N SER U 51 42.75 -44.82 -19.33
CA SER U 51 42.15 -44.86 -18.01
C SER U 51 42.89 -43.96 -17.06
N GLY U 52 42.90 -42.64 -17.33
CA GLY U 52 43.61 -41.71 -16.50
C GLY U 52 43.38 -40.39 -17.14
N ARG U 53 43.98 -40.25 -18.34
CA ARG U 53 43.80 -39.16 -19.23
C ARG U 53 42.46 -39.39 -19.78
N GLY U 54 42.25 -39.17 -21.08
CA GLY U 54 40.99 -39.62 -21.58
C GLY U 54 41.30 -39.95 -23.01
N ALA U 55 42.61 -39.96 -23.34
CA ALA U 55 43.05 -40.23 -24.67
C ALA U 55 44.14 -41.21 -24.59
N PRO U 56 44.10 -42.11 -25.55
CA PRO U 56 44.99 -43.22 -25.63
C PRO U 56 46.43 -43.03 -25.84
N LEU U 57 47.25 -44.03 -25.42
CA LEU U 57 48.67 -44.02 -25.52
C LEU U 57 49.15 -45.20 -26.31
N ALA U 58 50.22 -45.02 -27.11
CA ALA U 58 50.77 -46.02 -27.93
C ALA U 58 51.68 -46.82 -27.10
N LYS U 59 51.87 -48.10 -27.46
CA LYS U 59 52.86 -48.95 -26.86
C LYS U 59 54.03 -48.78 -27.77
N VAL U 60 55.25 -48.96 -27.25
CA VAL U 60 56.40 -48.78 -28.05
C VAL U 60 57.02 -50.11 -27.95
N VAL U 61 58.21 -50.35 -28.53
CA VAL U 61 58.83 -51.63 -28.40
C VAL U 61 60.16 -51.37 -27.76
N PHE U 62 61.23 -51.00 -28.51
CA PHE U 62 62.47 -50.97 -27.82
C PHE U 62 63.57 -50.83 -28.79
N ARG U 63 64.76 -51.19 -28.28
CA ARG U 63 66.04 -51.31 -28.93
C ARG U 63 66.66 -52.43 -28.19
N ASP U 64 67.07 -52.14 -26.95
CA ASP U 64 67.44 -53.22 -26.07
C ASP U 64 66.11 -53.65 -25.58
N PRO U 65 65.98 -54.61 -24.73
CA PRO U 65 64.64 -54.93 -24.36
C PRO U 65 63.96 -53.85 -23.60
N TYR U 66 62.67 -53.64 -23.94
CA TYR U 66 61.81 -52.67 -23.33
C TYR U 66 60.50 -53.35 -23.23
N LYS U 67 59.38 -52.67 -23.49
CA LYS U 67 58.18 -53.45 -23.36
C LYS U 67 58.18 -54.54 -24.39
N TYR U 68 57.53 -55.67 -24.05
CA TYR U 68 57.73 -56.90 -24.79
C TYR U 68 56.49 -57.20 -25.57
N ARG U 69 56.34 -58.51 -25.86
CA ARG U 69 55.24 -59.01 -26.62
C ARG U 69 54.04 -58.51 -25.90
N LEU U 70 54.00 -58.71 -24.57
CA LEU U 70 52.97 -57.98 -23.91
C LEU U 70 53.52 -56.60 -23.98
N ARG U 71 52.76 -55.66 -24.57
CA ARG U 71 53.43 -54.42 -24.80
C ARG U 71 52.85 -53.38 -23.91
N GLU U 72 53.65 -52.90 -22.95
CA GLU U 72 53.13 -51.83 -22.16
C GLU U 72 54.21 -50.82 -21.98
N GLU U 73 54.92 -50.47 -23.08
CA GLU U 73 55.85 -49.38 -22.94
C GLU U 73 54.99 -48.28 -23.41
N ILE U 74 54.13 -47.81 -22.50
CA ILE U 74 53.16 -46.86 -22.90
C ILE U 74 53.80 -45.53 -22.98
N PHE U 75 53.46 -44.78 -24.04
CA PHE U 75 54.02 -43.48 -24.17
C PHE U 75 52.91 -42.56 -24.54
N ILE U 76 53.07 -41.25 -24.24
CA ILE U 76 52.00 -40.38 -24.59
C ILE U 76 52.09 -40.18 -26.08
N ALA U 77 51.06 -40.66 -26.82
CA ALA U 77 51.04 -40.54 -28.25
C ALA U 77 50.37 -39.27 -28.58
N ASN U 78 51.05 -38.47 -29.44
CA ASN U 78 50.77 -37.11 -29.81
C ASN U 78 49.58 -36.81 -30.67
N GLU U 79 49.35 -37.56 -31.76
CA GLU U 79 48.33 -37.11 -32.63
C GLU U 79 48.13 -38.22 -33.55
N GLY U 80 49.08 -38.38 -34.51
CA GLY U 80 49.06 -39.47 -35.42
C GLY U 80 50.36 -40.19 -35.29
N VAL U 81 50.36 -41.31 -34.56
CA VAL U 81 51.46 -42.20 -34.47
C VAL U 81 50.78 -43.49 -34.75
N HIS U 82 51.43 -44.45 -35.40
CA HIS U 82 50.66 -45.62 -35.73
C HIS U 82 51.33 -46.87 -35.27
N THR U 83 50.78 -48.00 -35.75
CA THR U 83 51.13 -49.34 -35.39
C THR U 83 52.52 -49.68 -35.81
N GLY U 84 52.97 -49.25 -37.00
CA GLY U 84 54.31 -49.65 -37.26
C GLY U 84 55.10 -48.46 -37.67
N GLN U 85 55.25 -47.44 -36.79
CA GLN U 85 56.18 -46.47 -37.28
C GLN U 85 57.27 -46.31 -36.28
N PHE U 86 58.47 -45.95 -36.77
CA PHE U 86 59.62 -45.81 -35.93
C PHE U 86 59.40 -44.63 -35.05
N ILE U 87 59.96 -44.69 -33.82
CA ILE U 87 59.94 -43.58 -32.91
C ILE U 87 61.31 -43.50 -32.31
N TYR U 88 61.95 -42.31 -32.30
CA TYR U 88 63.23 -42.29 -31.65
C TYR U 88 63.42 -41.17 -30.69
N ALA U 89 64.13 -41.48 -29.59
CA ALA U 89 64.40 -40.60 -28.50
C ALA U 89 65.88 -40.32 -28.49
N GLY U 90 66.28 -39.05 -28.27
CA GLY U 90 67.69 -38.86 -28.15
C GLY U 90 68.01 -37.54 -28.72
N LYS U 91 69.27 -37.06 -28.54
CA LYS U 91 69.66 -35.78 -29.04
C LYS U 91 69.53 -35.83 -30.53
N LYS U 92 70.08 -36.89 -31.15
CA LYS U 92 69.98 -36.99 -32.58
C LYS U 92 68.71 -37.72 -32.84
N ALA U 93 67.58 -37.00 -32.80
CA ALA U 93 66.35 -37.67 -33.10
C ALA U 93 65.74 -36.88 -34.19
N SER U 94 65.16 -37.54 -35.20
CA SER U 94 64.63 -36.81 -36.30
C SER U 94 63.51 -35.97 -35.80
N LEU U 95 63.32 -34.80 -36.44
CA LEU U 95 62.25 -33.97 -36.01
C LEU U 95 61.03 -34.44 -36.74
N ASN U 96 60.23 -35.26 -36.05
CA ASN U 96 59.02 -35.74 -36.64
C ASN U 96 58.07 -36.01 -35.52
N VAL U 97 56.77 -36.02 -35.85
CA VAL U 97 55.78 -36.28 -34.86
C VAL U 97 56.11 -37.64 -34.34
N GLY U 98 55.97 -37.84 -33.02
CA GLY U 98 56.25 -39.07 -32.38
C GLY U 98 57.71 -39.16 -32.09
N ASN U 99 58.42 -38.03 -31.89
CA ASN U 99 59.81 -38.21 -31.53
C ASN U 99 59.88 -37.87 -30.08
N VAL U 100 61.09 -37.51 -29.59
CA VAL U 100 61.33 -36.91 -28.30
C VAL U 100 62.76 -36.42 -28.39
N LEU U 101 63.07 -35.28 -27.77
CA LEU U 101 64.37 -34.71 -27.86
C LEU U 101 64.24 -33.37 -27.24
N PRO U 102 65.13 -32.95 -26.36
CA PRO U 102 65.02 -31.70 -25.68
C PRO U 102 64.83 -30.51 -26.49
N LEU U 103 64.37 -29.42 -25.85
CA LEU U 103 63.87 -28.33 -26.57
C LEU U 103 64.96 -27.93 -27.42
N GLY U 104 66.15 -27.60 -26.87
CA GLY U 104 67.23 -27.19 -27.73
C GLY U 104 67.46 -28.31 -28.68
N SER U 105 67.01 -28.08 -29.93
CA SER U 105 67.07 -29.00 -31.04
C SER U 105 65.88 -28.69 -31.88
N VAL U 106 64.69 -28.74 -31.25
CA VAL U 106 63.42 -28.50 -31.90
C VAL U 106 63.53 -27.19 -32.62
N PRO U 107 63.07 -27.11 -33.87
CA PRO U 107 63.22 -25.93 -34.65
C PRO U 107 62.88 -24.68 -33.95
N GLU U 108 61.59 -24.40 -33.79
CA GLU U 108 61.20 -23.15 -33.24
C GLU U 108 59.76 -23.31 -33.08
N GLY U 109 58.95 -22.44 -33.73
CA GLY U 109 57.54 -22.63 -33.63
C GLY U 109 57.28 -24.00 -34.14
N THR U 110 56.99 -24.93 -33.22
CA THR U 110 56.60 -26.27 -33.54
C THR U 110 55.69 -26.64 -32.42
N ILE U 111 54.56 -27.30 -32.72
CA ILE U 111 53.70 -27.72 -31.67
C ILE U 111 54.45 -28.83 -31.03
N VAL U 112 54.52 -28.93 -29.68
CA VAL U 112 55.28 -29.97 -29.03
C VAL U 112 54.64 -30.18 -27.73
N SER U 113 54.64 -31.42 -27.14
CA SER U 113 53.92 -31.66 -25.91
C SER U 113 54.73 -32.42 -24.91
N ASN U 114 54.16 -32.59 -23.69
CA ASN U 114 54.74 -33.32 -22.63
C ASN U 114 56.13 -32.86 -22.48
N VAL U 115 56.34 -31.56 -22.20
CA VAL U 115 57.65 -31.06 -21.96
C VAL U 115 57.85 -31.36 -20.53
N GLU U 116 59.09 -31.38 -20.04
CA GLU U 116 59.38 -31.75 -18.71
C GLU U 116 59.76 -30.51 -18.04
N GLU U 117 59.55 -30.42 -16.71
CA GLU U 117 59.94 -29.22 -16.04
C GLU U 117 61.24 -29.52 -15.38
N LYS U 118 62.28 -29.72 -16.21
CA LYS U 118 63.64 -30.03 -15.87
C LYS U 118 64.00 -31.20 -16.73
N PRO U 119 65.17 -31.14 -17.29
CA PRO U 119 65.64 -32.21 -18.12
C PRO U 119 65.59 -33.44 -17.31
N GLY U 120 65.24 -34.58 -17.92
CA GLY U 120 65.33 -35.81 -17.18
C GLY U 120 64.07 -36.02 -16.44
N ASP U 121 63.36 -34.95 -16.01
CA ASP U 121 62.20 -35.36 -15.31
C ASP U 121 61.20 -35.68 -16.34
N ARG U 122 60.33 -36.68 -16.09
CA ARG U 122 59.31 -37.02 -17.04
C ARG U 122 58.62 -35.74 -17.35
N GLY U 123 58.17 -35.58 -18.61
CA GLY U 123 57.59 -34.35 -18.96
C GLY U 123 56.40 -34.14 -18.10
N ALA U 124 56.24 -32.92 -17.55
CA ALA U 124 55.03 -32.67 -16.82
C ALA U 124 54.46 -31.39 -17.34
N LEU U 125 53.97 -31.38 -18.60
CA LEU U 125 53.36 -30.20 -19.16
C LEU U 125 52.73 -30.63 -20.46
N ALA U 126 51.65 -29.95 -20.88
CA ALA U 126 51.04 -30.15 -22.16
C ALA U 126 50.61 -31.55 -22.38
N ARG U 127 50.21 -32.31 -21.34
CA ARG U 127 49.89 -33.70 -21.47
C ARG U 127 48.62 -34.04 -22.16
N ALA U 128 47.46 -33.56 -21.62
CA ALA U 128 46.08 -33.87 -21.86
C ALA U 128 45.78 -33.86 -23.31
N SER U 129 44.57 -34.35 -23.68
CA SER U 129 44.19 -34.53 -25.05
C SER U 129 44.15 -33.24 -25.75
N GLY U 130 44.54 -33.28 -27.04
CA GLY U 130 44.45 -32.21 -27.97
C GLY U 130 45.30 -31.08 -27.54
N ASN U 131 45.92 -31.14 -26.35
CA ASN U 131 46.64 -29.99 -25.89
C ASN U 131 48.05 -30.00 -26.38
N TYR U 132 48.60 -28.80 -26.62
CA TYR U 132 49.97 -28.70 -27.06
C TYR U 132 50.61 -27.52 -26.40
N VAL U 133 51.96 -27.46 -26.48
CA VAL U 133 52.70 -26.37 -25.93
C VAL U 133 53.42 -25.80 -27.10
N ILE U 134 53.71 -24.48 -27.13
CA ILE U 134 54.39 -24.07 -28.32
C ILE U 134 55.72 -23.52 -27.97
N ILE U 135 56.72 -23.93 -28.77
CA ILE U 135 58.05 -23.45 -28.57
C ILE U 135 58.28 -22.25 -29.41
N ILE U 136 58.66 -21.17 -28.72
CA ILE U 136 59.09 -19.93 -29.27
C ILE U 136 60.40 -19.82 -28.60
N GLY U 137 61.38 -19.08 -29.12
CA GLY U 137 62.48 -19.08 -28.22
C GLY U 137 63.81 -19.13 -28.88
N HIS U 138 64.68 -19.97 -28.30
CA HIS U 138 66.06 -20.01 -28.67
C HIS U 138 66.31 -20.50 -30.04
N ASN U 139 66.07 -19.67 -31.07
CA ASN U 139 66.56 -20.12 -32.34
C ASN U 139 68.05 -20.11 -32.12
N PRO U 140 68.60 -19.01 -31.65
CA PRO U 140 69.95 -19.11 -31.16
C PRO U 140 69.66 -19.62 -29.81
N ASP U 141 70.52 -20.43 -29.18
CA ASP U 141 70.02 -20.91 -27.93
C ASP U 141 71.10 -21.02 -26.93
N GLU U 142 70.68 -21.00 -25.66
CA GLU U 142 71.59 -21.13 -24.57
C GLU U 142 70.80 -21.51 -23.38
N ASN U 143 71.19 -21.01 -22.19
CA ASN U 143 70.50 -21.41 -21.02
C ASN U 143 69.19 -20.70 -20.94
N LYS U 144 68.21 -21.15 -21.77
CA LYS U 144 66.88 -20.65 -21.70
C LYS U 144 66.14 -21.04 -22.95
N THR U 145 64.92 -21.56 -22.78
CA THR U 145 64.08 -21.88 -23.89
C THR U 145 62.74 -21.31 -23.53
N ARG U 146 62.09 -20.59 -24.46
CA ARG U 146 60.77 -20.17 -24.08
C ARG U 146 59.83 -21.20 -24.63
N VAL U 147 58.65 -21.30 -24.02
CA VAL U 147 57.67 -22.27 -24.33
C VAL U 147 56.44 -21.48 -24.48
N ARG U 148 55.33 -22.13 -24.15
CA ARG U 148 54.02 -21.60 -23.96
C ARG U 148 53.47 -22.64 -23.06
N LEU U 149 52.15 -22.74 -22.94
CA LEU U 149 51.54 -23.67 -22.08
C LEU U 149 50.26 -23.92 -22.73
N PRO U 150 49.45 -24.78 -22.19
CA PRO U 150 48.11 -24.92 -22.63
C PRO U 150 47.49 -23.61 -22.46
N SER U 151 47.44 -23.12 -21.21
CA SER U 151 46.90 -21.83 -21.00
C SER U 151 47.90 -20.97 -21.64
N GLY U 152 47.54 -19.75 -22.06
CA GLY U 152 48.62 -19.00 -22.60
C GLY U 152 49.48 -18.71 -21.42
N ALA U 153 50.80 -18.88 -21.59
CA ALA U 153 51.69 -18.58 -20.51
C ALA U 153 53.05 -18.79 -21.09
N LYS U 154 54.07 -18.12 -20.53
CA LYS U 154 55.37 -18.36 -21.07
C LYS U 154 56.19 -18.97 -20.01
N LYS U 155 56.95 -20.02 -20.36
CA LYS U 155 57.76 -20.63 -19.36
C LYS U 155 59.14 -20.71 -19.90
N VAL U 156 60.15 -20.48 -19.04
CA VAL U 156 61.50 -20.59 -19.52
C VAL U 156 62.00 -21.95 -19.11
N ILE U 157 62.39 -22.84 -20.05
CA ILE U 157 62.71 -24.10 -19.45
C ILE U 157 63.91 -24.85 -20.00
N SER U 158 65.12 -24.51 -19.49
CA SER U 158 66.34 -25.27 -19.53
C SER U 158 66.95 -25.55 -20.89
N SER U 159 66.17 -25.55 -21.98
CA SER U 159 66.68 -25.85 -23.29
C SER U 159 67.34 -27.20 -23.30
N ASP U 160 67.15 -28.01 -22.25
CA ASP U 160 67.71 -29.34 -22.28
C ASP U 160 66.60 -30.24 -21.90
N ALA U 161 65.44 -29.66 -21.57
CA ALA U 161 64.31 -30.47 -21.25
C ALA U 161 63.80 -30.99 -22.56
N ARG U 162 63.47 -32.30 -22.60
CA ARG U 162 62.97 -33.23 -23.58
C ARG U 162 61.93 -32.66 -24.46
N GLY U 163 60.91 -33.49 -24.78
CA GLY U 163 59.72 -33.03 -25.46
C GLY U 163 59.18 -34.15 -26.31
N VAL U 164 57.97 -33.93 -26.88
CA VAL U 164 57.35 -34.87 -27.76
C VAL U 164 57.10 -34.09 -29.00
N ILE U 165 56.51 -34.69 -30.05
CA ILE U 165 56.49 -33.90 -31.23
C ILE U 165 55.60 -32.75 -31.27
N GLY U 166 54.24 -32.92 -31.16
CA GLY U 166 53.33 -31.86 -31.42
C GLY U 166 51.94 -32.35 -31.21
N VAL U 167 51.15 -31.65 -30.37
CA VAL U 167 49.78 -31.97 -30.12
C VAL U 167 49.75 -33.14 -29.19
N ILE U 168 48.59 -33.41 -28.59
CA ILE U 168 48.41 -34.56 -27.75
C ILE U 168 47.20 -35.24 -28.32
N ALA U 169 47.18 -36.59 -28.28
CA ALA U 169 46.12 -37.33 -28.92
C ALA U 169 44.80 -36.96 -28.30
N GLY U 170 43.72 -37.15 -29.08
CA GLY U 170 42.40 -36.79 -28.68
C GLY U 170 42.21 -35.46 -29.32
N GLY U 171 41.04 -35.23 -29.93
CA GLY U 171 40.74 -34.02 -30.65
C GLY U 171 40.12 -33.12 -29.65
N GLY U 172 38.76 -33.09 -29.60
CA GLY U 172 38.10 -32.33 -28.59
C GLY U 172 38.16 -33.25 -27.43
N ARG U 173 37.34 -32.99 -26.40
CA ARG U 173 37.31 -33.97 -25.38
C ARG U 173 36.81 -35.12 -26.16
N VAL U 174 35.68 -34.79 -26.75
CA VAL U 174 34.89 -35.34 -27.78
C VAL U 174 34.07 -34.15 -27.88
N ASP U 175 33.78 -33.72 -29.09
CA ASP U 175 33.04 -32.53 -29.04
C ASP U 175 31.74 -33.01 -28.60
N LYS U 176 31.35 -32.60 -27.39
CA LYS U 176 30.06 -32.94 -26.91
C LYS U 176 29.95 -34.42 -26.78
N PRO U 177 28.83 -34.91 -26.26
CA PRO U 177 27.80 -34.08 -25.69
C PRO U 177 28.03 -33.59 -24.31
N LEU U 178 28.34 -34.54 -23.37
CA LEU U 178 28.43 -34.32 -21.95
C LEU U 178 27.15 -33.72 -21.46
N LEU U 179 26.01 -34.36 -21.79
CA LEU U 179 24.77 -33.87 -21.24
C LEU U 179 24.96 -34.08 -19.77
N LYS U 180 24.18 -33.35 -18.96
CA LYS U 180 24.38 -33.41 -17.54
C LYS U 180 24.01 -34.77 -17.07
N ALA U 181 24.21 -35.03 -15.76
CA ALA U 181 23.76 -36.27 -15.24
C ALA U 181 24.70 -37.27 -15.71
N GLY U 182 24.26 -38.54 -15.71
CA GLY U 182 25.01 -39.67 -16.16
C GLY U 182 25.76 -39.30 -17.40
N ARG U 183 26.74 -40.16 -17.73
CA ARG U 183 27.66 -39.85 -18.78
C ARG U 183 28.52 -38.76 -18.24
N ALA U 184 28.49 -38.65 -16.90
CA ALA U 184 29.30 -37.77 -16.15
C ALA U 184 29.75 -38.63 -15.01
N PHE U 185 28.84 -39.51 -14.56
CA PHE U 185 29.14 -40.42 -13.50
C PHE U 185 30.20 -41.36 -13.98
N HIS U 186 30.03 -41.89 -15.20
CA HIS U 186 31.11 -42.61 -15.74
C HIS U 186 31.97 -41.47 -16.14
N LYS U 187 33.26 -41.69 -16.33
CA LYS U 187 34.07 -40.56 -16.62
C LYS U 187 34.02 -39.66 -15.46
N TYR U 188 33.80 -40.32 -14.33
CA TYR U 188 33.87 -39.90 -12.99
C TYR U 188 34.29 -41.21 -12.44
N ARG U 189 34.83 -41.28 -11.22
CA ARG U 189 35.21 -42.55 -10.74
C ARG U 189 36.34 -43.07 -11.57
N LEU U 190 36.93 -42.21 -12.42
CA LEU U 190 38.09 -42.59 -13.19
C LEU U 190 39.13 -41.59 -12.81
N LYS U 191 38.69 -40.48 -12.19
CA LYS U 191 39.61 -39.44 -11.84
C LYS U 191 39.39 -39.04 -10.42
N ARG U 192 40.37 -38.30 -9.86
CA ARG U 192 40.19 -37.82 -8.52
C ARG U 192 39.14 -36.76 -8.62
N ASN U 193 38.01 -36.98 -7.92
CA ASN U 193 37.01 -35.95 -7.93
C ASN U 193 35.89 -36.48 -7.09
N SER U 194 35.08 -35.57 -6.54
CA SER U 194 33.95 -36.02 -5.78
C SER U 194 32.77 -35.57 -6.55
N TRP U 195 31.77 -36.44 -6.71
CA TRP U 195 30.73 -35.98 -7.55
C TRP U 195 29.46 -36.48 -6.97
N PRO U 196 28.31 -35.85 -7.15
CA PRO U 196 28.05 -34.64 -7.88
C PRO U 196 28.52 -33.48 -7.09
N LYS U 197 28.22 -32.24 -7.52
CA LYS U 197 28.62 -31.11 -6.73
C LYS U 197 27.40 -30.34 -6.35
N THR U 198 27.47 -29.70 -5.17
CA THR U 198 26.47 -28.79 -4.69
C THR U 198 27.23 -27.52 -4.60
N ARG U 199 26.60 -26.33 -4.59
CA ARG U 199 27.61 -25.33 -4.67
C ARG U 199 27.30 -24.15 -3.89
N GLY U 200 28.07 -23.99 -2.81
CA GLY U 200 27.99 -22.86 -1.95
C GLY U 200 26.63 -22.85 -1.47
N VAL U 201 25.95 -21.70 -1.62
CA VAL U 201 24.63 -21.58 -1.14
C VAL U 201 23.89 -22.66 -1.78
N ALA U 202 23.26 -23.47 -0.95
CA ALA U 202 22.68 -24.70 -1.27
C ALA U 202 22.65 -25.20 0.12
N MET U 203 23.86 -25.57 0.57
CA MET U 203 24.15 -26.07 1.86
C MET U 203 24.18 -24.95 2.81
N ASN U 204 24.20 -25.24 4.14
CA ASN U 204 24.18 -24.11 5.02
C ASN U 204 23.96 -24.60 6.38
N PRO U 205 24.21 -23.73 7.34
CA PRO U 205 25.04 -22.55 7.13
C PRO U 205 26.42 -23.03 7.39
N VAL U 206 26.53 -24.08 8.25
CA VAL U 206 27.75 -24.71 8.52
C VAL U 206 27.87 -25.65 7.39
N ASP U 207 28.59 -25.19 6.35
CA ASP U 207 28.79 -26.02 5.23
C ASP U 207 29.88 -25.34 4.48
N HIS U 208 29.71 -24.02 4.18
CA HIS U 208 30.71 -23.22 3.58
C HIS U 208 30.43 -21.87 4.09
N PRO U 209 31.24 -20.93 3.72
CA PRO U 209 30.90 -19.56 3.82
C PRO U 209 30.07 -19.61 2.60
N HIS U 210 28.91 -18.92 2.61
CA HIS U 210 27.86 -19.03 1.65
C HIS U 210 26.76 -19.45 2.58
N GLY U 211 26.65 -20.77 2.82
CA GLY U 211 25.81 -21.22 3.87
C GLY U 211 24.40 -21.00 3.56
N GLY U 212 23.64 -20.51 4.57
CA GLY U 212 22.22 -20.35 4.48
C GLY U 212 21.93 -18.97 4.02
N GLY U 213 20.65 -18.58 4.13
CA GLY U 213 20.15 -17.30 3.73
C GLY U 213 18.71 -17.53 3.41
N ASN U 214 17.97 -16.45 3.09
CA ASN U 214 16.59 -16.61 2.78
C ASN U 214 16.50 -17.48 1.56
N HIS U 215 17.39 -17.22 0.58
CA HIS U 215 17.36 -17.98 -0.63
C HIS U 215 18.77 -18.41 -0.89
N GLN U 216 19.23 -18.17 -2.14
CA GLN U 216 20.53 -18.53 -2.61
C GLN U 216 21.50 -17.46 -2.28
N HIS U 217 21.78 -16.61 -3.28
CA HIS U 217 22.72 -15.56 -3.13
C HIS U 217 23.97 -16.08 -2.56
N ILE U 218 24.84 -15.17 -2.10
CA ILE U 218 26.08 -15.50 -1.46
C ILE U 218 26.26 -14.56 -0.34
N GLY U 219 26.90 -15.01 0.75
CA GLY U 219 27.18 -14.09 1.80
C GLY U 219 28.16 -13.20 1.15
N LYS U 220 28.36 -12.00 1.71
CA LYS U 220 29.13 -11.00 1.06
C LYS U 220 30.45 -11.51 0.71
N ALA U 221 30.93 -11.03 -0.47
CA ALA U 221 32.23 -11.30 -0.99
C ALA U 221 32.13 -11.67 -2.44
N SER U 222 32.48 -12.94 -2.71
CA SER U 222 32.63 -13.53 -4.01
C SER U 222 33.98 -13.18 -4.51
N THR U 223 34.74 -12.39 -3.72
CA THR U 223 36.12 -12.15 -3.98
C THR U 223 36.75 -12.31 -2.63
N ILE U 224 37.87 -13.03 -2.56
CA ILE U 224 38.49 -13.23 -1.30
C ILE U 224 39.87 -12.87 -1.64
N SER U 225 40.76 -12.59 -0.66
CA SER U 225 42.09 -12.28 -1.00
C SER U 225 42.80 -13.56 -1.05
N ARG U 226 44.06 -13.51 -1.50
CA ARG U 226 44.89 -14.64 -1.34
C ARG U 226 45.17 -14.57 0.12
N GLY U 227 45.79 -15.61 0.69
CA GLY U 227 46.17 -15.45 2.06
C GLY U 227 44.99 -15.82 2.89
N ALA U 228 43.80 -15.92 2.27
CA ALA U 228 42.72 -16.33 3.09
C ALA U 228 43.11 -17.72 3.37
N VAL U 229 42.94 -18.15 4.64
CA VAL U 229 43.30 -19.46 5.11
C VAL U 229 42.23 -20.38 4.70
N SER U 230 42.51 -21.70 4.75
CA SER U 230 41.60 -22.72 4.32
C SER U 230 40.30 -22.53 5.03
N GLY U 231 39.27 -23.33 4.65
CA GLY U 231 37.99 -23.01 5.19
C GLY U 231 37.58 -21.86 4.35
N GLN U 232 38.01 -20.64 4.73
CA GLN U 232 37.77 -19.53 3.85
C GLN U 232 38.60 -19.84 2.65
N LYS U 233 38.37 -19.12 1.54
CA LYS U 233 38.88 -19.38 0.24
C LYS U 233 37.59 -19.20 -0.47
N ALA U 234 37.36 -19.87 -1.61
CA ALA U 234 36.04 -19.97 -2.14
C ALA U 234 35.75 -18.88 -3.10
N GLY U 235 34.74 -19.12 -3.98
CA GLY U 235 34.32 -18.16 -4.93
C GLY U 235 35.51 -17.91 -5.77
N LEU U 236 35.72 -16.64 -6.15
CA LEU U 236 36.91 -16.27 -6.86
C LEU U 236 37.97 -16.30 -5.81
N ILE U 237 39.23 -16.35 -6.24
CA ILE U 237 40.34 -16.42 -5.34
C ILE U 237 40.73 -15.01 -5.41
N ALA U 238 42.03 -14.68 -5.27
CA ALA U 238 42.33 -13.32 -5.54
C ALA U 238 41.93 -13.25 -6.95
N ALA U 239 41.12 -12.24 -7.33
CA ALA U 239 40.70 -12.13 -8.67
C ALA U 239 40.91 -10.71 -9.04
N ARG U 240 41.43 -10.48 -10.24
CA ARG U 240 41.60 -9.12 -10.63
C ARG U 240 40.46 -8.84 -11.52
N ARG U 241 39.69 -7.78 -11.22
CA ARG U 241 38.60 -7.43 -12.07
C ARG U 241 37.70 -8.58 -12.37
N THR U 242 36.72 -8.84 -11.49
CA THR U 242 35.83 -9.90 -11.83
C THR U 242 34.99 -9.37 -12.93
N GLY U 243 34.25 -10.25 -13.63
CA GLY U 243 33.40 -9.77 -14.69
C GLY U 243 33.24 -10.88 -15.67
N LEU U 244 32.57 -10.57 -16.80
CA LEU U 244 32.36 -11.56 -17.82
C LEU U 244 33.74 -12.06 -18.21
N ALA V 7 -36.30 -30.07 17.98
CA ALA V 7 -35.07 -30.51 17.28
C ALA V 7 -35.27 -30.82 15.83
N PRO V 8 -36.22 -31.64 15.42
CA PRO V 8 -37.12 -32.35 16.30
C PRO V 8 -36.42 -33.54 16.87
N ARG V 9 -36.96 -34.11 17.96
CA ARG V 9 -36.31 -35.24 18.54
C ARG V 9 -36.51 -36.35 17.57
N HIS V 10 -35.56 -37.30 17.53
CA HIS V 10 -35.68 -38.40 16.62
C HIS V 10 -36.59 -39.40 17.23
N GLY V 11 -37.43 -40.04 16.39
CA GLY V 11 -38.34 -41.04 16.87
C GLY V 11 -39.32 -40.32 17.72
N HIS V 12 -40.23 -41.04 18.38
CA HIS V 12 -41.13 -40.35 19.23
C HIS V 12 -41.36 -41.17 20.45
N LEU V 13 -41.34 -40.49 21.60
CA LEU V 13 -41.70 -41.18 22.80
C LEU V 13 -43.14 -41.43 22.60
N GLY V 14 -43.69 -42.37 23.37
CA GLY V 14 -45.05 -42.75 23.21
C GLY V 14 -45.01 -44.15 23.69
N PHE V 15 -44.83 -45.10 22.75
CA PHE V 15 -44.63 -46.41 23.18
C PHE V 15 -43.35 -46.38 23.91
N LEU V 16 -43.34 -46.96 25.13
CA LEU V 16 -42.17 -47.04 25.95
C LEU V 16 -42.27 -48.27 26.77
N PRO V 17 -41.13 -48.66 27.32
CA PRO V 17 -39.89 -48.00 27.07
C PRO V 17 -39.50 -48.28 25.67
N ARG V 18 -39.85 -49.50 25.25
CA ARG V 18 -39.51 -50.15 24.05
C ARG V 18 -38.59 -51.15 24.51
N LYS V 19 -39.24 -52.24 24.96
CA LYS V 19 -38.75 -53.44 25.50
C LYS V 19 -38.97 -54.32 24.38
N ARG V 20 -39.15 -55.61 24.67
CA ARG V 20 -39.49 -56.59 23.70
C ARG V 20 -40.93 -56.57 23.92
N ALA V 21 -41.65 -57.62 23.49
CA ALA V 21 -43.03 -57.56 23.84
C ALA V 21 -43.34 -58.80 24.60
N ALA V 22 -43.96 -58.65 25.79
CA ALA V 22 -44.34 -59.84 26.48
C ALA V 22 -45.50 -60.36 25.72
N SER V 23 -45.55 -61.69 25.51
CA SER V 23 -46.62 -62.30 24.80
C SER V 23 -46.54 -61.90 23.38
N ILE V 24 -46.91 -62.83 22.48
CA ILE V 24 -46.99 -62.47 21.09
C ILE V 24 -48.45 -62.47 20.80
N ARG V 25 -49.23 -61.95 21.77
CA ARG V 25 -50.65 -61.83 21.64
C ARG V 25 -50.92 -60.45 22.15
N ALA V 26 -51.76 -59.68 21.45
CA ALA V 26 -52.00 -58.33 21.88
C ALA V 26 -52.95 -58.35 23.03
N ARG V 27 -52.79 -57.36 23.95
CA ARG V 27 -53.70 -57.29 25.06
C ARG V 27 -54.23 -55.89 25.09
N VAL V 28 -55.47 -55.69 24.64
CA VAL V 28 -55.94 -54.34 24.51
C VAL V 28 -56.05 -53.71 25.86
N LYS V 29 -55.47 -52.50 25.98
CA LYS V 29 -55.49 -51.72 27.19
C LYS V 29 -56.88 -51.23 27.44
N ALA V 30 -57.56 -50.74 26.38
CA ALA V 30 -58.85 -50.14 26.59
C ALA V 30 -59.86 -50.81 25.73
N PHE V 31 -61.14 -50.66 26.10
CA PHE V 31 -62.23 -51.25 25.39
C PHE V 31 -63.20 -50.15 25.09
N PRO V 32 -63.99 -50.34 24.07
CA PRO V 32 -64.96 -49.38 23.68
C PRO V 32 -65.87 -49.26 24.87
N LYS V 33 -66.57 -48.13 25.02
CA LYS V 33 -67.51 -47.98 26.10
C LYS V 33 -68.85 -48.00 25.44
N ASP V 34 -69.83 -48.75 25.99
CA ASP V 34 -70.98 -48.71 25.15
C ASP V 34 -72.28 -48.57 25.82
N ASP V 35 -73.22 -48.13 24.98
CA ASP V 35 -74.60 -48.02 25.29
C ASP V 35 -75.26 -48.72 24.15
N ARG V 36 -76.53 -49.13 24.33
CA ARG V 36 -77.25 -49.82 23.30
C ARG V 36 -76.41 -50.94 22.79
N SER V 37 -75.96 -51.82 23.69
CA SER V 37 -75.06 -52.87 23.32
C SER V 37 -75.49 -54.15 23.96
N LYS V 38 -74.94 -55.27 23.45
CA LYS V 38 -75.37 -56.60 23.81
C LYS V 38 -75.13 -57.08 25.17
N PRO V 39 -73.94 -57.31 25.63
CA PRO V 39 -72.67 -57.17 24.95
C PRO V 39 -72.24 -58.28 24.07
N VAL V 40 -71.14 -58.00 23.36
CA VAL V 40 -70.40 -58.85 22.47
C VAL V 40 -69.67 -59.89 23.20
N ALA V 41 -69.09 -59.55 24.37
CA ALA V 41 -68.20 -60.46 25.02
C ALA V 41 -66.95 -60.29 24.23
N LEU V 42 -67.01 -60.75 22.98
CA LEU V 42 -65.93 -60.64 22.07
C LEU V 42 -66.00 -59.28 21.43
N THR V 43 -65.81 -58.20 22.23
CA THR V 43 -65.81 -56.87 21.67
C THR V 43 -64.71 -56.92 20.69
N SER V 44 -63.68 -57.71 21.04
CA SER V 44 -62.58 -57.90 20.15
C SER V 44 -62.65 -59.33 19.70
N PHE V 45 -62.33 -59.57 18.41
CA PHE V 45 -62.41 -60.89 17.92
C PHE V 45 -61.41 -61.00 16.81
N LEU V 46 -60.42 -61.93 16.86
CA LEU V 46 -59.56 -61.90 15.70
C LEU V 46 -58.82 -63.20 15.42
N GLY V 47 -58.38 -63.34 14.14
CA GLY V 47 -57.70 -64.50 13.58
C GLY V 47 -56.57 -63.95 12.83
N TYR V 48 -55.68 -64.74 12.18
CA TYR V 48 -54.71 -63.87 11.72
C TYR V 48 -54.05 -64.16 10.41
N LYS V 49 -53.60 -63.03 9.81
CA LYS V 49 -53.02 -62.53 8.62
C LYS V 49 -52.64 -63.64 7.77
N ALA V 50 -52.76 -63.36 6.46
CA ALA V 50 -52.39 -63.99 5.25
C ALA V 50 -51.95 -62.72 4.58
N GLY V 51 -51.23 -62.70 3.44
CA GLY V 51 -50.83 -61.41 2.93
C GLY V 51 -51.93 -60.88 2.07
N MET V 52 -51.80 -59.65 1.51
CA MET V 52 -52.88 -59.28 0.67
C MET V 52 -52.50 -58.49 -0.51
N THR V 53 -53.42 -58.47 -1.50
CA THR V 53 -53.38 -57.83 -2.77
C THR V 53 -54.03 -56.51 -2.65
N THR V 54 -54.89 -56.13 -3.63
CA THR V 54 -55.59 -54.87 -3.63
C THR V 54 -56.98 -55.10 -4.16
N ILE V 55 -57.87 -54.09 -4.05
CA ILE V 55 -59.23 -54.23 -4.52
C ILE V 55 -59.61 -53.01 -5.28
N VAL V 56 -60.64 -53.18 -6.13
CA VAL V 56 -61.26 -52.08 -6.77
C VAL V 56 -62.52 -51.92 -6.00
N ARG V 57 -62.83 -50.69 -5.55
CA ARG V 57 -64.00 -50.53 -4.75
C ARG V 57 -64.79 -49.41 -5.34
N ASP V 58 -66.12 -49.46 -5.20
CA ASP V 58 -66.91 -48.36 -5.63
C ASP V 58 -66.71 -47.33 -4.58
N LEU V 59 -66.68 -46.03 -4.94
CA LEU V 59 -66.50 -45.18 -3.82
C LEU V 59 -67.78 -45.19 -3.05
N ASP V 60 -67.67 -44.99 -1.73
CA ASP V 60 -68.78 -45.09 -0.85
C ASP V 60 -69.62 -43.89 -1.04
N ARG V 61 -70.15 -43.33 0.07
CA ARG V 61 -70.98 -42.18 -0.03
C ARG V 61 -70.29 -40.94 0.46
N PRO V 62 -69.56 -40.29 -0.39
CA PRO V 62 -68.92 -39.06 -0.01
C PRO V 62 -69.77 -37.95 -0.53
N GLY V 63 -69.46 -36.72 -0.10
CA GLY V 63 -70.08 -35.56 -0.67
C GLY V 63 -69.55 -35.50 -2.06
N SER V 64 -68.29 -35.96 -2.20
CA SER V 64 -67.47 -35.92 -3.38
C SER V 64 -68.08 -36.60 -4.56
N LYS V 65 -67.58 -36.19 -5.73
CA LYS V 65 -67.96 -36.64 -7.03
C LYS V 65 -67.63 -38.10 -7.18
N PHE V 66 -66.43 -38.53 -6.73
CA PHE V 66 -66.09 -39.92 -6.89
C PHE V 66 -67.15 -40.76 -6.23
N HIS V 67 -67.88 -41.49 -7.08
CA HIS V 67 -68.88 -42.44 -6.72
C HIS V 67 -68.70 -43.47 -7.78
N LYS V 68 -67.45 -43.93 -7.93
CA LYS V 68 -67.20 -44.87 -8.98
C LYS V 68 -66.10 -45.76 -8.52
N ARG V 69 -65.60 -46.58 -9.46
CA ARG V 69 -64.56 -47.53 -9.20
C ARG V 69 -63.31 -46.80 -8.82
N GLU V 70 -62.63 -47.33 -7.78
CA GLU V 70 -61.36 -46.78 -7.41
C GLU V 70 -60.65 -47.84 -6.63
N VAL V 71 -59.32 -47.93 -6.76
CA VAL V 71 -58.61 -48.98 -6.09
C VAL V 71 -58.15 -48.47 -4.76
N VAL V 72 -58.28 -49.34 -3.74
CA VAL V 72 -57.78 -49.10 -2.43
C VAL V 72 -57.01 -50.31 -2.18
N GLU V 73 -56.04 -50.30 -1.25
CA GLU V 73 -55.40 -51.57 -1.09
C GLU V 73 -56.43 -52.41 -0.41
N ALA V 74 -57.12 -53.27 -1.19
CA ALA V 74 -57.94 -54.22 -0.51
C ALA V 74 -56.84 -54.86 0.15
N VAL V 75 -56.88 -54.95 1.46
CA VAL V 75 -55.58 -55.29 1.81
C VAL V 75 -55.62 -56.49 2.66
N THR V 76 -54.54 -56.69 3.44
CA THR V 76 -54.26 -57.85 4.19
C THR V 76 -55.46 -58.55 4.67
N VAL V 77 -55.84 -59.61 3.94
CA VAL V 77 -56.97 -60.34 4.37
C VAL V 77 -56.49 -61.22 5.44
N VAL V 78 -57.19 -61.21 6.59
CA VAL V 78 -56.82 -62.02 7.69
C VAL V 78 -57.85 -63.09 7.76
N ASP V 79 -57.47 -64.30 8.24
CA ASP V 79 -58.38 -65.41 8.26
C ASP V 79 -59.05 -65.48 9.60
N THR V 80 -60.34 -65.17 9.63
CA THR V 80 -61.12 -65.31 10.81
C THR V 80 -62.47 -65.57 10.32
N PRO V 81 -63.34 -66.27 10.99
CA PRO V 81 -63.00 -66.93 12.21
C PRO V 81 -63.30 -68.39 12.13
N PRO V 82 -64.12 -69.12 12.89
CA PRO V 82 -64.92 -68.74 14.06
C PRO V 82 -64.05 -68.82 15.26
N VAL V 83 -64.48 -68.27 16.42
CA VAL V 83 -63.72 -68.40 17.64
C VAL V 83 -64.71 -68.70 18.72
N VAL V 84 -64.27 -69.38 19.80
CA VAL V 84 -65.24 -69.70 20.81
C VAL V 84 -64.89 -69.05 22.09
N VAL V 85 -65.93 -68.61 22.83
CA VAL V 85 -65.71 -68.03 24.12
C VAL V 85 -66.09 -69.06 25.12
N VAL V 86 -65.08 -69.59 25.83
CA VAL V 86 -65.39 -70.53 26.85
C VAL V 86 -65.04 -69.87 28.14
N GLY V 87 -66.07 -69.40 28.87
CA GLY V 87 -65.76 -68.85 30.14
C GLY V 87 -65.85 -67.36 30.14
N VAL V 88 -66.90 -66.83 30.80
CA VAL V 88 -67.06 -65.44 31.04
C VAL V 88 -66.56 -65.24 32.43
N VAL V 89 -65.69 -64.23 32.63
CA VAL V 89 -65.09 -64.08 33.92
C VAL V 89 -65.52 -62.79 34.54
N GLY V 90 -65.98 -62.88 35.80
CA GLY V 90 -66.38 -61.70 36.52
C GLY V 90 -65.17 -61.16 37.19
N TYR V 91 -65.26 -59.88 37.61
CA TYR V 91 -64.23 -59.21 38.35
C TYR V 91 -64.96 -58.42 39.35
N VAL V 92 -64.50 -58.36 40.62
CA VAL V 92 -65.31 -57.52 41.44
C VAL V 92 -64.56 -56.95 42.60
N GLU V 93 -64.67 -55.62 42.77
CA GLU V 93 -64.26 -54.97 43.97
C GLU V 93 -62.89 -54.42 44.03
N THR V 94 -62.83 -53.20 44.58
CA THR V 94 -61.64 -52.45 44.78
C THR V 94 -61.65 -52.19 46.25
N PRO V 95 -60.83 -51.35 46.86
CA PRO V 95 -59.77 -50.61 46.23
C PRO V 95 -58.61 -51.49 46.04
N ARG V 96 -57.85 -51.21 44.96
CA ARG V 96 -56.73 -51.98 44.55
C ARG V 96 -56.85 -51.87 43.08
N GLY V 97 -57.56 -52.85 42.50
CA GLY V 97 -57.84 -52.84 41.10
C GLY V 97 -58.78 -53.94 40.85
N LEU V 98 -58.94 -54.29 39.57
CA LEU V 98 -59.80 -55.38 39.19
C LEU V 98 -59.08 -56.62 39.56
N ARG V 99 -59.85 -57.66 39.89
CA ARG V 99 -59.38 -58.92 40.33
C ARG V 99 -60.43 -59.83 39.88
N SER V 100 -60.07 -61.09 39.59
CA SER V 100 -61.04 -61.99 39.09
C SER V 100 -61.92 -62.43 40.20
N LEU V 101 -63.13 -62.84 39.79
CA LEU V 101 -64.13 -63.35 40.65
C LEU V 101 -64.00 -64.78 40.40
N THR V 102 -65.11 -65.39 39.98
CA THR V 102 -65.12 -66.75 39.60
C THR V 102 -65.54 -66.74 38.18
N THR V 103 -65.43 -67.90 37.52
CA THR V 103 -65.73 -68.03 36.13
C THR V 103 -67.12 -68.52 35.95
N VAL V 104 -67.24 -69.40 34.94
CA VAL V 104 -68.35 -70.03 34.35
C VAL V 104 -67.68 -71.25 33.88
N TRP V 105 -67.96 -71.70 32.66
CA TRP V 105 -67.39 -72.95 32.37
C TRP V 105 -67.37 -73.14 30.93
N ALA V 106 -67.94 -74.29 30.55
CA ALA V 106 -68.30 -74.69 29.24
C ALA V 106 -67.91 -76.13 29.18
N GLU V 107 -68.82 -76.98 28.68
CA GLU V 107 -68.43 -78.35 28.52
C GLU V 107 -68.56 -78.59 27.06
N HIS V 108 -67.53 -78.19 26.30
CA HIS V 108 -67.55 -78.32 24.87
C HIS V 108 -66.16 -78.70 24.52
N LEU V 109 -65.20 -77.91 25.06
CA LEU V 109 -63.79 -78.16 24.93
C LEU V 109 -63.41 -78.53 23.54
N SER V 110 -63.02 -77.51 22.74
CA SER V 110 -62.55 -77.74 21.40
C SER V 110 -61.50 -78.79 21.50
N ASP V 111 -61.53 -79.75 20.55
CA ASP V 111 -60.66 -80.87 20.66
C ASP V 111 -59.30 -80.48 20.21
N GLU V 112 -58.67 -79.53 20.91
CA GLU V 112 -57.34 -79.22 20.53
C GLU V 112 -56.85 -78.34 21.61
N VAL V 113 -57.81 -77.81 22.40
CA VAL V 113 -57.48 -76.94 23.48
C VAL V 113 -57.03 -77.81 24.59
N LYS V 114 -55.82 -78.36 24.43
CA LYS V 114 -55.19 -79.14 25.44
C LYS V 114 -53.94 -78.38 25.64
N ARG V 115 -53.26 -78.13 24.51
CA ARG V 115 -52.09 -77.37 24.56
C ARG V 115 -52.51 -76.01 24.99
N ARG V 116 -51.73 -75.43 25.92
CA ARG V 116 -52.02 -74.16 26.48
C ARG V 116 -53.29 -74.23 27.25
N PHE V 117 -53.73 -75.46 27.59
CA PHE V 117 -54.96 -75.62 28.32
C PHE V 117 -54.97 -77.01 28.89
N TYR V 118 -56.21 -77.54 28.99
CA TYR V 118 -56.65 -78.81 29.46
C TYR V 118 -55.71 -79.88 29.00
N LYS V 119 -55.88 -81.09 29.58
CA LYS V 119 -55.07 -82.22 29.26
C LYS V 119 -53.72 -82.01 29.85
N ASN V 120 -53.67 -81.23 30.94
CA ASN V 120 -52.44 -81.07 31.66
C ASN V 120 -52.28 -82.34 32.42
N TRP V 121 -51.04 -82.66 32.84
CA TRP V 121 -50.86 -83.89 33.55
C TRP V 121 -51.61 -83.74 34.83
N TYR V 122 -52.28 -84.82 35.27
CA TYR V 122 -53.06 -84.74 36.48
C TYR V 122 -52.13 -84.43 37.60
N LYS V 123 -50.96 -85.10 37.64
CA LYS V 123 -50.05 -84.82 38.71
C LYS V 123 -49.55 -83.43 38.49
N SER V 124 -49.22 -82.73 39.58
CA SER V 124 -48.77 -81.38 39.44
C SER V 124 -47.47 -81.42 38.71
N LYS V 125 -47.21 -80.36 37.91
CA LYS V 125 -46.00 -80.28 37.18
C LYS V 125 -45.30 -79.06 37.68
N LYS V 126 -43.97 -79.00 37.53
CA LYS V 126 -43.26 -77.86 38.04
C LYS V 126 -43.79 -76.66 37.34
N LYS V 127 -44.01 -76.77 36.01
CA LYS V 127 -44.53 -75.64 35.30
C LYS V 127 -45.94 -75.46 35.75
N ALA V 128 -46.41 -74.20 35.74
CA ALA V 128 -47.75 -73.93 36.17
C ALA V 128 -48.67 -74.51 35.15
N PHE V 129 -49.87 -74.92 35.61
CA PHE V 129 -50.83 -75.48 34.70
C PHE V 129 -51.64 -74.37 34.13
N THR V 130 -52.11 -74.57 32.89
CA THR V 130 -52.90 -73.59 32.22
C THR V 130 -54.34 -73.85 32.54
N LYS V 131 -55.25 -73.13 31.84
CA LYS V 131 -56.65 -73.30 32.13
C LYS V 131 -57.08 -74.63 31.60
N TYR V 132 -57.46 -75.51 32.55
CA TYR V 132 -57.95 -76.83 32.31
C TYR V 132 -59.03 -77.01 33.30
N SER V 133 -60.09 -77.77 32.97
CA SER V 133 -61.10 -77.92 33.97
C SER V 133 -61.91 -79.14 33.70
N ALA V 134 -62.17 -79.90 34.77
CA ALA V 134 -63.05 -81.02 34.73
C ALA V 134 -63.82 -80.81 35.99
N LYS V 135 -63.24 -79.96 36.85
CA LYS V 135 -63.85 -79.52 38.07
C LYS V 135 -64.89 -78.57 37.56
N TYR V 136 -66.19 -78.85 37.79
CA TYR V 136 -67.13 -77.92 37.23
C TYR V 136 -68.12 -77.53 38.27
N ALA V 137 -68.54 -76.25 38.22
CA ALA V 137 -69.68 -75.80 38.96
C ALA V 137 -70.20 -74.68 38.13
N GLN V 138 -71.18 -74.96 37.24
CA GLN V 138 -71.65 -73.89 36.41
C GLN V 138 -72.32 -72.94 37.31
N ASP V 139 -73.29 -73.47 38.07
CA ASP V 139 -73.92 -72.59 38.99
C ASP V 139 -73.02 -72.59 40.16
N GLY V 140 -73.11 -71.53 40.95
CA GLY V 140 -72.19 -71.36 42.02
C GLY V 140 -71.37 -70.22 41.51
N ALA V 141 -70.82 -70.39 40.29
CA ALA V 141 -70.16 -69.31 39.64
C ALA V 141 -71.21 -68.32 39.29
N GLY V 142 -72.36 -68.80 38.77
CA GLY V 142 -73.39 -67.89 38.37
C GLY V 142 -73.89 -67.18 39.59
N ILE V 143 -74.11 -67.95 40.67
CA ILE V 143 -74.64 -67.41 41.90
C ILE V 143 -73.65 -66.46 42.49
N GLU V 144 -72.36 -66.84 42.49
CA GLU V 144 -71.38 -66.01 43.11
C GLU V 144 -71.43 -64.68 42.46
N ARG V 145 -71.50 -64.67 41.11
CA ARG V 145 -71.52 -63.42 40.42
C ARG V 145 -72.76 -62.65 40.72
N GLU V 146 -73.93 -63.31 40.71
CA GLU V 146 -75.14 -62.57 40.91
C GLU V 146 -75.15 -61.97 42.27
N LEU V 147 -74.79 -62.76 43.30
CA LEU V 147 -74.80 -62.19 44.62
C LEU V 147 -73.80 -61.09 44.66
N ALA V 148 -72.59 -61.33 44.12
CA ALA V 148 -71.68 -60.22 44.12
C ALA V 148 -72.05 -59.45 42.92
N ARG V 149 -73.14 -58.70 43.07
CA ARG V 149 -73.68 -57.86 42.06
C ARG V 149 -74.54 -56.96 42.87
N ILE V 150 -75.58 -57.57 43.47
CA ILE V 150 -76.45 -56.80 44.28
C ILE V 150 -75.70 -56.25 45.45
N LYS V 151 -75.09 -57.13 46.28
CA LYS V 151 -74.43 -56.67 47.46
C LYS V 151 -73.13 -55.98 47.29
N LYS V 152 -72.19 -56.62 46.60
CA LYS V 152 -70.90 -56.01 46.52
C LYS V 152 -70.93 -55.27 45.24
N TYR V 153 -70.05 -55.69 44.34
CA TYR V 153 -70.04 -55.03 43.09
C TYR V 153 -69.78 -56.10 42.12
N ALA V 154 -69.25 -55.63 40.99
CA ALA V 154 -68.76 -56.40 39.92
C ALA V 154 -68.08 -55.36 39.07
N SER V 155 -67.32 -55.81 38.07
CA SER V 155 -66.65 -54.91 37.19
C SER V 155 -67.04 -55.40 35.85
N VAL V 156 -66.49 -54.79 34.79
CA VAL V 156 -66.91 -55.22 33.48
C VAL V 156 -66.56 -56.66 33.32
N VAL V 157 -67.47 -57.43 32.69
CA VAL V 157 -67.19 -58.82 32.52
C VAL V 157 -66.73 -59.07 31.13
N ARG V 158 -65.91 -60.14 30.95
CA ARG V 158 -65.32 -60.45 29.69
C ARG V 158 -65.37 -61.92 29.51
N VAL V 159 -64.85 -62.44 28.38
CA VAL V 159 -64.86 -63.86 28.19
C VAL V 159 -63.47 -64.29 27.75
N LEU V 160 -63.14 -65.59 27.94
CA LEU V 160 -61.82 -66.13 27.70
C LEU V 160 -61.38 -66.12 26.25
N VAL V 161 -62.19 -66.68 25.33
CA VAL V 161 -61.94 -66.81 23.91
C VAL V 161 -60.76 -67.66 23.61
N HIS V 162 -60.80 -68.28 22.41
CA HIS V 162 -59.68 -69.01 21.89
C HIS V 162 -59.96 -69.24 20.44
N THR V 163 -59.03 -68.81 19.57
CA THR V 163 -59.22 -68.97 18.17
C THR V 163 -58.76 -70.32 17.80
N GLN V 164 -59.56 -71.04 17.01
CA GLN V 164 -59.16 -72.36 16.65
C GLN V 164 -58.46 -72.31 15.35
N ILE V 165 -57.51 -73.24 15.15
CA ILE V 165 -56.89 -73.29 13.87
C ILE V 165 -57.61 -74.40 13.20
N ARG V 166 -58.87 -74.15 12.79
CA ARG V 166 -59.60 -75.20 12.16
C ARG V 166 -58.89 -75.50 10.89
N LYS V 167 -58.63 -74.43 10.11
CA LYS V 167 -57.87 -74.66 8.93
C LYS V 167 -57.13 -73.42 8.59
N THR V 168 -55.84 -73.41 8.96
CA THR V 168 -55.02 -72.32 8.59
C THR V 168 -53.72 -72.90 8.19
N PRO V 169 -53.01 -72.26 7.32
CA PRO V 169 -51.77 -72.88 6.97
C PRO V 169 -50.85 -72.87 8.15
N LEU V 170 -50.32 -74.05 8.54
CA LEU V 170 -49.39 -74.35 9.62
C LEU V 170 -49.77 -73.74 10.94
N ALA V 171 -50.80 -74.30 11.61
CA ALA V 171 -51.14 -73.89 12.94
C ALA V 171 -51.59 -75.14 13.65
N GLN V 172 -51.77 -75.07 14.98
CA GLN V 172 -52.08 -76.29 15.65
C GLN V 172 -53.15 -76.13 16.67
N LYS V 173 -53.29 -77.17 17.52
CA LYS V 173 -54.31 -77.24 18.52
C LYS V 173 -54.09 -76.12 19.43
N LYS V 174 -52.84 -75.66 19.49
CA LYS V 174 -52.52 -74.55 20.29
C LYS V 174 -53.44 -73.49 19.86
N ALA V 175 -53.98 -72.74 20.83
CA ALA V 175 -54.81 -71.61 20.54
C ALA V 175 -54.33 -70.60 21.53
N HIS V 176 -53.99 -69.39 21.07
CA HIS V 176 -53.54 -68.48 22.08
C HIS V 176 -54.53 -67.40 22.24
N LEU V 177 -55.45 -67.58 23.20
CA LEU V 177 -56.45 -66.57 23.32
C LEU V 177 -56.51 -65.85 24.61
N ALA V 178 -57.02 -64.60 24.51
CA ALA V 178 -57.10 -63.71 25.62
C ALA V 178 -58.48 -63.15 25.74
N GLU V 179 -58.80 -62.71 26.95
CA GLU V 179 -60.10 -62.27 27.33
C GLU V 179 -60.50 -61.00 26.67
N ILE V 180 -61.72 -61.00 26.13
CA ILE V 180 -62.29 -59.83 25.53
C ILE V 180 -63.57 -59.51 26.23
N GLN V 181 -63.74 -58.21 26.54
CA GLN V 181 -64.79 -57.68 27.37
C GLN V 181 -66.06 -57.52 26.65
N LEU V 182 -67.18 -57.61 27.40
CA LEU V 182 -68.46 -57.44 26.83
C LEU V 182 -69.04 -56.18 27.39
N ASN V 183 -69.49 -55.28 26.50
CA ASN V 183 -70.12 -54.08 26.95
C ASN V 183 -71.54 -54.13 26.50
N GLY V 184 -72.46 -54.37 27.46
CA GLY V 184 -73.87 -54.40 27.17
C GLY V 184 -74.41 -53.13 27.74
N GLY V 185 -75.65 -53.16 28.26
CA GLY V 185 -76.36 -52.06 28.81
C GLY V 185 -75.99 -51.93 30.25
N SER V 186 -76.99 -52.08 31.16
CA SER V 186 -76.72 -51.83 32.54
C SER V 186 -75.57 -52.67 32.98
N ILE V 187 -75.85 -53.93 33.32
CA ILE V 187 -74.86 -54.86 33.75
C ILE V 187 -75.52 -56.18 33.66
N SER V 188 -76.48 -56.38 34.58
CA SER V 188 -77.22 -57.57 34.77
C SER V 188 -77.86 -57.95 33.49
N GLU V 189 -78.19 -56.98 32.62
CA GLU V 189 -78.76 -57.41 31.39
C GLU V 189 -77.71 -58.16 30.62
N LYS V 190 -76.52 -57.55 30.57
CA LYS V 190 -75.37 -57.97 29.82
C LYS V 190 -74.81 -59.23 30.40
N VAL V 191 -74.87 -59.34 31.73
CA VAL V 191 -74.32 -60.49 32.37
C VAL V 191 -75.08 -61.64 31.82
N ASP V 192 -76.38 -61.45 31.59
CA ASP V 192 -77.14 -62.50 31.03
C ASP V 192 -76.62 -62.76 29.66
N TRP V 193 -76.31 -61.70 28.89
CA TRP V 193 -75.88 -61.94 27.56
C TRP V 193 -74.63 -62.77 27.58
N ALA V 194 -73.64 -62.41 28.44
CA ALA V 194 -72.50 -63.26 28.48
C ALA V 194 -72.87 -64.35 29.42
N ARG V 195 -73.33 -65.47 28.86
CA ARG V 195 -73.81 -66.58 29.62
C ARG V 195 -74.52 -67.33 28.56
N GLU V 196 -75.33 -66.58 27.78
CA GLU V 196 -75.97 -67.15 26.65
C GLU V 196 -74.89 -67.47 25.65
N HIS V 197 -74.03 -66.46 25.33
CA HIS V 197 -72.95 -66.67 24.42
C HIS V 197 -71.84 -67.14 25.29
N PHE V 198 -71.99 -68.39 25.70
CA PHE V 198 -71.11 -69.05 26.61
C PHE V 198 -71.14 -70.39 26.04
N GLU V 199 -72.10 -71.19 26.56
CA GLU V 199 -72.35 -72.36 25.81
C GLU V 199 -72.77 -71.75 24.50
N LYS V 200 -72.06 -72.10 23.39
CA LYS V 200 -72.27 -71.61 22.04
C LYS V 200 -70.94 -71.16 21.46
N THR V 201 -70.90 -70.76 20.16
CA THR V 201 -69.69 -70.33 19.49
C THR V 201 -70.02 -69.10 18.65
N VAL V 202 -69.01 -68.37 18.13
CA VAL V 202 -69.25 -67.16 17.39
C VAL V 202 -68.38 -67.12 16.15
N ALA V 203 -68.47 -65.99 15.42
CA ALA V 203 -67.79 -65.71 14.18
C ALA V 203 -67.59 -64.24 14.11
N VAL V 204 -67.00 -63.71 13.01
CA VAL V 204 -66.82 -62.29 12.82
C VAL V 204 -68.17 -61.68 12.64
N ASP V 205 -69.03 -62.37 11.86
CA ASP V 205 -70.36 -61.89 11.61
C ASP V 205 -71.12 -62.12 12.86
N SER V 206 -70.96 -61.16 13.77
CA SER V 206 -71.52 -61.01 15.07
C SER V 206 -71.13 -59.60 15.34
N VAL V 207 -70.13 -59.36 16.20
CA VAL V 207 -69.70 -58.00 16.28
C VAL V 207 -68.81 -57.76 15.11
N PHE V 208 -69.25 -56.86 14.20
CA PHE V 208 -68.48 -56.60 13.03
C PHE V 208 -69.45 -55.99 12.09
N GLU V 209 -68.98 -55.60 10.90
CA GLU V 209 -69.84 -55.10 9.88
C GLU V 209 -68.91 -54.58 8.84
N GLN V 210 -69.25 -54.74 7.55
CA GLN V 210 -68.34 -54.13 6.62
C GLN V 210 -68.56 -52.67 6.87
N ASN V 211 -67.60 -51.82 6.47
CA ASN V 211 -67.58 -50.38 6.58
C ASN V 211 -67.26 -49.99 7.97
N GLU V 212 -67.37 -50.91 8.95
CA GLU V 212 -67.26 -50.36 10.27
C GLU V 212 -65.83 -50.27 10.60
N MET V 213 -65.44 -49.22 11.35
CA MET V 213 -64.06 -48.98 11.69
C MET V 213 -63.71 -49.70 12.95
N ILE V 214 -62.49 -50.29 12.99
CA ILE V 214 -62.02 -51.04 14.12
C ILE V 214 -60.56 -50.75 14.33
N ASP V 215 -60.08 -50.77 15.59
CA ASP V 215 -58.68 -50.62 15.82
C ASP V 215 -58.09 -51.97 15.59
N ALA V 216 -56.78 -52.08 15.30
CA ALA V 216 -56.24 -53.39 15.13
C ALA V 216 -54.99 -53.42 15.96
N ILE V 217 -54.69 -54.56 16.63
CA ILE V 217 -53.50 -54.55 17.42
C ILE V 217 -52.71 -55.79 17.22
N ALA V 218 -51.36 -55.64 17.22
CA ALA V 218 -50.50 -56.79 17.17
C ALA V 218 -49.07 -56.33 17.26
N VAL V 219 -48.17 -57.26 17.65
CA VAL V 219 -46.78 -57.02 17.76
C VAL V 219 -46.22 -56.93 16.41
N THR V 220 -45.35 -55.93 16.19
CA THR V 220 -44.78 -55.69 14.93
C THR V 220 -43.84 -56.81 14.73
N LYS V 221 -43.49 -57.12 13.47
CA LYS V 221 -42.52 -58.13 13.25
C LYS V 221 -41.26 -57.39 13.19
N GLY V 222 -40.17 -58.00 13.63
CA GLY V 222 -39.02 -57.19 13.47
C GLY V 222 -37.89 -57.86 14.12
N HIS V 223 -36.68 -57.32 13.87
CA HIS V 223 -35.45 -57.88 14.34
C HIS V 223 -35.14 -57.45 15.73
N GLY V 224 -34.03 -58.03 16.24
CA GLY V 224 -33.58 -57.83 17.57
C GLY V 224 -32.89 -56.50 17.61
N PHE V 225 -31.97 -56.33 18.57
CA PHE V 225 -31.34 -55.06 18.77
C PHE V 225 -30.61 -54.62 17.54
N GLU V 226 -30.72 -53.31 17.26
CA GLU V 226 -30.05 -52.69 16.16
C GLU V 226 -29.56 -51.37 16.64
N GLY V 227 -28.82 -50.65 15.79
CA GLY V 227 -28.25 -49.39 16.20
C GLY V 227 -29.28 -48.35 16.15
N VAL V 228 -28.84 -47.11 16.46
CA VAL V 228 -29.63 -45.92 16.58
C VAL V 228 -30.30 -45.61 15.29
N THR V 229 -29.62 -45.72 14.14
CA THR V 229 -30.22 -45.24 12.93
C THR V 229 -31.51 -45.95 12.65
N HIS V 230 -31.54 -47.30 12.62
CA HIS V 230 -32.86 -47.75 12.33
C HIS V 230 -33.48 -48.30 13.56
N ARG V 231 -33.62 -47.38 14.52
CA ARG V 231 -34.35 -47.55 15.71
C ARG V 231 -35.16 -46.33 15.49
N TRP V 232 -35.26 -45.40 16.43
CA TRP V 232 -35.82 -44.16 16.03
C TRP V 232 -34.84 -43.73 15.02
N GLY V 233 -35.24 -42.99 13.97
CA GLY V 233 -34.23 -42.69 13.01
C GLY V 233 -33.27 -41.75 13.62
N THR V 234 -31.97 -41.90 13.27
CA THR V 234 -30.98 -41.00 13.75
C THR V 234 -30.09 -40.73 12.59
N LYS V 235 -29.31 -39.64 12.64
CA LYS V 235 -28.44 -39.35 11.53
C LYS V 235 -27.23 -40.22 11.66
N LYS V 236 -26.76 -40.69 10.50
CA LYS V 236 -25.59 -41.49 10.33
C LYS V 236 -24.46 -40.54 10.10
N LEU V 237 -23.21 -41.04 10.07
CA LEU V 237 -22.17 -40.13 9.71
C LEU V 237 -21.96 -39.14 10.81
N PRO V 238 -21.10 -38.16 10.71
CA PRO V 238 -20.28 -37.90 9.54
C PRO V 238 -19.15 -38.86 9.34
N ARG V 239 -18.52 -38.82 8.14
CA ARG V 239 -17.47 -39.71 7.79
C ARG V 239 -16.27 -39.42 8.62
N LYS V 240 -15.92 -40.42 9.46
CA LYS V 240 -14.80 -40.45 10.35
C LYS V 240 -15.06 -41.75 10.99
N THR V 241 -16.12 -41.72 11.82
CA THR V 241 -16.62 -42.92 12.39
C THR V 241 -17.71 -43.33 11.46
N HIS V 242 -17.54 -42.93 10.19
CA HIS V 242 -18.48 -43.26 9.16
C HIS V 242 -18.42 -44.73 8.96
N ARG V 243 -17.18 -45.27 8.96
CA ARG V 243 -16.98 -46.67 8.73
C ARG V 243 -17.67 -47.39 9.83
N GLY V 244 -17.56 -46.89 11.07
CA GLY V 244 -18.16 -47.58 12.17
C GLY V 244 -19.64 -47.39 12.08
N LEU V 245 -20.39 -48.01 13.01
CA LEU V 245 -21.82 -47.96 13.01
C LEU V 245 -22.24 -46.57 13.40
N ARG V 246 -23.49 -46.19 13.03
CA ARG V 246 -23.94 -44.87 13.33
C ARG V 246 -23.98 -44.72 14.81
N LYS V 247 -23.28 -43.70 15.33
CA LYS V 247 -23.28 -43.49 16.75
C LYS V 247 -23.69 -42.08 16.97
N VAL V 248 -24.71 -41.89 17.84
CA VAL V 248 -25.21 -40.58 18.11
C VAL V 248 -24.21 -39.90 18.96
N ALA V 249 -24.25 -38.56 18.99
CA ALA V 249 -23.35 -37.82 19.82
C ALA V 249 -23.64 -38.26 21.21
N CYS V 250 -22.73 -37.94 22.15
CA CYS V 250 -22.84 -38.41 23.50
C CYS V 250 -24.19 -38.09 24.03
N ILE V 251 -24.73 -39.01 24.86
CA ILE V 251 -26.07 -38.86 25.34
C ILE V 251 -26.07 -38.27 26.70
N GLY V 252 -26.33 -36.95 26.76
CA GLY V 252 -26.45 -36.28 28.02
C GLY V 252 -25.10 -36.18 28.61
N ALA V 253 -24.77 -34.99 29.17
CA ALA V 253 -23.53 -34.87 29.85
C ALA V 253 -23.69 -33.83 30.87
N TRP V 254 -23.42 -34.21 32.12
CA TRP V 254 -23.57 -33.33 33.24
C TRP V 254 -23.53 -34.12 34.48
N HIS V 255 -24.40 -33.75 35.44
CA HIS V 255 -24.40 -34.36 36.73
C HIS V 255 -24.75 -35.80 36.73
N PRO V 256 -25.87 -36.26 36.22
CA PRO V 256 -26.00 -37.67 36.31
C PRO V 256 -25.03 -38.24 35.35
N ALA V 257 -24.22 -39.23 35.78
CA ALA V 257 -23.30 -39.72 34.83
C ALA V 257 -24.07 -40.39 33.75
N HIS V 258 -25.08 -41.20 34.16
CA HIS V 258 -25.87 -41.97 33.24
C HIS V 258 -26.94 -41.11 32.67
N VAL V 259 -27.46 -41.51 31.49
CA VAL V 259 -28.50 -40.70 30.92
C VAL V 259 -29.74 -41.51 30.89
N MET V 260 -30.84 -40.95 31.41
CA MET V 260 -32.09 -41.64 31.29
C MET V 260 -32.38 -41.61 29.85
N TRP V 261 -32.10 -40.42 29.33
CA TRP V 261 -32.04 -39.99 27.99
C TRP V 261 -33.30 -39.72 27.33
N SER V 262 -34.13 -40.77 27.19
CA SER V 262 -35.19 -40.57 26.27
C SER V 262 -34.54 -40.19 24.95
N VAL V 263 -33.26 -40.61 24.73
CA VAL V 263 -32.59 -40.18 23.56
C VAL V 263 -31.76 -41.27 22.98
N ALA V 264 -32.17 -41.67 21.76
CA ALA V 264 -31.45 -42.51 20.85
C ALA V 264 -30.59 -43.56 21.50
N ARG V 265 -31.11 -44.77 21.75
CA ARG V 265 -30.22 -45.78 22.26
C ARG V 265 -30.45 -47.07 21.51
N ALA V 266 -29.40 -47.89 21.40
CA ALA V 266 -29.50 -49.15 20.73
C ALA V 266 -30.33 -50.04 21.60
N GLY V 267 -31.06 -50.98 20.99
CA GLY V 267 -31.86 -51.86 21.78
C GLY V 267 -32.65 -52.70 20.84
N GLN V 268 -33.62 -53.44 21.39
CA GLN V 268 -34.44 -54.29 20.60
C GLN V 268 -35.29 -53.39 19.78
N ARG V 269 -35.69 -53.92 18.61
CA ARG V 269 -36.59 -53.26 17.73
C ARG V 269 -37.44 -54.38 17.25
N GLY V 270 -38.10 -54.22 16.09
CA GLY V 270 -38.94 -55.30 15.71
C GLY V 270 -39.98 -55.15 16.69
N TYR V 271 -40.56 -56.29 17.18
CA TYR V 271 -41.52 -56.65 18.21
C TYR V 271 -42.39 -55.50 18.55
N HIS V 272 -43.52 -55.72 19.17
CA HIS V 272 -44.04 -54.45 19.37
C HIS V 272 -45.06 -54.66 20.36
N SER V 273 -46.23 -54.14 19.97
CA SER V 273 -47.52 -54.24 20.58
C SER V 273 -48.11 -52.91 20.42
N ARG V 274 -48.79 -52.67 19.30
CA ARG V 274 -49.37 -51.38 19.21
C ARG V 274 -50.55 -51.50 18.38
N THR V 275 -51.54 -50.67 18.70
CA THR V 275 -52.77 -50.73 18.01
C THR V 275 -52.66 -49.79 16.88
N SER V 276 -53.63 -49.89 15.96
CA SER V 276 -53.74 -48.96 14.90
C SER V 276 -55.11 -48.44 15.13
N ILE V 277 -55.45 -47.25 14.61
CA ILE V 277 -56.74 -46.78 14.94
C ILE V 277 -57.53 -46.63 13.68
N ASN V 278 -58.84 -46.87 13.80
CA ASN V 278 -59.76 -46.66 12.73
C ASN V 278 -59.39 -47.38 11.48
N HIS V 279 -59.18 -48.71 11.57
CA HIS V 279 -59.05 -49.46 10.37
C HIS V 279 -60.46 -49.61 9.88
N LYS V 280 -60.71 -49.37 8.58
CA LYS V 280 -62.01 -49.64 8.04
C LYS V 280 -62.05 -51.10 7.71
N ILE V 281 -63.25 -51.72 7.76
CA ILE V 281 -63.21 -53.09 7.40
C ILE V 281 -64.07 -53.17 6.16
N TYR V 282 -63.42 -53.13 4.97
CA TYR V 282 -64.17 -53.08 3.75
C TYR V 282 -64.99 -54.30 3.56
N ARG V 283 -64.44 -55.48 3.84
CA ARG V 283 -65.19 -56.66 3.55
C ARG V 283 -65.30 -57.52 4.75
N VAL V 284 -66.19 -58.51 4.60
CA VAL V 284 -66.46 -59.60 5.47
C VAL V 284 -66.45 -60.72 4.48
N GLY V 285 -66.35 -61.99 4.91
CA GLY V 285 -66.31 -62.90 3.81
C GLY V 285 -66.41 -64.30 4.28
N LYS V 286 -66.00 -65.21 3.39
CA LYS V 286 -66.10 -66.62 3.65
C LYS V 286 -65.19 -67.29 2.67
N GLY V 287 -65.45 -68.59 2.45
CA GLY V 287 -64.68 -69.36 1.52
C GLY V 287 -65.65 -70.23 0.79
N ASP V 288 -66.82 -70.46 1.42
CA ASP V 288 -67.83 -71.27 0.79
C ASP V 288 -68.32 -70.48 -0.36
N ASP V 289 -68.82 -71.17 -1.40
CA ASP V 289 -69.25 -70.48 -2.58
C ASP V 289 -70.65 -69.99 -2.38
N GLU V 290 -70.85 -68.70 -2.70
CA GLU V 290 -72.14 -68.09 -2.68
C GLU V 290 -72.09 -67.06 -3.77
N ALA V 291 -73.09 -67.02 -4.66
CA ALA V 291 -73.00 -66.03 -5.69
C ALA V 291 -74.37 -65.58 -6.03
N ASN V 292 -74.48 -64.31 -6.48
CA ASN V 292 -75.73 -63.78 -6.90
C ASN V 292 -76.13 -64.52 -8.12
N GLY V 293 -75.16 -64.77 -9.01
CA GLY V 293 -75.45 -65.45 -10.25
C GLY V 293 -74.52 -66.61 -10.35
N ALA V 294 -74.54 -67.29 -11.51
CA ALA V 294 -73.72 -68.44 -11.68
C ALA V 294 -72.29 -68.00 -11.58
N THR V 295 -71.46 -68.84 -10.95
CA THR V 295 -70.06 -68.55 -10.78
C THR V 295 -69.38 -69.85 -11.02
N SER V 296 -68.07 -69.95 -10.74
CA SER V 296 -67.40 -71.19 -10.94
C SER V 296 -68.07 -72.19 -10.05
N PHE V 297 -67.88 -73.48 -10.35
CA PHE V 297 -68.52 -74.52 -9.60
C PHE V 297 -67.45 -75.47 -9.19
N ASP V 298 -67.86 -76.73 -8.92
CA ASP V 298 -66.92 -77.71 -8.49
C ASP V 298 -66.26 -77.24 -7.25
N ARG V 299 -67.06 -76.66 -6.33
CA ARG V 299 -66.59 -76.23 -5.05
C ARG V 299 -65.35 -75.40 -5.22
N THR V 300 -65.52 -74.16 -5.68
CA THR V 300 -64.40 -73.28 -5.86
C THR V 300 -63.91 -72.88 -4.52
N LYS V 301 -63.04 -71.85 -4.46
CA LYS V 301 -62.40 -71.51 -3.22
C LYS V 301 -62.75 -70.11 -2.79
N LYS V 302 -62.04 -69.64 -1.76
CA LYS V 302 -62.23 -68.38 -1.11
C LYS V 302 -62.17 -67.32 -2.15
N THR V 303 -62.83 -66.17 -1.90
CA THR V 303 -62.81 -65.12 -2.87
C THR V 303 -61.44 -64.51 -2.99
N ILE V 304 -60.78 -64.16 -1.88
CA ILE V 304 -59.53 -63.49 -2.06
C ILE V 304 -58.39 -64.26 -1.45
N THR V 305 -57.68 -65.02 -2.28
CA THR V 305 -56.44 -65.66 -1.96
C THR V 305 -55.75 -65.72 -3.27
N PRO V 306 -54.55 -65.26 -3.35
CA PRO V 306 -53.88 -65.28 -4.62
C PRO V 306 -53.51 -66.63 -5.12
N MET V 307 -53.48 -66.80 -6.46
CA MET V 307 -53.04 -68.06 -6.95
C MET V 307 -51.59 -68.12 -6.63
N GLY V 308 -51.07 -69.34 -6.39
CA GLY V 308 -49.70 -69.43 -6.01
C GLY V 308 -49.66 -69.36 -4.51
N GLY V 309 -50.84 -69.16 -3.87
CA GLY V 309 -50.96 -69.13 -2.45
C GLY V 309 -50.57 -67.78 -2.01
N PHE V 310 -50.65 -67.48 -0.70
CA PHE V 310 -50.16 -66.19 -0.51
C PHE V 310 -49.05 -66.24 0.47
N VAL V 311 -47.89 -65.63 0.16
CA VAL V 311 -46.78 -65.64 1.06
C VAL V 311 -46.52 -67.07 1.31
N HIS V 312 -45.84 -67.40 2.43
CA HIS V 312 -45.51 -68.70 2.90
C HIS V 312 -46.76 -69.47 3.19
N TYR V 313 -47.75 -68.84 3.85
CA TYR V 313 -48.91 -69.62 4.20
C TYR V 313 -49.97 -69.18 3.36
N GLY V 314 -50.38 -70.17 2.57
CA GLY V 314 -51.17 -69.91 1.45
C GLY V 314 -52.61 -69.92 1.73
N GLU V 315 -53.31 -70.36 0.66
CA GLU V 315 -54.69 -70.49 0.35
C GLU V 315 -55.59 -70.20 1.48
N ILE V 316 -56.65 -69.44 1.18
CA ILE V 316 -57.66 -69.19 2.16
C ILE V 316 -58.89 -69.78 1.57
N LYS V 317 -59.75 -70.36 2.42
CA LYS V 317 -60.91 -70.99 1.86
C LYS V 317 -62.05 -70.83 2.82
N ASN V 318 -61.83 -70.05 3.90
CA ASN V 318 -62.90 -69.93 4.84
C ASN V 318 -63.07 -68.49 5.20
N ASP V 319 -63.82 -68.26 6.29
CA ASP V 319 -64.16 -66.97 6.78
C ASP V 319 -62.98 -66.04 6.73
N PHE V 320 -63.21 -64.84 6.17
CA PHE V 320 -62.19 -63.86 5.96
C PHE V 320 -62.65 -62.55 6.54
N ILE V 321 -61.72 -61.57 6.47
CA ILE V 321 -61.96 -60.19 6.74
C ILE V 321 -60.94 -59.43 5.93
N MET V 322 -61.32 -58.26 5.36
CA MET V 322 -60.42 -57.45 4.58
C MET V 322 -60.30 -56.16 5.34
N VAL V 323 -59.07 -55.74 5.72
CA VAL V 323 -59.00 -54.51 6.45
C VAL V 323 -58.14 -53.53 5.74
N LYS V 324 -58.79 -52.65 4.95
CA LYS V 324 -58.11 -51.82 3.99
C LYS V 324 -56.92 -51.10 4.53
N GLY V 325 -56.00 -50.71 3.62
CA GLY V 325 -54.82 -49.98 3.99
C GLY V 325 -54.16 -50.79 5.05
N CYS V 326 -53.77 -52.03 4.71
CA CYS V 326 -53.39 -52.97 5.72
C CYS V 326 -52.25 -52.44 6.53
N ILE V 327 -52.37 -52.49 7.87
CA ILE V 327 -51.20 -52.10 8.61
C ILE V 327 -50.19 -53.21 8.64
N PRO V 328 -50.47 -54.40 9.17
CA PRO V 328 -51.64 -54.68 9.96
C PRO V 328 -51.36 -54.42 11.38
N GLY V 329 -50.11 -54.03 11.74
CA GLY V 329 -49.66 -53.87 13.10
C GLY V 329 -49.11 -55.18 13.51
N ASN V 330 -48.35 -55.83 12.60
CA ASN V 330 -47.75 -57.13 12.79
C ASN V 330 -47.68 -57.72 11.41
N ARG V 331 -47.56 -59.06 11.28
CA ARG V 331 -47.51 -59.55 9.92
C ARG V 331 -47.97 -60.98 9.80
N LYS V 332 -47.47 -61.64 8.74
CA LYS V 332 -47.71 -62.97 8.31
C LYS V 332 -48.02 -63.87 9.43
N ARG V 333 -49.14 -64.58 9.36
CA ARG V 333 -49.50 -65.67 10.19
C ARG V 333 -49.24 -65.42 11.62
N ILE V 334 -49.55 -64.22 12.15
CA ILE V 334 -49.35 -63.97 13.54
C ILE V 334 -50.75 -63.92 14.04
N VAL V 335 -51.11 -63.13 15.09
CA VAL V 335 -52.49 -63.04 15.42
C VAL V 335 -52.86 -61.63 15.74
N THR V 336 -53.66 -60.95 14.88
CA THR V 336 -54.08 -59.62 15.25
C THR V 336 -55.32 -59.78 16.07
N LEU V 337 -55.67 -58.74 16.85
CA LEU V 337 -56.91 -58.75 17.55
C LEU V 337 -57.73 -57.63 16.98
N ARG V 338 -59.04 -57.87 16.82
CA ARG V 338 -59.92 -56.87 16.31
C ARG V 338 -60.44 -56.14 17.50
N LYS V 339 -61.16 -55.04 17.25
CA LYS V 339 -61.74 -54.27 18.31
C LYS V 339 -62.94 -53.63 17.71
N SER V 340 -63.38 -52.54 18.36
CA SER V 340 -64.40 -51.68 17.84
C SER V 340 -63.63 -50.40 17.72
N LEU V 341 -64.12 -49.42 16.95
CA LEU V 341 -63.32 -48.25 16.82
C LEU V 341 -63.62 -47.36 17.98
N TYR V 342 -62.66 -47.28 18.93
CA TYR V 342 -62.85 -46.49 20.10
C TYR V 342 -62.84 -45.03 19.76
N THR V 343 -61.79 -44.55 19.07
CA THR V 343 -61.68 -43.14 18.80
C THR V 343 -62.72 -42.67 17.83
N ASN V 344 -62.80 -43.33 16.65
CA ASN V 344 -63.66 -42.97 15.56
C ASN V 344 -63.40 -41.55 15.13
N THR V 345 -63.61 -41.30 13.82
CA THR V 345 -63.47 -40.01 13.22
C THR V 345 -64.62 -39.90 12.29
N SER V 346 -64.45 -40.43 11.05
CA SER V 346 -65.50 -40.35 10.09
C SER V 346 -66.58 -41.30 10.49
N ARG V 347 -67.79 -41.09 9.93
CA ARG V 347 -68.92 -41.91 10.22
C ARG V 347 -68.77 -43.19 9.50
N LYS V 348 -69.55 -44.21 9.94
CA LYS V 348 -69.50 -45.50 9.34
C LYS V 348 -70.06 -45.42 7.96
N ALA V 349 -69.65 -46.39 7.12
CA ALA V 349 -70.03 -46.54 5.75
C ALA V 349 -71.10 -47.59 5.77
N LEU V 350 -71.05 -48.56 4.85
CA LEU V 350 -72.18 -49.44 4.81
C LEU V 350 -71.89 -50.85 5.13
N GLU V 351 -72.99 -51.61 5.26
CA GLU V 351 -72.99 -52.98 5.66
C GLU V 351 -72.05 -53.66 4.74
N GLU V 352 -72.04 -53.21 3.47
CA GLU V 352 -71.12 -53.80 2.55
C GLU V 352 -70.58 -52.71 1.68
N VAL V 353 -69.49 -53.04 0.96
CA VAL V 353 -68.89 -52.17 0.00
C VAL V 353 -69.13 -52.88 -1.29
N SER V 354 -68.93 -52.21 -2.44
CA SER V 354 -69.21 -52.81 -3.71
C SER V 354 -68.25 -53.92 -4.04
N LEU V 355 -66.95 -53.72 -3.78
CA LEU V 355 -65.92 -54.69 -4.12
C LEU V 355 -66.08 -55.19 -5.53
N LYS V 356 -65.92 -54.28 -6.51
CA LYS V 356 -66.07 -54.67 -7.89
C LYS V 356 -65.05 -55.70 -8.27
N TRP V 357 -63.76 -55.49 -7.93
CA TRP V 357 -62.79 -56.47 -8.35
C TRP V 357 -61.83 -56.72 -7.25
N ILE V 358 -61.32 -57.96 -7.18
CA ILE V 358 -60.29 -58.29 -6.25
C ILE V 358 -59.16 -58.82 -7.07
N ASP V 359 -57.91 -58.47 -6.72
CA ASP V 359 -56.81 -58.89 -7.52
C ASP V 359 -56.31 -60.20 -7.03
N THR V 360 -56.30 -61.21 -7.93
CA THR V 360 -55.77 -62.50 -7.58
C THR V 360 -54.66 -62.76 -8.54
N ALA V 361 -53.43 -62.90 -8.02
CA ALA V 361 -52.31 -63.18 -8.86
C ALA V 361 -51.29 -63.77 -7.96
N SER V 362 -50.36 -64.59 -8.52
CA SER V 362 -49.37 -65.16 -7.67
C SER V 362 -48.62 -64.01 -7.11
N LYS V 363 -48.11 -64.16 -5.88
CA LYS V 363 -47.42 -63.06 -5.28
C LYS V 363 -46.26 -62.76 -6.16
N PHE V 364 -45.54 -63.81 -6.59
CA PHE V 364 -44.40 -63.51 -7.41
C PHE V 364 -44.91 -63.32 -8.80
N GLY V 365 -44.21 -62.47 -9.57
CA GLY V 365 -44.62 -62.24 -10.92
C GLY V 365 -45.27 -60.86 -10.99
N GLN W 4 46.88 -38.76 106.05
CA GLN W 4 48.05 -39.63 105.90
C GLN W 4 47.64 -40.96 105.36
N VAL W 5 48.61 -41.74 104.86
CA VAL W 5 48.28 -43.04 104.35
C VAL W 5 48.95 -44.03 105.23
N THR W 6 48.31 -45.20 105.42
CA THR W 6 48.92 -46.19 106.27
C THR W 6 49.18 -47.38 105.44
N VAL W 7 50.47 -47.79 105.36
CA VAL W 7 50.88 -48.91 104.58
C VAL W 7 50.52 -50.16 105.30
N HIS W 8 50.20 -51.22 104.53
CA HIS W 8 49.88 -52.49 105.11
C HIS W 8 50.78 -53.50 104.46
N SER W 9 51.22 -54.50 105.24
CA SER W 9 52.07 -55.52 104.71
C SER W 9 51.19 -56.58 104.13
N LEU W 10 51.80 -57.57 103.44
CA LEU W 10 51.00 -58.59 102.89
C LEU W 10 50.76 -59.57 103.97
N THR W 11 49.99 -59.12 104.99
CA THR W 11 49.55 -59.93 106.08
C THR W 11 48.22 -59.35 106.42
N GLY W 12 48.11 -58.02 106.20
CA GLY W 12 46.89 -57.31 106.42
C GLY W 12 46.91 -56.73 107.79
N GLU W 13 47.93 -57.06 108.60
CA GLU W 13 47.97 -56.53 109.93
C GLU W 13 48.41 -55.11 109.82
N ALA W 14 48.13 -54.30 110.85
CA ALA W 14 48.60 -52.95 110.80
C ALA W 14 50.07 -53.10 110.70
N THR W 15 50.67 -52.39 109.74
CA THR W 15 52.06 -52.60 109.52
C THR W 15 52.78 -51.31 109.70
N ALA W 16 53.59 -50.91 108.72
CA ALA W 16 54.41 -49.74 108.84
C ALA W 16 53.55 -48.54 109.08
N ASN W 17 52.37 -48.48 108.43
CA ASN W 17 51.48 -47.36 108.56
C ASN W 17 52.22 -46.08 108.32
N ALA W 18 52.80 -45.94 107.12
CA ALA W 18 53.53 -44.73 106.83
C ALA W 18 52.86 -44.00 105.71
N LEU W 19 53.00 -42.66 105.74
CA LEU W 19 52.46 -41.74 104.76
C LEU W 19 53.61 -41.40 103.86
N PRO W 20 53.64 -40.38 103.01
CA PRO W 20 52.57 -39.43 102.77
C PRO W 20 51.57 -39.88 101.76
N LEU W 21 50.50 -39.07 101.62
CA LEU W 21 49.49 -39.16 100.63
C LEU W 21 50.07 -38.34 99.52
N PRO W 22 49.51 -38.27 98.36
CA PRO W 22 50.13 -37.43 97.38
C PRO W 22 49.57 -36.08 97.63
N ALA W 23 49.90 -35.09 96.78
CA ALA W 23 49.31 -33.81 96.97
C ALA W 23 48.26 -33.65 95.94
N VAL W 24 48.21 -34.55 94.93
CA VAL W 24 47.15 -34.44 94.04
C VAL W 24 46.39 -35.67 94.29
N PHE W 25 45.55 -35.50 95.30
CA PHE W 25 44.68 -36.31 96.06
C PHE W 25 43.85 -35.31 96.71
N SER W 26 44.43 -34.12 96.82
CA SER W 26 43.71 -33.04 97.40
C SER W 26 42.85 -32.43 96.35
N ALA W 27 43.00 -32.96 95.12
CA ALA W 27 42.39 -32.43 93.93
C ALA W 27 40.95 -32.15 94.18
N PRO W 28 40.45 -31.22 93.41
CA PRO W 28 39.09 -30.79 93.50
C PRO W 28 38.07 -31.83 93.31
N ILE W 29 38.23 -32.72 92.30
CA ILE W 29 37.30 -33.76 91.96
C ILE W 29 36.29 -33.17 91.03
N ARG W 30 36.35 -33.58 89.74
CA ARG W 30 35.35 -33.13 88.84
C ARG W 30 34.98 -34.33 88.06
N PRO W 31 33.76 -34.75 88.22
CA PRO W 31 33.27 -35.82 87.43
C PRO W 31 33.00 -35.33 86.05
N ASP W 32 32.75 -34.02 85.90
CA ASP W 32 32.49 -33.46 84.61
C ASP W 32 33.72 -33.61 83.81
N ILE W 33 34.84 -33.12 84.33
CA ILE W 33 36.04 -33.17 83.55
C ILE W 33 36.40 -34.61 83.36
N VAL W 34 36.24 -35.43 84.41
CA VAL W 34 36.62 -36.80 84.24
C VAL W 34 35.79 -37.38 83.16
N HIS W 35 34.48 -37.06 83.11
CA HIS W 35 33.66 -37.75 82.14
C HIS W 35 34.10 -37.43 80.76
N THR W 36 34.52 -36.19 80.47
CA THR W 36 34.95 -35.97 79.11
C THR W 36 36.14 -36.80 78.83
N VAL W 37 37.16 -36.82 79.72
CA VAL W 37 38.28 -37.58 79.23
C VAL W 37 38.37 -38.94 79.77
N PHE W 38 37.85 -39.86 78.94
CA PHE W 38 37.91 -41.27 79.01
C PHE W 38 36.68 -41.72 78.26
N THR W 39 35.63 -40.86 78.30
CA THR W 39 34.48 -41.08 77.45
C THR W 39 34.94 -40.78 76.06
N SER W 40 35.78 -39.73 75.94
CA SER W 40 36.37 -39.33 74.70
C SER W 40 37.28 -40.46 74.31
N VAL W 41 37.99 -41.02 75.31
CA VAL W 41 38.92 -42.08 75.08
C VAL W 41 38.19 -43.24 74.47
N ASN W 42 36.96 -43.49 74.95
CA ASN W 42 36.18 -44.58 74.44
C ASN W 42 35.96 -44.34 72.97
N LYS W 43 35.72 -43.08 72.58
CA LYS W 43 35.44 -42.75 71.20
C LYS W 43 36.59 -43.20 70.40
N ASN W 44 37.83 -42.94 70.90
CA ASN W 44 38.93 -43.39 70.14
C ASN W 44 39.10 -44.83 70.45
N LYS W 45 38.25 -45.66 69.81
CA LYS W 45 38.31 -47.08 69.99
C LYS W 45 37.46 -47.62 68.88
N ARG W 46 36.52 -46.77 68.41
CA ARG W 46 35.62 -47.18 67.38
C ARG W 46 36.43 -47.40 66.13
N GLN W 47 36.03 -48.40 65.34
CA GLN W 47 36.73 -48.73 64.14
C GLN W 47 36.29 -47.81 63.05
N ALA W 48 36.97 -47.88 61.89
CA ALA W 48 36.66 -47.04 60.77
C ALA W 48 36.11 -47.91 59.69
N TYR W 49 35.09 -47.36 59.01
CA TYR W 49 34.34 -47.98 57.96
C TYR W 49 33.95 -46.84 57.11
N ALA W 50 33.34 -47.11 55.93
CA ALA W 50 32.90 -46.04 55.07
C ALA W 50 31.92 -46.61 54.12
N VAL W 51 31.36 -45.72 53.27
CA VAL W 51 30.45 -46.10 52.23
C VAL W 51 31.26 -46.05 50.99
N SER W 52 30.85 -46.80 49.95
CA SER W 52 31.63 -46.80 48.74
C SER W 52 31.69 -45.39 48.27
N GLU W 53 32.87 -45.02 47.74
CA GLU W 53 33.05 -43.69 47.26
C GLU W 53 32.10 -43.42 46.15
N LYS W 54 31.91 -44.41 45.25
CA LYS W 54 30.99 -44.27 44.15
C LYS W 54 29.98 -45.37 44.26
N ALA W 55 28.95 -45.14 45.08
CA ALA W 55 27.86 -46.05 45.21
C ALA W 55 26.70 -45.17 45.00
N GLY W 56 25.75 -45.54 44.12
CA GLY W 56 24.67 -44.65 43.86
C GLY W 56 25.25 -43.50 43.13
N HIS W 57 26.14 -43.77 42.15
CA HIS W 57 26.72 -42.72 41.38
C HIS W 57 26.85 -43.18 39.97
N GLN W 58 27.00 -44.51 39.78
CA GLN W 58 27.05 -45.00 38.43
C GLN W 58 25.72 -44.58 37.88
N THR W 59 25.77 -43.71 36.87
CA THR W 59 24.59 -43.08 36.37
C THR W 59 23.97 -43.92 35.32
N SER W 60 23.81 -43.31 34.14
CA SER W 60 23.09 -43.86 33.04
C SER W 60 21.64 -43.76 33.37
N ALA W 61 21.30 -42.94 34.38
CA ALA W 61 19.92 -42.75 34.67
C ALA W 61 19.66 -41.37 34.26
N GLU W 62 18.63 -41.20 33.43
CA GLU W 62 18.26 -39.93 32.97
C GLU W 62 16.85 -39.75 33.30
N SER W 63 16.41 -38.50 33.27
CA SER W 63 15.04 -38.29 33.49
C SER W 63 14.55 -37.91 32.17
N TRP W 64 13.42 -38.49 31.77
CA TRP W 64 12.80 -38.11 30.56
C TRP W 64 12.21 -36.80 30.92
N GLY W 65 12.01 -35.90 29.96
CA GLY W 65 11.53 -34.63 30.36
C GLY W 65 10.08 -34.78 30.66
N THR W 66 9.33 -33.68 30.58
CA THR W 66 7.93 -33.75 30.85
C THR W 66 7.29 -34.48 29.73
N GLY W 67 6.00 -34.81 29.89
CA GLY W 67 5.31 -35.60 28.90
C GLY W 67 4.50 -36.54 29.72
N ARG W 68 5.00 -37.78 29.85
CA ARG W 68 4.29 -38.65 30.71
C ARG W 68 4.34 -38.03 32.05
N ALA W 69 3.21 -38.11 32.78
CA ALA W 69 3.24 -37.50 34.07
C ALA W 69 4.28 -38.22 34.83
N VAL W 70 5.37 -37.48 35.15
CA VAL W 70 6.45 -38.05 35.88
C VAL W 70 7.18 -36.90 36.46
N ALA W 71 8.04 -37.14 37.46
CA ALA W 71 8.78 -36.05 38.00
C ALA W 71 10.12 -36.13 37.39
N ARG W 72 10.74 -34.97 37.10
CA ARG W 72 12.05 -35.03 36.53
C ARG W 72 12.87 -35.72 37.56
N ILE W 73 13.88 -36.51 37.16
CA ILE W 73 14.58 -37.23 38.17
C ILE W 73 16.05 -36.89 38.11
N PRO W 74 17.00 -37.38 37.33
CA PRO W 74 16.92 -38.40 36.31
C PRO W 74 16.68 -39.79 36.78
N ARG W 75 15.64 -40.45 36.24
CA ARG W 75 15.31 -41.77 36.67
C ARG W 75 15.05 -42.58 35.44
N VAL W 76 16.12 -43.13 34.85
CA VAL W 76 15.98 -44.01 33.75
C VAL W 76 17.02 -45.05 33.94
N GLY W 77 16.72 -46.28 33.52
CA GLY W 77 17.67 -47.32 33.68
C GLY W 77 17.26 -48.15 34.84
N GLY W 78 17.01 -49.44 34.60
CA GLY W 78 16.66 -50.34 35.66
C GLY W 78 15.34 -49.91 36.20
N GLY W 79 14.50 -49.29 35.35
CA GLY W 79 13.24 -48.86 35.85
C GLY W 79 13.50 -47.61 36.62
N GLY W 80 12.57 -47.23 37.50
CA GLY W 80 12.73 -46.00 38.20
C GLY W 80 13.78 -46.09 39.24
N THR W 81 14.78 -45.19 39.11
CA THR W 81 15.77 -45.12 40.12
C THR W 81 16.62 -43.94 39.81
N GLY W 82 17.55 -43.64 40.73
CA GLY W 82 18.41 -42.53 40.45
C GLY W 82 19.42 -42.43 41.53
N ARG W 83 20.48 -41.67 41.24
CA ARG W 83 21.43 -41.48 42.26
C ARG W 83 21.38 -40.03 42.61
N SER W 84 20.41 -39.63 43.46
CA SER W 84 20.39 -38.24 43.77
C SER W 84 20.29 -38.04 45.25
N GLY W 85 20.43 -39.12 46.04
CA GLY W 85 20.39 -38.96 47.47
C GLY W 85 18.97 -39.09 47.90
N GLN W 86 18.06 -38.41 47.16
CA GLN W 86 16.70 -38.49 47.55
C GLN W 86 16.08 -39.59 46.77
N GLY W 87 15.85 -40.71 47.47
CA GLY W 87 15.17 -41.83 46.91
C GLY W 87 14.22 -42.16 48.02
N ALA W 88 13.00 -41.58 47.96
CA ALA W 88 12.05 -41.68 49.04
C ALA W 88 10.88 -42.51 48.61
N PHE W 89 10.09 -42.96 49.61
CA PHE W 89 8.95 -43.80 49.32
C PHE W 89 7.96 -43.07 48.49
N GLY W 90 7.07 -43.88 47.89
CA GLY W 90 6.01 -43.38 47.09
C GLY W 90 6.55 -43.14 45.73
N ASN W 91 6.12 -42.02 45.13
CA ASN W 91 6.44 -41.62 43.81
C ASN W 91 7.92 -41.49 43.68
N MET W 92 8.60 -40.99 44.73
CA MET W 92 10.04 -40.94 44.65
C MET W 92 10.51 -42.34 44.50
N CYS W 93 11.69 -42.52 43.89
CA CYS W 93 12.21 -43.83 43.69
C CYS W 93 13.24 -44.05 44.76
N ARG W 94 14.15 -45.02 44.52
CA ARG W 94 15.20 -45.32 45.43
C ARG W 94 16.47 -45.06 44.71
N GLY W 95 17.56 -45.60 45.29
CA GLY W 95 18.84 -45.39 44.71
C GLY W 95 19.30 -44.16 45.36
N GLY W 96 20.61 -44.00 45.52
CA GLY W 96 20.94 -42.89 46.32
C GLY W 96 22.20 -42.34 45.85
N ARG W 97 23.03 -41.91 46.80
CA ARG W 97 24.10 -41.17 46.27
C ARG W 97 24.93 -40.80 47.41
N MET W 98 24.81 -39.53 47.81
CA MET W 98 25.56 -39.07 48.92
C MET W 98 24.80 -39.26 50.18
N PHE W 99 24.95 -40.45 50.82
CA PHE W 99 24.51 -40.63 52.17
C PHE W 99 25.67 -39.91 52.79
N ALA W 100 25.49 -39.15 53.87
CA ALA W 100 26.69 -38.43 54.12
C ALA W 100 27.21 -38.68 55.48
N PRO W 101 28.45 -38.30 55.58
CA PRO W 101 29.32 -38.16 54.44
C PRO W 101 30.18 -39.38 54.40
N THR W 102 30.14 -40.14 55.53
CA THR W 102 31.04 -41.16 56.00
C THR W 102 31.94 -41.73 54.96
N LYS W 103 33.21 -41.33 55.11
CA LYS W 103 34.32 -41.86 54.39
C LYS W 103 35.12 -42.40 55.50
N THR W 104 35.77 -43.52 55.24
CA THR W 104 36.35 -44.07 56.41
C THR W 104 37.48 -43.22 56.86
N TRP W 105 38.32 -42.73 55.93
CA TRP W 105 39.45 -41.98 56.39
C TRP W 105 38.95 -40.67 56.93
N ARG W 106 38.75 -40.62 58.27
CA ARG W 106 38.28 -39.40 58.85
C ARG W 106 38.96 -39.24 60.17
N LYS W 107 39.97 -40.09 60.44
CA LYS W 107 40.67 -40.02 61.68
C LYS W 107 39.72 -40.00 62.84
N TRP W 108 38.93 -41.08 63.01
CA TRP W 108 38.06 -41.14 64.15
C TRP W 108 38.95 -41.00 65.33
N ASN W 109 38.65 -40.01 66.17
CA ASN W 109 39.48 -39.78 67.31
C ASN W 109 38.69 -38.98 68.26
N VAL W 110 39.40 -38.09 68.98
CA VAL W 110 38.75 -37.31 69.97
C VAL W 110 39.38 -35.96 69.95
N LYS W 111 38.78 -35.04 70.71
CA LYS W 111 39.39 -33.75 70.85
C LYS W 111 39.49 -33.52 72.32
N VAL W 112 40.70 -33.23 72.80
CA VAL W 112 40.87 -32.95 74.20
C VAL W 112 41.99 -31.99 74.30
N ASN W 113 41.97 -31.18 75.37
CA ASN W 113 43.08 -30.31 75.59
C ASN W 113 43.98 -31.12 76.45
N HIS W 114 45.28 -30.77 76.48
CA HIS W 114 46.18 -31.52 77.30
C HIS W 114 45.87 -31.27 78.74
N ASN W 115 45.67 -29.98 79.10
CA ASN W 115 45.43 -29.65 80.47
C ASN W 115 44.14 -30.25 80.91
N GLU W 116 43.10 -30.16 80.07
CA GLU W 116 41.83 -30.74 80.44
C GLU W 116 41.87 -32.14 79.97
N LYS W 117 42.84 -32.87 80.52
CA LYS W 117 43.05 -34.26 80.25
C LYS W 117 43.65 -34.69 81.52
N ARG W 118 44.96 -34.46 81.64
CA ARG W 118 45.53 -34.84 82.88
C ARG W 118 45.37 -33.75 83.88
N TYR W 119 44.10 -33.36 84.07
CA TYR W 119 43.74 -32.47 85.13
C TYR W 119 42.63 -33.27 85.73
N ALA W 120 42.03 -34.09 84.85
CA ALA W 120 41.07 -35.10 85.13
C ALA W 120 41.86 -36.31 84.87
N THR W 121 42.76 -36.58 85.80
CA THR W 121 43.66 -37.69 85.92
C THR W 121 44.02 -37.51 87.34
N ALA W 122 44.33 -36.22 87.66
CA ALA W 122 44.66 -35.84 88.98
C ALA W 122 43.46 -35.22 89.61
N SER W 123 42.31 -35.84 89.29
CA SER W 123 40.95 -35.74 89.68
C SER W 123 40.68 -36.99 88.94
N ALA W 124 40.04 -38.00 89.56
CA ALA W 124 40.15 -39.34 89.09
C ALA W 124 41.02 -39.70 90.20
N ILE W 125 42.34 -39.92 90.02
CA ILE W 125 43.04 -40.02 91.26
C ILE W 125 42.92 -38.67 91.90
N ALA W 126 42.33 -38.64 93.12
CA ALA W 126 41.98 -37.45 93.81
C ALA W 126 40.79 -37.90 94.55
N ALA W 127 39.70 -38.20 93.81
CA ALA W 127 38.57 -38.89 94.33
C ALA W 127 38.98 -40.25 93.96
N THR W 128 39.65 -40.88 94.91
CA THR W 128 40.28 -42.14 95.02
C THR W 128 40.20 -42.08 96.46
N ALA W 129 41.29 -41.73 97.15
CA ALA W 129 41.16 -41.52 98.55
C ALA W 129 40.10 -40.50 98.78
N VAL W 130 38.97 -41.01 99.31
CA VAL W 130 37.78 -40.36 99.77
C VAL W 130 37.16 -41.49 100.49
N ALA W 131 35.94 -41.36 100.98
CA ALA W 131 35.43 -42.49 101.68
C ALA W 131 34.12 -42.77 101.08
N SER W 132 33.18 -41.81 101.24
CA SER W 132 31.86 -41.93 100.72
C SER W 132 31.90 -42.02 99.23
N LEU W 133 32.62 -41.09 98.57
CA LEU W 133 32.55 -41.25 97.16
C LEU W 133 33.63 -42.15 96.79
N VAL W 134 33.53 -43.35 97.33
CA VAL W 134 34.38 -44.45 97.10
C VAL W 134 33.31 -45.41 96.96
N LEU W 135 32.60 -45.65 98.09
CA LEU W 135 31.38 -46.40 98.08
C LEU W 135 30.27 -45.40 98.04
N ALA W 136 29.88 -45.13 96.80
CA ALA W 136 28.85 -44.27 96.32
C ALA W 136 28.69 -44.94 95.02
N ARG W 137 29.44 -44.50 93.98
CA ARG W 137 29.33 -45.41 92.93
C ARG W 137 30.05 -46.62 93.39
N GLY W 138 29.32 -47.76 93.32
CA GLY W 138 29.65 -49.12 93.62
C GLY W 138 30.74 -49.32 94.62
N HIS W 139 31.31 -50.54 94.54
CA HIS W 139 32.37 -51.06 95.34
C HIS W 139 31.89 -51.18 96.74
N ARG W 140 32.10 -52.36 97.35
CA ARG W 140 31.69 -52.53 98.71
C ARG W 140 32.85 -53.01 99.50
N VAL W 141 33.19 -52.25 100.56
CA VAL W 141 34.26 -52.66 101.41
C VAL W 141 33.83 -52.38 102.80
N GLU W 142 34.24 -53.25 103.74
CA GLU W 142 33.91 -53.05 105.12
C GLU W 142 34.65 -51.85 105.61
N LYS W 143 35.88 -51.67 105.13
CA LYS W 143 36.71 -50.62 105.63
C LYS W 143 36.08 -49.30 105.40
N ILE W 144 35.47 -48.76 106.46
CA ILE W 144 35.00 -47.41 106.49
C ILE W 144 36.21 -46.51 106.52
N PRO W 145 37.33 -46.86 107.13
CA PRO W 145 38.45 -45.96 107.12
C PRO W 145 39.07 -45.76 105.78
N GLU W 146 40.14 -44.94 105.78
CA GLU W 146 40.85 -44.47 104.64
C GLU W 146 40.92 -45.49 103.59
N ILE W 147 40.55 -45.11 102.36
CA ILE W 147 40.59 -46.10 101.34
C ILE W 147 41.54 -45.82 100.22
N PRO W 148 42.66 -45.18 100.42
CA PRO W 148 43.55 -45.01 99.31
C PRO W 148 43.96 -46.36 98.87
N LEU W 149 44.11 -47.28 99.87
CA LEU W 149 44.59 -48.65 99.91
C LEU W 149 45.99 -48.87 99.40
N VAL W 150 47.01 -48.41 100.18
CA VAL W 150 48.40 -48.66 99.94
C VAL W 150 48.66 -50.06 100.36
N VAL W 151 49.83 -50.59 99.96
CA VAL W 151 50.26 -51.92 100.22
C VAL W 151 51.70 -51.68 100.52
N SER W 152 52.58 -52.70 100.33
CA SER W 152 53.98 -52.50 100.47
C SER W 152 54.50 -52.74 99.11
N THR W 153 55.84 -52.65 98.91
CA THR W 153 56.47 -52.87 97.62
C THR W 153 56.28 -54.29 97.26
N ASP W 154 56.33 -55.18 98.28
CA ASP W 154 55.98 -56.54 98.11
C ASP W 154 54.55 -56.46 97.70
N LEU W 155 53.93 -57.57 97.24
CA LEU W 155 52.65 -57.58 96.60
C LEU W 155 52.89 -57.43 95.15
N GLU W 156 54.05 -56.86 94.82
CA GLU W 156 54.49 -56.89 93.48
C GLU W 156 54.81 -58.30 93.21
N SER W 157 55.48 -58.98 94.16
CA SER W 157 55.99 -60.33 94.02
C SER W 157 54.95 -61.40 94.00
N ILE W 158 53.76 -61.21 94.61
CA ILE W 158 52.83 -62.31 94.75
C ILE W 158 52.48 -62.86 93.41
N GLN W 159 52.88 -64.12 93.19
CA GLN W 159 52.70 -64.84 91.96
C GLN W 159 51.31 -65.29 91.71
N LYS W 160 50.63 -65.85 92.74
CA LYS W 160 49.37 -66.43 92.42
C LYS W 160 48.33 -65.75 93.21
N THR W 161 47.17 -65.58 92.58
CA THR W 161 46.00 -65.05 93.18
C THR W 161 45.45 -66.19 93.89
N LYS W 162 44.93 -65.89 95.09
CA LYS W 162 44.44 -66.81 96.05
C LYS W 162 45.04 -66.21 97.26
N GLU W 163 46.34 -65.96 97.07
CA GLU W 163 47.23 -65.26 97.94
C GLU W 163 46.91 -63.82 97.86
N ALA W 164 46.40 -63.36 96.71
CA ALA W 164 45.91 -62.01 96.69
C ALA W 164 44.67 -62.02 97.52
N VAL W 165 43.89 -63.10 97.35
CA VAL W 165 42.66 -63.36 98.00
C VAL W 165 42.93 -63.40 99.45
N ALA W 166 44.04 -63.98 99.93
CA ALA W 166 44.18 -63.92 101.35
C ALA W 166 44.34 -62.50 101.73
N ALA W 167 45.16 -61.73 100.99
CA ALA W 167 45.31 -60.37 101.40
C ALA W 167 44.42 -59.54 100.54
N LEU W 168 43.14 -59.51 100.95
CA LEU W 168 42.06 -58.75 100.46
C LEU W 168 41.12 -58.99 101.54
N LYS W 169 40.97 -60.27 101.94
CA LYS W 169 40.08 -60.55 103.02
C LYS W 169 40.65 -59.84 104.19
N ALA W 170 41.98 -59.95 104.36
CA ALA W 170 42.58 -59.21 105.41
C ALA W 170 43.04 -57.92 104.82
N VAL W 171 42.12 -56.95 104.80
CA VAL W 171 42.22 -55.56 104.44
C VAL W 171 40.80 -55.15 104.61
N GLY W 172 39.93 -56.11 104.26
CA GLY W 172 38.50 -56.01 104.34
C GLY W 172 37.99 -55.81 102.96
N ALA W 173 38.76 -55.10 102.11
CA ALA W 173 38.30 -54.96 100.77
C ALA W 173 38.52 -56.28 100.14
N HIS W 174 37.45 -56.86 99.61
CA HIS W 174 37.61 -58.16 99.09
C HIS W 174 36.23 -58.62 98.88
N SER W 175 35.28 -57.91 99.55
CA SER W 175 33.88 -58.12 99.44
C SER W 175 33.54 -57.58 98.11
N ASP W 176 34.34 -56.56 97.73
CA ASP W 176 34.18 -55.91 96.50
C ASP W 176 34.31 -56.95 95.44
N LEU W 177 35.34 -57.82 95.46
CA LEU W 177 35.39 -58.76 94.38
C LEU W 177 34.21 -59.68 94.46
N LEU W 178 33.70 -59.93 95.67
CA LEU W 178 32.54 -60.75 95.74
C LEU W 178 31.49 -60.01 94.98
N LYS W 179 31.43 -58.67 95.18
CA LYS W 179 30.44 -57.93 94.46
C LYS W 179 31.09 -57.39 93.23
N VAL W 180 31.18 -58.24 92.22
CA VAL W 180 31.65 -57.95 90.89
C VAL W 180 30.52 -58.53 90.12
N LEU W 181 30.59 -58.55 88.79
CA LEU W 181 29.52 -59.19 88.09
C LEU W 181 29.63 -60.60 88.60
N LYS W 182 30.88 -61.03 88.84
CA LYS W 182 31.22 -62.30 89.40
C LYS W 182 30.71 -63.32 88.44
N SER W 183 30.53 -62.88 87.19
CA SER W 183 30.11 -63.73 86.12
C SER W 183 29.99 -62.83 84.95
N LYS W 184 29.91 -63.40 83.73
CA LYS W 184 29.78 -62.52 82.62
C LYS W 184 28.33 -62.47 82.28
N LYS W 185 27.79 -61.25 82.11
CA LYS W 185 26.41 -61.18 81.81
C LYS W 185 26.26 -60.69 80.42
N LEU W 186 25.36 -61.32 79.66
CA LEU W 186 25.14 -60.84 78.32
C LEU W 186 24.36 -59.59 78.48
N ARG W 187 24.60 -58.60 77.61
CA ARG W 187 23.87 -57.39 77.76
C ARG W 187 22.84 -57.36 76.69
N ALA W 188 21.59 -57.12 77.10
CA ALA W 188 20.52 -57.04 76.15
C ALA W 188 20.62 -55.70 75.52
N GLY W 189 19.95 -55.52 74.38
CA GLY W 189 19.96 -54.24 73.73
C GLY W 189 21.02 -54.25 72.68
N LYS W 190 21.28 -53.06 72.11
CA LYS W 190 22.23 -52.90 71.06
C LYS W 190 23.56 -53.19 71.64
N GLY W 191 24.55 -53.41 70.75
CA GLY W 191 25.85 -53.76 71.22
C GLY W 191 25.91 -55.22 71.05
N LYS W 192 24.72 -55.86 70.97
CA LYS W 192 24.73 -57.27 70.73
C LYS W 192 25.26 -57.43 69.35
N TYR W 193 24.82 -56.57 68.41
CA TYR W 193 25.36 -56.67 67.09
C TYR W 193 26.16 -55.43 66.90
N ARG W 194 27.48 -55.65 66.82
CA ARG W 194 28.51 -54.65 66.78
C ARG W 194 29.53 -55.21 67.66
N ASN W 195 30.33 -54.37 68.35
CA ASN W 195 31.16 -54.98 69.34
C ASN W 195 30.17 -55.56 70.27
N ARG W 196 30.23 -56.89 70.48
CA ARG W 196 29.16 -57.47 71.24
C ARG W 196 29.41 -57.26 72.67
N ARG W 197 28.58 -56.43 73.31
CA ARG W 197 28.75 -56.34 74.73
C ARG W 197 28.42 -57.71 75.21
N TRP W 198 27.31 -58.26 74.68
CA TRP W 198 26.75 -59.56 74.95
C TRP W 198 27.13 -60.01 76.31
N THR W 199 27.50 -61.29 76.43
CA THR W 199 27.85 -61.86 77.69
C THR W 199 29.00 -61.07 78.22
N GLN W 200 29.87 -60.56 77.32
CA GLN W 200 31.04 -59.85 77.75
C GLN W 200 30.67 -58.64 78.55
N ARG W 201 30.61 -58.80 79.88
CA ARG W 201 30.30 -57.71 80.73
C ARG W 201 30.56 -58.17 82.13
N ARG W 202 30.78 -57.21 83.04
CA ARG W 202 30.98 -57.55 84.41
C ARG W 202 31.07 -56.27 85.14
N GLY W 203 30.94 -56.30 86.48
CA GLY W 203 31.03 -55.09 87.23
C GLY W 203 32.48 -54.77 87.40
N PRO W 204 32.74 -53.54 87.73
CA PRO W 204 34.10 -53.09 87.94
C PRO W 204 34.53 -53.53 89.30
N LEU W 205 35.84 -53.50 89.59
CA LEU W 205 36.26 -53.99 90.87
C LEU W 205 37.33 -53.08 91.41
N VAL W 206 38.35 -53.70 92.03
CA VAL W 206 39.41 -53.19 92.86
C VAL W 206 40.40 -52.24 92.25
N VAL W 207 40.91 -52.49 91.03
CA VAL W 207 41.99 -51.72 90.44
C VAL W 207 43.20 -51.95 91.28
N TYR W 208 44.32 -52.34 90.61
CA TYR W 208 45.55 -52.55 91.32
C TYR W 208 46.55 -51.70 90.61
N ALA W 209 47.25 -50.83 91.35
CA ALA W 209 48.24 -50.01 90.72
C ALA W 209 49.55 -50.52 91.20
N GLU W 210 50.54 -50.60 90.30
CA GLU W 210 51.82 -51.11 90.69
C GLU W 210 52.83 -50.29 89.95
N ASP W 211 54.11 -50.70 90.06
CA ASP W 211 55.18 -50.00 89.44
C ASP W 211 55.26 -50.50 88.02
N ASN W 212 56.49 -50.76 87.54
CA ASN W 212 56.70 -51.09 86.16
C ASN W 212 55.83 -52.25 85.78
N GLY W 213 55.77 -53.29 86.64
CA GLY W 213 54.99 -54.44 86.27
C GLY W 213 53.56 -54.20 86.60
N ILE W 214 52.68 -55.07 86.05
CA ILE W 214 51.27 -55.09 86.31
C ILE W 214 51.09 -56.38 87.04
N VAL W 215 50.28 -56.39 88.11
CA VAL W 215 50.25 -57.60 88.87
C VAL W 215 49.52 -58.69 88.16
N LYS W 216 50.24 -59.80 87.89
CA LYS W 216 49.66 -60.94 87.26
C LYS W 216 48.71 -61.60 88.21
N ALA W 217 49.13 -61.81 89.47
CA ALA W 217 48.25 -62.46 90.38
C ALA W 217 47.46 -61.40 91.04
N LEU W 218 46.43 -60.93 90.33
CA LEU W 218 45.42 -59.98 90.72
C LEU W 218 44.54 -59.78 89.55
N ARG W 219 45.15 -59.80 88.34
CA ARG W 219 44.43 -59.49 87.16
C ARG W 219 43.29 -60.43 87.10
N ASN W 220 43.55 -61.73 87.17
CA ASN W 220 42.40 -62.57 87.19
C ASN W 220 41.79 -62.26 88.51
N VAL W 221 40.50 -61.93 88.51
CA VAL W 221 39.82 -61.66 89.74
C VAL W 221 38.42 -61.42 89.27
N PRO W 222 37.46 -61.14 90.11
CA PRO W 222 36.15 -60.94 89.57
C PRO W 222 35.92 -59.81 88.60
N GLY W 223 36.46 -58.60 88.84
CA GLY W 223 36.27 -57.54 87.89
C GLY W 223 37.36 -56.57 88.12
N VAL W 224 38.60 -57.06 88.35
CA VAL W 224 39.64 -56.14 88.68
C VAL W 224 40.49 -55.89 87.49
N GLU W 225 41.02 -54.66 87.43
CA GLU W 225 41.91 -54.29 86.38
C GLU W 225 43.21 -53.93 87.01
N THR W 226 44.32 -54.19 86.32
CA THR W 226 45.61 -53.88 86.89
C THR W 226 46.26 -52.86 86.02
N ALA W 227 47.03 -51.95 86.63
CA ALA W 227 47.69 -50.94 85.86
C ALA W 227 48.96 -50.57 86.57
N ASN W 228 49.77 -49.69 85.93
CA ASN W 228 50.99 -49.25 86.54
C ASN W 228 50.96 -47.76 86.61
N VAL W 229 51.62 -47.20 87.64
CA VAL W 229 51.55 -45.78 87.92
C VAL W 229 51.95 -45.04 86.69
N ALA W 230 53.05 -45.42 86.02
CA ALA W 230 53.33 -44.63 84.87
C ALA W 230 52.58 -45.20 83.72
N SER W 231 51.26 -44.91 83.65
CA SER W 231 50.46 -45.38 82.56
C SER W 231 49.03 -45.35 82.96
N LEU W 232 48.72 -45.11 84.25
CA LEU W 232 47.34 -45.11 84.64
C LEU W 232 46.65 -44.08 83.83
N ASN W 233 45.38 -44.35 83.49
CA ASN W 233 44.63 -43.43 82.70
C ASN W 233 43.46 -43.04 83.51
N LEU W 234 42.65 -42.14 82.95
CA LEU W 234 41.44 -41.68 83.57
C LEU W 234 40.38 -42.72 83.48
N LEU W 235 40.53 -43.73 82.58
CA LEU W 235 39.55 -44.78 82.49
C LEU W 235 39.59 -45.74 83.65
N GLN W 236 40.77 -46.28 84.02
CA GLN W 236 40.79 -47.32 85.01
C GLN W 236 40.33 -46.76 86.31
N LEU W 237 40.94 -45.62 86.69
CA LEU W 237 40.53 -44.88 87.81
C LEU W 237 39.27 -44.37 87.30
N ALA W 238 38.15 -44.39 88.05
CA ALA W 238 36.95 -43.85 87.49
C ALA W 238 36.65 -44.46 86.18
N PRO W 239 36.20 -45.71 86.25
CA PRO W 239 35.83 -46.58 85.14
C PRO W 239 34.91 -46.11 84.08
N GLY W 240 33.60 -45.91 84.36
CA GLY W 240 32.70 -45.48 83.32
C GLY W 240 32.06 -44.27 83.90
N ALA W 241 32.66 -43.13 83.55
CA ALA W 241 32.49 -41.81 84.09
C ALA W 241 31.82 -41.93 85.40
N HIS W 242 32.69 -41.99 86.42
CA HIS W 242 32.31 -42.05 87.79
C HIS W 242 33.49 -41.50 88.48
N LEU W 243 33.59 -41.74 89.80
CA LEU W 243 34.71 -41.16 90.45
C LEU W 243 35.52 -42.27 91.06
N GLY W 244 35.48 -42.29 92.41
CA GLY W 244 36.37 -43.05 93.23
C GLY W 244 36.24 -44.51 93.13
N ARG W 245 36.85 -45.16 92.12
CA ARG W 245 36.81 -46.58 92.11
C ARG W 245 37.58 -46.98 93.32
N PHE W 246 37.38 -48.21 93.84
CA PHE W 246 38.21 -48.62 94.93
C PHE W 246 39.56 -48.77 94.29
N VAL W 247 40.66 -48.53 95.04
CA VAL W 247 41.93 -48.67 94.40
C VAL W 247 42.93 -49.10 95.43
N ILE W 248 44.01 -49.78 94.96
CA ILE W 248 45.07 -50.17 95.82
C ILE W 248 46.32 -49.68 95.16
N TRP W 249 47.26 -49.12 95.94
CA TRP W 249 48.47 -48.67 95.34
C TRP W 249 49.57 -49.33 96.10
N THR W 250 50.62 -49.77 95.39
CA THR W 250 51.73 -50.30 96.08
C THR W 250 52.35 -49.11 96.70
N GLU W 251 53.14 -49.30 97.75
CA GLU W 251 53.76 -48.14 98.29
C GLU W 251 55.09 -48.07 97.71
N ALA W 252 55.09 -47.46 96.51
CA ALA W 252 56.16 -47.29 95.59
C ALA W 252 55.44 -46.61 94.50
N ALA W 253 54.48 -47.35 93.90
CA ALA W 253 53.59 -46.74 92.99
C ALA W 253 52.67 -45.96 93.85
N PHE W 254 53.20 -44.90 94.49
CA PHE W 254 52.38 -44.11 95.35
C PHE W 254 51.37 -43.59 94.46
N THR W 255 51.88 -42.89 93.48
CA THR W 255 51.08 -42.37 92.46
C THR W 255 52.07 -41.92 91.49
N LYS W 256 51.60 -41.29 90.42
CA LYS W 256 52.60 -40.74 89.62
C LYS W 256 53.22 -39.70 90.49
N LEU W 257 52.37 -38.90 91.17
CA LEU W 257 52.81 -37.86 92.05
C LEU W 257 53.47 -36.80 91.21
N ASP W 258 53.45 -36.98 89.89
CA ASP W 258 54.04 -36.08 88.97
C ASP W 258 53.29 -36.26 87.69
N GLN W 259 52.95 -37.54 87.40
CA GLN W 259 52.26 -37.86 86.20
C GLN W 259 50.77 -37.90 86.48
N ALA X 1 -7.77 52.59 58.36
CA ALA X 1 -7.66 51.14 58.18
C ALA X 1 -8.09 50.73 56.81
N TYR X 2 -8.27 49.42 56.62
CA TYR X 2 -8.66 48.87 55.36
C TYR X 2 -9.53 47.70 55.72
N SER X 3 -9.66 46.73 54.81
CA SER X 3 -10.42 45.54 55.04
C SER X 3 -9.72 44.76 56.10
N SER X 4 -8.51 45.20 56.46
CA SER X 4 -7.70 44.53 57.44
C SER X 4 -7.20 43.30 56.80
N ARG X 5 -7.43 43.17 55.48
CA ARG X 5 -6.85 42.03 54.86
C ARG X 5 -5.38 42.25 54.95
N PHE X 6 -4.98 43.51 54.74
CA PHE X 6 -3.60 43.86 54.82
C PHE X 6 -3.27 44.05 56.26
N GLN X 7 -1.97 43.92 56.61
CA GLN X 7 -1.51 44.27 57.92
C GLN X 7 -0.59 45.41 57.70
N THR X 8 -0.63 46.43 58.59
CA THR X 8 0.21 47.57 58.33
C THR X 8 1.38 47.51 59.24
N PRO X 9 2.49 47.91 58.70
CA PRO X 9 3.74 47.70 59.36
C PRO X 9 4.00 48.58 60.50
N PHE X 10 3.19 49.63 60.63
CA PHE X 10 3.57 50.68 61.49
C PHE X 10 3.59 50.43 62.92
N ARG X 11 4.51 51.23 63.47
CA ARG X 11 4.88 51.35 64.81
C ARG X 11 5.36 52.72 64.77
N ARG X 12 6.69 52.81 64.79
CA ARG X 12 7.32 54.05 64.68
C ARG X 12 7.00 54.50 63.38
N ARG X 13 6.83 53.51 62.52
CA ARG X 13 6.37 53.68 61.21
C ARG X 13 5.02 54.23 61.25
N ARG X 14 4.32 54.13 60.10
CA ARG X 14 3.14 54.90 59.98
C ARG X 14 3.86 56.16 59.89
N GLU X 15 3.41 57.24 60.52
CA GLU X 15 4.24 58.36 60.35
C GLU X 15 5.54 58.16 60.94
N GLY X 16 6.50 58.57 60.10
CA GLY X 16 7.88 58.35 60.26
C GLY X 16 8.39 59.05 61.45
N LYS X 17 9.33 58.34 62.07
CA LYS X 17 10.11 58.76 63.17
C LYS X 17 11.39 58.04 62.99
N THR X 18 11.39 56.78 63.46
CA THR X 18 12.54 55.98 63.34
C THR X 18 12.49 55.32 62.04
N ASP X 19 13.61 54.68 61.71
CA ASP X 19 13.55 53.89 60.56
C ASP X 19 13.61 52.57 61.16
N TYR X 20 13.56 51.54 60.33
CA TYR X 20 13.84 50.21 60.76
C TYR X 20 14.64 49.75 59.66
N TYR X 21 15.35 48.64 59.90
CA TYR X 21 16.25 48.17 58.92
C TYR X 21 17.38 49.12 58.87
N GLN X 22 17.44 49.89 59.96
CA GLN X 22 18.39 50.87 60.27
C GLN X 22 17.78 51.18 61.54
N ARG X 23 18.59 51.55 62.50
CA ARG X 23 18.30 51.75 63.86
C ARG X 23 18.25 50.41 64.47
N LYS X 24 18.15 49.34 63.65
CA LYS X 24 18.43 47.99 64.08
C LYS X 24 19.89 47.84 63.89
N ARG X 25 20.35 48.51 62.82
CA ARG X 25 21.71 48.54 62.45
C ARG X 25 22.38 49.03 63.65
N LEU X 26 22.07 50.27 64.03
CA LEU X 26 22.59 50.72 65.25
C LEU X 26 21.87 49.87 66.20
N VAL X 27 22.49 49.56 67.35
CA VAL X 27 21.88 48.85 68.44
C VAL X 27 22.72 47.65 68.67
N THR X 28 23.08 46.95 67.58
CA THR X 28 23.80 45.74 67.76
C THR X 28 25.07 46.07 68.45
N GLN X 29 25.76 47.13 68.00
CA GLN X 29 26.94 47.46 68.72
C GLN X 29 26.44 48.06 69.98
N HIS X 30 26.48 47.29 71.07
CA HIS X 30 25.93 47.82 72.28
C HIS X 30 26.73 49.02 72.61
N LYS X 31 26.06 50.18 72.53
CA LYS X 31 26.67 51.45 72.83
C LYS X 31 25.65 52.18 73.63
N ALA X 32 26.08 53.27 74.29
CA ALA X 32 25.28 54.15 75.10
C ALA X 32 26.08 54.24 76.36
N LYS X 33 25.50 54.81 77.43
CA LYS X 33 26.25 54.81 78.65
C LYS X 33 26.43 53.37 79.03
N TYR X 34 25.37 52.55 78.86
CA TYR X 34 25.47 51.16 79.20
C TYR X 34 24.76 50.41 78.12
N ASN X 35 24.45 49.12 78.36
CA ASN X 35 23.81 48.29 77.38
C ASN X 35 22.58 49.02 76.92
N THR X 36 22.31 48.97 75.61
CA THR X 36 21.20 49.76 75.14
C THR X 36 20.31 48.95 74.26
N PRO X 37 19.04 49.22 74.41
CA PRO X 37 18.06 48.65 73.53
C PRO X 37 18.20 49.29 72.18
N LYS X 38 18.73 50.52 72.14
CA LYS X 38 18.98 51.23 70.92
C LYS X 38 19.82 52.41 71.31
N TYR X 39 20.99 52.60 70.68
CA TYR X 39 21.81 53.67 71.15
C TYR X 39 22.26 54.51 70.00
N ARG X 40 22.56 55.79 70.28
CA ARG X 40 22.95 56.61 69.18
C ARG X 40 23.63 57.81 69.70
N LEU X 41 24.11 58.62 68.76
CA LEU X 41 24.58 59.95 68.98
C LEU X 41 23.83 60.69 67.95
N VAL X 42 22.49 60.64 68.04
CA VAL X 42 21.56 61.10 67.07
C VAL X 42 21.99 62.42 66.55
N VAL X 43 21.65 62.69 65.28
CA VAL X 43 21.86 63.98 64.70
C VAL X 43 20.59 64.24 63.99
N ARG X 44 19.95 65.40 64.27
CA ARG X 44 18.74 65.69 63.58
C ARG X 44 19.00 66.98 62.93
N PHE X 45 18.18 67.33 61.93
CA PHE X 45 18.34 68.60 61.30
C PHE X 45 17.00 69.24 61.27
N THR X 46 16.99 70.57 61.46
CA THR X 46 15.76 71.28 61.41
C THR X 46 16.05 72.50 60.63
N ASN X 47 14.99 73.13 60.11
CA ASN X 47 15.28 74.37 59.48
C ASN X 47 15.75 75.16 60.64
N LYS X 48 16.75 76.04 60.39
CA LYS X 48 17.22 76.98 61.37
C LYS X 48 17.43 76.30 62.68
N ASP X 49 18.11 75.14 62.73
CA ASP X 49 18.32 74.55 64.03
C ASP X 49 18.95 73.20 63.85
N ILE X 50 19.90 72.82 64.74
CA ILE X 50 20.51 71.51 64.64
C ILE X 50 20.43 70.89 66.01
N ILE X 51 20.10 69.58 66.08
CA ILE X 51 20.00 69.00 67.39
C ILE X 51 20.84 67.77 67.50
N CYS X 52 21.49 67.63 68.67
CA CYS X 52 22.27 66.47 68.99
C CYS X 52 21.77 65.98 70.30
N GLN X 53 21.60 64.67 70.39
CA GLN X 53 21.09 63.94 71.51
C GLN X 53 22.10 62.90 71.73
N ILE X 54 21.76 61.89 72.55
CA ILE X 54 22.66 60.80 72.77
C ILE X 54 22.04 60.02 73.88
N ILE X 55 21.67 58.76 73.60
CA ILE X 55 21.23 57.85 74.63
C ILE X 55 20.58 56.59 74.27
N SER X 56 21.01 55.59 75.06
CA SER X 56 20.55 54.27 75.04
C SER X 56 19.06 54.28 75.16
N SER X 57 18.46 53.22 74.62
CA SER X 57 17.05 53.06 74.61
C SER X 57 16.60 52.46 75.89
N THR X 58 15.27 52.52 76.11
CA THR X 58 14.63 51.94 77.26
C THR X 58 13.48 51.18 76.67
N ILE X 59 12.75 50.39 77.47
CA ILE X 59 11.66 49.66 76.88
C ILE X 59 10.72 50.69 76.34
N THR X 60 10.36 51.65 77.21
CA THR X 60 9.62 52.80 76.79
C THR X 60 10.51 53.91 77.25
N GLY X 61 11.01 54.76 76.35
CA GLY X 61 11.92 55.71 76.90
C GLY X 61 12.75 56.34 75.83
N ASP X 62 13.88 55.69 75.45
CA ASP X 62 14.75 56.31 74.50
C ASP X 62 15.13 57.60 75.12
N VAL X 63 15.76 57.48 76.29
CA VAL X 63 16.20 58.61 77.05
C VAL X 63 17.39 59.23 76.40
N VAL X 64 17.81 60.40 76.92
CA VAL X 64 19.01 61.03 76.43
C VAL X 64 19.72 61.64 77.59
N LEU X 65 21.01 61.30 77.79
CA LEU X 65 21.69 61.83 78.92
C LEU X 65 21.94 63.28 78.73
N ALA X 66 22.61 63.68 77.63
CA ALA X 66 22.92 65.07 77.51
C ALA X 66 22.64 65.50 76.13
N ALA X 67 22.21 66.77 75.96
CA ALA X 67 21.81 67.26 74.68
C ALA X 67 22.57 68.52 74.34
N ALA X 68 22.45 68.98 73.08
CA ALA X 68 23.14 70.12 72.59
C ALA X 68 22.10 71.07 72.14
N TYR X 69 21.78 71.02 70.83
CA TYR X 69 20.97 71.90 70.02
C TYR X 69 21.31 73.33 70.08
N SER X 70 22.18 73.70 69.09
CA SER X 70 22.51 75.07 68.87
C SER X 70 21.20 75.72 68.87
N HIS X 71 21.06 76.71 69.74
CA HIS X 71 19.84 77.39 70.02
C HIS X 71 20.17 77.83 71.40
N GLU X 72 20.45 76.81 72.23
CA GLU X 72 20.93 77.11 73.55
C GLU X 72 22.25 77.78 73.35
N LEU X 73 23.11 77.24 72.46
CA LEU X 73 24.28 78.01 72.19
C LEU X 73 23.74 79.08 71.33
N PRO X 74 23.99 80.35 71.56
CA PRO X 74 24.80 80.81 72.65
C PRO X 74 24.29 80.84 74.06
N ARG X 75 24.70 79.90 74.93
CA ARG X 75 24.51 80.18 76.32
C ARG X 75 25.54 81.20 76.51
N TYR X 76 26.71 80.81 76.00
CA TYR X 76 27.82 81.67 75.93
C TYR X 76 28.27 81.41 74.56
N GLY X 77 28.78 82.43 73.88
CA GLY X 77 29.06 82.16 72.53
C GLY X 77 28.26 83.15 71.79
N ILE X 78 27.84 82.87 70.54
CA ILE X 78 27.22 84.05 70.04
C ILE X 78 26.07 83.87 69.12
N THR X 79 25.34 85.01 68.99
CA THR X 79 24.18 85.14 68.18
C THR X 79 24.58 85.14 66.75
N HIS X 80 24.12 84.10 66.02
CA HIS X 80 24.32 84.03 64.61
C HIS X 80 23.31 83.04 64.14
N GLY X 81 23.31 82.72 62.84
CA GLY X 81 22.34 81.77 62.38
C GLY X 81 22.73 80.44 62.92
N LEU X 82 21.75 79.55 63.11
CA LEU X 82 22.07 78.25 63.63
C LEU X 82 21.86 77.26 62.53
N THR X 83 21.48 77.74 61.32
CA THR X 83 21.27 76.79 60.28
C THR X 83 22.44 76.88 59.33
N ASN X 84 23.62 76.47 59.82
CA ASN X 84 24.78 76.42 59.00
C ASN X 84 25.57 75.33 59.57
N TRP X 85 26.64 74.89 58.89
CA TRP X 85 27.42 73.88 59.49
C TRP X 85 28.08 74.43 60.66
N ALA X 86 28.93 75.48 60.52
CA ALA X 86 29.59 76.06 61.65
C ALA X 86 28.36 76.38 62.45
N ALA X 87 28.41 76.24 63.78
CA ALA X 87 27.16 76.19 64.50
C ALA X 87 26.39 74.95 64.13
N ALA X 88 27.09 73.79 64.19
CA ALA X 88 26.56 72.47 63.96
C ALA X 88 27.79 71.68 63.89
N TYR X 89 28.79 72.13 64.66
CA TYR X 89 30.10 71.65 64.87
C TYR X 89 30.30 72.05 66.22
N ALA X 90 29.72 73.22 66.49
CA ALA X 90 29.76 73.67 67.81
C ALA X 90 28.87 72.76 68.58
N THR X 91 27.62 72.57 68.11
CA THR X 91 26.83 71.63 68.80
C THR X 91 27.17 70.35 68.19
N GLY X 92 27.20 69.29 69.01
CA GLY X 92 27.78 68.13 68.45
C GLY X 92 29.16 68.48 68.65
N LEU X 93 29.45 68.77 69.92
CA LEU X 93 30.71 69.27 70.32
C LEU X 93 30.39 69.90 71.60
N LEU X 94 29.27 70.63 71.66
CA LEU X 94 28.81 71.15 72.88
C LEU X 94 28.12 70.06 73.55
N ILE X 95 27.41 69.19 72.80
CA ILE X 95 26.79 68.05 73.42
C ILE X 95 27.92 67.24 73.92
N ALA X 96 28.97 67.10 73.10
CA ALA X 96 30.13 66.45 73.61
C ALA X 96 30.54 67.37 74.69
N ARG X 97 31.24 66.87 75.72
CA ARG X 97 31.55 67.75 76.80
C ARG X 97 30.30 68.14 77.53
N ARG X 98 29.33 67.21 77.47
CA ARG X 98 28.08 67.20 78.15
C ARG X 98 27.90 65.73 78.14
N THR X 99 27.27 65.21 77.09
CA THR X 99 27.17 63.79 77.00
C THR X 99 28.56 63.29 76.94
N LEU X 100 29.36 63.90 76.06
CA LEU X 100 30.70 63.44 76.08
C LEU X 100 31.21 63.88 77.39
N GLN X 101 31.44 62.88 78.25
CA GLN X 101 31.97 63.06 79.56
C GLN X 101 31.43 64.22 80.34
N ARG X 102 30.27 64.04 81.01
CA ARG X 102 29.93 64.97 82.07
C ARG X 102 29.06 64.17 82.98
N LEU X 103 27.81 63.88 82.55
CA LEU X 103 26.94 63.07 83.35
C LEU X 103 27.57 61.72 83.41
N GLY X 104 28.17 61.32 82.28
CA GLY X 104 28.83 60.08 82.08
C GLY X 104 28.93 60.05 80.60
N LEU X 105 29.89 59.30 80.02
CA LEU X 105 29.94 59.40 78.59
C LEU X 105 29.91 58.02 78.07
N ASP X 106 31.01 57.58 77.42
CA ASP X 106 30.90 56.24 76.94
C ASP X 106 30.84 55.39 78.20
N GLU X 107 30.48 54.10 78.04
CA GLU X 107 30.22 53.13 79.06
C GLU X 107 31.09 53.34 80.25
N THR X 108 30.58 54.16 81.19
CA THR X 108 31.24 54.38 82.44
C THR X 108 30.16 54.33 83.47
N TYR X 109 30.23 53.34 84.40
CA TYR X 109 29.20 53.28 85.39
C TYR X 109 29.82 52.86 86.67
N LYS X 110 29.08 53.06 87.77
CA LYS X 110 29.56 52.71 89.08
C LYS X 110 29.62 51.22 89.13
N GLY X 111 30.62 50.68 89.86
CA GLY X 111 30.75 49.27 89.96
C GLY X 111 31.79 48.85 88.98
N VAL X 112 32.03 47.53 88.89
CA VAL X 112 33.05 47.03 88.00
C VAL X 112 32.59 47.31 86.61
N GLU X 113 33.55 47.67 85.73
CA GLU X 113 33.25 47.98 84.37
C GLU X 113 32.96 46.70 83.67
N GLU X 114 32.45 46.81 82.42
CA GLU X 114 32.11 45.64 81.66
C GLU X 114 33.33 44.79 81.60
N VAL X 115 33.12 43.48 81.40
CA VAL X 115 34.22 42.56 81.41
C VAL X 115 35.22 43.00 80.42
N GLU X 116 36.49 43.06 80.89
CA GLU X 116 37.68 43.43 80.18
C GLU X 116 38.41 44.35 81.09
N GLY X 117 39.76 44.28 81.10
CA GLY X 117 40.44 45.17 81.98
C GLY X 117 40.18 46.54 81.46
N GLU X 118 39.47 47.38 82.25
CA GLU X 118 39.23 48.71 81.80
C GLU X 118 39.11 49.57 83.00
N TYR X 119 39.92 50.65 83.07
CA TYR X 119 39.80 51.54 84.17
C TYR X 119 39.78 52.92 83.60
N GLU X 120 38.90 53.79 84.10
CA GLU X 120 38.90 55.12 83.58
C GLU X 120 39.18 56.05 84.70
N LEU X 121 40.12 56.99 84.47
CA LEU X 121 40.47 57.95 85.48
C LEU X 121 40.38 59.29 84.82
N THR X 122 40.45 60.38 85.62
CA THR X 122 40.40 61.68 85.04
C THR X 122 41.66 61.83 84.26
N GLU X 123 41.73 62.89 83.42
CA GLU X 123 42.91 63.07 82.61
C GLU X 123 42.80 62.07 81.52
N ALA X 124 43.84 61.94 80.68
CA ALA X 124 43.78 60.99 79.61
C ALA X 124 43.51 59.67 80.23
N VAL X 125 42.64 58.87 79.58
CA VAL X 125 42.25 57.61 80.14
C VAL X 125 43.37 56.65 80.00
N GLU X 126 43.53 55.79 81.02
CA GLU X 126 44.53 54.78 81.00
C GLU X 126 43.98 53.67 80.16
N ASP X 127 44.87 52.81 79.66
CA ASP X 127 44.57 51.67 78.85
C ASP X 127 43.80 52.07 77.64
N GLY X 128 44.01 53.30 77.15
CA GLY X 128 43.44 53.71 75.91
C GLY X 128 42.15 54.46 76.12
N PRO X 129 42.09 55.54 75.39
CA PRO X 129 40.93 56.39 75.30
C PRO X 129 39.95 55.73 74.38
N ARG X 130 40.35 54.60 73.78
CA ARG X 130 39.60 53.89 72.78
C ARG X 130 38.25 53.50 73.27
N PRO X 131 38.08 53.12 74.51
CA PRO X 131 36.77 52.67 74.91
C PRO X 131 35.64 53.64 74.78
N PHE X 132 35.87 54.97 74.78
CA PHE X 132 34.75 55.87 74.70
C PHE X 132 34.10 55.69 73.36
N LYS X 133 32.75 55.67 73.33
CA LYS X 133 32.05 55.41 72.11
C LYS X 133 30.59 55.67 72.18
N VAL X 134 30.03 55.87 70.97
CA VAL X 134 28.64 56.01 70.66
C VAL X 134 28.58 55.85 69.17
N PHE X 135 27.43 55.40 68.63
CA PHE X 135 27.31 55.33 67.20
C PHE X 135 26.40 56.45 66.83
N LEU X 136 26.67 57.15 65.71
CA LEU X 136 25.79 58.23 65.46
C LEU X 136 24.97 57.89 64.31
N ASP X 137 23.65 57.94 64.52
CA ASP X 137 22.83 57.66 63.41
C ASP X 137 22.16 58.91 63.04
N ILE X 138 22.30 59.30 61.75
CA ILE X 138 21.54 60.37 61.22
C ILE X 138 20.23 59.71 61.25
N GLY X 139 19.08 60.40 61.43
CA GLY X 139 17.86 59.64 61.44
C GLY X 139 17.55 59.46 60.01
N LEU X 140 16.26 59.58 59.60
CA LEU X 140 16.08 59.51 58.19
C LEU X 140 16.81 60.70 57.75
N GLN X 141 17.69 60.56 56.75
CA GLN X 141 18.50 61.66 56.34
C GLN X 141 19.32 61.13 55.21
N ARG X 142 20.18 61.97 54.62
CA ARG X 142 20.98 61.45 53.57
C ARG X 142 22.42 61.65 53.91
N THR X 143 23.22 60.58 53.74
CA THR X 143 24.62 60.70 53.99
C THR X 143 25.14 61.49 52.86
N THR X 144 26.03 62.43 53.14
CA THR X 144 26.54 63.23 52.08
C THR X 144 28.01 63.24 52.35
N THR X 145 28.74 64.22 51.78
CA THR X 145 30.12 64.37 52.07
C THR X 145 30.13 65.26 53.27
N GLY X 146 30.93 66.34 53.26
CA GLY X 146 30.88 67.24 54.36
C GLY X 146 29.47 67.70 54.44
N ALA X 147 28.75 67.17 55.46
CA ALA X 147 27.39 67.52 55.69
C ALA X 147 27.37 67.80 57.16
N ARG X 148 26.34 68.54 57.61
CA ARG X 148 26.30 68.92 58.98
C ARG X 148 26.15 67.73 59.85
N VAL X 149 25.50 66.68 59.34
CA VAL X 149 25.27 65.51 60.11
C VAL X 149 26.60 65.02 60.54
N PHE X 150 27.54 65.00 59.59
CA PHE X 150 28.83 64.48 59.84
C PHE X 150 29.51 65.39 60.74
N GLY X 151 29.31 66.69 60.51
CA GLY X 151 29.96 67.70 61.26
C GLY X 151 29.58 67.60 62.68
N ALA X 152 28.32 67.24 62.93
CA ALA X 152 27.84 67.15 64.27
C ALA X 152 28.70 66.13 64.93
N LEU X 153 29.07 65.10 64.15
CA LEU X 153 29.91 64.03 64.61
C LEU X 153 31.30 64.56 64.88
N LYS X 154 31.82 65.51 64.08
CA LYS X 154 33.21 65.86 64.22
C LYS X 154 33.51 66.41 65.60
N GLY X 155 32.80 67.47 66.04
CA GLY X 155 32.87 67.88 67.41
C GLY X 155 32.04 66.79 67.98
N ALA X 156 32.08 66.48 69.30
CA ALA X 156 31.34 65.32 69.67
C ALA X 156 31.95 64.21 68.93
N SER X 157 33.28 64.18 69.09
CA SER X 157 34.35 63.30 68.68
C SER X 157 35.47 63.90 69.43
N ASP X 158 35.99 65.05 68.95
CA ASP X 158 36.96 65.60 69.81
C ASP X 158 36.23 66.38 70.83
N GLY X 159 35.59 65.62 71.74
CA GLY X 159 34.83 66.09 72.86
C GLY X 159 35.02 64.97 73.84
N GLY X 160 35.80 63.96 73.39
CA GLY X 160 36.17 62.83 74.18
C GLY X 160 35.46 61.61 73.71
N LEU X 161 34.19 61.73 73.27
CA LEU X 161 33.53 60.52 72.89
C LEU X 161 34.20 60.01 71.68
N TYR X 162 34.32 58.66 71.56
CA TYR X 162 34.96 58.18 70.38
C TYR X 162 33.96 57.43 69.58
N VAL X 163 33.63 57.93 68.37
CA VAL X 163 32.64 57.24 67.60
C VAL X 163 33.29 56.79 66.33
N PRO X 164 32.78 55.71 65.79
CA PRO X 164 33.33 55.24 64.56
C PRO X 164 32.79 56.16 63.54
N HIS X 165 33.43 56.20 62.37
CA HIS X 165 32.93 57.04 61.35
C HIS X 165 33.98 56.97 60.32
N SER X 166 33.77 57.60 59.17
CA SER X 166 34.82 57.53 58.22
C SER X 166 35.28 58.90 57.92
N GLU X 167 36.60 59.12 58.03
CA GLU X 167 37.14 60.38 57.68
C GLU X 167 37.07 60.41 56.19
N ASN X 168 37.24 61.60 55.60
CA ASN X 168 37.14 61.76 54.17
C ASN X 168 35.70 61.69 53.80
N ARG X 169 34.82 61.50 54.79
CA ARG X 169 33.42 61.61 54.53
C ARG X 169 32.99 62.69 55.47
N PHE X 170 33.81 63.76 55.52
CA PHE X 170 33.59 64.90 56.36
C PHE X 170 33.90 66.09 55.49
N PRO X 171 33.69 67.24 56.06
CA PRO X 171 33.91 68.48 55.39
C PRO X 171 35.36 68.81 55.27
N GLY X 172 36.28 67.96 55.77
CA GLY X 172 37.63 68.39 55.77
C GLY X 172 37.72 69.20 57.00
N TRP X 173 37.86 70.50 56.78
CA TRP X 173 37.94 71.51 57.76
C TRP X 173 37.22 72.53 56.99
N ASP X 174 37.92 73.66 56.73
CA ASP X 174 37.64 74.87 55.98
C ASP X 174 36.23 75.29 56.10
N PHE X 175 35.31 74.45 55.60
CA PHE X 175 33.94 74.69 55.87
C PHE X 175 33.90 74.72 57.37
N GLU X 176 34.54 73.73 58.03
CA GLU X 176 34.72 73.71 59.47
C GLU X 176 36.22 73.42 59.70
N THR X 177 37.14 74.43 59.64
CA THR X 177 38.56 74.14 59.76
C THR X 177 39.00 74.01 61.17
N GLU X 178 40.25 73.50 61.27
CA GLU X 178 41.04 73.39 62.47
C GLU X 178 41.85 74.65 62.48
N GLU X 179 42.20 75.17 63.67
CA GLU X 179 42.96 76.37 63.69
C GLU X 179 44.30 76.11 63.09
N ILE X 180 44.98 75.03 63.51
CA ILE X 180 46.27 74.77 62.94
C ILE X 180 46.25 73.38 62.38
N ASP X 181 46.69 73.24 61.12
CA ASP X 181 46.70 71.96 60.47
C ASP X 181 47.72 71.03 61.06
N PRO X 182 48.87 71.44 61.56
CA PRO X 182 49.79 70.46 62.04
C PRO X 182 49.27 69.70 63.21
N GLU X 183 48.42 70.33 64.06
CA GLU X 183 47.93 69.59 65.18
C GLU X 183 46.49 69.34 64.93
N LEU X 184 46.11 68.05 64.88
CA LEU X 184 44.74 67.71 64.67
C LEU X 184 43.99 68.17 65.88
N LEU X 185 44.58 67.94 67.07
CA LEU X 185 43.92 68.28 68.29
C LEU X 185 43.82 69.76 68.40
N ARG X 186 42.57 70.24 68.57
CA ARG X 186 42.23 71.62 68.79
C ARG X 186 40.77 71.70 68.64
N SER X 187 40.13 72.73 69.24
CA SER X 187 38.73 72.86 69.00
C SER X 187 38.66 73.72 67.79
N TYR X 188 37.95 73.28 66.75
CA TYR X 188 38.00 74.07 65.56
C TYR X 188 36.66 74.21 64.95
N ILE X 189 36.33 75.46 64.54
CA ILE X 189 35.10 75.74 63.88
C ILE X 189 35.42 76.66 62.76
N PHE X 190 34.77 76.47 61.58
CA PHE X 190 35.00 77.42 60.55
C PHE X 190 33.66 77.57 59.91
N GLY X 191 33.46 78.62 59.11
CA GLY X 191 32.19 78.75 58.47
C GLY X 191 32.46 79.22 57.09
N GLY X 192 33.61 78.77 56.53
CA GLY X 192 34.02 79.15 55.22
C GLY X 192 33.13 78.42 54.29
N HIS X 193 32.39 79.20 53.48
CA HIS X 193 31.45 78.72 52.54
C HIS X 193 30.81 80.01 52.30
N VAL X 194 30.04 80.38 53.34
CA VAL X 194 29.40 81.62 53.38
C VAL X 194 30.48 82.64 53.37
N SER X 195 31.50 82.49 54.23
CA SER X 195 32.54 83.47 54.22
C SER X 195 33.16 83.38 52.87
N GLN X 196 33.77 84.49 52.44
CA GLN X 196 34.28 84.51 51.11
C GLN X 196 33.14 84.45 50.17
N TYR X 197 31.90 84.66 50.67
CA TYR X 197 30.85 84.72 49.71
C TYR X 197 31.09 86.01 49.03
N MET X 198 31.34 87.01 49.90
CA MET X 198 31.65 88.36 49.63
C MET X 198 33.06 88.22 49.95
N GLU X 199 33.93 89.16 49.60
CA GLU X 199 35.16 88.68 50.12
C GLU X 199 35.14 88.85 51.60
N GLU X 200 35.15 90.11 52.00
CA GLU X 200 35.00 90.48 53.35
C GLU X 200 34.34 91.76 53.13
N LEU X 201 33.28 91.69 52.30
CA LEU X 201 32.64 92.89 51.93
C LEU X 201 32.12 93.44 53.20
N ALA X 202 31.58 92.60 54.09
CA ALA X 202 31.04 93.01 55.35
C ALA X 202 30.16 91.88 55.79
N ASP X 203 29.60 91.99 57.02
CA ASP X 203 28.62 91.04 57.51
C ASP X 203 29.26 89.90 58.25
N ASP X 204 29.30 88.72 57.59
CA ASP X 204 29.66 87.47 58.21
C ASP X 204 30.99 87.53 58.89
N ASP X 205 31.10 86.79 60.02
CA ASP X 205 32.31 86.73 60.79
C ASP X 205 32.59 85.31 61.17
N GLU X 206 33.55 84.66 60.48
CA GLU X 206 33.98 83.31 60.77
C GLU X 206 34.74 83.35 62.06
N GLU X 207 35.43 84.49 62.30
CA GLU X 207 36.34 84.69 63.37
C GLU X 207 35.59 84.47 64.61
N ARG X 208 34.29 84.83 64.61
CA ARG X 208 33.51 84.63 65.79
C ARG X 208 32.93 83.26 65.63
N PHE X 209 33.40 82.30 66.47
CA PHE X 209 33.00 80.93 66.52
C PHE X 209 34.18 80.14 66.85
N SER X 210 35.32 80.63 66.39
CA SER X 210 36.54 80.09 66.86
C SER X 210 36.50 80.48 68.29
N GLU X 211 35.89 81.64 68.52
CA GLU X 211 35.74 82.20 69.81
C GLU X 211 34.89 81.28 70.56
N LEU X 212 33.87 80.73 69.91
CA LEU X 212 33.04 79.92 70.70
C LEU X 212 33.80 78.74 71.09
N PHE X 213 34.50 78.10 70.13
CA PHE X 213 35.09 76.82 70.38
C PHE X 213 36.10 76.95 71.47
N LYS X 214 36.79 78.11 71.53
CA LYS X 214 37.81 78.31 72.51
C LYS X 214 37.20 78.05 73.85
N GLY X 215 36.01 78.61 74.08
CA GLY X 215 35.37 78.48 75.35
C GLY X 215 35.02 77.05 75.62
N TYR X 216 34.57 76.32 74.58
CA TYR X 216 34.09 74.98 74.73
C TYR X 216 35.12 74.08 75.34
N LEU X 217 36.33 74.05 74.78
CA LEU X 217 37.27 73.19 75.37
C LEU X 217 37.81 74.01 76.47
N ALA X 218 37.48 73.67 77.72
CA ALA X 218 37.93 74.40 78.87
C ALA X 218 36.97 74.08 79.98
N ASP X 219 37.23 74.66 81.18
CA ASP X 219 36.35 74.45 82.28
C ASP X 219 35.24 75.43 82.11
N ASP X 220 34.05 74.95 81.71
CA ASP X 220 32.95 75.83 81.45
C ASP X 220 31.82 75.37 82.28
N ILE X 221 30.76 76.19 82.37
CA ILE X 221 29.63 75.79 83.16
C ILE X 221 28.68 75.08 82.24
N ASP X 222 28.27 73.87 82.66
CA ASP X 222 27.36 73.02 81.93
C ASP X 222 27.60 73.09 80.43
N LEU Y 1 -20.64 10.63 89.71
CA LEU Y 1 -20.05 9.29 89.48
C LEU Y 1 -20.70 8.62 88.32
N VAL Y 2 -20.15 7.46 87.92
CA VAL Y 2 -20.74 6.75 86.81
C VAL Y 2 -20.46 5.30 87.03
N PHE Y 3 -21.21 4.44 86.33
CA PHE Y 3 -20.98 3.03 86.42
C PHE Y 3 -20.68 2.67 85.01
N VAL Y 4 -19.68 1.80 84.77
CA VAL Y 4 -19.44 1.49 83.39
C VAL Y 4 -19.48 0.01 83.23
N VAL Y 5 -20.22 -0.49 82.22
CA VAL Y 5 -20.25 -1.90 81.97
C VAL Y 5 -20.00 -2.07 80.52
N ARG Y 6 -19.06 -2.94 80.12
CA ARG Y 6 -18.78 -2.99 78.71
C ARG Y 6 -19.62 -4.03 78.05
N ILE Y 7 -20.70 -3.59 77.37
CA ILE Y 7 -21.55 -4.54 76.68
C ILE Y 7 -20.85 -5.09 75.49
N LYS Y 8 -20.23 -4.22 74.67
CA LYS Y 8 -19.64 -4.72 73.46
C LYS Y 8 -18.29 -5.27 73.77
N GLY Y 9 -17.92 -6.35 73.05
CA GLY Y 9 -16.62 -6.94 73.22
C GLY Y 9 -15.69 -6.22 72.30
N ILE Y 10 -14.38 -6.47 72.46
CA ILE Y 10 -13.46 -5.83 71.58
C ILE Y 10 -13.08 -6.84 70.55
N ASN Y 11 -13.85 -6.88 69.45
CA ASN Y 11 -13.50 -7.83 68.44
C ASN Y 11 -12.18 -7.39 67.92
N LYS Y 12 -12.10 -6.10 67.54
CA LYS Y 12 -10.84 -5.61 67.07
C LYS Y 12 -10.87 -4.13 67.09
N ILE Y 13 -11.98 -3.50 67.55
CA ILE Y 13 -11.97 -2.08 67.44
C ILE Y 13 -12.65 -1.38 68.55
N PRO Y 14 -12.23 -0.15 68.75
CA PRO Y 14 -11.09 0.36 68.02
C PRO Y 14 -9.87 0.19 68.90
N PRO Y 15 -8.67 0.32 68.40
CA PRO Y 15 -7.50 0.17 69.24
C PRO Y 15 -7.22 1.26 70.25
N LYS Y 16 -7.52 2.54 69.96
CA LYS Y 16 -7.25 3.53 70.96
C LYS Y 16 -8.22 3.30 72.07
N PRO Y 17 -9.44 3.02 71.68
CA PRO Y 17 -10.38 2.57 72.66
C PRO Y 17 -9.94 1.16 72.91
N ARG Y 18 -10.52 0.48 73.89
CA ARG Y 18 -10.09 -0.83 74.29
C ARG Y 18 -8.86 -0.65 75.12
N LYS Y 19 -8.01 0.33 74.76
CA LYS Y 19 -6.90 0.69 75.58
C LYS Y 19 -7.52 1.39 76.75
N VAL Y 20 -8.53 2.24 76.45
CA VAL Y 20 -9.17 2.98 77.51
C VAL Y 20 -10.50 2.36 77.81
N LEU Y 21 -10.42 1.12 78.32
CA LEU Y 21 -11.44 0.28 78.85
C LEU Y 21 -10.64 -0.32 79.91
N GLN Y 22 -9.50 -0.86 79.45
CA GLN Y 22 -8.47 -1.18 80.36
C GLN Y 22 -8.03 0.17 80.75
N LEU Y 23 -7.26 0.25 81.84
CA LEU Y 23 -6.85 1.49 82.43
C LEU Y 23 -7.98 1.92 83.31
N LEU Y 24 -9.23 1.69 82.86
CA LEU Y 24 -10.34 1.85 83.73
C LEU Y 24 -10.25 0.69 84.64
N ARG Y 25 -9.98 -0.47 83.99
CA ARG Y 25 -9.95 -1.79 84.54
C ARG Y 25 -10.72 -2.54 83.49
N LEU Y 26 -11.68 -3.35 83.92
CA LEU Y 26 -12.63 -3.98 83.04
C LEU Y 26 -12.09 -4.54 81.77
N THR Y 27 -11.23 -5.56 81.85
CA THR Y 27 -10.81 -6.16 80.62
C THR Y 27 -11.64 -7.39 80.41
N ARG Y 28 -12.93 -7.18 80.06
CA ARG Y 28 -13.82 -8.27 79.83
C ARG Y 28 -15.14 -7.68 79.48
N ILE Y 29 -16.17 -8.53 79.34
CA ILE Y 29 -17.48 -8.06 78.98
C ILE Y 29 -18.34 -8.14 80.20
N ASN Y 30 -19.19 -7.13 80.38
CA ASN Y 30 -20.12 -7.09 81.46
C ASN Y 30 -19.41 -6.77 82.73
N SER Y 31 -18.12 -6.42 82.66
CA SER Y 31 -17.43 -6.05 83.87
C SER Y 31 -17.93 -4.68 84.23
N GLY Y 32 -17.65 -4.21 85.46
CA GLY Y 32 -18.14 -2.90 85.78
C GLY Y 32 -17.19 -2.23 86.72
N THR Y 33 -17.01 -0.90 86.52
CA THR Y 33 -16.12 -0.14 87.35
C THR Y 33 -16.80 1.15 87.60
N PHE Y 34 -16.47 1.77 88.75
CA PHE Y 34 -17.03 3.03 89.18
C PHE Y 34 -16.04 4.08 88.81
N VAL Y 35 -16.51 5.19 88.23
CA VAL Y 35 -15.61 6.22 87.83
C VAL Y 35 -16.13 7.48 88.42
N LYS Y 36 -15.22 8.38 88.81
CA LYS Y 36 -15.60 9.65 89.37
C LYS Y 36 -15.74 10.58 88.21
N VAL Y 37 -16.71 11.51 88.27
CA VAL Y 37 -16.81 12.42 87.16
C VAL Y 37 -15.84 13.52 87.39
N THR Y 38 -14.79 13.54 86.57
CA THR Y 38 -13.79 14.55 86.69
C THR Y 38 -13.15 14.65 85.37
N LYS Y 39 -12.27 15.65 85.19
CA LYS Y 39 -11.52 15.73 83.98
C LYS Y 39 -10.52 14.65 84.15
N ALA Y 40 -9.92 14.17 83.03
CA ALA Y 40 -9.04 13.04 83.07
C ALA Y 40 -9.87 11.83 83.35
N THR Y 41 -11.18 12.07 83.28
CA THR Y 41 -12.28 11.16 83.36
C THR Y 41 -13.22 11.91 82.50
N LEU Y 42 -14.32 11.30 82.09
CA LEU Y 42 -15.29 11.98 81.28
C LEU Y 42 -14.76 12.04 79.87
N GLU Y 43 -13.44 12.23 79.70
CA GLU Y 43 -12.85 12.22 78.41
C GLU Y 43 -12.79 10.80 77.96
N LEU Y 44 -12.32 9.91 78.87
CA LEU Y 44 -12.13 8.53 78.54
C LEU Y 44 -13.44 7.88 78.28
N LEU Y 45 -14.42 8.11 79.17
CA LEU Y 45 -15.68 7.45 79.01
C LEU Y 45 -16.34 7.93 77.78
N LYS Y 46 -16.21 9.23 77.46
CA LYS Y 46 -16.85 9.71 76.27
C LYS Y 46 -16.25 8.98 75.13
N LEU Y 47 -14.93 8.72 75.17
CA LEU Y 47 -14.31 8.02 74.09
C LEU Y 47 -14.96 6.69 73.98
N ILE Y 48 -15.08 5.98 75.11
CA ILE Y 48 -15.73 4.71 75.03
C ILE Y 48 -17.15 4.94 75.41
N GLU Y 49 -17.93 5.45 74.44
CA GLU Y 49 -19.31 5.71 74.71
C GLU Y 49 -20.08 4.65 74.00
N PRO Y 50 -19.73 4.35 72.77
CA PRO Y 50 -20.45 3.33 72.09
C PRO Y 50 -20.30 1.98 72.70
N TYR Y 51 -19.15 1.69 73.35
CA TYR Y 51 -18.95 0.40 73.94
C TYR Y 51 -19.85 0.12 75.09
N VAL Y 52 -19.94 1.06 76.05
CA VAL Y 52 -20.53 0.62 77.28
C VAL Y 52 -21.68 1.43 77.69
N ALA Y 53 -22.43 0.87 78.67
CA ALA Y 53 -23.53 1.49 79.34
C ALA Y 53 -22.90 2.53 80.20
N TYR Y 54 -23.69 3.40 80.85
CA TYR Y 54 -23.03 4.49 81.50
C TYR Y 54 -24.05 5.10 82.43
N GLY Y 55 -23.63 5.87 83.46
CA GLY Y 55 -24.62 6.61 84.19
C GLY Y 55 -24.40 6.49 85.64
N TYR Y 56 -25.24 7.24 86.41
CA TYR Y 56 -25.28 7.19 87.84
C TYR Y 56 -26.17 6.05 88.18
N PRO Y 57 -25.76 5.15 88.99
CA PRO Y 57 -26.70 4.18 89.47
C PRO Y 57 -27.31 4.88 90.61
N SER Y 58 -28.45 4.42 91.13
CA SER Y 58 -28.87 5.10 92.32
C SER Y 58 -28.17 4.39 93.41
N TYR Y 59 -27.93 5.02 94.57
CA TYR Y 59 -27.34 4.23 95.59
C TYR Y 59 -28.48 3.46 96.16
N SER Y 60 -28.20 2.27 96.72
CA SER Y 60 -29.21 1.30 97.05
C SER Y 60 -29.55 0.58 95.80
N THR Y 61 -28.79 0.89 94.73
CA THR Y 61 -28.86 0.18 93.50
C THR Y 61 -27.43 -0.11 93.22
N ILE Y 62 -26.54 0.44 94.07
CA ILE Y 62 -25.14 0.17 93.93
C ILE Y 62 -24.76 -0.69 95.08
N ARG Y 63 -25.59 -0.68 96.14
CA ARG Y 63 -25.36 -1.54 97.27
C ARG Y 63 -25.64 -2.94 96.80
N GLN Y 64 -26.68 -3.07 95.95
CA GLN Y 64 -27.10 -4.34 95.46
C GLN Y 64 -25.95 -4.94 94.73
N LEU Y 65 -25.28 -4.14 93.88
CA LEU Y 65 -24.14 -4.69 93.24
C LEU Y 65 -22.95 -4.10 93.92
N VAL Y 66 -22.51 -4.81 94.96
CA VAL Y 66 -21.31 -4.63 95.73
C VAL Y 66 -21.32 -5.91 96.47
N TYR Y 67 -22.48 -6.17 97.08
CA TYR Y 67 -22.79 -7.30 97.90
C TYR Y 67 -22.70 -8.51 97.00
N LYS Y 68 -23.41 -8.51 95.84
CA LYS Y 68 -23.35 -9.68 95.01
C LYS Y 68 -22.01 -9.81 94.39
N ARG Y 69 -21.54 -8.77 93.68
CA ARG Y 69 -20.21 -8.81 93.17
C ARG Y 69 -19.52 -7.72 93.88
N GLY Y 70 -18.40 -8.04 94.55
CA GLY Y 70 -17.85 -7.06 95.41
C GLY Y 70 -16.39 -6.97 95.23
N PHE Y 71 -15.63 -7.31 96.29
CA PHE Y 71 -14.25 -7.03 96.12
C PHE Y 71 -13.42 -8.07 96.78
N GLY Y 72 -12.12 -7.75 96.80
CA GLY Y 72 -11.06 -8.47 97.40
C GLY Y 72 -9.95 -8.31 96.42
N LYS Y 73 -8.73 -8.00 96.90
CA LYS Y 73 -7.65 -7.84 95.98
C LYS Y 73 -7.48 -9.18 95.32
N ILE Y 74 -7.51 -10.24 96.14
CA ILE Y 74 -7.38 -11.57 95.62
C ILE Y 74 -8.73 -12.18 95.76
N ASN Y 75 -9.24 -12.81 94.68
CA ASN Y 75 -10.55 -13.36 94.79
C ASN Y 75 -10.48 -14.53 95.71
N LYS Y 76 -11.28 -14.50 96.79
CA LYS Y 76 -11.25 -15.63 97.66
C LYS Y 76 -12.46 -15.61 98.54
N GLN Y 77 -12.32 -16.23 99.72
CA GLN Y 77 -13.39 -16.39 100.65
C GLN Y 77 -13.86 -15.07 101.14
N ARG Y 78 -14.91 -15.09 101.97
CA ARG Y 78 -15.58 -13.90 102.38
C ARG Y 78 -15.93 -13.27 101.08
N VAL Y 79 -16.34 -14.15 100.16
CA VAL Y 79 -16.66 -13.88 98.79
C VAL Y 79 -17.78 -12.89 98.75
N PRO Y 80 -18.74 -12.97 99.63
CA PRO Y 80 -19.80 -12.01 99.56
C PRO Y 80 -19.37 -10.59 99.84
N LEU Y 81 -18.27 -10.39 100.58
CA LEU Y 81 -17.78 -9.09 100.95
C LEU Y 81 -18.89 -8.25 101.51
N SER Y 82 -19.68 -8.86 102.41
CA SER Y 82 -20.78 -8.16 103.00
C SER Y 82 -20.22 -7.14 103.92
N ASP Y 83 -21.11 -6.49 104.71
CA ASP Y 83 -20.69 -5.45 105.58
C ASP Y 83 -19.65 -6.00 106.50
N ASN Y 84 -19.84 -7.24 106.97
CA ASN Y 84 -18.88 -7.78 107.88
C ASN Y 84 -17.57 -7.82 107.16
N ALA Y 85 -17.55 -8.32 105.91
CA ALA Y 85 -16.28 -8.34 105.26
C ALA Y 85 -16.17 -7.09 104.47
N ILE Y 86 -15.97 -5.98 105.19
CA ILE Y 86 -15.76 -4.66 104.69
C ILE Y 86 -15.08 -4.00 105.84
N ILE Y 87 -15.60 -2.86 106.33
CA ILE Y 87 -14.98 -2.18 107.43
C ILE Y 87 -14.76 -3.14 108.54
N GLU Y 88 -13.54 -3.04 109.09
CA GLU Y 88 -13.00 -3.90 110.08
C GLU Y 88 -13.83 -3.83 111.32
N ALA Y 89 -14.42 -4.98 111.70
CA ALA Y 89 -15.12 -5.05 112.96
C ALA Y 89 -14.06 -4.90 113.98
N ASN Y 90 -12.92 -5.55 113.71
CA ASN Y 90 -11.74 -5.55 114.54
C ASN Y 90 -10.73 -4.81 113.74
N LEU Y 91 -9.45 -5.22 113.80
CA LEU Y 91 -8.45 -4.58 113.00
C LEU Y 91 -8.67 -5.05 111.59
N GLY Y 92 -8.44 -4.16 110.60
CA GLY Y 92 -8.61 -4.57 109.23
C GLY Y 92 -8.92 -3.36 108.41
N LYS Y 93 -9.29 -3.58 107.12
CA LYS Y 93 -9.65 -2.50 106.26
C LYS Y 93 -10.97 -1.97 106.73
N TYR Y 94 -11.12 -0.64 106.72
CA TYR Y 94 -12.30 -0.04 107.27
C TYR Y 94 -12.73 1.10 106.43
N GLY Y 95 -13.70 1.86 106.96
CA GLY Y 95 -14.27 2.96 106.27
C GLY Y 95 -15.50 3.37 107.01
N ILE Y 96 -16.64 2.73 106.68
CA ILE Y 96 -17.86 3.15 107.31
C ILE Y 96 -18.65 1.92 107.72
N LEU Y 97 -19.98 1.89 107.56
CA LEU Y 97 -20.82 0.78 107.96
C LEU Y 97 -20.45 -0.45 107.19
N SER Y 98 -19.75 -0.32 106.05
CA SER Y 98 -19.38 -1.44 105.23
C SER Y 98 -20.53 -1.92 104.44
N ILE Y 99 -21.40 -1.00 104.04
CA ILE Y 99 -22.55 -1.39 103.29
C ILE Y 99 -22.95 -0.24 102.45
N ASP Y 100 -24.23 0.12 102.53
CA ASP Y 100 -24.72 1.22 101.77
C ASP Y 100 -23.92 2.43 102.14
N ASP Y 101 -23.44 2.50 103.39
CA ASP Y 101 -22.69 3.64 103.78
C ASP Y 101 -21.50 3.71 102.88
N LEU Y 102 -20.92 2.53 102.55
CA LEU Y 102 -19.80 2.44 101.67
C LEU Y 102 -20.24 2.95 100.34
N ILE Y 103 -21.36 2.42 99.82
CA ILE Y 103 -21.76 2.98 98.57
C ILE Y 103 -22.66 4.10 98.90
N HIS Y 104 -22.02 5.19 99.33
CA HIS Y 104 -22.63 6.41 99.76
C HIS Y 104 -21.51 7.39 99.58
N GLU Y 105 -20.38 7.05 100.22
CA GLU Y 105 -19.18 7.81 100.11
C GLU Y 105 -18.69 7.70 98.70
N ILE Y 106 -18.81 6.48 98.13
CA ILE Y 106 -18.33 6.19 96.80
C ILE Y 106 -19.10 7.01 95.83
N ILE Y 107 -20.45 7.01 95.97
CA ILE Y 107 -21.29 7.69 95.03
C ILE Y 107 -21.00 9.16 95.06
N THR Y 108 -20.89 9.75 96.26
CA THR Y 108 -20.66 11.16 96.27
C THR Y 108 -19.37 11.45 95.57
N VAL Y 109 -18.27 10.82 96.04
CA VAL Y 109 -16.97 11.03 95.45
C VAL Y 109 -16.14 9.94 96.07
N GLY Y 110 -14.92 10.29 96.53
CA GLY Y 110 -14.07 9.35 97.16
C GLY Y 110 -14.75 8.97 98.43
N PRO Y 111 -14.30 7.92 99.06
CA PRO Y 111 -13.18 7.15 98.59
C PRO Y 111 -13.45 6.22 97.44
N HIS Y 112 -12.36 5.64 96.87
CA HIS Y 112 -12.40 4.69 95.79
C HIS Y 112 -12.42 3.31 96.37
N PHE Y 113 -12.69 2.31 95.52
CA PHE Y 113 -12.79 0.96 95.97
C PHE Y 113 -11.52 0.55 96.61
N LYS Y 114 -10.39 0.69 95.88
CA LYS Y 114 -9.15 0.24 96.43
C LYS Y 114 -8.67 1.13 97.53
N GLN Y 115 -8.98 2.45 97.47
CA GLN Y 115 -8.38 3.33 98.44
C GLN Y 115 -8.79 2.93 99.83
N ALA Y 116 -10.07 2.67 100.08
CA ALA Y 116 -10.44 2.29 101.42
C ALA Y 116 -10.98 0.91 101.33
N ASN Y 117 -10.70 0.08 102.35
CA ASN Y 117 -11.09 -1.30 102.26
C ASN Y 117 -10.49 -1.74 100.97
N ASN Y 118 -9.14 -1.77 100.90
CA ASN Y 118 -8.42 -1.94 99.67
C ASN Y 118 -8.67 -3.26 99.02
N PHE Y 119 -9.82 -3.30 98.34
CA PHE Y 119 -10.25 -4.31 97.44
C PHE Y 119 -10.75 -3.56 96.28
N LEU Y 120 -10.20 -3.93 95.12
CA LEU Y 120 -10.28 -3.11 93.95
C LEU Y 120 -11.26 -3.58 92.94
N TRP Y 121 -11.33 -2.77 91.87
CA TRP Y 121 -12.16 -3.03 90.73
C TRP Y 121 -11.65 -4.32 90.19
N PRO Y 122 -12.36 -4.95 89.28
CA PRO Y 122 -13.64 -4.47 88.83
C PRO Y 122 -14.75 -5.29 89.41
N PHE Y 123 -16.01 -4.89 89.12
CA PHE Y 123 -17.19 -5.65 89.42
C PHE Y 123 -17.21 -6.73 88.39
N LYS Y 124 -17.58 -7.96 88.76
CA LYS Y 124 -17.66 -8.92 87.70
C LYS Y 124 -19.11 -9.27 87.60
N LEU Y 125 -19.79 -8.66 86.61
CA LEU Y 125 -21.20 -8.80 86.45
C LEU Y 125 -21.49 -9.99 85.60
N SER Y 126 -22.68 -10.60 85.80
CA SER Y 126 -23.15 -11.77 85.11
C SER Y 126 -23.63 -11.47 83.71
N ASN Y 127 -24.15 -10.25 83.46
CA ASN Y 127 -24.76 -9.88 82.21
C ASN Y 127 -26.14 -10.46 81.97
N PRO Y 128 -26.99 -10.81 82.91
CA PRO Y 128 -28.25 -11.23 82.40
C PRO Y 128 -29.28 -10.17 82.42
N SER Y 129 -30.43 -10.51 81.82
CA SER Y 129 -31.61 -9.71 81.78
C SER Y 129 -32.54 -10.51 80.94
N GLY Y 130 -33.76 -10.01 80.72
CA GLY Y 130 -34.59 -10.70 79.78
C GLY Y 130 -33.80 -10.60 78.53
N GLY Y 131 -33.16 -9.43 78.38
CA GLY Y 131 -32.31 -9.11 77.28
C GLY Y 131 -31.86 -7.72 77.56
N TRP Y 132 -30.87 -7.23 76.79
CA TRP Y 132 -30.46 -5.88 77.03
C TRP Y 132 -30.87 -5.07 75.86
N GLY Y 133 -31.89 -4.19 76.06
CA GLY Y 133 -32.37 -3.35 75.01
C GLY Y 133 -32.71 -4.24 73.87
N VAL Y 134 -32.27 -3.84 72.67
CA VAL Y 134 -32.42 -4.67 71.52
C VAL Y 134 -31.09 -5.31 71.39
N PRO Y 135 -31.01 -6.48 70.85
CA PRO Y 135 -29.72 -7.08 70.77
C PRO Y 135 -28.87 -6.32 69.81
N ARG Y 136 -27.57 -6.22 70.11
CA ARG Y 136 -26.62 -5.52 69.30
C ARG Y 136 -26.62 -4.08 69.68
N LYS Y 137 -25.41 -3.51 69.77
CA LYS Y 137 -25.27 -2.13 70.10
C LYS Y 137 -25.77 -1.37 68.92
N PHE Y 138 -26.40 -0.21 69.17
CA PHE Y 138 -26.97 0.58 68.13
C PHE Y 138 -26.60 2.01 68.38
N LYS Y 139 -27.42 2.94 67.87
CA LYS Y 139 -27.08 4.32 68.01
C LYS Y 139 -27.05 4.70 69.45
N HIS Y 140 -28.10 4.40 70.23
CA HIS Y 140 -28.04 4.82 71.60
C HIS Y 140 -29.35 4.53 72.27
N PHE Y 141 -29.58 5.21 73.40
CA PHE Y 141 -30.73 5.04 74.24
C PHE Y 141 -31.97 5.38 73.48
N ILE Y 142 -32.01 6.51 72.75
CA ILE Y 142 -33.28 6.78 72.15
C ILE Y 142 -33.25 6.16 70.81
N GLN Y 143 -33.43 4.84 70.85
CA GLN Y 143 -33.47 3.88 69.81
C GLN Y 143 -33.27 2.62 70.57
N GLY Y 144 -33.49 1.44 69.98
CA GLY Y 144 -33.19 0.31 70.79
C GLY Y 144 -31.71 0.36 70.97
N GLY Y 145 -31.25 0.58 72.22
CA GLY Y 145 -29.83 0.64 72.42
C GLY Y 145 -29.57 0.90 73.88
N SER Y 146 -28.59 0.15 74.42
CA SER Y 146 -28.19 0.24 75.80
C SER Y 146 -27.36 1.47 76.02
N PHE Y 147 -26.86 2.08 74.93
CA PHE Y 147 -26.01 3.24 74.94
C PHE Y 147 -26.44 4.27 75.93
N GLY Y 148 -25.43 5.04 76.38
CA GLY Y 148 -25.58 6.28 77.07
C GLY Y 148 -26.05 6.19 78.50
N ASN Y 149 -26.70 7.31 78.93
CA ASN Y 149 -27.08 7.66 80.29
C ASN Y 149 -28.51 7.36 80.59
N ARG Y 150 -28.82 7.60 81.89
CA ARG Y 150 -30.11 7.61 82.54
C ARG Y 150 -29.92 6.96 83.87
N GLU Y 151 -30.40 7.63 84.93
CA GLU Y 151 -30.20 7.17 86.27
C GLU Y 151 -30.88 5.85 86.41
N GLU Y 152 -32.16 5.81 86.03
CA GLU Y 152 -32.85 4.58 86.20
C GLU Y 152 -33.02 3.97 84.86
N PHE Y 153 -31.88 3.59 84.27
CA PHE Y 153 -31.80 2.87 83.04
C PHE Y 153 -30.62 2.02 83.28
N ILE Y 154 -29.74 2.50 84.16
CA ILE Y 154 -28.59 1.74 84.46
C ILE Y 154 -28.93 1.06 85.73
N ASN Y 155 -30.10 1.40 86.27
CA ASN Y 155 -30.57 0.75 87.44
C ASN Y 155 -31.05 -0.61 87.06
N LYS Y 156 -31.84 -0.68 85.98
CA LYS Y 156 -32.38 -1.95 85.58
C LYS Y 156 -31.28 -2.82 85.08
N LEU Y 157 -30.38 -2.24 84.27
CA LEU Y 157 -29.32 -3.00 83.70
C LEU Y 157 -28.45 -3.46 84.83
N VAL Y 158 -28.15 -2.55 85.78
CA VAL Y 158 -27.29 -2.95 86.84
C VAL Y 158 -27.98 -4.05 87.58
N LYS Y 159 -29.30 -3.91 87.75
CA LYS Y 159 -30.06 -4.93 88.39
C LYS Y 159 -30.10 -6.08 87.46
N SER Y 160 -30.39 -7.28 87.99
CA SER Y 160 -30.50 -8.47 87.21
C SER Y 160 -29.21 -8.68 86.48
N MET Y 161 -28.12 -8.10 87.02
CA MET Y 161 -26.82 -8.23 86.44
C MET Y 161 -26.88 -8.04 84.94
N ALA Z 1 97.41 -28.72 6.29
CA ALA Z 1 98.71 -28.03 6.44
C ALA Z 1 99.64 -28.43 5.33
N ALA Z 2 100.92 -28.59 5.65
CA ALA Z 2 101.89 -28.96 4.66
C ALA Z 2 101.65 -30.39 4.31
N GLU Z 3 102.07 -30.82 3.11
CA GLU Z 3 101.84 -32.17 2.71
C GLU Z 3 103.15 -32.89 2.76
N LYS Z 4 103.14 -34.09 3.37
CA LYS Z 4 104.30 -34.92 3.46
C LYS Z 4 104.32 -35.79 2.25
N LYS Z 5 105.53 -36.24 1.84
CA LYS Z 5 105.61 -37.11 0.71
C LYS Z 5 105.94 -38.46 1.26
N GLU Z 6 105.40 -39.54 0.65
CA GLU Z 6 105.68 -40.83 1.21
C GLU Z 6 107.04 -41.22 0.74
N ARG Z 7 108.04 -40.62 1.40
CA ARG Z 7 109.44 -40.86 1.20
C ARG Z 7 110.02 -40.25 2.42
N LEU Z 8 109.54 -39.03 2.72
CA LEU Z 8 109.94 -38.38 3.93
C LEU Z 8 109.42 -39.27 4.99
N THR Z 9 108.16 -39.73 4.83
CA THR Z 9 107.57 -40.62 5.79
C THR Z 9 108.25 -41.94 5.62
N LYS Z 10 109.38 -42.05 6.34
CA LYS Z 10 110.30 -43.13 6.45
C LYS Z 10 111.33 -42.40 7.25
N GLU Z 11 112.46 -42.98 7.65
CA GLU Z 11 113.35 -42.12 8.40
C GLU Z 11 112.72 -41.83 9.74
N ALA Z 12 112.38 -40.57 10.09
CA ALA Z 12 111.94 -40.44 11.46
C ALA Z 12 110.54 -40.00 11.61
N ALA Z 13 109.73 -40.84 12.26
CA ALA Z 13 108.35 -40.49 12.47
C ALA Z 13 108.35 -39.27 13.32
N ALA Z 14 109.23 -39.23 14.33
CA ALA Z 14 109.28 -38.10 15.22
C ALA Z 14 109.62 -36.90 14.41
N VAL Z 15 110.54 -37.04 13.45
CA VAL Z 15 110.93 -35.92 12.65
C VAL Z 15 109.92 -35.85 11.56
N ALA Z 16 110.11 -34.89 10.64
CA ALA Z 16 109.17 -34.63 9.57
C ALA Z 16 108.96 -35.92 8.86
N GLU Z 17 110.03 -36.72 8.79
CA GLU Z 17 110.05 -37.98 8.13
C GLU Z 17 109.01 -38.88 8.77
N GLY Z 18 108.85 -40.11 8.23
CA GLY Z 18 107.97 -41.12 8.76
C GLY Z 18 108.79 -41.96 9.71
N LYS Z 19 108.16 -42.86 10.49
CA LYS Z 19 108.89 -43.58 11.50
C LYS Z 19 109.89 -44.54 10.92
N SER Z 20 111.04 -44.64 11.61
CA SER Z 20 112.13 -45.55 11.35
C SER Z 20 113.11 -45.25 12.44
N LYS Z 21 113.77 -44.09 12.37
CA LYS Z 21 114.72 -43.69 13.36
C LYS Z 21 113.96 -43.55 14.64
N GLN Z 22 112.63 -43.32 14.55
CA GLN Z 22 111.77 -43.15 15.68
C GLN Z 22 111.83 -44.42 16.46
N ASP Z 23 112.03 -45.59 15.84
CA ASP Z 23 112.18 -46.74 16.70
C ASP Z 23 113.43 -46.54 17.48
N ALA Z 24 114.47 -45.99 16.84
CA ALA Z 24 115.64 -45.65 17.58
C ALA Z 24 115.11 -44.55 18.45
N SER Z 25 115.79 -44.23 19.54
CA SER Z 25 115.38 -43.28 20.54
C SER Z 25 114.46 -43.97 21.52
N PRO Z 26 113.58 -44.88 21.18
CA PRO Z 26 113.09 -45.71 22.25
C PRO Z 26 114.14 -46.69 22.70
N LYS Z 27 114.86 -47.34 21.76
CA LYS Z 27 115.88 -48.27 22.16
C LYS Z 27 117.01 -47.47 22.71
N PRO Z 28 117.26 -46.37 22.04
CA PRO Z 28 118.13 -45.35 22.58
C PRO Z 28 117.23 -44.64 23.56
N TYR Z 29 117.61 -43.47 24.07
CA TYR Z 29 116.73 -43.01 25.09
C TYR Z 29 115.94 -41.78 24.79
N ALA Z 30 114.64 -41.90 25.12
CA ALA Z 30 113.65 -40.87 25.15
C ALA Z 30 112.62 -41.10 24.10
N VAL Z 31 111.36 -40.72 24.47
CA VAL Z 31 110.16 -40.78 23.70
C VAL Z 31 109.08 -40.28 24.59
N LYS Z 32 107.87 -40.26 24.03
CA LYS Z 32 106.68 -39.94 24.72
C LYS Z 32 105.74 -40.99 24.30
N TYR Z 33 104.46 -40.85 24.68
CA TYR Z 33 103.46 -41.80 24.34
C TYR Z 33 102.50 -41.02 23.51
N GLY Z 34 101.29 -40.89 24.10
CA GLY Z 34 100.15 -40.29 23.51
C GLY Z 34 100.29 -38.82 23.51
N LEU Z 35 99.15 -38.19 23.14
CA LEU Z 35 98.98 -36.78 22.93
C LEU Z 35 99.25 -36.05 24.20
N ASN Z 36 98.77 -36.63 25.31
CA ASN Z 36 98.85 -36.05 26.61
C ASN Z 36 100.28 -35.85 27.00
N HIS Z 37 101.07 -36.93 26.99
CA HIS Z 37 102.43 -36.78 27.44
C HIS Z 37 103.21 -35.99 26.45
N VAL Z 38 102.94 -36.21 25.15
CA VAL Z 38 103.69 -35.52 24.14
C VAL Z 38 103.45 -34.06 24.30
N VAL Z 39 102.21 -33.66 24.60
CA VAL Z 39 101.96 -32.25 24.69
C VAL Z 39 102.80 -31.67 25.78
N ALA Z 40 103.01 -32.41 26.89
CA ALA Z 40 103.75 -31.84 27.98
C ALA Z 40 105.13 -31.49 27.55
N LEU Z 41 105.78 -32.36 26.75
CA LEU Z 41 107.15 -32.14 26.38
C LEU Z 41 107.29 -30.88 25.58
N ILE Z 42 106.31 -30.57 24.71
CA ILE Z 42 106.47 -29.36 23.98
C ILE Z 42 106.40 -28.24 24.93
N GLU Z 43 105.50 -28.33 25.91
CA GLU Z 43 105.32 -27.27 26.83
C GLU Z 43 106.62 -26.99 27.47
N ASN Z 44 107.28 -28.01 28.05
CA ASN Z 44 108.57 -27.75 28.60
C ASN Z 44 109.50 -28.33 27.61
N LYS Z 45 110.03 -27.44 26.73
CA LYS Z 45 110.78 -27.85 25.58
C LYS Z 45 111.79 -28.86 25.97
N LYS Z 46 111.46 -30.11 25.58
CA LYS Z 46 112.27 -31.23 25.89
C LYS Z 46 112.33 -32.04 24.64
N ALA Z 47 111.24 -32.05 23.86
CA ALA Z 47 111.26 -32.89 22.70
C ALA Z 47 111.84 -32.15 21.56
N LYS Z 48 112.76 -32.81 20.82
CA LYS Z 48 113.31 -32.25 19.61
C LYS Z 48 112.26 -32.28 18.55
N LEU Z 49 111.62 -33.46 18.37
CA LEU Z 49 110.66 -33.61 17.33
C LEU Z 49 109.55 -34.31 17.98
N VAL Z 50 108.34 -34.17 17.43
CA VAL Z 50 107.21 -34.89 17.85
C VAL Z 50 106.52 -35.14 16.59
N LEU Z 51 105.71 -36.22 16.48
CA LEU Z 51 105.03 -36.51 15.27
C LEU Z 51 103.55 -36.44 15.51
N ILE Z 52 102.75 -36.44 14.43
CA ILE Z 52 101.32 -36.48 14.59
C ILE Z 52 100.75 -37.35 13.51
N ALA Z 53 99.70 -38.13 13.83
CA ALA Z 53 99.12 -38.96 12.82
C ALA Z 53 98.28 -38.05 12.01
N ASN Z 54 98.11 -38.37 10.71
CA ASN Z 54 97.25 -37.63 9.85
C ASN Z 54 95.82 -38.00 10.06
N ASP Z 55 95.59 -39.31 10.24
CA ASP Z 55 94.24 -39.79 10.30
C ASP Z 55 93.57 -39.07 11.39
N VAL Z 56 93.91 -39.37 12.66
CA VAL Z 56 93.23 -38.73 13.74
C VAL Z 56 91.78 -39.10 13.66
N ASP Z 57 91.06 -38.94 14.76
CA ASP Z 57 89.64 -39.13 14.69
C ASP Z 57 89.14 -37.73 14.57
N PRO Z 58 87.97 -37.43 15.06
CA PRO Z 58 87.58 -36.07 15.32
C PRO Z 58 88.15 -35.76 16.64
N ILE Z 59 89.21 -36.50 17.02
CA ILE Z 59 89.80 -36.45 18.30
C ILE Z 59 90.07 -35.05 18.58
N GLU Z 60 90.68 -34.37 17.60
CA GLU Z 60 91.11 -33.03 17.78
C GLU Z 60 91.86 -32.97 19.06
N LEU Z 61 92.46 -34.09 19.51
CA LEU Z 61 93.35 -34.00 20.60
C LEU Z 61 94.52 -33.35 20.00
N VAL Z 62 94.89 -33.88 18.83
CA VAL Z 62 95.93 -33.26 18.09
C VAL Z 62 95.29 -32.23 17.25
N VAL Z 63 95.08 -31.05 17.84
CA VAL Z 63 94.46 -29.97 17.14
C VAL Z 63 95.29 -28.78 17.50
N PHE Z 64 95.83 -28.77 18.73
CA PHE Z 64 96.62 -27.66 19.11
C PHE Z 64 98.07 -28.06 19.21
N LEU Z 65 98.47 -29.17 18.53
CA LEU Z 65 99.87 -29.52 18.50
C LEU Z 65 100.61 -28.51 17.68
N PRO Z 66 100.10 -28.18 16.53
CA PRO Z 66 100.67 -27.14 15.72
C PRO Z 66 100.18 -25.97 16.48
N ALA Z 67 100.74 -24.76 16.26
CA ALA Z 67 100.50 -23.61 17.09
C ALA Z 67 100.42 -24.13 18.49
N LEU Z 68 101.60 -24.23 19.12
CA LEU Z 68 101.85 -24.81 20.40
C LEU Z 68 102.79 -25.91 20.09
N CYS Z 69 103.68 -25.60 19.15
CA CYS Z 69 104.76 -26.38 18.66
C CYS Z 69 105.53 -25.32 17.95
N LYS Z 70 104.78 -24.41 17.31
CA LYS Z 70 105.36 -23.31 16.61
C LYS Z 70 105.14 -22.11 17.45
N LYS Z 71 105.89 -22.05 18.56
CA LYS Z 71 105.94 -20.99 19.51
C LYS Z 71 107.15 -21.41 20.25
N MET Z 72 107.06 -22.66 20.71
CA MET Z 72 108.09 -23.39 21.37
C MET Z 72 109.16 -23.59 20.35
N GLY Z 73 108.76 -23.74 19.07
CA GLY Z 73 109.73 -23.88 18.03
C GLY Z 73 110.10 -25.32 17.89
N VAL Z 74 109.20 -26.24 18.26
CA VAL Z 74 109.51 -27.62 18.16
C VAL Z 74 109.03 -28.09 16.84
N PRO Z 75 109.91 -28.65 16.06
CA PRO Z 75 109.45 -29.11 14.78
C PRO Z 75 108.59 -30.29 14.94
N TYR Z 76 107.48 -30.40 14.18
CA TYR Z 76 106.82 -31.65 14.34
C TYR Z 76 106.28 -32.10 13.01
N ALA Z 77 106.20 -33.43 12.84
CA ALA Z 77 105.89 -34.00 11.56
C ALA Z 77 104.54 -34.63 11.57
N ILE Z 78 104.10 -34.93 10.34
CA ILE Z 78 102.86 -35.61 10.09
C ILE Z 78 103.21 -36.96 9.57
N VAL Z 79 102.56 -38.01 10.10
CA VAL Z 79 102.79 -39.33 9.60
C VAL Z 79 101.48 -39.74 9.09
N LYS Z 80 101.40 -40.77 8.22
CA LYS Z 80 100.09 -41.20 7.82
C LYS Z 80 99.94 -42.52 8.51
N GLY Z 81 98.81 -42.71 9.19
CA GLY Z 81 98.61 -43.95 9.87
C GLY Z 81 98.90 -43.71 11.31
N LYS Z 82 97.83 -43.72 12.13
CA LYS Z 82 97.99 -43.55 13.53
C LYS Z 82 98.74 -44.75 14.01
N ALA Z 83 98.45 -45.90 13.38
CA ALA Z 83 99.08 -47.13 13.76
C ALA Z 83 100.55 -47.02 13.52
N ARG Z 84 100.94 -46.44 12.38
CA ARG Z 84 102.34 -46.39 12.07
C ARG Z 84 103.02 -45.65 13.17
N LEU Z 85 102.58 -44.42 13.50
CA LEU Z 85 103.26 -43.98 14.67
C LEU Z 85 102.40 -44.34 15.80
N GLY Z 86 102.75 -45.45 16.40
CA GLY Z 86 102.08 -46.04 17.50
C GLY Z 86 102.99 -47.17 17.68
N THR Z 87 103.21 -47.88 16.56
CA THR Z 87 104.06 -49.02 16.44
C THR Z 87 105.48 -48.63 16.66
N LEU Z 88 105.97 -47.50 16.11
CA LEU Z 88 107.37 -47.26 16.38
C LEU Z 88 107.61 -47.08 17.84
N VAL Z 89 106.77 -46.32 18.54
CA VAL Z 89 106.98 -46.35 19.95
C VAL Z 89 106.54 -47.72 20.32
N ASN Z 90 107.07 -48.32 21.40
CA ASN Z 90 106.64 -49.67 21.64
C ASN Z 90 105.24 -49.60 22.16
N GLN Z 91 104.26 -49.72 21.25
CA GLN Z 91 102.89 -49.69 21.67
C GLN Z 91 102.14 -50.62 20.79
N LYS Z 92 101.35 -51.53 21.41
CA LYS Z 92 100.56 -52.42 20.63
C LYS Z 92 99.55 -51.60 19.90
N THR Z 93 98.97 -50.62 20.62
CA THR Z 93 97.95 -49.81 20.03
C THR Z 93 98.60 -48.62 19.38
N SER Z 94 97.89 -48.02 18.40
CA SER Z 94 98.36 -46.90 17.65
C SER Z 94 98.15 -45.69 18.49
N ALA Z 95 98.85 -44.59 18.17
CA ALA Z 95 98.62 -43.40 18.94
C ALA Z 95 98.76 -42.21 18.05
N VAL Z 96 97.80 -41.26 18.17
CA VAL Z 96 97.97 -40.02 17.49
C VAL Z 96 98.70 -39.21 18.50
N ALA Z 97 99.99 -38.96 18.25
CA ALA Z 97 100.73 -38.35 19.30
C ALA Z 97 102.15 -38.33 18.92
N ALA Z 98 103.05 -38.18 19.90
CA ALA Z 98 104.32 -37.94 19.36
C ALA Z 98 105.42 -38.25 20.25
N LEU Z 99 106.52 -37.46 20.09
CA LEU Z 99 107.62 -38.07 20.71
C LEU Z 99 108.80 -37.31 21.16
N THR Z 100 109.87 -38.04 20.79
CA THR Z 100 111.27 -38.06 21.08
C THR Z 100 111.75 -36.85 21.78
N GLU Z 101 111.84 -36.97 23.12
CA GLU Z 101 112.39 -35.88 23.83
C GLU Z 101 113.86 -35.79 23.57
N VAL Z 102 114.61 -36.85 23.95
CA VAL Z 102 116.05 -36.90 23.81
C VAL Z 102 116.51 -37.18 22.42
N ARG Z 103 115.86 -38.12 21.71
CA ARG Z 103 116.37 -38.51 20.44
C ARG Z 103 117.74 -39.09 20.61
N ALA Z 104 117.85 -40.23 21.33
CA ALA Z 104 119.15 -40.79 21.50
C ALA Z 104 119.57 -41.53 20.29
N GLU Z 105 120.89 -41.57 20.08
CA GLU Z 105 121.45 -42.27 18.96
C GLU Z 105 121.22 -41.45 17.74
N ASP Z 106 119.95 -41.36 17.31
CA ASP Z 106 119.71 -40.70 16.07
C ASP Z 106 119.71 -39.21 16.24
N GLU Z 107 120.63 -38.67 17.05
CA GLU Z 107 120.74 -37.24 17.00
C GLU Z 107 121.57 -37.11 15.78
N ALA Z 108 120.91 -37.16 14.61
CA ALA Z 108 121.65 -37.25 13.40
C ALA Z 108 120.64 -37.24 12.31
N ALA Z 109 120.13 -38.44 11.99
CA ALA Z 109 119.11 -38.52 11.00
C ALA Z 109 118.02 -37.66 11.50
N LEU Z 110 117.74 -37.77 12.82
CA LEU Z 110 116.82 -36.86 13.39
C LEU Z 110 117.58 -35.57 13.40
N ALA Z 111 116.88 -34.45 13.15
CA ALA Z 111 117.44 -33.14 13.05
C ALA Z 111 117.95 -32.94 11.66
N LYS Z 112 118.31 -34.01 10.95
CA LYS Z 112 118.63 -33.76 9.57
C LYS Z 112 117.32 -33.62 8.87
N LEU Z 113 116.39 -34.50 9.28
CA LEU Z 113 115.06 -34.65 8.76
C LEU Z 113 114.27 -33.43 9.08
N VAL Z 114 114.49 -32.87 10.28
CA VAL Z 114 113.75 -31.73 10.70
C VAL Z 114 114.02 -30.66 9.70
N SER Z 115 115.27 -30.62 9.19
CA SER Z 115 115.65 -29.61 8.24
C SER Z 115 114.83 -29.76 7.00
N THR Z 116 114.51 -31.01 6.62
CA THR Z 116 113.79 -31.22 5.40
C THR Z 116 112.49 -30.49 5.49
N ILE Z 117 111.79 -30.65 6.61
CA ILE Z 117 110.55 -29.97 6.82
C ILE Z 117 110.93 -28.56 7.13
N ASP Z 118 110.15 -27.57 6.66
CA ASP Z 118 110.52 -26.22 6.94
C ASP Z 118 111.86 -25.96 6.34
N ALA Z 119 112.09 -26.50 5.13
CA ALA Z 119 113.33 -26.27 4.45
C ALA Z 119 113.29 -24.83 3.96
N GLU AA 7 -76.52 -6.63 60.13
CA GLU AA 7 -76.11 -5.38 59.45
C GLU AA 7 -77.31 -4.72 58.87
N GLN AA 8 -77.43 -4.74 57.53
CA GLN AA 8 -78.53 -4.14 56.88
C GLN AA 8 -79.69 -5.08 57.02
N GLN AA 9 -80.90 -4.60 56.70
CA GLN AA 9 -82.06 -5.44 56.73
C GLN AA 9 -82.89 -5.06 55.54
N ILE AA 10 -83.30 -6.06 54.74
CA ILE AA 10 -84.15 -5.76 53.63
C ILE AA 10 -85.41 -6.51 53.88
N GLU AA 11 -86.56 -5.83 53.77
CA GLU AA 11 -87.79 -6.53 53.98
C GLU AA 11 -88.63 -6.31 52.77
N VAL AA 12 -88.92 -7.41 52.02
CA VAL AA 12 -89.71 -7.23 50.84
C VAL AA 12 -89.65 -8.45 49.99
N PRO AA 13 -90.58 -8.57 49.09
CA PRO AA 13 -91.78 -7.78 49.09
C PRO AA 13 -92.82 -8.73 49.54
N GLU AA 14 -94.05 -8.26 49.69
CA GLU AA 14 -95.14 -9.16 49.85
C GLU AA 14 -95.35 -9.57 48.43
N GLY AA 15 -95.95 -10.72 48.17
CA GLY AA 15 -96.16 -11.08 46.80
C GLY AA 15 -95.07 -12.01 46.42
N VAL AA 16 -93.93 -11.91 47.11
CA VAL AA 16 -92.91 -12.84 46.76
C VAL AA 16 -92.40 -13.40 48.03
N THR AA 17 -92.18 -14.73 48.06
CA THR AA 17 -91.75 -15.33 49.28
C THR AA 17 -90.25 -15.39 49.21
N VAL AA 18 -89.62 -15.98 50.24
CA VAL AA 18 -88.20 -16.08 50.39
C VAL AA 18 -87.99 -17.54 50.71
N SER AA 19 -87.53 -17.85 51.94
CA SER AA 19 -87.19 -19.19 52.32
C SER AA 19 -85.97 -19.80 51.71
N ILE AA 20 -84.83 -19.48 52.37
CA ILE AA 20 -83.48 -19.93 52.10
C ILE AA 20 -83.02 -20.82 53.23
N LYS AA 21 -82.34 -21.93 52.88
CA LYS AA 21 -81.79 -22.83 53.85
C LYS AA 21 -80.40 -23.20 53.41
N SER AA 22 -79.45 -23.25 54.37
CA SER AA 22 -78.11 -23.67 54.09
C SER AA 22 -77.54 -22.94 52.92
N ARG AA 23 -77.60 -21.59 52.97
CA ARG AA 23 -76.99 -20.71 52.02
C ARG AA 23 -77.45 -20.94 50.61
N ILE AA 24 -78.58 -21.63 50.35
CA ILE AA 24 -78.86 -21.70 48.94
C ILE AA 24 -79.49 -20.42 48.46
N VAL AA 25 -80.49 -19.93 49.23
CA VAL AA 25 -81.30 -18.77 48.97
C VAL AA 25 -82.29 -19.14 47.94
N LYS AA 26 -83.24 -18.23 47.68
CA LYS AA 26 -84.30 -18.49 46.76
C LYS AA 26 -84.90 -17.17 46.45
N VAL AA 27 -86.15 -17.20 45.93
CA VAL AA 27 -86.97 -16.08 45.64
C VAL AA 27 -88.26 -16.81 45.48
N VAL AA 28 -89.35 -16.22 44.95
CA VAL AA 28 -90.53 -17.03 44.82
C VAL AA 28 -91.23 -16.63 43.55
N GLY AA 29 -92.35 -15.88 43.63
CA GLY AA 29 -93.01 -15.61 42.39
C GLY AA 29 -93.56 -14.23 42.38
N PRO AA 30 -94.62 -13.99 41.65
CA PRO AA 30 -95.28 -15.01 40.84
C PRO AA 30 -94.43 -15.48 39.71
N ARG AA 31 -93.55 -14.60 39.20
CA ARG AA 31 -92.66 -14.99 38.14
C ARG AA 31 -91.80 -16.04 38.78
N GLY AA 32 -91.07 -16.80 37.96
CA GLY AA 32 -90.32 -17.91 38.48
C GLY AA 32 -89.30 -17.44 39.46
N THR AA 33 -88.78 -18.39 40.26
CA THR AA 33 -87.87 -18.14 41.34
C THR AA 33 -86.46 -18.29 40.86
N LEU AA 34 -85.52 -17.58 41.54
CA LEU AA 34 -84.13 -17.69 41.27
C LEU AA 34 -83.47 -18.03 42.56
N THR AA 35 -82.34 -18.77 42.48
CA THR AA 35 -81.60 -19.07 43.66
C THR AA 35 -80.23 -18.55 43.40
N LYS AA 36 -79.45 -18.27 44.46
CA LYS AA 36 -78.10 -17.81 44.33
C LYS AA 36 -77.38 -18.20 45.59
N ASN AA 37 -76.21 -18.88 45.46
CA ASN AA 37 -75.55 -19.43 46.61
C ASN AA 37 -75.21 -18.38 47.63
N LEU AA 38 -74.53 -17.30 47.24
CA LEU AA 38 -74.28 -16.30 48.23
C LEU AA 38 -73.50 -16.80 49.40
N LYS AA 39 -72.45 -17.62 49.16
CA LYS AA 39 -71.65 -18.00 50.29
C LYS AA 39 -70.28 -17.43 50.09
N HIS AA 40 -69.72 -16.78 51.13
CA HIS AA 40 -68.40 -16.25 50.96
C HIS AA 40 -67.87 -15.77 52.26
N ILE AA 41 -66.80 -16.42 52.77
CA ILE AA 41 -66.20 -15.94 53.99
C ILE AA 41 -67.19 -16.05 55.10
N ASP AA 42 -66.71 -16.00 56.36
CA ASP AA 42 -67.64 -16.04 57.45
C ASP AA 42 -68.62 -14.94 57.23
N VAL AA 43 -69.81 -15.33 56.79
CA VAL AA 43 -70.91 -14.47 56.53
C VAL AA 43 -72.05 -15.32 56.95
N THR AA 44 -73.15 -14.68 57.33
CA THR AA 44 -74.31 -15.35 57.81
C THR AA 44 -74.95 -16.11 56.71
N PHE AA 45 -74.76 -15.65 55.46
CA PHE AA 45 -75.57 -16.07 54.35
C PHE AA 45 -76.95 -15.89 54.86
N THR AA 46 -77.47 -14.70 54.54
CA THR AA 46 -78.65 -14.14 55.13
C THR AA 46 -79.75 -15.13 55.25
N LYS AA 47 -80.48 -15.01 56.37
CA LYS AA 47 -81.57 -15.89 56.66
C LYS AA 47 -82.81 -15.05 56.67
N VAL AA 48 -83.96 -15.69 56.37
CA VAL AA 48 -85.19 -14.97 56.41
C VAL AA 48 -85.49 -14.80 57.86
N ASN AA 49 -85.85 -13.57 58.29
CA ASN AA 49 -86.11 -13.45 59.70
C ASN AA 49 -87.58 -13.22 59.90
N ASN AA 50 -88.42 -14.20 59.51
CA ASN AA 50 -89.84 -14.14 59.72
C ASN AA 50 -90.37 -12.88 59.13
N GLN AA 51 -89.62 -12.30 58.18
CA GLN AA 51 -89.95 -11.11 57.48
C GLN AA 51 -89.01 -11.17 56.35
N LEU AA 52 -88.20 -10.13 56.13
CA LEU AA 52 -87.31 -10.37 55.05
C LEU AA 52 -85.92 -10.54 55.50
N ILE AA 53 -85.14 -11.21 54.63
CA ILE AA 53 -83.81 -11.65 54.87
C ILE AA 53 -82.83 -10.54 54.83
N LYS AA 54 -81.95 -10.50 55.83
CA LYS AA 54 -80.86 -9.59 55.71
C LYS AA 54 -79.87 -9.92 56.74
N VAL AA 55 -78.60 -10.21 56.34
CA VAL AA 55 -77.84 -10.62 57.47
C VAL AA 55 -76.42 -10.17 57.42
N ALA AA 56 -75.83 -10.06 58.64
CA ALA AA 56 -74.48 -9.66 58.77
C ALA AA 56 -73.74 -10.60 59.65
N VAL AA 57 -72.44 -10.73 59.36
CA VAL AA 57 -71.59 -11.58 60.14
C VAL AA 57 -70.61 -10.69 60.84
N HIS AA 58 -70.25 -11.03 62.08
CA HIS AA 58 -69.27 -10.22 62.72
C HIS AA 58 -68.05 -10.37 61.88
N ASN AA 59 -67.58 -9.25 61.32
CA ASN AA 59 -66.44 -9.36 60.48
C ASN AA 59 -65.67 -8.11 60.66
N GLY AA 60 -64.75 -7.86 59.73
CA GLY AA 60 -63.92 -6.71 59.84
C GLY AA 60 -64.44 -5.60 58.99
N GLY AA 61 -63.51 -4.97 58.27
CA GLY AA 61 -63.84 -3.85 57.46
C GLY AA 61 -63.98 -4.26 56.04
N ARG AA 62 -63.36 -3.49 55.14
CA ARG AA 62 -63.49 -3.78 53.73
C ARG AA 62 -62.83 -5.07 53.47
N LYS AA 63 -63.60 -5.96 52.83
CA LYS AA 63 -63.23 -7.29 52.44
C LYS AA 63 -64.51 -8.01 52.59
N HIS AA 64 -65.01 -8.13 53.84
CA HIS AA 64 -66.32 -8.66 54.01
C HIS AA 64 -67.23 -7.60 53.48
N VAL AA 65 -66.91 -6.33 53.78
CA VAL AA 65 -67.75 -5.22 53.41
C VAL AA 65 -67.90 -5.27 51.93
N ALA AA 66 -66.83 -5.62 51.19
CA ALA AA 66 -67.12 -5.84 49.81
C ALA AA 66 -67.63 -7.24 49.83
N ALA AA 67 -68.95 -7.33 49.98
CA ALA AA 67 -69.71 -8.52 50.16
C ALA AA 67 -70.65 -8.01 51.20
N LEU AA 68 -71.82 -8.65 51.39
CA LEU AA 68 -72.77 -8.11 52.32
C LEU AA 68 -73.07 -6.68 51.98
N ARG AA 69 -72.88 -6.36 50.69
CA ARG AA 69 -73.20 -5.11 50.06
C ARG AA 69 -73.69 -5.60 48.74
N THR AA 70 -72.83 -6.44 48.15
CA THR AA 70 -73.03 -7.14 46.92
C THR AA 70 -74.15 -8.09 47.14
N VAL AA 71 -74.21 -8.69 48.34
CA VAL AA 71 -75.26 -9.62 48.64
C VAL AA 71 -76.54 -8.87 48.60
N LYS AA 72 -76.52 -7.64 49.13
CA LYS AA 72 -77.70 -6.83 49.22
C LYS AA 72 -78.23 -6.60 47.84
N SER AA 73 -77.35 -6.33 46.87
CA SER AA 73 -77.70 -6.06 45.52
C SER AA 73 -78.11 -7.32 44.83
N LEU AA 74 -77.52 -8.49 45.17
CA LEU AA 74 -77.99 -9.67 44.50
C LEU AA 74 -79.41 -9.88 44.88
N VAL AA 75 -79.71 -9.76 46.18
CA VAL AA 75 -81.09 -9.79 46.56
C VAL AA 75 -81.54 -8.43 46.14
N ASP AA 76 -82.84 -8.14 46.17
CA ASP AA 76 -83.31 -6.85 45.75
C ASP AA 76 -83.17 -6.76 44.27
N ASN AA 77 -82.75 -7.87 43.66
CA ASN AA 77 -82.67 -8.07 42.27
C ASN AA 77 -82.69 -9.53 42.25
N MET AA 78 -83.87 -10.01 42.60
CA MET AA 78 -84.14 -11.37 42.79
C MET AA 78 -85.51 -11.19 43.25
N ILE AA 79 -85.75 -10.07 43.98
CA ILE AA 79 -87.03 -9.57 44.39
C ILE AA 79 -87.69 -9.04 43.16
N THR AA 80 -86.93 -8.25 42.37
CA THR AA 80 -87.47 -7.76 41.15
C THR AA 80 -86.80 -8.59 40.12
N GLY AA 81 -87.45 -9.73 39.83
CA GLY AA 81 -86.99 -10.72 38.93
C GLY AA 81 -87.84 -11.87 39.29
N VAL AA 82 -88.80 -11.61 40.20
CA VAL AA 82 -89.68 -12.64 40.63
C VAL AA 82 -91.03 -12.07 40.51
N THR AA 83 -91.18 -10.76 40.79
CA THR AA 83 -92.42 -10.10 40.58
C THR AA 83 -92.05 -9.01 39.67
N LYS AA 84 -92.76 -8.90 38.53
CA LYS AA 84 -92.38 -8.03 37.45
C LYS AA 84 -90.96 -8.36 37.13
N GLY AA 85 -90.76 -9.17 36.07
CA GLY AA 85 -89.47 -9.71 35.79
C GLY AA 85 -88.62 -8.63 35.22
N TYR AA 86 -87.46 -9.04 34.66
CA TYR AA 86 -86.56 -8.12 34.01
C TYR AA 86 -86.49 -8.43 32.56
N LYS AA 87 -86.63 -7.37 31.73
CA LYS AA 87 -86.49 -7.58 30.33
C LYS AA 87 -85.63 -6.53 29.75
N TYR AA 88 -84.85 -6.89 28.72
CA TYR AA 88 -84.00 -5.95 28.08
C TYR AA 88 -84.47 -5.94 26.71
N LYS AA 89 -84.44 -4.77 26.09
CA LYS AA 89 -85.03 -4.80 24.80
C LYS AA 89 -84.24 -4.00 23.87
N MET AA 90 -83.87 -4.60 22.71
CA MET AA 90 -83.41 -3.77 21.66
C MET AA 90 -83.21 -4.34 20.33
N ARG AA 91 -83.29 -3.36 19.42
CA ARG AA 91 -83.34 -3.43 18.01
C ARG AA 91 -82.11 -3.97 17.41
N TYR AA 92 -82.34 -4.50 16.20
CA TYR AA 92 -81.38 -5.08 15.33
C TYR AA 92 -81.48 -4.08 14.23
N VAL AA 93 -80.44 -3.97 13.36
CA VAL AA 93 -80.49 -3.23 12.12
C VAL AA 93 -79.20 -2.65 11.68
N TYR AA 94 -78.98 -2.75 10.36
CA TYR AA 94 -77.81 -2.17 9.78
C TYR AA 94 -77.91 -2.07 8.32
N ALA AA 95 -76.73 -2.03 7.67
CA ALA AA 95 -76.54 -1.85 6.27
C ALA AA 95 -77.32 -2.86 5.51
N HIS AA 96 -77.18 -2.76 4.18
CA HIS AA 96 -77.99 -3.46 3.25
C HIS AA 96 -78.12 -4.86 3.60
N PHE AA 97 -79.30 -5.35 3.25
CA PHE AA 97 -79.86 -6.59 3.67
C PHE AA 97 -79.83 -6.65 5.10
N PRO AA 98 -81.01 -7.03 5.44
CA PRO AA 98 -81.36 -7.19 6.79
C PRO AA 98 -80.65 -8.35 7.33
N ILE AA 99 -80.81 -8.53 8.66
CA ILE AA 99 -80.25 -9.60 9.42
C ILE AA 99 -81.35 -10.50 9.79
N ASN AA 100 -81.05 -11.79 9.90
CA ASN AA 100 -82.10 -12.65 10.32
C ASN AA 100 -81.82 -13.05 11.73
N VAL AA 101 -82.73 -12.65 12.63
CA VAL AA 101 -82.65 -13.02 14.00
C VAL AA 101 -83.88 -13.81 14.22
N ASN AA 102 -83.74 -14.95 14.92
CA ASN AA 102 -84.84 -15.80 15.22
C ASN AA 102 -84.33 -16.71 16.27
N ILE AA 103 -85.22 -17.27 17.10
CA ILE AA 103 -84.66 -18.11 18.11
C ILE AA 103 -85.29 -19.44 18.00
N VAL AA 104 -84.45 -20.49 18.01
CA VAL AA 104 -84.97 -21.81 18.08
C VAL AA 104 -84.54 -22.27 19.42
N GLU AA 105 -85.17 -23.35 19.93
CA GLU AA 105 -84.89 -23.73 21.27
C GLU AA 105 -83.44 -23.99 21.44
N LYS AA 106 -82.86 -23.40 22.50
CA LYS AA 106 -81.50 -23.61 22.88
C LYS AA 106 -80.59 -22.72 22.09
N ASP AA 107 -79.47 -22.42 22.75
CA ASP AA 107 -78.38 -21.58 22.35
C ASP AA 107 -77.60 -22.21 21.25
N GLY AA 108 -77.51 -23.55 21.26
CA GLY AA 108 -76.71 -24.40 20.39
C GLY AA 108 -76.50 -23.83 19.02
N ALA AA 109 -75.41 -24.27 18.37
CA ALA AA 109 -75.10 -23.78 17.06
C ALA AA 109 -76.26 -24.08 16.18
N LYS AA 110 -76.49 -23.20 15.20
CA LYS AA 110 -77.61 -23.28 14.29
C LYS AA 110 -78.88 -23.32 15.08
N PHE AA 111 -78.91 -22.54 16.19
CA PHE AA 111 -80.08 -22.40 17.00
C PHE AA 111 -80.28 -20.92 17.17
N ILE AA 112 -79.67 -20.33 18.22
CA ILE AA 112 -79.72 -18.91 18.47
C ILE AA 112 -79.37 -18.27 17.16
N GLU AA 113 -80.14 -17.22 16.85
CA GLU AA 113 -80.26 -16.52 15.62
C GLU AA 113 -79.02 -16.10 14.92
N VAL AA 114 -79.24 -14.96 14.22
CA VAL AA 114 -78.37 -14.22 13.36
C VAL AA 114 -77.94 -15.05 12.22
N ARG AA 115 -77.98 -14.43 11.03
CA ARG AA 115 -77.68 -15.08 9.80
C ARG AA 115 -76.74 -14.16 9.11
N ASN AA 116 -77.16 -13.67 7.92
CA ASN AA 116 -76.39 -12.74 7.15
C ASN AA 116 -76.01 -11.63 8.07
N PHE AA 117 -74.78 -11.63 8.59
CA PHE AA 117 -74.49 -10.55 9.48
C PHE AA 117 -74.49 -9.35 8.66
N LEU AA 118 -73.43 -9.20 7.83
CA LEU AA 118 -73.60 -8.15 6.90
C LEU AA 118 -74.67 -8.77 6.14
N GLY AA 119 -74.24 -9.88 5.54
CA GLY AA 119 -75.01 -10.73 4.72
C GLY AA 119 -74.05 -11.81 4.43
N ASP AA 120 -73.48 -12.42 5.48
CA ASP AA 120 -72.51 -13.44 5.25
C ASP AA 120 -73.18 -14.75 5.32
N LYS AA 121 -72.44 -15.77 4.88
CA LYS AA 121 -72.94 -17.10 4.91
C LYS AA 121 -72.50 -17.64 6.21
N LYS AA 122 -73.23 -18.64 6.71
CA LYS AA 122 -72.93 -19.25 7.95
C LYS AA 122 -73.52 -18.37 9.01
N ILE AA 123 -74.30 -19.00 9.92
CA ILE AA 123 -75.03 -18.36 10.96
C ILE AA 123 -74.21 -18.37 12.20
N ARG AA 124 -74.23 -17.27 12.98
CA ARG AA 124 -73.39 -17.39 14.11
C ARG AA 124 -74.08 -17.03 15.36
N ASN AA 125 -74.57 -17.99 16.17
CA ASN AA 125 -75.12 -17.43 17.36
C ASN AA 125 -75.35 -18.40 18.48
N VAL AA 126 -75.07 -17.90 19.72
CA VAL AA 126 -75.27 -18.57 20.98
C VAL AA 126 -74.92 -17.55 22.01
N PRO AA 127 -75.09 -17.80 23.29
CA PRO AA 127 -75.84 -18.93 23.80
C PRO AA 127 -77.09 -18.30 24.38
N VAL AA 128 -77.96 -19.09 25.06
CA VAL AA 128 -79.08 -18.54 25.78
C VAL AA 128 -78.89 -18.99 27.20
N ARG AA 129 -79.36 -18.17 28.15
CA ARG AA 129 -79.23 -18.50 29.55
C ARG AA 129 -80.31 -19.45 29.96
N ASP AA 130 -80.25 -19.87 31.24
CA ASP AA 130 -81.09 -20.90 31.76
C ASP AA 130 -82.55 -20.64 31.66
N GLY AA 131 -83.05 -19.52 32.19
CA GLY AA 131 -84.47 -19.33 32.10
C GLY AA 131 -84.66 -17.95 31.61
N VAL AA 132 -84.54 -17.77 30.28
CA VAL AA 132 -84.74 -16.49 29.70
C VAL AA 132 -85.61 -16.72 28.51
N THR AA 133 -86.41 -15.71 28.13
CA THR AA 133 -87.25 -15.91 27.00
C THR AA 133 -86.83 -14.94 25.97
N ILE AA 134 -86.80 -15.40 24.70
CA ILE AA 134 -86.41 -14.52 23.65
C ILE AA 134 -87.66 -14.30 22.86
N GLU AA 135 -88.22 -13.08 22.92
CA GLU AA 135 -89.37 -12.73 22.14
C GLU AA 135 -88.83 -12.33 20.81
N PHE AA 136 -89.69 -11.95 19.86
CA PHE AA 136 -89.14 -11.58 18.58
C PHE AA 136 -89.73 -10.29 18.13
N SER AA 137 -89.38 -9.90 16.89
CA SER AA 137 -89.70 -8.62 16.33
C SER AA 137 -91.16 -8.44 16.09
N THR AA 138 -91.57 -7.17 16.21
CA THR AA 138 -92.92 -6.75 15.99
C THR AA 138 -93.25 -6.87 14.54
N ASN AA 139 -92.30 -6.48 13.67
CA ASN AA 139 -92.53 -6.51 12.26
C ASN AA 139 -91.65 -7.59 11.73
N VAL AA 140 -91.12 -7.41 10.51
CA VAL AA 140 -90.28 -8.44 9.97
C VAL AA 140 -89.17 -8.62 10.95
N LYS AA 141 -88.43 -7.54 11.30
CA LYS AA 141 -87.43 -7.64 12.30
C LYS AA 141 -87.05 -6.26 12.70
N ASP AA 142 -87.32 -5.87 13.96
CA ASP AA 142 -86.88 -4.57 14.35
C ASP AA 142 -87.06 -4.41 15.82
N GLU AA 143 -86.97 -5.52 16.58
CA GLU AA 143 -87.04 -5.39 18.01
C GLU AA 143 -86.82 -6.73 18.63
N ILE AA 144 -86.18 -6.76 19.81
CA ILE AA 144 -86.04 -8.02 20.49
C ILE AA 144 -86.38 -7.78 21.91
N VAL AA 145 -86.97 -8.79 22.58
CA VAL AA 145 -87.22 -8.64 23.97
C VAL AA 145 -86.60 -9.83 24.63
N LEU AA 146 -85.81 -9.58 25.69
CA LEU AA 146 -85.20 -10.68 26.40
C LEU AA 146 -85.66 -10.52 27.81
N SER AA 147 -86.19 -11.59 28.43
CA SER AA 147 -86.64 -11.41 29.78
C SER AA 147 -86.49 -12.71 30.51
N GLY AA 148 -86.48 -12.64 31.85
CA GLY AA 148 -86.37 -13.84 32.63
C GLY AA 148 -86.30 -13.39 34.04
N ASN AA 149 -86.51 -14.33 34.99
CA ASN AA 149 -86.53 -14.02 36.39
C ASN AA 149 -85.18 -13.57 36.84
N SER AA 150 -84.12 -14.34 36.53
CA SER AA 150 -82.85 -13.91 37.05
C SER AA 150 -82.27 -12.86 36.20
N VAL AA 151 -81.62 -11.86 36.83
CA VAL AA 151 -80.92 -10.89 36.07
C VAL AA 151 -79.51 -11.26 36.31
N GLU AA 152 -78.98 -12.11 35.41
CA GLU AA 152 -77.67 -12.64 35.61
C GLU AA 152 -77.67 -13.76 34.67
N ASP AA 153 -78.78 -13.87 33.90
CA ASP AA 153 -78.85 -14.83 32.84
C ASP AA 153 -79.50 -14.07 31.72
N VAL AA 154 -80.52 -13.27 32.09
CA VAL AA 154 -81.25 -12.42 31.22
C VAL AA 154 -80.33 -11.32 30.82
N SER AA 155 -79.37 -10.97 31.70
CA SER AA 155 -78.42 -9.95 31.41
C SER AA 155 -77.52 -10.37 30.30
N GLN AA 156 -76.72 -11.44 30.49
CA GLN AA 156 -75.86 -11.82 29.43
C GLN AA 156 -76.52 -12.81 28.54
N ASN AA 157 -77.71 -12.43 28.05
CA ASN AA 157 -78.42 -13.15 27.05
C ASN AA 157 -78.61 -12.05 26.07
N ALA AA 158 -79.15 -10.92 26.57
CA ALA AA 158 -79.20 -9.71 25.82
C ALA AA 158 -77.94 -9.05 26.24
N ALA AA 159 -76.90 -9.29 25.43
CA ALA AA 159 -75.53 -9.02 25.68
C ALA AA 159 -75.20 -10.40 25.31
N ASP AA 160 -74.04 -10.68 24.71
CA ASP AA 160 -73.90 -12.05 24.31
C ASP AA 160 -75.00 -12.34 23.32
N LEU AA 161 -75.47 -11.28 22.64
CA LEU AA 161 -76.40 -11.34 21.55
C LEU AA 161 -76.23 -10.04 20.84
N GLN AA 162 -75.52 -9.13 21.51
CA GLN AA 162 -75.16 -7.84 20.99
C GLN AA 162 -73.74 -8.02 20.62
N GLN AA 163 -73.00 -8.62 21.57
CA GLN AA 163 -71.63 -8.92 21.44
C GLN AA 163 -71.55 -9.94 20.37
N ILE AA 164 -72.60 -10.75 20.12
CA ILE AA 164 -72.44 -11.70 19.05
C ILE AA 164 -72.68 -11.04 17.75
N CYS AA 165 -72.28 -9.75 17.64
CA CYS AA 165 -72.40 -9.09 16.38
C CYS AA 165 -71.12 -8.36 16.21
N ARG AA 166 -70.52 -8.01 17.37
CA ARG AA 166 -69.26 -7.37 17.45
C ARG AA 166 -68.33 -8.14 16.59
N VAL AA 167 -67.47 -7.43 15.83
CA VAL AA 167 -66.51 -8.07 14.99
C VAL AA 167 -65.23 -7.31 15.09
N ARG AA 168 -64.11 -8.03 15.21
CA ARG AA 168 -62.85 -7.36 15.22
C ARG AA 168 -62.25 -7.57 13.89
N ASN AA 169 -62.33 -6.53 13.04
CA ASN AA 169 -61.84 -6.61 11.70
C ASN AA 169 -61.67 -5.20 11.26
N LYS AA 170 -62.54 -4.76 10.33
CA LYS AA 170 -62.39 -3.47 9.75
C LYS AA 170 -62.37 -2.41 10.78
N ASP AA 171 -63.50 -2.19 11.46
CA ASP AA 171 -63.59 -1.14 12.42
C ASP AA 171 -65.03 -0.89 12.62
N ILE AA 172 -65.44 -0.54 13.84
CA ILE AA 172 -66.82 -0.18 13.99
C ILE AA 172 -66.82 1.28 13.75
N ARG AA 173 -67.57 1.66 12.70
CA ARG AA 173 -67.54 2.96 12.16
C ARG AA 173 -68.01 2.72 10.78
N LYS AA 174 -67.24 1.89 10.05
CA LYS AA 174 -67.57 1.54 8.70
C LYS AA 174 -68.80 0.69 8.67
N PHE AA 175 -68.83 -0.41 9.46
CA PHE AA 175 -69.98 -1.25 9.43
C PHE AA 175 -70.62 -1.00 10.74
N LEU AA 176 -71.95 -0.90 10.75
CA LEU AA 176 -72.59 -0.83 12.02
C LEU AA 176 -73.81 -1.68 11.92
N ASP AA 177 -73.58 -3.00 11.96
CA ASP AA 177 -74.57 -4.01 11.88
C ASP AA 177 -74.94 -4.23 13.27
N GLY AA 178 -75.25 -5.50 13.60
CA GLY AA 178 -75.40 -5.94 14.95
C GLY AA 178 -76.71 -5.55 15.51
N ILE AA 179 -76.95 -6.05 16.74
CA ILE AA 179 -78.13 -5.76 17.49
C ILE AA 179 -77.65 -5.33 18.83
N TYR AA 180 -78.22 -4.23 19.34
CA TYR AA 180 -77.81 -3.72 20.60
C TYR AA 180 -79.00 -3.55 21.42
N VAL AA 181 -78.86 -3.84 22.73
CA VAL AA 181 -79.97 -3.64 23.58
C VAL AA 181 -79.79 -2.32 24.25
N SER AA 182 -80.39 -1.28 23.66
CA SER AA 182 -80.24 0.00 24.27
C SER AA 182 -81.08 0.10 25.48
N HIS AA 183 -82.22 -0.61 25.50
CA HIS AA 183 -83.12 -0.49 26.61
C HIS AA 183 -82.55 -1.27 27.74
N LYS AA 184 -82.88 -0.84 28.98
CA LYS AA 184 -82.37 -1.45 30.17
C LYS AA 184 -83.54 -1.94 31.01
N ARG BA 4 -21.68 9.17 24.26
CA ARG BA 4 -22.86 8.40 24.67
C ARG BA 4 -22.53 6.96 24.83
N PRO BA 5 -23.14 6.33 25.80
CA PRO BA 5 -24.03 7.04 26.69
C PRO BA 5 -23.25 7.67 27.78
N ALA BA 6 -23.87 8.62 28.52
CA ALA BA 6 -23.16 9.20 29.62
C ALA BA 6 -23.43 8.32 30.80
N ARG BA 7 -22.38 7.61 31.25
CA ARG BA 7 -22.45 6.74 32.40
C ARG BA 7 -21.23 7.04 33.19
N CYS BA 8 -20.09 6.50 32.74
CA CYS BA 8 -18.85 6.78 33.42
C CYS BA 8 -18.44 8.15 33.03
N TYR BA 9 -19.34 9.12 33.27
CA TYR BA 9 -19.06 10.48 32.94
C TYR BA 9 -19.58 11.30 34.06
N ARG BA 10 -20.90 11.18 34.36
CA ARG BA 10 -21.37 11.99 35.43
C ARG BA 10 -21.67 11.30 36.69
N TYR BA 11 -20.57 10.99 37.37
CA TYR BA 11 -20.53 10.63 38.74
C TYR BA 11 -19.21 11.15 39.17
N GLN BA 12 -19.19 11.98 40.23
CA GLN BA 12 -17.90 12.48 40.53
C GLN BA 12 -17.15 11.44 41.30
N LYS BA 13 -16.14 10.82 40.65
CA LYS BA 13 -15.29 9.97 41.40
C LYS BA 13 -13.90 10.36 41.00
N ASN BA 14 -13.69 11.68 40.90
CA ASN BA 14 -12.43 12.26 40.58
C ASN BA 14 -12.38 13.56 41.27
N LYS BA 15 -11.32 14.32 40.99
CA LYS BA 15 -11.24 15.51 41.75
C LYS BA 15 -11.04 16.66 40.80
N PRO BA 16 -10.14 17.58 40.96
CA PRO BA 16 -10.21 18.82 40.23
C PRO BA 16 -9.98 18.70 38.77
N TYR BA 17 -9.82 19.93 38.23
CA TYR BA 17 -9.55 20.44 36.96
C TYR BA 17 -10.52 19.94 36.01
N PRO BA 18 -11.13 20.93 35.41
CA PRO BA 18 -10.46 21.97 34.64
C PRO BA 18 -9.27 22.73 35.15
N LYS BA 19 -8.30 22.95 34.23
CA LYS BA 19 -7.14 23.78 34.35
C LYS BA 19 -6.69 23.89 32.94
N SER BA 20 -6.82 25.09 32.34
CA SER BA 20 -6.48 25.22 30.95
C SER BA 20 -5.00 25.09 30.81
N ARG BA 21 -4.25 25.42 31.87
CA ARG BA 21 -2.82 25.34 31.76
C ARG BA 21 -2.49 23.94 31.42
N TYR BA 22 -3.03 23.07 32.25
CA TYR BA 22 -2.72 21.70 32.19
C TYR BA 22 -3.25 21.11 30.92
N ASN BA 23 -4.50 21.45 30.55
CA ASN BA 23 -5.09 20.74 29.46
C ASN BA 23 -5.31 21.62 28.27
N ARG BA 24 -5.22 20.99 27.08
CA ARG BA 24 -5.48 21.62 25.82
C ARG BA 24 -6.36 20.68 25.06
N ALA BA 25 -6.73 21.05 23.82
CA ALA BA 25 -7.51 20.19 22.98
C ALA BA 25 -8.83 19.91 23.60
N VAL BA 26 -9.36 20.85 24.40
CA VAL BA 26 -10.67 20.66 24.97
C VAL BA 26 -11.64 20.88 23.86
N PRO BA 27 -12.70 20.13 23.82
CA PRO BA 27 -13.67 20.32 22.79
C PRO BA 27 -14.43 21.55 23.13
N ASP BA 28 -14.98 22.25 22.13
CA ASP BA 28 -15.71 23.44 22.45
C ASP BA 28 -17.06 23.00 22.92
N SER BA 29 -17.71 23.83 23.75
CA SER BA 29 -18.99 23.45 24.25
C SER BA 29 -20.00 23.61 23.16
N LYS BA 30 -21.05 22.77 23.20
CA LYS BA 30 -22.07 22.90 22.20
C LYS BA 30 -23.27 23.39 22.92
N ILE BA 31 -23.03 24.28 23.89
CA ILE BA 31 -24.05 24.86 24.71
C ILE BA 31 -24.15 26.29 24.39
N ARG BA 32 -25.23 26.68 23.69
CA ARG BA 32 -25.38 28.04 23.23
C ARG BA 32 -25.44 28.91 24.45
N ILE BA 33 -25.42 30.23 24.21
CA ILE BA 33 -25.31 31.26 25.21
C ILE BA 33 -26.11 30.97 26.42
N TYR BA 34 -25.51 31.35 27.57
CA TYR BA 34 -26.15 31.25 28.84
C TYR BA 34 -26.61 32.62 29.20
N ASP BA 35 -27.60 33.11 28.44
CA ASP BA 35 -28.26 34.38 28.62
C ASP BA 35 -29.41 34.31 27.67
N LEU BA 36 -30.65 34.15 28.16
CA LEU BA 36 -31.69 34.00 27.20
C LEU BA 36 -32.77 34.98 27.49
N GLY BA 37 -33.67 35.16 26.51
CA GLY BA 37 -34.76 36.07 26.66
C GLY BA 37 -34.15 37.41 26.58
N LYS BA 38 -34.91 38.45 26.97
CA LYS BA 38 -34.34 39.75 26.95
C LYS BA 38 -33.48 39.82 28.16
N LYS BA 39 -32.22 40.25 27.98
CA LYS BA 39 -31.31 40.33 29.07
C LYS BA 39 -31.51 41.69 29.62
N LYS BA 40 -30.44 42.51 29.66
CA LYS BA 40 -30.43 43.87 30.09
C LYS BA 40 -31.41 44.14 31.19
N ALA BA 41 -32.65 44.50 30.83
CA ALA BA 41 -33.62 44.87 31.83
C ALA BA 41 -33.76 43.80 32.84
N THR BA 42 -33.92 44.24 34.11
CA THR BA 42 -34.02 43.32 35.20
C THR BA 42 -35.33 42.61 35.08
N VAL BA 43 -35.26 41.32 34.73
CA VAL BA 43 -36.39 40.47 34.60
C VAL BA 43 -36.93 40.25 35.97
N ASP BA 44 -36.04 40.44 36.97
CA ASP BA 44 -36.27 40.10 38.34
C ASP BA 44 -37.58 40.70 38.76
N GLU BA 45 -37.93 41.88 38.27
CA GLU BA 45 -39.25 42.30 38.62
C GLU BA 45 -40.19 41.44 37.82
N PHE BA 46 -40.82 40.45 38.48
CA PHE BA 46 -41.73 39.54 37.83
C PHE BA 46 -42.64 38.91 38.84
N PRO BA 47 -43.82 38.50 38.43
CA PRO BA 47 -44.63 37.63 39.25
C PRO BA 47 -44.22 36.27 38.78
N LEU BA 48 -44.63 35.18 39.44
CA LEU BA 48 -44.25 33.88 38.92
C LEU BA 48 -42.79 33.71 39.17
N CYS BA 49 -42.34 32.45 39.40
CA CYS BA 49 -40.95 32.35 39.76
C CYS BA 49 -40.25 31.27 39.06
N VAL BA 50 -39.61 30.42 39.87
CA VAL BA 50 -38.53 29.68 39.32
C VAL BA 50 -38.75 28.23 39.27
N HIS BA 51 -37.68 27.53 38.86
CA HIS BA 51 -37.74 26.12 38.72
C HIS BA 51 -36.44 25.51 39.04
N LEU BA 52 -36.07 24.62 38.11
CA LEU BA 52 -34.79 24.03 37.89
C LEU BA 52 -34.04 23.62 39.12
N VAL BA 53 -34.52 22.60 39.85
CA VAL BA 53 -33.70 22.17 40.94
C VAL BA 53 -33.26 20.78 40.61
N SER BA 54 -31.96 20.50 40.78
CA SER BA 54 -31.37 19.26 40.39
C SER BA 54 -31.88 18.07 41.15
N ASN BA 55 -31.81 18.11 42.49
CA ASN BA 55 -32.21 16.97 43.28
C ASN BA 55 -31.32 15.80 43.00
N GLU BA 56 -29.98 16.02 42.83
CA GLU BA 56 -29.15 14.87 42.60
C GLU BA 56 -27.74 15.27 42.85
N LEU BA 57 -26.80 14.47 42.33
CA LEU BA 57 -25.40 14.71 42.48
C LEU BA 57 -24.95 15.38 41.23
N GLU BA 58 -24.12 14.73 40.39
CA GLU BA 58 -23.64 15.67 39.44
C GLU BA 58 -23.28 15.24 38.06
N GLN BA 59 -22.46 16.17 37.52
CA GLN BA 59 -21.75 16.35 36.29
C GLN BA 59 -22.48 16.28 35.00
N LEU BA 60 -23.46 17.16 34.71
CA LEU BA 60 -24.02 17.05 33.39
C LEU BA 60 -23.05 17.57 32.38
N SER BA 61 -22.93 16.87 31.23
CA SER BA 61 -22.04 17.24 30.16
C SER BA 61 -22.70 18.32 29.36
N SER BA 62 -21.90 19.00 28.51
CA SER BA 62 -22.40 20.05 27.67
C SER BA 62 -23.33 19.41 26.71
N GLU BA 63 -23.15 18.10 26.46
CA GLU BA 63 -24.04 17.40 25.58
C GLU BA 63 -25.38 17.33 26.25
N ALA BA 64 -25.37 17.29 27.59
CA ALA BA 64 -26.54 17.27 28.42
C ALA BA 64 -27.17 18.59 28.49
N LEU BA 65 -26.36 19.66 28.56
CA LEU BA 65 -26.97 20.94 28.67
C LEU BA 65 -26.61 21.63 27.42
N GLU BA 66 -27.59 21.84 26.52
CA GLU BA 66 -27.34 22.45 25.27
C GLU BA 66 -28.35 21.83 24.36
N ALA BA 67 -28.99 20.77 24.84
CA ALA BA 67 -30.12 20.18 24.22
C ALA BA 67 -30.71 19.66 25.46
N ALA BA 68 -31.35 20.59 26.18
CA ALA BA 68 -31.90 20.46 27.48
C ALA BA 68 -31.42 21.72 28.05
N ARG BA 69 -32.08 22.80 27.60
CA ARG BA 69 -31.80 24.19 27.68
C ARG BA 69 -31.90 24.22 26.21
N ILE BA 70 -32.06 25.37 25.50
CA ILE BA 70 -32.50 25.39 24.11
C ILE BA 70 -32.86 24.07 23.54
N CYS BA 71 -34.13 23.81 23.87
CA CYS BA 71 -35.03 22.71 23.76
C CYS BA 71 -36.05 23.33 24.63
N ALA BA 72 -35.50 23.80 25.77
CA ALA BA 72 -36.11 24.52 26.82
C ALA BA 72 -36.55 25.82 26.31
N ASN BA 73 -35.65 26.53 25.63
CA ASN BA 73 -35.92 27.84 25.14
C ASN BA 73 -36.90 27.70 24.04
N LYS BA 74 -36.76 26.62 23.25
CA LYS BA 74 -37.58 26.46 22.09
C LYS BA 74 -39.01 26.52 22.51
N TYR BA 75 -39.38 25.82 23.60
CA TYR BA 75 -40.75 25.97 23.98
C TYR BA 75 -40.79 26.99 25.06
N MET BA 76 -40.32 28.21 24.72
CA MET BA 76 -40.35 29.36 25.56
C MET BA 76 -40.55 30.45 24.56
N THR BA 77 -40.45 30.03 23.29
CA THR BA 77 -40.60 30.81 22.10
C THR BA 77 -42.02 31.20 22.03
N THR BA 78 -42.88 30.39 22.67
CA THR BA 78 -44.29 30.59 22.63
C THR BA 78 -44.54 31.99 23.09
N VAL BA 79 -43.77 32.49 24.07
CA VAL BA 79 -44.02 33.84 24.48
C VAL BA 79 -43.38 34.79 23.52
N SER BA 80 -43.90 34.78 22.28
CA SER BA 80 -43.64 35.72 21.23
C SER BA 80 -42.23 36.19 21.10
N GLY BA 81 -41.29 35.28 20.79
CA GLY BA 81 -39.94 35.69 20.46
C GLY BA 81 -39.39 36.55 21.55
N ARG BA 82 -39.26 37.84 21.24
CA ARG BA 82 -38.67 38.77 22.15
C ARG BA 82 -39.74 39.39 22.98
N ASP BA 83 -40.52 38.60 23.75
CA ASP BA 83 -41.38 39.39 24.57
C ASP BA 83 -41.75 38.75 25.85
N ALA BA 84 -40.80 38.84 26.81
CA ALA BA 84 -40.91 38.40 28.16
C ALA BA 84 -39.71 37.57 28.44
N PHE BA 85 -39.61 37.22 29.73
CA PHE BA 85 -38.66 36.44 30.47
C PHE BA 85 -37.24 36.49 30.04
N HIS BA 86 -36.38 36.24 31.04
CA HIS BA 86 -35.01 36.09 30.71
C HIS BA 86 -34.66 34.71 31.13
N LEU BA 87 -33.80 34.00 30.38
CA LEU BA 87 -33.50 32.69 30.84
C LEU BA 87 -32.11 32.74 31.33
N ARG BA 88 -31.85 32.03 32.42
CA ARG BA 88 -30.56 32.04 33.00
C ARG BA 88 -30.17 30.63 33.07
N VAL BA 89 -28.86 30.36 32.94
CA VAL BA 89 -28.38 29.04 33.17
C VAL BA 89 -27.44 29.29 34.28
N ARG BA 90 -27.17 28.28 35.10
CA ARG BA 90 -26.27 28.63 36.13
C ARG BA 90 -24.94 28.20 35.66
N VAL BA 91 -24.48 27.09 36.25
CA VAL BA 91 -23.17 26.54 36.12
C VAL BA 91 -22.75 26.26 34.71
N HIS BA 92 -21.42 26.34 34.51
CA HIS BA 92 -20.73 26.09 33.28
C HIS BA 92 -20.09 24.72 33.36
N PRO BA 93 -19.85 24.24 32.18
CA PRO BA 93 -19.25 22.97 31.89
C PRO BA 93 -17.83 22.87 32.19
N PHE BA 94 -17.21 23.88 32.82
CA PHE BA 94 -15.85 23.74 33.24
C PHE BA 94 -15.93 22.49 34.03
N HIS BA 95 -14.81 21.76 34.00
CA HIS BA 95 -14.67 20.42 34.45
C HIS BA 95 -14.30 19.82 33.17
N VAL BA 96 -13.27 18.98 33.12
CA VAL BA 96 -12.91 18.37 31.88
C VAL BA 96 -12.88 16.93 32.21
N LEU BA 97 -13.18 16.04 31.24
CA LEU BA 97 -13.12 14.65 31.54
C LEU BA 97 -12.18 14.02 30.55
N ARG BA 98 -11.62 12.85 30.92
CA ARG BA 98 -10.70 12.17 30.07
C ARG BA 98 -11.23 10.80 29.93
N ILE BA 99 -10.90 10.10 28.83
CA ILE BA 99 -11.40 8.76 28.70
C ILE BA 99 -10.30 7.87 28.22
N ASN BA 100 -10.49 6.56 28.48
CA ASN BA 100 -9.57 5.49 28.26
C ASN BA 100 -8.74 5.69 27.03
N LYS BA 101 -7.44 5.97 27.26
CA LYS BA 101 -6.41 5.99 26.27
C LYS BA 101 -5.46 4.98 26.84
N MET BA 102 -5.33 3.80 26.20
CA MET BA 102 -4.67 2.68 26.84
C MET BA 102 -3.21 2.93 27.09
N LEU BA 103 -2.87 3.55 28.24
CA LEU BA 103 -1.49 3.68 28.58
C LEU BA 103 -1.32 3.81 30.07
N SER BA 104 -2.28 4.43 30.78
CA SER BA 104 -2.07 4.61 32.21
C SER BA 104 -2.13 3.35 33.02
N CYS BA 105 -3.35 2.88 33.38
CA CYS BA 105 -3.45 1.84 34.37
C CYS BA 105 -4.15 0.63 33.86
N ALA BA 106 -5.31 0.29 34.44
CA ALA BA 106 -6.01 -0.88 33.97
C ALA BA 106 -7.37 -0.87 34.56
N GLY BA 107 -8.28 -1.72 34.01
CA GLY BA 107 -9.60 -1.83 34.55
C GLY BA 107 -10.44 -0.69 34.10
N ALA BA 108 -11.16 -0.08 35.05
CA ALA BA 108 -12.12 0.96 34.80
C ALA BA 108 -11.44 2.15 34.21
N ASP BA 109 -12.26 3.10 33.71
CA ASP BA 109 -11.75 4.27 33.07
C ASP BA 109 -10.97 5.03 34.09
N ARG BA 110 -10.23 6.05 33.60
CA ARG BA 110 -9.30 6.87 34.33
C ARG BA 110 -8.20 5.96 34.80
N LEU BA 111 -8.17 4.77 34.16
CA LEU BA 111 -7.17 3.76 34.29
C LEU BA 111 -7.05 3.26 32.89
N GLN BA 112 -5.88 2.76 32.48
CA GLN BA 112 -5.76 2.41 31.10
C GLN BA 112 -5.07 1.08 30.98
N GLN BA 113 -3.90 1.08 30.32
CA GLN BA 113 -3.10 -0.11 30.22
C GLN BA 113 -1.84 0.19 30.96
N GLY BA 114 -1.08 -0.83 31.38
CA GLY BA 114 0.16 -0.53 32.05
C GLY BA 114 -0.18 0.11 33.36
N MET BA 115 0.79 0.86 33.91
CA MET BA 115 0.54 1.56 35.14
C MET BA 115 1.07 2.91 34.94
N ARG BA 116 0.23 3.91 35.23
CA ARG BA 116 0.64 5.24 34.94
C ARG BA 116 0.68 5.35 33.46
N GLY BA 117 0.64 6.59 32.94
CA GLY BA 117 0.74 6.59 31.53
C GLY BA 117 -0.37 7.40 31.01
N ALA BA 118 -1.03 6.88 29.97
CA ALA BA 118 -2.03 7.69 29.40
C ALA BA 118 -3.16 7.90 30.32
N TRP BA 119 -3.37 9.17 30.70
CA TRP BA 119 -4.57 9.46 31.41
C TRP BA 119 -5.52 9.51 30.27
N GLY BA 120 -6.83 9.53 30.52
CA GLY BA 120 -7.70 9.52 29.40
C GLY BA 120 -7.44 10.77 28.64
N LYS BA 121 -7.62 10.69 27.31
CA LYS BA 121 -7.46 11.80 26.45
C LYS BA 121 -8.69 12.64 26.59
N PRO BA 122 -8.52 13.94 26.50
CA PRO BA 122 -9.61 14.86 26.63
C PRO BA 122 -10.73 14.56 25.70
N HIS BA 123 -11.96 14.45 26.23
CA HIS BA 123 -13.09 14.27 25.38
C HIS BA 123 -14.29 14.78 26.13
N GLY BA 124 -14.62 16.08 26.01
CA GLY BA 124 -15.82 16.59 26.60
C GLY BA 124 -15.57 17.22 27.94
N LEU BA 125 -16.57 18.03 28.38
CA LEU BA 125 -16.58 18.73 29.64
C LEU BA 125 -18.00 18.69 30.17
N ALA BA 126 -18.18 18.68 31.52
CA ALA BA 126 -19.48 18.71 32.08
C ALA BA 126 -19.46 19.46 33.37
N ALA BA 127 -20.50 20.28 33.65
CA ALA BA 127 -20.60 20.98 34.91
C ALA BA 127 -21.12 19.95 35.83
N ARG BA 128 -20.93 20.10 37.17
CA ARG BA 128 -21.44 19.18 38.15
C ARG BA 128 -22.32 19.99 38.99
N VAL BA 129 -23.20 19.33 39.78
CA VAL BA 129 -24.11 20.07 40.61
C VAL BA 129 -24.30 19.31 41.88
N ASP BA 130 -24.99 19.93 42.86
CA ASP BA 130 -25.20 19.31 44.15
C ASP BA 130 -26.61 18.82 44.26
N ILE BA 131 -27.01 18.42 45.47
CA ILE BA 131 -28.32 17.87 45.73
C ILE BA 131 -29.35 18.89 45.39
N GLY BA 132 -29.18 20.14 45.87
CA GLY BA 132 -30.19 21.11 45.55
C GLY BA 132 -29.49 22.34 45.08
N GLN BA 133 -29.53 22.55 43.76
CA GLN BA 133 -28.99 23.73 43.18
C GLN BA 133 -29.95 24.08 42.11
N ILE BA 134 -29.92 25.32 41.61
CA ILE BA 134 -30.86 25.65 40.59
C ILE BA 134 -30.11 25.54 39.29
N ILE BA 135 -30.51 24.58 38.42
CA ILE BA 135 -29.79 24.39 37.21
C ILE BA 135 -29.96 25.57 36.32
N PHE BA 136 -31.20 25.91 35.95
CA PHE BA 136 -31.29 27.12 35.20
C PHE BA 136 -32.64 27.69 35.19
N SER BA 137 -32.69 28.93 35.67
CA SER BA 137 -33.90 29.54 36.10
C SER BA 137 -34.12 30.85 35.43
N VAL BA 138 -35.35 31.34 35.67
CA VAL BA 138 -35.87 32.66 35.46
C VAL BA 138 -37.25 32.62 34.92
N ARG BA 139 -38.01 33.71 35.18
CA ARG BA 139 -39.39 33.73 34.86
C ARG BA 139 -39.86 35.11 34.62
N THR BA 140 -41.17 35.19 34.28
CA THR BA 140 -41.77 36.46 34.05
C THR BA 140 -43.09 36.35 34.71
N LYS BA 141 -43.97 37.35 34.48
CA LYS BA 141 -45.28 37.34 35.01
C LYS BA 141 -45.93 36.12 34.49
N ASP BA 142 -47.04 35.71 35.12
CA ASP BA 142 -47.73 34.53 34.71
C ASP BA 142 -48.24 34.81 33.33
N SER BA 143 -47.44 34.43 32.31
CA SER BA 143 -47.80 34.69 30.94
C SER BA 143 -49.01 33.89 30.62
N ASN BA 144 -48.92 32.58 30.90
CA ASN BA 144 -49.98 31.67 30.64
C ASN BA 144 -50.13 30.97 31.95
N LYS BA 145 -50.58 29.71 31.93
CA LYS BA 145 -50.66 29.03 33.19
C LYS BA 145 -49.24 29.01 33.68
N ASP BA 146 -48.30 28.67 32.78
CA ASP BA 146 -46.90 28.65 33.10
C ASP BA 146 -46.23 27.90 31.99
N VAL BA 147 -46.02 28.60 30.86
CA VAL BA 147 -45.43 27.97 29.72
C VAL BA 147 -44.06 27.53 30.10
N VAL BA 148 -43.36 28.37 30.89
CA VAL BA 148 -42.03 28.16 31.34
C VAL BA 148 -42.02 26.98 32.23
N VAL BA 149 -43.11 26.75 32.98
CA VAL BA 149 -43.20 25.57 33.80
C VAL BA 149 -43.27 24.39 32.89
N GLU BA 150 -43.95 24.54 31.73
CA GLU BA 150 -43.98 23.49 30.76
C GLU BA 150 -42.60 23.35 30.27
N GLY BA 151 -41.92 24.50 30.10
CA GLY BA 151 -40.54 24.44 29.78
C GLY BA 151 -40.01 23.77 31.01
N LEU BA 152 -38.89 23.09 30.87
CA LEU BA 152 -38.30 22.37 31.95
C LEU BA 152 -38.99 21.09 32.14
N ARG BA 153 -40.22 20.96 31.61
CA ARG BA 153 -40.72 19.64 31.69
C ARG BA 153 -39.88 18.90 30.74
N ARG BA 154 -39.69 19.54 29.58
CA ARG BA 154 -38.92 18.99 28.53
C ARG BA 154 -37.50 19.12 28.92
N ALA BA 155 -37.12 20.23 29.62
CA ALA BA 155 -35.76 20.51 30.03
C ALA BA 155 -35.34 19.38 30.86
N ARG BA 156 -36.12 19.01 31.89
CA ARG BA 156 -35.80 17.84 32.64
C ARG BA 156 -36.21 16.79 31.67
N TYR BA 157 -35.73 15.54 31.82
CA TYR BA 157 -35.95 14.52 30.82
C TYR BA 157 -34.91 14.60 29.75
N LYS BA 158 -33.87 15.43 30.01
CA LYS BA 158 -32.64 15.23 29.35
C LYS BA 158 -31.62 15.77 30.28
N PHE BA 159 -31.49 15.11 31.42
CA PHE BA 159 -30.52 15.35 32.45
C PHE BA 159 -30.41 14.03 33.11
N PRO BA 160 -29.27 13.63 33.59
CA PRO BA 160 -29.26 12.37 34.25
C PRO BA 160 -30.03 12.45 35.53
N GLY BA 161 -30.17 13.66 36.12
CA GLY BA 161 -30.83 13.77 37.38
C GLY BA 161 -32.31 13.91 37.21
N GLN BA 162 -33.01 13.74 38.34
CA GLN BA 162 -34.43 13.89 38.44
C GLN BA 162 -34.60 15.27 38.99
N GLN BA 163 -35.08 16.19 38.15
CA GLN BA 163 -35.14 17.59 38.51
C GLN BA 163 -36.50 17.93 39.03
N LYS BA 164 -36.53 18.77 40.08
CA LYS BA 164 -37.80 19.17 40.60
C LYS BA 164 -38.15 20.47 39.97
N ILE BA 165 -39.45 20.63 39.65
CA ILE BA 165 -39.95 21.81 39.02
C ILE BA 165 -39.77 22.96 39.94
N ILE BA 166 -40.07 22.74 41.23
CA ILE BA 166 -40.07 23.71 42.29
C ILE BA 166 -40.98 24.85 41.94
N LEU BA 167 -41.87 25.16 42.89
CA LEU BA 167 -42.85 26.17 42.67
C LEU BA 167 -42.22 27.50 42.89
N SER BA 168 -42.81 28.52 42.25
CA SER BA 168 -42.36 29.88 42.34
C SER BA 168 -42.30 30.25 43.81
N ASN CA 6 -1.93 86.03 48.61
CA ASN CA 6 -2.11 86.73 47.33
C ASN CA 6 -0.97 86.48 46.39
N PRO CA 7 0.17 87.09 46.61
CA PRO CA 7 1.30 86.89 45.74
C PRO CA 7 1.59 85.42 45.64
N MET CA 8 1.30 84.66 46.71
CA MET CA 8 1.55 83.26 46.73
C MET CA 8 0.70 82.61 45.68
N ARG CA 9 -0.57 83.00 45.59
CA ARG CA 9 -1.55 82.40 44.75
C ARG CA 9 -1.17 82.59 43.33
N ASP CA 10 -0.50 83.72 43.04
CA ASP CA 10 -0.15 84.05 41.68
C ASP CA 10 0.58 82.90 41.06
N LEU CA 11 0.50 82.82 39.71
CA LEU CA 11 1.11 81.75 38.98
C LEU CA 11 2.35 82.23 38.30
N LYS CA 12 3.44 81.44 38.42
CA LYS CA 12 4.69 81.74 37.78
C LYS CA 12 5.17 80.48 37.14
N ILE CA 13 6.18 80.57 36.24
CA ILE CA 13 6.59 79.37 35.62
C ILE CA 13 7.76 78.79 36.27
N GLU CA 14 7.57 77.53 36.67
CA GLU CA 14 8.64 76.78 37.20
C GLU CA 14 9.14 76.17 35.96
N LYS CA 15 10.01 75.19 36.13
CA LYS CA 15 10.80 74.59 35.14
C LYS CA 15 10.09 74.39 33.88
N LEU CA 16 10.65 74.97 32.82
CA LEU CA 16 10.30 74.55 31.51
C LEU CA 16 11.50 73.81 31.05
N VAL CA 17 11.57 73.37 29.81
CA VAL CA 17 12.75 72.66 29.46
C VAL CA 17 12.45 72.41 28.07
N LEU CA 18 13.38 72.65 27.12
CA LEU CA 18 12.92 72.37 25.80
C LEU CA 18 13.17 70.93 25.55
N ASN CA 19 13.21 70.52 24.28
CA ASN CA 19 13.46 69.14 24.05
C ASN CA 19 13.68 69.05 22.58
N ILE CA 20 13.93 67.83 22.07
CA ILE CA 20 14.12 67.68 20.67
C ILE CA 20 13.42 66.44 20.30
N SER CA 21 13.46 66.11 19.00
CA SER CA 21 12.77 64.95 18.54
C SER CA 21 13.57 63.73 18.83
N VAL CA 22 12.93 62.58 18.61
CA VAL CA 22 13.53 61.32 18.88
C VAL CA 22 14.29 60.88 17.68
N GLY CA 23 15.26 59.95 17.92
CA GLY CA 23 16.11 59.45 16.89
C GLY CA 23 17.47 59.76 17.39
N GLU CA 24 18.51 59.47 16.59
CA GLU CA 24 19.83 59.80 17.05
C GLU CA 24 19.99 61.28 16.82
N SER CA 25 20.93 61.94 17.54
CA SER CA 25 21.11 63.36 17.39
C SER CA 25 22.53 63.64 16.98
N GLY CA 26 22.73 64.73 16.22
CA GLY CA 26 24.07 65.07 15.81
C GLY CA 26 24.58 63.88 15.05
N ASP CA 27 23.79 63.37 14.09
CA ASP CA 27 24.15 62.18 13.39
C ASP CA 27 25.44 62.36 12.65
N ARG CA 28 25.55 63.39 11.79
CA ARG CA 28 26.75 63.50 11.02
C ARG CA 28 27.89 63.71 11.95
N LEU CA 29 27.74 64.73 12.83
CA LEU CA 29 28.72 65.06 13.82
C LEU CA 29 27.88 65.44 15.00
N THR CA 30 28.48 65.52 16.20
CA THR CA 30 27.67 65.87 17.33
C THR CA 30 27.04 67.19 17.04
N ARG CA 31 25.73 67.15 16.74
CA ARG CA 31 24.98 68.30 16.37
C ARG CA 31 23.60 68.09 16.88
N ALA CA 32 22.73 69.08 16.66
CA ALA CA 32 21.36 69.11 17.09
C ALA CA 32 21.36 69.43 18.55
N SER CA 33 22.47 69.12 19.24
CA SER CA 33 22.67 69.56 20.57
C SER CA 33 23.13 70.97 20.41
N LYS CA 34 23.70 71.27 19.23
CA LYS CA 34 24.19 72.59 18.99
C LYS CA 34 23.01 73.50 19.09
N VAL CA 35 21.90 73.12 18.43
CA VAL CA 35 20.71 73.87 18.69
C VAL CA 35 20.38 73.34 20.04
N LEU CA 36 19.72 74.15 20.88
CA LEU CA 36 19.56 73.92 22.28
C LEU CA 36 20.82 74.45 22.87
N GLU CA 37 21.85 74.68 22.04
CA GLU CA 37 23.02 75.29 22.60
C GLU CA 37 22.99 76.68 22.05
N GLN CA 38 23.41 77.64 22.88
CA GLN CA 38 23.32 79.04 22.53
C GLN CA 38 21.87 79.40 22.56
N LEU CA 39 21.04 78.45 23.01
CA LEU CA 39 19.65 78.63 23.21
C LEU CA 39 19.46 78.02 24.56
N SER CA 40 18.91 78.78 25.50
CA SER CA 40 18.62 78.29 26.82
C SER CA 40 19.81 78.22 27.75
N GLY CA 41 21.05 78.21 27.25
CA GLY CA 41 22.16 78.35 28.16
C GLY CA 41 22.74 77.06 28.64
N GLN CA 42 21.95 75.97 28.76
CA GLN CA 42 22.56 74.77 29.24
C GLN CA 42 22.58 73.80 28.12
N THR CA 43 23.04 72.56 28.39
CA THR CA 43 23.04 71.56 27.35
C THR CA 43 22.64 70.20 27.89
N PRO CA 44 21.36 69.86 27.88
CA PRO CA 44 21.05 68.53 28.33
C PRO CA 44 21.15 67.53 27.26
N VAL CA 45 21.24 66.26 27.67
CA VAL CA 45 21.24 65.15 26.78
C VAL CA 45 20.52 64.12 27.55
N GLN CA 46 19.80 63.19 26.86
CA GLN CA 46 19.16 62.15 27.60
C GLN CA 46 19.36 60.88 26.83
N SER CA 47 18.73 59.79 27.30
CA SER CA 47 18.84 58.52 26.63
C SER CA 47 17.48 57.91 26.58
N LYS CA 48 17.37 56.70 25.98
CA LYS CA 48 16.08 56.13 25.85
C LYS CA 48 16.17 54.67 26.16
N ALA CA 49 14.99 54.03 26.15
CA ALA CA 49 14.79 52.62 26.37
C ALA CA 49 14.00 52.21 25.17
N ARG CA 50 13.41 51.00 25.17
CA ARG CA 50 12.68 50.53 24.02
C ARG CA 50 13.52 50.24 22.82
N TYR CA 51 14.08 49.01 22.85
CA TYR CA 51 14.99 48.40 21.92
C TYR CA 51 14.50 48.21 20.52
N THR CA 52 13.46 47.41 20.24
CA THR CA 52 13.37 47.23 18.82
C THR CA 52 12.54 48.26 18.19
N VAL CA 53 13.21 49.16 17.46
CA VAL CA 53 12.40 50.02 16.70
C VAL CA 53 12.64 49.73 15.27
N ARG CA 54 11.52 49.57 14.54
CA ARG CA 54 11.66 49.13 13.20
C ARG CA 54 12.48 50.10 12.44
N THR CA 55 12.14 51.40 12.51
CA THR CA 55 13.00 52.28 11.80
C THR CA 55 13.70 53.09 12.74
N PHE CA 56 13.72 52.56 13.95
CA PHE CA 56 14.55 53.30 14.78
C PHE CA 56 15.61 52.38 15.05
N GLY CA 57 16.35 52.76 16.08
CA GLY CA 57 17.38 51.90 16.43
C GLY CA 57 16.78 50.77 17.11
N ILE CA 58 17.68 49.91 17.54
CA ILE CA 58 17.36 48.84 18.37
C ILE CA 58 18.48 48.93 19.29
N ARG CA 59 18.92 50.16 19.51
CA ARG CA 59 19.95 50.32 20.43
C ARG CA 59 19.24 50.41 21.72
N ARG CA 60 19.87 50.01 22.82
CA ARG CA 60 19.19 50.08 24.07
C ARG CA 60 19.48 51.43 24.59
N ASN CA 61 20.60 51.56 25.33
CA ASN CA 61 20.97 52.86 25.81
C ASN CA 61 21.08 53.73 24.59
N GLU CA 62 20.29 54.82 24.56
CA GLU CA 62 20.14 55.59 23.36
C GLU CA 62 20.78 56.92 23.58
N LYS CA 63 21.41 57.42 22.50
CA LYS CA 63 22.04 58.69 22.43
C LYS CA 63 20.99 59.74 22.43
N ILE CA 64 19.76 59.36 21.97
CA ILE CA 64 18.55 60.13 21.78
C ILE CA 64 18.71 61.47 22.45
N ALA CA 65 18.43 62.54 21.69
CA ALA CA 65 18.83 63.90 21.95
C ALA CA 65 18.37 64.67 23.17
N VAL CA 66 17.12 64.49 23.61
CA VAL CA 66 16.39 65.29 24.58
C VAL CA 66 17.12 66.12 25.56
N HIS CA 67 16.51 67.29 25.87
CA HIS CA 67 17.18 68.14 26.79
C HIS CA 67 16.57 69.46 26.99
N VAL CA 68 17.10 70.12 28.04
CA VAL CA 68 16.89 71.46 28.46
C VAL CA 68 16.21 71.31 29.75
N THR CA 69 15.85 72.42 30.38
CA THR CA 69 15.28 72.47 31.66
C THR CA 69 15.11 73.92 31.72
N VAL CA 70 15.38 74.52 32.89
CA VAL CA 70 15.11 75.90 33.08
C VAL CA 70 15.55 76.21 34.46
N ARG CA 71 14.67 76.95 35.17
CA ARG CA 71 15.06 77.48 36.43
C ARG CA 71 14.13 78.56 36.81
N GLY CA 72 14.76 79.68 37.26
CA GLY CA 72 14.26 81.04 37.33
C GLY CA 72 15.55 81.83 37.30
N PRO CA 73 15.93 82.87 36.55
CA PRO CA 73 15.31 83.53 35.40
C PRO CA 73 15.65 83.05 34.01
N LYS CA 74 16.43 81.96 33.80
CA LYS CA 74 16.85 81.53 32.49
C LYS CA 74 15.69 81.24 31.55
N ALA CA 75 14.58 80.62 32.02
CA ALA CA 75 13.42 80.42 31.25
C ALA CA 75 12.39 81.36 31.71
N GLU CA 76 12.65 82.60 31.26
CA GLU CA 76 12.18 83.95 31.17
C GLU CA 76 13.39 84.21 30.44
N GLU CA 77 13.47 85.22 29.58
CA GLU CA 77 14.64 85.34 28.75
C GLU CA 77 14.99 83.97 28.26
N ILE CA 78 14.02 83.43 27.49
CA ILE CA 78 13.79 82.18 26.84
C ILE CA 78 12.40 81.99 27.32
N LEU CA 79 11.45 81.59 26.45
CA LEU CA 79 10.08 81.66 26.84
C LEU CA 79 9.82 83.13 26.89
N GLU CA 80 10.67 83.84 26.13
CA GLU CA 80 10.66 85.21 25.75
C GLU CA 80 11.29 85.07 24.41
N ARG CA 81 10.61 85.51 23.34
CA ARG CA 81 11.13 85.25 22.03
C ARG CA 81 11.08 83.76 21.82
N GLY CA 82 10.31 83.08 22.68
CA GLY CA 82 10.02 81.67 22.61
C GLY CA 82 8.61 81.65 22.21
N LEU CA 83 7.71 81.91 23.17
CA LEU CA 83 6.35 82.09 22.81
C LEU CA 83 6.44 83.30 21.92
N LYS CA 84 5.46 83.51 21.03
CA LYS CA 84 5.55 84.48 19.96
C LYS CA 84 6.33 83.85 18.88
N VAL CA 85 6.40 82.51 18.92
CA VAL CA 85 6.91 81.76 17.83
C VAL CA 85 5.71 81.05 17.32
N LYS CA 86 5.89 79.90 16.68
CA LYS CA 86 4.74 79.29 16.09
C LYS CA 86 3.70 78.96 17.09
N GLU CA 87 2.53 79.61 16.92
CA GLU CA 87 1.35 79.29 17.66
C GLU CA 87 0.23 79.59 16.71
N TYR CA 88 -0.25 78.58 15.96
CA TYR CA 88 -1.37 78.89 15.12
C TYR CA 88 -2.45 79.22 16.08
N GLN CA 89 -2.62 78.33 17.07
CA GLN CA 89 -3.46 78.59 18.20
C GLN CA 89 -2.53 78.46 19.35
N LEU CA 90 -2.15 79.60 19.95
CA LEU CA 90 -1.17 79.52 21.00
C LEU CA 90 -1.78 78.73 22.09
N ARG CA 91 -3.03 79.05 22.47
CA ARG CA 91 -3.61 78.35 23.57
C ARG CA 91 -5.06 78.15 23.28
N ASP CA 92 -5.72 77.32 24.12
CA ASP CA 92 -7.12 77.02 24.11
C ASP CA 92 -7.25 75.71 24.80
N ARG CA 93 -7.75 74.77 23.99
CA ARG CA 93 -7.90 73.37 24.21
C ARG CA 93 -6.50 72.88 24.36
N ASN CA 94 -5.55 73.66 23.80
CA ASN CA 94 -4.17 73.29 23.70
C ASN CA 94 -3.66 72.86 25.04
N PHE CA 95 -3.80 73.69 26.09
CA PHE CA 95 -3.37 73.12 27.32
C PHE CA 95 -4.46 72.86 28.24
N SER CA 96 -4.13 72.10 29.30
CA SER CA 96 -5.24 71.57 29.98
C SER CA 96 -5.18 71.77 31.45
N ALA CA 97 -6.10 71.04 32.12
CA ALA CA 97 -6.27 71.11 33.53
C ALA CA 97 -5.01 70.69 34.18
N THR CA 98 -4.39 71.67 34.84
CA THR CA 98 -3.17 71.52 35.55
C THR CA 98 -2.59 72.88 35.45
N GLY CA 99 -2.89 73.52 34.31
CA GLY CA 99 -2.36 74.78 33.94
C GLY CA 99 -1.94 74.66 32.50
N ASN CA 100 -0.62 74.79 32.27
CA ASN CA 100 -0.02 74.86 30.97
C ASN CA 100 0.25 73.56 30.33
N PHE CA 101 0.43 73.65 28.99
CA PHE CA 101 0.85 72.57 28.17
C PHE CA 101 1.60 73.07 27.02
N GLY CA 102 1.99 72.08 26.18
CA GLY CA 102 2.60 72.24 24.90
C GLY CA 102 2.17 71.01 24.15
N PHE CA 103 1.52 71.16 22.98
CA PHE CA 103 1.09 69.98 22.26
C PHE CA 103 0.94 70.39 20.83
N GLY CA 104 0.12 69.57 20.13
CA GLY CA 104 -0.24 69.70 18.75
C GLY CA 104 -1.42 68.79 18.58
N ILE CA 105 -1.36 67.85 17.61
CA ILE CA 105 -2.44 66.91 17.50
C ILE CA 105 -1.92 65.62 18.05
N ASP CA 106 -2.68 64.98 18.96
CA ASP CA 106 -2.21 63.75 19.51
C ASP CA 106 -2.66 62.62 18.64
N GLU CA 107 -2.14 61.40 18.93
CA GLU CA 107 -2.47 60.23 18.16
C GLU CA 107 -3.02 59.22 19.11
N HIS CA 108 -3.78 58.24 18.58
CA HIS CA 108 -4.28 57.22 19.46
C HIS CA 108 -3.12 56.40 19.88
N ILE CA 109 -2.74 56.54 21.16
CA ILE CA 109 -1.63 55.80 21.70
C ILE CA 109 -2.05 55.45 23.09
N ASP CA 110 -1.38 54.47 23.71
CA ASP CA 110 -1.76 54.13 25.05
C ASP CA 110 -1.23 55.22 25.93
N LEU CA 111 -2.14 55.93 26.64
CA LEU CA 111 -1.74 56.98 27.52
C LEU CA 111 -2.50 56.85 28.80
N GLY CA 112 -2.08 57.65 29.80
CA GLY CA 112 -2.83 57.79 31.01
C GLY CA 112 -2.22 57.00 32.11
N ILE CA 113 -1.85 55.74 31.85
CA ILE CA 113 -1.33 55.02 32.96
C ILE CA 113 0.16 55.05 32.87
N LYS CA 114 0.72 56.21 33.24
CA LYS CA 114 2.14 56.34 33.18
C LYS CA 114 2.42 57.59 33.94
N TYR CA 115 3.70 57.97 34.05
CA TYR CA 115 4.11 59.16 34.72
C TYR CA 115 3.60 60.30 33.90
N ASP CA 116 3.25 59.98 32.63
CA ASP CA 116 2.81 60.91 31.63
C ASP CA 116 3.85 61.80 31.01
N PRO CA 117 5.04 61.34 30.65
CA PRO CA 117 5.88 62.19 29.85
C PRO CA 117 5.18 62.12 28.53
N SER CA 118 5.37 63.09 27.61
CA SER CA 118 4.59 62.97 26.40
C SER CA 118 5.41 63.31 25.20
N ILE CA 119 4.97 62.74 24.07
CA ILE CA 119 5.50 62.94 22.77
C ILE CA 119 5.24 64.35 22.34
N GLY CA 120 4.01 64.85 22.64
CA GLY CA 120 3.43 66.14 22.31
C GLY CA 120 4.47 67.13 21.92
N ILE CA 121 4.21 67.84 20.81
CA ILE CA 121 5.18 68.77 20.34
C ILE CA 121 4.54 70.13 20.16
N PHE CA 122 4.85 71.11 21.05
CA PHE CA 122 4.42 72.46 20.83
C PHE CA 122 5.71 73.20 20.63
N GLY CA 123 5.99 73.67 19.39
CA GLY CA 123 7.30 74.21 19.13
C GLY CA 123 8.19 73.00 19.10
N MET CA 124 9.53 73.14 19.25
CA MET CA 124 10.34 71.95 19.41
C MET CA 124 9.97 71.61 20.80
N ASP CA 125 8.92 70.78 20.93
CA ASP CA 125 8.18 70.46 22.12
C ASP CA 125 8.67 71.17 23.33
N PHE CA 126 7.96 72.28 23.59
CA PHE CA 126 8.10 73.27 24.64
C PHE CA 126 7.41 72.66 25.82
N TYR CA 127 7.85 72.98 27.03
CA TYR CA 127 7.15 72.44 28.16
C TYR CA 127 6.96 73.54 29.14
N VAL CA 128 5.96 74.43 28.98
CA VAL CA 128 5.88 75.38 30.04
C VAL CA 128 5.13 74.67 31.09
N VAL CA 129 5.59 74.65 32.35
CA VAL CA 129 4.73 74.03 33.29
C VAL CA 129 4.39 75.10 34.25
N MET CA 130 3.11 75.21 34.64
CA MET CA 130 2.83 76.29 35.53
C MET CA 130 2.43 75.76 36.88
N ASN CA 131 2.95 76.42 37.94
CA ASN CA 131 2.56 76.12 39.28
C ASN CA 131 2.76 77.37 40.09
N ARG CA 132 1.79 77.63 40.96
CA ARG CA 132 1.71 78.77 41.85
C ARG CA 132 2.73 78.84 42.91
N PRO CA 133 2.71 77.88 43.78
CA PRO CA 133 2.29 78.30 45.09
C PRO CA 133 3.43 78.02 45.91
N GLY CA 134 3.12 77.37 47.03
CA GLY CA 134 4.09 76.81 47.89
C GLY CA 134 4.72 75.73 47.08
N ALA CA 135 3.91 75.09 46.21
CA ALA CA 135 4.20 73.89 45.46
C ALA CA 135 5.63 73.76 45.16
N ARG CA 136 6.21 72.88 45.97
CA ARG CA 136 7.52 72.38 45.99
C ARG CA 136 7.25 71.38 47.01
N VAL CA 137 6.01 71.48 47.50
CA VAL CA 137 5.46 70.66 48.53
C VAL CA 137 5.34 69.31 47.97
N THR CA 138 4.58 69.21 46.86
CA THR CA 138 4.25 67.95 46.29
C THR CA 138 5.49 67.28 45.79
N ARG CA 139 6.32 68.04 45.04
CA ARG CA 139 7.47 67.48 44.40
C ARG CA 139 8.51 67.01 45.37
N ARG CA 140 8.77 67.80 46.42
CA ARG CA 140 9.86 67.54 47.29
C ARG CA 140 9.67 66.33 48.11
N LYS CA 141 10.79 65.59 48.24
CA LYS CA 141 10.89 64.38 49.01
C LYS CA 141 10.83 64.77 50.43
N ARG CA 142 9.89 64.15 51.17
CA ARG CA 142 9.64 64.41 52.55
C ARG CA 142 8.20 64.12 52.67
N CYS CA 143 7.51 64.68 53.68
CA CYS CA 143 6.09 64.50 53.61
C CYS CA 143 5.73 65.24 52.36
N LYS CA 144 5.38 64.48 51.30
CA LYS CA 144 5.16 65.09 50.02
C LYS CA 144 3.99 66.01 50.07
N GLY CA 145 2.85 65.53 50.58
CA GLY CA 145 1.69 66.38 50.53
C GLY CA 145 1.19 66.28 49.14
N THR CA 146 -0.03 66.80 48.91
CA THR CA 146 -0.56 66.77 47.58
C THR CA 146 -1.09 68.13 47.33
N VAL CA 147 -1.22 68.50 46.04
CA VAL CA 147 -1.78 69.78 45.77
C VAL CA 147 -3.19 69.71 46.24
N GLY CA 148 -3.75 70.85 46.67
CA GLY CA 148 -5.06 70.96 47.27
C GLY CA 148 -6.15 70.58 46.31
N ASN CA 149 -5.97 70.82 44.99
CA ASN CA 149 -7.06 70.64 44.07
C ASN CA 149 -8.02 71.74 44.40
N SER CA 150 -7.42 72.82 44.94
CA SER CA 150 -8.06 74.05 45.30
C SER CA 150 -7.08 75.05 44.80
N HIS CA 151 -5.96 75.20 45.53
CA HIS CA 151 -4.93 76.04 45.07
C HIS CA 151 -4.22 75.25 44.02
N LYS CA 152 -4.94 74.90 42.94
CA LYS CA 152 -4.35 74.21 41.85
C LYS CA 152 -4.49 75.15 40.70
N THR CA 153 -3.71 74.95 39.63
CA THR CA 153 -3.84 75.87 38.54
C THR CA 153 -5.08 75.54 37.80
N THR CA 154 -5.69 76.58 37.19
CA THR CA 154 -6.84 76.38 36.38
C THR CA 154 -6.42 76.79 35.02
N LYS CA 155 -6.95 76.12 33.97
CA LYS CA 155 -6.53 76.45 32.64
C LYS CA 155 -6.91 77.89 32.43
N GLU CA 156 -8.04 78.34 32.99
CA GLU CA 156 -8.41 79.71 32.73
C GLU CA 156 -7.38 80.62 33.32
N ASP CA 157 -6.96 80.35 34.57
CA ASP CA 157 -6.02 81.22 35.20
C ASP CA 157 -4.75 81.10 34.43
N THR CA 158 -4.48 79.88 33.94
CA THR CA 158 -3.25 79.59 33.26
C THR CA 158 -3.21 80.33 31.96
N VAL CA 159 -4.33 80.33 31.21
CA VAL CA 159 -4.36 81.09 30.01
C VAL CA 159 -4.67 82.47 30.45
N SER CA 160 -3.77 83.01 31.28
CA SER CA 160 -3.76 84.31 31.86
C SER CA 160 -2.34 84.37 32.31
N TRP CA 161 -1.90 85.48 32.92
CA TRP CA 161 -0.50 85.49 33.24
C TRP CA 161 0.15 85.47 31.89
N PHE CA 162 0.75 84.35 31.47
CA PHE CA 162 1.26 84.42 30.14
C PHE CA 162 0.07 84.58 29.24
N LYS CA 163 0.05 85.75 28.57
CA LYS CA 163 -0.92 86.27 27.66
C LYS CA 163 -1.03 87.70 28.06
N GLN CA 164 -1.08 87.93 29.38
CA GLN CA 164 -1.14 89.27 29.85
C GLN CA 164 0.13 89.86 29.34
N LYS CA 165 1.21 89.06 29.38
CA LYS CA 165 2.45 89.57 28.89
C LYS CA 165 2.73 88.99 27.54
N TYR CA 166 3.36 89.84 26.70
CA TYR CA 166 4.03 89.61 25.45
C TYR CA 166 3.20 89.08 24.33
N ASP CA 167 2.08 88.39 24.59
CA ASP CA 167 1.44 87.79 23.46
C ASP CA 167 0.03 87.50 23.77
N ALA CA 168 -0.82 87.54 22.72
CA ALA CA 168 -2.22 87.29 22.81
C ALA CA 168 -2.46 85.83 22.91
N ASP CA 169 -3.58 85.48 23.59
CA ASP CA 169 -4.00 84.12 23.80
C ASP CA 169 -4.35 83.47 22.52
N VAL CA 170 -5.16 84.14 21.69
CA VAL CA 170 -5.58 83.54 20.47
C VAL CA 170 -6.48 82.35 20.79
N LEU DA 1 -75.05 50.48 -6.72
CA LEU DA 1 -76.48 50.84 -6.83
C LEU DA 1 -77.18 50.78 -5.51
N TYR DA 2 -78.52 50.93 -5.53
CA TYR DA 2 -79.24 50.89 -4.29
C TYR DA 2 -80.42 49.99 -4.44
N LEU DA 3 -80.77 49.29 -3.34
CA LEU DA 3 -81.89 48.39 -3.30
C LEU DA 3 -82.37 48.40 -1.88
N ARG DA 4 -83.60 47.91 -1.63
CA ARG DA 4 -84.07 47.86 -0.28
C ARG DA 4 -84.10 46.41 0.10
N ALA DA 5 -83.22 46.02 1.04
CA ALA DA 5 -83.16 44.64 1.43
C ALA DA 5 -83.69 44.53 2.82
N VAL DA 6 -84.43 43.45 3.10
CA VAL DA 6 -85.01 43.19 4.38
C VAL DA 6 -83.87 43.03 5.33
N GLY DA 7 -84.15 43.19 6.64
CA GLY DA 7 -83.07 43.22 7.57
C GLY DA 7 -82.25 41.98 7.52
N GLY DA 8 -82.84 40.79 7.79
CA GLY DA 8 -81.99 39.65 7.79
C GLY DA 8 -82.37 38.82 6.60
N GLU DA 9 -81.94 39.29 5.41
CA GLU DA 9 -82.21 38.59 4.20
C GLU DA 9 -80.98 38.74 3.38
N VAL DA 10 -80.68 37.77 2.51
CA VAL DA 10 -79.37 37.76 1.94
C VAL DA 10 -79.30 37.51 0.46
N GLY DA 11 -78.55 36.46 0.06
CA GLY DA 11 -78.00 36.00 -1.19
C GLY DA 11 -78.91 35.72 -2.34
N ALA DA 12 -80.23 35.47 -2.13
CA ALA DA 12 -81.14 35.06 -3.17
C ALA DA 12 -80.89 35.78 -4.47
N SER DA 13 -80.87 34.99 -5.56
CA SER DA 13 -80.56 35.46 -6.88
C SER DA 13 -81.58 36.42 -7.35
N ALA DA 14 -82.88 36.07 -7.28
CA ALA DA 14 -83.85 36.93 -7.89
C ALA DA 14 -83.82 38.29 -7.27
N ALA DA 15 -83.90 38.39 -5.94
CA ALA DA 15 -83.89 39.72 -5.43
C ALA DA 15 -82.57 40.40 -5.57
N LEU DA 16 -81.53 39.83 -4.92
CA LEU DA 16 -80.21 40.43 -4.86
C LEU DA 16 -79.24 40.19 -5.98
N ALA DA 17 -78.90 38.92 -6.27
CA ALA DA 17 -77.67 38.67 -6.97
C ALA DA 17 -77.54 39.29 -8.33
N PRO DA 18 -78.45 39.15 -9.26
CA PRO DA 18 -78.18 39.77 -10.52
C PRO DA 18 -78.21 41.27 -10.52
N LYS DA 19 -78.81 41.93 -9.53
CA LYS DA 19 -78.78 43.35 -9.73
C LYS DA 19 -77.37 43.86 -9.65
N ILE DA 20 -76.78 43.74 -8.45
CA ILE DA 20 -75.46 44.17 -8.08
C ILE DA 20 -74.43 43.26 -8.68
N GLY DA 21 -74.78 41.96 -8.81
CA GLY DA 21 -73.80 40.97 -9.18
C GLY DA 21 -73.14 41.34 -10.46
N PRO DA 22 -73.87 41.81 -11.42
CA PRO DA 22 -73.21 42.25 -12.63
C PRO DA 22 -72.39 43.51 -12.52
N LEU DA 23 -72.56 44.29 -11.45
CA LEU DA 23 -71.85 45.51 -11.19
C LEU DA 23 -70.41 45.19 -10.91
N GLY DA 24 -70.15 44.03 -10.30
CA GLY DA 24 -68.80 43.68 -9.92
C GLY DA 24 -68.77 43.34 -8.46
N LEU DA 25 -69.88 43.64 -7.75
CA LEU DA 25 -69.93 43.34 -6.34
C LEU DA 25 -69.94 41.86 -6.16
N SER DA 26 -69.34 41.38 -5.05
CA SER DA 26 -69.33 39.96 -4.77
C SER DA 26 -70.42 39.75 -3.77
N PRO DA 27 -71.43 39.05 -4.19
CA PRO DA 27 -72.62 38.83 -3.42
C PRO DA 27 -72.36 38.22 -2.09
N LYS DA 28 -71.47 37.22 -2.01
CA LYS DA 28 -71.26 36.47 -0.80
C LYS DA 28 -70.84 37.40 0.29
N LYS DA 29 -69.90 38.31 0.01
CA LYS DA 29 -69.42 39.15 1.08
C LYS DA 29 -70.51 40.03 1.58
N VAL DA 30 -71.32 40.59 0.66
CA VAL DA 30 -72.36 41.51 1.00
C VAL DA 30 -73.44 40.84 1.78
N GLY DA 31 -73.83 39.61 1.40
CA GLY DA 31 -74.95 39.02 2.07
C GLY DA 31 -74.62 38.84 3.52
N GLU DA 32 -73.42 38.30 3.81
CA GLU DA 32 -73.03 38.06 5.17
C GLU DA 32 -72.85 39.36 5.86
N ASP DA 33 -72.18 40.32 5.19
CA ASP DA 33 -71.87 41.58 5.81
C ASP DA 33 -73.13 42.32 6.13
N ILE DA 34 -74.04 42.42 5.14
CA ILE DA 34 -75.23 43.18 5.36
C ILE DA 34 -76.01 42.54 6.46
N ALA DA 35 -76.19 41.20 6.38
CA ALA DA 35 -76.99 40.48 7.32
C ALA DA 35 -76.39 40.63 8.68
N LYS DA 36 -75.05 40.75 8.77
CA LYS DA 36 -74.41 40.77 10.05
C LYS DA 36 -74.87 41.92 10.90
N ALA DA 37 -74.69 43.17 10.45
CA ALA DA 37 -75.06 44.33 11.21
C ALA DA 37 -76.54 44.38 11.36
N THR DA 38 -77.23 43.99 10.29
CA THR DA 38 -78.66 44.08 10.18
C THR DA 38 -79.31 43.20 11.19
N LYS DA 39 -78.53 42.35 11.88
CA LYS DA 39 -79.08 41.45 12.87
C LYS DA 39 -79.71 42.22 13.99
N GLU DA 40 -79.07 43.30 14.48
CA GLU DA 40 -79.64 43.97 15.62
C GLU DA 40 -81.01 44.45 15.27
N PHE DA 41 -81.20 45.03 14.08
CA PHE DA 41 -82.52 45.42 13.70
C PHE DA 41 -82.98 44.52 12.61
N LYS DA 42 -83.90 43.60 12.96
CA LYS DA 42 -84.39 42.63 12.01
C LYS DA 42 -85.82 42.95 11.77
N GLY DA 43 -86.30 42.66 10.54
CA GLY DA 43 -87.68 42.86 10.19
C GLY DA 43 -87.87 44.27 9.72
N ILE DA 44 -86.78 45.05 9.63
CA ILE DA 44 -86.89 46.42 9.23
C ILE DA 44 -86.30 46.53 7.87
N LYS DA 45 -86.96 47.31 6.99
CA LYS DA 45 -86.49 47.47 5.65
C LYS DA 45 -85.40 48.47 5.66
N VAL DA 46 -84.20 48.00 5.35
CA VAL DA 46 -83.14 48.95 5.30
C VAL DA 46 -82.79 49.06 3.87
N THR DA 47 -82.87 50.29 3.31
CA THR DA 47 -82.48 50.45 1.95
C THR DA 47 -80.99 50.53 1.97
N VAL DA 48 -80.33 49.86 1.02
CA VAL DA 48 -78.89 49.91 1.06
C VAL DA 48 -78.44 50.64 -0.16
N GLN DA 49 -77.46 51.54 0.02
CA GLN DA 49 -76.88 52.18 -1.11
C GLN DA 49 -75.51 51.59 -1.19
N LEU DA 50 -75.37 50.55 -2.03
CA LEU DA 50 -74.10 49.93 -2.17
C LEU DA 50 -73.29 50.78 -3.08
N LYS DA 51 -72.00 50.94 -2.77
CA LYS DA 51 -71.14 51.68 -3.65
C LYS DA 51 -70.02 50.76 -3.97
N ILE DA 52 -69.69 50.63 -5.27
CA ILE DA 52 -68.63 49.73 -5.63
C ILE DA 52 -67.59 50.53 -6.35
N GLN DA 53 -66.32 50.33 -5.97
CA GLN DA 53 -65.23 51.02 -6.60
C GLN DA 53 -64.70 50.12 -7.68
N ASN DA 54 -63.67 50.59 -8.40
CA ASN DA 54 -63.07 49.84 -9.47
C ASN DA 54 -62.52 48.58 -8.88
N ARG DA 55 -62.14 48.66 -7.59
CA ARG DA 55 -61.60 47.57 -6.84
C ARG DA 55 -62.64 46.51 -6.79
N GLN DA 56 -63.90 46.92 -6.98
CA GLN DA 56 -65.06 46.06 -6.87
C GLN DA 56 -65.33 45.84 -5.42
N ALA DA 57 -64.65 46.62 -4.56
CA ALA DA 57 -64.91 46.60 -3.16
C ALA DA 57 -66.14 47.44 -2.98
N ALA DA 58 -66.82 47.35 -1.81
CA ALA DA 58 -68.01 48.15 -1.69
C ALA DA 58 -68.33 48.41 -0.25
N ALA DA 59 -69.30 49.33 -0.01
CA ALA DA 59 -69.79 49.70 1.30
C ALA DA 59 -71.25 50.05 1.14
N SER DA 60 -72.02 50.18 2.27
CA SER DA 60 -73.44 50.51 2.19
C SER DA 60 -73.93 51.17 3.49
N VAL DA 61 -75.19 51.74 3.50
CA VAL DA 61 -75.72 52.55 4.62
C VAL DA 61 -77.16 52.21 5.13
N VAL DA 62 -77.62 52.92 6.23
CA VAL DA 62 -78.76 52.91 7.20
C VAL DA 62 -80.20 53.17 6.69
N PRO DA 63 -73.17 58.36 5.55
CA PRO DA 63 -74.21 59.26 6.04
C PRO DA 63 -73.86 60.03 7.28
N SER DA 64 -72.59 59.46 8.14
CA SER DA 64 -71.69 59.98 9.15
C SER DA 64 -71.26 58.91 10.11
N ALA DA 65 -70.03 59.07 10.66
CA ALA DA 65 -69.46 58.16 11.61
C ALA DA 65 -70.25 58.20 12.88
N SER DA 66 -70.59 59.41 13.37
CA SER DA 66 -71.28 59.54 14.61
C SER DA 66 -72.60 58.85 14.47
N SER DA 67 -73.23 59.02 13.30
CA SER DA 67 -74.52 58.42 13.12
C SER DA 67 -74.35 56.94 13.11
N LEU DA 68 -73.32 56.45 12.38
CA LEU DA 68 -73.11 55.03 12.24
C LEU DA 68 -72.89 54.44 13.60
N VAL DA 69 -72.06 55.10 14.42
CA VAL DA 69 -71.76 54.55 15.72
C VAL DA 69 -73.01 54.51 16.54
N ILE DA 70 -73.83 55.57 16.44
CA ILE DA 70 -75.03 55.69 17.22
C ILE DA 70 -75.88 54.50 16.91
N THR DA 71 -76.08 54.19 15.62
CA THR DA 71 -76.93 53.10 15.24
C THR DA 71 -76.34 51.80 15.68
N ALA DA 72 -75.02 51.64 15.53
CA ALA DA 72 -74.39 50.39 15.86
C ALA DA 72 -74.65 50.13 17.30
N LEU DA 73 -74.51 51.17 18.14
CA LEU DA 73 -74.75 51.11 19.55
C LEU DA 73 -76.20 50.87 19.79
N LYS DA 74 -77.06 51.29 18.84
CA LYS DA 74 -78.47 51.14 19.00
C LYS DA 74 -78.95 52.09 20.04
N GLU DA 75 -78.16 53.16 20.32
CA GLU DA 75 -78.61 54.15 21.25
C GLU DA 75 -78.74 55.42 20.50
N PRO DA 76 -79.75 56.19 20.76
CA PRO DA 76 -79.89 57.47 20.10
C PRO DA 76 -78.95 58.54 20.58
N PRO DA 77 -78.63 58.56 21.85
CA PRO DA 77 -77.78 59.62 22.33
C PRO DA 77 -76.33 59.29 22.49
N ARG DA 78 -75.48 60.31 22.63
CA ARG DA 78 -74.09 60.15 22.96
C ARG DA 78 -74.02 60.36 24.44
N ASP DA 79 -72.95 59.88 25.11
CA ASP DA 79 -72.89 60.11 26.53
C ASP DA 79 -72.76 61.57 26.78
N ARG DA 80 -73.27 62.03 27.94
CA ARG DA 80 -73.18 63.42 28.27
C ARG DA 80 -71.71 63.72 28.40
N LYS DA 81 -71.00 62.85 29.13
CA LYS DA 81 -69.58 62.99 29.30
C LYS DA 81 -69.00 61.69 28.86
N LYS DA 82 -68.26 61.74 27.73
CA LYS DA 82 -67.78 60.54 27.10
C LYS DA 82 -66.80 59.80 27.97
N ASP DA 83 -65.82 60.49 28.54
CA ASP DA 83 -64.84 59.73 29.26
C ASP DA 83 -65.47 59.05 30.44
N LYS DA 84 -66.19 59.82 31.28
CA LYS DA 84 -66.74 59.24 32.47
C LYS DA 84 -67.84 58.28 32.19
N ASN DA 85 -68.77 58.64 31.29
CA ASN DA 85 -69.87 57.76 31.05
C ASN DA 85 -69.49 56.89 29.90
N VAL DA 86 -69.74 55.58 30.03
CA VAL DA 86 -69.30 54.67 29.01
C VAL DA 86 -70.37 53.64 28.80
N LYS DA 87 -70.38 52.62 29.68
CA LYS DA 87 -71.30 51.53 29.54
C LYS DA 87 -72.67 52.10 29.49
N HIS DA 88 -72.89 53.22 30.22
CA HIS DA 88 -74.20 53.79 30.20
C HIS DA 88 -74.54 54.11 28.78
N SER DA 89 -73.60 54.75 28.04
CA SER DA 89 -73.91 55.07 26.68
C SER DA 89 -74.22 53.80 25.96
N GLY DA 90 -73.19 52.97 25.77
CA GLY DA 90 -73.41 51.75 25.07
C GLY DA 90 -72.09 51.23 24.61
N ASN DA 91 -72.12 50.12 23.85
CA ASN DA 91 -70.90 49.51 23.41
C ASN DA 91 -71.11 49.04 22.01
N ILE DA 92 -70.00 48.80 21.28
CA ILE DA 92 -70.13 48.27 19.97
C ILE DA 92 -69.09 47.20 19.83
N GLN DA 93 -69.33 46.23 18.92
CA GLN DA 93 -68.41 45.15 18.71
C GLN DA 93 -67.20 45.71 18.03
N LEU DA 94 -66.04 45.07 18.27
CA LEU DA 94 -64.82 45.48 17.65
C LEU DA 94 -65.00 45.30 16.19
N ASP DA 95 -65.68 44.21 15.80
CA ASP DA 95 -65.92 43.92 14.42
C ASP DA 95 -66.76 45.02 13.85
N GLU DA 96 -67.72 45.53 14.63
CA GLU DA 96 -68.59 46.55 14.14
C GLU DA 96 -67.80 47.79 13.81
N ILE DA 97 -66.73 48.08 14.60
CA ILE DA 97 -65.92 49.22 14.29
C ILE DA 97 -65.35 48.97 12.92
N ILE DA 98 -64.97 47.71 12.67
CA ILE DA 98 -64.40 47.33 11.40
C ILE DA 98 -65.43 47.55 10.35
N GLU DA 99 -66.70 47.22 10.64
CA GLU DA 99 -67.76 47.33 9.68
C GLU DA 99 -67.90 48.76 9.27
N ILE DA 100 -67.96 49.67 10.25
CA ILE DA 100 -68.17 51.07 9.99
C ILE DA 100 -67.00 51.59 9.22
N ALA DA 101 -65.78 51.19 9.64
CA ALA DA 101 -64.59 51.68 9.02
C ALA DA 101 -64.62 51.28 7.59
N ARG DA 102 -65.06 50.05 7.30
CA ARG DA 102 -65.10 49.60 5.95
C ARG DA 102 -66.09 50.39 5.15
N GLN DA 103 -67.29 50.68 5.71
CA GLN DA 103 -68.27 51.36 4.92
C GLN DA 103 -67.83 52.77 4.63
N MET DA 104 -67.26 53.43 5.63
CA MET DA 104 -66.78 54.79 5.64
C MET DA 104 -65.55 54.93 4.79
N ARG DA 105 -64.84 53.82 4.53
CA ARG DA 105 -63.51 53.83 3.99
C ARG DA 105 -63.39 54.66 2.75
N ASP DA 106 -64.37 54.65 1.84
CA ASP DA 106 -64.19 55.45 0.66
C ASP DA 106 -64.02 56.88 1.06
N LYS DA 107 -64.75 57.31 2.11
CA LYS DA 107 -64.65 58.64 2.64
C LYS DA 107 -63.34 58.86 3.35
N SER DA 108 -62.85 57.87 4.11
CA SER DA 108 -61.66 58.08 4.89
C SER DA 108 -60.44 57.87 4.04
N PHE DA 109 -59.29 58.43 4.47
CA PHE DA 109 -58.11 58.13 3.72
C PHE DA 109 -57.14 57.52 4.66
N GLY DA 110 -57.49 56.38 5.26
CA GLY DA 110 -56.58 55.70 6.11
C GLY DA 110 -55.77 54.82 5.23
N ARG DA 111 -54.50 54.60 5.61
CA ARG DA 111 -53.62 53.75 4.86
C ARG DA 111 -54.09 52.34 4.96
N THR DA 112 -54.53 51.91 6.17
CA THR DA 112 -54.91 50.54 6.33
C THR DA 112 -56.22 50.46 7.06
N LEU DA 113 -56.79 49.24 7.11
CA LEU DA 113 -58.04 48.98 7.75
C LEU DA 113 -57.85 49.28 9.21
N ALA DA 114 -56.66 48.98 9.74
CA ALA DA 114 -56.43 49.24 11.12
C ALA DA 114 -56.55 50.71 11.36
N SER DA 115 -55.97 51.52 10.45
CA SER DA 115 -55.98 52.94 10.61
C SER DA 115 -57.40 53.45 10.56
N VAL DA 116 -58.22 52.89 9.66
CA VAL DA 116 -59.56 53.38 9.53
C VAL DA 116 -60.33 53.09 10.78
N THR DA 117 -60.12 51.90 11.38
CA THR DA 117 -60.84 51.54 12.58
C THR DA 117 -60.44 52.48 13.65
N LYS DA 118 -59.15 52.85 13.71
CA LYS DA 118 -58.71 53.75 14.74
C LYS DA 118 -59.41 55.06 14.55
N GLU DA 119 -59.63 55.47 13.30
CA GLU DA 119 -60.26 56.74 13.06
C GLU DA 119 -61.66 56.70 13.62
N ILE DA 120 -62.41 55.63 13.32
CA ILE DA 120 -63.76 55.53 13.80
C ILE DA 120 -63.79 55.43 15.28
N LEU DA 121 -62.81 54.72 15.87
CA LEU DA 121 -62.78 54.52 17.29
C LEU DA 121 -62.66 55.88 17.92
N GLY DA 122 -61.94 56.80 17.28
CA GLY DA 122 -61.76 58.11 17.85
C GLY DA 122 -63.10 58.75 18.03
N THR DA 123 -64.00 58.60 17.03
CA THR DA 123 -65.30 59.19 17.09
C THR DA 123 -66.08 58.55 18.20
N ALA DA 124 -65.98 57.21 18.32
CA ALA DA 124 -66.70 56.47 19.32
C ALA DA 124 -66.25 56.93 20.67
N GLN DA 125 -64.94 57.20 20.81
CA GLN DA 125 -64.44 57.59 22.09
C GLN DA 125 -65.12 58.85 22.52
N SER DA 126 -65.38 59.78 21.58
CA SER DA 126 -65.97 61.03 21.93
C SER DA 126 -67.41 60.84 22.36
N VAL DA 127 -68.12 59.89 21.72
CA VAL DA 127 -69.52 59.63 21.95
C VAL DA 127 -69.76 58.93 23.26
N GLY DA 128 -68.75 58.26 23.84
CA GLY DA 128 -69.00 57.57 25.07
C GLY DA 128 -69.43 56.19 24.71
N CYS DA 129 -69.12 55.78 23.46
CA CYS DA 129 -69.45 54.45 23.06
C CYS DA 129 -68.20 53.66 23.20
N ARG DA 130 -68.25 52.57 23.99
CA ARG DA 130 -67.08 51.78 24.22
C ARG DA 130 -67.05 50.69 23.20
N VAL DA 131 -65.85 50.15 22.93
CA VAL DA 131 -65.75 49.09 21.98
C VAL DA 131 -65.67 47.78 22.76
N ALA EA 2 94.45 -31.01 32.13
CA ALA EA 2 95.23 -31.52 30.99
C ALA EA 2 94.55 -31.23 29.68
N TYR EA 3 93.26 -31.62 29.54
CA TYR EA 3 92.55 -31.28 28.35
C TYR EA 3 91.91 -29.98 28.61
N LYS EA 4 92.68 -28.93 28.34
CA LYS EA 4 92.19 -27.61 28.51
C LYS EA 4 91.55 -27.25 27.24
N TYR EA 5 92.35 -26.90 26.23
CA TYR EA 5 91.78 -26.33 25.07
C TYR EA 5 90.80 -27.26 24.42
N LEU EA 6 90.83 -28.60 24.56
CA LEU EA 6 89.55 -29.10 24.10
C LEU EA 6 88.57 -28.83 25.21
N GLU EA 7 88.15 -27.55 25.31
CA GLU EA 7 87.23 -26.97 26.26
C GLU EA 7 87.18 -25.55 25.82
N GLU EA 8 88.40 -25.02 25.67
CA GLU EA 8 88.78 -23.74 25.16
C GLU EA 8 88.29 -23.67 23.75
N LEU EA 9 88.62 -24.70 22.95
CA LEU EA 9 88.33 -24.80 21.56
C LEU EA 9 86.86 -24.91 21.45
N GLN EA 10 86.26 -25.74 22.32
CA GLN EA 10 84.84 -25.88 22.27
C GLN EA 10 84.32 -24.83 23.15
N ARG EA 11 84.27 -23.62 22.57
CA ARG EA 11 83.79 -22.45 23.21
C ARG EA 11 83.16 -21.74 22.04
N LYS EA 12 84.03 -21.19 21.18
CA LYS EA 12 83.60 -20.47 20.02
C LYS EA 12 82.87 -21.35 19.05
N LYS EA 13 83.46 -22.49 18.67
CA LYS EA 13 82.84 -23.36 17.70
C LYS EA 13 82.81 -22.65 16.38
N GLN EA 14 83.44 -21.47 16.27
CA GLN EA 14 83.48 -20.78 15.01
C GLN EA 14 84.85 -20.23 14.88
N SER EA 15 85.75 -20.62 15.81
CA SER EA 15 87.06 -20.06 15.84
C SER EA 15 87.86 -20.36 14.61
N ASP EA 16 88.31 -21.63 14.45
CA ASP EA 16 89.17 -21.89 13.34
C ASP EA 16 89.10 -23.35 13.01
N VAL EA 17 89.94 -24.16 13.69
CA VAL EA 17 90.00 -25.56 13.41
C VAL EA 17 88.70 -26.20 13.75
N LEU EA 18 88.11 -25.81 14.89
CA LEU EA 18 86.89 -26.44 15.31
C LEU EA 18 85.86 -26.16 14.26
N ARG EA 19 85.84 -24.93 13.72
CA ARG EA 19 84.80 -24.67 12.76
C ARG EA 19 85.00 -25.53 11.55
N PHE EA 20 86.25 -25.74 11.08
CA PHE EA 20 86.38 -26.49 9.86
C PHE EA 20 85.92 -27.90 10.08
N LEU EA 21 86.25 -28.48 11.24
CA LEU EA 21 85.83 -29.83 11.50
C LEU EA 21 84.34 -29.79 11.46
N GLN EA 22 83.75 -28.68 11.91
CA GLN EA 22 82.33 -28.47 11.90
C GLN EA 22 81.88 -28.32 10.47
N ARG EA 23 82.74 -27.90 9.55
CA ARG EA 23 82.17 -27.93 8.24
C ARG EA 23 82.04 -29.35 7.82
N VAL EA 24 83.07 -30.17 8.07
CA VAL EA 24 83.00 -31.54 7.66
C VAL EA 24 82.89 -32.35 8.91
N ARG EA 25 81.64 -32.70 9.26
CA ARG EA 25 81.45 -33.35 10.51
C ARG EA 25 80.18 -34.05 10.46
N VAL EA 26 79.19 -33.23 10.75
CA VAL EA 26 77.80 -33.33 10.80
C VAL EA 26 77.32 -33.40 9.38
N TRP EA 27 78.20 -33.14 8.41
CA TRP EA 27 77.76 -33.41 7.07
C TRP EA 27 77.42 -34.86 7.08
N GLU EA 28 78.34 -35.67 7.60
CA GLU EA 28 78.16 -37.08 7.72
C GLU EA 28 77.17 -37.40 8.80
N TYR EA 29 77.18 -36.62 9.92
CA TYR EA 29 76.27 -36.93 10.99
C TYR EA 29 74.87 -36.72 10.54
N ARG EA 30 74.66 -35.58 9.88
CA ARG EA 30 73.46 -35.30 9.19
C ARG EA 30 73.55 -36.36 8.17
N GLN EA 31 72.43 -36.84 7.65
CA GLN EA 31 72.35 -37.98 6.79
C GLN EA 31 72.76 -39.19 7.54
N LYS EA 32 72.73 -39.08 8.89
CA LYS EA 32 72.88 -40.22 9.75
C LYS EA 32 71.76 -40.06 10.72
N ASN EA 33 70.95 -41.11 10.92
CA ASN EA 33 69.75 -40.94 11.69
C ASN EA 33 69.97 -41.15 13.14
N VAL EA 34 68.88 -40.98 13.90
CA VAL EA 34 68.90 -41.10 15.33
C VAL EA 34 69.47 -42.45 15.60
N ILE EA 35 70.25 -42.51 16.68
CA ILE EA 35 70.96 -43.68 17.06
C ILE EA 35 72.13 -43.78 16.15
N HIS EA 36 73.32 -43.84 16.76
CA HIS EA 36 74.51 -44.02 15.99
C HIS EA 36 75.33 -44.87 16.89
N ARG EA 37 76.42 -44.28 17.41
CA ARG EA 37 77.35 -44.93 18.27
C ARG EA 37 78.61 -44.22 17.96
N ALA EA 38 79.62 -44.32 18.84
CA ALA EA 38 80.85 -43.70 18.48
C ALA EA 38 81.94 -44.35 19.26
N ALA EA 39 83.12 -44.47 18.62
CA ALA EA 39 84.28 -45.06 19.24
C ALA EA 39 84.77 -44.22 20.37
N ARG EA 40 84.83 -42.89 20.17
CA ARG EA 40 85.40 -42.00 21.13
C ARG EA 40 84.39 -40.93 21.25
N PRO EA 41 84.48 -40.06 22.23
CA PRO EA 41 83.58 -38.98 22.37
C PRO EA 41 84.07 -37.93 21.48
N THR EA 42 83.23 -36.95 21.14
CA THR EA 42 83.67 -35.87 20.34
C THR EA 42 84.54 -34.97 21.11
N ARG EA 43 84.29 -34.72 22.42
CA ARG EA 43 85.16 -33.83 23.09
C ARG EA 43 85.78 -34.72 24.04
N PRO EA 44 87.06 -34.90 24.06
CA PRO EA 44 87.63 -35.77 25.04
C PRO EA 44 87.73 -35.22 26.41
N ASP EA 45 87.70 -33.89 26.57
CA ASP EA 45 87.83 -33.37 27.90
C ASP EA 45 86.61 -33.63 28.67
N LYS EA 46 85.44 -33.36 28.06
CA LYS EA 46 84.13 -33.44 28.64
C LYS EA 46 83.76 -34.87 28.94
N ALA EA 47 84.03 -35.81 28.01
CA ALA EA 47 83.90 -37.17 28.35
C ALA EA 47 85.11 -37.28 29.13
N ARG EA 48 85.27 -38.18 30.11
CA ARG EA 48 86.50 -38.09 30.86
C ARG EA 48 86.50 -36.77 31.48
N ARG EA 49 85.33 -36.42 32.02
CA ARG EA 49 85.08 -35.22 32.74
C ARG EA 49 83.82 -35.59 33.44
N LEU EA 50 82.74 -35.70 32.66
CA LEU EA 50 81.52 -36.12 33.22
C LEU EA 50 81.72 -37.49 33.70
N GLY EA 51 82.40 -38.34 32.92
CA GLY EA 51 82.70 -39.66 33.39
C GLY EA 51 82.70 -40.50 32.19
N TYR EA 52 83.91 -40.84 31.73
CA TYR EA 52 84.00 -41.60 30.57
C TYR EA 52 85.40 -41.98 30.64
N LYS EA 53 85.74 -43.27 30.51
CA LYS EA 53 87.12 -43.57 30.37
C LYS EA 53 87.12 -44.68 29.44
N ALA EA 54 88.26 -44.90 28.76
CA ALA EA 54 88.26 -46.07 27.97
C ALA EA 54 88.22 -47.12 29.00
N LYS EA 55 87.33 -48.11 28.82
CA LYS EA 55 87.19 -49.23 29.65
C LYS EA 55 86.10 -49.94 28.99
N GLN EA 56 86.00 -51.26 29.23
CA GLN EA 56 84.93 -51.94 28.58
C GLN EA 56 83.70 -51.63 29.38
N GLY EA 57 82.52 -51.71 28.72
CA GLY EA 57 81.30 -51.42 29.41
C GLY EA 57 80.95 -49.98 29.21
N PHE EA 58 81.80 -49.20 28.51
CA PHE EA 58 81.41 -47.85 28.24
C PHE EA 58 81.05 -47.70 26.81
N VAL EA 59 79.96 -46.96 26.55
CA VAL EA 59 79.61 -46.71 25.19
C VAL EA 59 79.10 -45.32 25.09
N ILE EA 60 79.52 -44.57 24.04
CA ILE EA 60 79.02 -43.24 23.85
C ILE EA 60 78.39 -43.14 22.51
N TYR EA 61 77.19 -42.53 22.47
CA TYR EA 61 76.42 -42.37 21.27
C TYR EA 61 76.11 -40.94 21.08
N ARG EA 62 75.96 -40.57 19.81
CA ARG EA 62 75.54 -39.29 19.41
C ARG EA 62 74.09 -39.42 19.53
N VAL EA 63 73.35 -38.40 19.09
CA VAL EA 63 71.94 -38.37 19.07
C VAL EA 63 71.78 -37.12 18.31
N ARG EA 64 70.65 -36.92 17.61
CA ARG EA 64 70.29 -35.74 16.92
C ARG EA 64 68.95 -35.50 17.49
N VAL EA 65 68.22 -34.43 17.15
CA VAL EA 65 66.99 -34.27 17.88
C VAL EA 65 65.88 -33.77 17.01
N ARG EA 66 65.75 -32.44 16.89
CA ARG EA 66 64.97 -31.74 15.94
C ARG EA 66 65.70 -30.50 16.07
N ARG EA 67 65.06 -29.40 15.75
CA ARG EA 67 65.73 -28.17 15.80
C ARG EA 67 65.12 -27.44 16.92
N GLY EA 68 64.18 -26.55 16.55
CA GLY EA 68 63.49 -25.75 17.50
C GLY EA 68 62.48 -26.58 18.19
N ASN EA 69 61.94 -26.01 19.28
CA ASN EA 69 60.96 -26.69 20.08
C ASN EA 69 59.65 -26.02 19.93
N ARG EA 70 58.64 -26.86 19.69
CA ARG EA 70 57.29 -26.48 19.48
C ARG EA 70 56.61 -27.78 19.26
N LYS EA 71 56.22 -28.07 18.00
CA LYS EA 71 55.53 -29.26 17.57
C LYS EA 71 54.58 -29.70 18.62
N ARG EA 72 53.32 -29.23 18.51
CA ARG EA 72 52.38 -29.59 19.52
C ARG EA 72 51.03 -29.63 18.90
N PRO EA 73 50.19 -30.39 19.53
CA PRO EA 73 48.83 -30.54 19.09
C PRO EA 73 48.05 -29.37 19.55
N VAL EA 74 46.86 -29.13 18.96
CA VAL EA 74 46.04 -28.03 19.37
C VAL EA 74 44.98 -28.60 20.25
N PRO EA 75 44.50 -27.77 21.15
CA PRO EA 75 43.49 -28.24 22.05
C PRO EA 75 42.18 -28.37 21.35
N LYS EA 76 41.27 -29.15 21.93
CA LYS EA 76 39.96 -29.35 21.36
C LYS EA 76 39.23 -28.07 21.57
N GLY EA 77 37.90 -28.17 21.69
CA GLY EA 77 37.11 -26.98 21.85
C GLY EA 77 37.29 -26.49 23.25
N ALA EA 78 36.42 -25.57 23.69
CA ALA EA 78 36.54 -24.99 24.98
C ALA EA 78 37.82 -24.22 24.99
N THR EA 79 38.29 -23.87 23.78
CA THR EA 79 39.49 -23.10 23.62
C THR EA 79 39.22 -21.74 24.16
N TYR EA 80 37.98 -21.25 23.97
CA TYR EA 80 37.62 -19.93 24.41
C TYR EA 80 37.96 -19.83 25.86
N GLY EA 81 38.60 -18.72 26.23
CA GLY EA 81 39.02 -18.54 27.59
C GLY EA 81 40.13 -17.56 27.56
N LYS EA 82 41.17 -17.80 28.38
CA LYS EA 82 42.28 -16.90 28.42
C LYS EA 82 42.91 -16.80 27.06
N PRO EA 83 43.22 -17.85 26.34
CA PRO EA 83 43.06 -19.20 26.79
C PRO EA 83 44.17 -19.56 27.72
N THR EA 84 43.94 -20.55 28.59
CA THR EA 84 44.94 -21.01 29.50
C THR EA 84 45.75 -21.98 28.70
N ASN EA 85 45.84 -23.24 29.17
CA ASN EA 85 46.57 -24.18 28.36
C ASN EA 85 45.84 -24.23 27.06
N GLN EA 86 46.47 -23.64 26.05
CA GLN EA 86 45.96 -23.52 24.72
C GLN EA 86 47.18 -23.09 24.00
N GLY EA 87 47.04 -22.26 22.94
CA GLY EA 87 48.23 -21.79 22.31
C GLY EA 87 48.58 -22.76 21.24
N VAL EA 88 49.68 -22.47 20.52
CA VAL EA 88 50.08 -23.29 19.43
C VAL EA 88 51.54 -23.05 19.33
N ASN EA 89 52.00 -22.61 18.16
CA ASN EA 89 53.40 -22.43 18.04
C ASN EA 89 53.81 -21.19 18.74
N GLU EA 90 54.18 -21.34 20.03
CA GLU EA 90 54.70 -20.26 20.81
C GLU EA 90 55.29 -20.92 22.00
N LEU EA 91 54.60 -21.98 22.46
CA LEU EA 91 55.01 -22.69 23.63
C LEU EA 91 56.24 -23.45 23.32
N LYS EA 92 57.13 -23.54 24.33
CA LYS EA 92 58.33 -24.29 24.21
C LYS EA 92 58.24 -25.33 25.28
N TYR EA 93 58.74 -26.56 25.02
CA TYR EA 93 58.61 -27.56 26.04
C TYR EA 93 59.76 -27.47 26.99
N GLN EA 94 59.45 -27.67 28.30
CA GLN EA 94 60.36 -27.51 29.39
C GLN EA 94 61.52 -28.44 29.26
N ARG EA 95 61.28 -29.70 28.86
CA ARG EA 95 62.40 -30.60 28.75
C ARG EA 95 63.29 -30.05 27.68
N SER EA 96 64.62 -30.17 27.88
CA SER EA 96 65.56 -29.65 26.94
C SER EA 96 65.73 -30.63 25.82
N LEU EA 97 66.29 -30.13 24.70
CA LEU EA 97 66.62 -30.90 23.56
C LEU EA 97 67.99 -31.16 23.97
N ARG EA 98 68.07 -32.01 25.01
CA ARG EA 98 69.25 -32.33 25.72
C ARG EA 98 68.78 -33.49 26.52
N ALA EA 99 67.82 -33.20 27.40
CA ALA EA 99 67.24 -34.24 28.18
C ALA EA 99 66.69 -35.18 27.16
N THR EA 100 66.04 -34.64 26.12
CA THR EA 100 65.46 -35.50 25.14
C THR EA 100 66.54 -36.31 24.49
N ALA EA 101 67.76 -35.77 24.32
CA ALA EA 101 68.76 -36.56 23.70
C ALA EA 101 69.14 -37.69 24.58
N GLU EA 102 69.20 -37.48 25.92
CA GLU EA 102 69.71 -38.50 26.76
C GLU EA 102 68.85 -39.70 26.74
N GLU EA 103 67.50 -39.58 26.86
CA GLU EA 103 66.66 -40.73 26.71
C GLU EA 103 66.55 -40.66 25.25
N ARG EA 104 65.90 -41.60 24.56
CA ARG EA 104 66.03 -41.58 23.13
C ARG EA 104 67.45 -41.88 22.93
N VAL EA 105 67.98 -42.63 23.91
CA VAL EA 105 69.24 -43.22 24.11
C VAL EA 105 68.91 -43.85 25.42
N GLY EA 106 69.27 -45.11 25.65
CA GLY EA 106 68.78 -45.67 26.87
C GLY EA 106 67.60 -46.47 26.45
N ARG EA 107 66.87 -45.92 25.48
CA ARG EA 107 65.83 -46.56 24.78
C ARG EA 107 66.37 -46.57 23.42
N ARG EA 108 67.34 -47.46 23.29
CA ARG EA 108 68.15 -47.82 22.20
C ARG EA 108 68.81 -48.98 22.83
N ALA EA 109 69.66 -48.68 23.83
CA ALA EA 109 70.22 -49.72 24.63
C ALA EA 109 69.42 -49.76 25.89
N ALA EA 110 68.57 -50.80 26.02
CA ALA EA 110 67.73 -50.99 27.15
C ALA EA 110 68.58 -51.28 28.35
N ASN EA 111 69.64 -52.07 28.12
CA ASN EA 111 70.43 -52.59 29.19
C ASN EA 111 71.08 -51.50 29.95
N LEU EA 112 71.65 -50.48 29.25
CA LEU EA 112 72.48 -49.58 29.98
C LEU EA 112 71.89 -48.27 30.36
N ARG EA 113 72.57 -47.62 31.35
CA ARG EA 113 72.22 -46.38 31.96
C ARG EA 113 73.16 -45.32 31.45
N VAL EA 114 73.08 -44.09 32.00
CA VAL EA 114 73.83 -43.06 31.41
C VAL EA 114 74.31 -42.09 32.41
N LEU EA 115 75.59 -41.71 32.34
CA LEU EA 115 75.97 -40.50 32.96
C LEU EA 115 75.93 -39.71 31.74
N ASN EA 116 75.50 -38.44 31.78
CA ASN EA 116 75.24 -37.85 30.51
C ASN EA 116 76.24 -36.84 30.25
N SER EA 117 76.77 -36.79 28.99
CA SER EA 117 77.61 -35.77 28.48
C SER EA 117 76.67 -34.82 27.89
N TYR EA 118 77.14 -33.85 27.06
CA TYR EA 118 76.31 -32.87 26.44
C TYR EA 118 76.85 -32.67 25.13
N TRP EA 119 76.07 -32.00 24.30
CA TRP EA 119 76.31 -31.81 22.93
C TRP EA 119 77.48 -31.13 22.55
N VAL EA 120 77.68 -31.39 21.26
CA VAL EA 120 78.53 -30.67 20.43
C VAL EA 120 77.52 -29.83 19.77
N ASN EA 121 77.88 -28.76 19.05
CA ASN EA 121 76.85 -27.95 18.46
C ASN EA 121 76.40 -28.48 17.14
N GLN EA 122 75.17 -28.08 16.73
CA GLN EA 122 74.67 -28.40 15.42
C GLN EA 122 73.90 -27.30 14.78
N ASP EA 123 73.82 -27.35 13.44
CA ASP EA 123 73.31 -26.19 12.80
C ASP EA 123 72.15 -26.38 11.89
N SER EA 124 71.38 -25.28 11.78
CA SER EA 124 70.28 -25.04 10.91
C SER EA 124 69.13 -25.90 11.28
N THR EA 125 69.37 -26.83 12.22
CA THR EA 125 68.34 -27.73 12.59
C THR EA 125 68.65 -28.29 13.93
N TYR EA 126 68.95 -29.60 13.91
CA TYR EA 126 69.10 -30.47 15.01
C TYR EA 126 70.28 -30.17 15.77
N LYS EA 127 70.21 -30.44 17.08
CA LYS EA 127 71.42 -30.31 17.74
C LYS EA 127 71.70 -31.73 17.91
N TYR EA 128 72.91 -32.00 18.44
CA TYR EA 128 73.44 -33.30 18.71
C TYR EA 128 73.71 -33.39 20.16
N PHE EA 129 74.53 -34.37 20.60
CA PHE EA 129 74.67 -34.49 21.98
C PHE EA 129 75.49 -35.68 21.92
N GLU EA 130 76.24 -36.04 22.95
CA GLU EA 130 76.86 -37.29 22.84
C GLU EA 130 75.98 -37.99 23.77
N VAL EA 131 76.52 -38.63 24.80
CA VAL EA 131 75.79 -39.31 25.80
C VAL EA 131 76.59 -40.48 25.96
N ILE EA 132 77.15 -40.73 27.17
CA ILE EA 132 77.89 -41.89 27.41
C ILE EA 132 76.86 -42.63 28.07
N LEU EA 133 76.97 -43.96 28.16
CA LEU EA 133 76.07 -44.81 28.84
C LEU EA 133 77.04 -45.60 29.56
N VAL EA 134 76.62 -46.51 30.43
CA VAL EA 134 77.48 -47.40 31.13
C VAL EA 134 76.96 -48.68 30.64
N ASP EA 135 77.12 -49.73 31.46
CA ASP EA 135 76.52 -51.00 31.27
C ASP EA 135 76.56 -51.56 32.64
N PRO EA 136 75.46 -52.01 33.19
CA PRO EA 136 75.51 -52.53 34.53
C PRO EA 136 76.10 -53.87 34.80
N GLN EA 137 75.76 -54.89 33.98
CA GLN EA 137 76.29 -56.17 34.32
C GLN EA 137 77.41 -56.41 33.41
N HIS EA 138 78.57 -55.91 33.84
CA HIS EA 138 79.68 -56.10 33.00
C HIS EA 138 80.76 -56.11 33.98
N LYS EA 139 81.98 -56.47 33.56
CA LYS EA 139 83.08 -56.43 34.48
C LYS EA 139 83.88 -55.22 34.11
N ALA EA 140 84.71 -54.77 35.04
CA ALA EA 140 85.51 -53.59 34.91
C ALA EA 140 84.63 -52.43 35.15
N ILE EA 141 83.34 -52.55 34.79
CA ILE EA 141 82.41 -51.56 35.16
C ILE EA 141 82.18 -51.74 36.60
N ARG EA 142 81.94 -53.00 37.01
CA ARG EA 142 81.69 -53.31 38.39
C ARG EA 142 83.02 -53.70 38.92
N ARG EA 143 83.88 -52.69 39.08
CA ARG EA 143 85.21 -52.90 39.55
C ARG EA 143 85.64 -51.58 40.09
N ASP EA 144 86.01 -50.68 39.17
CA ASP EA 144 86.44 -49.37 39.53
C ASP EA 144 85.42 -48.78 40.39
N ALA EA 145 85.86 -48.27 41.56
CA ALA EA 145 84.97 -47.72 42.53
C ALA EA 145 84.26 -46.63 41.85
N ARG EA 146 85.03 -45.81 41.11
CA ARG EA 146 84.36 -44.83 40.32
C ARG EA 146 83.76 -45.63 39.21
N TYR EA 147 82.55 -45.27 38.78
CA TYR EA 147 81.91 -46.04 37.76
C TYR EA 147 81.46 -47.35 38.32
N ASN EA 148 81.33 -47.38 39.65
CA ASN EA 148 80.60 -48.41 40.30
C ASN EA 148 79.44 -47.60 40.74
N TRP EA 149 78.48 -48.20 41.45
CA TRP EA 149 77.39 -47.48 42.01
C TRP EA 149 76.57 -46.85 40.93
N ILE EA 150 76.91 -47.08 39.65
CA ILE EA 150 75.98 -46.62 38.67
C ILE EA 150 75.37 -47.91 38.26
N CYS EA 151 75.61 -48.93 39.11
CA CYS EA 151 75.11 -50.24 38.88
C CYS EA 151 75.09 -50.93 40.20
N ASP EA 152 73.98 -50.83 40.96
CA ASP EA 152 74.03 -51.57 42.18
C ASP EA 152 72.93 -52.58 42.32
N PRO EA 153 72.71 -53.51 41.42
CA PRO EA 153 73.28 -53.51 40.10
C PRO EA 153 72.47 -52.52 39.34
N VAL EA 154 71.19 -52.37 39.73
CA VAL EA 154 70.30 -51.38 39.23
C VAL EA 154 69.24 -51.34 40.29
N HIS EA 155 69.66 -51.46 41.56
CA HIS EA 155 68.63 -51.59 42.55
C HIS EA 155 67.86 -50.32 42.71
N LYS EA 156 68.54 -49.18 42.88
CA LYS EA 156 67.77 -47.98 43.04
C LYS EA 156 67.86 -47.27 41.74
N HIS EA 157 69.07 -46.85 41.35
CA HIS EA 157 69.17 -46.29 40.05
C HIS EA 157 68.80 -47.39 39.14
N ARG EA 158 67.95 -47.07 38.16
CA ARG EA 158 67.40 -48.06 37.28
C ARG EA 158 67.43 -47.43 35.95
N GLU EA 159 66.29 -46.82 35.57
CA GLU EA 159 66.28 -46.11 34.33
C GLU EA 159 66.56 -44.71 34.73
N ALA EA 160 67.82 -44.45 35.11
CA ALA EA 160 68.18 -43.11 35.44
C ALA EA 160 67.95 -42.44 34.14
N ARG EA 161 67.66 -41.14 34.17
CA ARG EA 161 67.13 -40.51 33.04
C ARG EA 161 66.07 -41.32 32.47
N GLY EA 162 64.92 -41.16 33.11
CA GLY EA 162 63.64 -41.74 32.94
C GLY EA 162 63.04 -41.14 34.13
N LEU EA 163 63.61 -41.52 35.29
CA LEU EA 163 63.24 -40.86 36.47
C LEU EA 163 63.60 -39.44 36.25
N THR EA 164 64.92 -39.18 36.01
CA THR EA 164 65.41 -37.88 35.73
C THR EA 164 66.82 -37.83 36.20
N ALA EA 165 67.15 -38.53 37.31
CA ALA EA 165 68.43 -38.40 37.94
C ALA EA 165 69.53 -38.56 36.96
N THR EA 166 70.20 -37.42 36.68
CA THR EA 166 71.29 -37.31 35.76
C THR EA 166 71.94 -35.98 35.96
N GLY EA 167 72.47 -35.44 34.85
CA GLY EA 167 73.14 -34.18 34.83
C GLY EA 167 72.14 -33.19 34.39
N LYS EA 168 71.84 -33.14 33.08
CA LYS EA 168 70.94 -32.15 32.57
C LYS EA 168 69.67 -32.26 33.34
N LYS EA 169 69.17 -33.48 33.56
CA LYS EA 169 68.10 -33.57 34.48
C LYS EA 169 68.74 -33.56 35.82
N SER EA 170 68.06 -33.00 36.84
CA SER EA 170 68.63 -32.65 38.11
C SER EA 170 69.34 -31.35 37.93
N ARG EA 171 68.91 -30.67 36.86
CA ARG EA 171 69.22 -29.36 36.41
C ARG EA 171 68.01 -29.19 35.58
N GLY EA 172 67.78 -28.05 34.93
CA GLY EA 172 66.52 -28.05 34.29
C GLY EA 172 65.53 -27.88 35.42
N ILE EA 173 64.98 -28.99 35.94
CA ILE EA 173 64.02 -28.88 37.00
C ILE EA 173 64.68 -28.78 38.35
N ASN EA 174 65.79 -28.02 38.42
CA ASN EA 174 66.44 -27.76 39.69
C ASN EA 174 67.83 -27.27 39.40
N LYS EA 175 68.28 -26.29 40.21
CA LYS EA 175 69.60 -25.75 40.13
C LYS EA 175 69.79 -25.04 41.43
N GLY EA 176 71.04 -24.81 41.83
CA GLY EA 176 71.24 -24.09 43.05
C GLY EA 176 70.98 -25.02 44.19
N HIS EA 177 70.94 -24.45 45.41
CA HIS EA 177 70.70 -25.22 46.60
C HIS EA 177 69.86 -24.35 47.47
N LYS EA 178 70.42 -23.92 48.61
CA LYS EA 178 69.67 -23.07 49.48
C LYS EA 178 69.32 -21.87 48.69
N PHE EA 179 68.12 -21.31 48.96
CA PHE EA 179 67.64 -20.20 48.19
C PHE EA 179 67.27 -20.75 46.86
N ASN EA 180 66.14 -20.25 46.30
CA ASN EA 180 65.62 -20.62 45.02
C ASN EA 180 65.47 -22.11 44.92
N ASN EA 181 65.41 -22.80 46.07
CA ASN EA 181 65.13 -24.21 46.03
C ASN EA 181 63.83 -24.35 46.71
N THR EA 182 62.95 -23.35 46.48
CA THR EA 182 61.64 -23.40 47.04
C THR EA 182 60.77 -23.66 45.87
N LYS EA 183 59.78 -24.55 46.02
CA LYS EA 183 58.96 -24.86 44.90
C LYS EA 183 59.84 -25.36 43.82
N ALA EA 184 60.81 -26.17 44.26
CA ALA EA 184 61.81 -26.81 43.46
C ALA EA 184 62.13 -27.97 44.32
N GLY EA 185 63.37 -28.43 44.28
CA GLY EA 185 63.64 -29.64 44.98
C GLY EA 185 63.59 -29.60 46.48
N ARG EA 186 62.45 -30.01 47.08
CA ARG EA 186 62.55 -30.38 48.46
C ARG EA 186 63.28 -31.64 48.26
N ARG EA 187 62.80 -32.27 47.18
CA ARG EA 187 63.24 -33.39 46.45
C ARG EA 187 62.96 -32.94 45.07
N LYS EA 188 61.73 -32.41 44.83
CA LYS EA 188 61.49 -31.88 43.52
C LYS EA 188 60.10 -31.39 43.37
N THR EA 189 59.67 -31.33 42.08
CA THR EA 189 58.39 -30.86 41.65
C THR EA 189 57.32 -31.70 42.27
N TRP EA 190 57.44 -33.03 42.20
CA TRP EA 190 56.44 -33.82 42.87
C TRP EA 190 56.68 -33.48 44.29
N LYS EA 191 55.60 -33.28 45.08
CA LYS EA 191 55.76 -32.73 46.39
C LYS EA 191 56.13 -31.31 46.16
N ARG EA 192 55.48 -30.39 46.89
CA ARG EA 192 55.64 -29.04 46.46
C ARG EA 192 55.19 -29.06 45.04
N GLN EA 193 53.85 -29.19 44.88
CA GLN EA 193 53.13 -29.38 43.63
C GLN EA 193 53.82 -28.61 42.57
N ASN EA 194 53.78 -29.17 41.33
CA ASN EA 194 54.52 -28.66 40.22
C ASN EA 194 54.35 -27.19 40.13
N THR EA 195 55.48 -26.50 39.89
CA THR EA 195 55.53 -25.08 39.83
C THR EA 195 54.75 -24.65 38.58
N SER FA 1 -59.23 -48.91 57.73
CA SER FA 1 -58.43 -47.82 57.12
C SER FA 1 -57.37 -47.40 58.09
N VAL FA 2 -56.86 -46.16 57.95
CA VAL FA 2 -55.86 -45.70 58.86
C VAL FA 2 -56.56 -45.37 60.13
N GLU FA 3 -55.88 -45.58 61.27
CA GLU FA 3 -56.51 -45.28 62.53
C GLU FA 3 -56.33 -43.82 62.76
N PRO FA 4 -57.43 -43.16 62.99
CA PRO FA 4 -57.34 -41.76 63.23
C PRO FA 4 -56.94 -41.54 64.64
N VAL FA 5 -56.34 -40.37 64.92
CA VAL FA 5 -56.09 -39.94 66.24
C VAL FA 5 -56.96 -38.73 66.29
N VAL FA 6 -56.49 -37.58 65.76
CA VAL FA 6 -57.41 -36.52 65.68
C VAL FA 6 -57.54 -36.22 64.24
N VAL FA 7 -58.72 -36.51 63.66
CA VAL FA 7 -58.89 -36.21 62.28
C VAL FA 7 -59.22 -34.76 62.22
N ILE FA 8 -58.75 -34.07 61.16
CA ILE FA 8 -59.00 -32.67 61.12
C ILE FA 8 -59.65 -32.32 59.85
N ASP FA 9 -60.67 -31.45 59.95
CA ASP FA 9 -61.33 -30.99 58.80
C ASP FA 9 -60.37 -30.04 58.20
N GLY FA 10 -60.61 -29.73 56.92
CA GLY FA 10 -59.87 -28.74 56.24
C GLY FA 10 -60.78 -28.41 55.13
N LYS FA 11 -61.63 -27.40 55.34
CA LYS FA 11 -62.55 -26.90 54.37
C LYS FA 11 -62.02 -25.54 54.14
N GLY FA 12 -62.85 -24.50 54.34
CA GLY FA 12 -62.23 -23.22 54.29
C GLY FA 12 -61.25 -23.29 55.42
N HIS FA 13 -59.95 -23.34 55.09
CA HIS FA 13 -58.96 -23.46 56.10
C HIS FA 13 -57.68 -23.16 55.38
N LEU FA 14 -56.81 -22.32 55.96
CA LEU FA 14 -55.60 -22.08 55.24
C LEU FA 14 -54.77 -23.32 55.36
N VAL FA 15 -54.18 -23.77 54.23
CA VAL FA 15 -53.52 -25.04 54.25
C VAL FA 15 -52.33 -25.09 55.15
N GLY FA 16 -51.40 -24.13 55.04
CA GLY FA 16 -50.19 -24.18 55.79
C GLY FA 16 -50.51 -24.05 57.23
N ARG FA 17 -51.46 -23.17 57.57
CA ARG FA 17 -51.73 -22.95 58.95
C ARG FA 17 -52.19 -24.23 59.54
N LEU FA 18 -52.94 -25.05 58.76
CA LEU FA 18 -53.27 -26.35 59.25
C LEU FA 18 -52.08 -27.26 59.25
N ALA FA 19 -51.43 -27.43 58.07
CA ALA FA 19 -50.29 -28.27 57.97
C ALA FA 19 -49.17 -27.38 58.34
N SER FA 20 -48.96 -27.27 59.65
CA SER FA 20 -47.95 -26.49 60.28
C SER FA 20 -48.32 -26.66 61.69
N VAL FA 21 -49.33 -27.53 61.87
CA VAL FA 21 -49.93 -27.95 63.10
C VAL FA 21 -49.81 -29.44 63.03
N VAL FA 22 -50.62 -30.07 62.16
CA VAL FA 22 -50.50 -31.48 61.96
C VAL FA 22 -49.28 -31.66 61.13
N ALA FA 23 -48.14 -31.61 61.83
CA ALA FA 23 -46.82 -31.69 61.35
C ALA FA 23 -46.19 -30.86 62.39
N LYS FA 24 -46.33 -31.34 63.63
CA LYS FA 24 -45.95 -30.75 64.87
C LYS FA 24 -46.42 -31.81 65.80
N GLN FA 25 -47.75 -32.00 65.73
CA GLN FA 25 -48.52 -32.99 66.38
C GLN FA 25 -48.12 -34.30 65.84
N LEU FA 26 -47.90 -34.35 64.51
CA LEU FA 26 -47.52 -35.54 63.84
C LEU FA 26 -46.23 -35.94 64.42
N LEU FA 27 -45.36 -34.95 64.59
CA LEU FA 27 -44.07 -35.13 65.13
C LEU FA 27 -44.23 -35.73 66.46
N ASN FA 28 -45.09 -35.17 67.33
CA ASN FA 28 -45.11 -35.65 68.69
C ASN FA 28 -45.46 -37.10 68.69
N GLY FA 29 -46.35 -37.51 67.76
CA GLY FA 29 -46.67 -38.89 67.76
C GLY FA 29 -47.98 -39.04 67.05
N GLN FA 30 -48.88 -38.05 67.20
CA GLN FA 30 -50.22 -38.15 66.70
C GLN FA 30 -50.27 -38.60 65.27
N LYS FA 31 -51.25 -39.50 65.07
CA LYS FA 31 -51.60 -40.26 63.91
C LYS FA 31 -52.25 -39.56 62.77
N ILE FA 32 -52.95 -38.40 62.90
CA ILE FA 32 -53.80 -38.51 61.76
C ILE FA 32 -54.15 -37.35 60.88
N VAL FA 33 -54.99 -37.77 59.91
CA VAL FA 33 -55.56 -37.28 58.70
C VAL FA 33 -56.28 -36.00 58.77
N VAL FA 34 -56.20 -35.30 57.62
CA VAL FA 34 -56.94 -34.12 57.37
C VAL FA 34 -57.83 -34.59 56.30
N VAL FA 35 -59.09 -34.12 56.26
CA VAL FA 35 -59.98 -34.53 55.24
C VAL FA 35 -60.44 -33.27 54.64
N ARG FA 36 -61.13 -33.36 53.50
CA ARG FA 36 -61.65 -32.24 52.79
C ARG FA 36 -60.53 -31.54 52.08
N ALA FA 37 -59.36 -32.21 51.95
CA ALA FA 37 -58.37 -31.75 51.06
C ALA FA 37 -59.23 -31.91 49.88
N GLU FA 38 -59.20 -30.92 48.97
CA GLU FA 38 -60.34 -30.62 48.18
C GLU FA 38 -60.47 -29.37 48.94
N GLU FA 39 -61.66 -28.81 49.19
CA GLU FA 39 -61.79 -27.50 49.82
C GLU FA 39 -60.87 -27.29 50.99
N LEU FA 40 -59.67 -26.72 50.73
CA LEU FA 40 -58.73 -26.30 51.74
C LEU FA 40 -58.06 -25.12 51.09
N ASN FA 41 -58.07 -23.93 51.71
CA ASN FA 41 -57.69 -22.83 50.86
C ASN FA 41 -56.46 -22.09 51.29
N ILE FA 42 -55.72 -21.55 50.27
CA ILE FA 42 -54.64 -20.64 50.47
C ILE FA 42 -54.99 -19.36 49.78
N SER FA 43 -54.62 -18.21 50.39
CA SER FA 43 -55.00 -16.92 49.89
C SER FA 43 -54.07 -16.43 48.81
N GLY FA 44 -54.54 -15.40 48.06
CA GLY FA 44 -53.84 -14.74 47.00
C GLY FA 44 -54.11 -15.57 45.79
N GLU FA 45 -54.52 -14.99 44.63
CA GLU FA 45 -54.79 -16.02 43.68
C GLU FA 45 -55.11 -15.65 42.30
N PHE FA 46 -55.57 -16.74 41.63
CA PHE FA 46 -56.03 -16.90 40.30
C PHE FA 46 -54.98 -16.51 39.31
N PHE FA 47 -53.70 -16.67 39.68
CA PHE FA 47 -52.67 -16.28 38.77
C PHE FA 47 -51.45 -16.95 39.25
N ARG FA 48 -50.66 -16.21 40.06
CA ARG FA 48 -49.49 -16.74 40.65
C ARG FA 48 -49.90 -17.62 41.77
N ASN FA 49 -50.71 -18.62 41.40
CA ASN FA 49 -51.24 -19.65 42.22
C ASN FA 49 -51.42 -20.77 41.24
N LYS FA 50 -52.01 -20.43 40.07
CA LYS FA 50 -52.14 -21.39 39.02
C LYS FA 50 -50.75 -21.74 38.63
N LEU FA 51 -49.90 -20.72 38.42
CA LEU FA 51 -48.53 -20.96 38.11
C LEU FA 51 -47.83 -21.08 39.42
N LYS FA 52 -46.58 -21.58 39.39
CA LYS FA 52 -45.75 -21.77 40.55
C LYS FA 52 -46.46 -22.68 41.48
N TYR FA 53 -47.31 -23.55 40.90
CA TYR FA 53 -48.07 -24.54 41.56
C TYR FA 53 -48.06 -25.78 40.75
N HIS FA 54 -49.20 -26.37 40.37
CA HIS FA 54 -49.03 -27.63 39.68
C HIS FA 54 -49.90 -27.71 38.45
N ASP FA 55 -50.32 -26.59 37.84
CA ASP FA 55 -51.22 -26.73 36.73
C ASP FA 55 -50.48 -27.26 35.55
N PHE FA 56 -51.22 -27.60 34.47
CA PHE FA 56 -50.56 -28.03 33.27
C PHE FA 56 -50.24 -26.78 32.55
N LEU FA 57 -50.38 -25.65 33.26
CA LEU FA 57 -50.04 -24.37 32.74
C LEU FA 57 -49.03 -23.87 33.72
N ARG FA 58 -49.07 -24.47 34.93
CA ARG FA 58 -48.09 -24.12 35.92
C ARG FA 58 -46.80 -24.57 35.37
N LYS FA 59 -46.86 -25.71 34.67
CA LYS FA 59 -45.73 -26.32 34.06
C LYS FA 59 -44.91 -26.93 35.16
N ALA FA 60 -45.49 -27.05 36.38
CA ALA FA 60 -44.78 -27.72 37.42
C ALA FA 60 -44.70 -29.13 36.99
N THR FA 61 -45.87 -29.65 36.56
CA THR FA 61 -45.90 -30.97 36.06
C THR FA 61 -45.37 -30.83 34.67
N ALA FA 62 -44.87 -31.92 34.08
CA ALA FA 62 -44.36 -31.80 32.74
C ALA FA 62 -43.17 -30.89 32.77
N PHE FA 63 -42.61 -30.63 33.97
CA PHE FA 63 -41.48 -29.75 34.08
C PHE FA 63 -40.27 -30.35 33.44
N ASN FA 64 -39.92 -31.59 33.81
CA ASN FA 64 -38.65 -32.10 33.36
C ASN FA 64 -38.76 -33.55 33.06
N LYS FA 65 -37.62 -34.26 33.13
CA LYS FA 65 -37.55 -35.66 32.84
C LYS FA 65 -36.78 -36.36 33.90
N THR FA 66 -35.68 -37.02 33.47
CA THR FA 66 -34.88 -37.81 34.36
C THR FA 66 -34.04 -36.93 35.21
N ARG FA 67 -34.68 -36.05 35.99
CA ARG FA 67 -33.93 -35.29 36.95
C ARG FA 67 -34.94 -34.90 37.98
N GLY FA 68 -36.19 -34.69 37.52
CA GLY FA 68 -37.28 -34.30 38.37
C GLY FA 68 -37.04 -32.88 38.74
N PRO FA 69 -37.55 -32.45 39.87
CA PRO FA 69 -38.44 -33.28 40.62
C PRO FA 69 -39.85 -33.13 40.21
N PHE FA 70 -40.72 -34.05 40.66
CA PHE FA 70 -42.06 -33.84 40.28
C PHE FA 70 -42.84 -33.46 41.47
N HIS FA 71 -43.94 -32.79 41.16
CA HIS FA 71 -44.77 -32.21 42.14
C HIS FA 71 -45.99 -33.02 42.21
N PHE FA 72 -47.12 -32.45 42.66
CA PHE FA 72 -48.28 -33.26 42.79
C PHE FA 72 -49.39 -32.60 42.02
N ARG FA 73 -50.48 -33.35 41.79
CA ARG FA 73 -51.56 -32.85 40.99
C ARG FA 73 -52.83 -32.89 41.79
N ALA FA 74 -52.92 -33.85 42.73
CA ALA FA 74 -54.17 -33.98 43.44
C ALA FA 74 -54.07 -33.20 44.71
N PRO FA 75 -55.22 -32.74 45.12
CA PRO FA 75 -55.40 -31.91 46.26
C PRO FA 75 -54.87 -32.63 47.43
N SER FA 76 -54.84 -33.98 47.42
CA SER FA 76 -54.30 -34.74 48.52
C SER FA 76 -52.82 -34.53 48.57
N ARG FA 77 -52.13 -34.78 47.44
CA ARG FA 77 -50.69 -34.71 47.38
C ARG FA 77 -50.23 -33.31 47.54
N ILE FA 78 -50.99 -32.37 46.97
CA ILE FA 78 -50.65 -30.98 46.95
C ILE FA 78 -50.52 -30.47 48.31
N PHE FA 79 -51.34 -30.89 49.25
CA PHE FA 79 -50.98 -30.28 50.46
C PHE FA 79 -50.48 -31.35 51.33
N TYR FA 80 -50.18 -32.54 50.79
CA TYR FA 80 -49.45 -33.53 51.54
C TYR FA 80 -48.04 -33.04 51.50
N LYS FA 81 -47.68 -32.51 50.31
CA LYS FA 81 -46.35 -32.04 50.05
C LYS FA 81 -46.06 -30.93 50.98
N ALA FA 82 -47.08 -30.09 51.25
CA ALA FA 82 -46.88 -28.98 52.11
C ALA FA 82 -46.45 -29.54 53.44
N LEU FA 83 -47.08 -30.66 53.86
CA LEU FA 83 -46.81 -31.31 55.11
C LEU FA 83 -45.40 -31.79 55.15
N ARG FA 84 -44.85 -32.29 54.03
CA ARG FA 84 -43.52 -32.73 54.12
C ARG FA 84 -42.67 -31.59 54.38
N GLY FA 85 -42.92 -30.46 53.70
CA GLY FA 85 -42.17 -29.31 54.09
C GLY FA 85 -42.65 -29.15 55.49
N MET FA 86 -41.86 -28.48 56.35
CA MET FA 86 -42.15 -28.47 57.74
C MET FA 86 -42.07 -29.82 58.34
N VAL FA 87 -41.27 -30.75 57.75
CA VAL FA 87 -40.97 -31.95 58.49
C VAL FA 87 -39.63 -32.39 58.01
N SER FA 88 -38.81 -33.03 58.87
CA SER FA 88 -37.56 -33.53 58.37
C SER FA 88 -37.87 -34.88 57.89
N HIS FA 89 -38.43 -34.92 56.67
CA HIS FA 89 -38.97 -36.05 56.05
C HIS FA 89 -37.93 -37.07 55.80
N LYS FA 90 -36.70 -36.66 55.45
CA LYS FA 90 -35.74 -37.61 55.00
C LYS FA 90 -35.52 -38.65 56.02
N THR FA 91 -35.19 -38.30 57.27
CA THR FA 91 -34.83 -39.39 58.11
C THR FA 91 -35.23 -39.17 59.53
N ALA FA 92 -35.41 -40.30 60.26
CA ALA FA 92 -35.66 -40.28 61.67
C ALA FA 92 -37.09 -40.11 61.90
N ARG FA 93 -37.42 -39.71 63.13
CA ARG FA 93 -38.75 -39.28 63.26
C ARG FA 93 -38.73 -38.05 62.42
N GLY FA 94 -39.27 -38.22 61.22
CA GLY FA 94 -39.28 -37.33 60.12
C GLY FA 94 -40.05 -38.16 59.18
N LYS FA 95 -39.39 -39.15 58.54
CA LYS FA 95 -40.19 -40.11 57.86
C LYS FA 95 -40.43 -41.14 58.93
N ALA FA 96 -41.59 -40.98 59.56
CA ALA FA 96 -42.09 -41.65 60.71
C ALA FA 96 -43.35 -40.89 60.81
N ALA FA 97 -43.44 -40.00 61.81
CA ALA FA 97 -44.50 -39.07 61.74
C ALA FA 97 -44.22 -38.35 60.47
N LEU FA 98 -44.99 -38.68 59.43
CA LEU FA 98 -44.85 -38.32 58.05
C LEU FA 98 -45.71 -39.31 57.41
N GLU FA 99 -45.25 -40.56 57.53
CA GLU FA 99 -46.01 -41.65 57.06
C GLU FA 99 -47.22 -41.63 57.91
N ARG FA 100 -47.07 -41.34 59.23
CA ARG FA 100 -48.23 -41.45 60.06
C ARG FA 100 -49.13 -40.27 59.89
N LEU FA 101 -49.26 -39.73 58.66
CA LEU FA 101 -50.29 -38.75 58.42
C LEU FA 101 -50.76 -38.91 57.01
N LYS FA 102 -52.09 -38.77 56.82
CA LYS FA 102 -52.65 -38.91 55.52
C LYS FA 102 -53.60 -37.77 55.34
N VAL FA 103 -53.81 -37.37 54.07
CA VAL FA 103 -54.75 -36.37 53.73
C VAL FA 103 -55.73 -37.11 52.92
N PHE FA 104 -57.04 -36.83 53.04
CA PHE FA 104 -57.95 -37.59 52.24
C PHE FA 104 -58.65 -36.66 51.32
N GLU FA 105 -58.94 -37.17 50.12
CA GLU FA 105 -59.76 -36.47 49.21
C GLU FA 105 -61.10 -36.58 49.84
N GLY FA 106 -61.99 -35.63 49.56
CA GLY FA 106 -63.26 -35.78 50.18
C GLY FA 106 -64.05 -34.57 49.87
N ILE FA 107 -65.36 -34.74 50.02
CA ILE FA 107 -66.36 -33.72 49.88
C ILE FA 107 -66.71 -33.61 51.31
N PRO FA 108 -67.88 -33.85 51.83
CA PRO FA 108 -67.86 -33.93 53.27
C PRO FA 108 -67.00 -35.13 53.57
N PRO FA 109 -66.28 -35.13 54.66
CA PRO FA 109 -65.28 -36.13 54.94
C PRO FA 109 -65.82 -37.51 54.82
N PRO FA 110 -64.99 -38.34 54.24
CA PRO FA 110 -65.32 -39.72 54.04
C PRO FA 110 -65.42 -40.47 55.30
N TYR FA 111 -64.85 -39.99 56.41
CA TYR FA 111 -65.08 -40.80 57.55
C TYR FA 111 -66.07 -40.21 58.45
N ASP FA 112 -66.91 -41.12 58.96
CA ASP FA 112 -68.07 -40.82 59.73
C ASP FA 112 -67.70 -40.25 61.05
N LYS FA 113 -67.90 -38.92 61.11
CA LYS FA 113 -67.75 -38.01 62.22
C LYS FA 113 -67.08 -36.81 61.66
N LYS FA 114 -67.53 -35.62 62.08
CA LYS FA 114 -66.93 -34.45 61.54
C LYS FA 114 -65.69 -34.20 62.30
N LYS FA 115 -64.61 -33.80 61.59
CA LYS FA 115 -63.42 -33.63 62.34
C LYS FA 115 -63.15 -32.19 62.59
N ARG FA 116 -62.40 -31.96 63.69
CA ARG FA 116 -62.21 -30.66 64.27
C ARG FA 116 -61.38 -29.75 63.44
N VAL FA 117 -61.69 -28.46 63.62
CA VAL FA 117 -61.01 -27.34 63.07
C VAL FA 117 -59.79 -27.22 63.93
N VAL FA 118 -58.86 -26.34 63.57
CA VAL FA 118 -57.69 -26.19 64.38
C VAL FA 118 -57.77 -24.83 64.98
N VAL FA 119 -56.74 -24.44 65.77
CA VAL FA 119 -56.68 -23.13 66.34
C VAL FA 119 -56.82 -22.25 65.15
N PRO FA 120 -57.58 -21.20 65.28
CA PRO FA 120 -58.18 -20.53 64.15
C PRO FA 120 -57.36 -20.41 62.91
N GLN FA 121 -57.61 -21.38 62.01
CA GLN FA 121 -57.11 -21.36 60.68
C GLN FA 121 -58.36 -21.54 59.89
N ALA FA 122 -59.18 -20.47 59.85
CA ALA FA 122 -60.45 -20.58 59.21
C ALA FA 122 -60.54 -19.51 58.19
N LEU FA 123 -61.34 -19.76 57.14
CA LEU FA 123 -61.50 -18.87 56.05
C LEU FA 123 -62.12 -17.59 56.47
N ARG FA 124 -63.23 -17.64 57.23
CA ARG FA 124 -63.89 -16.42 57.59
C ARG FA 124 -64.24 -15.72 56.32
N VAL FA 125 -64.63 -16.49 55.28
CA VAL FA 125 -64.95 -15.91 54.01
C VAL FA 125 -66.40 -15.56 54.02
N LEU FA 126 -66.73 -14.36 54.54
CA LEU FA 126 -68.06 -13.85 54.52
C LEU FA 126 -67.92 -12.37 54.64
N ARG FA 127 -68.41 -11.62 53.64
CA ARG FA 127 -68.27 -10.19 53.64
C ARG FA 127 -66.82 -9.93 53.85
N LEU FA 128 -65.97 -10.57 53.02
CA LEU FA 128 -64.56 -10.52 53.22
C LEU FA 128 -64.03 -9.15 52.95
N LYS FA 129 -64.12 -8.25 53.94
CA LYS FA 129 -63.43 -7.02 53.71
C LYS FA 129 -61.98 -7.39 53.76
N PRO FA 130 -61.58 -8.16 54.75
CA PRO FA 130 -60.22 -8.63 54.80
C PRO FA 130 -59.98 -9.70 53.80
N GLY FA 131 -61.04 -10.43 53.40
CA GLY FA 131 -60.85 -11.50 52.47
C GLY FA 131 -60.81 -10.94 51.11
N ARG FA 132 -60.31 -11.77 50.17
CA ARG FA 132 -60.23 -11.45 48.79
C ARG FA 132 -60.37 -12.75 48.11
N LYS FA 133 -60.17 -12.80 46.78
CA LYS FA 133 -60.33 -14.06 46.14
C LYS FA 133 -59.21 -14.95 46.57
N TYR FA 134 -59.57 -16.08 47.19
CA TYR FA 134 -58.60 -17.09 47.52
C TYR FA 134 -59.33 -18.36 47.22
N THR FA 135 -58.87 -19.18 46.26
CA THR FA 135 -59.64 -20.37 46.07
C THR FA 135 -58.77 -21.50 45.71
N THR FA 136 -58.73 -22.54 46.58
CA THR FA 136 -57.85 -23.57 46.21
C THR FA 136 -58.17 -24.76 46.89
N LEU FA 137 -57.63 -25.80 46.27
CA LEU FA 137 -57.91 -27.09 46.66
C LEU FA 137 -57.96 -27.84 45.43
N GLY FA 138 -59.19 -28.33 45.22
CA GLY FA 138 -59.57 -29.07 44.10
C GLY FA 138 -59.39 -28.23 42.90
N LYS FA 139 -59.79 -26.96 42.93
CA LYS FA 139 -59.82 -26.09 41.78
C LYS FA 139 -58.46 -25.99 41.18
N LEU FA 140 -57.41 -25.85 41.98
CA LEU FA 140 -56.12 -25.76 41.37
C LEU FA 140 -55.86 -27.06 40.67
N SER FA 141 -56.12 -28.15 41.40
CA SER FA 141 -55.96 -29.49 40.93
C SER FA 141 -57.10 -29.88 40.06
N THR FA 142 -57.91 -28.93 39.53
CA THR FA 142 -58.95 -29.33 38.63
C THR FA 142 -58.56 -28.78 37.31
N SER FA 143 -57.91 -27.60 37.34
CA SER FA 143 -57.44 -27.06 36.11
C SER FA 143 -56.44 -28.08 35.65
N VAL FA 144 -55.65 -28.60 36.61
CA VAL FA 144 -54.75 -29.66 36.30
C VAL FA 144 -55.61 -30.89 36.32
N GLY FA 145 -55.27 -31.89 35.50
CA GLY FA 145 -56.07 -33.07 35.44
C GLY FA 145 -55.93 -33.77 36.75
N TRP FA 146 -56.98 -34.51 37.15
CA TRP FA 146 -56.95 -35.21 38.38
C TRP FA 146 -56.18 -36.51 38.18
N ALA GA 5 -3.94 -75.31 55.95
CA ALA GA 5 -5.34 -74.86 55.80
C ALA GA 5 -6.13 -75.24 57.00
N THR GA 6 -7.32 -75.83 56.79
CA THR GA 6 -8.14 -76.23 57.89
C THR GA 6 -7.60 -77.53 58.38
N SER GA 7 -7.93 -77.89 59.64
CA SER GA 7 -7.46 -79.11 60.20
C SER GA 7 -8.27 -80.23 59.63
N THR GA 8 -7.70 -81.45 59.67
CA THR GA 8 -8.38 -82.62 59.20
C THR GA 8 -8.36 -83.56 60.36
N ASN GA 9 -9.13 -84.66 60.32
CA ASN GA 9 -9.12 -85.51 61.47
C ASN GA 9 -7.72 -86.01 61.69
N PRO GA 10 -7.09 -86.82 60.85
CA PRO GA 10 -7.72 -87.53 59.78
C PRO GA 10 -8.27 -88.74 60.44
N ALA GA 11 -9.31 -89.35 59.87
CA ALA GA 11 -9.99 -90.40 60.53
C ALA GA 11 -11.31 -90.38 59.87
N LYS GA 12 -12.23 -89.63 60.50
CA LYS GA 12 -13.56 -89.46 60.04
C LYS GA 12 -13.47 -88.81 58.68
N SER GA 13 -12.46 -87.93 58.45
CA SER GA 13 -12.34 -87.18 57.21
C SER GA 13 -11.18 -87.68 56.37
N ALA GA 14 -11.30 -87.55 55.01
CA ALA GA 14 -10.24 -87.90 54.10
C ALA GA 14 -10.15 -86.83 53.05
N SER GA 15 -8.92 -86.37 52.70
CA SER GA 15 -8.77 -85.33 51.72
C SER GA 15 -7.50 -85.48 50.93
N ALA GA 16 -7.53 -84.99 49.66
CA ALA GA 16 -6.35 -84.96 48.83
C ALA GA 16 -6.56 -83.98 47.74
N ARG GA 17 -5.49 -83.33 47.22
CA ARG GA 17 -5.68 -82.38 46.15
C ARG GA 17 -4.48 -82.15 45.27
N GLY GA 18 -4.76 -81.39 44.17
CA GLY GA 18 -3.90 -81.10 43.06
C GLY GA 18 -2.86 -80.07 43.39
N SER GA 19 -1.71 -80.19 42.70
CA SER GA 19 -0.62 -79.25 42.78
C SER GA 19 -0.82 -78.29 41.65
N TYR GA 20 0.23 -77.55 41.23
CA TYR GA 20 -0.10 -76.55 40.25
C TYR GA 20 -0.53 -77.12 38.95
N LEU GA 21 -1.77 -76.72 38.57
CA LEU GA 21 -2.44 -77.06 37.33
C LEU GA 21 -2.16 -75.94 36.38
N ARG GA 22 -2.62 -76.04 35.11
CA ARG GA 22 -2.38 -74.93 34.21
C ARG GA 22 -3.69 -74.22 34.02
N VAL GA 23 -4.66 -74.44 34.91
CA VAL GA 23 -5.96 -73.87 34.66
C VAL GA 23 -6.02 -72.50 35.25
N SER GA 24 -7.08 -71.77 34.87
CA SER GA 24 -7.31 -70.42 35.26
C SER GA 24 -7.44 -70.37 36.71
N PHE GA 25 -6.94 -69.26 37.24
CA PHE GA 25 -7.14 -69.04 38.62
C PHE GA 25 -8.09 -67.91 38.53
N LYS GA 26 -9.24 -68.11 39.19
CA LYS GA 26 -10.47 -67.43 38.95
C LYS GA 26 -11.01 -68.60 38.23
N ASN GA 27 -12.34 -68.79 38.13
CA ASN GA 27 -12.78 -69.96 37.42
C ASN GA 27 -12.30 -71.18 38.15
N THR GA 28 -11.86 -70.98 39.40
CA THR GA 28 -11.30 -71.97 40.26
C THR GA 28 -11.72 -71.53 41.61
N ARG GA 29 -11.80 -70.19 41.77
CA ARG GA 29 -12.36 -69.60 42.94
C ARG GA 29 -13.84 -69.77 42.86
N GLU GA 30 -14.41 -69.58 41.66
CA GLU GA 30 -15.83 -69.70 41.41
C GLU GA 30 -16.24 -71.13 41.56
N THR GA 31 -15.51 -72.06 40.92
CA THR GA 31 -15.78 -73.44 41.18
C THR GA 31 -15.23 -73.46 42.56
N ALA GA 32 -15.72 -74.29 43.49
CA ALA GA 32 -15.39 -74.07 44.87
C ALA GA 32 -16.12 -72.81 45.24
N GLN GA 33 -16.77 -72.70 46.41
CA GLN GA 33 -17.62 -71.54 46.56
C GLN GA 33 -18.65 -71.64 45.49
N ALA GA 34 -19.00 -72.91 45.23
CA ALA GA 34 -19.90 -73.44 44.26
C ALA GA 34 -20.19 -74.74 44.88
N ILE GA 35 -19.57 -75.82 44.36
CA ILE GA 35 -19.91 -77.03 45.01
C ILE GA 35 -19.08 -77.22 46.23
N ASN GA 36 -19.37 -76.41 47.26
CA ASN GA 36 -18.79 -76.51 48.56
C ASN GA 36 -19.98 -76.70 49.43
N GLY GA 37 -19.89 -77.61 50.43
CA GLY GA 37 -21.06 -77.84 51.22
C GLY GA 37 -21.96 -78.72 50.39
N TRP GA 38 -21.36 -79.40 49.39
CA TRP GA 38 -22.12 -80.28 48.55
C TRP GA 38 -21.61 -81.66 48.83
N GLU GA 39 -22.36 -82.70 48.39
CA GLU GA 39 -22.11 -84.05 48.77
C GLU GA 39 -20.88 -84.71 48.21
N LEU GA 40 -20.35 -84.28 47.05
CA LEU GA 40 -19.27 -84.92 46.35
C LEU GA 40 -19.86 -85.98 45.48
N THR GA 41 -21.17 -86.22 45.63
CA THR GA 41 -21.88 -87.04 44.69
C THR GA 41 -23.04 -86.20 44.29
N LYS GA 42 -22.88 -84.89 44.53
CA LYS GA 42 -23.80 -83.89 44.14
C LYS GA 42 -22.98 -83.14 43.17
N ALA GA 43 -21.81 -82.68 43.67
CA ALA GA 43 -20.85 -82.03 42.87
C ALA GA 43 -20.00 -83.12 42.33
N GLN GA 44 -20.46 -83.73 41.23
CA GLN GA 44 -19.77 -84.70 40.45
C GLN GA 44 -20.72 -85.01 39.36
N LYS GA 45 -22.02 -85.02 39.69
CA LYS GA 45 -23.05 -85.04 38.69
C LYS GA 45 -23.48 -83.64 38.66
N TYR GA 46 -22.46 -82.87 39.01
CA TYR GA 46 -22.31 -81.48 39.03
C TYR GA 46 -21.05 -81.52 38.32
N LEU GA 47 -20.60 -80.36 37.90
CA LEU GA 47 -19.45 -80.23 37.12
C LEU GA 47 -19.90 -80.62 35.78
N GLU GA 48 -20.39 -81.85 35.63
CA GLU GA 48 -20.74 -82.42 34.38
C GLU GA 48 -21.84 -81.65 33.80
N GLN GA 49 -22.77 -81.19 34.63
CA GLN GA 49 -23.84 -80.44 34.07
C GLN GA 49 -23.19 -79.23 33.46
N VAL GA 50 -22.21 -78.68 34.21
CA VAL GA 50 -21.46 -77.54 33.81
C VAL GA 50 -20.72 -77.83 32.55
N LEU GA 51 -19.96 -78.94 32.45
CA LEU GA 51 -19.17 -79.21 31.27
C LEU GA 51 -20.13 -79.34 30.13
N ASP GA 52 -21.27 -79.97 30.39
CA ASP GA 52 -22.29 -80.22 29.40
C ASP GA 52 -22.81 -78.89 28.96
N HIS GA 53 -22.55 -77.86 29.78
CA HIS GA 53 -23.01 -76.52 29.56
C HIS GA 53 -24.48 -76.47 29.86
N GLN GA 54 -24.97 -77.50 30.57
CA GLN GA 54 -26.33 -77.47 30.99
C GLN GA 54 -26.48 -76.47 32.09
N ARG GA 55 -25.53 -76.45 33.05
CA ARG GA 55 -25.70 -75.56 34.17
C ARG GA 55 -24.57 -74.58 34.15
N ALA GA 56 -24.78 -73.40 34.79
CA ALA GA 56 -23.76 -72.40 34.79
C ALA GA 56 -23.35 -72.16 36.20
N ILE GA 57 -22.07 -71.82 36.38
CA ILE GA 57 -21.53 -71.54 37.68
C ILE GA 57 -21.28 -70.07 37.77
N PRO GA 58 -22.11 -69.45 38.56
CA PRO GA 58 -22.09 -68.05 38.81
C PRO GA 58 -20.78 -67.61 39.25
N PHE GA 59 -20.27 -66.57 38.60
CA PHE GA 59 -19.10 -66.04 39.15
C PHE GA 59 -19.42 -64.69 39.59
N ARG GA 60 -19.08 -64.41 40.85
CA ARG GA 60 -19.23 -63.12 41.38
C ARG GA 60 -17.84 -62.79 41.77
N ARG GA 61 -17.47 -61.49 41.76
CA ARG GA 61 -16.11 -61.18 42.05
C ARG GA 61 -15.26 -61.88 41.06
N PHE GA 62 -15.63 -61.73 39.78
CA PHE GA 62 -14.98 -62.41 38.70
C PHE GA 62 -15.27 -61.60 37.49
N ASN GA 63 -16.28 -62.04 36.74
CA ASN GA 63 -16.69 -61.42 35.53
C ASN GA 63 -16.83 -59.95 35.77
N SER GA 64 -15.88 -59.17 35.24
CA SER GA 64 -16.07 -57.76 35.24
C SER GA 64 -17.08 -57.59 34.17
N SER GA 65 -16.68 -58.04 32.97
CA SER GA 65 -17.49 -58.08 31.81
C SER GA 65 -18.25 -59.35 31.98
N ILE GA 66 -18.92 -59.81 30.91
CA ILE GA 66 -19.75 -60.97 30.91
C ILE GA 66 -20.83 -60.86 31.95
N GLY GA 67 -22.08 -60.87 31.50
CA GLY GA 67 -23.11 -60.78 32.50
C GLY GA 67 -24.40 -61.17 31.88
N ARG GA 68 -24.79 -62.43 32.10
CA ARG GA 68 -26.06 -62.87 31.60
C ARG GA 68 -26.18 -64.31 31.94
N THR GA 69 -27.33 -64.71 32.52
CA THR GA 69 -27.48 -66.10 32.79
C THR GA 69 -28.94 -66.35 32.90
N ALA GA 70 -29.33 -67.64 32.85
CA ALA GA 70 -30.69 -68.03 33.02
C ALA GA 70 -30.65 -69.02 34.13
N GLN GA 71 -31.80 -69.28 34.77
CA GLN GA 71 -31.89 -70.17 35.91
C GLN GA 71 -31.50 -71.53 35.48
N GLY GA 72 -31.69 -71.83 34.19
CA GLY GA 72 -31.34 -73.11 33.67
C GLY GA 72 -29.91 -73.28 34.04
N LYS GA 73 -29.16 -72.17 34.04
CA LYS GA 73 -27.81 -72.23 34.51
C LYS GA 73 -27.60 -71.11 35.49
N GLU GA 74 -28.54 -70.87 36.44
CA GLU GA 74 -28.35 -69.75 37.34
C GLU GA 74 -29.41 -69.76 38.40
N PHE GA 75 -29.09 -69.08 39.52
CA PHE GA 75 -29.98 -68.85 40.61
C PHE GA 75 -29.79 -67.40 40.89
N GLY GA 76 -30.44 -66.84 41.93
CA GLY GA 76 -30.35 -65.43 42.16
C GLY GA 76 -28.91 -65.03 42.26
N VAL GA 77 -28.40 -64.45 41.15
CA VAL GA 77 -27.05 -63.99 40.98
C VAL GA 77 -27.00 -63.28 39.67
N THR GA 78 -25.80 -62.88 39.26
CA THR GA 78 -25.60 -62.22 38.01
C THR GA 78 -25.15 -63.26 37.04
N LYS GA 79 -24.13 -62.91 36.21
CA LYS GA 79 -23.76 -63.84 35.19
C LYS GA 79 -22.94 -64.96 35.70
N ALA GA 80 -22.92 -66.04 34.89
CA ALA GA 80 -22.16 -67.22 35.13
C ALA GA 80 -21.85 -67.78 33.79
N ARG GA 81 -20.83 -68.65 33.69
CA ARG GA 81 -20.51 -69.26 32.44
C ARG GA 81 -20.12 -70.67 32.73
N TRP GA 82 -19.16 -71.19 31.96
CA TRP GA 82 -18.63 -72.50 32.14
C TRP GA 82 -17.65 -72.26 33.28
N PRO GA 83 -16.33 -72.42 33.38
CA PRO GA 83 -15.48 -72.97 32.37
C PRO GA 83 -15.43 -74.43 32.52
N ALA GA 84 -15.10 -75.13 31.42
CA ALA GA 84 -14.75 -76.50 31.45
C ALA GA 84 -13.28 -76.40 31.69
N LYS GA 85 -12.61 -77.54 31.98
CA LYS GA 85 -11.21 -77.60 32.26
C LYS GA 85 -10.97 -77.11 33.64
N SER GA 86 -11.60 -76.00 34.05
CA SER GA 86 -11.40 -75.70 35.43
C SER GA 86 -12.28 -76.68 36.13
N VAL GA 87 -13.48 -76.89 35.56
CA VAL GA 87 -14.37 -77.92 35.99
C VAL GA 87 -13.91 -79.02 35.14
N LYS GA 88 -13.59 -80.16 35.80
CA LYS GA 88 -12.73 -81.16 35.25
C LYS GA 88 -11.50 -80.64 35.91
N PHE GA 89 -10.60 -81.49 36.41
CA PHE GA 89 -9.53 -80.97 37.23
C PHE GA 89 -10.12 -80.29 38.42
N VAL GA 90 -11.34 -80.77 38.73
CA VAL GA 90 -12.15 -80.58 39.90
C VAL GA 90 -12.65 -81.97 39.95
N GLN GA 91 -13.31 -82.37 38.86
CA GLN GA 91 -13.54 -83.77 38.75
C GLN GA 91 -12.14 -84.26 38.61
N GLY GA 92 -11.78 -85.29 39.38
CA GLY GA 92 -10.42 -85.74 39.41
C GLY GA 92 -9.97 -85.44 40.78
N LEU GA 93 -10.24 -84.20 41.23
CA LEU GA 93 -9.93 -83.80 42.56
C LEU GA 93 -10.89 -84.51 43.41
N LEU GA 94 -12.12 -84.61 42.91
CA LEU GA 94 -13.19 -85.21 43.63
C LEU GA 94 -13.11 -86.67 43.57
N GLN GA 95 -12.54 -87.29 42.50
CA GLN GA 95 -12.49 -88.72 42.40
C GLN GA 95 -11.64 -89.20 43.51
N ASN GA 96 -10.44 -88.61 43.58
CA ASN GA 96 -9.57 -88.76 44.67
C ASN GA 96 -10.33 -88.04 45.72
N ALA GA 97 -10.18 -88.36 47.02
CA ALA GA 97 -11.05 -87.72 47.97
C ALA GA 97 -12.40 -88.13 47.53
N ALA GA 98 -12.78 -89.34 47.95
CA ALA GA 98 -13.79 -90.15 47.37
C ALA GA 98 -12.76 -91.10 46.87
N ALA GA 99 -13.06 -92.38 46.57
CA ALA GA 99 -11.94 -93.20 46.21
C ALA GA 99 -11.18 -93.45 47.48
N ASN GA 100 -10.18 -92.59 47.76
CA ASN GA 100 -9.38 -92.74 48.94
C ASN GA 100 -10.30 -92.68 50.10
N ALA GA 101 -11.45 -92.01 49.96
CA ALA GA 101 -12.36 -91.98 51.05
C ALA GA 101 -12.77 -93.37 51.30
N GLU GA 102 -13.14 -94.11 50.23
CA GLU GA 102 -13.69 -95.44 50.27
C GLU GA 102 -12.72 -96.43 50.82
N ALA GA 103 -11.41 -96.23 50.58
CA ALA GA 103 -10.44 -97.19 51.05
C ALA GA 103 -10.64 -97.25 52.52
N LYS GA 104 -10.79 -96.08 53.17
CA LYS GA 104 -11.16 -96.13 54.55
C LYS GA 104 -12.62 -96.42 54.47
N GLY GA 105 -13.17 -97.24 55.39
CA GLY GA 105 -14.56 -97.48 55.20
C GLY GA 105 -15.32 -96.23 55.46
N LEU GA 106 -15.80 -95.58 54.39
CA LEU GA 106 -16.70 -94.45 54.49
C LEU GA 106 -17.22 -94.20 53.11
N ASP GA 107 -18.51 -93.88 53.00
CA ASP GA 107 -19.06 -93.70 51.68
C ASP GA 107 -18.41 -92.51 51.05
N ALA GA 108 -17.77 -92.69 49.89
CA ALA GA 108 -17.17 -91.57 49.23
C ALA GA 108 -18.26 -90.66 48.84
N THR GA 109 -19.37 -91.25 48.33
CA THR GA 109 -20.56 -90.51 48.02
C THR GA 109 -21.01 -90.06 49.38
N LYS GA 110 -22.00 -89.15 49.45
CA LYS GA 110 -22.26 -88.56 50.74
C LYS GA 110 -20.96 -87.98 51.18
N LEU GA 111 -20.72 -87.82 52.49
CA LEU GA 111 -19.46 -87.24 52.88
C LEU GA 111 -19.23 -85.90 52.23
N TYR GA 112 -19.90 -84.88 52.79
CA TYR GA 112 -19.97 -83.51 52.36
C TYR GA 112 -18.68 -82.78 52.42
N VAL GA 113 -18.40 -81.99 51.36
CA VAL GA 113 -17.18 -81.24 51.28
C VAL GA 113 -17.20 -80.20 52.36
N SER GA 114 -16.36 -80.41 53.39
CA SER GA 114 -16.28 -79.49 54.49
C SER GA 114 -15.66 -78.24 54.01
N HIS GA 115 -14.49 -78.36 53.36
CA HIS GA 115 -13.86 -77.16 52.94
C HIS GA 115 -13.42 -77.32 51.53
N ILE GA 116 -12.98 -76.22 50.90
CA ILE GA 116 -12.63 -76.26 49.52
C ILE GA 116 -11.37 -75.50 49.36
N GLN GA 117 -11.06 -75.09 48.11
CA GLN GA 117 -9.75 -74.59 47.90
C GLN GA 117 -9.69 -73.43 46.96
N VAL GA 118 -8.45 -73.23 46.46
CA VAL GA 118 -8.12 -72.13 45.61
C VAL GA 118 -6.62 -72.07 45.48
N ASN GA 119 -6.03 -70.95 45.96
CA ASN GA 119 -4.63 -70.61 46.03
C ASN GA 119 -3.76 -70.89 44.86
N GLN GA 120 -3.57 -69.81 44.07
CA GLN GA 120 -2.70 -69.75 42.94
C GLN GA 120 -1.32 -69.99 43.45
N ALA GA 121 -0.58 -70.83 42.72
CA ALA GA 121 0.80 -71.08 43.00
C ALA GA 121 1.46 -70.26 41.94
N PRO GA 122 2.76 -70.17 41.91
CA PRO GA 122 3.38 -69.36 40.91
C PRO GA 122 3.29 -69.89 39.51
N LYS GA 123 3.24 -68.96 38.54
CA LYS GA 123 3.02 -69.21 37.14
C LYS GA 123 4.23 -69.76 36.50
N GLN GA 124 3.99 -70.31 35.29
CA GLN GA 124 5.03 -70.84 34.48
C GLN GA 124 5.75 -69.69 33.89
N ARG GA 125 6.70 -69.98 33.00
CA ARG GA 125 7.53 -68.97 32.42
C ARG GA 125 6.73 -68.20 31.43
N ARG GA 126 7.16 -66.95 31.18
CA ARG GA 126 6.37 -66.10 30.35
C ARG GA 126 7.03 -65.92 29.02
N ARG GA 127 6.28 -65.27 28.10
CA ARG GA 127 6.69 -65.10 26.75
C ARG GA 127 7.24 -63.77 26.54
N THR GA 128 7.92 -63.69 25.39
CA THR GA 128 8.44 -62.46 24.95
C THR GA 128 8.17 -62.35 23.50
N TYR GA 129 7.87 -61.12 23.06
CA TYR GA 129 7.71 -60.90 21.67
C TYR GA 129 7.17 -59.55 21.54
N ARG GA 130 7.36 -58.99 20.36
CA ARG GA 130 6.91 -57.67 20.27
C ARG GA 130 5.79 -57.59 19.32
N ALA GA 131 5.71 -56.39 18.73
CA ALA GA 131 4.68 -55.97 17.86
C ALA GA 131 5.14 -54.61 17.49
N HIS GA 132 4.24 -53.64 17.63
CA HIS GA 132 4.56 -52.30 17.32
C HIS GA 132 5.73 -51.95 18.18
N GLY GA 133 5.65 -52.25 19.48
CA GLY GA 133 6.77 -52.05 20.33
C GLY GA 133 6.35 -52.50 21.67
N ARG GA 134 6.75 -53.74 22.04
CA ARG GA 134 6.34 -54.12 23.34
C ARG GA 134 6.82 -55.51 23.60
N ILE GA 135 6.63 -55.97 24.84
CA ILE GA 135 6.86 -57.34 25.19
C ILE GA 135 5.83 -57.69 26.20
N ASN GA 136 5.33 -58.93 26.16
CA ASN GA 136 4.30 -59.28 27.10
C ASN GA 136 4.66 -60.58 27.69
N LYS GA 137 4.56 -60.72 29.04
CA LYS GA 137 4.84 -61.99 29.60
C LYS GA 137 3.65 -62.85 29.29
N TYR GA 138 3.90 -64.03 28.68
CA TYR GA 138 2.78 -64.84 28.31
C TYR GA 138 2.91 -66.16 29.01
N GLU GA 139 2.02 -66.41 29.98
CA GLU GA 139 2.00 -67.70 30.62
C GLU GA 139 0.75 -67.76 31.43
N SER GA 140 0.33 -68.99 31.80
CA SER GA 140 -0.89 -69.14 32.53
C SER GA 140 -0.56 -69.34 33.98
N SER GA 141 -1.58 -69.18 34.86
CA SER GA 141 -1.29 -69.32 36.26
C SER GA 141 -1.67 -70.68 36.71
N PRO GA 142 -0.69 -71.27 37.35
CA PRO GA 142 -0.92 -72.57 37.91
C PRO GA 142 -1.68 -72.50 39.18
N SER GA 143 -2.38 -73.60 39.55
CA SER GA 143 -3.17 -73.53 40.75
C SER GA 143 -3.03 -74.81 41.50
N HIS GA 144 -3.06 -74.73 42.85
CA HIS GA 144 -3.04 -75.91 43.65
C HIS GA 144 -4.21 -75.83 44.56
N ILE GA 145 -5.03 -76.89 44.53
CA ILE GA 145 -6.29 -76.90 45.22
C ILE GA 145 -6.15 -77.85 46.34
N GLU GA 146 -7.12 -77.78 47.27
CA GLU GA 146 -7.19 -78.63 48.40
C GLU GA 146 -8.64 -78.90 48.56
N LEU GA 147 -8.98 -80.12 48.95
CA LEU GA 147 -10.36 -80.44 49.11
C LEU GA 147 -10.45 -80.80 50.52
N VAL GA 148 -11.60 -81.31 50.98
CA VAL GA 148 -11.61 -81.58 52.38
C VAL GA 148 -12.25 -82.90 52.56
N VAL GA 149 -13.41 -82.98 53.23
CA VAL GA 149 -13.66 -84.32 53.61
C VAL GA 149 -15.06 -84.67 53.83
N THR GA 150 -15.25 -85.37 54.97
CA THR GA 150 -16.47 -86.06 55.13
C THR GA 150 -16.99 -86.11 56.51
N GLU GA 151 -17.99 -87.00 56.66
CA GLU GA 151 -18.64 -87.23 57.89
C GLU GA 151 -17.53 -87.54 58.86
N ASP HA 1 31.19 -28.09 87.19
CA ASP HA 1 30.17 -27.56 88.10
C ASP HA 1 29.51 -28.66 88.83
N ASN HA 2 29.75 -28.75 90.15
CA ASN HA 2 29.10 -29.85 90.77
C ASN HA 2 29.06 -29.62 92.23
N VAL HA 3 29.68 -30.56 92.96
CA VAL HA 3 29.62 -30.67 94.37
C VAL HA 3 30.09 -29.44 95.09
N TYR HA 4 31.29 -28.90 94.80
CA TYR HA 4 31.74 -27.83 95.65
C TYR HA 4 30.83 -26.65 95.55
N LEU HA 5 30.41 -26.34 94.31
CA LEU HA 5 29.58 -25.24 93.93
C LEU HA 5 28.23 -25.32 94.55
N LYS HA 6 27.64 -26.54 94.56
CA LYS HA 6 26.30 -26.77 95.03
C LYS HA 6 26.17 -26.53 96.50
N LEU HA 7 27.06 -27.15 97.30
CA LEU HA 7 26.96 -27.14 98.73
C LEU HA 7 27.11 -25.75 99.24
N LEU HA 8 28.11 -25.04 98.68
CA LEU HA 8 28.44 -23.74 99.14
C LEU HA 8 27.30 -22.82 98.93
N VAL HA 9 26.67 -22.85 97.74
CA VAL HA 9 25.62 -21.91 97.51
C VAL HA 9 24.51 -22.19 98.46
N LYS HA 10 24.22 -23.48 98.67
CA LYS HA 10 23.13 -23.86 99.53
C LYS HA 10 23.42 -23.39 100.91
N LEU HA 11 24.69 -23.51 101.34
CA LEU HA 11 24.96 -23.13 102.69
C LEU HA 11 24.70 -21.67 102.83
N TYR HA 12 25.18 -20.84 101.88
CA TYR HA 12 24.86 -19.47 102.11
C TYR HA 12 23.60 -19.12 101.42
N THR HA 13 22.54 -19.71 102.01
CA THR HA 13 21.15 -19.47 101.77
C THR HA 13 20.62 -19.57 103.17
N PHE HA 14 21.18 -20.53 103.94
CA PHE HA 14 20.85 -20.70 105.32
C PHE HA 14 21.84 -19.85 106.03
N LEU HA 15 21.84 -18.56 105.69
CA LEU HA 15 22.73 -17.66 106.35
C LEU HA 15 21.98 -16.40 106.37
N ALA HA 16 21.66 -15.94 105.15
CA ALA HA 16 20.93 -14.75 105.05
C ALA HA 16 19.64 -14.97 105.73
N ARG HA 17 18.98 -16.09 105.40
CA ARG HA 17 17.67 -16.27 105.92
C ARG HA 17 17.61 -16.58 107.36
N ARG HA 18 18.46 -17.50 107.86
CA ARG HA 18 18.32 -17.81 109.25
C ARG HA 18 18.62 -16.58 110.04
N THR HA 19 19.67 -15.84 109.65
CA THR HA 19 20.00 -14.70 110.44
C THR HA 19 19.50 -13.47 109.73
N ASP HA 20 20.33 -12.42 109.63
CA ASP HA 20 19.85 -11.16 109.14
C ASP HA 20 20.36 -10.79 107.77
N ALA HA 21 21.46 -10.01 107.75
CA ALA HA 21 21.97 -9.31 106.59
C ALA HA 21 21.90 -10.13 105.34
N PRO HA 22 21.65 -9.37 104.31
CA PRO HA 22 21.52 -9.86 102.96
C PRO HA 22 22.74 -10.46 102.37
N PHE HA 23 23.95 -10.09 102.83
CA PHE HA 23 25.10 -10.75 102.27
C PHE HA 23 24.89 -12.18 102.68
N ASN HA 24 25.52 -13.12 101.98
CA ASN HA 24 25.30 -14.51 102.25
C ASN HA 24 23.93 -14.87 101.76
N LYS HA 25 23.41 -14.02 100.86
CA LYS HA 25 22.17 -14.25 100.20
C LYS HA 25 22.46 -13.75 98.82
N VAL HA 26 23.06 -12.54 98.80
CA VAL HA 26 23.46 -11.91 97.59
C VAL HA 26 24.52 -12.75 96.95
N VAL HA 27 25.45 -13.26 97.79
CA VAL HA 27 26.57 -14.05 97.38
C VAL HA 27 26.06 -15.31 96.77
N LEU HA 28 24.90 -15.79 97.27
CA LEU HA 28 24.30 -16.97 96.70
C LEU HA 28 23.94 -16.69 95.28
N LYS HA 29 23.34 -15.50 95.05
CA LYS HA 29 22.83 -15.13 93.76
C LYS HA 29 23.93 -15.04 92.76
N ALA HA 30 25.06 -14.42 93.12
CA ALA HA 30 26.09 -14.22 92.14
C ALA HA 30 26.54 -15.55 91.66
N LEU HA 31 26.75 -16.47 92.60
CA LEU HA 31 27.20 -17.77 92.23
C LEU HA 31 26.12 -18.42 91.47
N PHE HA 32 24.86 -18.15 91.84
CA PHE HA 32 23.78 -18.79 91.17
C PHE HA 32 23.56 -18.02 89.91
N LEU HA 33 24.64 -17.79 89.15
CA LEU HA 33 24.59 -17.08 87.92
C LEU HA 33 25.67 -17.64 87.06
N SER HA 34 25.81 -17.16 85.82
CA SER HA 34 26.79 -17.73 84.94
C SER HA 34 28.15 -17.51 85.53
N LYS HA 35 29.07 -18.45 85.23
CA LYS HA 35 30.40 -18.38 85.73
C LYS HA 35 31.04 -17.18 85.14
N ILE HA 36 30.76 -16.92 83.84
CA ILE HA 36 31.39 -15.78 83.25
C ILE HA 36 30.55 -14.62 83.64
N ASN HA 37 30.76 -14.20 84.90
CA ASN HA 37 30.13 -13.11 85.56
C ASN HA 37 31.06 -12.84 86.69
N ARG HA 38 31.10 -13.82 87.60
CA ARG HA 38 31.93 -13.90 88.76
C ARG HA 38 33.32 -14.26 88.30
N PRO HA 39 34.39 -14.06 89.06
CA PRO HA 39 34.41 -13.33 90.31
C PRO HA 39 34.27 -11.85 90.11
N PRO HA 40 35.23 -11.06 89.63
CA PRO HA 40 36.64 -11.37 89.49
C PRO HA 40 37.23 -10.93 90.81
N VAL HA 41 38.56 -10.99 90.98
CA VAL HA 41 39.08 -10.61 92.25
C VAL HA 41 40.27 -9.73 92.15
N SER HA 42 41.46 -10.25 91.74
CA SER HA 42 42.69 -9.52 91.63
C SER HA 42 42.96 -8.66 92.83
N VAL HA 43 43.79 -9.18 93.78
CA VAL HA 43 44.14 -8.45 94.97
C VAL HA 43 44.94 -7.25 94.60
N SER HA 44 44.16 -6.22 94.29
CA SER HA 44 44.38 -4.86 93.93
C SER HA 44 42.96 -4.45 93.91
N ARG HA 45 42.61 -3.41 94.65
CA ARG HA 45 41.24 -3.06 94.80
C ARG HA 45 40.60 -4.03 95.74
N ILE HA 46 41.28 -5.13 96.08
CA ILE HA 46 40.79 -5.78 97.24
C ILE HA 46 41.79 -5.24 98.16
N ALA HA 47 41.59 -3.97 98.49
CA ALA HA 47 42.52 -3.16 99.20
C ALA HA 47 41.78 -1.88 99.20
N ARG HA 48 42.42 -0.85 98.62
CA ARG HA 48 41.75 0.39 98.47
C ARG HA 48 40.51 0.06 97.70
N ALA HA 49 39.35 0.57 98.15
CA ALA HA 49 38.15 0.27 97.45
C ALA HA 49 37.56 1.58 97.02
N LEU HA 50 36.80 1.55 95.92
CA LEU HA 50 36.20 2.77 95.42
C LEU HA 50 35.28 3.26 96.49
N LYS HA 51 34.53 2.32 97.10
CA LYS HA 51 33.62 2.68 98.14
C LYS HA 51 34.44 3.02 99.34
N GLN HA 52 33.77 3.62 100.35
CA GLN HA 52 34.47 3.99 101.55
C GLN HA 52 35.01 2.71 102.11
N GLU HA 53 34.23 1.63 101.97
CA GLU HA 53 34.65 0.35 102.43
C GLU HA 53 35.98 0.05 101.82
N GLY HA 54 36.82 -0.71 102.56
CA GLY HA 54 38.13 -1.04 102.10
C GLY HA 54 38.73 -1.92 103.14
N ALA HA 55 39.79 -1.43 103.82
CA ALA HA 55 40.42 -2.23 104.83
C ALA HA 55 40.00 -1.73 106.17
N ALA HA 56 39.77 -2.69 107.09
CA ALA HA 56 39.34 -2.37 108.42
C ALA HA 56 39.15 -3.69 109.09
N ASN HA 57 38.73 -3.68 110.37
CA ASN HA 57 38.54 -4.96 110.98
C ASN HA 57 37.22 -5.47 110.52
N LYS HA 58 37.18 -5.93 109.26
CA LYS HA 58 36.00 -6.51 108.70
C LYS HA 58 36.46 -7.28 107.52
N THR HA 59 35.70 -8.31 107.11
CA THR HA 59 36.14 -9.06 105.99
C THR HA 59 35.57 -8.41 104.80
N VAL HA 60 36.12 -8.76 103.62
CA VAL HA 60 35.58 -8.30 102.40
C VAL HA 60 35.52 -9.52 101.55
N VAL HA 61 34.32 -10.11 101.47
CA VAL HA 61 34.18 -11.33 100.77
C VAL HA 61 34.11 -10.97 99.36
N VAL HA 62 34.40 -11.92 98.45
CA VAL HA 62 34.20 -11.64 97.09
C VAL HA 62 33.43 -12.80 96.63
N VAL HA 63 32.48 -12.59 95.70
CA VAL HA 63 31.80 -13.73 95.16
C VAL HA 63 32.64 -14.12 94.00
N GLY HA 64 33.28 -15.30 94.08
CA GLY HA 64 34.18 -15.68 93.07
C GLY HA 64 35.45 -15.96 93.79
N THR HA 65 36.53 -16.20 93.02
CA THR HA 65 37.83 -16.47 93.53
C THR HA 65 38.54 -15.18 93.71
N VAL HA 66 39.65 -15.22 94.47
CA VAL HA 66 40.48 -14.07 94.60
C VAL HA 66 41.76 -14.44 93.98
N THR HA 67 42.48 -13.49 93.36
CA THR HA 67 43.68 -13.83 92.66
C THR HA 67 44.71 -12.83 93.05
N ASP HA 68 46.00 -13.18 92.87
CA ASP HA 68 47.02 -12.26 93.25
C ASP HA 68 47.54 -11.58 92.03
N ASP HA 69 47.27 -10.27 91.90
CA ASP HA 69 47.81 -9.55 90.78
C ASP HA 69 48.15 -8.17 91.25
N ALA HA 70 48.56 -8.02 92.52
CA ALA HA 70 48.86 -6.70 92.96
C ALA HA 70 49.28 -6.75 94.40
N ARG HA 71 49.33 -5.56 95.02
CA ARG HA 71 49.75 -5.40 96.38
C ARG HA 71 48.82 -6.09 97.30
N ILE HA 72 49.18 -6.10 98.59
CA ILE HA 72 48.41 -6.77 99.60
C ILE HA 72 48.02 -5.76 100.63
N PHE HA 73 47.08 -6.15 101.49
CA PHE HA 73 46.56 -5.28 102.50
C PHE HA 73 47.67 -4.86 103.38
N GLU HA 74 47.46 -3.71 104.03
CA GLU HA 74 48.43 -3.11 104.87
C GLU HA 74 48.37 -3.72 106.23
N PHE HA 75 48.65 -2.91 107.25
CA PHE HA 75 48.71 -3.34 108.61
C PHE HA 75 47.40 -3.96 108.99
N PRO HA 76 46.30 -3.43 108.54
CA PRO HA 76 45.06 -4.04 108.93
C PRO HA 76 44.96 -5.47 108.53
N LYS HA 77 44.28 -6.24 109.39
CA LYS HA 77 44.08 -7.66 109.36
C LYS HA 77 43.25 -8.09 108.20
N THR HA 78 42.49 -7.14 107.61
CA THR HA 78 41.52 -7.35 106.56
C THR HA 78 41.89 -8.48 105.67
N THR HA 79 41.29 -9.66 105.92
CA THR HA 79 41.54 -10.80 105.12
C THR HA 79 40.22 -11.42 104.91
N VAL HA 80 39.98 -12.06 103.74
CA VAL HA 80 38.63 -12.42 103.69
C VAL HA 80 38.46 -13.73 103.04
N ALA HA 81 37.26 -14.29 103.23
CA ALA HA 81 36.80 -15.49 102.62
C ALA HA 81 36.34 -15.11 101.27
N ALA HA 82 36.26 -16.11 100.38
CA ALA HA 82 35.81 -15.96 99.04
C ALA HA 82 35.68 -17.35 98.62
N LEU HA 83 35.21 -17.63 97.39
CA LEU HA 83 35.24 -18.98 96.94
C LEU HA 83 36.73 -19.14 96.75
N ARG HA 84 37.27 -20.36 96.70
CA ARG HA 84 38.68 -20.56 96.70
C ARG HA 84 39.43 -19.72 95.72
N PHE HA 85 40.62 -19.30 96.18
CA PHE HA 85 41.54 -18.47 95.49
C PHE HA 85 42.82 -19.17 95.55
N THR HA 86 43.59 -19.13 94.46
CA THR HA 86 44.79 -19.90 94.50
C THR HA 86 45.90 -19.09 93.92
N ALA HA 87 47.14 -19.50 94.24
CA ALA HA 87 48.33 -18.90 93.74
C ALA HA 87 48.76 -17.92 94.77
N GLY HA 88 49.36 -16.82 94.31
CA GLY HA 88 49.80 -15.83 95.23
C GLY HA 88 48.60 -15.37 95.99
N ALA HA 89 47.43 -15.27 95.34
CA ALA HA 89 46.31 -14.93 96.14
C ALA HA 89 46.08 -16.14 96.96
N ARG HA 90 46.49 -16.03 98.24
CA ARG HA 90 46.52 -17.02 99.25
C ARG HA 90 47.98 -17.13 99.46
N ALA HA 91 48.44 -17.13 100.72
CA ALA HA 91 49.85 -17.14 100.95
C ALA HA 91 50.44 -15.82 100.56
N LYS HA 92 49.60 -14.87 100.12
CA LYS HA 92 50.06 -13.54 99.89
C LYS HA 92 49.10 -12.73 100.64
N ILE HA 93 47.86 -13.18 100.59
CA ILE HA 93 46.98 -12.58 101.50
C ILE HA 93 47.12 -13.48 102.66
N VAL HA 94 48.15 -13.16 103.45
CA VAL HA 94 48.54 -13.86 104.63
C VAL HA 94 49.41 -12.83 105.28
N LYS HA 95 49.93 -13.10 106.48
CA LYS HA 95 50.75 -12.18 107.21
C LYS HA 95 50.11 -10.82 107.21
N ALA HA 96 50.52 -9.91 106.31
CA ALA HA 96 49.91 -8.63 106.27
C ALA HA 96 48.46 -8.86 106.01
N GLY HA 97 47.60 -7.94 106.48
CA GLY HA 97 46.21 -8.22 106.28
C GLY HA 97 45.90 -9.35 107.19
N GLY HA 98 45.28 -10.41 106.65
CA GLY HA 98 44.93 -11.51 107.49
C GLY HA 98 45.04 -12.76 106.68
N GLU HA 99 44.42 -13.84 107.19
CA GLU HA 99 44.50 -15.08 106.47
C GLU HA 99 43.18 -15.32 105.81
N CYS HA 100 43.21 -15.67 104.51
CA CYS HA 100 41.98 -15.87 103.81
C CYS HA 100 41.36 -17.13 104.30
N ILE HA 101 40.02 -17.21 104.19
CA ILE HA 101 39.35 -18.40 104.64
C ILE HA 101 38.39 -18.84 103.58
N THR HA 102 37.76 -20.02 103.80
CA THR HA 102 36.96 -20.75 102.86
C THR HA 102 35.71 -20.06 102.43
N LEU HA 103 35.14 -19.18 103.28
CA LEU HA 103 33.91 -18.50 103.07
C LEU HA 103 32.82 -19.38 103.56
N ASP HA 104 33.09 -20.69 103.63
CA ASP HA 104 32.17 -21.59 104.26
C ASP HA 104 32.30 -21.23 105.69
N GLN HA 105 33.54 -20.89 106.05
CA GLN HA 105 33.93 -20.45 107.34
C GLN HA 105 33.24 -19.15 107.52
N LEU HA 106 33.19 -18.34 106.48
CA LEU HA 106 32.54 -17.08 106.61
C LEU HA 106 31.11 -17.41 106.87
N ALA HA 107 30.64 -18.59 106.43
CA ALA HA 107 29.33 -19.08 106.77
C ALA HA 107 29.26 -19.59 108.17
N VAL HA 108 30.33 -20.17 108.76
CA VAL HA 108 30.18 -20.54 110.15
C VAL HA 108 31.06 -19.60 110.90
N ARG HA 109 30.41 -18.67 111.61
CA ARG HA 109 31.11 -17.50 112.01
C ARG HA 109 30.05 -16.71 112.68
N ALA HA 110 30.14 -15.39 112.56
CA ALA HA 110 28.94 -14.69 112.80
C ALA HA 110 28.08 -14.69 111.56
N PRO HA 111 26.93 -15.30 111.72
CA PRO HA 111 25.88 -15.33 110.71
C PRO HA 111 25.44 -13.91 110.83
N LYS HA 112 24.62 -13.42 109.89
CA LYS HA 112 24.20 -12.07 109.97
C LYS HA 112 25.31 -11.26 109.43
N GLY HA 113 24.98 -10.39 108.46
CA GLY HA 113 26.03 -9.64 107.85
C GLY HA 113 26.65 -8.84 108.92
N GLN HA 114 27.98 -8.97 109.04
CA GLN HA 114 28.71 -8.21 110.01
C GLN HA 114 29.44 -7.23 109.18
N ASN HA 115 30.45 -6.55 109.75
CA ASN HA 115 31.15 -5.62 108.91
C ASN HA 115 31.77 -6.44 107.83
N THR HA 116 31.20 -6.35 106.61
CA THR HA 116 31.71 -7.09 105.49
C THR HA 116 31.64 -6.19 104.31
N LEU HA 117 32.44 -6.49 103.26
CA LEU HA 117 32.44 -5.65 102.10
C LEU HA 117 32.27 -6.54 100.90
N ILE HA 118 31.54 -6.06 99.88
CA ILE HA 118 31.25 -6.84 98.71
C ILE HA 118 32.49 -7.09 97.90
N LEU HA 119 33.27 -6.03 97.62
CA LEU HA 119 34.53 -6.12 96.92
C LEU HA 119 34.50 -7.05 95.74
N ARG HA 120 33.71 -6.71 94.70
CA ARG HA 120 33.69 -7.52 93.52
C ARG HA 120 34.99 -7.26 92.80
N ASN IA 2 3.36 -92.02 16.66
CA ASN IA 2 3.04 -93.40 16.26
C ASN IA 2 4.15 -93.96 15.43
N LEU IA 3 3.83 -94.35 14.19
CA LEU IA 3 4.82 -94.92 13.35
C LEU IA 3 5.14 -93.90 12.34
N ARG IA 4 5.65 -92.74 12.81
CA ARG IA 4 6.15 -91.72 11.96
C ARG IA 4 7.48 -92.18 11.47
N THR IA 5 8.23 -92.85 12.37
CA THR IA 5 9.58 -93.27 12.13
C THR IA 5 9.62 -94.29 11.03
N GLN IA 6 8.60 -95.16 10.99
CA GLN IA 6 8.52 -96.19 10.02
C GLN IA 6 8.39 -95.55 8.73
N LYS IA 7 7.68 -94.42 8.72
CA LYS IA 7 7.39 -93.62 7.60
C LYS IA 7 8.69 -93.12 7.21
N ARG IA 8 9.61 -92.99 8.19
CA ARG IA 8 10.89 -92.56 7.76
C ARG IA 8 11.41 -93.53 6.84
N LEU IA 9 11.49 -94.81 7.25
CA LEU IA 9 11.76 -95.72 6.20
C LEU IA 9 10.47 -95.98 5.54
N ALA IA 10 10.19 -97.16 4.94
CA ALA IA 10 9.06 -97.10 4.06
C ALA IA 10 9.67 -96.23 3.07
N ALA IA 11 8.99 -95.22 2.43
CA ALA IA 11 9.61 -94.37 1.45
C ALA IA 11 10.98 -94.03 1.92
N SER IA 12 11.92 -94.69 1.22
CA SER IA 12 13.35 -94.80 1.39
C SER IA 12 13.55 -96.08 0.64
N VAL IA 13 13.76 -97.20 1.36
CA VAL IA 13 13.68 -98.42 0.63
C VAL IA 13 12.23 -98.60 0.37
N VAL IA 14 11.80 -98.04 -0.78
CA VAL IA 14 10.51 -97.96 -1.38
C VAL IA 14 10.83 -97.17 -2.59
N GLY IA 15 11.46 -96.00 -2.32
CA GLY IA 15 11.92 -95.13 -3.35
C GLY IA 15 10.83 -94.19 -3.76
N VAL IA 16 9.88 -93.93 -2.84
CA VAL IA 16 8.82 -93.04 -3.11
C VAL IA 16 9.02 -91.89 -2.17
N GLY IA 17 8.12 -90.90 -2.23
CA GLY IA 17 8.19 -89.79 -1.35
C GLY IA 17 7.62 -90.25 -0.06
N LYS IA 18 7.83 -89.44 0.99
CA LYS IA 18 7.40 -89.72 2.32
C LYS IA 18 5.94 -89.66 2.38
N ARG IA 19 5.35 -88.73 1.61
CA ARG IA 19 3.94 -88.56 1.61
C ARG IA 19 3.29 -89.76 1.02
N LYS IA 20 3.82 -90.28 -0.11
CA LYS IA 20 3.15 -91.42 -0.64
C LYS IA 20 3.87 -92.66 -0.22
N VAL IA 21 3.41 -93.17 0.94
CA VAL IA 21 3.76 -94.37 1.57
C VAL IA 21 2.55 -94.71 2.36
N TRP IA 22 1.89 -95.82 1.97
CA TRP IA 22 0.76 -96.48 2.47
C TRP IA 22 0.88 -96.59 3.94
N LEU IA 23 -0.15 -97.19 4.54
CA LEU IA 23 -0.12 -97.67 5.88
C LEU IA 23 -1.12 -98.78 5.69
N ASP IA 24 -1.40 -99.67 6.67
CA ASP IA 24 -2.31 -100.74 6.29
C ASP IA 24 -3.66 -100.20 5.90
N PRO IA 25 -4.53 -99.62 6.70
CA PRO IA 25 -4.43 -99.56 8.14
C PRO IA 25 -4.96 -100.87 8.59
N ASN IA 26 -5.11 -101.05 9.91
CA ASN IA 26 -5.50 -102.23 10.63
C ASN IA 26 -4.34 -103.17 10.68
N GLU IA 27 -3.21 -102.73 10.09
CA GLU IA 27 -1.99 -103.45 10.30
C GLU IA 27 -1.09 -102.42 10.86
N THR IA 28 -1.34 -102.05 12.12
CA THR IA 28 -0.55 -101.05 12.76
C THR IA 28 0.19 -101.75 13.84
N SER IA 29 -0.17 -103.02 14.11
CA SER IA 29 0.61 -103.77 15.04
C SER IA 29 1.89 -104.07 14.32
N GLU IA 30 1.76 -104.76 13.17
CA GLU IA 30 2.90 -104.94 12.33
C GLU IA 30 2.97 -103.60 11.69
N ILE IA 31 4.18 -103.10 11.36
CA ILE IA 31 4.44 -101.72 11.12
C ILE IA 31 4.00 -101.11 12.39
N ALA IA 32 4.97 -100.63 13.17
CA ALA IA 32 4.78 -100.35 14.56
C ALA IA 32 5.99 -101.06 14.97
N GLN IA 33 5.81 -102.35 15.31
CA GLN IA 33 6.96 -103.16 15.48
C GLN IA 33 7.48 -103.30 14.07
N ALA IA 34 8.52 -102.50 13.79
CA ALA IA 34 9.31 -102.33 12.63
C ALA IA 34 10.63 -102.21 13.30
N ASN IA 35 11.28 -101.04 13.21
CA ASN IA 35 12.52 -100.78 13.90
C ASN IA 35 13.69 -101.34 13.16
N SER IA 36 13.48 -101.80 11.91
CA SER IA 36 14.66 -102.16 11.17
C SER IA 36 14.29 -102.02 9.73
N ARG IA 37 15.27 -101.56 8.93
CA ARG IA 37 15.15 -101.30 7.55
C ARG IA 37 14.86 -102.60 6.94
N ASN IA 38 15.45 -103.69 7.47
CA ASN IA 38 15.11 -104.96 6.90
C ASN IA 38 13.69 -105.24 7.28
N ALA IA 39 13.28 -104.84 8.49
CA ALA IA 39 11.93 -105.10 8.92
C ALA IA 39 11.03 -104.39 7.98
N ILE IA 40 11.37 -103.15 7.62
CA ILE IA 40 10.53 -102.43 6.71
C ILE IA 40 11.11 -102.67 5.36
N ARG IA 41 10.61 -103.77 4.76
CA ARG IA 41 10.98 -104.32 3.50
C ARG IA 41 11.09 -105.71 3.90
N LYS IA 42 9.88 -106.27 4.10
CA LYS IA 42 9.58 -107.56 4.58
C LYS IA 42 8.09 -107.46 4.63
N LEU IA 43 7.66 -106.50 5.48
CA LEU IA 43 6.32 -106.07 5.63
C LEU IA 43 6.03 -105.40 4.36
N VAL IA 44 7.06 -104.97 3.63
CA VAL IA 44 6.78 -104.44 2.35
C VAL IA 44 6.30 -105.55 1.53
N LYS IA 45 6.92 -106.76 1.65
CA LYS IA 45 6.61 -107.91 0.84
C LYS IA 45 5.23 -108.34 1.15
N ASN IA 46 4.93 -108.50 2.45
CA ASN IA 46 3.58 -108.83 2.76
C ASN IA 46 2.92 -107.52 2.65
N GLY IA 47 2.31 -107.28 1.48
CA GLY IA 47 1.80 -105.98 1.13
C GLY IA 47 0.98 -105.47 2.25
N THR IA 48 1.61 -104.57 3.04
CA THR IA 48 0.97 -103.89 4.11
C THR IA 48 1.56 -102.53 4.04
N ILE IA 49 2.69 -102.51 3.32
CA ILE IA 49 3.60 -101.47 3.10
C ILE IA 49 3.70 -101.26 1.64
N VAL IA 50 2.80 -100.45 1.01
CA VAL IA 50 2.96 -100.23 -0.39
C VAL IA 50 2.32 -98.95 -0.76
N LYS IA 51 3.06 -98.06 -1.46
CA LYS IA 51 2.37 -96.84 -1.73
C LYS IA 51 2.51 -96.45 -3.14
N LYS IA 52 1.55 -95.62 -3.55
CA LYS IA 52 1.56 -95.18 -4.90
C LYS IA 52 0.58 -94.06 -5.01
N ALA IA 53 -0.25 -94.11 -6.07
CA ALA IA 53 -1.24 -93.11 -6.33
C ALA IA 53 -0.61 -91.78 -6.61
N VAL IA 54 0.40 -91.75 -7.50
CA VAL IA 54 0.99 -90.52 -7.92
C VAL IA 54 0.05 -89.90 -8.91
N THR IA 55 0.05 -88.56 -8.99
CA THR IA 55 -0.83 -87.87 -9.89
C THR IA 55 -0.28 -87.99 -11.27
N VAL IA 56 -1.14 -87.72 -12.27
CA VAL IA 56 -0.74 -87.79 -13.65
C VAL IA 56 -1.14 -86.48 -14.27
N HIS IA 57 -0.52 -86.15 -15.41
CA HIS IA 57 -0.83 -84.91 -16.06
C HIS IA 57 -2.27 -84.97 -16.49
N SER IA 58 -2.93 -83.80 -16.50
CA SER IA 58 -4.34 -83.73 -16.76
C SER IA 58 -4.65 -84.20 -18.14
N LYS IA 59 -3.99 -83.60 -19.15
CA LYS IA 59 -4.29 -83.83 -20.53
C LYS IA 59 -5.78 -83.79 -20.68
N SER IA 60 -6.29 -82.57 -20.91
CA SER IA 60 -7.69 -82.33 -21.03
C SER IA 60 -7.78 -80.93 -21.53
N ARG IA 61 -7.09 -80.03 -20.83
CA ARG IA 61 -6.97 -78.68 -21.28
C ARG IA 61 -6.00 -78.65 -22.38
N THR IA 62 -4.97 -79.51 -22.28
CA THR IA 62 -4.01 -79.53 -23.32
C THR IA 62 -4.06 -80.88 -23.94
N ARG IA 63 -4.35 -80.89 -25.25
CA ARG IA 63 -4.47 -82.09 -26.02
C ARG IA 63 -5.24 -81.65 -27.22
N ALA IA 64 -6.57 -81.68 -27.11
CA ALA IA 64 -7.40 -81.28 -28.19
C ALA IA 64 -7.03 -79.87 -28.52
N HIS IA 65 -6.75 -79.05 -27.50
CA HIS IA 65 -6.39 -77.68 -27.79
C HIS IA 65 -5.11 -77.70 -28.57
N ALA IA 66 -4.17 -78.58 -28.18
CA ALA IA 66 -2.91 -78.64 -28.86
C ALA IA 66 -3.14 -79.02 -30.27
N GLN IA 67 -4.09 -79.95 -30.53
CA GLN IA 67 -4.37 -80.27 -31.89
C GLN IA 67 -5.63 -79.58 -32.24
N SER IA 68 -5.49 -78.32 -32.67
CA SER IA 68 -6.51 -77.43 -33.07
C SER IA 68 -5.71 -76.20 -33.29
N LYS IA 69 -5.26 -75.58 -32.19
CA LYS IA 69 -4.28 -74.55 -32.30
C LYS IA 69 -3.07 -75.33 -32.69
N ARG IA 70 -2.00 -74.66 -33.17
CA ARG IA 70 -0.85 -75.37 -33.68
C ARG IA 70 -1.24 -75.96 -34.99
N GLU IA 71 -2.47 -75.65 -35.39
CA GLU IA 71 -3.12 -75.99 -36.61
C GLU IA 71 -4.02 -74.81 -36.71
N GLY IA 72 -4.61 -74.52 -37.88
CA GLY IA 72 -5.42 -73.35 -37.77
C GLY IA 72 -6.65 -73.71 -36.99
N ARG IA 73 -6.94 -72.94 -35.92
CA ARG IA 73 -8.14 -73.04 -35.13
C ARG IA 73 -7.90 -72.57 -33.73
N HIS IA 74 -9.00 -72.16 -33.06
CA HIS IA 74 -8.93 -71.69 -31.71
C HIS IA 74 -7.90 -70.63 -31.65
N SER IA 75 -7.94 -69.75 -32.66
CA SER IA 75 -7.02 -68.67 -32.74
C SER IA 75 -7.82 -67.58 -33.34
N GLY IA 76 -7.14 -66.57 -33.90
CA GLY IA 76 -7.88 -65.53 -34.52
C GLY IA 76 -7.56 -64.29 -33.77
N TYR IA 77 -8.46 -63.32 -33.85
CA TYR IA 77 -8.32 -62.14 -33.08
C TYR IA 77 -9.29 -62.32 -31.97
N GLY IA 78 -8.80 -62.30 -30.72
CA GLY IA 78 -9.65 -62.62 -29.62
C GLY IA 78 -9.29 -63.97 -29.09
N LYS IA 79 -7.97 -64.18 -28.90
CA LYS IA 79 -7.42 -65.34 -28.26
C LYS IA 79 -5.99 -65.03 -28.01
N ARG IA 80 -5.30 -64.67 -29.09
CA ARG IA 80 -3.94 -64.31 -29.09
C ARG IA 80 -3.79 -63.11 -28.25
N LYS IA 81 -2.75 -63.13 -27.41
CA LYS IA 81 -2.37 -62.02 -26.61
C LYS IA 81 -1.03 -61.75 -27.20
N GLY IA 82 -0.29 -60.75 -26.73
CA GLY IA 82 0.98 -60.58 -27.35
C GLY IA 82 0.72 -59.73 -28.55
N THR IA 83 1.79 -59.13 -29.10
CA THR IA 83 1.61 -58.25 -30.23
C THR IA 83 1.56 -59.11 -31.44
N ARG IA 84 1.63 -58.46 -32.63
CA ARG IA 84 1.62 -59.18 -33.88
C ARG IA 84 2.86 -60.00 -33.91
N GLU IA 85 3.98 -59.39 -33.48
CA GLU IA 85 5.19 -60.12 -33.35
C GLU IA 85 4.95 -60.85 -32.07
N ALA IA 86 5.90 -61.68 -31.62
CA ALA IA 86 5.77 -62.45 -30.42
C ALA IA 86 4.93 -63.63 -30.71
N ARG IA 87 4.42 -63.68 -31.94
CA ARG IA 87 3.78 -64.87 -32.41
C ARG IA 87 3.91 -64.65 -33.86
N LEU IA 88 4.44 -65.62 -34.61
CA LEU IA 88 4.81 -65.39 -35.97
C LEU IA 88 5.65 -64.14 -36.13
N PRO IA 89 6.91 -64.23 -35.74
CA PRO IA 89 7.80 -63.11 -35.85
C PRO IA 89 8.32 -62.86 -37.22
N SER IA 90 8.81 -61.63 -37.44
CA SER IA 90 9.52 -61.25 -38.60
C SER IA 90 10.93 -61.39 -38.15
N GLN IA 91 11.90 -61.14 -39.03
CA GLN IA 91 13.25 -61.28 -38.59
C GLN IA 91 13.46 -62.69 -38.16
N VAL IA 92 12.61 -63.58 -38.70
CA VAL IA 92 12.69 -65.00 -38.47
C VAL IA 92 12.13 -65.60 -39.71
N VAL IA 93 10.86 -65.28 -40.01
CA VAL IA 93 10.21 -65.75 -41.20
C VAL IA 93 10.93 -65.18 -42.36
N TRP IA 94 11.34 -63.92 -42.18
CA TRP IA 94 12.06 -63.17 -43.14
C TRP IA 94 13.31 -63.90 -43.40
N ILE IA 95 13.91 -64.59 -42.41
CA ILE IA 95 14.94 -65.46 -42.88
C ILE IA 95 14.39 -66.84 -42.88
N ARG IA 96 13.61 -67.12 -43.94
CA ARG IA 96 13.04 -68.41 -44.15
C ARG IA 96 12.96 -68.48 -45.62
N ARG IA 97 12.76 -67.28 -46.16
CA ARG IA 97 12.77 -66.93 -47.52
C ARG IA 97 13.80 -65.88 -47.45
N LEU IA 98 14.33 -65.39 -48.58
CA LEU IA 98 15.40 -64.47 -48.45
C LEU IA 98 16.47 -65.16 -47.68
N ARG IA 99 16.95 -66.28 -48.25
CA ARG IA 99 17.89 -67.09 -47.58
C ARG IA 99 17.87 -68.27 -48.44
N VAL IA 100 16.67 -68.82 -48.65
CA VAL IA 100 16.50 -69.83 -49.64
C VAL IA 100 16.64 -69.18 -50.98
N LEU IA 101 16.02 -67.99 -51.12
CA LEU IA 101 15.97 -67.32 -52.38
C LEU IA 101 17.33 -66.99 -52.83
N ARG IA 102 18.12 -66.44 -51.90
CA ARG IA 102 19.42 -66.00 -52.22
C ARG IA 102 20.16 -67.16 -52.71
N ARG IA 103 19.90 -68.35 -52.13
CA ARG IA 103 20.60 -69.54 -52.52
C ARG IA 103 20.29 -69.88 -53.94
N LEU IA 104 19.00 -69.79 -54.33
CA LEU IA 104 18.69 -70.27 -55.64
C LEU IA 104 18.83 -69.18 -56.66
N LEU IA 105 19.88 -68.36 -56.48
CA LEU IA 105 20.32 -67.34 -57.36
C LEU IA 105 21.74 -67.27 -57.03
N ALA IA 106 22.33 -68.44 -56.75
CA ALA IA 106 23.70 -68.60 -56.41
C ALA IA 106 24.03 -69.98 -56.83
N LYS IA 107 22.98 -70.77 -57.16
CA LYS IA 107 23.18 -72.09 -57.66
C LYS IA 107 22.85 -71.96 -59.11
N TYR IA 108 22.25 -70.79 -59.43
CA TYR IA 108 22.04 -70.34 -60.77
C TYR IA 108 23.03 -69.25 -60.78
N ARG IA 109 23.69 -69.05 -61.91
CA ARG IA 109 24.87 -68.25 -61.88
C ARG IA 109 25.69 -68.87 -60.84
N ASP IA 110 26.17 -70.05 -61.22
CA ASP IA 110 26.97 -70.92 -60.46
C ASP IA 110 26.87 -72.07 -61.35
N ALA IA 111 25.60 -72.48 -61.53
CA ALA IA 111 25.21 -73.51 -62.43
C ALA IA 111 25.60 -72.98 -63.76
N GLY IA 112 25.46 -71.65 -63.93
CA GLY IA 112 25.82 -71.06 -65.17
C GLY IA 112 24.56 -70.72 -65.89
N LYS IA 113 23.39 -71.07 -65.32
CA LYS IA 113 22.20 -70.78 -66.04
C LYS IA 113 22.00 -69.30 -66.18
N ILE IA 114 22.25 -68.49 -65.12
CA ILE IA 114 22.04 -67.09 -65.31
C ILE IA 114 23.40 -66.48 -65.45
N ASP IA 115 23.55 -65.56 -66.44
CA ASP IA 115 24.85 -65.11 -66.82
C ASP IA 115 25.66 -64.47 -65.75
N LYS IA 116 25.29 -63.24 -65.35
CA LYS IA 116 26.10 -62.49 -64.43
C LYS IA 116 25.69 -61.06 -64.54
N HIS IA 117 24.61 -60.81 -65.30
CA HIS IA 117 24.08 -59.48 -65.37
C HIS IA 117 22.69 -59.66 -64.90
N LEU IA 118 22.24 -60.92 -64.92
CA LEU IA 118 20.88 -61.18 -64.59
C LEU IA 118 20.81 -61.97 -63.32
N TYR IA 119 21.95 -62.10 -62.61
CA TYR IA 119 21.92 -62.80 -61.38
C TYR IA 119 22.13 -61.71 -60.38
N HIS IA 120 22.71 -60.58 -60.86
CA HIS IA 120 23.13 -59.39 -60.18
C HIS IA 120 21.88 -58.63 -59.88
N VAL IA 121 21.03 -58.56 -60.93
CA VAL IA 121 19.81 -57.82 -60.92
C VAL IA 121 18.84 -58.44 -59.96
N LEU IA 122 18.65 -59.76 -60.06
CA LEU IA 122 17.75 -60.50 -59.24
C LEU IA 122 18.33 -60.52 -57.92
N TYR IA 123 19.62 -60.30 -57.94
CA TYR IA 123 20.32 -60.48 -56.76
C TYR IA 123 19.83 -59.54 -55.77
N LYS IA 124 19.88 -58.23 -56.10
CA LYS IA 124 19.50 -57.24 -55.14
C LYS IA 124 18.09 -56.84 -55.42
N GLU IA 125 17.35 -57.73 -56.09
CA GLU IA 125 15.98 -57.39 -56.32
C GLU IA 125 15.18 -58.44 -55.65
N SER IA 126 15.81 -59.14 -54.69
CA SER IA 126 15.12 -60.14 -53.95
C SER IA 126 15.46 -59.82 -52.54
N LYS IA 127 16.65 -59.22 -52.37
CA LYS IA 127 17.05 -58.76 -51.08
C LYS IA 127 16.59 -57.34 -51.07
N GLY IA 128 15.34 -57.14 -51.51
CA GLY IA 128 14.76 -55.84 -51.62
C GLY IA 128 13.32 -56.05 -51.95
N ASN IA 129 12.72 -57.08 -51.32
CA ASN IA 129 11.34 -57.40 -51.40
C ASN IA 129 10.84 -57.55 -52.81
N ALA IA 130 11.64 -58.05 -53.75
CA ALA IA 130 10.96 -58.32 -54.98
C ALA IA 130 11.11 -59.79 -55.18
N PHE IA 131 10.06 -60.52 -54.77
CA PHE IA 131 9.96 -61.94 -54.80
C PHE IA 131 8.81 -62.20 -53.92
N LYS IA 132 8.41 -63.47 -53.80
CA LYS IA 132 7.32 -63.85 -52.96
C LYS IA 132 7.88 -65.06 -52.28
N HIS IA 133 8.04 -66.12 -53.09
CA HIS IA 133 8.59 -67.36 -52.67
C HIS IA 133 9.57 -67.73 -53.73
N LYS IA 134 10.24 -68.89 -53.60
CA LYS IA 134 11.22 -69.22 -54.60
C LYS IA 134 10.53 -69.36 -55.92
N ARG IA 135 9.33 -69.99 -55.92
CA ARG IA 135 8.65 -70.22 -57.16
C ARG IA 135 8.33 -68.91 -57.80
N ALA IA 136 7.89 -67.93 -57.00
CA ALA IA 136 7.55 -66.65 -57.55
C ALA IA 136 8.78 -66.11 -58.17
N LEU IA 137 9.92 -66.35 -57.50
CA LEU IA 137 11.18 -65.91 -57.94
C LEU IA 137 11.44 -66.53 -59.27
N VAL IA 138 11.21 -67.85 -59.39
CA VAL IA 138 11.50 -68.57 -60.60
C VAL IA 138 10.67 -68.03 -61.71
N GLU IA 139 9.38 -67.77 -61.44
CA GLU IA 139 8.52 -67.36 -62.51
C GLU IA 139 9.01 -66.07 -63.09
N HIS IA 140 9.39 -65.11 -62.24
CA HIS IA 140 9.85 -63.86 -62.79
C HIS IA 140 11.11 -64.16 -63.54
N ILE IA 141 11.87 -65.16 -63.06
CA ILE IA 141 13.10 -65.50 -63.71
C ILE IA 141 12.76 -65.83 -65.11
N ILE IA 142 11.70 -66.62 -65.33
CA ILE IA 142 11.31 -66.97 -66.66
C ILE IA 142 12.39 -67.90 -67.19
N SER JA 4 13.11 19.97 43.13
CA SER JA 4 13.39 18.54 43.38
C SER JA 4 13.66 18.31 44.82
N HIS JA 5 14.46 17.27 45.12
CA HIS JA 5 14.77 16.97 46.48
C HIS JA 5 15.66 18.07 46.95
N GLY JA 6 15.54 18.44 48.25
CA GLY JA 6 16.37 19.49 48.75
C GLY JA 6 15.79 19.95 50.04
N TYR JA 7 16.38 21.00 50.63
CA TYR JA 7 15.92 21.52 51.88
C TYR JA 7 14.53 22.03 51.67
N ARG JA 8 14.32 22.80 50.60
CA ARG JA 8 13.01 23.32 50.38
C ARG JA 8 12.30 22.26 49.63
N SER JA 9 11.88 21.23 50.37
CA SER JA 9 11.16 20.13 49.80
C SER JA 9 9.73 20.53 49.93
N ARG JA 10 8.83 19.56 49.86
CA ARG JA 10 7.45 19.92 49.98
C ARG JA 10 7.31 20.53 51.33
N THR JA 11 6.97 21.83 51.36
CA THR JA 11 6.76 22.60 52.57
C THR JA 11 5.43 23.24 52.36
N ARG JA 12 5.39 24.24 51.46
CA ARG JA 12 4.24 24.86 50.89
C ARG JA 12 3.64 25.89 51.79
N TYR JA 13 3.27 25.51 53.02
CA TYR JA 13 2.60 26.48 53.84
C TYR JA 13 3.39 26.61 55.07
N MET JA 14 3.97 25.47 55.49
CA MET JA 14 4.60 25.36 56.76
C MET JA 14 5.74 26.32 56.79
N PHE JA 15 6.53 26.37 55.71
CA PHE JA 15 7.63 27.29 55.64
C PHE JA 15 7.16 28.69 55.43
N GLN JA 16 6.15 28.86 54.56
CA GLN JA 16 5.75 30.18 54.11
C GLN JA 16 5.01 30.94 55.16
N ARG JA 17 5.27 32.27 55.16
CA ARG JA 17 4.61 33.24 55.99
C ARG JA 17 4.04 34.17 54.98
N ASP JA 18 2.77 34.58 55.16
CA ASP JA 18 2.09 35.35 54.15
C ASP JA 18 2.10 36.81 54.37
N PHE JA 19 0.96 37.38 53.97
CA PHE JA 19 0.66 38.75 53.76
C PHE JA 19 1.03 39.66 54.88
N ARG JA 20 0.42 39.51 56.07
CA ARG JA 20 0.77 40.53 57.02
C ARG JA 20 2.18 40.39 57.43
N LYS JA 21 2.63 39.17 57.75
CA LYS JA 21 3.98 39.11 58.19
C LYS JA 21 4.81 38.67 57.07
N HIS JA 22 5.40 39.67 56.40
CA HIS JA 22 6.23 39.47 55.26
C HIS JA 22 7.39 40.39 55.48
N GLY JA 23 8.45 40.27 54.65
CA GLY JA 23 9.55 41.18 54.81
C GLY JA 23 10.38 40.70 55.96
N ALA JA 24 11.24 41.60 56.48
CA ALA JA 24 12.13 41.29 57.56
C ALA JA 24 11.33 41.17 58.81
N VAL JA 25 11.89 40.46 59.82
CA VAL JA 25 11.24 40.30 61.09
C VAL JA 25 12.07 41.03 62.09
N HIS JA 26 11.52 41.21 63.32
CA HIS JA 26 12.21 41.95 64.34
C HIS JA 26 13.44 41.21 64.78
N LEU JA 27 14.48 41.99 65.13
CA LEU JA 27 15.78 41.57 65.57
C LEU JA 27 15.69 40.92 66.90
N SER JA 28 14.73 41.37 67.75
CA SER JA 28 14.67 40.94 69.12
C SER JA 28 14.65 39.45 69.20
N THR JA 29 13.83 38.77 68.38
CA THR JA 29 13.77 37.34 68.50
C THR JA 29 15.12 36.79 68.24
N TYR JA 30 15.77 37.23 67.14
CA TYR JA 30 17.08 36.68 66.96
C TYR JA 30 18.07 37.61 67.53
N LEU JA 31 18.28 37.44 68.84
CA LEU JA 31 19.24 38.16 69.61
C LEU JA 31 19.05 37.64 71.01
N LYS JA 32 17.82 37.15 71.29
CA LYS JA 32 17.44 36.67 72.57
C LYS JA 32 18.28 35.48 72.90
N VAL JA 33 18.67 35.32 74.18
CA VAL JA 33 19.53 34.23 74.52
C VAL JA 33 18.83 33.31 75.48
N TYR JA 34 19.19 32.01 75.43
CA TYR JA 34 18.59 31.04 76.29
C TYR JA 34 19.75 30.38 76.94
N LYS JA 35 19.59 29.85 78.18
CA LYS JA 35 20.76 29.21 78.69
C LYS JA 35 20.44 27.86 79.23
N VAL JA 36 21.28 26.87 78.85
CA VAL JA 36 21.21 25.53 79.33
C VAL JA 36 19.81 25.05 79.20
N GLY JA 37 19.49 23.93 79.88
CA GLY JA 37 18.22 23.30 79.74
C GLY JA 37 17.12 24.27 79.93
N ASP JA 38 16.56 24.73 78.79
CA ASP JA 38 15.40 25.57 78.74
C ASP JA 38 14.60 24.98 77.64
N ILE JA 39 13.31 24.69 77.87
CA ILE JA 39 12.57 24.08 76.80
C ILE JA 39 12.17 25.13 75.84
N VAL JA 40 12.48 24.89 74.55
CA VAL JA 40 12.21 25.84 73.52
C VAL JA 40 11.50 25.12 72.43
N ASP JA 41 10.51 25.77 71.80
CA ASP JA 41 9.86 25.16 70.69
C ASP JA 41 10.70 25.40 69.50
N ILE JA 42 10.44 24.64 68.42
CA ILE JA 42 11.19 24.86 67.22
C ILE JA 42 10.22 25.09 66.13
N LYS JA 43 10.61 25.96 65.19
CA LYS JA 43 9.81 26.25 64.06
C LYS JA 43 10.73 26.95 63.15
N ALA JA 44 10.23 27.34 61.98
CA ALA JA 44 11.10 28.19 61.23
C ALA JA 44 10.28 29.39 60.93
N ASN JA 45 10.70 30.55 61.44
CA ASN JA 45 9.92 31.68 61.04
C ASN JA 45 10.33 31.93 59.66
N GLY JA 46 9.39 32.27 58.77
CA GLY JA 46 9.81 32.51 57.43
C GLY JA 46 10.51 33.84 57.50
N SER JA 47 10.96 34.36 56.35
CA SER JA 47 11.64 35.61 56.40
C SER JA 47 12.91 35.45 57.15
N ILE JA 48 13.46 34.23 57.15
CA ILE JA 48 14.73 34.02 57.79
C ILE JA 48 15.53 33.38 56.72
N GLN JA 49 16.86 33.48 56.80
CA GLN JA 49 17.56 32.77 55.77
C GLN JA 49 18.74 32.11 56.41
N LYS JA 50 18.77 32.08 57.75
CA LYS JA 50 19.90 31.45 58.38
C LYS JA 50 19.47 30.92 59.69
N GLY JA 51 20.30 30.02 60.27
CA GLY JA 51 20.00 29.48 61.55
C GLY JA 51 18.76 28.65 61.41
N MET JA 52 18.61 28.00 60.24
CA MET JA 52 17.43 27.25 59.97
C MET JA 52 17.75 25.79 60.09
N PRO JA 53 16.81 25.11 60.68
CA PRO JA 53 16.89 23.69 60.89
C PRO JA 53 16.42 23.07 59.62
N HIS JA 54 16.25 21.74 59.61
CA HIS JA 54 15.69 21.07 58.49
C HIS JA 54 14.26 21.51 58.37
N LYS JA 55 13.42 20.62 57.85
CA LYS JA 55 12.05 21.00 57.74
C LYS JA 55 11.35 19.97 58.54
N PHE JA 56 11.70 18.69 58.30
CA PHE JA 56 11.12 17.70 59.13
C PHE JA 56 11.66 17.99 60.47
N TYR JA 57 10.85 17.81 61.51
CA TYR JA 57 11.31 18.31 62.76
C TYR JA 57 11.47 19.76 62.63
N GLN JA 58 10.38 20.37 63.05
CA GLN JA 58 10.05 21.74 63.18
C GLN JA 58 8.73 21.59 63.84
N GLY JA 59 8.51 22.27 64.97
CA GLY JA 59 7.25 22.06 65.60
C GLY JA 59 7.47 21.33 66.89
N LYS JA 60 8.57 20.56 67.04
CA LYS JA 60 8.70 19.96 68.33
C LYS JA 60 9.72 20.66 69.15
N THR JA 61 9.52 20.57 70.49
CA THR JA 61 10.37 21.21 71.43
C THR JA 61 11.56 20.35 71.62
N GLY JA 62 12.67 20.98 72.07
CA GLY JA 62 13.88 20.29 72.36
C GLY JA 62 14.44 21.06 73.49
N VAL JA 63 15.52 20.56 74.12
CA VAL JA 63 16.05 21.33 75.19
C VAL JA 63 17.32 21.93 74.69
N VAL JA 64 17.50 23.22 74.95
CA VAL JA 64 18.69 23.86 74.52
C VAL JA 64 19.76 23.33 75.37
N TYR JA 65 20.96 23.26 74.77
CA TYR JA 65 22.18 22.88 75.39
C TYR JA 65 23.14 23.89 74.93
N ASN JA 66 24.44 23.67 75.14
CA ASN JA 66 25.36 24.71 74.80
C ASN JA 66 25.29 25.08 73.36
N VAL JA 67 25.77 26.31 73.10
CA VAL JA 67 25.82 27.02 71.87
C VAL JA 67 27.10 26.72 71.16
N THR JA 68 27.01 26.60 69.81
CA THR JA 68 28.18 26.45 69.00
C THR JA 68 28.09 27.54 67.98
N LYS JA 69 29.16 28.34 67.82
CA LYS JA 69 29.15 29.43 66.88
C LYS JA 69 27.95 30.28 67.14
N SER JA 70 27.62 31.20 66.22
CA SER JA 70 26.46 32.00 66.48
C SER JA 70 25.29 31.16 66.05
N SER JA 71 24.82 30.32 66.99
CA SER JA 71 23.68 29.48 66.82
C SER JA 71 23.61 28.74 68.11
N VAL JA 72 22.41 28.29 68.52
CA VAL JA 72 22.37 27.68 69.81
C VAL JA 72 22.04 26.23 69.69
N GLY JA 73 22.78 25.39 70.42
CA GLY JA 73 22.43 24.01 70.41
C GLY JA 73 21.11 23.97 71.10
N VAL JA 74 20.12 23.37 70.44
CA VAL JA 74 18.78 23.30 70.92
C VAL JA 74 18.17 22.25 70.10
N ILE JA 75 17.42 22.66 69.05
CA ILE JA 75 16.80 21.75 68.13
C ILE JA 75 15.97 20.80 68.92
N ILE JA 76 15.31 19.87 68.25
CA ILE JA 76 14.66 19.01 69.15
C ILE JA 76 15.72 18.13 69.74
N ASN JA 77 16.15 18.46 70.98
CA ASN JA 77 17.04 17.63 71.73
C ASN JA 77 16.15 16.47 71.96
N LYS JA 78 14.85 16.81 72.04
CA LYS JA 78 13.79 15.87 72.28
C LYS JA 78 13.81 14.81 71.23
N MET JA 79 13.07 13.73 71.54
CA MET JA 79 12.99 12.52 70.78
C MET JA 79 12.41 12.79 69.42
N VAL JA 80 12.79 11.92 68.46
CA VAL JA 80 12.25 11.99 67.14
C VAL JA 80 11.27 10.85 67.07
N GLY JA 81 9.97 11.15 66.91
CA GLY JA 81 9.02 10.09 66.87
C GLY JA 81 9.10 9.42 68.20
N ASN JA 82 8.60 8.19 68.31
CA ASN JA 82 8.77 7.53 69.57
C ASN JA 82 10.15 7.01 69.52
N ARG JA 83 11.13 7.81 69.98
CA ARG JA 83 12.43 7.28 69.82
C ARG JA 83 13.40 8.09 70.62
N TYR JA 84 14.68 7.83 70.32
CA TYR JA 84 15.80 8.46 70.95
C TYR JA 84 15.74 9.94 70.89
N LEU JA 85 16.36 10.54 71.93
CA LEU JA 85 16.56 11.96 71.98
C LEU JA 85 17.80 12.18 71.17
N GLU JA 86 17.95 11.41 70.06
CA GLU JA 86 19.10 11.60 69.23
C GLU JA 86 18.91 12.97 68.76
N LYS JA 87 19.87 13.85 69.09
CA LYS JA 87 19.58 15.19 68.75
C LYS JA 87 20.72 15.81 68.04
N ARG JA 88 20.36 16.61 67.03
CA ARG JA 88 21.32 17.42 66.37
C ARG JA 88 20.68 18.74 66.33
N LEU JA 89 21.35 19.74 66.92
CA LEU JA 89 20.71 21.01 67.03
C LEU JA 89 21.59 22.05 66.46
N ASN JA 90 21.05 22.80 65.49
CA ASN JA 90 21.76 23.93 65.00
C ASN JA 90 20.71 24.95 64.70
N LEU JA 91 20.15 25.56 65.75
CA LEU JA 91 19.10 26.48 65.49
C LEU JA 91 19.47 27.81 66.05
N ARG JA 92 18.98 28.87 65.39
CA ARG JA 92 19.23 30.19 65.85
C ARG JA 92 18.11 30.55 66.75
N VAL JA 93 18.29 31.65 67.49
CA VAL JA 93 17.31 32.22 68.38
C VAL JA 93 16.21 32.69 67.49
N GLU JA 94 16.55 32.90 66.22
CA GLU JA 94 15.61 33.31 65.22
C GLU JA 94 14.47 32.36 65.32
N HIS JA 95 14.74 31.04 65.30
CA HIS JA 95 13.58 30.26 65.58
C HIS JA 95 13.38 30.46 67.05
N ILE JA 96 12.10 30.64 67.44
CA ILE JA 96 11.54 30.90 68.72
C ILE JA 96 11.88 29.97 69.81
N LYS JA 97 11.91 30.58 71.01
CA LYS JA 97 12.09 29.84 72.20
C LYS JA 97 10.90 30.09 73.07
N HIS JA 98 10.95 29.46 74.26
CA HIS JA 98 10.04 29.61 75.35
C HIS JA 98 9.36 28.32 75.60
N SER JA 99 8.58 28.30 76.71
CA SER JA 99 7.84 27.14 77.08
C SER JA 99 6.49 27.63 77.47
N LYS JA 100 5.52 26.71 77.58
CA LYS JA 100 4.20 27.11 77.96
C LYS JA 100 4.24 27.43 79.45
N GLN KA 7 -57.84 -30.77 -6.91
CA GLN KA 7 -57.54 -30.91 -5.48
C GLN KA 7 -56.95 -32.25 -5.21
N GLY KA 8 -57.77 -33.19 -4.71
CA GLY KA 8 -57.25 -34.48 -4.42
C GLY KA 8 -56.88 -35.15 -5.70
N THR KA 9 -55.71 -35.80 -5.69
CA THR KA 9 -55.25 -36.58 -6.79
C THR KA 9 -56.23 -37.70 -6.91
N LYS KA 10 -56.69 -38.21 -5.75
CA LYS KA 10 -57.57 -39.34 -5.68
C LYS KA 10 -56.78 -40.53 -6.09
N PHE KA 11 -55.45 -40.37 -6.12
CA PHE KA 11 -54.65 -41.48 -6.53
C PHE KA 11 -53.38 -41.40 -5.74
N ARG KA 12 -53.00 -42.51 -5.07
CA ARG KA 12 -51.83 -42.49 -4.26
C ARG KA 12 -50.62 -42.47 -5.13
N ILE KA 13 -49.57 -41.74 -4.69
CA ILE KA 13 -48.41 -41.72 -5.52
C ILE KA 13 -47.21 -41.87 -4.62
N SER KA 14 -46.21 -42.66 -5.04
CA SER KA 14 -44.99 -42.76 -4.29
C SER KA 14 -44.06 -41.77 -4.92
N LEU KA 15 -43.11 -41.20 -4.17
CA LEU KA 15 -42.29 -40.18 -4.76
C LEU KA 15 -41.13 -40.83 -5.45
N GLY KA 16 -41.13 -40.81 -6.79
CA GLY KA 16 -40.07 -41.37 -7.58
C GLY KA 16 -38.80 -40.57 -7.55
N LEU KA 17 -38.86 -39.22 -7.61
CA LEU KA 17 -37.62 -38.52 -7.73
C LEU KA 17 -37.48 -37.41 -6.78
N PRO KA 18 -36.31 -37.43 -6.20
CA PRO KA 18 -35.85 -36.44 -5.25
C PRO KA 18 -35.14 -35.32 -5.95
N VAL KA 19 -34.59 -34.36 -5.15
CA VAL KA 19 -33.88 -33.20 -5.62
C VAL KA 19 -32.58 -33.61 -6.22
N GLY KA 20 -32.13 -32.80 -7.20
CA GLY KA 20 -30.88 -33.04 -7.86
C GLY KA 20 -31.13 -34.08 -8.89
N ALA KA 21 -32.40 -34.55 -8.96
CA ALA KA 21 -32.72 -35.55 -9.92
C ALA KA 21 -32.75 -34.90 -11.26
N ILE KA 22 -32.47 -35.67 -12.32
CA ILE KA 22 -32.52 -35.15 -13.65
C ILE KA 22 -33.63 -35.87 -14.33
N MET KA 23 -34.55 -35.10 -14.97
CA MET KA 23 -35.68 -35.68 -15.63
C MET KA 23 -35.79 -35.04 -16.97
N ASN KA 24 -36.79 -35.46 -17.78
CA ASN KA 24 -36.95 -34.92 -19.10
C ASN KA 24 -38.19 -34.05 -19.19
N CYS KA 25 -38.04 -32.81 -19.73
CA CYS KA 25 -39.16 -31.97 -19.94
C CYS KA 25 -39.90 -32.63 -21.05
N ALA KA 26 -41.27 -32.72 -20.97
CA ALA KA 26 -42.05 -33.26 -22.05
C ALA KA 26 -42.54 -32.03 -22.69
N ASP KA 27 -41.56 -31.13 -22.99
CA ASP KA 27 -41.62 -29.92 -23.76
C ASP KA 27 -42.06 -28.73 -23.01
N ASN KA 28 -41.29 -27.65 -23.23
CA ASN KA 28 -41.27 -26.29 -22.83
C ASN KA 28 -40.72 -25.77 -24.10
N SER KA 29 -39.93 -24.67 -24.09
CA SER KA 29 -39.26 -24.26 -25.28
C SER KA 29 -37.79 -24.29 -24.97
N GLY KA 30 -37.05 -25.16 -25.69
CA GLY KA 30 -35.63 -25.23 -25.52
C GLY KA 30 -35.33 -26.01 -24.28
N ALA KA 31 -36.33 -26.70 -23.73
CA ALA KA 31 -36.21 -27.54 -22.59
C ALA KA 31 -35.35 -28.66 -22.99
N ARG KA 32 -35.17 -29.65 -22.12
CA ARG KA 32 -34.02 -30.41 -22.41
C ARG KA 32 -34.01 -31.49 -21.41
N ASN KA 33 -33.37 -31.24 -20.26
CA ASN KA 33 -33.52 -32.02 -19.09
C ASN KA 33 -33.40 -31.09 -17.91
N LEU KA 34 -34.50 -30.85 -17.17
CA LEU KA 34 -34.38 -30.00 -16.04
C LEU KA 34 -33.94 -30.81 -14.91
N TYR KA 35 -33.34 -30.18 -13.86
CA TYR KA 35 -32.95 -30.90 -12.68
C TYR KA 35 -33.74 -30.32 -11.55
N ILE KA 36 -34.14 -31.19 -10.60
CA ILE KA 36 -35.04 -30.84 -9.55
C ILE KA 36 -34.37 -30.07 -8.46
N ILE KA 37 -35.10 -29.04 -8.00
CA ILE KA 37 -34.78 -28.21 -6.89
C ILE KA 37 -36.07 -28.34 -6.15
N ALA KA 38 -36.13 -28.00 -4.85
CA ALA KA 38 -37.21 -28.27 -3.93
C ALA KA 38 -38.56 -28.21 -4.58
N VAL KA 39 -39.49 -29.08 -4.09
CA VAL KA 39 -40.77 -29.16 -4.72
C VAL KA 39 -41.85 -28.65 -3.86
N LYS KA 40 -42.53 -27.58 -4.34
CA LYS KA 40 -43.63 -26.91 -3.71
C LYS KA 40 -43.38 -26.79 -2.25
N GLY KA 41 -44.44 -26.44 -1.47
CA GLY KA 41 -44.24 -26.41 -0.06
C GLY KA 41 -44.07 -27.84 0.33
N SER KA 42 -42.93 -28.16 0.98
CA SER KA 42 -42.72 -29.52 1.39
C SER KA 42 -41.97 -29.47 2.69
N GLY KA 43 -42.01 -30.59 3.43
CA GLY KA 43 -41.35 -30.62 4.70
C GLY KA 43 -40.02 -31.27 4.55
N SER KA 44 -39.37 -31.55 5.69
CA SER KA 44 -38.09 -32.20 5.69
C SER KA 44 -37.97 -32.94 6.98
N ARG KA 45 -36.97 -33.84 7.07
CA ARG KA 45 -36.72 -34.59 8.27
C ARG KA 45 -35.27 -34.96 8.20
N LEU KA 46 -34.74 -35.67 9.22
CA LEU KA 46 -33.35 -36.02 9.13
C LEU KA 46 -33.22 -36.95 7.98
N ASN KA 47 -32.15 -36.79 7.18
CA ASN KA 47 -31.99 -37.56 5.99
C ASN KA 47 -33.25 -37.40 5.22
N ARG KA 48 -33.61 -36.14 4.98
CA ARG KA 48 -34.87 -35.85 4.38
C ARG KA 48 -35.00 -36.36 2.99
N LEU KA 49 -34.07 -36.01 2.06
CA LEU KA 49 -34.32 -36.36 0.68
C LEU KA 49 -35.69 -35.83 0.30
N PRO KA 50 -35.72 -34.60 -0.19
CA PRO KA 50 -36.92 -33.83 -0.34
C PRO KA 50 -38.12 -34.58 -0.81
N ALA KA 51 -38.13 -35.11 -2.06
CA ALA KA 51 -39.18 -35.90 -2.65
C ALA KA 51 -39.86 -35.09 -3.73
N ALA KA 52 -40.69 -35.78 -4.54
CA ALA KA 52 -41.42 -35.18 -5.62
C ALA KA 52 -42.16 -36.34 -6.16
N SER KA 53 -43.20 -36.13 -7.00
CA SER KA 53 -43.92 -37.23 -7.56
C SER KA 53 -44.97 -36.65 -8.45
N LEU KA 54 -45.65 -37.49 -9.28
CA LEU KA 54 -46.57 -36.95 -10.22
C LEU KA 54 -47.59 -36.26 -9.46
N GLY KA 55 -47.91 -35.03 -9.87
CA GLY KA 55 -48.90 -34.23 -9.27
C GLY KA 55 -48.28 -33.07 -8.56
N ASP KA 56 -47.04 -33.20 -8.01
CA ASP KA 56 -46.49 -32.13 -7.23
C ASP KA 56 -45.73 -31.14 -8.01
N MET KA 57 -46.11 -29.85 -7.88
CA MET KA 57 -45.43 -28.81 -8.58
C MET KA 57 -44.01 -28.84 -8.11
N VAL KA 58 -43.06 -28.57 -9.03
CA VAL KA 58 -41.68 -28.61 -8.65
C VAL KA 58 -41.02 -27.37 -9.16
N MET KA 59 -39.88 -27.01 -8.53
CA MET KA 59 -39.10 -25.90 -9.00
C MET KA 59 -37.94 -26.55 -9.67
N ALA KA 60 -37.43 -25.97 -10.78
CA ALA KA 60 -36.37 -26.68 -11.42
C ALA KA 60 -35.50 -25.77 -12.22
N THR KA 61 -34.36 -26.32 -12.68
CA THR KA 61 -33.39 -25.67 -13.51
C THR KA 61 -33.29 -26.52 -14.74
N VAL KA 62 -32.94 -25.91 -15.90
CA VAL KA 62 -32.79 -26.56 -17.16
C VAL KA 62 -31.36 -26.92 -17.34
N LYS KA 63 -31.00 -28.21 -17.20
CA LYS KA 63 -29.63 -28.65 -17.38
C LYS KA 63 -29.21 -28.64 -18.81
N LYS KA 64 -30.00 -29.28 -19.70
CA LYS KA 64 -29.59 -29.33 -21.07
C LYS KA 64 -30.17 -28.11 -21.61
N GLY KA 65 -30.53 -28.07 -22.90
CA GLY KA 65 -31.19 -26.90 -23.36
C GLY KA 65 -30.89 -26.74 -24.79
N LYS KA 66 -30.47 -25.48 -25.12
CA LYS KA 66 -30.14 -24.95 -26.39
C LYS KA 66 -30.33 -23.47 -26.25
N PRO KA 67 -31.57 -22.99 -26.17
CA PRO KA 67 -31.85 -21.60 -26.02
C PRO KA 67 -31.29 -21.16 -24.74
N GLU KA 68 -31.34 -19.85 -24.41
CA GLU KA 68 -30.81 -19.60 -23.12
C GLU KA 68 -31.84 -19.88 -22.09
N LEU KA 69 -32.58 -20.98 -22.27
CA LEU KA 69 -33.47 -21.50 -21.28
C LEU KA 69 -32.61 -22.09 -20.22
N ARG KA 70 -31.59 -22.84 -20.68
CA ARG KA 70 -30.62 -23.44 -19.83
C ARG KA 70 -30.14 -22.35 -19.01
N LYS KA 71 -29.77 -22.67 -17.75
CA LYS KA 71 -29.47 -21.77 -16.69
C LYS KA 71 -30.64 -22.01 -15.87
N LYS KA 72 -31.22 -21.00 -15.23
CA LYS KA 72 -32.30 -21.61 -14.57
C LYS KA 72 -33.35 -20.67 -14.10
N VAL KA 73 -34.34 -21.34 -13.49
CA VAL KA 73 -35.51 -20.87 -12.86
C VAL KA 73 -36.56 -21.80 -13.33
N MET KA 74 -37.82 -21.60 -12.95
CA MET KA 74 -38.74 -22.64 -13.31
C MET KA 74 -40.15 -22.08 -13.18
N PRO KA 75 -41.27 -22.70 -12.80
CA PRO KA 75 -41.49 -24.10 -12.42
C PRO KA 75 -41.99 -24.99 -13.54
N ALA KA 76 -42.24 -26.30 -13.22
CA ALA KA 76 -42.76 -27.32 -14.06
C ALA KA 76 -43.44 -28.31 -13.18
N ILE KA 77 -44.35 -29.16 -13.71
CA ILE KA 77 -45.08 -30.17 -12.96
C ILE KA 77 -44.69 -31.52 -13.50
N VAL KA 78 -44.58 -32.56 -12.63
CA VAL KA 78 -44.12 -33.82 -13.08
C VAL KA 78 -45.26 -34.55 -13.62
N VAL KA 79 -45.24 -34.78 -14.94
CA VAL KA 79 -46.20 -35.46 -15.73
C VAL KA 79 -46.19 -36.89 -15.48
N ARG KA 80 -45.03 -37.57 -15.56
CA ARG KA 80 -45.00 -39.00 -15.52
C ARG KA 80 -43.94 -39.34 -14.58
N GLN KA 81 -43.93 -40.58 -14.05
CA GLN KA 81 -42.89 -40.93 -13.16
C GLN KA 81 -42.66 -42.36 -13.34
N ALA KA 82 -41.44 -42.85 -13.00
CA ALA KA 82 -41.12 -44.26 -12.95
C ALA KA 82 -40.99 -44.51 -11.48
N LYS KA 83 -42.00 -45.20 -10.94
CA LYS KA 83 -42.20 -45.51 -9.57
C LYS KA 83 -43.64 -45.83 -9.66
N SER KA 84 -44.22 -46.58 -8.73
CA SER KA 84 -45.57 -46.97 -8.98
C SER KA 84 -46.50 -45.83 -8.73
N TRP KA 85 -47.80 -46.17 -8.76
CA TRP KA 85 -48.87 -45.26 -8.55
C TRP KA 85 -49.83 -45.83 -7.55
N ARG KA 86 -51.05 -46.15 -8.02
CA ARG KA 86 -52.14 -46.36 -7.15
C ARG KA 86 -53.24 -46.72 -8.04
N ARG KA 87 -54.45 -46.25 -7.72
CA ARG KA 87 -55.49 -46.53 -8.61
C ARG KA 87 -56.72 -45.97 -8.02
N ARG KA 88 -57.83 -46.54 -8.52
CA ARG KA 88 -59.16 -46.35 -8.08
C ARG KA 88 -59.84 -47.63 -8.49
N ASP KA 89 -59.38 -48.17 -9.62
CA ASP KA 89 -59.85 -49.39 -10.18
C ASP KA 89 -58.83 -50.44 -9.93
N GLY KA 90 -57.86 -50.50 -10.84
CA GLY KA 90 -56.93 -51.58 -10.84
C GLY KA 90 -55.79 -51.31 -9.97
N VAL KA 91 -54.63 -51.84 -10.37
CA VAL KA 91 -53.46 -51.51 -9.63
C VAL KA 91 -52.74 -50.66 -10.60
N PHE KA 92 -51.78 -49.81 -10.20
CA PHE KA 92 -51.40 -49.04 -11.34
C PHE KA 92 -50.00 -49.11 -11.76
N LEU KA 93 -49.72 -48.20 -12.69
CA LEU KA 93 -48.53 -48.31 -13.43
C LEU KA 93 -47.49 -47.30 -13.13
N TYR KA 94 -46.35 -47.50 -13.80
CA TYR KA 94 -45.32 -46.51 -13.86
C TYR KA 94 -44.88 -46.46 -15.28
N PHE KA 95 -45.03 -45.35 -16.02
CA PHE KA 95 -44.67 -45.82 -17.30
C PHE KA 95 -44.28 -44.79 -18.22
N GLU KA 96 -43.11 -45.07 -18.85
CA GLU KA 96 -42.39 -44.14 -19.65
C GLU KA 96 -41.07 -44.17 -18.97
N ASP KA 97 -40.56 -42.95 -18.80
CA ASP KA 97 -39.48 -42.52 -17.98
C ASP KA 97 -40.18 -41.55 -17.12
N ASN KA 98 -39.48 -40.78 -16.24
CA ASN KA 98 -40.10 -39.81 -15.40
C ASN KA 98 -40.65 -38.75 -16.27
N ALA KA 99 -41.15 -37.62 -15.71
CA ALA KA 99 -41.60 -36.72 -16.67
C ALA KA 99 -41.72 -35.43 -16.00
N GLY KA 100 -41.92 -34.33 -16.77
CA GLY KA 100 -42.08 -32.98 -16.28
C GLY KA 100 -42.27 -32.01 -17.43
N VAL KA 101 -43.15 -30.99 -17.28
CA VAL KA 101 -43.41 -29.95 -18.23
C VAL KA 101 -43.31 -28.68 -17.47
N ILE KA 102 -42.64 -27.65 -18.01
CA ILE KA 102 -42.50 -26.38 -17.36
C ILE KA 102 -43.84 -25.75 -17.35
N ALA KA 103 -44.17 -24.95 -16.32
CA ALA KA 103 -45.43 -24.26 -16.26
C ALA KA 103 -45.19 -22.89 -15.67
N ASN KA 104 -46.14 -21.97 -15.93
CA ASN KA 104 -46.12 -20.60 -15.48
C ASN KA 104 -46.81 -20.56 -14.14
N PRO KA 105 -46.76 -19.46 -13.44
CA PRO KA 105 -47.42 -19.41 -12.17
C PRO KA 105 -48.88 -19.62 -12.38
N LYS KA 106 -49.37 -19.34 -13.60
CA LYS KA 106 -50.74 -19.59 -13.92
C LYS KA 106 -50.92 -21.07 -13.86
N GLY KA 107 -49.90 -21.83 -14.29
CA GLY KA 107 -49.99 -23.26 -14.31
C GLY KA 107 -50.08 -23.72 -15.73
N GLU KA 108 -50.11 -22.77 -16.68
CA GLU KA 108 -50.18 -23.11 -18.07
C GLU KA 108 -48.82 -23.50 -18.53
N MET KA 109 -48.74 -24.27 -19.63
CA MET KA 109 -47.47 -24.71 -20.13
C MET KA 109 -46.81 -23.55 -20.81
N LYS KA 110 -45.47 -23.53 -20.76
CA LYS KA 110 -44.77 -22.49 -21.45
C LYS KA 110 -44.11 -23.15 -22.63
N GLY KA 111 -44.88 -24.00 -23.35
CA GLY KA 111 -44.40 -24.70 -24.50
C GLY KA 111 -45.60 -25.37 -25.08
N SER KA 112 -45.85 -25.12 -26.38
CA SER KA 112 -47.06 -25.51 -27.06
C SER KA 112 -47.31 -26.99 -27.02
N ALA KA 113 -46.34 -27.81 -27.46
CA ALA KA 113 -46.64 -29.20 -27.55
C ALA KA 113 -46.00 -29.94 -26.43
N ILE KA 114 -46.65 -31.02 -25.94
CA ILE KA 114 -46.03 -31.80 -24.92
C ILE KA 114 -45.69 -33.11 -25.52
N THR KA 115 -44.39 -33.47 -25.47
CA THR KA 115 -44.00 -34.73 -26.01
C THR KA 115 -44.36 -35.73 -24.97
N GLY KA 116 -44.86 -36.91 -25.39
CA GLY KA 116 -45.16 -37.93 -24.45
C GLY KA 116 -46.59 -37.81 -23.99
N PRO KA 117 -46.96 -38.87 -23.33
CA PRO KA 117 -48.27 -39.05 -22.76
C PRO KA 117 -48.39 -38.27 -21.52
N VAL KA 118 -49.50 -38.44 -20.77
CA VAL KA 118 -49.65 -37.81 -19.48
C VAL KA 118 -50.59 -38.66 -18.67
N GLY KA 119 -50.54 -38.50 -17.33
CA GLY KA 119 -51.39 -39.28 -16.46
C GLY KA 119 -52.74 -38.63 -16.38
N LYS KA 120 -53.75 -39.45 -16.03
CA LYS KA 120 -55.10 -38.98 -15.92
C LYS KA 120 -55.25 -38.03 -14.79
N GLU KA 121 -54.76 -38.41 -13.58
CA GLU KA 121 -55.03 -37.51 -12.51
C GLU KA 121 -53.85 -36.69 -12.27
N CYS KA 122 -53.60 -35.85 -13.27
CA CYS KA 122 -52.62 -34.82 -13.37
C CYS KA 122 -53.41 -33.78 -14.07
N ALA KA 123 -54.32 -34.27 -14.94
CA ALA KA 123 -55.24 -33.42 -15.61
C ALA KA 123 -56.06 -32.81 -14.53
N ASP KA 124 -56.55 -33.62 -13.58
CA ASP KA 124 -57.45 -33.09 -12.59
C ASP KA 124 -56.76 -31.98 -11.84
N LEU KA 125 -55.51 -32.20 -11.44
CA LEU KA 125 -54.85 -31.18 -10.68
C LEU KA 125 -54.73 -29.95 -11.49
N TRP KA 126 -54.17 -30.07 -12.72
CA TRP KA 126 -54.04 -28.89 -13.51
C TRP KA 126 -54.54 -29.22 -14.87
N PRO KA 127 -55.50 -28.46 -15.27
CA PRO KA 127 -55.99 -28.55 -16.61
C PRO KA 127 -55.07 -27.66 -17.38
N ARG KA 128 -55.22 -27.62 -18.71
CA ARG KA 128 -54.37 -26.86 -19.57
C ARG KA 128 -53.11 -27.64 -19.72
N VAL KA 129 -52.61 -28.24 -18.62
CA VAL KA 129 -51.48 -29.10 -18.73
C VAL KA 129 -51.95 -30.31 -19.41
N ALA KA 130 -53.03 -30.88 -18.84
CA ALA KA 130 -53.75 -31.89 -19.53
C ALA KA 130 -54.60 -30.96 -20.26
N SER KA 131 -54.70 -31.17 -21.58
CA SER KA 131 -55.26 -30.23 -22.47
C SER KA 131 -54.34 -30.47 -23.60
N ASN KA 132 -53.21 -29.75 -23.61
CA ASN KA 132 -52.25 -29.97 -24.64
C ASN KA 132 -51.50 -31.22 -24.32
N SER KA 133 -52.23 -32.31 -24.03
CA SER KA 133 -51.67 -33.59 -23.71
C SER KA 133 -51.12 -34.30 -24.91
N GLY KA 134 -51.97 -34.53 -25.92
CA GLY KA 134 -51.55 -35.27 -27.07
C GLY KA 134 -51.98 -36.68 -26.83
N VAL KA 135 -51.92 -37.10 -25.55
CA VAL KA 135 -52.39 -38.40 -25.18
C VAL KA 135 -52.49 -38.42 -23.69
N VAL KA 136 -53.53 -39.09 -23.17
CA VAL KA 136 -53.75 -39.21 -21.76
C VAL KA 136 -53.73 -40.68 -21.51
N VAL KA 137 -53.48 -41.09 -20.25
CA VAL KA 137 -53.43 -42.49 -19.96
C VAL KA 137 -52.15 -43.03 -20.62
N GLU LA 4 -60.85 -57.69 -18.56
CA GLU LA 4 -59.49 -57.32 -18.11
C GLU LA 4 -58.63 -58.52 -18.23
N ILE LA 5 -57.94 -58.61 -19.37
CA ILE LA 5 -57.12 -59.71 -19.73
C ILE LA 5 -55.76 -59.21 -20.08
N ASP LA 6 -54.74 -60.05 -19.79
CA ASP LA 6 -53.35 -59.75 -19.99
C ASP LA 6 -53.11 -59.72 -21.46
N SER LA 7 -52.24 -58.81 -21.96
CA SER LA 7 -52.10 -58.88 -23.39
C SER LA 7 -50.70 -59.20 -23.80
N PHE LA 8 -50.17 -60.33 -23.26
CA PHE LA 8 -48.89 -60.91 -23.55
C PHE LA 8 -48.95 -62.33 -23.14
N SER LA 9 -48.98 -62.58 -21.82
CA SER LA 9 -49.34 -63.89 -21.38
C SER LA 9 -50.82 -63.80 -21.51
N GLY LA 10 -51.56 -64.88 -21.22
CA GLY LA 10 -52.97 -64.71 -21.38
C GLY LA 10 -53.60 -65.34 -20.21
N ALA LA 11 -54.92 -65.17 -20.09
CA ALA LA 11 -55.74 -65.73 -19.05
C ALA LA 11 -56.64 -64.66 -18.55
N LYS LA 12 -56.62 -64.45 -17.23
CA LYS LA 12 -57.41 -63.44 -16.60
C LYS LA 12 -56.48 -62.57 -15.83
N ILE LA 13 -56.99 -61.39 -15.43
CA ILE LA 13 -56.21 -60.56 -14.57
C ILE LA 13 -57.07 -60.40 -13.38
N TYR LA 14 -56.48 -60.63 -12.18
CA TYR LA 14 -57.10 -60.56 -10.90
C TYR LA 14 -57.83 -59.27 -10.85
N PRO LA 15 -58.86 -59.18 -10.05
CA PRO LA 15 -59.65 -57.99 -9.94
C PRO LA 15 -58.93 -56.78 -9.47
N GLY LA 16 -58.04 -56.91 -8.48
CA GLY LA 16 -57.51 -55.69 -7.90
C GLY LA 16 -56.03 -55.65 -8.02
N ARG LA 17 -55.40 -56.59 -8.73
CA ARG LA 17 -53.99 -56.44 -8.92
C ARG LA 17 -53.70 -56.41 -10.38
N GLY LA 18 -52.40 -56.28 -10.73
CA GLY LA 18 -51.99 -56.23 -12.10
C GLY LA 18 -51.78 -54.79 -12.40
N THR LA 19 -50.63 -54.47 -13.03
CA THR LA 19 -50.28 -53.11 -13.24
C THR LA 19 -50.68 -52.73 -14.63
N LEU LA 20 -50.51 -51.45 -14.98
CA LEU LA 20 -50.56 -50.98 -16.32
C LEU LA 20 -49.42 -50.05 -16.41
N PHE LA 21 -48.48 -50.31 -17.34
CA PHE LA 21 -47.52 -49.30 -17.33
C PHE LA 21 -47.62 -48.62 -18.60
N VAL LA 22 -46.90 -47.50 -18.72
CA VAL LA 22 -46.95 -46.76 -19.91
C VAL LA 22 -45.57 -46.72 -20.43
N ARG LA 23 -45.45 -46.84 -21.77
CA ARG LA 23 -44.17 -46.69 -22.38
C ARG LA 23 -44.15 -45.34 -22.96
N GLY LA 24 -42.96 -44.92 -23.45
CA GLY LA 24 -42.66 -43.68 -24.12
C GLY LA 24 -43.89 -43.13 -24.71
N ASP LA 25 -44.09 -43.37 -26.00
CA ASP LA 25 -45.37 -42.95 -26.46
C ASP LA 25 -46.32 -43.98 -25.97
N SER LA 26 -47.61 -43.63 -25.95
CA SER LA 26 -48.54 -44.54 -25.35
C SER LA 26 -48.47 -45.85 -26.04
N LYS LA 27 -48.15 -46.86 -25.25
CA LYS LA 27 -48.12 -48.19 -25.73
C LYS LA 27 -47.72 -49.05 -24.58
N ILE LA 28 -47.95 -50.37 -24.73
CA ILE LA 28 -47.75 -51.29 -23.66
C ILE LA 28 -49.01 -51.35 -22.89
N PHE LA 29 -49.39 -52.58 -22.55
CA PHE LA 29 -50.62 -52.75 -21.87
C PHE LA 29 -50.44 -53.21 -20.48
N ARG LA 30 -51.27 -54.16 -20.05
CA ARG LA 30 -51.25 -54.56 -18.69
C ARG LA 30 -50.24 -55.62 -18.48
N PHE LA 31 -50.38 -56.22 -17.29
CA PHE LA 31 -49.62 -57.33 -16.86
C PHE LA 31 -50.53 -58.08 -15.98
N GLN LA 32 -50.22 -59.37 -15.82
CA GLN LA 32 -50.83 -60.12 -14.79
C GLN LA 32 -50.14 -59.70 -13.54
N ASN LA 33 -48.78 -59.63 -13.63
CA ASN LA 33 -47.87 -59.22 -12.60
C ASN LA 33 -46.46 -59.28 -13.05
N SER LA 34 -45.54 -59.08 -12.09
CA SER LA 34 -44.17 -59.21 -12.45
C SER LA 34 -43.97 -60.67 -12.52
N LYS LA 35 -43.85 -61.12 -13.77
CA LYS LA 35 -43.71 -62.45 -14.24
C LYS LA 35 -43.67 -62.10 -15.66
N SER LA 36 -44.79 -62.34 -16.34
CA SER LA 36 -44.83 -61.79 -17.65
C SER LA 36 -44.78 -60.32 -17.41
N ALA LA 37 -43.62 -59.74 -17.74
CA ALA LA 37 -43.30 -58.39 -17.44
C ALA LA 37 -41.85 -58.36 -17.80
N SER LA 38 -41.03 -58.84 -16.86
CA SER LA 38 -39.62 -58.94 -17.10
C SER LA 38 -39.43 -59.85 -18.27
N LEU LA 39 -40.35 -60.83 -18.44
CA LEU LA 39 -40.25 -61.75 -19.54
C LEU LA 39 -40.36 -60.90 -20.77
N PHE LA 40 -41.29 -59.94 -20.76
CA PHE LA 40 -41.46 -59.08 -21.90
C PHE LA 40 -40.27 -58.18 -22.01
N LYS LA 41 -39.74 -57.70 -20.87
CA LYS LA 41 -38.65 -56.76 -20.91
C LYS LA 41 -37.54 -57.40 -21.66
N GLN LA 42 -37.20 -58.66 -21.33
CA GLN LA 42 -36.24 -59.30 -22.15
C GLN LA 42 -36.99 -59.50 -23.41
N ARG LA 43 -36.37 -59.27 -24.58
CA ARG LA 43 -37.20 -59.44 -25.74
C ARG LA 43 -37.53 -60.88 -25.81
N LYS LA 44 -38.83 -61.19 -25.62
CA LYS LA 44 -39.29 -62.54 -25.67
C LYS LA 44 -40.70 -62.46 -26.12
N ASN LA 45 -41.17 -63.47 -26.88
CA ASN LA 45 -42.54 -63.44 -27.29
C ASN LA 45 -43.24 -64.52 -26.55
N PRO LA 46 -44.34 -64.12 -25.97
CA PRO LA 46 -45.15 -65.03 -25.21
C PRO LA 46 -45.72 -66.12 -26.03
N ARG LA 47 -45.95 -65.88 -27.33
CA ARG LA 47 -46.44 -66.95 -28.14
C ARG LA 47 -45.22 -67.67 -28.57
N ARG LA 48 -44.59 -68.37 -27.61
CA ARG LA 48 -43.41 -69.06 -28.00
C ARG LA 48 -42.92 -69.76 -26.79
N ILE LA 49 -43.16 -69.17 -25.60
CA ILE LA 49 -42.56 -69.80 -24.49
C ILE LA 49 -43.52 -70.33 -23.50
N ALA LA 50 -43.35 -71.65 -23.24
CA ALA LA 50 -44.01 -72.34 -22.18
C ALA LA 50 -45.43 -72.01 -22.10
N TRP LA 51 -45.97 -72.32 -20.93
CA TRP LA 51 -47.35 -72.11 -20.79
C TRP LA 51 -47.65 -70.68 -20.93
N THR LA 52 -48.37 -70.36 -22.02
CA THR LA 52 -48.88 -69.07 -22.25
C THR LA 52 -50.24 -69.37 -22.79
N VAL LA 53 -51.26 -68.58 -22.40
CA VAL LA 53 -52.54 -68.89 -22.95
C VAL LA 53 -52.40 -68.64 -24.41
N LEU LA 54 -51.63 -67.59 -24.73
CA LEU LA 54 -51.37 -67.21 -26.08
C LEU LA 54 -50.63 -68.36 -26.67
N PHE LA 55 -49.79 -69.00 -25.83
CA PHE LA 55 -49.00 -70.13 -26.24
C PHE LA 55 -49.94 -71.25 -26.57
N ARG LA 56 -49.49 -72.15 -27.47
CA ARG LA 56 -50.23 -73.27 -27.95
C ARG LA 56 -51.65 -72.85 -28.34
N TYR MA 1 54.41 -83.83 21.51
CA TYR MA 1 55.51 -84.38 20.67
C TYR MA 1 55.06 -85.59 19.93
N LYS MA 2 54.28 -86.48 20.60
CA LYS MA 2 53.87 -87.70 19.98
C LYS MA 2 52.89 -87.40 18.89
N VAL MA 3 53.08 -88.07 17.73
CA VAL MA 3 52.28 -87.94 16.57
C VAL MA 3 50.95 -88.60 16.76
N ILE MA 4 50.91 -89.68 17.57
CA ILE MA 4 49.80 -90.58 17.72
C ILE MA 4 48.55 -90.16 18.40
N GLU MA 5 48.53 -89.58 19.62
CA GLU MA 5 47.26 -89.43 20.29
C GLU MA 5 46.70 -90.81 20.50
N GLN MA 6 45.45 -90.86 20.99
CA GLN MA 6 44.77 -92.10 21.23
C GLN MA 6 43.64 -92.24 20.26
N PRO MA 7 43.31 -93.48 19.96
CA PRO MA 7 42.29 -93.86 19.01
C PRO MA 7 41.10 -92.99 19.08
N ILE MA 8 40.45 -92.74 17.93
CA ILE MA 8 39.28 -91.94 18.00
C ILE MA 8 38.19 -92.95 17.87
N THR MA 9 37.31 -93.00 18.86
CA THR MA 9 36.28 -93.99 18.75
C THR MA 9 34.98 -93.28 18.61
N SER MA 10 34.26 -93.56 17.53
CA SER MA 10 32.99 -92.95 17.32
C SER MA 10 32.25 -93.84 16.38
N GLU MA 11 30.97 -93.48 16.14
CA GLU MA 11 30.10 -94.21 15.28
C GLU MA 11 30.66 -94.12 13.91
N THR MA 12 31.21 -92.96 13.55
CA THR MA 12 31.74 -92.93 12.22
C THR MA 12 32.91 -93.87 12.20
N ALA MA 13 33.71 -93.85 13.28
CA ALA MA 13 34.87 -94.66 13.32
C ALA MA 13 34.51 -96.10 13.25
N MET MA 14 33.54 -96.59 14.03
CA MET MA 14 33.37 -98.02 14.00
C MET MA 14 32.91 -98.44 12.65
N LYS MA 15 32.13 -97.62 11.93
CA LYS MA 15 31.70 -98.06 10.63
C LYS MA 15 32.91 -98.26 9.77
N LYS MA 16 33.86 -97.31 9.80
CA LYS MA 16 35.02 -97.43 8.96
C LYS MA 16 35.73 -98.67 9.38
N VAL MA 17 35.88 -98.91 10.70
CA VAL MA 17 36.47 -100.16 11.07
C VAL MA 17 35.33 -101.14 11.05
N GLU MA 18 34.97 -101.54 9.83
CA GLU MA 18 33.90 -102.43 9.53
C GLU MA 18 33.99 -102.48 8.06
N ASP MA 19 33.00 -101.89 7.35
CA ASP MA 19 33.28 -101.79 5.95
C ASP MA 19 34.45 -100.86 5.92
N GLY MA 20 35.44 -101.16 5.07
CA GLY MA 20 36.63 -100.37 5.12
C GLY MA 20 37.43 -101.03 6.19
N ASN MA 21 38.75 -101.19 6.00
CA ASN MA 21 39.43 -101.88 7.03
C ASN MA 21 39.49 -101.06 8.24
N ILE MA 22 39.96 -99.79 8.12
CA ILE MA 22 40.16 -99.27 9.41
C ILE MA 22 40.26 -97.83 9.46
N LEU MA 23 40.46 -97.38 10.70
CA LEU MA 23 40.62 -96.03 10.81
C LEU MA 23 40.97 -95.75 12.15
N VAL MA 24 41.22 -94.46 12.37
CA VAL MA 24 41.61 -94.12 13.66
C VAL MA 24 41.48 -92.70 13.95
N PHE MA 25 42.23 -92.46 15.02
CA PHE MA 25 42.42 -91.33 15.80
C PHE MA 25 43.53 -90.58 15.38
N GLN MA 26 43.45 -89.30 15.76
CA GLN MA 26 44.73 -88.80 15.72
C GLN MA 26 44.93 -87.57 16.44
N VAL MA 27 46.19 -87.20 16.30
CA VAL MA 27 46.64 -86.07 16.96
C VAL MA 27 47.67 -85.46 16.13
N SER MA 28 48.40 -84.52 16.74
CA SER MA 28 49.42 -83.80 16.09
C SER MA 28 48.91 -83.15 14.85
N MET MA 29 48.38 -81.93 15.01
CA MET MA 29 47.99 -81.21 13.85
C MET MA 29 49.24 -81.09 13.07
N LYS MA 30 50.35 -80.86 13.78
CA LYS MA 30 51.59 -80.79 13.06
C LYS MA 30 52.07 -82.20 12.93
N ALA MA 31 51.39 -82.96 12.05
CA ALA MA 31 51.80 -84.28 11.71
C ALA MA 31 51.43 -84.32 10.28
N ASN MA 32 52.20 -85.05 9.46
CA ASN MA 32 51.89 -85.15 8.06
C ASN MA 32 51.11 -86.42 7.96
N LYS MA 33 50.85 -86.92 6.74
CA LYS MA 33 50.14 -88.14 6.73
C LYS MA 33 51.10 -89.23 6.48
N TYR MA 34 52.40 -88.94 6.23
CA TYR MA 34 53.39 -89.97 6.23
C TYR MA 34 53.71 -90.30 7.65
N GLN MA 35 53.82 -89.26 8.48
CA GLN MA 35 54.20 -89.43 9.85
C GLN MA 35 53.14 -90.30 10.48
N ILE MA 36 51.86 -90.03 10.14
CA ILE MA 36 50.83 -90.88 10.64
C ILE MA 36 50.75 -91.90 9.56
N LYS MA 37 51.33 -93.07 9.80
CA LYS MA 37 51.46 -94.04 8.76
C LYS MA 37 52.51 -94.87 9.37
N LYS MA 38 53.68 -94.23 9.47
CA LYS MA 38 54.80 -94.79 10.14
C LYS MA 38 54.45 -94.95 11.57
N ALA MA 39 53.99 -93.87 12.24
CA ALA MA 39 53.60 -94.04 13.60
C ALA MA 39 52.15 -94.33 13.50
N VAL MA 40 51.87 -95.60 13.24
CA VAL MA 40 50.61 -96.20 13.12
C VAL MA 40 51.01 -97.59 13.16
N LYS MA 41 51.89 -97.95 12.20
CA LYS MA 41 52.60 -99.18 11.97
C LYS MA 41 53.55 -99.40 13.08
N GLU MA 42 54.19 -98.32 13.56
CA GLU MA 42 55.13 -98.50 14.61
C GLU MA 42 54.38 -99.09 15.76
N LEU MA 43 53.12 -98.69 15.98
CA LEU MA 43 52.33 -99.17 17.08
C LEU MA 43 51.97 -100.63 17.00
N TYR MA 44 51.38 -101.08 15.87
CA TYR MA 44 50.95 -102.43 15.85
C TYR MA 44 51.43 -103.05 14.61
N GLU MA 45 51.29 -104.38 14.45
CA GLU MA 45 51.83 -104.93 13.26
C GLU MA 45 50.76 -105.04 12.23
N VAL MA 46 50.73 -104.05 11.33
CA VAL MA 46 49.81 -104.00 10.26
C VAL MA 46 50.40 -103.04 9.30
N ASP MA 47 50.10 -103.17 8.00
CA ASP MA 47 50.61 -102.19 7.09
C ASP MA 47 49.46 -101.28 6.78
N VAL MA 48 49.72 -99.96 6.83
CA VAL MA 48 48.67 -99.03 6.61
C VAL MA 48 48.79 -98.52 5.24
N LEU MA 49 47.85 -98.91 4.35
CA LEU MA 49 47.94 -98.55 2.96
C LEU MA 49 47.78 -97.08 2.78
N LYS MA 50 46.69 -96.49 3.29
CA LYS MA 50 46.51 -95.08 3.05
C LYS MA 50 45.87 -94.45 4.24
N VAL MA 51 46.39 -93.27 4.60
CA VAL MA 51 45.93 -92.49 5.69
C VAL MA 51 45.52 -91.22 5.11
N ASN MA 52 44.31 -90.76 5.44
CA ASN MA 52 43.89 -89.50 4.95
C ASN MA 52 44.22 -88.51 5.98
N THR MA 53 43.54 -87.36 5.94
CA THR MA 53 43.83 -86.35 6.89
C THR MA 53 42.50 -85.83 7.27
N LEU MA 54 42.41 -84.77 8.09
CA LEU MA 54 41.13 -84.20 8.40
C LEU MA 54 41.38 -83.21 9.49
N VAL MA 55 41.00 -81.94 9.29
CA VAL MA 55 41.26 -81.01 10.34
C VAL MA 55 40.45 -81.35 11.56
N ARG MA 56 39.10 -81.29 11.51
CA ARG MA 56 38.24 -81.55 12.65
C ARG MA 56 36.83 -81.05 12.36
N PRO MA 57 36.11 -80.11 12.96
CA PRO MA 57 36.49 -79.27 14.10
C PRO MA 57 36.51 -79.97 15.41
N ASN MA 58 37.57 -79.70 16.20
CA ASN MA 58 37.75 -80.20 17.53
C ASN MA 58 38.94 -79.44 18.02
N GLY MA 59 39.77 -78.99 17.05
CA GLY MA 59 40.96 -78.30 17.38
C GLY MA 59 42.07 -79.29 17.37
N THR MA 60 41.78 -80.51 16.89
CA THR MA 60 42.77 -81.54 16.80
C THR MA 60 42.84 -81.96 15.39
N LYS MA 61 43.30 -83.19 15.15
CA LYS MA 61 43.44 -83.67 13.83
C LYS MA 61 42.81 -84.97 13.84
N LYS MA 62 42.44 -85.42 12.65
CA LYS MA 62 41.94 -86.72 12.56
C LYS MA 62 42.66 -87.23 11.40
N ALA MA 63 42.93 -88.53 11.33
CA ALA MA 63 43.51 -89.06 10.16
C ALA MA 63 43.08 -90.44 10.23
N TYR MA 64 42.33 -90.93 9.21
CA TYR MA 64 41.96 -92.31 9.24
C TYR MA 64 42.70 -93.00 8.16
N VAL MA 65 43.49 -93.99 8.62
CA VAL MA 65 44.38 -94.77 7.88
C VAL MA 65 43.66 -95.99 7.79
N ARG MA 66 43.84 -96.72 6.71
CA ARG MA 66 43.10 -97.89 6.62
C ARG MA 66 44.15 -98.89 6.40
N LEU MA 67 43.88 -100.14 6.79
CA LEU MA 67 44.92 -101.09 6.79
C LEU MA 67 45.15 -101.62 5.44
N THR MA 68 45.90 -102.74 5.35
CA THR MA 68 46.24 -103.28 4.06
C THR MA 68 45.79 -104.70 3.84
N ALA MA 69 44.48 -104.93 3.73
CA ALA MA 69 43.94 -106.19 3.28
C ALA MA 69 44.51 -107.34 4.04
N ASP MA 70 45.07 -107.11 5.24
CA ASP MA 70 45.59 -108.27 5.90
C ASP MA 70 45.35 -108.11 7.36
N TYR MA 71 44.90 -106.91 7.79
CA TYR MA 71 44.69 -106.78 9.21
C TYR MA 71 43.31 -106.21 9.42
N ASP MA 72 42.65 -106.65 10.51
CA ASP MA 72 41.30 -106.30 10.81
C ASP MA 72 41.28 -105.08 11.67
N ALA MA 73 40.08 -104.61 12.06
CA ALA MA 73 40.00 -103.49 12.95
C ALA MA 73 40.45 -104.02 14.24
N LEU MA 74 41.52 -103.45 14.83
CA LEU MA 74 42.10 -104.05 16.01
C LEU MA 74 41.16 -104.05 17.17
N ASP MA 75 40.69 -102.86 17.59
CA ASP MA 75 39.80 -102.69 18.71
C ASP MA 75 40.28 -103.52 19.85
N ILE MA 76 41.60 -103.72 19.94
CA ILE MA 76 42.21 -104.47 20.99
C ILE MA 76 43.64 -104.58 20.55
N ALA MA 77 44.58 -104.16 21.42
CA ALA MA 77 45.94 -104.25 21.00
C ALA MA 77 46.23 -105.71 20.73
N SER NA 8 44.33 -70.22 68.87
CA SER NA 8 43.30 -70.00 67.83
C SER NA 8 42.56 -68.74 68.10
N SER NA 9 41.35 -68.64 67.52
CA SER NA 9 40.51 -67.49 67.73
C SER NA 9 41.22 -66.30 67.16
N ASP NA 10 42.27 -66.54 66.35
CA ASP NA 10 42.95 -65.41 65.79
C ASP NA 10 42.00 -64.70 64.89
N ARG NA 11 41.47 -65.43 63.87
CA ARG NA 11 40.60 -64.88 62.87
C ARG NA 11 40.32 -65.98 61.90
N ARG NA 12 40.55 -65.69 60.61
CA ARG NA 12 40.36 -66.69 59.60
C ARG NA 12 41.22 -67.81 60.00
N LYS NA 13 42.47 -67.47 60.31
CA LYS NA 13 43.40 -68.44 60.75
C LYS NA 13 42.83 -69.07 61.94
N ALA NA 14 43.39 -70.24 62.25
CA ALA NA 14 42.84 -71.07 63.24
C ALA NA 14 41.44 -71.25 62.83
N ARG NA 15 41.30 -72.08 61.78
CA ARG NA 15 40.06 -72.43 61.19
C ARG NA 15 40.33 -72.52 59.75
N LYS NA 16 40.82 -71.43 59.17
CA LYS NA 16 41.11 -71.54 57.78
C LYS NA 16 42.12 -72.59 57.61
N ALA NA 17 43.24 -72.56 58.37
CA ALA NA 17 44.17 -73.64 58.23
C ALA NA 17 43.80 -74.54 59.34
N TYR NA 18 42.83 -75.42 59.04
CA TYR NA 18 42.27 -76.27 60.04
C TYR NA 18 41.68 -77.35 59.23
N PHE NA 19 40.50 -77.00 58.70
CA PHE NA 19 39.73 -77.86 57.88
C PHE NA 19 40.49 -78.16 56.64
N THR NA 20 41.24 -77.19 56.08
CA THR NA 20 41.91 -77.55 54.86
C THR NA 20 43.33 -77.92 55.18
N ALA NA 21 43.58 -79.05 55.90
CA ALA NA 21 44.95 -79.37 56.18
C ALA NA 21 45.04 -80.39 57.26
N PRO NA 22 46.19 -80.99 57.27
CA PRO NA 22 46.76 -81.62 56.10
C PRO NA 22 46.38 -83.04 56.32
N SER NA 23 46.82 -83.97 55.45
CA SER NA 23 46.56 -85.37 55.64
C SER NA 23 47.46 -85.94 56.68
N SER NA 24 48.20 -85.08 57.42
CA SER NA 24 49.09 -85.59 58.44
C SER NA 24 48.64 -85.04 59.76
N GLN NA 25 48.18 -83.77 59.75
CA GLN NA 25 47.76 -83.14 60.97
C GLN NA 25 46.46 -83.71 61.46
N ARG NA 26 45.66 -84.28 60.54
CA ARG NA 26 44.30 -84.70 60.72
C ARG NA 26 44.24 -85.72 61.80
N ARG NA 27 45.38 -86.37 62.08
CA ARG NA 27 45.42 -87.39 63.08
C ARG NA 27 44.87 -86.76 64.30
N VAL NA 28 45.33 -85.54 64.60
CA VAL NA 28 44.70 -84.85 65.67
C VAL NA 28 43.48 -84.29 65.03
N LEU NA 29 42.46 -84.02 65.85
CA LEU NA 29 41.11 -83.70 65.46
C LEU NA 29 40.37 -85.00 65.49
N LEU NA 30 41.05 -86.14 65.24
CA LEU NA 30 40.35 -87.34 65.59
C LEU NA 30 41.15 -87.97 66.68
N SER NA 31 40.80 -87.60 67.92
CA SER NA 31 41.42 -88.13 69.09
C SER NA 31 40.33 -88.25 70.11
N ALA NA 32 40.36 -89.30 70.96
CA ALA NA 32 39.33 -89.43 71.95
C ALA NA 32 40.04 -89.79 73.20
N PRO NA 33 39.31 -89.79 74.29
CA PRO NA 33 39.88 -90.13 75.57
C PRO NA 33 40.06 -91.62 75.66
N LEU NA 34 40.91 -92.06 76.61
CA LEU NA 34 41.22 -93.42 76.88
C LEU NA 34 40.23 -93.86 77.89
N SER NA 35 40.35 -95.12 78.33
CA SER NA 35 39.49 -95.57 79.38
C SER NA 35 40.06 -95.02 80.62
N LYS NA 36 39.70 -95.61 81.77
CA LYS NA 36 40.29 -95.19 83.01
C LYS NA 36 41.11 -96.34 83.51
N GLU NA 37 41.72 -97.06 82.55
CA GLU NA 37 42.64 -98.14 82.84
C GLU NA 37 43.71 -97.94 81.83
N LEU NA 38 43.25 -97.54 80.65
CA LEU NA 38 44.02 -97.22 79.50
C LEU NA 38 44.69 -95.92 79.70
N ARG NA 39 44.18 -95.03 80.57
CA ARG NA 39 44.89 -93.80 80.68
C ARG NA 39 46.21 -94.17 81.19
N ALA NA 40 46.23 -95.08 82.18
CA ALA NA 40 47.42 -95.69 82.69
C ALA NA 40 47.69 -96.76 81.70
N GLN NA 41 48.55 -97.74 82.00
CA GLN NA 41 48.83 -98.78 81.05
C GLN NA 41 49.39 -98.17 79.81
N TYR NA 42 50.02 -97.01 80.02
CA TYR NA 42 50.72 -96.19 79.09
C TYR NA 42 50.12 -94.85 79.28
N GLY NA 43 50.94 -93.87 79.65
CA GLY NA 43 50.30 -92.63 79.97
C GLY NA 43 49.85 -92.01 78.69
N ILE NA 44 48.73 -91.26 78.78
CA ILE NA 44 48.27 -90.45 77.70
C ILE NA 44 46.82 -90.19 77.99
N LYS NA 45 46.41 -88.92 77.92
CA LYS NA 45 45.03 -88.62 78.13
C LYS NA 45 44.21 -89.10 76.98
N ALA NA 46 44.70 -88.99 75.73
CA ALA NA 46 43.86 -89.36 74.63
C ALA NA 46 44.64 -90.01 73.52
N LEU NA 47 43.93 -90.73 72.63
CA LEU NA 47 44.53 -91.39 71.51
C LEU NA 47 43.84 -90.93 70.25
N PRO NA 48 44.48 -91.24 69.15
CA PRO NA 48 44.02 -90.92 67.83
C PRO NA 48 42.80 -91.69 67.41
N ILE NA 49 42.51 -92.83 68.07
CA ILE NA 49 41.38 -93.61 67.68
C ILE NA 49 41.73 -94.26 66.38
N ARG NA 50 41.62 -95.60 66.37
CA ARG NA 50 41.98 -96.36 65.22
C ARG NA 50 40.82 -97.23 64.87
N ARG NA 51 40.85 -97.83 63.67
CA ARG NA 51 39.80 -98.68 63.22
C ARG NA 51 39.75 -99.85 64.16
N ASP NA 52 40.92 -100.35 64.56
CA ASP NA 52 40.91 -101.45 65.47
C ASP NA 52 41.10 -100.89 66.83
N ASP NA 53 39.99 -100.48 67.45
CA ASP NA 53 39.97 -99.93 68.75
C ASP NA 53 38.67 -100.40 69.28
N GLU NA 54 38.22 -99.82 70.40
CA GLU NA 54 36.89 -100.03 70.88
C GLU NA 54 36.56 -98.69 71.42
N VAL NA 55 35.27 -98.40 71.64
CA VAL NA 55 34.93 -97.08 72.06
C VAL NA 55 33.81 -97.29 73.00
N LEU NA 56 33.28 -96.20 73.59
CA LEU NA 56 32.07 -96.13 74.37
C LEU NA 56 31.46 -94.85 73.91
N VAL NA 57 30.13 -94.81 73.69
CA VAL NA 57 29.59 -93.68 73.02
C VAL NA 57 29.65 -92.43 73.80
N VAL NA 58 29.21 -92.47 75.08
CA VAL NA 58 28.96 -91.33 75.94
C VAL NA 58 28.73 -90.10 75.15
N ARG NA 59 27.43 -89.85 74.85
CA ARG NA 59 27.05 -88.67 74.15
C ARG NA 59 25.75 -88.95 73.48
N GLY NA 60 25.56 -88.25 72.35
CA GLY NA 60 24.31 -88.17 71.69
C GLY NA 60 23.84 -89.39 70.99
N SER NA 61 22.50 -89.55 71.07
CA SER NA 61 21.61 -90.45 70.39
C SER NA 61 21.85 -91.85 70.84
N LYS NA 62 23.11 -92.17 71.11
CA LYS NA 62 23.43 -93.44 71.64
C LYS NA 62 24.27 -93.07 72.80
N LYS NA 63 23.79 -93.33 74.01
CA LYS NA 63 24.63 -92.97 75.11
C LYS NA 63 24.80 -94.24 75.87
N GLY NA 64 26.06 -94.58 76.21
CA GLY NA 64 26.31 -95.73 77.01
C GLY NA 64 26.45 -96.99 76.20
N GLN NA 65 26.61 -96.92 74.86
CA GLN NA 65 26.77 -98.20 74.20
C GLN NA 65 27.87 -98.13 73.19
N GLU NA 66 28.68 -99.21 73.10
CA GLU NA 66 29.69 -99.17 72.11
C GLU NA 66 30.15 -100.46 71.57
N GLY NA 67 30.62 -100.37 70.31
CA GLY NA 67 31.15 -101.46 69.59
C GLY NA 67 32.36 -100.98 68.87
N LYS NA 68 33.05 -101.89 68.15
CA LYS NA 68 34.27 -101.59 67.47
C LYS NA 68 34.07 -100.41 66.58
N ILE NA 69 35.18 -99.71 66.27
CA ILE NA 69 35.04 -98.49 65.54
C ILE NA 69 34.51 -98.75 64.15
N SER NA 70 35.05 -99.75 63.44
CA SER NA 70 34.57 -100.07 62.12
C SER NA 70 34.57 -98.87 61.23
N SER NA 71 35.67 -98.08 61.24
CA SER NA 71 35.67 -96.99 60.32
C SER NA 71 36.96 -96.26 60.48
N VAL NA 72 37.08 -95.15 59.73
CA VAL NA 72 38.27 -94.38 59.72
C VAL NA 72 37.77 -93.04 59.36
N TYR NA 73 38.70 -92.15 59.04
CA TYR NA 73 38.44 -90.81 58.71
C TYR NA 73 39.42 -90.44 57.69
N ARG NA 74 39.64 -89.12 57.66
CA ARG NA 74 40.63 -88.49 56.88
C ARG NA 74 40.22 -87.09 56.85
N LEU NA 75 39.77 -86.68 55.65
CA LEU NA 75 39.37 -85.33 55.51
C LEU NA 75 38.25 -85.11 56.44
N LYS NA 76 37.23 -85.97 56.34
CA LYS NA 76 36.22 -85.88 57.34
C LYS NA 76 36.97 -86.34 58.54
N PHE NA 77 36.85 -85.65 59.67
CA PHE NA 77 37.52 -86.24 60.78
C PHE NA 77 36.42 -86.92 61.50
N ALA NA 78 36.09 -88.15 61.06
CA ALA NA 78 34.97 -88.81 61.67
C ALA NA 78 35.23 -90.28 61.63
N VAL NA 79 34.47 -91.03 62.44
CA VAL NA 79 34.63 -92.45 62.41
C VAL NA 79 33.29 -93.06 62.64
N GLN NA 80 33.18 -94.39 62.43
CA GLN NA 80 31.95 -95.08 62.59
C GLN NA 80 32.05 -95.80 63.91
N VAL NA 81 31.02 -96.62 64.22
CA VAL NA 81 30.94 -97.38 65.42
C VAL NA 81 30.50 -98.72 64.90
N ASP NA 82 29.94 -99.60 65.76
CA ASP NA 82 29.36 -100.81 65.28
C ASP NA 82 28.02 -100.39 64.77
N LYS NA 83 26.92 -100.99 65.27
CA LYS NA 83 25.65 -100.53 64.80
C LYS NA 83 25.36 -99.22 65.46
N VAL NA 84 26.07 -98.14 65.04
CA VAL NA 84 25.85 -96.84 65.56
C VAL NA 84 24.52 -96.37 65.13
N THR NA 85 24.19 -96.52 63.82
CA THR NA 85 22.89 -96.09 63.46
C THR NA 85 22.33 -97.01 62.47
N LYS NA 86 21.09 -96.69 62.08
CA LYS NA 86 20.35 -97.56 61.24
C LYS NA 86 19.48 -96.82 60.28
N GLU NA 87 18.19 -97.23 60.27
CA GLU NA 87 17.19 -96.81 59.36
C GLU NA 87 17.25 -95.37 59.05
N LYS NA 88 16.92 -95.14 57.78
CA LYS NA 88 16.85 -93.90 57.09
C LYS NA 88 15.76 -94.09 56.11
N VAL NA 89 15.38 -92.99 55.42
CA VAL NA 89 14.33 -92.97 54.44
C VAL NA 89 14.74 -93.76 53.23
N ASN NA 90 16.02 -93.67 52.85
CA ASN NA 90 16.50 -94.29 51.64
C ASN NA 90 16.20 -95.74 51.75
N GLY NA 91 16.33 -96.31 52.97
CA GLY NA 91 16.04 -97.69 53.13
C GLY NA 91 17.31 -98.44 53.38
N ALA NA 92 18.48 -97.78 53.23
CA ALA NA 92 19.68 -98.50 53.47
C ALA NA 92 20.28 -98.04 54.75
N SER NA 93 20.58 -99.00 55.66
CA SER NA 93 21.09 -98.61 56.94
C SER NA 93 22.42 -98.01 56.73
N VAL NA 94 22.60 -96.80 57.26
CA VAL NA 94 23.89 -96.18 57.20
C VAL NA 94 24.15 -95.71 58.57
N PRO NA 95 25.33 -96.05 59.04
CA PRO NA 95 25.76 -95.66 60.35
C PRO NA 95 25.91 -94.20 60.37
N ILE NA 96 25.88 -93.58 61.57
CA ILE NA 96 26.02 -92.17 61.53
C ILE NA 96 27.38 -91.88 62.04
N ASN NA 97 28.13 -91.06 61.28
CA ASN NA 97 29.47 -90.81 61.70
C ASN NA 97 29.45 -89.82 62.82
N LEU NA 98 30.19 -90.11 63.90
CA LEU NA 98 30.20 -89.20 64.98
C LEU NA 98 31.55 -89.11 65.56
N HIS NA 99 31.84 -87.90 66.10
CA HIS NA 99 32.98 -87.64 66.92
C HIS NA 99 34.24 -88.04 66.20
N PRO NA 100 35.41 -88.23 66.80
CA PRO NA 100 35.73 -88.15 68.21
C PRO NA 100 35.52 -86.84 68.87
N SER NA 101 35.19 -86.93 70.18
CA SER NA 101 34.88 -85.88 71.10
C SER NA 101 34.15 -86.64 72.14
N LYS NA 102 32.90 -86.96 71.80
CA LYS NA 102 31.93 -87.64 72.58
C LYS NA 102 32.40 -89.02 72.94
N LEU NA 103 33.14 -89.70 72.04
CA LEU NA 103 33.49 -91.07 72.31
C LEU NA 103 34.61 -91.19 73.29
N VAL NA 104 34.75 -92.41 73.85
CA VAL NA 104 35.82 -92.78 74.74
C VAL NA 104 36.38 -94.07 74.20
N ILE NA 105 37.68 -94.34 74.44
CA ILE NA 105 38.25 -95.56 73.94
C ILE NA 105 38.49 -96.45 75.12
N THR NA 106 37.83 -97.62 75.10
CA THR NA 106 37.96 -98.57 76.15
C THR NA 106 38.49 -99.82 75.57
N LYS NA 107 39.50 -99.73 74.68
CA LYS NA 107 40.10 -100.90 74.12
C LYS NA 107 40.85 -100.40 72.93
N LEU NA 108 42.11 -100.83 72.76
CA LEU NA 108 42.86 -100.34 71.66
C LEU NA 108 43.41 -101.53 71.03
N HIS NA 109 43.44 -101.58 69.68
CA HIS NA 109 44.06 -102.69 69.03
C HIS NA 109 45.31 -102.19 68.39
N LEU NA 110 46.47 -102.64 68.93
CA LEU NA 110 47.71 -102.24 68.34
C LEU NA 110 48.22 -103.42 67.61
N ASP NA 111 47.94 -103.48 66.29
CA ASP NA 111 48.50 -104.54 65.51
C ASP NA 111 49.95 -104.24 65.42
N LYS NA 112 50.26 -102.94 65.24
CA LYS NA 112 51.63 -102.54 65.10
C LYS NA 112 52.30 -102.69 66.42
N ASP NA 113 53.58 -103.10 66.38
CA ASP NA 113 54.33 -103.26 67.59
C ASP NA 113 54.44 -101.91 68.22
N ARG NA 114 54.73 -100.89 67.41
CA ARG NA 114 54.82 -99.58 67.96
C ARG NA 114 53.67 -98.81 67.42
N LYS NA 115 52.76 -98.37 68.31
CA LYS NA 115 51.65 -97.59 67.84
C LYS NA 115 51.98 -96.18 68.17
N ALA NA 116 52.87 -95.59 67.36
CA ALA NA 116 53.28 -94.22 67.50
C ALA NA 116 53.60 -93.95 68.93
N LEU NA 117 54.49 -94.79 69.48
CA LEU NA 117 54.96 -94.65 70.82
C LEU NA 117 53.86 -94.37 71.79
N ILE NA 118 52.86 -95.26 71.89
CA ILE NA 118 51.91 -95.04 72.93
C ILE NA 118 52.46 -95.79 74.09
N GLN NA 119 53.77 -95.57 74.32
CA GLN NA 119 54.52 -96.17 75.37
C GLN NA 119 55.78 -95.38 75.43
N ARG NA 120 56.34 -95.21 76.65
CA ARG NA 120 57.58 -94.53 76.84
C ARG NA 120 57.57 -93.21 76.14
N LYS NA 121 56.48 -92.43 76.30
CA LYS NA 121 56.43 -91.17 75.65
C LYS NA 121 57.31 -90.23 76.41
N GLY NA 122 57.89 -89.25 75.69
CA GLY NA 122 58.74 -88.29 76.32
C GLY NA 122 58.79 -87.07 75.41
N THR OA 5 18.74 -31.43 71.31
CA THR OA 5 18.17 -30.08 71.50
C THR OA 5 17.26 -29.75 70.35
N LYS OA 6 17.18 -28.46 70.00
CA LYS OA 6 16.31 -28.05 68.93
C LYS OA 6 16.81 -28.73 67.69
N THR OA 7 18.13 -28.74 67.52
CA THR OA 7 18.71 -29.35 66.36
C THR OA 7 18.40 -30.81 66.39
N ARG OA 8 18.41 -31.40 67.60
CA ARG OA 8 18.16 -32.80 67.71
C ARG OA 8 16.82 -33.06 67.12
N LYS OA 9 15.82 -32.24 67.48
CA LYS OA 9 14.55 -32.47 66.87
C LYS OA 9 14.66 -31.96 65.48
N HIS OA 10 14.55 -32.88 64.50
CA HIS OA 10 14.60 -32.50 63.13
C HIS OA 10 13.42 -33.14 62.52
N ARG OA 11 13.24 -34.42 62.84
CA ARG OA 11 12.11 -35.12 62.38
C ARG OA 11 10.96 -34.53 63.10
N GLY OA 12 9.75 -34.69 62.54
CA GLY OA 12 8.59 -34.18 63.20
C GLY OA 12 8.26 -32.87 62.57
N HIS OA 13 9.25 -32.21 61.98
CA HIS OA 13 8.94 -30.99 61.30
C HIS OA 13 9.46 -31.12 59.91
N VAL OA 14 8.58 -30.89 58.92
CA VAL OA 14 9.02 -31.00 57.57
C VAL OA 14 9.87 -29.81 57.33
N SER OA 15 11.02 -30.02 56.67
CA SER OA 15 11.95 -28.96 56.48
C SER OA 15 12.52 -28.68 57.83
N ALA OA 16 13.84 -28.60 57.91
CA ALA OA 16 14.44 -28.32 59.19
C ALA OA 16 15.07 -26.97 59.00
N GLY OA 17 15.18 -26.19 60.08
CA GLY OA 17 15.74 -24.89 59.91
C GLY OA 17 14.66 -24.00 59.40
N LYS OA 18 15.00 -23.11 58.44
CA LYS OA 18 14.03 -22.17 57.94
C LYS OA 18 12.90 -22.94 57.34
N GLY OA 19 11.67 -22.60 57.75
CA GLY OA 19 10.52 -23.30 57.28
C GLY OA 19 10.24 -22.90 55.87
N ARG OA 20 10.15 -23.90 54.98
CA ARG OA 20 9.82 -23.64 53.61
C ARG OA 20 10.17 -24.88 52.87
N ILE OA 21 9.55 -25.05 51.69
CA ILE OA 21 9.92 -26.16 50.85
C ILE OA 21 10.46 -25.50 49.64
N GLY OA 22 11.58 -26.00 49.11
CA GLY OA 22 12.14 -25.28 48.02
C GLY OA 22 12.73 -24.08 48.66
N LYS OA 23 12.97 -24.21 49.99
CA LYS OA 23 13.49 -23.17 50.80
C LYS OA 23 14.92 -23.00 50.46
N HIS OA 24 15.66 -22.34 51.38
CA HIS OA 24 17.03 -21.99 51.18
C HIS OA 24 17.79 -23.15 50.66
N ARG OA 25 18.46 -22.91 49.52
CA ARG OA 25 19.30 -23.85 48.84
C ARG OA 25 20.52 -23.05 48.53
N LYS OA 26 21.28 -23.43 47.49
CA LYS OA 26 22.43 -22.64 47.20
C LYS OA 26 21.94 -21.27 46.88
N HIS OA 27 22.30 -20.30 47.74
CA HIS OA 27 21.90 -18.93 47.60
C HIS OA 27 22.83 -18.16 48.49
N PRO OA 28 22.77 -16.85 48.48
CA PRO OA 28 21.94 -16.13 47.56
C PRO OA 28 22.49 -16.18 46.17
N GLY OA 29 23.82 -16.32 46.03
CA GLY OA 29 24.42 -16.36 44.73
C GLY OA 29 25.88 -16.12 44.92
N GLY OA 30 26.69 -16.59 43.97
CA GLY OA 30 28.11 -16.40 44.06
C GLY OA 30 28.59 -17.42 45.02
N ARG OA 31 29.91 -17.51 45.22
CA ARG OA 31 30.37 -18.47 46.18
C ARG OA 31 30.98 -17.71 47.30
N GLY OA 32 30.66 -18.13 48.54
CA GLY OA 32 31.16 -17.39 49.66
C GLY OA 32 30.49 -16.08 49.58
N MET OA 33 31.21 -15.00 49.93
CA MET OA 33 30.63 -13.68 49.85
C MET OA 33 30.40 -13.46 48.41
N ALA OA 34 29.32 -12.73 48.08
CA ALA OA 34 29.04 -12.43 46.72
C ALA OA 34 30.08 -11.45 46.33
N GLY OA 35 30.10 -11.03 45.05
CA GLY OA 35 31.15 -10.14 44.64
C GLY OA 35 31.09 -8.91 45.48
N GLY OA 36 32.26 -8.44 45.94
CA GLY OA 36 32.25 -7.21 46.64
C GLY OA 36 32.04 -6.19 45.57
N GLU OA 37 30.77 -5.99 45.20
CA GLU OA 37 30.45 -5.10 44.14
C GLU OA 37 28.96 -5.15 44.04
N HIS OA 38 28.41 -4.52 42.99
CA HIS OA 38 26.99 -4.53 42.83
C HIS OA 38 26.60 -5.75 42.08
N HIS OA 39 25.37 -6.23 42.35
CA HIS OA 39 24.82 -7.34 41.64
C HIS OA 39 23.35 -7.07 41.59
N HIS OA 40 22.59 -7.86 40.81
CA HIS OA 40 21.19 -7.60 40.74
C HIS OA 40 20.57 -8.12 41.99
N ARG OA 41 20.68 -7.31 43.05
CA ARG OA 41 20.17 -7.51 44.38
C ARG OA 41 20.73 -8.76 44.97
N ILE OA 42 21.83 -9.27 44.38
CA ILE OA 42 22.45 -10.45 44.87
C ILE OA 42 23.17 -10.16 46.17
N ASN OA 43 24.01 -9.10 46.22
CA ASN OA 43 24.68 -8.81 47.44
C ASN OA 43 25.15 -7.39 47.39
N MET OA 44 25.13 -6.67 48.53
CA MET OA 44 25.48 -5.28 48.50
C MET OA 44 25.21 -4.79 49.88
N ASP OA 45 24.23 -3.88 50.02
CA ASP OA 45 23.90 -3.43 51.33
C ASP OA 45 25.10 -2.84 51.98
N LYS OA 46 25.39 -1.58 51.59
CA LYS OA 46 26.46 -0.68 51.97
C LYS OA 46 27.24 -1.26 53.09
N TYR OA 47 28.56 -1.35 52.87
CA TYR OA 47 29.35 -2.05 53.80
C TYR OA 47 30.40 -1.10 54.27
N HIS OA 48 30.96 -1.44 55.43
CA HIS OA 48 32.22 -0.91 55.79
C HIS OA 48 32.73 -1.63 57.01
N PRO OA 49 32.83 -2.93 56.86
CA PRO OA 49 34.00 -3.59 57.38
C PRO OA 49 35.02 -3.34 56.32
N GLY OA 50 36.32 -3.56 56.57
CA GLY OA 50 37.23 -3.39 55.48
C GLY OA 50 37.67 -1.97 55.33
N TYR OA 51 36.83 -1.11 54.66
CA TYR OA 51 37.08 0.26 54.22
C TYR OA 51 38.46 0.66 54.60
N PHE OA 52 39.31 0.67 53.54
CA PHE OA 52 40.74 0.68 53.56
C PHE OA 52 40.88 -0.74 53.14
N GLY OA 53 41.72 -1.57 53.74
CA GLY OA 53 41.29 -2.88 53.41
C GLY OA 53 42.16 -3.63 52.49
N LYS OA 54 42.92 -4.50 53.15
CA LYS OA 54 43.68 -5.58 52.65
C LYS OA 54 44.07 -6.14 53.96
N VAL OA 55 43.41 -7.27 54.27
CA VAL OA 55 43.37 -7.74 55.61
C VAL OA 55 44.72 -7.99 56.16
N GLY OA 56 44.88 -7.60 57.45
CA GLY OA 56 46.08 -7.77 58.19
C GLY OA 56 46.90 -6.53 58.02
N MET OA 57 47.88 -6.33 58.92
CA MET OA 57 48.78 -5.23 58.81
C MET OA 57 50.12 -5.85 58.66
N ARG OA 58 51.01 -5.28 57.83
CA ARG OA 58 52.29 -5.88 57.73
C ARG OA 58 53.30 -4.82 57.43
N TYR OA 59 54.53 -5.02 57.93
CA TYR OA 59 55.57 -4.07 57.67
C TYR OA 59 56.72 -4.85 57.15
N PHE OA 60 57.36 -4.37 56.06
CA PHE OA 60 58.42 -5.15 55.48
C PHE OA 60 59.55 -5.26 56.45
N HIS OA 61 59.93 -4.16 57.12
CA HIS OA 61 60.98 -4.31 58.06
C HIS OA 61 60.49 -5.25 59.12
N LYS OA 62 59.20 -5.10 59.51
CA LYS OA 62 58.68 -5.95 60.54
C LYS OA 62 58.82 -7.35 60.04
N GLN OA 63 59.74 -8.10 60.68
CA GLN OA 63 60.04 -9.45 60.32
C GLN OA 63 61.44 -9.65 60.79
N GLN OA 64 62.21 -10.49 60.09
CA GLN OA 64 63.58 -10.62 60.46
C GLN OA 64 64.16 -9.28 60.17
N ALA OA 65 65.29 -8.95 60.81
CA ALA OA 65 65.88 -7.67 60.59
C ALA OA 65 64.91 -6.61 61.03
N HIS OA 66 64.08 -6.92 62.04
CA HIS OA 66 63.18 -5.93 62.55
C HIS OA 66 63.51 -5.77 64.00
N PHE OA 67 63.12 -4.63 64.59
CA PHE OA 67 63.42 -4.41 65.98
C PHE OA 67 62.51 -5.28 66.78
N TRP OA 68 63.00 -5.73 67.94
CA TRP OA 68 62.24 -6.60 68.78
C TRP OA 68 62.26 -6.10 70.19
N LYS OA 69 61.30 -6.56 70.99
CA LYS OA 69 61.15 -6.21 72.38
C LYS OA 69 62.10 -7.13 73.08
N PRO OA 70 62.07 -7.55 74.34
CA PRO OA 70 61.04 -7.29 75.32
C PRO OA 70 60.89 -5.93 75.91
N VAL OA 71 59.64 -5.65 76.38
CA VAL OA 71 59.28 -4.42 77.01
C VAL OA 71 58.72 -4.76 78.36
N LEU OA 72 58.97 -3.89 79.35
CA LEU OA 72 58.46 -4.12 80.67
C LEU OA 72 57.82 -2.85 81.13
N ASN OA 73 56.76 -2.96 81.95
CA ASN OA 73 56.08 -1.77 82.40
C ASN OA 73 56.51 -1.54 83.80
N LEU OA 74 56.59 -0.25 84.19
CA LEU OA 74 57.03 0.10 85.50
C LEU OA 74 55.83 0.01 86.38
N ASP OA 75 55.34 -1.23 86.55
CA ASP OA 75 54.19 -1.51 87.35
C ASP OA 75 54.51 -2.80 88.02
N LYS OA 76 54.91 -3.79 87.21
CA LYS OA 76 55.24 -5.08 87.71
C LYS OA 76 56.41 -4.92 88.62
N LEU OA 77 57.38 -4.06 88.23
CA LEU OA 77 58.55 -3.90 89.03
C LEU OA 77 58.18 -3.35 90.37
N TRP OA 78 57.36 -2.27 90.39
CA TRP OA 78 57.04 -1.66 91.65
C TRP OA 78 56.21 -2.65 92.42
N THR OA 79 55.34 -3.38 91.71
CA THR OA 79 54.54 -4.34 92.41
C THR OA 79 55.49 -5.28 93.05
N LEU OA 80 56.54 -5.62 92.29
CA LEU OA 80 57.56 -6.55 92.68
C LEU OA 80 58.28 -6.01 93.88
N ILE OA 81 58.73 -4.74 93.86
CA ILE OA 81 59.42 -4.17 95.00
C ILE OA 81 58.98 -2.75 95.13
N PRO OA 82 58.93 -2.17 96.31
CA PRO OA 82 59.18 -2.83 97.57
C PRO OA 82 57.97 -3.45 98.19
N GLU OA 83 56.77 -3.27 97.61
CA GLU OA 83 55.58 -3.64 98.33
C GLU OA 83 55.61 -5.07 98.74
N ASP OA 84 55.91 -6.00 97.82
CA ASP OA 84 55.94 -7.35 98.29
C ASP OA 84 57.33 -7.87 98.10
N LYS OA 85 57.72 -8.87 98.88
CA LYS OA 85 59.01 -9.44 98.64
C LYS OA 85 58.81 -10.33 97.46
N ARG OA 86 59.87 -10.52 96.68
CA ARG OA 86 59.80 -11.30 95.49
C ARG OA 86 61.15 -11.92 95.33
N ASP OA 87 61.70 -11.86 94.10
CA ASP OA 87 63.00 -12.37 93.82
C ASP OA 87 63.93 -11.82 94.86
N GLN OA 88 64.26 -12.64 95.87
CA GLN OA 88 65.13 -12.20 96.90
C GLN OA 88 66.44 -11.98 96.22
N TYR OA 89 66.77 -12.89 95.30
CA TYR OA 89 67.98 -12.76 94.55
C TYR OA 89 67.87 -11.49 93.78
N LEU OA 90 69.01 -10.88 93.47
CA LEU OA 90 69.01 -9.63 92.76
C LEU OA 90 68.32 -8.63 93.63
N LYS OA 91 68.65 -8.66 94.94
CA LYS OA 91 68.10 -7.67 95.82
C LYS OA 91 69.23 -7.06 96.57
N SER OA 92 69.31 -5.71 96.55
CA SER OA 92 70.35 -5.07 97.29
C SER OA 92 69.94 -3.66 97.50
N ALA OA 93 70.40 -3.04 98.61
CA ALA OA 93 70.00 -1.69 98.83
C ALA OA 93 68.53 -1.75 98.99
N SER OA 94 67.86 -0.59 98.93
CA SER OA 94 66.43 -0.65 99.00
C SER OA 94 65.99 -1.52 97.85
N LYS OA 95 66.53 -1.30 96.62
CA LYS OA 95 66.13 -2.12 95.51
C LYS OA 95 67.19 -2.10 94.44
N GLU OA 96 67.02 -2.94 93.39
CA GLU OA 96 67.91 -3.01 92.26
C GLU OA 96 67.12 -3.51 91.08
N THR OA 97 67.76 -3.50 89.89
CA THR OA 97 67.14 -3.90 88.66
C THR OA 97 68.02 -4.87 87.94
N ALA OA 98 67.46 -5.51 86.90
CA ALA OA 98 68.16 -6.48 86.13
C ALA OA 98 67.14 -7.23 85.37
N PRO OA 99 67.53 -8.32 84.75
CA PRO OA 99 66.55 -9.06 84.01
C PRO OA 99 65.44 -9.66 84.78
N VAL OA 100 64.22 -9.17 84.52
CA VAL OA 100 63.02 -9.74 85.01
C VAL OA 100 62.12 -9.65 83.83
N ILE OA 101 62.46 -10.39 82.77
CA ILE OA 101 61.69 -10.34 81.58
C ILE OA 101 61.44 -11.76 81.22
N ASP OA 102 60.28 -12.05 80.62
CA ASP OA 102 59.99 -13.42 80.28
C ASP OA 102 61.01 -13.88 79.31
N THR OA 103 61.31 -13.05 78.29
CA THR OA 103 62.28 -13.49 77.33
C THR OA 103 63.38 -12.49 77.29
N LEU OA 104 64.61 -12.97 77.16
CA LEU OA 104 65.66 -12.03 76.97
C LEU OA 104 65.93 -12.15 75.51
N ALA OA 105 64.85 -12.25 74.71
CA ALA OA 105 65.07 -12.25 73.29
C ALA OA 105 65.64 -10.90 73.13
N ALA OA 106 66.70 -10.79 72.32
CA ALA OA 106 67.47 -9.60 72.31
C ALA OA 106 66.90 -8.52 71.47
N GLY OA 107 67.66 -7.41 71.44
CA GLY OA 107 67.31 -6.20 70.78
C GLY OA 107 66.38 -5.51 71.69
N TYR OA 108 66.62 -5.68 73.00
CA TYR OA 108 65.58 -5.32 73.89
C TYR OA 108 66.09 -4.93 75.21
N GLY OA 109 65.12 -4.86 76.14
CA GLY OA 109 65.35 -4.61 77.52
C GLY OA 109 64.87 -3.26 77.92
N LYS OA 110 63.99 -2.60 77.14
CA LYS OA 110 63.56 -1.32 77.55
C LYS OA 110 62.63 -1.51 78.69
N ILE OA 111 62.38 -0.40 79.41
CA ILE OA 111 61.39 -0.38 80.45
C ILE OA 111 60.55 0.82 80.23
N LEU OA 112 59.23 0.61 80.12
CA LEU OA 112 58.30 1.68 79.94
C LEU OA 112 57.98 2.13 81.31
N GLY OA 113 57.38 3.34 81.42
CA GLY OA 113 56.98 3.79 82.71
C GLY OA 113 55.53 4.10 82.64
N LYS OA 114 54.72 3.31 83.38
CA LYS OA 114 53.31 3.54 83.48
C LYS OA 114 52.95 3.06 84.86
N GLY OA 115 51.82 3.52 85.41
CA GLY OA 115 51.50 3.11 86.75
C GLY OA 115 52.18 4.08 87.66
N ARG OA 116 52.17 3.81 88.97
CA ARG OA 116 52.79 4.74 89.87
C ARG OA 116 54.09 4.18 90.33
N ILE OA 117 55.16 4.97 90.13
CA ILE OA 117 56.51 4.62 90.45
C ILE OA 117 57.12 5.98 90.71
N PRO OA 118 58.28 6.18 91.26
CA PRO OA 118 59.15 5.16 91.76
C PRO OA 118 58.46 4.31 92.77
N ASN OA 119 58.11 4.94 93.91
CA ASN OA 119 57.45 4.34 95.04
C ASN OA 119 58.41 3.39 95.71
N VAL OA 120 59.42 2.87 94.97
CA VAL OA 120 60.31 1.93 95.55
C VAL OA 120 61.33 2.53 96.47
N PRO OA 121 62.06 3.55 96.10
CA PRO OA 121 62.05 4.15 94.79
C PRO OA 121 62.61 3.42 93.59
N VAL OA 122 63.46 2.38 93.76
CA VAL OA 122 64.10 1.60 92.71
C VAL OA 122 64.98 2.39 91.80
N ILE OA 123 66.08 1.71 91.39
CA ILE OA 123 67.03 2.17 90.41
C ILE OA 123 67.04 1.11 89.37
N VAL OA 124 66.97 1.47 88.07
CA VAL OA 124 66.85 0.43 87.10
C VAL OA 124 67.93 0.55 86.07
N LYS OA 125 68.36 -0.60 85.52
CA LYS OA 125 69.31 -0.62 84.46
C LYS OA 125 68.80 -1.59 83.45
N ALA OA 126 68.77 -1.15 82.17
CA ALA OA 126 68.26 -1.93 81.11
C ALA OA 126 68.55 -1.15 79.87
N ARG OA 127 68.13 -1.66 78.70
CA ARG OA 127 68.34 -0.90 77.51
C ARG OA 127 67.44 0.29 77.64
N PHE OA 128 67.46 1.18 76.63
CA PHE OA 128 66.78 2.44 76.64
C PHE OA 128 65.40 2.38 77.23
N VAL OA 129 65.06 3.47 77.93
CA VAL OA 129 63.82 3.63 78.64
C VAL OA 129 63.09 4.81 78.06
N SER OA 130 61.74 4.74 78.09
CA SER OA 130 60.93 5.77 77.49
C SER OA 130 61.05 6.97 78.35
N LYS OA 131 60.61 8.14 77.85
CA LYS OA 131 60.65 9.35 78.61
C LYS OA 131 59.73 9.20 79.77
N LEU OA 132 58.50 8.71 79.53
CA LEU OA 132 57.61 8.55 80.64
C LEU OA 132 57.93 7.23 81.22
N ALA OA 133 59.09 7.18 81.86
CA ALA OA 133 59.60 6.00 82.46
C ALA OA 133 60.81 6.44 83.19
N GLU OA 134 61.47 7.52 82.69
CA GLU OA 134 62.52 8.17 83.42
C GLU OA 134 61.86 8.84 84.55
N GLU OA 135 60.79 9.58 84.22
CA GLU OA 135 60.06 10.22 85.25
C GLU OA 135 59.29 9.18 85.92
N LYS OA 136 58.95 9.45 87.18
CA LYS OA 136 58.30 8.43 87.92
C LYS OA 136 59.26 7.30 87.94
N ILE OA 137 60.53 7.67 88.15
CA ILE OA 137 61.68 6.84 88.32
C ILE OA 137 62.66 7.82 88.84
N ARG OA 138 63.53 8.38 87.96
CA ARG OA 138 64.32 9.46 88.46
C ARG OA 138 63.30 10.45 88.87
N ALA OA 139 63.29 10.60 90.20
CA ALA OA 139 62.33 11.23 91.03
C ALA OA 139 62.78 10.53 92.24
N ALA OA 140 61.88 9.84 92.97
CA ALA OA 140 62.50 9.11 94.01
C ALA OA 140 63.35 8.04 93.39
N GLY OA 141 64.68 8.13 93.61
CA GLY OA 141 65.67 7.15 93.24
C GLY OA 141 65.61 6.83 91.77
N GLY OA 142 66.35 5.77 91.38
CA GLY OA 142 66.32 5.24 90.04
C GLY OA 142 67.26 6.04 89.20
N VAL OA 143 67.67 5.49 88.02
CA VAL OA 143 68.58 6.25 87.23
C VAL OA 143 69.00 5.47 86.00
N VAL OA 144 70.23 5.76 85.54
CA VAL OA 144 70.89 5.31 84.35
C VAL OA 144 70.84 3.84 84.26
N GLU OA 145 70.84 3.35 83.00
CA GLU OA 145 70.69 1.96 82.79
C GLU OA 145 71.43 1.52 81.58
N LEU OA 146 72.07 0.34 81.70
CA LEU OA 146 72.70 -0.39 80.64
C LEU OA 146 73.43 0.51 79.72
N ILE OA 147 74.48 1.18 80.23
CA ILE OA 147 75.21 2.03 79.35
C ILE OA 147 75.88 1.16 78.29
N THR PA 14 -13.67 -40.39 77.40
CA THR PA 14 -14.57 -39.53 76.60
C THR PA 14 -14.89 -40.22 75.32
N LYS PA 15 -15.24 -39.43 74.28
CA LYS PA 15 -15.55 -40.05 73.02
C LYS PA 15 -14.26 -40.62 72.53
N LYS PA 16 -14.31 -41.86 72.01
CA LYS PA 16 -13.07 -42.44 71.59
C LYS PA 16 -12.54 -41.59 70.48
N PHE PA 17 -11.41 -40.90 70.76
CA PHE PA 17 -10.87 -40.11 69.73
C PHE PA 17 -10.35 -41.12 68.78
N LYS PA 18 -10.43 -40.82 67.48
CA LYS PA 18 -9.87 -41.70 66.50
C LYS PA 18 -9.53 -40.82 65.37
N ARG PA 19 -8.42 -41.10 64.65
CA ARG PA 19 -8.21 -40.16 63.61
C ARG PA 19 -9.22 -40.48 62.58
N HIS PA 20 -9.76 -39.44 61.90
CA HIS PA 20 -10.88 -39.50 61.02
C HIS PA 20 -10.63 -40.44 59.89
N HIS PA 21 -11.73 -41.09 59.45
CA HIS PA 21 -11.73 -42.02 58.36
C HIS PA 21 -10.76 -43.11 58.64
N SER PA 22 -10.55 -43.42 59.93
CA SER PA 22 -9.69 -44.51 60.23
C SER PA 22 -10.41 -45.75 59.82
N ASP PA 23 -11.74 -45.75 59.99
CA ASP PA 23 -12.53 -46.90 59.64
C ASP PA 23 -13.00 -46.74 58.23
N ARG PA 24 -12.14 -46.17 57.36
CA ARG PA 24 -12.53 -46.05 55.99
C ARG PA 24 -11.41 -46.70 55.25
N TYR PA 25 -10.19 -46.11 55.26
CA TYR PA 25 -9.14 -46.83 54.60
C TYR PA 25 -8.25 -47.53 55.56
N HIS PA 26 -8.39 -48.86 55.47
CA HIS PA 26 -7.83 -49.95 56.22
C HIS PA 26 -6.63 -49.58 57.00
N ARG PA 27 -5.53 -49.36 56.29
CA ARG PA 27 -4.27 -49.23 56.91
C ARG PA 27 -4.25 -48.10 57.89
N VAL PA 28 -5.04 -47.03 57.65
CA VAL PA 28 -5.05 -45.95 58.58
C VAL PA 28 -5.44 -46.58 59.87
N ALA PA 29 -4.90 -46.08 61.00
CA ALA PA 29 -5.16 -46.76 62.23
C ALA PA 29 -5.92 -45.84 63.13
N GLU PA 30 -6.36 -46.39 64.28
CA GLU PA 30 -7.16 -45.65 65.20
C GLU PA 30 -6.38 -44.49 65.73
N ASN PA 31 -5.03 -44.62 65.84
CA ASN PA 31 -4.21 -43.57 66.36
C ASN PA 31 -4.55 -42.34 65.64
N TRP PA 32 -4.95 -41.37 66.46
CA TRP PA 32 -5.52 -40.14 66.09
C TRP PA 32 -4.46 -39.15 65.88
N ARG PA 33 -4.74 -38.18 64.98
CA ARG PA 33 -3.85 -37.11 64.76
C ARG PA 33 -4.73 -36.02 64.36
N LYS PA 34 -4.11 -34.91 63.97
CA LYS PA 34 -4.88 -33.81 63.59
C LYS PA 34 -5.46 -34.14 62.27
N GLN PA 35 -6.39 -33.25 61.89
CA GLN PA 35 -7.03 -33.29 60.62
C GLN PA 35 -6.28 -32.37 59.70
N LYS PA 36 -6.36 -32.62 58.39
CA LYS PA 36 -5.67 -31.74 57.49
C LYS PA 36 -6.46 -30.46 57.49
N GLY PA 37 -5.75 -29.34 57.28
CA GLY PA 37 -6.31 -28.03 57.34
C GLY PA 37 -7.35 -27.80 56.32
N ILE PA 38 -7.16 -28.34 55.10
CA ILE PA 38 -8.13 -28.16 54.07
C ILE PA 38 -9.41 -28.61 54.62
N ASP PA 39 -10.53 -28.00 54.14
CA ASP PA 39 -11.85 -28.30 54.62
C ASP PA 39 -11.97 -29.78 54.67
N SER PA 40 -11.81 -30.33 55.90
CA SER PA 40 -11.76 -31.75 55.98
C SER PA 40 -12.70 -32.23 57.03
N VAL PA 41 -13.96 -31.77 56.97
CA VAL PA 41 -15.05 -32.19 57.82
C VAL PA 41 -14.78 -32.10 59.28
N VAL PA 42 -13.97 -33.01 59.84
CA VAL PA 42 -13.73 -32.93 61.24
C VAL PA 42 -13.05 -31.65 61.54
N ARG PA 43 -12.08 -31.25 60.70
CA ARG PA 43 -11.56 -29.97 60.99
C ARG PA 43 -12.69 -29.13 60.64
N ARG PA 44 -12.78 -27.91 61.19
CA ARG PA 44 -14.02 -27.23 61.04
C ARG PA 44 -14.97 -28.19 61.64
N ARG PA 45 -15.13 -28.04 62.96
CA ARG PA 45 -15.69 -28.98 63.87
C ARG PA 45 -16.99 -29.56 63.47
N PHE PA 46 -17.80 -28.86 62.63
CA PHE PA 46 -19.16 -29.19 62.24
C PHE PA 46 -19.56 -30.59 62.54
N ARG PA 47 -20.73 -30.69 63.22
CA ARG PA 47 -21.24 -31.89 63.81
C ARG PA 47 -21.32 -33.01 62.84
N GLY PA 48 -21.19 -34.23 63.39
CA GLY PA 48 -21.26 -35.46 62.64
C GLY PA 48 -19.87 -36.01 62.55
N ASN PA 49 -18.86 -35.12 62.47
CA ASN PA 49 -17.50 -35.55 62.36
C ASN PA 49 -17.04 -36.14 63.66
N ILE PA 50 -17.51 -35.55 64.78
CA ILE PA 50 -17.21 -35.82 66.17
C ILE PA 50 -15.76 -36.02 66.45
N SER PA 51 -15.23 -35.15 67.35
CA SER PA 51 -13.87 -35.21 67.80
C SER PA 51 -13.35 -33.89 68.24
N GLN PA 52 -12.23 -33.50 67.60
CA GLN PA 52 -11.48 -32.31 67.89
C GLN PA 52 -11.07 -32.33 69.32
N PRO PA 53 -10.29 -33.34 69.62
CA PRO PA 53 -9.78 -33.53 70.94
C PRO PA 53 -9.14 -32.27 71.39
N LYS PA 54 -9.44 -31.82 72.63
CA LYS PA 54 -8.82 -30.63 73.12
C LYS PA 54 -8.69 -30.78 74.58
N ILE PA 55 -7.73 -30.07 75.18
CA ILE PA 55 -7.59 -30.11 76.59
C ILE PA 55 -8.90 -29.67 77.13
N GLY PA 56 -9.31 -30.23 78.26
CA GLY PA 56 -10.61 -29.90 78.74
C GLY PA 56 -11.42 -31.14 78.67
N TYR PA 57 -10.93 -32.17 77.94
CA TYR PA 57 -11.71 -33.36 78.01
C TYR PA 57 -10.92 -34.33 78.83
N GLY PA 58 -11.49 -34.69 80.00
CA GLY PA 58 -10.92 -35.72 80.82
C GLY PA 58 -9.68 -35.33 81.54
N SER PA 59 -8.86 -36.38 81.79
CA SER PA 59 -7.61 -36.31 82.49
C SER PA 59 -7.78 -35.66 83.83
N ASN PA 60 -8.65 -36.22 84.70
CA ASN PA 60 -8.77 -35.65 86.01
C ASN PA 60 -7.45 -35.83 86.65
N LYS PA 61 -7.04 -34.84 87.47
CA LYS PA 61 -5.76 -34.91 88.08
C LYS PA 61 -5.78 -35.94 89.15
N LYS PA 62 -4.57 -36.46 89.43
CA LYS PA 62 -4.27 -37.42 90.45
C LYS PA 62 -4.95 -38.72 90.18
N THR PA 63 -5.64 -38.85 89.02
CA THR PA 63 -6.20 -40.12 88.70
C THR PA 63 -6.09 -40.25 87.21
N LYS PA 64 -5.04 -39.64 86.62
CA LYS PA 64 -4.94 -39.68 85.20
C LYS PA 64 -4.76 -41.08 84.74
N PHE PA 65 -3.76 -41.79 85.28
CA PHE PA 65 -3.61 -43.16 84.90
C PHE PA 65 -3.87 -43.96 86.12
N LEU PA 66 -4.99 -44.71 86.12
CA LEU PA 66 -5.29 -45.49 87.26
C LEU PA 66 -6.06 -46.67 86.80
N SER PA 67 -5.85 -47.82 87.46
CA SER PA 67 -6.58 -49.00 87.13
C SER PA 67 -7.98 -48.66 87.53
N PRO PA 68 -8.98 -49.22 86.91
CA PRO PA 68 -10.34 -48.90 87.27
C PRO PA 68 -10.49 -49.28 88.71
N SER PA 69 -9.65 -50.23 89.16
CA SER PA 69 -9.71 -50.71 90.51
C SER PA 69 -9.34 -49.57 91.38
N GLY PA 70 -8.57 -48.60 90.83
CA GLY PA 70 -8.17 -47.46 91.58
C GLY PA 70 -6.77 -47.68 92.02
N HIS PA 71 -6.16 -48.80 91.61
CA HIS PA 71 -4.81 -49.05 92.05
C HIS PA 71 -3.90 -48.63 90.92
N LYS PA 72 -2.94 -47.73 91.21
CA LYS PA 72 -1.92 -47.45 90.25
C LYS PA 72 -1.32 -48.77 90.06
N THR PA 73 -1.37 -49.28 88.83
CA THR PA 73 -0.85 -50.58 88.76
C THR PA 73 0.21 -50.66 87.74
N PHE PA 74 1.50 -50.62 88.16
CA PHE PA 74 2.30 -50.81 87.02
C PHE PA 74 3.66 -51.36 87.17
N LEU PA 75 4.12 -51.68 85.95
CA LEU PA 75 5.32 -52.26 85.47
C LEU PA 75 5.99 -53.18 86.43
N VAL PA 76 6.20 -54.41 85.93
CA VAL PA 76 6.91 -55.47 86.55
C VAL PA 76 7.59 -56.19 85.44
N ALA PA 77 8.92 -56.02 85.27
CA ALA PA 77 9.54 -56.86 84.28
C ALA PA 77 10.73 -57.43 84.97
N ASN PA 78 10.49 -58.34 85.93
CA ASN PA 78 11.54 -58.98 86.67
C ASN PA 78 10.90 -59.39 87.93
N VAL PA 79 11.72 -59.62 88.96
CA VAL PA 79 11.28 -59.81 90.28
C VAL PA 79 12.33 -59.15 91.05
N LYS PA 80 12.29 -57.81 90.99
CA LYS PA 80 13.15 -56.84 91.60
C LYS PA 80 12.32 -55.64 91.33
N ASP PA 81 11.44 -55.82 90.33
CA ASP PA 81 10.52 -54.86 89.86
C ASP PA 81 9.58 -54.66 90.96
N LEU PA 82 9.40 -55.71 91.78
CA LEU PA 82 8.68 -55.50 92.96
C LEU PA 82 9.83 -55.44 93.84
N GLU PA 83 10.03 -54.26 94.42
CA GLU PA 83 11.03 -54.04 95.40
C GLU PA 83 10.11 -53.79 96.50
N THR PA 84 10.44 -52.89 97.44
CA THR PA 84 9.45 -52.61 98.43
C THR PA 84 8.33 -51.86 97.77
N LEU PA 85 7.36 -52.63 97.24
CA LEU PA 85 6.17 -52.11 96.61
C LEU PA 85 5.10 -52.60 97.51
N THR PA 86 4.10 -51.76 97.80
CA THR PA 86 3.12 -52.25 98.71
C THR PA 86 1.82 -52.43 98.00
N MET PA 87 1.19 -53.60 98.20
CA MET PA 87 -0.09 -53.76 97.58
C MET PA 87 -1.09 -53.45 98.62
N HIS PA 88 -1.33 -52.15 98.77
CA HIS PA 88 -2.31 -51.63 99.66
C HIS PA 88 -2.91 -50.55 98.84
N THR PA 89 -2.23 -49.40 98.78
CA THR PA 89 -2.76 -48.41 97.92
C THR PA 89 -1.82 -48.17 96.80
N LYS PA 90 -1.58 -49.21 95.98
CA LYS PA 90 -1.02 -49.05 94.67
C LYS PA 90 0.18 -48.17 94.62
N THR PA 91 1.08 -48.17 95.62
CA THR PA 91 2.26 -47.39 95.36
C THR PA 91 2.85 -48.08 94.19
N TYR PA 92 2.92 -49.41 94.32
CA TYR PA 92 3.26 -50.24 93.21
C TYR PA 92 2.27 -51.35 93.25
N ALA PA 93 1.29 -51.38 92.32
CA ALA PA 93 0.36 -52.47 92.24
C ALA PA 93 0.86 -53.15 91.02
N ALA PA 94 1.41 -54.37 91.18
CA ALA PA 94 2.14 -54.97 90.10
C ALA PA 94 1.30 -55.50 89.01
N GLU PA 95 1.88 -55.44 87.79
CA GLU PA 95 1.36 -55.99 86.57
C GLU PA 95 2.57 -56.50 85.86
N ILE PA 96 2.49 -57.74 85.33
CA ILE PA 96 3.58 -58.32 84.60
C ILE PA 96 3.43 -57.86 83.21
N ALA PA 97 4.53 -57.46 82.56
CA ALA PA 97 4.45 -56.97 81.22
C ALA PA 97 4.30 -58.10 80.27
N HIS PA 98 3.84 -57.78 79.06
CA HIS PA 98 3.87 -58.76 78.02
C HIS PA 98 5.33 -58.77 77.72
N ASN PA 99 5.80 -59.75 76.93
CA ASN PA 99 7.21 -59.77 76.70
C ASN PA 99 7.92 -60.08 77.97
N ILE PA 100 7.27 -60.90 78.82
CA ILE PA 100 7.92 -61.43 79.98
C ILE PA 100 8.12 -62.84 79.55
N SER PA 101 9.09 -63.56 80.12
CA SER PA 101 9.45 -64.84 79.58
C SER PA 101 8.27 -65.76 79.49
N ALA PA 102 7.67 -66.16 80.63
CA ALA PA 102 6.63 -67.12 80.52
C ALA PA 102 6.31 -67.57 81.90
N LYS PA 103 5.84 -68.82 82.07
CA LYS PA 103 5.68 -69.25 83.41
C LYS PA 103 7.04 -69.21 84.01
N ASN PA 104 8.05 -69.85 83.36
CA ASN PA 104 9.36 -69.76 83.95
C ASN PA 104 9.74 -68.35 83.73
N ARG PA 105 9.70 -67.59 84.83
CA ARG PA 105 9.89 -66.19 84.90
C ARG PA 105 8.69 -65.75 85.61
N VAL PA 106 7.55 -65.67 84.90
CA VAL PA 106 6.38 -65.33 85.61
C VAL PA 106 5.91 -66.57 86.32
N VAL PA 107 6.65 -66.94 87.38
CA VAL PA 107 6.47 -68.01 88.32
C VAL PA 107 7.08 -67.49 89.55
N ILE PA 108 8.39 -67.17 89.46
CA ILE PA 108 9.02 -66.40 90.47
C ILE PA 108 8.99 -65.04 89.85
N LEU PA 109 7.79 -64.41 89.96
CA LEU PA 109 7.30 -63.14 89.51
C LEU PA 109 6.02 -63.08 90.22
N ALA PA 110 5.20 -64.09 89.86
CA ALA PA 110 4.04 -64.45 90.61
C ALA PA 110 4.71 -65.08 91.78
N ARG PA 111 3.96 -65.40 92.84
CA ARG PA 111 4.63 -65.82 94.03
C ARG PA 111 5.28 -64.58 94.58
N ALA PA 112 4.91 -63.42 94.00
CA ALA PA 112 5.26 -62.14 94.51
C ALA PA 112 4.53 -62.17 95.76
N LYS PA 113 3.34 -62.81 95.69
CA LYS PA 113 2.49 -62.98 96.83
C LYS PA 113 3.40 -63.55 97.85
N ALA PA 114 3.48 -62.79 98.94
CA ALA PA 114 4.43 -62.91 99.99
C ALA PA 114 4.26 -61.54 100.53
N LEU PA 115 5.15 -60.63 100.11
CA LEU PA 115 4.86 -59.27 100.43
C LEU PA 115 3.55 -59.03 99.78
N GLY PA 116 2.63 -58.29 100.44
CA GLY PA 116 1.35 -58.15 99.84
C GLY PA 116 1.49 -57.35 98.58
N ILE PA 117 1.46 -58.03 97.41
CA ILE PA 117 1.39 -57.29 96.19
C ILE PA 117 0.50 -58.09 95.32
N LYS PA 118 -0.52 -57.47 94.73
CA LYS PA 118 -1.39 -58.22 93.88
C LYS PA 118 -0.90 -58.01 92.50
N VAL PA 119 -0.89 -59.09 91.69
CA VAL PA 119 -0.50 -58.96 90.35
C VAL PA 119 -1.75 -59.05 89.58
N THR PA 120 -1.85 -58.31 88.46
CA THR PA 120 -3.01 -58.42 87.64
C THR PA 120 -2.79 -59.69 86.88
N ASN PA 121 -3.50 -59.90 85.76
CA ASN PA 121 -3.26 -61.15 85.11
C ASN PA 121 -1.86 -61.17 84.62
N PRO PA 122 -1.26 -62.32 84.75
CA PRO PA 122 -1.97 -63.41 85.37
C PRO PA 122 -1.75 -63.36 86.84
N ASP QA 5 -32.09 -104.08 13.66
CA ASP QA 5 -31.44 -104.90 12.61
C ASP QA 5 -31.03 -104.06 11.45
N VAL QA 6 -30.83 -104.70 10.29
CA VAL QA 6 -30.41 -103.96 9.13
C VAL QA 6 -31.59 -103.22 8.63
N VAL QA 7 -31.39 -101.94 8.25
CA VAL QA 7 -32.45 -101.15 7.73
C VAL QA 7 -31.82 -100.21 6.76
N THR QA 8 -32.61 -99.70 5.79
CA THR QA 8 -32.05 -98.77 4.87
C THR QA 8 -32.72 -97.47 5.17
N ARG QA 9 -31.94 -96.39 5.32
CA ARG QA 9 -32.68 -95.19 5.46
C ARG QA 9 -31.88 -94.17 4.75
N GLU QA 10 -32.55 -93.10 4.30
CA GLU QA 10 -31.81 -92.11 3.60
C GLU QA 10 -31.25 -91.18 4.61
N TYR QA 11 -30.00 -90.72 4.38
CA TYR QA 11 -29.41 -89.74 5.23
C TYR QA 11 -29.69 -88.44 4.56
N THR QA 12 -30.16 -87.42 5.32
CA THR QA 12 -30.32 -86.16 4.68
C THR QA 12 -29.15 -85.38 5.15
N ILE QA 13 -28.35 -84.84 4.23
CA ILE QA 13 -27.23 -84.12 4.75
C ILE QA 13 -27.09 -82.74 4.23
N ASN QA 14 -28.17 -82.03 3.88
CA ASN QA 14 -27.97 -80.65 3.50
C ASN QA 14 -27.83 -79.88 4.75
N LEU QA 15 -28.49 -80.34 5.82
CA LEU QA 15 -28.52 -79.63 7.04
C LEU QA 15 -27.20 -79.73 7.69
N HIS QA 16 -26.27 -78.85 7.25
CA HIS QA 16 -24.93 -78.75 7.74
C HIS QA 16 -24.09 -78.37 6.56
N LYS QA 17 -23.95 -79.30 5.58
CA LYS QA 17 -23.17 -78.98 4.43
C LYS QA 17 -23.98 -78.05 3.61
N ARG QA 18 -23.37 -76.93 3.20
CA ARG QA 18 -23.93 -75.85 2.45
C ARG QA 18 -24.96 -75.16 3.28
N LEU QA 19 -25.58 -75.85 4.26
CA LEU QA 19 -26.46 -75.15 5.12
C LEU QA 19 -25.64 -74.27 6.00
N HIS QA 20 -24.51 -74.82 6.49
CA HIS QA 20 -23.65 -74.07 7.35
C HIS QA 20 -22.28 -74.62 7.13
N GLY QA 21 -21.40 -74.49 8.13
CA GLY QA 21 -20.08 -75.03 8.00
C GLY QA 21 -19.36 -74.15 7.02
N VAL QA 22 -18.15 -74.58 6.61
CA VAL QA 22 -17.48 -73.81 5.61
C VAL QA 22 -17.56 -74.61 4.36
N SER QA 23 -17.90 -73.93 3.25
CA SER QA 23 -18.05 -74.58 1.97
C SER QA 23 -16.73 -75.05 1.48
N PHE QA 24 -15.67 -74.27 1.73
CA PHE QA 24 -14.43 -74.62 1.12
C PHE QA 24 -13.48 -75.03 2.20
N LYS QA 25 -14.03 -75.42 3.36
CA LYS QA 25 -13.21 -75.91 4.42
C LYS QA 25 -13.70 -77.30 4.61
N LYS QA 26 -14.83 -77.43 5.30
CA LYS QA 26 -15.40 -78.72 5.43
C LYS QA 26 -16.47 -78.85 4.43
N ARG QA 27 -17.23 -79.92 4.65
CA ARG QA 27 -18.32 -80.36 3.88
C ARG QA 27 -18.24 -81.79 4.19
N ALA QA 28 -17.05 -82.31 3.91
CA ALA QA 28 -16.77 -83.67 4.16
C ALA QA 28 -16.82 -83.97 5.61
N PRO QA 29 -16.19 -83.21 6.47
CA PRO QA 29 -16.28 -83.56 7.85
C PRO QA 29 -17.65 -83.35 8.38
N ARG QA 30 -18.38 -82.38 7.82
CA ARG QA 30 -19.70 -82.07 8.28
C ARG QA 30 -20.59 -83.23 7.98
N ALA QA 31 -20.39 -83.81 6.78
CA ALA QA 31 -21.23 -84.87 6.30
C ALA QA 31 -21.12 -86.03 7.21
N VAL QA 32 -19.90 -86.38 7.66
CA VAL QA 32 -19.74 -87.53 8.50
C VAL QA 32 -20.44 -87.30 9.80
N LYS QA 33 -20.38 -86.06 10.32
CA LYS QA 33 -20.97 -85.80 11.60
C LYS QA 33 -22.44 -86.05 11.50
N GLU QA 34 -23.07 -85.53 10.43
CA GLU QA 34 -24.49 -85.66 10.33
C GLU QA 34 -24.87 -87.09 10.25
N ILE QA 35 -24.13 -87.85 9.42
CA ILE QA 35 -24.43 -89.21 9.18
C ILE QA 35 -24.32 -89.94 10.45
N LYS QA 36 -23.27 -89.63 11.24
CA LYS QA 36 -23.07 -90.33 12.46
C LYS QA 36 -24.22 -90.06 13.35
N LYS QA 37 -24.92 -88.92 13.20
CA LYS QA 37 -26.00 -88.90 14.12
C LYS QA 37 -27.36 -88.97 13.50
N PHE QA 38 -27.55 -89.78 12.45
CA PHE QA 38 -28.89 -90.15 12.10
C PHE QA 38 -28.88 -91.62 12.26
N ALA QA 39 -27.66 -92.19 12.13
CA ALA QA 39 -27.45 -93.54 12.54
C ALA QA 39 -26.93 -93.30 13.90
N LYS QA 40 -27.84 -93.40 14.86
CA LYS QA 40 -27.66 -93.04 16.23
C LYS QA 40 -28.93 -92.30 16.41
N LEU QA 41 -29.59 -92.45 17.55
CA LEU QA 41 -30.87 -91.83 17.73
C LEU QA 41 -31.77 -92.25 16.63
N HIS QA 42 -31.55 -93.50 16.20
CA HIS QA 42 -32.31 -94.16 15.22
C HIS QA 42 -32.22 -95.55 15.74
N MET QA 43 -30.97 -96.05 15.72
CA MET QA 43 -30.60 -97.29 16.32
C MET QA 43 -30.68 -97.11 17.81
N GLY QA 44 -30.32 -95.91 18.31
CA GLY QA 44 -30.31 -95.71 19.73
C GLY QA 44 -28.93 -96.04 20.22
N THR QA 45 -27.92 -95.90 19.34
CA THR QA 45 -26.57 -96.22 19.70
C THR QA 45 -25.79 -94.94 19.83
N ASP QA 46 -24.70 -95.00 20.62
CA ASP QA 46 -23.85 -93.87 20.88
C ASP QA 46 -23.17 -93.44 19.61
N ASP QA 47 -22.70 -94.40 18.78
CA ASP QA 47 -22.05 -94.02 17.56
C ASP QA 47 -21.69 -95.29 16.86
N VAL QA 48 -21.49 -95.23 15.52
CA VAL QA 48 -21.12 -96.40 14.77
C VAL QA 48 -19.89 -96.06 13.99
N ARG QA 49 -19.10 -97.09 13.61
CA ARG QA 49 -17.88 -96.85 12.90
C ARG QA 49 -18.17 -96.21 11.58
N LEU QA 50 -19.05 -96.82 10.80
CA LEU QA 50 -19.52 -96.32 9.54
C LEU QA 50 -18.44 -95.96 8.58
N ALA QA 51 -17.37 -96.77 8.47
CA ALA QA 51 -16.41 -96.44 7.44
C ALA QA 51 -15.25 -97.37 7.53
N PRO QA 52 -14.45 -97.42 6.49
CA PRO QA 52 -14.70 -96.70 5.28
C PRO QA 52 -15.80 -97.43 4.58
N GLU QA 53 -16.44 -96.74 3.63
CA GLU QA 53 -17.54 -97.22 2.88
C GLU QA 53 -18.18 -95.94 2.47
N LEU QA 54 -19.12 -95.45 3.29
CA LEU QA 54 -19.62 -94.17 2.95
C LEU QA 54 -18.70 -93.17 3.57
N ASN QA 55 -17.45 -93.11 3.08
CA ASN QA 55 -16.55 -92.11 3.58
C ASN QA 55 -15.79 -91.69 2.39
N GLN QA 56 -15.59 -92.63 1.43
CA GLN QA 56 -15.07 -92.33 0.15
C GLN QA 56 -16.21 -91.72 -0.58
N ALA QA 57 -17.39 -92.30 -0.33
CA ALA QA 57 -18.59 -91.90 -0.96
C ALA QA 57 -18.89 -90.53 -0.55
N ILE QA 58 -18.71 -90.24 0.74
CA ILE QA 58 -19.01 -88.93 1.16
C ILE QA 58 -18.00 -88.03 0.49
N TRP QA 59 -16.69 -88.35 0.56
CA TRP QA 59 -15.74 -87.49 -0.09
C TRP QA 59 -15.14 -88.21 -1.18
N LYS QA 60 -15.89 -88.22 -2.30
CA LYS QA 60 -15.49 -88.80 -3.52
C LYS QA 60 -15.70 -87.74 -4.54
N ARG QA 61 -14.89 -86.69 -4.39
CA ARG QA 61 -14.99 -85.49 -5.14
C ARG QA 61 -14.28 -84.56 -4.23
N GLY QA 62 -14.44 -83.25 -4.36
CA GLY QA 62 -13.67 -82.45 -3.48
C GLY QA 62 -14.35 -82.39 -2.17
N VAL QA 63 -13.67 -81.77 -1.19
CA VAL QA 63 -14.23 -81.60 0.12
C VAL QA 63 -15.45 -80.78 -0.07
N LYS QA 64 -15.30 -79.67 -0.81
CA LYS QA 64 -16.36 -78.74 -1.01
C LYS QA 64 -17.54 -79.39 -1.62
N GLY QA 65 -17.35 -80.03 -2.79
CA GLY QA 65 -18.50 -80.62 -3.38
C GLY QA 65 -18.88 -81.71 -2.45
N VAL QA 66 -20.19 -81.88 -2.23
CA VAL QA 66 -20.65 -82.92 -1.35
C VAL QA 66 -21.83 -83.49 -2.06
N GLU QA 67 -22.19 -84.74 -1.74
CA GLU QA 67 -23.36 -85.29 -2.35
C GLU QA 67 -24.43 -85.17 -1.33
N TYR QA 68 -25.62 -84.76 -1.78
CA TYR QA 68 -26.74 -84.66 -0.91
C TYR QA 68 -27.43 -85.98 -0.93
N ARG QA 69 -27.97 -86.37 0.23
CA ARG QA 69 -28.78 -87.55 0.34
C ARG QA 69 -28.13 -88.84 -0.06
N LEU QA 70 -27.36 -89.46 0.87
CA LEU QA 70 -26.81 -90.77 0.65
C LEU QA 70 -27.66 -91.75 1.41
N ARG QA 71 -28.03 -92.83 0.72
CA ARG QA 71 -28.77 -93.93 1.27
C ARG QA 71 -27.74 -94.78 1.91
N LEU QA 72 -28.13 -95.65 2.88
CA LEU QA 72 -27.11 -96.49 3.43
C LEU QA 72 -27.70 -97.79 3.83
N ARG QA 73 -26.80 -98.67 4.32
CA ARG QA 73 -27.14 -99.94 4.87
C ARG QA 73 -26.88 -99.74 6.31
N ILE QA 74 -27.53 -100.52 7.18
CA ILE QA 74 -27.19 -100.38 8.55
C ILE QA 74 -27.20 -101.72 9.18
N SER QA 75 -26.29 -101.93 10.15
CA SER QA 75 -26.29 -103.16 10.88
C SER QA 75 -25.93 -102.81 12.28
N ARG QA 76 -26.54 -103.53 13.23
CA ARG QA 76 -26.27 -103.31 14.60
C ARG QA 76 -26.28 -104.67 15.22
N LYS QA 77 -25.58 -104.87 16.34
CA LYS QA 77 -25.58 -106.16 16.96
C LYS QA 77 -25.78 -105.96 18.43
N ARG QA 78 -26.24 -107.00 19.13
CA ARG QA 78 -26.49 -106.85 20.53
C ARG QA 78 -25.30 -107.36 21.26
N ASN QA 79 -24.51 -106.41 21.78
CA ASN QA 79 -23.31 -106.61 22.54
C ASN QA 79 -23.01 -105.23 23.00
N GLU QA 80 -21.72 -104.85 22.97
CA GLU QA 80 -21.50 -103.46 23.23
C GLU QA 80 -22.22 -102.83 22.08
N GLU QA 81 -22.89 -101.68 22.32
CA GLU QA 81 -23.70 -101.13 21.28
C GLU QA 81 -22.87 -100.84 20.08
N GLU QA 82 -23.37 -101.26 18.89
CA GLU QA 82 -22.64 -100.97 17.70
C GLU QA 82 -23.43 -99.91 16.93
N ALA RA 2 50.44 -97.54 45.84
CA ALA RA 2 51.78 -97.38 45.26
C ALA RA 2 51.86 -98.13 43.98
N GLY RA 3 52.99 -98.83 43.75
CA GLY RA 3 53.05 -99.53 42.51
C GLY RA 3 54.39 -99.22 41.90
N VAL RA 4 54.38 -98.54 40.75
CA VAL RA 4 55.61 -98.26 40.05
C VAL RA 4 56.52 -97.44 40.92
N LYS RA 5 56.03 -96.32 41.48
CA LYS RA 5 56.77 -95.38 42.28
C LYS RA 5 58.00 -94.89 41.57
N ALA RA 6 58.12 -93.54 41.49
CA ALA RA 6 59.19 -93.01 40.73
C ALA RA 6 60.46 -93.16 41.52
N TYR RA 7 61.14 -94.27 41.24
CA TYR RA 7 62.43 -94.64 41.71
C TYR RA 7 62.90 -95.50 40.61
N GLU RA 8 62.06 -96.51 40.34
CA GLU RA 8 62.28 -97.42 39.27
C GLU RA 8 62.26 -96.58 38.05
N LEU RA 9 61.34 -95.61 38.02
CA LEU RA 9 61.38 -94.71 36.91
C LEU RA 9 62.50 -93.81 37.22
N ARG RA 10 63.05 -93.17 36.18
CA ARG RA 10 64.16 -92.29 36.32
C ARG RA 10 65.40 -93.10 36.49
N THR RA 11 65.30 -94.30 37.10
CA THR RA 11 66.49 -95.09 37.11
C THR RA 11 66.63 -95.69 35.75
N LYS RA 12 65.48 -96.05 35.15
CA LYS RA 12 65.45 -96.77 33.91
C LYS RA 12 65.89 -95.91 32.78
N SER RA 13 66.40 -96.58 31.73
CA SER RA 13 66.89 -95.96 30.54
C SER RA 13 65.73 -95.50 29.74
N LYS RA 14 65.98 -94.63 28.75
CA LYS RA 14 64.96 -94.09 27.92
C LYS RA 14 64.33 -95.21 27.14
N GLU RA 15 65.15 -96.14 26.63
CA GLU RA 15 64.59 -97.22 25.87
C GLU RA 15 63.73 -98.03 26.78
N GLN RA 16 64.18 -98.21 28.04
CA GLN RA 16 63.42 -98.98 28.97
C GLN RA 16 62.15 -98.26 29.20
N LEU RA 17 62.22 -96.91 29.26
CA LEU RA 17 61.09 -96.05 29.48
C LEU RA 17 60.17 -96.26 28.31
N ALA RA 18 60.72 -96.35 27.09
CA ALA RA 18 59.83 -96.66 26.02
C ALA RA 18 59.81 -98.15 26.00
N SER RA 19 59.17 -98.66 27.05
CA SER RA 19 58.89 -100.00 27.41
C SER RA 19 58.29 -99.71 28.75
N GLN RA 20 57.39 -100.55 29.27
CA GLN RA 20 56.84 -100.16 30.53
C GLN RA 20 56.10 -98.87 30.42
N LEU RA 21 55.81 -98.44 29.17
CA LEU RA 21 55.11 -97.22 28.93
C LEU RA 21 54.10 -97.58 27.92
N VAL RA 22 54.18 -98.84 27.47
CA VAL RA 22 53.26 -99.40 26.54
C VAL RA 22 52.71 -100.57 27.28
N ASP RA 23 53.46 -100.97 28.32
CA ASP RA 23 53.10 -102.06 29.15
C ASP RA 23 51.89 -101.59 29.82
N LEU RA 24 51.94 -100.31 30.23
CA LEU RA 24 50.79 -99.64 30.70
C LEU RA 24 50.54 -98.80 29.55
N LYS RA 25 49.32 -98.90 29.05
CA LYS RA 25 49.02 -98.34 27.80
C LYS RA 25 48.01 -99.29 27.37
N LYS RA 26 48.48 -100.52 27.10
CA LYS RA 26 47.64 -101.60 26.72
C LYS RA 26 46.76 -101.97 27.88
N GLU RA 27 47.35 -102.23 29.05
CA GLU RA 27 46.50 -102.51 30.16
C GLU RA 27 46.27 -101.18 30.70
N LEU RA 28 45.19 -100.62 30.21
CA LEU RA 28 44.90 -99.26 30.36
C LEU RA 28 43.80 -99.14 29.41
N ALA RA 29 44.14 -98.93 28.13
CA ALA RA 29 43.18 -98.77 27.10
C ALA RA 29 42.32 -99.99 27.11
N GLU RA 30 42.95 -101.16 27.33
CA GLU RA 30 42.25 -102.40 27.35
C GLU RA 30 41.26 -102.41 28.48
N LEU RA 31 41.59 -101.78 29.61
CA LEU RA 31 40.68 -101.68 30.73
C LEU RA 31 39.58 -100.75 30.31
N LYS RA 32 39.91 -99.72 29.50
CA LYS RA 32 38.95 -98.76 29.04
C LYS RA 32 37.94 -99.49 28.21
N VAL RA 33 38.41 -100.37 27.30
CA VAL RA 33 37.43 -101.19 26.66
C VAL RA 33 37.09 -102.14 27.75
N GLN RA 34 35.89 -102.72 27.75
CA GLN RA 34 35.44 -103.64 28.76
C GLN RA 34 35.26 -102.90 30.05
N LYS RA 35 35.63 -101.60 30.07
CA LYS RA 35 35.39 -100.75 31.20
C LYS RA 35 33.93 -100.57 31.20
N LEU RA 36 33.39 -100.42 29.98
CA LEU RA 36 32.00 -100.28 29.79
C LEU RA 36 31.40 -101.56 30.25
N SER RA 37 32.08 -102.68 29.91
CA SER RA 37 31.59 -103.97 30.28
C SER RA 37 31.44 -103.95 31.78
N ARG RA 38 32.57 -103.82 32.48
CA ARG RA 38 32.54 -103.76 33.92
C ARG RA 38 33.45 -102.63 34.27
N PRO RA 39 33.10 -101.89 35.28
CA PRO RA 39 33.97 -100.80 35.64
C PRO RA 39 35.17 -101.25 36.38
N SER RA 40 36.18 -100.37 36.45
CA SER RA 40 37.41 -100.67 37.12
C SER RA 40 37.50 -99.79 38.33
N LEU RA 41 38.25 -100.27 39.34
CA LEU RA 41 38.49 -99.57 40.56
C LEU RA 41 39.87 -99.06 40.45
N PRO RA 42 40.58 -98.79 41.52
CA PRO RA 42 41.92 -98.34 41.28
C PRO RA 42 42.69 -99.39 40.57
N LYS RA 43 43.03 -99.06 39.33
CA LYS RA 43 43.71 -99.83 38.35
C LYS RA 43 43.86 -98.79 37.31
N ILE RA 44 42.86 -98.72 36.42
CA ILE RA 44 42.77 -97.53 35.62
C ILE RA 44 42.63 -96.56 36.70
N LYS RA 45 43.27 -95.38 36.58
CA LYS RA 45 43.44 -94.61 37.76
C LYS RA 45 44.32 -95.53 38.52
N THR RA 46 45.63 -95.30 38.36
CA THR RA 46 46.73 -96.03 38.88
C THR RA 46 47.59 -96.12 37.67
N VAL RA 47 47.02 -96.77 36.63
CA VAL RA 47 47.65 -96.87 35.36
C VAL RA 47 47.80 -95.51 34.79
N ARG RA 48 46.75 -94.68 34.87
CA ARG RA 48 46.88 -93.32 34.50
C ARG RA 48 47.55 -92.89 35.72
N LYS RA 49 48.34 -91.81 35.69
CA LYS RA 49 49.14 -91.41 36.79
C LYS RA 49 50.37 -92.19 36.64
N SER RA 50 50.26 -93.53 36.49
CA SER RA 50 51.44 -94.33 36.31
C SER RA 50 52.01 -93.98 35.00
N ILE RA 51 51.15 -94.03 33.97
CA ILE RA 51 51.58 -93.67 32.68
C ILE RA 51 51.93 -92.25 32.77
N ALA RA 52 51.15 -91.44 33.49
CA ALA RA 52 51.38 -90.03 33.48
C ALA RA 52 52.76 -89.80 33.94
N CYS RA 53 53.18 -90.43 35.05
CA CYS RA 53 54.48 -90.10 35.57
C CYS RA 53 55.53 -90.44 34.59
N VAL RA 54 55.39 -91.56 33.86
CA VAL RA 54 56.45 -92.00 32.99
C VAL RA 54 56.72 -90.92 31.97
N LEU RA 55 55.66 -90.29 31.44
CA LEU RA 55 55.87 -89.33 30.40
C LEU RA 55 56.68 -88.21 30.95
N THR RA 56 56.25 -87.68 32.11
CA THR RA 56 56.98 -86.62 32.72
C THR RA 56 57.98 -87.28 33.59
N VAL RA 57 59.07 -87.64 32.91
CA VAL RA 57 60.25 -88.29 33.38
C VAL RA 57 61.16 -88.00 32.24
N ILE RA 58 60.95 -88.75 31.13
CA ILE RA 58 61.72 -88.48 29.98
C ILE RA 58 61.46 -87.07 29.60
N ASN RA 59 60.17 -86.66 29.56
CA ASN RA 59 59.88 -85.29 29.30
C ASN RA 59 59.75 -84.67 30.64
N GLU RA 60 60.88 -84.20 31.20
CA GLU RA 60 60.85 -83.64 32.51
C GLU RA 60 61.00 -82.13 32.37
N GLY SA 1 19.47 -48.89 11.52
CA GLY SA 1 19.04 -47.94 12.57
C GLY SA 1 18.41 -48.69 13.70
N LYS SA 2 17.15 -48.36 13.99
CA LYS SA 2 16.45 -49.02 15.05
C LYS SA 2 16.23 -50.42 14.58
N GLY SA 3 16.19 -51.39 15.53
CA GLY SA 3 15.98 -52.76 15.17
C GLY SA 3 14.70 -52.77 14.41
N THR SA 4 14.64 -53.57 13.33
CA THR SA 4 13.45 -53.47 12.56
C THR SA 4 12.81 -54.80 12.28
N PRO SA 5 13.46 -55.83 11.80
CA PRO SA 5 14.85 -55.79 11.56
C PRO SA 5 15.27 -54.95 10.43
N SER SA 6 16.46 -54.39 10.62
CA SER SA 6 17.17 -53.55 9.72
C SER SA 6 18.52 -53.74 10.26
N PHE SA 7 18.52 -54.21 11.51
CA PHE SA 7 19.71 -54.55 12.23
C PHE SA 7 19.43 -55.89 12.82
N GLY SA 8 20.47 -56.69 13.03
CA GLY SA 8 20.31 -58.00 13.59
C GLY SA 8 20.37 -58.95 12.45
N LYS SA 9 20.00 -58.47 11.27
CA LYS SA 9 20.05 -59.21 10.05
C LYS SA 9 21.47 -59.38 9.73
N ARG SA 10 22.30 -58.41 10.14
CA ARG SA 10 23.69 -58.45 9.82
C ARG SA 10 24.20 -59.75 10.31
N HIS SA 11 24.64 -60.59 9.35
CA HIS SA 11 25.13 -61.88 9.71
C HIS SA 11 26.57 -61.87 9.36
N ASN SA 12 27.39 -61.18 10.18
CA ASN SA 12 28.78 -61.15 9.91
C ASN SA 12 29.47 -61.49 11.20
N LYS SA 13 30.63 -62.16 11.12
CA LYS SA 13 31.30 -62.53 12.33
C LYS SA 13 32.13 -61.37 12.76
N SER SA 14 32.09 -61.10 14.08
CA SER SA 14 32.90 -60.05 14.61
C SER SA 14 33.02 -60.32 16.06
N HIS SA 15 34.07 -59.75 16.67
CA HIS SA 15 34.14 -59.79 18.08
C HIS SA 15 34.14 -61.18 18.59
N THR SA 16 34.97 -62.07 18.03
CA THR SA 16 35.09 -63.40 18.52
C THR SA 16 36.02 -63.38 19.66
N LEU SA 17 36.30 -64.56 20.30
CA LEU SA 17 37.15 -64.73 21.46
C LEU SA 17 38.58 -64.47 21.11
N CYS SA 18 39.33 -63.78 22.00
CA CYS SA 18 40.65 -63.42 21.60
C CYS SA 18 41.49 -64.49 22.08
N ASN SA 19 42.68 -64.69 21.48
CA ASN SA 19 43.53 -65.77 21.89
C ASN SA 19 43.90 -65.56 23.31
N ARG SA 20 44.54 -64.44 23.69
CA ARG SA 20 44.78 -64.42 25.09
C ARG SA 20 44.16 -63.30 25.81
N CYS SA 21 42.90 -63.58 26.15
CA CYS SA 21 41.91 -62.91 26.91
C CYS SA 21 40.78 -63.81 26.66
N GLY SA 22 40.15 -64.37 27.71
CA GLY SA 22 39.14 -65.35 27.47
C GLY SA 22 37.98 -64.76 26.75
N ARG SA 23 37.62 -63.50 27.09
CA ARG SA 23 36.44 -62.87 26.55
C ARG SA 23 36.49 -62.97 25.08
N ARG SA 24 35.30 -62.95 24.43
CA ARG SA 24 35.35 -62.99 23.01
C ARG SA 24 36.18 -61.81 22.62
N SER SA 25 35.59 -60.60 22.70
CA SER SA 25 36.22 -59.33 22.64
C SER SA 25 36.88 -59.02 21.36
N PHE SA 26 37.57 -59.95 20.67
CA PHE SA 26 38.40 -59.45 19.62
C PHE SA 26 37.58 -59.36 18.41
N HIS SA 27 37.72 -58.27 17.64
CA HIS SA 27 36.83 -58.20 16.57
C HIS SA 27 37.45 -58.96 15.50
N VAL SA 28 36.88 -58.92 14.31
CA VAL SA 28 37.66 -59.46 13.27
C VAL SA 28 37.92 -58.31 12.37
N GLN SA 29 37.01 -57.31 12.41
CA GLN SA 29 37.29 -56.09 11.71
C GLN SA 29 37.72 -55.15 12.78
N LYS SA 30 39.04 -55.12 12.98
CA LYS SA 30 39.65 -54.39 14.03
C LYS SA 30 40.97 -55.04 13.97
N LYS SA 31 41.64 -55.29 15.08
CA LYS SA 31 42.75 -56.13 14.92
C LYS SA 31 42.69 -57.07 16.02
N THR SA 32 42.62 -56.49 17.24
CA THR SA 32 42.49 -57.24 18.43
C THR SA 32 42.02 -56.36 19.54
N CYS SA 33 41.08 -56.84 20.44
CA CYS SA 33 40.72 -56.08 21.63
C CYS SA 33 39.35 -56.21 22.16
N SER SA 34 38.85 -55.01 22.58
CA SER SA 34 37.55 -54.73 23.13
C SER SA 34 37.39 -55.51 24.37
N SER SA 35 38.50 -55.65 25.09
CA SER SA 35 38.67 -56.34 26.32
C SER SA 35 40.13 -56.21 26.41
N CYS SA 36 40.76 -56.85 27.39
CA CYS SA 36 42.12 -56.49 27.60
C CYS SA 36 43.04 -56.82 26.50
N GLY SA 37 44.17 -56.08 26.49
CA GLY SA 37 45.32 -56.38 25.68
C GLY SA 37 45.19 -55.96 24.28
N TYR SA 38 45.95 -56.70 23.44
CA TYR SA 38 46.17 -56.61 22.02
C TYR SA 38 45.46 -55.44 21.40
N PRO SA 39 46.12 -54.54 20.67
CA PRO SA 39 47.54 -54.55 20.38
C PRO SA 39 48.52 -54.36 21.49
N ALA SA 40 48.17 -53.64 22.57
CA ALA SA 40 49.18 -53.41 23.58
C ALA SA 40 49.55 -54.71 24.20
N ALA SA 41 50.86 -54.90 24.48
CA ALA SA 41 51.23 -56.12 25.12
C ALA SA 41 51.34 -55.80 26.57
N LYS SA 42 50.21 -55.92 27.26
CA LYS SA 42 50.11 -55.56 28.63
C LYS SA 42 48.80 -56.12 28.99
N THR SA 43 48.01 -55.28 29.68
CA THR SA 43 46.65 -55.57 29.95
C THR SA 43 45.94 -54.36 29.52
N ARG SA 44 44.64 -54.48 29.30
CA ARG SA 44 43.93 -53.34 28.87
C ARG SA 44 43.07 -52.95 30.00
N SER SA 45 42.88 -51.62 30.13
CA SER SA 45 42.15 -50.96 31.16
C SER SA 45 41.43 -49.84 30.53
N TYR SA 46 41.78 -48.60 30.95
CA TYR SA 46 41.34 -47.36 30.44
C TYR SA 46 40.64 -46.73 31.54
N ASN SA 47 40.91 -45.43 31.75
CA ASN SA 47 40.22 -44.75 32.77
C ASN SA 47 39.23 -43.87 32.10
N TRP SA 48 38.04 -44.45 31.98
CA TRP SA 48 36.90 -43.91 31.33
C TRP SA 48 35.88 -44.17 32.31
N GLY SA 49 36.30 -44.44 33.54
CA GLY SA 49 35.33 -45.05 34.37
C GLY SA 49 35.85 -45.03 35.75
N ALA SA 50 36.62 -46.07 36.09
CA ALA SA 50 37.11 -46.17 37.42
C ALA SA 50 37.90 -44.95 37.75
N LYS SA 51 37.73 -44.44 38.97
CA LYS SA 51 38.50 -43.30 39.37
C LYS SA 51 39.81 -43.84 39.81
N ALA SA 52 40.87 -43.04 39.64
CA ALA SA 52 42.16 -43.49 40.07
C ALA SA 52 42.68 -42.42 41.02
N VAL TA 1 35.35 29.80 33.73
CA VAL TA 1 35.86 29.91 32.34
C VAL TA 1 37.21 30.56 32.37
N ASN TA 2 37.30 31.85 32.00
CA ASN TA 2 38.58 32.49 32.01
C ASN TA 2 38.74 33.22 33.30
N VAL TA 3 39.09 32.45 34.37
CA VAL TA 3 39.30 32.96 35.70
C VAL TA 3 40.03 31.88 36.43
N PRO TA 4 40.38 32.05 37.68
CA PRO TA 4 40.26 33.30 38.40
C PRO TA 4 41.36 34.22 38.01
N LYS TA 5 42.50 33.66 37.54
CA LYS TA 5 43.76 34.35 37.31
C LYS TA 5 43.85 35.43 38.31
N THR TA 6 44.39 35.14 39.50
CA THR TA 6 44.29 36.20 40.44
C THR TA 6 45.30 36.14 41.52
N ARG TA 7 45.28 37.23 42.32
CA ARG TA 7 46.07 37.40 43.49
C ARG TA 7 45.15 37.01 44.60
N LYS TA 8 45.54 36.01 45.40
CA LYS TA 8 44.67 35.59 46.47
C LYS TA 8 45.52 35.52 47.68
N THR TA 9 45.09 34.75 48.69
CA THR TA 9 45.88 34.78 49.87
C THR TA 9 46.20 33.40 50.35
N TYR TA 10 45.22 32.49 50.37
CA TYR TA 10 45.47 31.20 50.95
C TYR TA 10 46.64 30.50 50.37
N CYS TA 11 47.55 30.13 51.28
CA CYS TA 11 48.68 29.30 51.03
C CYS TA 11 48.62 28.34 52.15
N LYS TA 12 48.47 27.03 51.87
CA LYS TA 12 48.46 26.07 52.93
C LYS TA 12 49.27 24.90 52.47
N GLY TA 13 50.59 24.92 52.74
CA GLY TA 13 51.37 23.85 52.22
C GLY TA 13 52.69 23.80 52.93
N LYS TA 14 53.63 23.06 52.32
CA LYS TA 14 54.92 22.81 52.89
C LYS TA 14 55.62 24.11 53.09
N THR TA 15 55.63 25.03 52.10
CA THR TA 15 56.27 26.26 52.42
C THR TA 15 55.24 27.32 52.34
N CYS TA 16 55.01 28.03 53.46
CA CYS TA 16 53.97 29.00 53.48
C CYS TA 16 54.37 30.14 54.34
N ARG TA 17 53.37 30.96 54.70
CA ARG TA 17 53.56 32.10 55.55
C ARG TA 17 52.21 32.71 55.62
N LYS TA 18 52.15 34.04 55.74
CA LYS TA 18 50.87 34.67 55.74
C LYS TA 18 50.32 34.43 54.37
N HIS TA 19 48.98 34.46 54.25
CA HIS TA 19 48.37 34.22 53.01
C HIS TA 19 48.87 35.28 52.09
N THR TA 20 49.35 34.92 50.91
CA THR TA 20 49.84 35.94 50.04
C THR TA 20 49.31 35.66 48.67
N GLN TA 21 49.51 36.60 47.74
CA GLN TA 21 49.00 36.45 46.41
C GLN TA 21 49.72 35.32 45.74
N HIS TA 22 48.96 34.56 44.93
CA HIS TA 22 49.42 33.45 44.18
C HIS TA 22 48.89 33.71 42.84
N LYS TA 23 49.07 32.76 41.91
CA LYS TA 23 48.49 32.91 40.61
C LYS TA 23 48.14 31.54 40.13
N VAL TA 24 47.32 31.48 39.08
CA VAL TA 24 46.91 30.24 38.49
C VAL TA 24 47.97 29.88 37.50
N THR TA 25 48.06 28.60 37.08
CA THR TA 25 49.12 28.29 36.17
C THR TA 25 48.70 27.33 35.10
N GLN TA 26 47.76 26.42 35.38
CA GLN TA 26 47.42 25.42 34.40
C GLN TA 26 48.68 24.70 34.03
N TYR TA 27 49.35 24.13 35.03
CA TYR TA 27 50.60 23.45 34.78
C TYR TA 27 50.36 22.22 33.98
N LYS TA 28 51.05 22.14 32.83
CA LYS TA 28 50.96 20.99 31.99
C LYS TA 28 52.34 20.65 31.59
N ALA TA 29 52.80 19.44 31.99
CA ALA TA 29 54.13 19.05 31.62
C ALA TA 29 54.43 17.81 32.39
N GLY TA 30 55.59 17.18 32.09
CA GLY TA 30 55.97 16.00 32.80
C GLY TA 30 55.86 14.82 31.90
N LYS TA 31 56.24 13.65 32.45
CA LYS TA 31 56.19 12.39 31.77
C LYS TA 31 54.77 11.90 31.82
N ALA TA 32 54.40 10.95 30.93
CA ALA TA 32 53.03 10.56 30.98
C ALA TA 32 52.90 9.10 31.24
N SER TA 33 52.13 8.80 32.30
CA SER TA 33 51.75 7.46 32.65
C SER TA 33 52.91 6.54 32.65
N LEU TA 34 52.58 5.24 32.81
CA LEU TA 34 53.51 4.16 32.76
C LEU TA 34 54.66 4.41 33.62
N PHE TA 35 54.26 4.66 34.87
CA PHE TA 35 55.03 5.04 36.00
C PHE TA 35 54.46 4.21 37.10
N ALA TA 36 53.32 3.59 36.80
CA ALA TA 36 52.63 2.85 37.80
C ALA TA 36 52.40 1.48 37.30
N GLN TA 37 51.81 0.66 38.19
CA GLN TA 37 51.55 -0.71 37.91
C GLN TA 37 50.81 -0.71 36.62
N GLY TA 38 51.27 -1.56 35.70
CA GLY TA 38 50.69 -1.51 34.40
C GLY TA 38 51.80 -1.87 33.48
N LYS TA 39 52.67 -0.92 33.13
CA LYS TA 39 53.68 -1.34 32.23
C LYS TA 39 54.56 -2.33 32.90
N ARG TA 40 54.79 -2.12 34.21
CA ARG TA 40 55.64 -3.00 34.95
C ARG TA 40 55.00 -4.35 34.96
N ARG TA 41 53.67 -4.41 35.20
CA ARG TA 41 52.99 -5.67 35.28
C ARG TA 41 52.77 -6.23 33.92
N TYR TA 42 52.84 -5.43 32.83
CA TYR TA 42 52.74 -6.25 31.66
C TYR TA 42 54.11 -6.52 31.11
N ASP TA 43 55.15 -6.36 31.96
CA ASP TA 43 56.44 -6.83 31.58
C ASP TA 43 56.31 -8.30 31.59
N ARG TA 44 55.67 -8.77 32.67
CA ARG TA 44 55.57 -10.16 32.91
C ARG TA 44 54.15 -10.50 33.17
N LYS TA 45 53.83 -11.79 33.08
CA LYS TA 45 52.48 -12.24 33.21
C LYS TA 45 51.73 -11.72 32.04
N GLN TA 46 52.19 -12.13 30.86
CA GLN TA 46 51.51 -11.81 29.64
C GLN TA 46 51.30 -13.12 28.96
N SER TA 47 50.07 -13.66 29.05
CA SER TA 47 49.81 -14.91 28.38
C SER TA 47 48.53 -14.75 27.64
N GLY TA 48 47.38 -14.55 28.33
CA GLY TA 48 46.25 -14.45 27.48
C GLY TA 48 45.09 -13.75 28.10
N PHE TA 49 45.31 -12.81 29.06
CA PHE TA 49 44.29 -11.89 29.55
C PHE TA 49 44.54 -11.63 31.02
N GLY TA 50 45.79 -11.79 31.48
CA GLY TA 50 45.98 -11.65 32.90
C GLY TA 50 45.73 -10.24 33.31
N GLY TA 51 45.40 -10.04 34.60
CA GLY TA 51 45.17 -8.72 35.11
C GLY TA 51 43.95 -8.22 34.42
N GLN TA 52 43.77 -6.88 34.41
CA GLN TA 52 42.63 -6.39 33.71
C GLN TA 52 43.15 -5.69 32.50
N THR TA 53 43.90 -6.43 31.67
CA THR TA 53 44.44 -5.89 30.46
C THR TA 53 43.30 -5.60 29.53
N LYS TA 54 42.40 -6.59 29.39
CA LYS TA 54 41.31 -6.50 28.46
C LYS TA 54 40.34 -5.43 28.80
N PRO TA 55 40.02 -5.24 30.06
CA PRO TA 55 39.08 -4.20 30.36
C PRO TA 55 39.60 -2.83 30.14
N VAL TA 56 38.71 -1.88 29.78
CA VAL TA 56 39.13 -0.53 29.59
C VAL TA 56 39.50 -0.03 30.93
N PHE TA 57 40.51 0.85 31.00
CA PHE TA 57 40.97 1.27 32.28
C PHE TA 57 40.87 2.76 32.40
N HIS TA 58 41.17 3.24 33.63
CA HIS TA 58 41.16 4.61 34.04
C HIS TA 58 39.83 5.23 33.80
N LYS TA 59 38.75 4.43 33.92
CA LYS TA 59 37.42 4.95 33.78
C LYS TA 59 37.25 5.55 32.43
N LYS TA 60 35.97 5.83 32.08
CA LYS TA 60 35.67 6.44 30.82
C LYS TA 60 35.85 7.91 30.99
N ALA TA 61 36.07 8.64 29.89
CA ALA TA 61 36.27 10.05 29.98
C ALA TA 61 34.99 10.70 29.57
N LYS TA 62 34.68 11.87 30.19
CA LYS TA 62 33.45 12.51 29.86
C LYS TA 62 33.77 13.75 29.09
N THR TA 63 32.78 14.63 28.91
CA THR TA 63 32.97 15.80 28.09
C THR TA 63 34.05 16.67 28.66
N THR TA 64 33.98 16.96 29.98
CA THR TA 64 34.94 17.84 30.58
C THR TA 64 36.08 17.01 31.03
N LYS TA 65 36.96 17.63 31.84
CA LYS TA 65 38.06 16.87 32.33
C LYS TA 65 38.67 17.61 33.47
N LYS TA 66 37.87 17.99 34.47
CA LYS TA 66 38.43 18.60 35.64
C LYS TA 66 39.19 19.79 35.22
N VAL TA 67 39.88 20.37 36.23
CA VAL TA 67 40.79 21.46 36.03
C VAL TA 67 42.05 20.99 36.68
N VAL TA 68 43.20 21.59 36.32
CA VAL TA 68 44.44 21.19 36.90
C VAL TA 68 44.93 22.35 37.73
N LEU TA 69 45.66 23.28 37.09
CA LEU TA 69 46.09 24.54 37.61
C LEU TA 69 46.55 24.56 39.03
N ARG TA 70 47.89 24.51 39.20
CA ARG TA 70 48.44 24.67 40.51
C ARG TA 70 48.42 26.14 40.83
N LEU TA 71 48.22 26.50 42.12
CA LEU TA 71 48.19 27.89 42.45
C LEU TA 71 49.39 28.22 43.25
N GLU TA 72 50.42 28.80 42.61
CA GLU TA 72 51.65 29.07 43.30
C GLU TA 72 51.57 30.40 43.96
N CYS TA 73 52.01 30.45 45.23
CA CYS TA 73 52.01 31.63 46.01
C CYS TA 73 53.14 32.46 45.57
N VAL TA 74 52.88 33.63 44.95
CA VAL TA 74 54.02 34.38 44.57
C VAL TA 74 54.63 34.87 45.84
N LYS TA 75 55.90 34.48 46.07
CA LYS TA 75 56.63 34.78 47.26
C LYS TA 75 57.57 33.63 47.38
N CYS TA 76 57.11 32.59 48.11
CA CYS TA 76 57.83 31.36 48.22
C CYS TA 76 57.85 30.72 46.86
N LYS TA 77 56.79 30.94 46.07
CA LYS TA 77 56.73 30.37 44.75
C LYS TA 77 56.60 28.88 44.82
N THR TA 78 56.14 28.32 45.96
CA THR TA 78 55.95 26.90 45.95
C THR TA 78 54.53 26.66 46.31
N ARG TA 79 53.85 25.72 45.61
CA ARG TA 79 52.48 25.58 45.98
C ARG TA 79 51.93 24.22 45.80
N ALA TA 80 50.64 24.10 46.18
CA ALA TA 80 49.96 22.86 46.19
C ALA TA 80 48.70 22.96 45.40
N GLN TA 81 48.07 21.80 45.15
CA GLN TA 81 46.89 21.71 44.35
C GLN TA 81 45.66 21.80 45.21
N LEU TA 82 44.54 22.21 44.58
CA LEU TA 82 43.27 22.31 45.21
C LEU TA 82 42.36 21.37 44.45
N THR TA 83 41.07 21.37 44.80
CA THR TA 83 40.15 20.49 44.13
C THR TA 83 40.04 20.96 42.72
N LEU TA 84 39.66 20.04 41.83
CA LEU TA 84 39.57 20.35 40.44
C LEU TA 84 38.11 20.35 40.09
N LYS TA 85 37.69 21.29 39.24
CA LYS TA 85 36.31 21.34 38.82
C LYS TA 85 36.30 20.99 37.38
N ARG TA 86 35.18 20.47 36.87
CA ARG TA 86 35.17 20.09 35.49
C ARG TA 86 34.82 21.29 34.71
N CYS TA 87 35.83 21.92 34.08
CA CYS TA 87 35.54 23.12 33.35
C CYS TA 87 35.47 22.76 31.91
N LYS TA 88 34.49 23.34 31.19
CA LYS TA 88 34.35 23.05 29.80
C LYS TA 88 35.56 23.55 29.09
N HIS TA 89 36.02 24.77 29.43
CA HIS TA 89 37.18 25.28 28.76
C HIS TA 89 37.90 26.18 29.70
N PHE TA 90 39.23 26.26 29.54
CA PHE TA 90 40.00 27.14 30.37
C PHE TA 90 40.72 28.07 29.46
N GLU TA 91 40.72 29.37 29.78
CA GLU TA 91 41.41 30.32 28.97
C GLU TA 91 41.87 31.45 29.87
N ILE UA 9 22.89 -38.24 -36.49
CA ILE UA 9 22.86 -37.06 -37.38
C ILE UA 9 22.48 -35.91 -36.54
N THR UA 10 21.33 -36.04 -35.87
CA THR UA 10 20.86 -35.09 -34.91
C THR UA 10 19.94 -35.86 -34.05
N GLY UA 11 18.66 -35.92 -34.48
CA GLY UA 11 17.71 -36.68 -33.75
C GLY UA 11 17.37 -37.91 -34.52
N LYS UA 12 17.30 -39.03 -33.78
CA LYS UA 12 16.77 -40.24 -34.28
C LYS UA 12 15.72 -40.47 -33.27
N TYR UA 13 16.05 -39.97 -32.07
CA TYR UA 13 15.05 -39.76 -31.10
C TYR UA 13 14.31 -38.63 -31.74
N GLY UA 14 12.97 -38.57 -31.67
CA GLY UA 14 12.33 -37.56 -32.45
C GLY UA 14 12.67 -36.25 -31.84
N VAL UA 15 11.84 -35.75 -30.92
CA VAL UA 15 12.29 -34.58 -30.26
C VAL UA 15 12.30 -34.99 -28.83
N ARG UA 16 13.48 -34.89 -28.23
CA ARG UA 16 13.76 -35.36 -26.93
C ARG UA 16 14.34 -34.17 -26.31
N TYR UA 17 15.17 -34.37 -25.28
CA TYR UA 17 15.70 -33.16 -24.80
C TYR UA 17 17.08 -33.03 -25.18
N GLY UA 18 17.33 -31.87 -25.79
CA GLY UA 18 18.60 -31.61 -26.33
C GLY UA 18 19.44 -31.01 -25.26
N SER UA 19 20.59 -30.49 -25.73
CA SER UA 19 21.58 -29.83 -24.97
C SER UA 19 22.20 -30.70 -23.91
N SER UA 20 22.44 -31.98 -24.23
CA SER UA 20 23.07 -32.91 -23.31
C SER UA 20 23.27 -34.14 -24.11
N LEU UA 21 22.13 -34.70 -24.52
CA LEU UA 21 22.07 -35.66 -25.58
C LEU UA 21 21.45 -34.75 -26.56
N ARG UA 22 21.91 -34.75 -27.82
CA ARG UA 22 21.64 -33.51 -28.45
C ARG UA 22 22.47 -33.42 -29.63
N ARG UA 23 22.94 -32.19 -29.83
CA ARG UA 23 23.96 -31.93 -30.76
C ARG UA 23 25.27 -31.71 -30.05
N GLN UA 24 25.84 -32.78 -29.48
CA GLN UA 24 27.19 -32.72 -29.00
C GLN UA 24 27.72 -33.94 -29.63
N VAL UA 25 26.77 -34.88 -29.71
CA VAL UA 25 26.81 -36.12 -30.36
C VAL UA 25 25.87 -35.87 -31.45
N LYS UA 26 26.01 -36.57 -32.56
CA LYS UA 26 25.19 -36.20 -33.65
C LYS UA 26 25.58 -34.81 -34.07
N LYS UA 27 26.79 -34.40 -33.67
CA LYS UA 27 27.35 -33.14 -34.05
C LYS UA 27 28.78 -33.24 -33.71
N LEU UA 28 29.15 -34.38 -33.09
CA LEU UA 28 30.54 -34.63 -32.89
C LEU UA 28 30.95 -34.69 -34.28
N GLU UA 29 30.08 -35.36 -35.02
CA GLU UA 29 30.09 -35.27 -36.41
C GLU UA 29 29.30 -36.31 -37.00
N ILE UA 30 28.79 -35.91 -38.16
CA ILE UA 30 28.34 -36.90 -39.02
C ILE UA 30 29.64 -37.50 -39.34
N GLN UA 31 30.66 -36.63 -39.44
CA GLN UA 31 32.01 -37.10 -39.55
C GLN UA 31 32.25 -37.89 -38.30
N GLN UA 32 33.39 -38.55 -38.19
CA GLN UA 32 33.51 -39.39 -37.04
C GLN UA 32 32.50 -40.47 -37.18
N HIS UA 33 32.12 -40.69 -38.44
CA HIS UA 33 31.25 -41.73 -38.86
C HIS UA 33 31.58 -41.89 -40.31
N ALA UA 34 32.05 -40.79 -40.91
CA ALA UA 34 32.39 -40.76 -42.30
C ALA UA 34 33.60 -41.60 -42.50
N ARG UA 35 33.77 -42.12 -43.73
CA ARG UA 35 34.88 -42.98 -44.04
C ARG UA 35 36.12 -42.16 -44.17
N TYR UA 36 37.26 -42.66 -43.65
CA TYR UA 36 38.45 -41.89 -43.87
C TYR UA 36 39.54 -42.71 -44.35
N ASP UA 37 40.38 -42.09 -45.19
CA ASP UA 37 41.50 -42.74 -45.79
C ASP UA 37 42.48 -43.04 -44.72
N CYS UA 38 43.08 -44.25 -44.72
CA CYS UA 38 44.04 -44.39 -43.69
C CYS UA 38 45.25 -43.74 -44.21
N SER UA 39 46.20 -43.33 -43.36
CA SER UA 39 47.35 -42.66 -43.90
C SER UA 39 48.06 -43.58 -44.82
N PHE UA 40 48.47 -44.76 -44.32
CA PHE UA 40 49.16 -45.66 -45.19
C PHE UA 40 48.19 -46.68 -45.65
N CYS UA 41 47.57 -46.43 -46.81
CA CYS UA 41 46.66 -47.36 -47.41
C CYS UA 41 45.84 -46.61 -48.41
N GLY UA 42 45.38 -45.40 -48.04
CA GLY UA 42 44.63 -44.57 -48.93
C GLY UA 42 43.34 -45.26 -49.24
N LYS UA 43 43.03 -46.37 -48.54
CA LYS UA 43 41.87 -47.11 -48.95
C LYS UA 43 40.59 -46.36 -48.77
N LYS UA 44 40.22 -46.03 -47.51
CA LYS UA 44 38.97 -45.41 -47.17
C LYS UA 44 38.57 -45.94 -45.85
N THR UA 45 39.05 -47.16 -45.52
CA THR UA 45 38.67 -47.74 -44.28
C THR UA 45 39.46 -47.11 -43.18
N VAL UA 46 38.74 -46.50 -42.24
CA VAL UA 46 39.30 -45.97 -41.04
C VAL UA 46 38.12 -45.87 -40.14
N LYS UA 47 38.33 -46.01 -38.83
CA LYS UA 47 37.22 -45.93 -37.96
C LYS UA 47 37.78 -45.58 -36.65
N ARG UA 48 37.21 -44.56 -35.98
CA ARG UA 48 37.81 -44.21 -34.75
C ARG UA 48 37.43 -45.09 -33.67
N GLY UA 49 38.46 -45.76 -33.13
CA GLY UA 49 38.27 -46.63 -32.02
C GLY UA 49 38.07 -45.67 -30.90
N ALA UA 50 37.85 -46.18 -29.68
CA ALA UA 50 37.55 -45.27 -28.63
C ALA UA 50 38.69 -44.33 -28.42
N ALA UA 51 38.37 -43.06 -28.09
CA ALA UA 51 39.38 -42.09 -27.84
C ALA UA 51 40.03 -41.79 -29.14
N GLY UA 52 40.95 -40.80 -29.13
CA GLY UA 52 41.62 -40.45 -30.35
C GLY UA 52 42.56 -41.54 -30.75
N ILE UA 53 42.01 -42.62 -31.33
CA ILE UA 53 42.80 -43.66 -31.91
C ILE UA 53 41.87 -44.30 -32.88
N TRP UA 54 42.33 -44.59 -34.11
CA TRP UA 54 41.47 -45.20 -35.06
C TRP UA 54 42.28 -45.68 -36.14
N THR UA 55 41.90 -46.84 -36.73
CA THR UA 55 42.69 -47.31 -37.81
C THR UA 55 42.09 -48.39 -38.65
N CYS UA 56 42.72 -48.54 -39.85
CA CYS UA 56 42.56 -49.61 -40.78
C CYS UA 56 41.17 -50.00 -41.12
N SER UA 57 40.76 -51.20 -40.67
CA SER UA 57 39.56 -51.87 -41.09
C SER UA 57 39.89 -52.50 -42.41
N CYS UA 58 41.15 -52.27 -42.81
CA CYS UA 58 41.82 -52.81 -43.95
C CYS UA 58 43.20 -52.34 -43.64
N CYS UA 59 44.24 -53.16 -43.93
CA CYS UA 59 45.57 -52.81 -43.56
C CYS UA 59 45.60 -52.41 -42.12
N LYS UA 60 45.32 -53.37 -41.20
CA LYS UA 60 45.22 -53.07 -39.80
C LYS UA 60 46.41 -52.28 -39.37
N LYS UA 61 46.15 -50.98 -39.10
CA LYS UA 61 47.13 -50.08 -38.59
C LYS UA 61 46.54 -49.52 -37.35
N THR UA 62 47.25 -48.57 -36.71
CA THR UA 62 46.71 -47.88 -35.57
C THR UA 62 47.22 -46.48 -35.73
N VAL UA 63 46.35 -45.47 -35.52
CA VAL UA 63 46.86 -44.17 -35.74
C VAL UA 63 46.41 -43.29 -34.63
N ALA UA 64 47.37 -42.57 -34.04
CA ALA UA 64 47.03 -41.59 -33.07
C ALA UA 64 46.43 -40.51 -33.90
N GLY UA 65 45.44 -39.80 -33.36
CA GLY UA 65 44.81 -38.76 -34.12
C GLY UA 65 44.23 -37.84 -33.11
N GLY UA 66 43.23 -37.03 -33.48
CA GLY UA 66 42.73 -36.15 -32.48
C GLY UA 66 41.24 -36.20 -32.42
N ALA UA 67 40.70 -36.78 -31.32
CA ALA UA 67 39.30 -36.84 -31.01
C ALA UA 67 38.57 -37.22 -32.21
N TYR UA 68 37.25 -36.94 -32.21
CA TYR UA 68 36.40 -36.95 -33.36
C TYR UA 68 37.29 -36.44 -34.48
N THR UA 69 37.19 -36.98 -35.70
CA THR UA 69 38.01 -36.57 -36.81
C THR UA 69 39.37 -37.04 -36.58
N VAL UA 70 39.91 -37.83 -37.54
CA VAL UA 70 41.23 -38.38 -37.46
C VAL UA 70 42.22 -37.26 -37.42
N SER UA 71 42.11 -36.30 -38.34
CA SER UA 71 43.05 -35.24 -38.39
C SER UA 71 42.57 -34.16 -37.49
N THR UA 72 43.45 -33.21 -37.14
CA THR UA 72 43.00 -32.16 -36.29
C THR UA 72 43.66 -30.98 -36.86
N ALA UA 73 43.35 -29.77 -36.36
CA ALA UA 73 44.17 -28.66 -36.73
C ALA UA 73 45.35 -28.92 -35.85
N ALA UA 74 46.50 -28.28 -36.13
CA ALA UA 74 47.63 -28.61 -35.30
C ALA UA 74 47.90 -30.07 -35.48
N ALA UA 75 47.67 -30.52 -36.72
CA ALA UA 75 47.87 -31.86 -37.19
C ALA UA 75 48.33 -31.59 -38.57
N ALA UA 76 47.40 -31.60 -39.54
CA ALA UA 76 47.85 -31.20 -40.83
C ALA UA 76 48.03 -29.73 -40.73
N THR UA 77 49.27 -29.35 -40.38
CA THR UA 77 49.75 -28.03 -40.14
C THR UA 77 51.21 -28.23 -40.03
N VAL UA 78 51.81 -27.85 -38.88
CA VAL UA 78 53.20 -28.11 -38.75
C VAL UA 78 53.37 -29.58 -38.52
N ARG UA 79 53.48 -30.30 -39.64
CA ARG UA 79 53.71 -31.70 -39.76
C ARG UA 79 54.08 -31.88 -41.19
N SER UA 80 53.98 -33.10 -41.71
CA SER UA 80 54.30 -33.23 -43.09
C SER UA 80 53.31 -32.42 -43.84
N THR UA 81 53.74 -31.89 -45.01
CA THR UA 81 52.85 -31.08 -45.79
C THR UA 81 51.74 -31.99 -46.29
#